data_6KMW
#
_entry.id   6KMW
#
_cell.length_a   1.00
_cell.length_b   1.00
_cell.length_c   1.00
_cell.angle_alpha   90.00
_cell.angle_beta   90.00
_cell.angle_gamma   90.00
#
_symmetry.space_group_name_H-M   'P 1'
#
loop_
_entity.id
_entity.type
_entity.pdbx_description
1 polymer 'Photosystem I P700 chlorophyll a apoprotein A1'
2 polymer 'Photosystem I P700 chlorophyll a apoprotein A2'
3 polymer 'Photosystem I iron-sulfur center'
4 polymer 'Photosystem I reaction center subunit II'
5 polymer 'Photosystem I reaction center subunit IV'
6 polymer 'Photosystem I reaction center subunit VIII'
7 polymer 'Photosystem I reaction center subunit XI'
8 polymer 'Photosystem I reaction center subunit XII'
9 non-polymer 'CHLOROPHYLL A ISOMER'
10 non-polymer 'CHLOROPHYLL A'
11 non-polymer PHYLLOQUINONE
12 non-polymer 'IRON/SULFUR CLUSTER'
13 non-polymer BETA-CAROTENE
14 non-polymer 1,2-DIPALMITOYL-PHOSPHATIDYL-GLYCEROLE
15 non-polymer DODECYL-BETA-D-MALTOSIDE
16 non-polymer 1,2-DISTEAROYL-MONOGALACTOSYL-DIGLYCERIDE
17 non-polymer 'UNKNOWN LIGAND'
18 non-polymer 'CALCIUM ION'
19 water water
#
loop_
_entity_poly.entity_id
_entity_poly.type
_entity_poly.pdbx_seq_one_letter_code
_entity_poly.pdbx_strand_id
1 'polypeptide(L)'
;MTISPPEPGRKVKVVVDSDPVNTSFERWAKPGHFERSLSKGPKTTTWIWDLHADAHDFDSHTSDLEDISRKIFSAHFGHL
AVIFIWLSGMYFHGAKFSNYEAWLSNPTGIKPSAQVVWPIFGQEILNGDVGGGFHGIQITSGLFQMWRANGITNSFELYC
TAIGALVMAGLMLFAGWFHYHKKAPKLEWFQNVESMMNHHLAGLLGLGCLGYAGQQIHVSLPINACLDAIDAGKPLTVGG
KVIDSVAAIPLPHEWILNPSLMTDIYPSFAEGLKPFFTLNWSVYADFLTFNGGLNPQTGGLWLTDTAHHHLALAVLFIVA
GHFYRTNWGIGHSFKEVLEAHKGPVTGEGHKGMYEIFTTSWHCQLSWNLAWIGSLSILVAHHMYSMPPYPYIATDYPTQL
SLFTHHMWIGGFLIVGAGAHAAIFMVRDYDPATHINNLLDRVIRHRDAIISHLNWVCIFLGFHSFGLYVHNDTMRAFGRP
QDMFSDTGIQLQPVFAQWVQNLHAAAAGGTAPNAAAGVSPAFGGDILAVVGKVAMMPITLGTADFLVHHIHAFTIHVTVL
ILLKGVLFARNSRLIPDKGELGFRFPCDGPGRGGTCQVSGWDHVFLGLFWMYNSLSIVIFHFSWKMQSDVWGSVSPDGSV
SHITAGNFAQSAITINGWLRDFLWAQASQVIGSYGSALSAYGLLFLGAHFVWAFSLMFLFSGRGYWQELIESIVWAHNKL
KVAPAIQPRALSITQGRAVGVAHFLLGGIATTWAFFLARIIAVG
;
aA,bA,cA
2 'polypeptide(L)'
;MATKFPKFSQDLASDPTTRRIWYGIATAHDFESHDGMTEENLYQKIFASHFGHLAIIFLWTSGNLFHVAWQGNFQQWVKD
PLNISPIAHAIWDPQFGQSAVEAFSQAGANYPVDIAYSGVYHWWYTIGMRTAGDLYGGALFLMIMAAVFLFAGWLHLQPR
FRPSLAWFKNAESRMNHHLAGLFGVSSLAWAGHLIHVAIPESRGQHVGWDNFLFTPPHPAGLTPFFTGNWGVYAQNPDTA
SHVFGSSTGAGSAILTFLGGFHPQTESLWLTDMAHHHLAIAVLFIVAGHMYRTNFGIGHNMKEIMNAHNPPQGTPFGGMI
GEGHKGMYDTYNNSLHFQLGWHLACLGVITSLVAQHMYSLPPYAFLAKSYTTQAALYTHHQYIAGFIMVGAFAHGAIFLI
RDYDPASNSNNVLDRVLQHKEAIISHLSWVSLFLGFHTLGLYVHNDVMVAFGTPEKQILVEPVFAQWIQAAHGKLLYGFD
TLLSNPGSIASTAWPNYGNVWLSGWLDAINSGDNSLFLTIGPGDFLVHHAIALGLHTTTLILVKGALDARGSKLMPDKKD
FGYSFPCDGPGRGGTCDISAWDAFYLAVFWMLNTIGWVTFYWHWKHLAIWQGNVAQFNESSTYLMGWLRDYLWLNSSQLI
NGYNPYGMNNLAVWAWMFLLGHLVWATGFMFLISWRGYWQELIETLVWAHERTPLANLVRWKDKPVALSIVQARLVGLAH
FSVGYIITYAAFLIASTSSRFG
;
aB,bB,cB
3 'polypeptide(L)'
;MSHSVKIYDTCIGCTQCVRACPLDVLEMVPWDGCKAGSIASSPRTEDCVGCKRCETACPTDFLSIRVYLGAETTRSMGLA
Y
;
aC,bC,cC
4 'polypeptide(L)'
;MAETLTGKTPVFGGSTGGLLTRAAVEEKYAITWTSTKQQVFEMPTGGAAIMHEGENLLYLARKEQCLALGTQLRSKFKPK
IEDYKIYRIYPNGETQYVHPADGVFPEKVNEGREYNGKIDRNIGANPDPATVKFSGKAPYEV
;
aD,bD,cD
5 'polypeptide(L)' MVQRGSKVRILRPESYWYRDIGTVATVDQSGIRYPAIVRFDKVNYYGISSNNFALSELEEVEPPKKKK aE,bE,cE
6 'polypeptide(L)' MDGTYAASWLPWLLIPVVTWLMPAVVMGLLFFYIESDA aI,bI,cI
7 'polypeptide(L)'
;MTNQVVKPYLDEPELGHLSTPISDSAFVRSFIGNLPAYRKGMAPITRGLEIGLAHGYFLVGPEIIVGALRDYAPAPYLGG
LVTAIAIVLLGTTGMGAHGLVSLKPVAESSPKTDALMTSEGWSEMTAGFFLGGMSGAFMAYFLLSHFSEIDAIFRGFVN
;
aL,bL,cL
8 'polypeptide(L)' MTLSETQVFVALVIALVPAILAFRLSTELYK aM,bM,cM
#
# COMPACT_ATOMS: atom_id res chain seq x y z
N THR A 44 -32.48 49.50 -52.66
CA THR A 44 -31.13 49.20 -52.19
C THR A 44 -30.45 48.16 -53.07
N THR A 45 -29.13 48.02 -52.93
CA THR A 45 -28.36 47.06 -53.71
C THR A 45 -28.54 45.62 -53.25
N THR A 46 -29.22 45.40 -52.12
CA THR A 46 -29.49 44.05 -51.64
C THR A 46 -30.41 43.29 -52.60
N TRP A 47 -31.33 44.00 -53.27
CA TRP A 47 -32.26 43.38 -54.19
C TRP A 47 -31.56 42.89 -55.47
N ILE A 48 -30.41 43.46 -55.80
CA ILE A 48 -29.64 43.01 -56.97
C ILE A 48 -29.12 41.60 -56.73
N TRP A 49 -28.66 41.30 -55.52
CA TRP A 49 -28.15 39.97 -55.24
C TRP A 49 -29.27 38.98 -54.91
N ASP A 50 -30.37 39.45 -54.34
CA ASP A 50 -31.50 38.55 -54.05
C ASP A 50 -32.23 38.14 -55.31
N LEU A 51 -32.14 38.92 -56.38
CA LEU A 51 -32.75 38.52 -57.64
C LEU A 51 -32.02 37.31 -58.24
N HIS A 52 -30.69 37.29 -58.15
CA HIS A 52 -29.92 36.16 -58.63
C HIS A 52 -29.91 35.00 -57.64
N ALA A 53 -30.13 35.27 -56.35
CA ALA A 53 -30.15 34.20 -55.35
C ALA A 53 -31.47 33.46 -55.31
N ASP A 54 -32.58 34.17 -55.60
CA ASP A 54 -33.91 33.58 -55.61
C ASP A 54 -34.35 33.23 -57.01
N ALA A 55 -33.43 32.76 -57.85
CA ALA A 55 -33.75 32.51 -59.25
C ALA A 55 -34.37 31.12 -59.44
N HIS A 56 -33.64 30.07 -59.06
CA HIS A 56 -34.07 28.70 -59.32
C HIS A 56 -34.67 28.04 -58.09
N ASP A 57 -35.06 28.82 -57.08
CA ASP A 57 -35.75 28.28 -55.91
C ASP A 57 -37.25 28.29 -56.23
N PHE A 58 -37.66 27.31 -57.04
CA PHE A 58 -38.97 27.35 -57.67
C PHE A 58 -40.11 27.12 -56.68
N ASP A 59 -39.92 26.24 -55.71
CA ASP A 59 -40.91 25.95 -54.69
C ASP A 59 -41.07 27.05 -53.65
N SER A 60 -40.25 28.09 -53.70
CA SER A 60 -40.51 29.32 -52.96
C SER A 60 -41.26 30.35 -53.80
N HIS A 61 -41.33 30.16 -55.11
CA HIS A 61 -42.13 31.05 -55.97
C HIS A 61 -43.60 30.67 -55.91
N THR A 62 -43.91 29.38 -55.90
CA THR A 62 -45.26 28.86 -56.10
C THR A 62 -45.45 27.65 -55.20
N SER A 63 -46.66 27.50 -54.66
CA SER A 63 -46.93 26.52 -53.61
C SER A 63 -47.11 25.11 -54.15
N ASP A 64 -47.95 24.95 -55.16
CA ASP A 64 -48.49 23.66 -55.57
C ASP A 64 -47.48 22.75 -56.26
N LEU A 65 -47.55 21.45 -55.94
CA LEU A 65 -46.49 20.49 -56.26
C LEU A 65 -46.42 20.16 -57.74
N GLU A 66 -47.54 20.24 -58.46
CA GLU A 66 -47.53 19.82 -59.86
C GLU A 66 -46.87 20.84 -60.77
N ASP A 67 -47.03 22.12 -60.46
CA ASP A 67 -46.45 23.16 -61.31
C ASP A 67 -44.94 23.30 -61.12
N ILE A 68 -44.40 22.94 -59.96
CA ILE A 68 -42.94 22.94 -59.83
C ILE A 68 -42.36 21.80 -60.65
N SER A 69 -43.07 20.66 -60.66
CA SER A 69 -42.59 19.48 -61.38
C SER A 69 -42.55 19.69 -62.87
N ARG A 70 -43.39 20.58 -63.40
CA ARG A 70 -43.29 20.92 -64.81
C ARG A 70 -42.14 21.88 -65.07
N LYS A 71 -41.85 22.79 -64.14
CA LYS A 71 -40.69 23.65 -64.28
C LYS A 71 -39.39 22.87 -64.10
N ILE A 72 -39.38 21.90 -63.19
CA ILE A 72 -38.21 21.06 -62.98
C ILE A 72 -37.97 20.18 -64.20
N PHE A 73 -39.04 19.61 -64.76
CA PHE A 73 -38.92 18.75 -65.94
C PHE A 73 -38.47 19.54 -67.16
N SER A 74 -38.90 20.80 -67.27
CA SER A 74 -38.50 21.61 -68.41
C SER A 74 -37.07 22.11 -68.28
N ALA A 75 -36.66 22.50 -67.07
CA ALA A 75 -35.28 22.94 -66.85
C ALA A 75 -34.30 21.81 -66.99
N HIS A 76 -34.73 20.57 -66.74
CA HIS A 76 -33.87 19.42 -66.95
C HIS A 76 -33.57 19.21 -68.43
N PHE A 77 -34.50 19.57 -69.32
CA PHE A 77 -34.20 19.61 -70.75
C PHE A 77 -33.20 20.71 -71.06
N GLY A 78 -33.32 21.85 -70.40
CA GLY A 78 -32.41 22.96 -70.64
C GLY A 78 -31.01 22.71 -70.13
N HIS A 79 -30.84 21.84 -69.14
CA HIS A 79 -29.50 21.48 -68.70
C HIS A 79 -28.87 20.44 -69.61
N LEU A 80 -29.68 19.54 -70.18
CA LEU A 80 -29.18 18.58 -71.15
C LEU A 80 -28.68 19.28 -72.41
N ALA A 81 -29.35 20.37 -72.81
CA ALA A 81 -28.90 21.13 -73.96
C ALA A 81 -27.60 21.85 -73.69
N VAL A 82 -27.39 22.29 -72.45
CA VAL A 82 -26.13 22.93 -72.07
C VAL A 82 -24.99 21.92 -72.13
N ILE A 83 -25.26 20.67 -71.75
CA ILE A 83 -24.27 19.61 -71.88
C ILE A 83 -23.97 19.32 -73.34
N PHE A 84 -25.01 19.30 -74.19
CA PHE A 84 -24.83 18.99 -75.61
C PHE A 84 -24.09 20.10 -76.35
N ILE A 85 -24.26 21.36 -75.94
CA ILE A 85 -23.46 22.43 -76.52
C ILE A 85 -22.01 22.31 -76.10
N TRP A 86 -21.78 21.96 -74.82
CA TRP A 86 -20.42 21.73 -74.35
C TRP A 86 -19.80 20.51 -74.99
N LEU A 87 -20.60 19.45 -75.16
CA LEU A 87 -20.10 18.24 -75.80
C LEU A 87 -19.84 18.48 -77.28
N SER A 88 -20.64 19.36 -77.92
CA SER A 88 -20.37 19.71 -79.31
C SER A 88 -19.08 20.51 -79.45
N GLY A 89 -18.74 21.32 -78.45
CA GLY A 89 -17.51 22.09 -78.51
C GLY A 89 -16.27 21.22 -78.35
N MET A 90 -16.40 20.10 -77.64
CA MET A 90 -15.27 19.20 -77.48
C MET A 90 -14.98 18.44 -78.76
N TYR A 91 -16.01 18.17 -79.57
CA TYR A 91 -15.79 17.52 -80.85
C TYR A 91 -15.41 18.52 -81.93
N PHE A 92 -15.94 19.75 -81.87
CA PHE A 92 -15.58 20.73 -82.88
C PHE A 92 -14.16 21.24 -82.70
N HIS A 93 -13.75 21.48 -81.45
CA HIS A 93 -12.35 21.79 -81.22
C HIS A 93 -11.47 20.56 -81.40
N GLY A 94 -12.04 19.37 -81.29
CA GLY A 94 -11.34 18.16 -81.65
C GLY A 94 -11.15 17.99 -83.15
N ALA A 95 -11.98 18.64 -83.96
CA ALA A 95 -11.96 18.47 -85.41
C ALA A 95 -11.28 19.61 -86.14
N LYS A 96 -11.24 20.80 -85.56
CA LYS A 96 -10.74 21.98 -86.25
C LYS A 96 -9.52 22.62 -85.62
N PHE A 97 -9.18 22.28 -84.37
CA PHE A 97 -8.10 22.97 -83.68
C PHE A 97 -7.17 22.02 -82.95
N SER A 98 -6.91 20.84 -83.50
CA SER A 98 -6.18 19.81 -82.78
C SER A 98 -5.11 19.17 -83.65
N ASN A 99 -4.48 18.16 -83.06
CA ASN A 99 -3.48 17.32 -83.70
C ASN A 99 -3.89 15.86 -83.57
N TYR A 100 -5.18 15.58 -83.81
CA TYR A 100 -5.75 14.29 -83.43
C TYR A 100 -5.29 13.16 -84.35
N GLU A 101 -5.26 13.38 -85.66
CA GLU A 101 -4.77 12.31 -86.53
C GLU A 101 -3.27 12.17 -86.41
N ALA A 102 -2.55 13.28 -86.21
CA ALA A 102 -1.14 13.23 -85.89
C ALA A 102 -0.91 12.50 -84.57
N TRP A 103 -1.81 12.66 -83.62
CA TRP A 103 -1.72 11.87 -82.40
C TRP A 103 -2.07 10.41 -82.65
N LEU A 104 -2.97 10.13 -83.59
CA LEU A 104 -3.32 8.74 -83.87
C LEU A 104 -2.18 7.98 -84.53
N SER A 105 -1.33 8.69 -85.29
CA SER A 105 -0.16 8.04 -85.88
C SER A 105 0.91 7.73 -84.85
N ASN A 106 1.07 8.59 -83.83
CA ASN A 106 2.12 8.44 -82.84
C ASN A 106 1.50 8.77 -81.48
N PRO A 107 0.83 7.80 -80.85
CA PRO A 107 0.13 8.10 -79.59
C PRO A 107 1.03 8.22 -78.39
N THR A 108 2.20 7.59 -78.40
CA THR A 108 3.08 7.59 -77.25
C THR A 108 4.12 8.70 -77.27
N GLY A 109 4.25 9.43 -78.38
CA GLY A 109 5.26 10.46 -78.46
C GLY A 109 4.75 11.84 -78.84
N ILE A 110 3.43 11.98 -78.97
CA ILE A 110 2.81 13.26 -79.31
C ILE A 110 1.82 13.61 -78.21
N LYS A 111 1.89 14.85 -77.72
CA LYS A 111 1.00 15.29 -76.66
C LYS A 111 -0.34 15.70 -77.24
N PRO A 112 -1.45 15.26 -76.65
CA PRO A 112 -2.77 15.72 -77.11
C PRO A 112 -2.97 17.20 -76.88
N SER A 113 -3.33 17.91 -77.95
CA SER A 113 -3.63 19.33 -77.88
C SER A 113 -4.90 19.61 -78.66
N ALA A 114 -5.78 20.44 -78.09
CA ALA A 114 -7.00 20.81 -78.80
C ALA A 114 -7.40 22.26 -78.59
N GLN A 115 -6.51 23.10 -78.07
CA GLN A 115 -6.79 24.53 -77.92
C GLN A 115 -5.65 25.32 -78.55
N VAL A 116 -5.99 26.33 -79.33
CA VAL A 116 -5.03 27.17 -80.04
C VAL A 116 -5.29 28.61 -79.64
N VAL A 117 -4.22 29.32 -79.31
CA VAL A 117 -4.29 30.65 -78.70
C VAL A 117 -3.98 31.69 -79.78
N TRP A 118 -4.80 32.74 -79.85
CA TRP A 118 -4.60 33.80 -80.83
C TRP A 118 -3.36 34.63 -80.51
N PRO A 119 -2.63 35.11 -81.53
CA PRO A 119 -1.39 35.88 -81.30
C PRO A 119 -1.63 37.35 -80.98
N ILE A 120 -1.90 37.62 -79.71
CA ILE A 120 -2.06 38.98 -79.20
C ILE A 120 -1.21 39.10 -77.94
N PHE A 121 -0.81 40.33 -77.63
CA PHE A 121 -0.28 40.74 -76.32
C PHE A 121 0.94 39.97 -75.83
N GLY A 122 1.58 39.18 -76.68
CA GLY A 122 2.59 38.24 -76.25
C GLY A 122 2.07 36.90 -75.79
N GLN A 123 0.76 36.68 -75.85
CA GLN A 123 0.15 35.49 -75.27
C GLN A 123 0.26 34.25 -76.16
N GLU A 124 0.79 34.38 -77.38
CA GLU A 124 1.00 33.25 -78.26
C GLU A 124 2.13 32.33 -77.82
N ILE A 125 2.86 32.68 -76.76
CA ILE A 125 3.85 31.79 -76.14
C ILE A 125 3.20 30.55 -75.54
N LEU A 126 1.90 30.59 -75.27
CA LEU A 126 1.18 29.44 -74.73
C LEU A 126 0.94 28.35 -75.76
N ASN A 127 1.19 28.61 -77.04
CA ASN A 127 1.10 27.58 -78.07
C ASN A 127 2.41 26.81 -78.08
N GLY A 128 2.54 25.91 -77.11
CA GLY A 128 3.75 25.12 -76.99
C GLY A 128 3.81 24.00 -78.01
N ASP A 129 5.04 23.60 -78.35
CA ASP A 129 5.25 22.54 -79.32
C ASP A 129 4.91 21.21 -78.67
N VAL A 130 3.73 20.68 -79.00
CA VAL A 130 3.27 19.41 -78.44
C VAL A 130 3.60 18.23 -79.34
N GLY A 131 4.29 18.45 -80.45
CA GLY A 131 4.60 17.36 -81.36
C GLY A 131 3.59 17.24 -82.49
N GLY A 132 4.08 16.76 -83.62
CA GLY A 132 3.23 16.66 -84.80
C GLY A 132 3.13 17.93 -85.60
N GLY A 133 4.09 18.84 -85.48
CA GLY A 133 4.06 20.10 -86.19
C GLY A 133 2.94 21.03 -85.74
N PHE A 134 2.54 20.93 -84.47
CA PHE A 134 1.38 21.64 -83.96
C PHE A 134 1.78 22.47 -82.76
N HIS A 135 1.25 23.69 -82.69
CA HIS A 135 1.51 24.61 -81.59
C HIS A 135 0.19 24.95 -80.92
N GLY A 136 -0.01 24.43 -79.71
CA GLY A 136 -1.22 24.69 -78.98
C GLY A 136 -1.05 24.33 -77.52
N ILE A 137 -2.17 24.28 -76.82
CA ILE A 137 -2.18 23.95 -75.39
C ILE A 137 -2.42 22.47 -75.24
N GLN A 138 -1.52 21.82 -74.49
CA GLN A 138 -1.68 20.41 -74.18
C GLN A 138 -2.91 20.21 -73.31
N ILE A 139 -3.81 19.34 -73.75
CA ILE A 139 -5.06 19.10 -73.04
C ILE A 139 -4.90 17.86 -72.19
N THR A 140 -5.62 17.82 -71.07
CA THR A 140 -5.51 16.74 -70.10
C THR A 140 -6.84 16.03 -69.88
N SER A 141 -7.86 16.33 -70.68
CA SER A 141 -9.19 15.78 -70.50
C SER A 141 -9.33 14.36 -71.01
N GLY A 142 -8.37 13.85 -71.78
CA GLY A 142 -8.48 12.51 -72.30
C GLY A 142 -9.50 12.34 -73.39
N LEU A 143 -9.79 13.40 -74.15
CA LEU A 143 -10.73 13.29 -75.26
C LEU A 143 -10.17 12.42 -76.38
N PHE A 144 -8.86 12.48 -76.60
CA PHE A 144 -8.23 11.75 -77.71
C PHE A 144 -8.28 10.25 -77.46
N GLN A 145 -7.97 9.82 -76.24
CA GLN A 145 -7.96 8.42 -75.89
C GLN A 145 -9.37 7.83 -75.87
N MET A 146 -10.38 8.66 -75.61
CA MET A 146 -11.76 8.20 -75.66
C MET A 146 -12.24 8.05 -77.10
N TRP A 147 -11.81 8.96 -77.98
CA TRP A 147 -12.23 8.89 -79.39
C TRP A 147 -11.59 7.70 -80.10
N ARG A 148 -10.33 7.39 -79.76
CA ARG A 148 -9.67 6.24 -80.36
C ARG A 148 -10.31 4.94 -79.89
N ALA A 149 -10.83 4.90 -78.67
CA ALA A 149 -11.60 3.75 -78.22
C ALA A 149 -12.98 3.70 -78.88
N ASN A 150 -13.46 4.81 -79.42
CA ASN A 150 -14.69 4.82 -80.19
C ASN A 150 -14.47 4.46 -81.65
N GLY A 151 -13.23 4.18 -82.05
CA GLY A 151 -12.91 3.90 -83.42
C GLY A 151 -12.81 5.11 -84.31
N ILE A 152 -12.89 6.31 -83.77
CA ILE A 152 -12.79 7.52 -84.58
C ILE A 152 -11.36 7.67 -85.06
N THR A 153 -11.19 7.88 -86.37
CA THR A 153 -9.87 7.91 -86.98
C THR A 153 -9.52 9.23 -87.65
N ASN A 154 -10.50 10.00 -88.11
CA ASN A 154 -10.21 11.23 -88.83
C ASN A 154 -11.12 12.35 -88.33
N SER A 155 -10.91 13.54 -88.88
CA SER A 155 -11.58 14.74 -88.39
C SER A 155 -13.01 14.89 -88.90
N PHE A 156 -13.41 14.10 -89.90
CA PHE A 156 -14.78 14.22 -90.39
C PHE A 156 -15.76 13.54 -89.44
N GLU A 157 -15.36 12.42 -88.85
CA GLU A 157 -16.20 11.74 -87.87
C GLU A 157 -16.32 12.53 -86.57
N LEU A 158 -15.37 13.41 -86.28
CA LEU A 158 -15.51 14.32 -85.16
C LEU A 158 -16.38 15.53 -85.52
N TYR A 159 -16.42 15.88 -86.80
CA TYR A 159 -17.20 17.03 -87.23
C TYR A 159 -18.69 16.74 -87.23
N CYS A 160 -19.09 15.56 -87.72
CA CYS A 160 -20.51 15.20 -87.71
C CYS A 160 -21.01 14.91 -86.31
N THR A 161 -20.11 14.48 -85.41
CA THR A 161 -20.50 14.31 -84.01
C THR A 161 -20.68 15.66 -83.33
N ALA A 162 -19.92 16.67 -83.74
CA ALA A 162 -20.10 18.01 -83.20
C ALA A 162 -21.42 18.61 -83.67
N ILE A 163 -21.75 18.44 -84.96
CA ILE A 163 -23.03 18.92 -85.48
C ILE A 163 -24.17 18.07 -84.94
N GLY A 164 -23.94 16.77 -84.79
CA GLY A 164 -24.98 15.90 -84.25
C GLY A 164 -25.27 16.15 -82.79
N ALA A 165 -24.26 16.54 -82.02
CA ALA A 165 -24.51 17.02 -80.66
C ALA A 165 -25.20 18.38 -80.67
N LEU A 166 -24.96 19.19 -81.71
CA LEU A 166 -25.52 20.52 -81.77
C LEU A 166 -27.00 20.51 -82.17
N VAL A 167 -27.49 19.44 -82.78
CA VAL A 167 -28.91 19.34 -83.09
C VAL A 167 -29.68 18.58 -82.01
N MET A 168 -28.99 17.79 -81.17
CA MET A 168 -29.64 17.30 -79.97
C MET A 168 -29.71 18.37 -78.89
N ALA A 169 -28.88 19.40 -78.99
CA ALA A 169 -29.04 20.57 -78.12
C ALA A 169 -30.33 21.32 -78.47
N GLY A 170 -30.62 21.46 -79.76
CA GLY A 170 -31.84 22.14 -80.16
C GLY A 170 -33.09 21.32 -79.90
N LEU A 171 -33.01 20.01 -80.04
CA LEU A 171 -34.14 19.14 -79.72
C LEU A 171 -34.35 19.01 -78.22
N MET A 172 -33.33 19.25 -77.39
CA MET A 172 -33.55 19.36 -75.97
C MET A 172 -34.23 20.68 -75.63
N LEU A 173 -33.84 21.77 -76.32
CA LEU A 173 -34.48 23.06 -76.09
C LEU A 173 -35.90 23.09 -76.60
N PHE A 174 -36.22 22.27 -77.61
CA PHE A 174 -37.60 22.18 -78.06
C PHE A 174 -38.45 21.35 -77.11
N ALA A 175 -37.88 20.27 -76.58
CA ALA A 175 -38.63 19.38 -75.70
C ALA A 175 -38.88 19.99 -74.32
N GLY A 176 -38.14 21.04 -73.95
CA GLY A 176 -38.39 21.72 -72.71
C GLY A 176 -39.35 22.88 -72.91
N TRP A 177 -39.53 23.26 -74.17
CA TRP A 177 -40.54 24.24 -74.54
C TRP A 177 -41.87 23.57 -74.83
N PHE A 178 -41.84 22.38 -75.44
CA PHE A 178 -43.06 21.67 -75.77
C PHE A 178 -43.71 21.08 -74.52
N HIS A 179 -42.90 20.49 -73.65
CA HIS A 179 -43.45 19.88 -72.43
C HIS A 179 -43.70 20.88 -71.31
N TYR A 180 -43.46 22.18 -71.54
CA TYR A 180 -43.84 23.20 -70.57
C TYR A 180 -44.84 24.20 -71.13
N HIS A 181 -44.51 24.88 -72.22
CA HIS A 181 -45.34 25.98 -72.70
C HIS A 181 -46.56 25.50 -73.47
N LYS A 182 -46.55 24.28 -74.02
CA LYS A 182 -47.69 23.78 -74.79
C LYS A 182 -48.39 22.60 -74.15
N LYS A 183 -47.71 21.47 -73.99
CA LYS A 183 -48.36 20.23 -73.55
C LYS A 183 -47.55 19.64 -72.40
N ALA A 184 -47.87 20.08 -71.19
CA ALA A 184 -47.27 19.78 -69.90
C ALA A 184 -47.80 18.45 -69.35
N PRO A 185 -46.97 17.66 -68.70
CA PRO A 185 -47.44 16.42 -68.07
C PRO A 185 -48.14 16.71 -66.75
N LYS A 186 -48.66 15.66 -66.15
CA LYS A 186 -49.48 15.75 -64.94
C LYS A 186 -48.84 14.97 -63.81
N LEU A 187 -49.29 15.26 -62.58
CA LEU A 187 -48.52 14.86 -61.40
C LEU A 187 -48.54 13.35 -61.17
N GLU A 188 -49.61 12.66 -61.54
CA GLU A 188 -49.62 11.20 -61.41
C GLU A 188 -48.70 10.53 -62.42
N TRP A 189 -48.38 11.21 -63.53
CA TRP A 189 -47.31 10.72 -64.40
C TRP A 189 -45.95 10.98 -63.76
N PHE A 190 -45.81 12.11 -63.07
CA PHE A 190 -44.59 12.41 -62.35
C PHE A 190 -44.40 11.48 -61.16
N GLN A 191 -45.49 11.14 -60.49
CA GLN A 191 -45.44 10.28 -59.31
C GLN A 191 -45.54 8.81 -59.66
N ASN A 192 -45.49 8.46 -60.95
CA ASN A 192 -45.46 7.07 -61.37
C ASN A 192 -44.03 6.57 -61.30
N VAL A 193 -43.57 6.35 -60.07
CA VAL A 193 -42.19 5.96 -59.82
C VAL A 193 -41.92 4.49 -60.10
N GLU A 194 -42.96 3.66 -60.19
CA GLU A 194 -42.77 2.28 -60.60
C GLU A 194 -42.47 2.17 -62.09
N SER A 195 -43.12 3.01 -62.90
CA SER A 195 -42.85 3.01 -64.33
C SER A 195 -41.54 3.69 -64.67
N MET A 196 -41.17 4.72 -63.90
CA MET A 196 -39.89 5.40 -64.13
C MET A 196 -38.71 4.50 -63.78
N MET A 197 -38.83 3.74 -62.69
CA MET A 197 -37.75 2.83 -62.33
C MET A 197 -37.70 1.62 -63.25
N ASN A 198 -38.83 1.24 -63.86
CA ASN A 198 -38.81 0.21 -64.89
C ASN A 198 -38.17 0.75 -66.17
N HIS A 199 -38.59 1.93 -66.61
CA HIS A 199 -38.15 2.48 -67.88
C HIS A 199 -36.74 3.07 -67.83
N HIS A 200 -36.16 3.25 -66.66
CA HIS A 200 -34.77 3.70 -66.59
C HIS A 200 -33.80 2.55 -66.36
N LEU A 201 -34.25 1.46 -65.74
CA LEU A 201 -33.41 0.28 -65.58
C LEU A 201 -33.30 -0.48 -66.89
N ALA A 202 -34.43 -0.96 -67.42
CA ALA A 202 -34.43 -1.71 -68.67
C ALA A 202 -34.27 -0.83 -69.89
N GLY A 203 -34.43 0.47 -69.74
CA GLY A 203 -34.47 1.43 -70.82
C GLY A 203 -33.14 2.14 -70.95
N LEU A 204 -33.01 3.30 -70.28
CA LEU A 204 -31.82 4.13 -70.33
C LEU A 204 -30.54 3.37 -69.94
N LEU A 205 -30.64 2.45 -68.99
CA LEU A 205 -29.46 1.68 -68.60
C LEU A 205 -29.36 0.36 -69.37
N GLY A 206 -30.49 -0.26 -69.69
CA GLY A 206 -30.44 -1.51 -70.44
C GLY A 206 -30.10 -1.31 -71.90
N LEU A 207 -30.88 -0.47 -72.59
CA LEU A 207 -30.69 -0.27 -74.02
C LEU A 207 -29.49 0.62 -74.34
N GLY A 208 -28.88 1.23 -73.34
CA GLY A 208 -27.66 1.96 -73.56
C GLY A 208 -26.45 1.05 -73.45
N CYS A 209 -26.50 0.14 -72.48
CA CYS A 209 -25.40 -0.83 -72.33
C CYS A 209 -25.42 -1.84 -73.46
N LEU A 210 -26.60 -2.20 -73.97
CA LEU A 210 -26.67 -3.08 -75.13
C LEU A 210 -26.33 -2.34 -76.41
N GLY A 211 -26.83 -1.10 -76.55
CA GLY A 211 -26.52 -0.31 -77.73
C GLY A 211 -25.06 0.08 -77.84
N TYR A 212 -24.37 0.21 -76.70
CA TYR A 212 -22.94 0.47 -76.77
C TYR A 212 -22.17 -0.81 -77.02
N ALA A 213 -22.69 -1.96 -76.61
CA ALA A 213 -22.09 -3.23 -76.99
C ALA A 213 -22.19 -3.45 -78.50
N GLY A 214 -23.23 -2.94 -79.13
CA GLY A 214 -23.31 -3.00 -80.59
C GLY A 214 -22.30 -2.08 -81.25
N GLN A 215 -22.11 -0.88 -80.70
CA GLN A 215 -21.08 0.03 -81.20
C GLN A 215 -19.69 -0.55 -80.97
N GLN A 216 -19.51 -1.27 -79.86
CA GLN A 216 -18.20 -1.84 -79.58
C GLN A 216 -17.88 -2.99 -80.52
N ILE A 217 -18.82 -3.92 -80.67
CA ILE A 217 -18.56 -5.15 -81.43
C ILE A 217 -18.45 -4.86 -82.92
N HIS A 218 -19.38 -4.07 -83.45
CA HIS A 218 -19.44 -3.88 -84.89
C HIS A 218 -18.57 -2.74 -85.42
N VAL A 219 -18.12 -1.80 -84.57
CA VAL A 219 -17.43 -0.60 -85.03
C VAL A 219 -16.07 -0.44 -84.37
N SER A 220 -16.02 -0.48 -83.03
CA SER A 220 -14.77 -0.13 -82.37
C SER A 220 -13.85 -1.32 -82.14
N LEU A 221 -14.39 -2.52 -81.93
CA LEU A 221 -13.54 -3.71 -81.90
C LEU A 221 -12.76 -4.00 -83.18
N PRO A 222 -13.28 -3.79 -84.41
CA PRO A 222 -12.38 -3.94 -85.56
C PRO A 222 -11.30 -2.89 -85.65
N ILE A 223 -11.67 -1.61 -85.54
CA ILE A 223 -10.72 -0.52 -85.79
C ILE A 223 -9.62 -0.51 -84.74
N ASN A 224 -9.95 -0.87 -83.51
CA ASN A 224 -8.92 -0.97 -82.47
C ASN A 224 -8.07 -2.22 -82.62
N ALA A 225 -8.64 -3.31 -83.11
CA ALA A 225 -7.79 -4.45 -83.48
C ALA A 225 -6.96 -4.12 -84.72
N CYS A 226 -7.46 -3.22 -85.57
CA CYS A 226 -6.66 -2.71 -86.69
C CYS A 226 -5.58 -1.75 -86.22
N LEU A 227 -5.93 -0.80 -85.34
CA LEU A 227 -4.97 0.21 -84.92
C LEU A 227 -3.88 -0.36 -84.04
N ASP A 228 -4.18 -1.40 -83.26
CA ASP A 228 -3.15 -2.05 -82.47
C ASP A 228 -2.19 -2.86 -83.33
N ALA A 229 -2.58 -3.20 -84.55
CA ALA A 229 -1.67 -3.83 -85.49
C ALA A 229 -0.73 -2.82 -86.13
N ILE A 230 -1.26 -1.66 -86.55
CA ILE A 230 -0.43 -0.64 -87.19
C ILE A 230 0.49 0.03 -86.16
N ASP A 231 0.08 0.03 -84.88
CA ASP A 231 0.97 0.55 -83.83
C ASP A 231 2.20 -0.32 -83.66
N ALA A 232 2.03 -1.64 -83.65
CA ALA A 232 3.18 -2.54 -83.67
C ALA A 232 3.77 -2.60 -85.08
N GLY A 233 4.97 -3.17 -85.17
CA GLY A 233 5.58 -3.36 -86.46
C GLY A 233 4.88 -4.44 -87.28
N LYS A 234 4.65 -5.60 -86.66
CA LYS A 234 4.00 -6.74 -87.30
C LYS A 234 3.03 -7.32 -86.29
N PRO A 235 1.97 -8.02 -86.75
CA PRO A 235 1.41 -8.27 -88.09
C PRO A 235 0.23 -7.37 -88.45
N LEU A 236 0.20 -6.94 -89.70
CA LEU A 236 -0.83 -6.06 -90.24
C LEU A 236 -1.97 -6.86 -90.89
N THR A 237 -2.20 -8.08 -90.41
CA THR A 237 -3.01 -9.12 -91.04
C THR A 237 -4.48 -8.72 -91.23
N VAL A 238 -5.05 -8.98 -92.43
CA VAL A 238 -4.43 -9.34 -93.72
C VAL A 238 -5.35 -8.75 -94.81
N GLY A 239 -4.95 -8.80 -96.07
CA GLY A 239 -5.90 -8.67 -97.16
C GLY A 239 -5.31 -7.90 -98.33
N GLY A 240 -6.18 -7.60 -99.28
CA GLY A 240 -5.97 -6.50 -100.20
C GLY A 240 -7.17 -5.59 -100.09
N LYS A 241 -7.06 -4.38 -99.50
CA LYS A 241 -5.95 -3.81 -98.73
C LYS A 241 -5.53 -4.64 -97.49
N VAL A 242 -4.23 -4.69 -97.17
CA VAL A 242 -3.83 -5.49 -96.02
C VAL A 242 -4.26 -4.75 -94.74
N ILE A 243 -3.50 -3.72 -94.30
CA ILE A 243 -3.89 -2.34 -93.98
C ILE A 243 -2.52 -1.70 -93.77
N ASP A 244 -2.31 -0.46 -94.17
CA ASP A 244 -1.05 0.14 -93.76
C ASP A 244 -1.19 1.53 -93.14
N SER A 245 -2.06 2.38 -93.67
CA SER A 245 -2.25 3.70 -93.10
C SER A 245 -3.37 3.68 -92.07
N VAL A 246 -3.46 4.76 -91.30
CA VAL A 246 -4.60 4.96 -90.42
C VAL A 246 -5.84 5.30 -91.25
N ALA A 247 -5.65 6.10 -92.30
CA ALA A 247 -6.73 6.37 -93.24
C ALA A 247 -7.06 5.16 -94.10
N ALA A 248 -6.14 4.21 -94.22
CA ALA A 248 -6.42 2.98 -94.97
C ALA A 248 -7.37 2.04 -94.22
N ILE A 249 -7.55 2.24 -92.92
CA ILE A 249 -8.55 1.48 -92.16
C ILE A 249 -9.94 1.81 -92.71
N PRO A 250 -10.81 0.83 -92.96
CA PRO A 250 -12.10 1.11 -93.59
C PRO A 250 -13.01 1.94 -92.70
N LEU A 251 -13.78 2.82 -93.35
CA LEU A 251 -14.81 3.58 -92.65
C LEU A 251 -15.85 2.61 -92.07
N PRO A 252 -16.36 2.87 -90.86
CA PRO A 252 -16.98 1.78 -90.08
C PRO A 252 -18.33 1.31 -90.59
N HIS A 253 -18.92 1.96 -91.60
CA HIS A 253 -20.08 1.39 -92.26
C HIS A 253 -19.71 0.24 -93.19
N GLU A 254 -18.43 0.13 -93.55
CA GLU A 254 -17.97 -0.97 -94.39
C GLU A 254 -17.70 -2.24 -93.60
N TRP A 255 -17.50 -2.12 -92.29
CA TRP A 255 -17.59 -3.29 -91.42
C TRP A 255 -19.02 -3.77 -91.29
N ILE A 256 -19.98 -2.86 -91.43
CA ILE A 256 -21.39 -3.22 -91.36
C ILE A 256 -21.85 -3.84 -92.67
N LEU A 257 -21.53 -3.19 -93.80
CA LEU A 257 -21.98 -3.64 -95.11
C LEU A 257 -21.34 -4.95 -95.53
N ASN A 258 -20.11 -5.21 -95.08
CA ASN A 258 -19.36 -6.37 -95.52
C ASN A 258 -19.06 -7.26 -94.31
N PRO A 259 -19.83 -8.33 -94.10
CA PRO A 259 -19.49 -9.30 -93.04
C PRO A 259 -18.21 -10.07 -93.32
N SER A 260 -17.69 -10.05 -94.55
CA SER A 260 -16.44 -10.72 -94.83
C SER A 260 -15.25 -9.99 -94.22
N LEU A 261 -15.36 -8.66 -94.06
CA LEU A 261 -14.31 -7.90 -93.39
C LEU A 261 -14.24 -8.23 -91.91
N MET A 262 -15.36 -8.61 -91.31
CA MET A 262 -15.44 -8.84 -89.87
C MET A 262 -14.96 -10.22 -89.45
N THR A 263 -14.65 -11.10 -90.40
CA THR A 263 -14.40 -12.49 -90.08
C THR A 263 -12.92 -12.86 -90.05
N ASP A 264 -12.06 -12.09 -90.71
CA ASP A 264 -10.64 -12.41 -90.71
C ASP A 264 -10.01 -12.11 -89.35
N ILE A 265 -10.55 -11.15 -88.61
CA ILE A 265 -10.07 -10.86 -87.27
C ILE A 265 -10.75 -11.78 -86.25
N TYR A 266 -12.08 -11.81 -86.26
CA TYR A 266 -12.86 -12.64 -85.38
C TYR A 266 -13.52 -13.74 -86.19
N PRO A 267 -13.02 -14.99 -86.12
CA PRO A 267 -13.47 -16.03 -87.07
C PRO A 267 -14.90 -16.50 -86.87
N SER A 268 -15.51 -16.25 -85.71
CA SER A 268 -16.86 -16.74 -85.45
C SER A 268 -17.95 -15.84 -86.02
N PHE A 269 -17.59 -14.80 -86.78
CA PHE A 269 -18.60 -14.00 -87.47
C PHE A 269 -19.15 -14.69 -88.71
N ALA A 270 -18.46 -15.71 -89.24
CA ALA A 270 -19.06 -16.55 -90.26
C ALA A 270 -20.15 -17.44 -89.71
N GLU A 271 -20.13 -17.72 -88.40
CA GLU A 271 -21.16 -18.55 -87.80
C GLU A 271 -22.48 -17.80 -87.65
N GLY A 272 -22.41 -16.47 -87.53
CA GLY A 272 -23.60 -15.65 -87.56
C GLY A 272 -24.34 -15.59 -86.23
N LEU A 273 -25.57 -15.07 -86.31
CA LEU A 273 -26.46 -14.80 -85.19
C LEU A 273 -27.12 -16.05 -84.63
N LYS A 274 -26.85 -17.20 -85.20
CA LYS A 274 -27.57 -18.45 -84.93
C LYS A 274 -27.18 -19.20 -83.65
N PRO A 275 -25.91 -19.31 -83.23
CA PRO A 275 -25.66 -19.92 -81.91
C PRO A 275 -26.08 -19.04 -80.73
N PHE A 276 -26.43 -17.78 -80.97
CA PHE A 276 -27.02 -16.95 -79.93
C PHE A 276 -28.40 -17.46 -79.54
N PHE A 277 -29.20 -17.86 -80.53
CA PHE A 277 -30.55 -18.33 -80.25
C PHE A 277 -30.60 -19.79 -79.79
N THR A 278 -29.53 -20.55 -80.00
CA THR A 278 -29.47 -21.92 -79.51
C THR A 278 -28.80 -22.01 -78.14
N LEU A 279 -28.30 -20.89 -77.62
CA LEU A 279 -27.52 -20.79 -76.38
C LEU A 279 -26.31 -21.73 -76.38
N ASN A 280 -25.69 -21.90 -77.54
CA ASN A 280 -24.38 -22.54 -77.63
C ASN A 280 -23.37 -21.41 -77.74
N TRP A 281 -23.02 -20.85 -76.57
CA TRP A 281 -22.47 -19.51 -76.50
C TRP A 281 -20.95 -19.46 -76.45
N SER A 282 -20.27 -20.59 -76.19
CA SER A 282 -18.82 -20.54 -76.10
C SER A 282 -18.15 -20.43 -77.46
N VAL A 283 -18.90 -20.42 -78.56
CA VAL A 283 -18.32 -20.14 -79.87
C VAL A 283 -18.02 -18.66 -80.03
N TYR A 284 -18.61 -17.79 -79.21
CA TYR A 284 -18.45 -16.35 -79.34
C TYR A 284 -17.20 -15.82 -78.64
N ALA A 285 -16.34 -16.70 -78.12
CA ALA A 285 -15.19 -16.29 -77.35
C ALA A 285 -14.01 -15.87 -78.24
N ASP A 286 -14.27 -14.95 -79.16
CA ASP A 286 -13.23 -14.26 -79.91
C ASP A 286 -13.33 -12.75 -79.81
N PHE A 287 -14.56 -12.19 -79.73
CA PHE A 287 -14.74 -10.78 -79.43
C PHE A 287 -15.43 -10.53 -78.10
N LEU A 288 -15.92 -11.58 -77.43
CA LEU A 288 -16.44 -11.48 -76.08
C LEU A 288 -15.54 -12.33 -75.19
N THR A 289 -14.49 -11.72 -74.64
CA THR A 289 -13.52 -12.44 -73.84
C THR A 289 -13.70 -12.10 -72.36
N PHE A 290 -13.02 -12.89 -71.53
CA PHE A 290 -12.86 -12.60 -70.12
C PHE A 290 -11.37 -12.60 -69.82
N ASN A 291 -10.61 -11.86 -70.62
CA ASN A 291 -9.16 -11.75 -70.43
C ASN A 291 -8.83 -11.18 -69.06
N GLY A 292 -9.56 -10.15 -68.65
CA GLY A 292 -9.50 -9.70 -67.28
C GLY A 292 -8.20 -9.03 -66.90
N GLY A 293 -7.95 -7.83 -67.41
CA GLY A 293 -6.77 -7.10 -67.02
C GLY A 293 -6.50 -5.96 -67.97
N LEU A 294 -5.23 -5.72 -68.30
CA LEU A 294 -4.87 -4.66 -69.21
C LEU A 294 -4.23 -5.26 -70.46
N ASN A 295 -4.53 -4.66 -71.59
CA ASN A 295 -3.87 -5.00 -72.84
C ASN A 295 -2.43 -4.51 -72.80
N PRO A 296 -1.43 -5.38 -72.96
CA PRO A 296 -0.03 -4.91 -72.94
C PRO A 296 0.36 -4.02 -74.10
N GLN A 297 -0.42 -4.02 -75.19
CA GLN A 297 -0.10 -3.16 -76.32
C GLN A 297 -0.46 -1.71 -76.04
N THR A 298 -1.69 -1.46 -75.59
CA THR A 298 -2.17 -0.10 -75.38
C THR A 298 -2.03 0.38 -73.94
N GLY A 299 -1.96 -0.53 -72.98
CA GLY A 299 -2.06 -0.19 -71.58
C GLY A 299 -3.48 -0.15 -71.05
N GLY A 300 -4.46 0.07 -71.91
CA GLY A 300 -5.85 0.15 -71.51
C GLY A 300 -6.47 -1.19 -71.25
N LEU A 301 -7.77 -1.16 -70.95
CA LEU A 301 -8.54 -2.38 -70.77
C LEU A 301 -8.70 -3.10 -72.10
N TRP A 302 -8.85 -4.42 -72.02
CA TRP A 302 -9.19 -5.22 -73.19
C TRP A 302 -10.55 -4.81 -73.72
N LEU A 303 -10.60 -4.35 -74.97
CA LEU A 303 -11.86 -3.90 -75.53
C LEU A 303 -12.79 -5.05 -75.87
N THR A 304 -12.28 -6.28 -75.93
CA THR A 304 -13.16 -7.44 -75.98
C THR A 304 -13.74 -7.74 -74.60
N ASP A 305 -13.04 -7.36 -73.54
CA ASP A 305 -13.60 -7.51 -72.19
C ASP A 305 -14.67 -6.46 -71.92
N THR A 306 -14.48 -5.24 -72.46
CA THR A 306 -15.46 -4.18 -72.22
C THR A 306 -16.74 -4.42 -72.99
N ALA A 307 -16.65 -5.13 -74.13
CA ALA A 307 -17.85 -5.46 -74.88
C ALA A 307 -18.67 -6.53 -74.16
N HIS A 308 -17.99 -7.53 -73.59
CA HIS A 308 -18.68 -8.52 -72.78
C HIS A 308 -19.11 -7.94 -71.44
N HIS A 309 -18.46 -6.86 -70.99
CA HIS A 309 -18.92 -6.17 -69.79
C HIS A 309 -20.24 -5.47 -70.03
N HIS A 310 -20.32 -4.65 -71.08
CA HIS A 310 -21.53 -3.91 -71.41
C HIS A 310 -22.67 -4.82 -71.84
N LEU A 311 -22.35 -6.02 -72.34
CA LEU A 311 -23.38 -6.97 -72.72
C LEU A 311 -23.96 -7.68 -71.50
N ALA A 312 -23.12 -8.03 -70.53
CA ALA A 312 -23.58 -8.70 -69.32
C ALA A 312 -24.36 -7.74 -68.42
N LEU A 313 -24.07 -6.45 -68.50
CA LEU A 313 -24.84 -5.46 -67.77
C LEU A 313 -26.15 -5.14 -68.44
N ALA A 314 -26.21 -5.27 -69.76
CA ALA A 314 -27.46 -5.05 -70.49
C ALA A 314 -28.52 -6.06 -70.07
N VAL A 315 -28.12 -7.32 -69.88
CA VAL A 315 -29.04 -8.32 -69.39
C VAL A 315 -29.42 -8.05 -67.95
N LEU A 316 -28.44 -7.64 -67.14
CA LEU A 316 -28.70 -7.38 -65.72
C LEU A 316 -29.57 -6.14 -65.53
N PHE A 317 -29.45 -5.16 -66.41
CA PHE A 317 -30.28 -3.97 -66.30
C PHE A 317 -31.69 -4.19 -66.84
N ILE A 318 -31.84 -5.01 -67.88
CA ILE A 318 -33.16 -5.24 -68.44
C ILE A 318 -33.97 -6.19 -67.55
N VAL A 319 -33.30 -7.18 -66.95
CA VAL A 319 -33.91 -8.04 -65.95
C VAL A 319 -34.37 -7.23 -64.74
N ALA A 320 -33.53 -6.27 -64.30
CA ALA A 320 -33.89 -5.37 -63.21
C ALA A 320 -35.04 -4.45 -63.56
N GLY A 321 -35.25 -4.15 -64.84
CA GLY A 321 -36.34 -3.30 -65.26
C GLY A 321 -37.68 -3.97 -65.38
N HIS A 322 -37.81 -5.23 -64.95
CA HIS A 322 -39.08 -5.92 -64.88
C HIS A 322 -39.40 -6.28 -63.44
N PHE A 323 -38.92 -5.46 -62.52
CA PHE A 323 -39.09 -5.67 -61.09
C PHE A 323 -40.33 -5.00 -60.54
N TYR A 324 -40.73 -3.87 -61.10
CA TYR A 324 -41.74 -3.02 -60.48
C TYR A 324 -43.10 -3.23 -61.12
N ARG A 325 -44.13 -3.31 -60.26
CA ARG A 325 -45.49 -3.55 -60.71
C ARG A 325 -46.04 -2.33 -61.43
N THR A 326 -46.71 -2.58 -62.55
CA THR A 326 -47.23 -1.53 -63.42
C THR A 326 -48.62 -2.03 -63.85
N ASN A 327 -49.14 -1.52 -64.98
CA ASN A 327 -50.50 -1.83 -65.42
C ASN A 327 -50.76 -3.33 -65.64
N TRP A 328 -49.72 -4.10 -65.97
CA TRP A 328 -49.92 -5.52 -66.25
C TRP A 328 -49.72 -6.40 -65.02
N GLY A 329 -50.37 -6.03 -63.92
CA GLY A 329 -50.59 -6.94 -62.81
C GLY A 329 -49.39 -7.33 -61.97
N ILE A 330 -48.40 -7.96 -62.59
CA ILE A 330 -47.32 -8.58 -61.85
C ILE A 330 -46.25 -7.55 -61.51
N GLY A 331 -45.50 -7.85 -60.45
CA GLY A 331 -44.37 -7.04 -60.04
C GLY A 331 -44.40 -6.74 -58.57
N HIS A 332 -43.34 -6.08 -58.12
CA HIS A 332 -43.26 -5.56 -56.77
C HIS A 332 -43.73 -4.10 -56.78
N SER A 333 -44.35 -3.69 -55.69
CA SER A 333 -44.71 -2.30 -55.51
C SER A 333 -43.75 -1.65 -54.54
N PHE A 334 -43.53 -0.34 -54.70
CA PHE A 334 -42.63 0.38 -53.80
C PHE A 334 -43.17 0.41 -52.38
N LYS A 335 -44.44 0.76 -52.23
CA LYS A 335 -44.99 1.01 -50.90
C LYS A 335 -45.14 -0.28 -50.12
N GLU A 336 -45.59 -1.36 -50.77
CA GLU A 336 -45.82 -2.62 -50.08
C GLU A 336 -44.52 -3.28 -49.63
N VAL A 337 -43.48 -3.16 -50.44
CA VAL A 337 -42.18 -3.71 -50.06
C VAL A 337 -41.51 -2.81 -49.03
N LEU A 338 -41.93 -1.56 -48.91
CA LEU A 338 -41.39 -0.70 -47.87
C LEU A 338 -41.99 -1.05 -46.51
N GLU A 339 -43.32 -1.22 -46.42
CA GLU A 339 -43.93 -1.51 -45.14
C GLU A 339 -43.74 -2.96 -44.70
N ALA A 340 -43.22 -3.82 -45.56
CA ALA A 340 -42.95 -5.19 -45.12
C ALA A 340 -41.72 -5.29 -44.23
N HIS A 341 -40.76 -4.40 -44.41
CA HIS A 341 -39.50 -4.44 -43.68
C HIS A 341 -39.67 -3.59 -42.43
N LYS A 342 -40.12 -4.25 -41.35
CA LYS A 342 -40.52 -3.58 -40.11
C LYS A 342 -40.18 -4.52 -38.96
N GLY A 343 -39.02 -4.32 -38.34
CA GLY A 343 -38.54 -5.23 -37.32
C GLY A 343 -38.79 -4.73 -35.91
N PRO A 344 -38.25 -5.47 -34.92
CA PRO A 344 -38.58 -5.16 -33.52
C PRO A 344 -37.82 -3.97 -32.95
N VAL A 345 -36.59 -3.76 -33.41
CA VAL A 345 -35.76 -2.68 -32.87
C VAL A 345 -36.19 -1.32 -33.37
N THR A 346 -36.82 -1.24 -34.54
CA THR A 346 -36.90 0.01 -35.29
C THR A 346 -38.32 0.54 -35.47
N GLY A 347 -39.25 0.16 -34.59
CA GLY A 347 -40.56 0.82 -34.57
C GLY A 347 -41.41 0.46 -35.76
N GLU A 348 -41.97 1.48 -36.40
CA GLU A 348 -42.85 1.30 -37.55
C GLU A 348 -42.10 0.99 -38.84
N GLY A 349 -40.77 1.04 -38.82
CA GLY A 349 -40.00 0.69 -39.99
C GLY A 349 -40.11 1.74 -41.08
N HIS A 350 -40.18 1.27 -42.32
CA HIS A 350 -40.07 2.15 -43.47
C HIS A 350 -41.40 2.80 -43.88
N LYS A 351 -42.37 2.92 -42.97
CA LYS A 351 -43.52 3.78 -43.23
C LYS A 351 -43.09 5.23 -43.39
N GLY A 352 -43.77 5.93 -44.29
CA GLY A 352 -43.43 7.30 -44.59
C GLY A 352 -42.36 7.47 -45.64
N MET A 353 -41.59 6.42 -45.94
CA MET A 353 -40.51 6.55 -46.91
C MET A 353 -41.03 6.64 -48.33
N TYR A 354 -42.15 6.00 -48.63
CA TYR A 354 -42.76 6.17 -49.95
C TYR A 354 -43.37 7.55 -50.08
N GLU A 355 -43.92 8.08 -48.98
CA GLU A 355 -44.64 9.34 -49.03
C GLU A 355 -43.72 10.52 -49.27
N ILE A 356 -42.52 10.51 -48.67
CA ILE A 356 -41.64 11.66 -48.88
C ILE A 356 -40.85 11.52 -50.16
N PHE A 357 -40.56 10.31 -50.59
CA PHE A 357 -39.83 10.12 -51.84
C PHE A 357 -40.72 10.28 -53.07
N THR A 358 -42.04 10.44 -52.88
CA THR A 358 -42.95 10.76 -53.98
C THR A 358 -43.58 12.13 -53.88
N THR A 359 -43.43 12.84 -52.77
CA THR A 359 -44.00 14.17 -52.63
C THR A 359 -42.99 15.27 -52.40
N SER A 360 -41.73 14.94 -52.14
CA SER A 360 -40.69 15.94 -51.91
C SER A 360 -39.64 15.84 -53.00
N TRP A 361 -39.48 16.93 -53.75
CA TRP A 361 -38.39 17.01 -54.72
C TRP A 361 -37.05 17.11 -54.03
N HIS A 362 -36.99 17.72 -52.85
CA HIS A 362 -35.73 17.88 -52.14
C HIS A 362 -35.24 16.58 -51.54
N CYS A 363 -36.16 15.71 -51.11
CA CYS A 363 -35.77 14.40 -50.61
C CYS A 363 -35.15 13.56 -51.71
N GLN A 364 -35.70 13.65 -52.93
CA GLN A 364 -35.12 12.95 -54.05
C GLN A 364 -33.80 13.57 -54.47
N LEU A 365 -33.71 14.91 -54.46
CA LEU A 365 -32.48 15.57 -54.88
C LEU A 365 -31.35 15.35 -53.88
N SER A 366 -31.67 15.33 -52.59
CA SER A 366 -30.64 15.04 -51.59
C SER A 366 -30.15 13.61 -51.72
N TRP A 367 -31.03 12.68 -52.01
CA TRP A 367 -30.58 11.30 -52.12
C TRP A 367 -29.87 11.04 -53.43
N ASN A 368 -30.29 11.68 -54.52
CA ASN A 368 -29.65 11.43 -55.80
C ASN A 368 -28.31 12.13 -55.91
N LEU A 369 -28.15 13.28 -55.23
CA LEU A 369 -26.85 13.93 -55.15
C LEU A 369 -25.86 13.09 -54.34
N ALA A 370 -26.34 12.37 -53.34
CA ALA A 370 -25.46 11.55 -52.51
C ALA A 370 -24.89 10.38 -53.29
N TRP A 371 -25.65 9.85 -54.25
CA TRP A 371 -25.22 8.68 -54.98
C TRP A 371 -24.44 9.02 -56.24
N ILE A 372 -24.77 10.13 -56.91
CA ILE A 372 -23.98 10.56 -58.06
C ILE A 372 -22.62 11.06 -57.61
N GLY A 373 -22.57 11.79 -56.50
CA GLY A 373 -21.30 12.22 -55.95
C GLY A 373 -20.46 11.07 -55.45
N SER A 374 -21.11 10.05 -54.85
CA SER A 374 -20.37 8.87 -54.46
C SER A 374 -19.94 8.04 -55.66
N LEU A 375 -20.70 8.10 -56.75
CA LEU A 375 -20.29 7.40 -57.96
C LEU A 375 -19.13 8.11 -58.64
N SER A 376 -19.16 9.44 -58.70
CA SER A 376 -18.09 10.21 -59.32
C SER A 376 -16.76 10.02 -58.60
N ILE A 377 -16.81 9.78 -57.28
CA ILE A 377 -15.60 9.43 -56.55
C ILE A 377 -15.16 8.01 -56.89
N LEU A 378 -16.12 7.08 -57.02
CA LEU A 378 -15.81 5.72 -57.42
C LEU A 378 -15.31 5.63 -58.85
N VAL A 379 -15.76 6.54 -59.72
CA VAL A 379 -15.24 6.63 -61.08
C VAL A 379 -13.74 6.96 -61.06
N ALA A 380 -13.34 7.84 -60.16
CA ALA A 380 -11.93 8.24 -60.07
C ALA A 380 -11.04 7.08 -59.64
N HIS A 381 -11.49 6.27 -58.67
CA HIS A 381 -10.70 5.14 -58.21
C HIS A 381 -10.62 4.03 -59.25
N HIS A 382 -11.70 3.83 -60.00
CA HIS A 382 -11.73 2.72 -60.93
C HIS A 382 -11.13 3.05 -62.30
N MET A 383 -10.90 4.32 -62.60
CA MET A 383 -10.32 4.69 -63.89
C MET A 383 -8.82 4.90 -63.85
N TYR A 384 -8.22 5.17 -62.68
CA TYR A 384 -6.76 5.20 -62.64
C TYR A 384 -6.19 3.80 -62.60
N SER A 385 -6.84 2.89 -61.86
CA SER A 385 -6.26 1.60 -61.54
C SER A 385 -6.67 0.50 -62.51
N MET A 386 -7.81 0.67 -63.18
CA MET A 386 -8.18 -0.16 -64.33
C MET A 386 -8.39 0.81 -65.48
N PRO A 387 -7.29 1.29 -66.09
CA PRO A 387 -7.40 2.35 -67.11
C PRO A 387 -8.11 1.83 -68.34
N PRO A 388 -9.22 2.45 -68.71
CA PRO A 388 -10.11 1.85 -69.74
C PRO A 388 -9.94 2.41 -71.15
N TYR A 389 -8.96 3.24 -71.40
CA TYR A 389 -8.78 3.78 -72.73
C TYR A 389 -7.38 3.45 -73.23
N PRO A 390 -7.21 3.30 -74.55
CA PRO A 390 -5.86 3.04 -75.08
C PRO A 390 -4.96 4.25 -74.96
N TYR A 391 -3.76 4.02 -74.43
CA TYR A 391 -2.72 5.04 -74.20
C TYR A 391 -3.21 6.16 -73.29
N ILE A 392 -4.01 5.81 -72.29
CA ILE A 392 -4.40 6.80 -71.30
C ILE A 392 -3.57 6.58 -70.04
N ALA A 393 -3.11 5.34 -69.82
CA ALA A 393 -2.46 5.00 -68.56
C ALA A 393 -1.06 5.56 -68.47
N THR A 394 -0.38 5.71 -69.61
CA THR A 394 0.93 6.31 -69.64
C THR A 394 0.86 7.79 -69.98
N ASP A 395 -0.33 8.32 -70.23
CA ASP A 395 -0.55 9.77 -70.30
C ASP A 395 -0.76 10.25 -68.87
N TYR A 396 0.34 10.51 -68.18
CA TYR A 396 0.27 10.93 -66.78
C TYR A 396 -0.42 12.29 -66.55
N PRO A 397 -0.31 13.31 -67.44
CA PRO A 397 -1.20 14.48 -67.26
C PRO A 397 -2.67 14.17 -67.38
N THR A 398 -3.07 13.11 -68.08
CA THR A 398 -4.48 12.80 -68.18
C THR A 398 -4.97 12.02 -66.97
N GLN A 399 -4.17 11.06 -66.47
CA GLN A 399 -4.59 10.23 -65.35
C GLN A 399 -4.72 11.03 -64.06
N LEU A 400 -3.80 11.97 -63.83
CA LEU A 400 -3.87 12.80 -62.64
C LEU A 400 -5.03 13.77 -62.72
N SER A 401 -5.28 14.34 -63.90
CA SER A 401 -6.35 15.31 -64.07
C SER A 401 -7.72 14.66 -63.93
N LEU A 402 -7.88 13.44 -64.44
CA LEU A 402 -9.19 12.79 -64.41
C LEU A 402 -9.52 12.28 -63.02
N PHE A 403 -8.52 11.80 -62.27
CA PHE A 403 -8.76 11.45 -60.88
C PHE A 403 -9.14 12.68 -60.06
N THR A 404 -8.45 13.80 -60.31
CA THR A 404 -8.66 14.98 -59.51
C THR A 404 -9.97 15.66 -59.83
N HIS A 405 -10.33 15.70 -61.12
CA HIS A 405 -11.58 16.30 -61.55
C HIS A 405 -12.78 15.56 -60.97
N HIS A 406 -12.81 14.24 -61.12
CA HIS A 406 -13.96 13.48 -60.66
C HIS A 406 -13.98 13.30 -59.16
N MET A 407 -12.84 13.52 -58.48
CA MET A 407 -12.87 13.63 -57.03
C MET A 407 -13.60 14.89 -56.60
N TRP A 408 -13.26 16.03 -57.19
CA TRP A 408 -13.85 17.30 -56.77
C TRP A 408 -15.32 17.41 -57.14
N ILE A 409 -15.73 16.84 -58.28
CA ILE A 409 -17.15 16.81 -58.62
C ILE A 409 -17.91 15.95 -57.62
N GLY A 410 -17.30 14.83 -57.21
CA GLY A 410 -17.96 13.96 -56.25
C GLY A 410 -18.10 14.56 -54.87
N GLY A 411 -17.08 15.32 -54.43
CA GLY A 411 -17.16 15.95 -53.13
C GLY A 411 -18.13 17.11 -53.07
N PHE A 412 -18.28 17.84 -54.17
CA PHE A 412 -19.23 18.95 -54.20
C PHE A 412 -20.66 18.46 -54.19
N LEU A 413 -20.95 17.36 -54.89
CA LEU A 413 -22.31 16.87 -54.96
C LEU A 413 -22.74 16.18 -53.68
N ILE A 414 -21.79 15.59 -52.94
CA ILE A 414 -22.12 14.99 -51.65
C ILE A 414 -22.42 16.07 -50.62
N VAL A 415 -21.79 17.24 -50.73
CA VAL A 415 -22.11 18.36 -49.85
C VAL A 415 -23.53 18.87 -50.16
N GLY A 416 -23.90 18.89 -51.44
CA GLY A 416 -25.25 19.25 -51.82
C GLY A 416 -26.30 18.25 -51.38
N ALA A 417 -25.92 17.00 -51.15
CA ALA A 417 -26.83 16.04 -50.55
C ALA A 417 -27.23 16.45 -49.14
N GLY A 418 -26.26 16.92 -48.35
CA GLY A 418 -26.57 17.38 -47.01
C GLY A 418 -27.29 18.71 -47.00
N ALA A 419 -27.13 19.50 -48.05
CA ALA A 419 -27.85 20.76 -48.15
C ALA A 419 -29.33 20.51 -48.37
N HIS A 420 -29.68 19.68 -49.34
CA HIS A 420 -31.08 19.47 -49.68
C HIS A 420 -31.76 18.47 -48.77
N ALA A 421 -31.00 17.75 -47.94
CA ALA A 421 -31.61 16.99 -46.86
C ALA A 421 -32.01 17.89 -45.71
N ALA A 422 -31.29 18.99 -45.52
CA ALA A 422 -31.66 19.97 -44.50
C ALA A 422 -32.76 20.89 -45.00
N ILE A 423 -32.86 21.08 -46.32
CA ILE A 423 -33.97 21.83 -46.88
C ILE A 423 -35.26 21.03 -46.76
N PHE A 424 -35.16 19.70 -46.94
CA PHE A 424 -36.31 18.82 -46.76
C PHE A 424 -36.85 18.88 -45.34
N MET A 425 -35.96 18.90 -44.35
CA MET A 425 -36.38 18.95 -42.95
C MET A 425 -37.04 20.27 -42.61
N VAL A 426 -36.59 21.36 -43.21
CA VAL A 426 -37.18 22.66 -42.94
C VAL A 426 -38.54 22.80 -43.63
N ARG A 427 -38.62 22.41 -44.90
CA ARG A 427 -39.77 22.74 -45.73
C ARG A 427 -40.75 21.58 -45.92
N ASP A 428 -40.27 20.39 -46.27
CA ASP A 428 -41.15 19.31 -46.68
C ASP A 428 -41.37 18.25 -45.60
N TYR A 429 -40.68 18.32 -44.47
CA TYR A 429 -40.88 17.34 -43.43
C TYR A 429 -42.24 17.55 -42.77
N ASP A 430 -42.94 16.46 -42.50
CA ASP A 430 -44.28 16.52 -41.96
C ASP A 430 -44.37 15.59 -40.76
N PRO A 431 -44.80 16.10 -39.60
CA PRO A 431 -44.87 15.23 -38.40
C PRO A 431 -45.89 14.11 -38.50
N ALA A 432 -46.98 14.31 -39.24
CA ALA A 432 -47.99 13.26 -39.37
C ALA A 432 -47.53 12.11 -40.26
N THR A 433 -46.58 12.34 -41.15
CA THR A 433 -46.07 11.26 -41.97
C THR A 433 -45.17 10.33 -41.17
N HIS A 434 -44.46 10.88 -40.18
CA HIS A 434 -43.41 10.15 -39.47
C HIS A 434 -43.71 10.07 -37.98
N ILE A 435 -44.47 9.05 -37.60
CA ILE A 435 -44.69 8.72 -36.19
C ILE A 435 -44.11 7.34 -35.96
N ASN A 436 -43.04 7.27 -35.15
CA ASN A 436 -42.34 6.06 -34.73
C ASN A 436 -41.79 5.24 -35.90
N ASN A 437 -41.57 5.85 -37.05
CA ASN A 437 -40.90 5.19 -38.17
C ASN A 437 -39.40 5.47 -38.06
N LEU A 438 -38.66 5.19 -39.14
CA LEU A 438 -37.21 5.36 -39.11
C LEU A 438 -36.81 6.83 -39.10
N LEU A 439 -37.54 7.68 -39.83
CA LEU A 439 -37.23 9.10 -39.80
C LEU A 439 -37.61 9.73 -38.46
N ASP A 440 -38.68 9.24 -37.82
CA ASP A 440 -39.02 9.75 -36.50
C ASP A 440 -37.98 9.34 -35.46
N ARG A 441 -37.45 8.14 -35.56
CA ARG A 441 -36.58 7.61 -34.53
C ARG A 441 -35.13 8.08 -34.66
N VAL A 442 -34.71 8.53 -35.85
CA VAL A 442 -33.38 9.14 -35.93
C VAL A 442 -33.38 10.52 -35.28
N ILE A 443 -34.47 11.27 -35.42
CA ILE A 443 -34.60 12.57 -34.79
C ILE A 443 -34.64 12.43 -33.28
N ARG A 444 -35.28 11.39 -32.78
CA ARG A 444 -35.43 11.20 -31.35
C ARG A 444 -34.15 10.73 -30.66
N HIS A 445 -33.13 10.28 -31.40
CA HIS A 445 -31.86 10.01 -30.74
C HIS A 445 -30.71 10.73 -31.44
N ARG A 446 -30.98 11.93 -31.93
CA ARG A 446 -29.97 12.72 -32.61
C ARG A 446 -28.86 13.21 -31.68
N ASP A 447 -29.11 13.33 -30.38
CA ASP A 447 -28.02 13.64 -29.47
C ASP A 447 -27.12 12.44 -29.25
N ALA A 448 -27.66 11.23 -29.38
CA ALA A 448 -26.81 10.04 -29.35
C ALA A 448 -25.99 9.92 -30.63
N ILE A 449 -26.57 10.30 -31.77
CA ILE A 449 -25.89 10.14 -33.05
C ILE A 449 -24.76 11.17 -33.17
N ILE A 450 -25.04 12.42 -32.84
CA ILE A 450 -24.08 13.49 -33.07
C ILE A 450 -22.94 13.43 -32.07
N SER A 451 -23.24 13.14 -30.80
CA SER A 451 -22.19 13.08 -29.79
C SER A 451 -21.30 11.87 -29.97
N HIS A 452 -21.82 10.77 -30.54
CA HIS A 452 -20.96 9.65 -30.87
C HIS A 452 -20.10 9.96 -32.09
N LEU A 453 -20.69 10.61 -33.10
CA LEU A 453 -19.92 11.08 -34.24
C LEU A 453 -18.91 12.14 -33.83
N ASN A 454 -19.26 12.96 -32.83
CA ASN A 454 -18.31 13.92 -32.27
C ASN A 454 -17.11 13.20 -31.66
N TRP A 455 -17.37 12.14 -30.89
CA TRP A 455 -16.29 11.43 -30.22
C TRP A 455 -15.39 10.71 -31.22
N VAL A 456 -15.97 10.10 -32.26
CA VAL A 456 -15.16 9.36 -33.20
C VAL A 456 -14.35 10.30 -34.09
N CYS A 457 -14.78 11.55 -34.22
CA CYS A 457 -13.99 12.53 -34.94
C CYS A 457 -12.78 12.98 -34.13
N ILE A 458 -12.94 13.12 -32.81
CA ILE A 458 -11.81 13.49 -31.97
C ILE A 458 -10.85 12.32 -31.84
N PHE A 459 -11.39 11.09 -31.75
CA PHE A 459 -10.54 9.90 -31.75
C PHE A 459 -9.74 9.79 -33.04
N LEU A 460 -10.39 10.03 -34.19
CA LEU A 460 -9.71 9.86 -35.46
C LEU A 460 -8.72 10.97 -35.73
N GLY A 461 -8.98 12.18 -35.23
CA GLY A 461 -8.02 13.25 -35.42
C GLY A 461 -6.78 13.07 -34.58
N PHE A 462 -6.95 12.64 -33.33
CA PHE A 462 -5.80 12.36 -32.48
C PHE A 462 -5.01 11.18 -33.01
N HIS A 463 -5.68 10.09 -33.35
CA HIS A 463 -4.98 8.88 -33.75
C HIS A 463 -4.67 8.80 -35.24
N SER A 464 -4.85 9.88 -36.00
CA SER A 464 -4.27 9.93 -37.33
C SER A 464 -3.31 11.11 -37.49
N PHE A 465 -3.76 12.33 -37.23
CA PHE A 465 -2.88 13.49 -37.38
C PHE A 465 -1.84 13.54 -36.27
N GLY A 466 -2.20 13.10 -35.07
CA GLY A 466 -1.25 13.10 -33.96
C GLY A 466 -0.09 12.16 -34.18
N LEU A 467 -0.29 11.10 -34.98
CA LEU A 467 0.82 10.24 -35.37
C LEU A 467 1.80 10.96 -36.30
N TYR A 468 1.30 11.89 -37.12
CA TYR A 468 2.20 12.64 -38.00
C TYR A 468 3.07 13.60 -37.21
N VAL A 469 2.51 14.27 -36.21
CA VAL A 469 3.30 15.24 -35.45
C VAL A 469 4.10 14.55 -34.36
N HIS A 470 3.71 13.34 -33.95
CA HIS A 470 4.62 12.46 -33.23
C HIS A 470 5.85 12.17 -34.08
N ASN A 471 5.65 11.90 -35.36
CA ASN A 471 6.75 11.55 -36.25
C ASN A 471 7.63 12.75 -36.55
N ASP A 472 7.03 13.94 -36.69
CA ASP A 472 7.78 15.18 -36.85
C ASP A 472 8.68 15.43 -35.66
N THR A 473 8.18 15.16 -34.46
CA THR A 473 8.93 15.42 -33.25
C THR A 473 10.03 14.40 -33.05
N MET A 474 9.76 13.13 -33.37
CA MET A 474 10.77 12.09 -33.24
C MET A 474 11.89 12.27 -34.25
N ARG A 475 11.57 12.72 -35.46
CA ARG A 475 12.59 12.92 -36.48
C ARG A 475 13.45 14.14 -36.16
N ALA A 476 12.83 15.21 -35.65
CA ALA A 476 13.58 16.39 -35.23
C ALA A 476 14.47 16.09 -34.03
N PHE A 477 13.99 15.24 -33.12
CA PHE A 477 14.78 14.77 -31.98
C PHE A 477 15.95 13.89 -32.35
N GLY A 478 16.06 13.44 -33.59
CA GLY A 478 17.03 12.42 -33.90
C GLY A 478 16.69 11.08 -33.31
N ARG A 479 15.39 10.76 -33.22
CA ARG A 479 14.92 9.45 -32.76
C ARG A 479 14.07 8.79 -33.84
N PRO A 480 14.68 8.37 -34.97
CA PRO A 480 13.86 7.77 -36.03
C PRO A 480 13.36 6.38 -35.70
N GLN A 481 14.01 5.68 -34.75
CA GLN A 481 13.52 4.39 -34.29
C GLN A 481 12.23 4.52 -33.48
N ASP A 482 11.92 5.72 -33.00
CA ASP A 482 10.70 5.97 -32.25
C ASP A 482 9.56 6.47 -33.12
N MET A 483 9.74 6.51 -34.43
CA MET A 483 8.71 6.99 -35.33
C MET A 483 7.73 5.87 -35.68
N PHE A 484 6.55 6.27 -36.13
CA PHE A 484 5.64 5.36 -36.81
C PHE A 484 6.05 5.29 -38.27
N SER A 485 6.77 4.24 -38.64
CA SER A 485 7.27 4.09 -39.99
C SER A 485 7.48 2.62 -40.28
N ASP A 486 7.90 2.32 -41.51
CA ASP A 486 8.23 0.94 -41.87
C ASP A 486 9.52 0.47 -41.22
N THR A 487 10.39 1.39 -40.80
CA THR A 487 11.64 1.06 -40.14
C THR A 487 11.60 1.32 -38.65
N GLY A 488 10.51 1.87 -38.12
CA GLY A 488 10.39 2.11 -36.69
C GLY A 488 9.31 1.29 -36.06
N ILE A 489 8.30 1.96 -35.51
CA ILE A 489 7.12 1.29 -34.97
C ILE A 489 6.13 1.12 -36.11
N GLN A 490 6.00 -0.10 -36.62
CA GLN A 490 5.25 -0.33 -37.84
C GLN A 490 3.75 -0.33 -37.58
N LEU A 491 3.01 0.33 -38.46
CA LEU A 491 1.56 0.26 -38.50
C LEU A 491 1.22 -0.29 -39.86
N GLN A 492 1.20 -1.60 -39.97
CA GLN A 492 0.97 -2.20 -41.27
C GLN A 492 -0.53 -2.30 -41.54
N PRO A 493 -0.99 -1.89 -42.70
CA PRO A 493 -2.41 -2.09 -43.02
C PRO A 493 -2.68 -3.53 -43.41
N VAL A 494 -2.86 -4.39 -42.40
CA VAL A 494 -2.88 -5.82 -42.65
C VAL A 494 -4.19 -6.30 -43.25
N PHE A 495 -5.29 -5.58 -43.05
CA PHE A 495 -6.54 -5.97 -43.70
C PHE A 495 -6.53 -5.61 -45.18
N ALA A 496 -5.93 -4.47 -45.53
CA ALA A 496 -5.82 -4.11 -46.93
C ALA A 496 -4.78 -4.95 -47.66
N GLN A 497 -3.73 -5.36 -46.95
CA GLN A 497 -2.75 -6.25 -47.55
C GLN A 497 -3.31 -7.65 -47.75
N TRP A 498 -4.24 -8.07 -46.89
CA TRP A 498 -4.88 -9.37 -47.04
C TRP A 498 -5.87 -9.37 -48.19
N VAL A 499 -6.58 -8.25 -48.40
CA VAL A 499 -7.50 -8.14 -49.52
C VAL A 499 -6.75 -8.09 -50.84
N GLN A 500 -5.57 -7.46 -50.83
CA GLN A 500 -4.71 -7.45 -52.02
C GLN A 500 -4.20 -8.83 -52.37
N ASN A 501 -3.99 -9.69 -51.37
CA ASN A 501 -3.55 -11.05 -51.64
C ASN A 501 -4.66 -11.88 -52.27
N LEU A 502 -5.90 -11.60 -51.90
CA LEU A 502 -7.03 -12.33 -52.49
C LEU A 502 -7.30 -11.89 -53.92
N HIS A 503 -7.03 -10.63 -54.24
CA HIS A 503 -7.31 -10.15 -55.58
C HIS A 503 -6.17 -10.42 -56.55
N ALA A 504 -4.95 -10.62 -56.05
CA ALA A 504 -3.85 -11.02 -56.90
C ALA A 504 -3.84 -12.52 -57.17
N ALA A 505 -4.41 -13.31 -56.27
CA ALA A 505 -4.54 -14.75 -56.44
C ALA A 505 -5.95 -15.15 -56.88
N ALA A 506 -6.63 -14.28 -57.62
CA ALA A 506 -7.99 -14.54 -58.07
C ALA A 506 -8.04 -15.29 -59.40
N ALA A 507 -7.18 -14.92 -60.35
CA ALA A 507 -7.17 -15.55 -61.66
C ALA A 507 -6.63 -16.97 -61.54
N GLY A 508 -7.47 -17.94 -61.89
CA GLY A 508 -7.16 -19.33 -61.71
C GLY A 508 -7.62 -19.91 -60.39
N GLY A 509 -8.03 -19.07 -59.45
CA GLY A 509 -8.50 -19.51 -58.15
C GLY A 509 -9.98 -19.30 -57.96
N THR A 510 -10.35 -18.20 -57.30
CA THR A 510 -11.76 -17.91 -57.04
C THR A 510 -12.46 -17.28 -58.24
N ALA A 511 -11.72 -16.82 -59.24
CA ALA A 511 -12.25 -16.55 -60.57
C ALA A 511 -11.47 -17.42 -61.55
N PRO A 512 -11.87 -18.68 -61.75
CA PRO A 512 -11.04 -19.60 -62.57
C PRO A 512 -10.94 -19.23 -64.04
N ASN A 513 -12.03 -18.77 -64.64
CA ASN A 513 -12.05 -18.57 -66.09
C ASN A 513 -11.48 -17.21 -66.52
N ALA A 514 -10.81 -16.50 -65.63
CA ALA A 514 -10.18 -15.22 -65.96
C ALA A 514 -8.67 -15.41 -66.07
N ALA A 515 -8.07 -14.79 -67.08
CA ALA A 515 -6.66 -15.00 -67.35
C ALA A 515 -5.77 -14.28 -66.35
N ALA A 516 -5.88 -12.95 -66.27
CA ALA A 516 -5.11 -12.15 -65.34
C ALA A 516 -6.03 -11.62 -64.24
N GLY A 517 -5.41 -10.97 -63.26
CA GLY A 517 -6.17 -10.32 -62.20
C GLY A 517 -6.80 -9.04 -62.70
N VAL A 518 -7.70 -8.50 -61.88
CA VAL A 518 -8.56 -7.39 -62.28
C VAL A 518 -7.78 -6.10 -62.52
N SER A 519 -6.61 -5.95 -61.91
CA SER A 519 -5.76 -4.79 -62.07
C SER A 519 -4.37 -5.18 -61.62
N PRO A 520 -3.31 -4.63 -62.24
CA PRO A 520 -1.96 -4.87 -61.71
C PRO A 520 -1.70 -4.21 -60.37
N ALA A 521 -2.54 -3.25 -59.96
CA ALA A 521 -2.37 -2.55 -58.69
C ALA A 521 -2.53 -3.48 -57.50
N PHE A 522 -3.25 -4.58 -57.65
CA PHE A 522 -3.42 -5.55 -56.56
C PHE A 522 -2.28 -6.53 -56.44
N GLY A 523 -1.30 -6.48 -57.33
CA GLY A 523 -0.25 -7.48 -57.36
C GLY A 523 -0.10 -8.01 -58.77
N GLY A 524 1.13 -8.35 -59.13
CA GLY A 524 1.46 -8.81 -60.45
C GLY A 524 2.79 -8.24 -60.90
N ASP A 525 3.02 -8.15 -62.19
CA ASP A 525 4.25 -7.56 -62.69
C ASP A 525 3.95 -6.26 -63.43
N ILE A 526 5.02 -5.50 -63.66
CA ILE A 526 4.94 -4.14 -64.18
C ILE A 526 4.55 -4.19 -65.65
N LEU A 527 3.46 -3.51 -65.99
CA LEU A 527 3.00 -3.42 -67.37
C LEU A 527 3.47 -2.10 -67.94
N ALA A 528 4.25 -2.16 -69.01
CA ALA A 528 4.89 -0.99 -69.59
C ALA A 528 4.47 -0.81 -71.04
N VAL A 529 3.84 0.31 -71.34
CA VAL A 529 3.74 0.86 -72.68
C VAL A 529 5.07 1.59 -72.88
N VAL A 530 5.35 2.06 -74.10
CA VAL A 530 6.64 2.10 -74.79
C VAL A 530 7.85 2.33 -73.89
N GLY A 531 7.79 3.35 -73.04
CA GLY A 531 8.86 3.52 -72.07
C GLY A 531 8.38 3.68 -70.64
N LYS A 532 7.08 3.80 -70.45
CA LYS A 532 6.52 4.27 -69.19
C LYS A 532 5.63 3.21 -68.55
N VAL A 533 5.54 3.26 -67.22
CA VAL A 533 4.69 2.34 -66.48
C VAL A 533 3.22 2.70 -66.70
N ALA A 534 2.43 1.72 -67.11
CA ALA A 534 0.99 1.88 -67.13
C ALA A 534 0.40 1.61 -65.74
N MET A 535 0.69 0.44 -65.19
CA MET A 535 0.24 0.08 -63.85
C MET A 535 1.15 -1.00 -63.31
N MET A 536 1.52 -0.85 -62.04
CA MET A 536 2.33 -1.81 -61.31
C MET A 536 1.64 -2.04 -59.97
N PRO A 537 2.09 -3.03 -59.18
CA PRO A 537 1.55 -3.16 -57.82
C PRO A 537 1.78 -1.94 -56.95
N ILE A 538 0.73 -1.53 -56.26
CA ILE A 538 0.75 -0.35 -55.40
C ILE A 538 0.82 -0.89 -53.97
N THR A 539 2.04 -0.91 -53.42
CA THR A 539 2.26 -1.45 -52.10
C THR A 539 1.69 -0.53 -51.03
N LEU A 540 1.28 -1.12 -49.92
CA LEU A 540 0.69 -0.39 -48.80
C LEU A 540 1.52 -0.68 -47.56
N GLY A 541 2.23 0.33 -47.09
CA GLY A 541 3.00 0.23 -45.86
C GLY A 541 2.48 1.11 -44.76
N THR A 542 3.35 1.56 -43.87
CA THR A 542 2.93 2.37 -42.73
C THR A 542 2.46 3.75 -43.18
N ALA A 543 3.10 4.30 -44.21
CA ALA A 543 2.69 5.60 -44.73
C ALA A 543 1.29 5.57 -45.36
N ASP A 544 0.87 4.41 -45.86
CA ASP A 544 -0.46 4.28 -46.43
C ASP A 544 -1.51 4.04 -45.34
N PHE A 545 -1.12 3.40 -44.24
CA PHE A 545 -2.00 3.30 -43.08
C PHE A 545 -2.33 4.68 -42.52
N LEU A 546 -1.33 5.56 -42.45
CA LEU A 546 -1.51 6.87 -41.84
C LEU A 546 -2.44 7.74 -42.66
N VAL A 547 -2.22 7.82 -43.96
CA VAL A 547 -3.00 8.70 -44.80
C VAL A 547 -4.42 8.17 -45.03
N HIS A 548 -4.64 6.86 -44.93
CA HIS A 548 -5.98 6.33 -45.05
C HIS A 548 -6.83 6.67 -43.82
N HIS A 549 -6.20 6.76 -42.66
CA HIS A 549 -6.93 7.19 -41.47
C HIS A 549 -7.08 8.70 -41.41
N ILE A 550 -6.25 9.45 -42.14
CA ILE A 550 -6.52 10.86 -42.37
C ILE A 550 -7.80 11.02 -43.20
N HIS A 551 -7.96 10.19 -44.23
CA HIS A 551 -9.17 10.24 -45.06
C HIS A 551 -10.40 9.84 -44.26
N ALA A 552 -10.27 8.82 -43.41
CA ALA A 552 -11.37 8.43 -42.54
C ALA A 552 -11.73 9.54 -41.57
N PHE A 553 -10.72 10.27 -41.09
CA PHE A 553 -10.96 11.37 -40.17
C PHE A 553 -11.65 12.54 -40.86
N THR A 554 -11.14 12.96 -42.02
CA THR A 554 -11.69 14.15 -42.65
C THR A 554 -13.05 13.92 -43.29
N ILE A 555 -13.38 12.68 -43.64
CA ILE A 555 -14.73 12.38 -44.11
C ILE A 555 -15.71 12.37 -42.94
N HIS A 556 -15.31 11.80 -41.80
CA HIS A 556 -16.18 11.74 -40.63
C HIS A 556 -16.51 13.12 -40.07
N VAL A 557 -15.59 14.08 -40.17
CA VAL A 557 -15.88 15.44 -39.73
C VAL A 557 -16.86 16.11 -40.70
N THR A 558 -16.66 15.90 -42.01
CA THR A 558 -17.57 16.45 -43.00
C THR A 558 -18.97 15.85 -42.85
N VAL A 559 -19.06 14.55 -42.54
CA VAL A 559 -20.35 13.95 -42.22
C VAL A 559 -20.92 14.57 -40.96
N LEU A 560 -20.07 14.82 -39.95
CA LEU A 560 -20.52 15.40 -38.68
C LEU A 560 -21.12 16.78 -38.86
N ILE A 561 -20.52 17.61 -39.70
CA ILE A 561 -21.05 18.95 -39.94
C ILE A 561 -22.36 18.89 -40.70
N LEU A 562 -22.44 18.03 -41.72
CA LEU A 562 -23.63 17.98 -42.55
C LEU A 562 -24.76 17.22 -41.88
N LEU A 563 -24.47 16.18 -41.09
CA LEU A 563 -25.54 15.46 -40.40
C LEU A 563 -26.07 16.26 -39.21
N LYS A 564 -25.23 17.07 -38.57
CA LYS A 564 -25.72 17.99 -37.55
C LYS A 564 -26.60 19.06 -38.16
N GLY A 565 -26.31 19.47 -39.38
CA GLY A 565 -27.15 20.44 -40.07
C GLY A 565 -28.50 19.89 -40.45
N VAL A 566 -28.59 18.59 -40.73
CA VAL A 566 -29.86 17.99 -41.10
C VAL A 566 -30.69 17.65 -39.87
N LEU A 567 -30.05 17.02 -38.88
CA LEU A 567 -30.79 16.56 -37.70
C LEU A 567 -31.23 17.70 -36.79
N PHE A 568 -30.60 18.87 -36.90
CA PHE A 568 -30.94 20.00 -36.05
C PHE A 568 -31.48 21.18 -36.87
N ALA A 569 -31.97 20.93 -38.07
CA ALA A 569 -32.44 22.02 -38.93
C ALA A 569 -33.73 22.63 -38.42
N ARG A 570 -34.61 21.80 -37.84
CA ARG A 570 -35.89 22.31 -37.38
C ARG A 570 -35.82 22.96 -36.02
N ASN A 571 -35.10 22.34 -35.08
CA ASN A 571 -34.99 22.89 -33.74
C ASN A 571 -33.78 22.29 -33.05
N SER A 572 -33.44 22.88 -31.91
CA SER A 572 -32.40 22.37 -31.03
C SER A 572 -32.75 22.81 -29.63
N ARG A 573 -31.91 22.43 -28.66
CA ARG A 573 -32.10 22.90 -27.30
C ARG A 573 -31.80 24.39 -27.16
N LEU A 574 -31.03 24.95 -28.09
CA LEU A 574 -30.73 26.38 -28.12
C LEU A 574 -31.82 27.18 -28.84
N ILE A 575 -32.23 26.74 -30.02
CA ILE A 575 -33.24 27.43 -30.81
C ILE A 575 -34.42 26.48 -31.02
N PRO A 576 -35.44 26.56 -30.17
CA PRO A 576 -36.58 25.63 -30.29
C PRO A 576 -37.47 25.86 -31.50
N ASP A 577 -37.34 26.99 -32.20
CA ASP A 577 -38.15 27.29 -33.38
C ASP A 577 -37.26 27.61 -34.59
N LYS A 578 -36.16 26.86 -34.74
CA LYS A 578 -35.22 27.12 -35.82
C LYS A 578 -35.83 26.84 -37.19
N GLY A 579 -36.78 25.91 -37.28
CA GLY A 579 -37.46 25.67 -38.55
C GLY A 579 -38.35 26.82 -38.97
N GLU A 580 -38.80 27.64 -38.02
CA GLU A 580 -39.59 28.81 -38.37
C GLU A 580 -38.73 29.90 -39.00
N LEU A 581 -37.45 29.97 -38.66
CA LEU A 581 -36.58 30.99 -39.21
C LEU A 581 -36.06 30.62 -40.60
N GLY A 582 -36.22 29.38 -41.03
CA GLY A 582 -35.94 28.98 -42.39
C GLY A 582 -34.75 28.07 -42.49
N PHE A 583 -34.37 27.78 -43.73
CA PHE A 583 -33.14 27.06 -44.00
C PHE A 583 -31.95 28.01 -44.01
N ARG A 584 -32.14 29.21 -44.55
CA ARG A 584 -31.07 30.17 -44.77
C ARG A 584 -31.40 31.46 -44.04
N PHE A 585 -30.78 31.64 -42.89
CA PHE A 585 -30.87 32.87 -42.11
C PHE A 585 -29.55 33.02 -41.37
N PRO A 586 -29.12 34.25 -41.07
CA PRO A 586 -27.76 34.41 -40.52
C PRO A 586 -27.61 33.91 -39.10
N CYS A 587 -28.55 34.20 -38.22
CA CYS A 587 -28.44 33.95 -36.79
C CYS A 587 -29.81 34.18 -36.17
N ASP A 588 -29.86 34.07 -34.86
CA ASP A 588 -31.00 34.55 -34.08
C ASP A 588 -30.54 35.54 -33.01
N GLY A 589 -29.60 36.41 -33.38
CA GLY A 589 -29.20 37.48 -32.51
C GLY A 589 -28.07 37.13 -31.58
N PRO A 590 -27.51 38.13 -30.90
CA PRO A 590 -26.37 37.90 -30.00
C PRO A 590 -26.75 37.26 -28.68
N GLY A 591 -28.03 37.03 -28.42
CA GLY A 591 -28.45 36.42 -27.18
C GLY A 591 -28.18 34.93 -27.13
N ARG A 592 -28.54 34.35 -25.99
CA ARG A 592 -28.24 32.96 -25.62
C ARG A 592 -26.74 32.67 -25.70
N GLY A 593 -25.92 33.67 -25.40
CA GLY A 593 -24.50 33.63 -25.63
C GLY A 593 -24.07 34.08 -27.01
N GLY A 594 -24.94 33.94 -28.01
CA GLY A 594 -24.59 34.19 -29.39
C GLY A 594 -24.97 33.02 -30.26
N THR A 595 -25.77 33.25 -31.28
CA THR A 595 -26.36 32.18 -32.09
C THR A 595 -25.99 32.32 -33.56
N CYS A 596 -24.79 32.80 -33.83
CA CYS A 596 -24.29 32.95 -35.20
C CYS A 596 -24.15 31.57 -35.85
N GLN A 597 -24.60 31.47 -37.10
CA GLN A 597 -24.43 30.27 -37.94
C GLN A 597 -25.13 29.04 -37.34
N VAL A 598 -26.38 29.21 -36.91
CA VAL A 598 -27.15 28.06 -36.45
C VAL A 598 -27.96 27.40 -37.56
N SER A 599 -28.14 28.07 -38.69
CA SER A 599 -29.03 27.59 -39.74
C SER A 599 -28.48 26.35 -40.42
N GLY A 600 -29.36 25.66 -41.14
CA GLY A 600 -28.93 24.55 -41.96
C GLY A 600 -28.05 24.98 -43.12
N TRP A 601 -28.26 26.21 -43.62
CA TRP A 601 -27.41 26.76 -44.66
C TRP A 601 -25.97 26.92 -44.20
N ASP A 602 -25.78 27.30 -42.94
CA ASP A 602 -24.45 27.58 -42.45
C ASP A 602 -23.66 26.32 -42.15
N HIS A 603 -24.35 25.19 -41.99
CA HIS A 603 -23.65 23.91 -41.90
C HIS A 603 -23.15 23.46 -43.26
N VAL A 604 -23.85 23.83 -44.33
CA VAL A 604 -23.34 23.60 -45.68
C VAL A 604 -22.12 24.47 -45.93
N PHE A 605 -22.18 25.71 -45.42
CA PHE A 605 -21.06 26.64 -45.52
C PHE A 605 -19.83 26.10 -44.80
N LEU A 606 -20.00 25.58 -43.59
CA LEU A 606 -18.87 25.00 -42.87
C LEU A 606 -18.46 23.66 -43.45
N GLY A 607 -19.41 22.90 -43.99
CA GLY A 607 -19.10 21.62 -44.60
C GLY A 607 -18.32 21.73 -45.89
N LEU A 608 -18.42 22.86 -46.59
CA LEU A 608 -17.68 23.05 -47.83
C LEU A 608 -16.19 23.19 -47.56
N PHE A 609 -15.82 23.83 -46.46
CA PHE A 609 -14.41 23.95 -46.09
C PHE A 609 -13.83 22.59 -45.73
N TRP A 610 -14.60 21.78 -45.03
CA TRP A 610 -14.10 20.49 -44.59
C TRP A 610 -14.11 19.46 -45.70
N MET A 611 -15.02 19.61 -46.67
CA MET A 611 -14.92 18.84 -47.89
C MET A 611 -13.68 19.22 -48.67
N TYR A 612 -13.38 20.53 -48.76
CA TYR A 612 -12.17 20.99 -49.42
C TYR A 612 -10.93 20.45 -48.73
N ASN A 613 -10.91 20.46 -47.40
CA ASN A 613 -9.81 19.90 -46.64
C ASN A 613 -9.69 18.40 -46.87
N SER A 614 -10.82 17.70 -46.97
CA SER A 614 -10.82 16.26 -47.13
C SER A 614 -10.30 15.84 -48.49
N LEU A 615 -10.70 16.55 -49.54
CA LEU A 615 -10.35 16.13 -50.88
C LEU A 615 -9.00 16.65 -51.34
N SER A 616 -8.51 17.74 -50.74
CA SER A 616 -7.15 18.18 -51.01
C SER A 616 -6.14 17.13 -50.56
N ILE A 617 -6.42 16.47 -49.44
CA ILE A 617 -5.50 15.43 -48.95
C ILE A 617 -5.64 14.16 -49.78
N VAL A 618 -6.84 13.90 -50.31
CA VAL A 618 -7.05 12.73 -51.17
C VAL A 618 -6.27 12.87 -52.46
N ILE A 619 -6.34 14.03 -53.11
CA ILE A 619 -5.61 14.21 -54.36
C ILE A 619 -4.12 14.44 -54.12
N PHE A 620 -3.73 14.88 -52.93
CA PHE A 620 -2.30 14.94 -52.61
C PHE A 620 -1.75 13.55 -52.36
N HIS A 621 -2.55 12.70 -51.71
CA HIS A 621 -2.19 11.30 -51.54
C HIS A 621 -2.04 10.61 -52.88
N PHE A 622 -2.96 10.86 -53.81
CA PHE A 622 -2.88 10.28 -55.14
C PHE A 622 -1.65 10.77 -55.89
N SER A 623 -1.44 12.09 -55.91
CA SER A 623 -0.37 12.67 -56.72
C SER A 623 1.01 12.26 -56.22
N TRP A 624 1.17 12.12 -54.90
CA TRP A 624 2.47 11.71 -54.40
C TRP A 624 2.68 10.21 -54.57
N LYS A 625 1.69 9.38 -54.24
CA LYS A 625 1.85 7.94 -54.31
C LYS A 625 2.02 7.44 -55.75
N MET A 626 1.38 8.10 -56.72
CA MET A 626 1.57 7.68 -58.11
C MET A 626 2.94 8.08 -58.63
N GLN A 627 3.42 9.27 -58.25
CA GLN A 627 4.73 9.71 -58.72
C GLN A 627 5.86 8.98 -58.01
N SER A 628 5.65 8.54 -56.79
CA SER A 628 6.71 7.93 -56.01
C SER A 628 6.79 6.43 -56.22
N ASP A 629 5.66 5.77 -56.37
CA ASP A 629 5.61 4.32 -56.30
C ASP A 629 5.05 3.64 -57.53
N VAL A 630 4.46 4.38 -58.47
CA VAL A 630 3.82 3.76 -59.63
C VAL A 630 4.41 4.30 -60.92
N TRP A 631 4.25 5.58 -61.18
CA TRP A 631 4.60 6.16 -62.46
C TRP A 631 6.11 6.31 -62.61
N GLY A 632 6.59 6.23 -63.84
CA GLY A 632 7.98 6.44 -64.13
C GLY A 632 8.40 5.74 -65.41
N SER A 633 9.67 5.89 -65.73
CA SER A 633 10.24 5.31 -66.94
C SER A 633 10.76 3.91 -66.67
N VAL A 634 10.63 3.05 -67.67
CA VAL A 634 11.14 1.69 -67.61
C VAL A 634 12.41 1.60 -68.44
N SER A 635 13.42 0.95 -67.89
CA SER A 635 14.64 0.67 -68.62
C SER A 635 14.41 -0.52 -69.57
N PRO A 636 15.30 -0.73 -70.54
CA PRO A 636 15.25 -1.99 -71.28
C PRO A 636 15.56 -3.21 -70.42
N ASP A 637 16.31 -3.03 -69.33
CA ASP A 637 16.56 -4.15 -68.42
C ASP A 637 15.31 -4.50 -67.62
N GLY A 638 14.42 -3.54 -67.41
CA GLY A 638 13.13 -3.80 -66.80
C GLY A 638 12.92 -3.24 -65.41
N SER A 639 13.76 -2.31 -64.96
CA SER A 639 13.61 -1.68 -63.65
C SER A 639 12.97 -0.32 -63.81
N VAL A 640 12.06 0.01 -62.89
CA VAL A 640 11.32 1.27 -62.93
C VAL A 640 12.13 2.35 -62.23
N SER A 641 12.31 3.47 -62.93
CA SER A 641 12.83 4.70 -62.34
C SER A 641 11.63 5.61 -62.10
N HIS A 642 11.17 5.68 -60.86
CA HIS A 642 9.97 6.43 -60.53
C HIS A 642 10.22 7.93 -60.59
N ILE A 643 9.13 8.70 -60.63
CA ILE A 643 9.20 10.14 -60.86
C ILE A 643 9.83 10.86 -59.67
N THR A 644 9.42 10.52 -58.45
CA THR A 644 10.06 11.05 -57.26
C THR A 644 10.82 10.00 -56.47
N ALA A 645 11.09 8.85 -57.10
CA ALA A 645 12.11 7.88 -56.67
C ALA A 645 11.84 7.25 -55.31
N GLY A 646 10.60 6.83 -55.09
CA GLY A 646 10.26 6.03 -53.93
C GLY A 646 10.31 6.74 -52.59
N ASN A 647 10.18 8.07 -52.57
CA ASN A 647 10.35 8.81 -51.33
C ASN A 647 9.08 8.89 -50.49
N PHE A 648 8.00 8.21 -50.89
CA PHE A 648 6.75 8.30 -50.16
C PHE A 648 6.83 7.59 -48.81
N ALA A 649 7.54 6.46 -48.73
CA ALA A 649 7.52 5.64 -47.53
C ALA A 649 8.23 6.30 -46.36
N GLN A 650 9.19 7.18 -46.62
CA GLN A 650 9.95 7.81 -45.55
C GLN A 650 9.65 9.30 -45.39
N SER A 651 9.03 9.95 -46.37
CA SER A 651 8.72 11.37 -46.25
C SER A 651 7.26 11.66 -46.00
N ALA A 652 6.33 10.81 -46.43
CA ALA A 652 4.91 11.07 -46.22
C ALA A 652 4.42 10.69 -44.83
N ILE A 653 5.33 10.46 -43.88
CA ILE A 653 4.95 10.16 -42.51
C ILE A 653 5.08 11.35 -41.58
N THR A 654 5.66 12.45 -42.06
CA THR A 654 5.75 13.70 -41.31
C THR A 654 5.09 14.81 -42.09
N ILE A 655 4.70 15.88 -41.38
CA ILE A 655 4.19 17.07 -42.06
C ILE A 655 5.31 17.81 -42.76
N ASN A 656 6.52 17.74 -42.19
CA ASN A 656 7.69 18.35 -42.81
C ASN A 656 8.02 17.69 -44.15
N GLY A 657 7.80 16.38 -44.26
CA GLY A 657 8.03 15.71 -45.52
C GLY A 657 6.99 16.05 -46.57
N TRP A 658 5.74 16.25 -46.15
CA TRP A 658 4.71 16.72 -47.06
C TRP A 658 4.96 18.16 -47.49
N LEU A 659 5.55 18.97 -46.61
CA LEU A 659 5.87 20.35 -46.96
C LEU A 659 7.10 20.43 -47.87
N ARG A 660 8.15 19.68 -47.54
CA ARG A 660 9.42 19.77 -48.25
C ARG A 660 9.44 18.92 -49.53
N ASP A 661 9.18 17.63 -49.40
CA ASP A 661 9.36 16.72 -50.51
C ASP A 661 8.16 16.65 -51.45
N PHE A 662 6.97 17.03 -50.97
CA PHE A 662 5.83 17.13 -51.88
C PHE A 662 5.54 18.56 -52.29
N LEU A 663 5.39 19.47 -51.32
CA LEU A 663 4.86 20.78 -51.66
C LEU A 663 5.94 21.75 -52.11
N TRP A 664 7.11 21.74 -51.47
CA TRP A 664 8.20 22.60 -51.90
C TRP A 664 8.88 22.06 -53.14
N ALA A 665 9.06 20.73 -53.21
CA ALA A 665 9.85 20.14 -54.29
C ALA A 665 9.08 20.14 -55.61
N GLN A 666 7.81 19.76 -55.58
CA GLN A 666 7.06 19.64 -56.82
C GLN A 666 6.47 20.96 -57.30
N ALA A 667 6.58 22.02 -56.51
CA ALA A 667 6.14 23.33 -56.97
C ALA A 667 7.22 24.06 -57.76
N SER A 668 8.39 23.45 -57.95
CA SER A 668 9.43 24.09 -58.74
C SER A 668 9.06 24.17 -60.21
N GLN A 669 8.17 23.29 -60.69
CA GLN A 669 7.73 23.36 -62.07
C GLN A 669 6.75 24.50 -62.30
N VAL A 670 5.94 24.86 -61.30
CA VAL A 670 4.97 25.92 -61.51
C VAL A 670 5.56 27.31 -61.26
N ILE A 671 6.56 27.43 -60.40
CA ILE A 671 7.17 28.74 -60.16
C ILE A 671 8.32 29.03 -61.10
N GLY A 672 8.82 28.03 -61.82
CA GLY A 672 9.85 28.23 -62.81
C GLY A 672 9.34 28.26 -64.23
N SER A 673 8.03 28.31 -64.42
CA SER A 673 7.42 28.18 -65.74
C SER A 673 7.29 29.49 -66.49
N TYR A 674 7.77 30.60 -65.93
CA TYR A 674 7.67 31.89 -66.60
C TYR A 674 8.55 31.92 -67.84
N GLY A 675 8.04 32.54 -68.90
CA GLY A 675 8.74 32.55 -70.16
C GLY A 675 8.76 31.23 -70.88
N SER A 676 7.80 30.35 -70.59
CA SER A 676 7.70 29.07 -71.27
C SER A 676 6.27 28.81 -71.70
N ALA A 677 5.98 27.60 -72.18
CA ALA A 677 4.61 27.25 -72.57
C ALA A 677 3.72 27.04 -71.36
N LEU A 678 4.28 26.67 -70.22
CA LEU A 678 3.51 26.47 -69.00
C LEU A 678 3.36 27.74 -68.16
N SER A 679 3.59 28.90 -68.76
CA SER A 679 3.58 30.15 -68.01
C SER A 679 2.18 30.59 -67.60
N ALA A 680 1.15 30.08 -68.27
CA ALA A 680 -0.21 30.33 -67.81
C ALA A 680 -0.48 29.64 -66.48
N TYR A 681 0.14 28.48 -66.25
CA TYR A 681 0.02 27.83 -64.96
C TYR A 681 0.75 28.58 -63.87
N GLY A 682 1.85 29.26 -64.22
CA GLY A 682 2.55 30.07 -63.24
C GLY A 682 1.77 31.32 -62.86
N LEU A 683 1.07 31.92 -63.83
CA LEU A 683 0.25 33.08 -63.53
C LEU A 683 -1.00 32.68 -62.75
N LEU A 684 -1.60 31.55 -63.10
CA LEU A 684 -2.79 31.09 -62.40
C LEU A 684 -2.47 30.53 -61.03
N PHE A 685 -1.24 30.08 -60.79
CA PHE A 685 -0.80 29.70 -59.45
C PHE A 685 -0.81 30.91 -58.53
N LEU A 686 -0.28 32.03 -59.01
CA LEU A 686 -0.24 33.25 -58.22
C LEU A 686 -1.63 33.88 -58.10
N GLY A 687 -2.40 33.86 -59.18
CA GLY A 687 -3.72 34.47 -59.17
C GLY A 687 -4.70 33.74 -58.28
N ALA A 688 -4.54 32.42 -58.15
CA ALA A 688 -5.41 31.68 -57.26
C ALA A 688 -4.99 31.83 -55.80
N HIS A 689 -3.70 32.06 -55.55
CA HIS A 689 -3.25 32.45 -54.22
C HIS A 689 -3.87 33.78 -53.81
N PHE A 690 -4.04 34.69 -54.76
CA PHE A 690 -4.67 35.98 -54.51
C PHE A 690 -6.13 35.83 -54.15
N VAL A 691 -6.87 35.03 -54.92
CA VAL A 691 -8.31 34.89 -54.76
C VAL A 691 -8.63 34.22 -53.43
N TRP A 692 -7.83 33.22 -53.05
CA TRP A 692 -7.98 32.55 -51.76
C TRP A 692 -7.76 33.50 -50.60
N ALA A 693 -6.76 34.36 -50.72
CA ALA A 693 -6.51 35.35 -49.69
C ALA A 693 -7.55 36.44 -49.66
N PHE A 694 -8.09 36.79 -50.83
CA PHE A 694 -9.15 37.79 -50.95
C PHE A 694 -10.42 37.32 -50.25
N SER A 695 -10.64 36.02 -50.20
CA SER A 695 -11.81 35.46 -49.52
C SER A 695 -11.78 35.69 -48.02
N LEU A 696 -10.59 35.82 -47.44
CA LEU A 696 -10.49 35.95 -45.99
C LEU A 696 -10.94 37.32 -45.51
N MET A 697 -11.02 38.31 -46.39
CA MET A 697 -11.66 39.57 -46.04
C MET A 697 -13.14 39.38 -45.75
N PHE A 698 -13.81 38.55 -46.55
CA PHE A 698 -15.23 38.30 -46.34
C PHE A 698 -15.46 37.35 -45.18
N LEU A 699 -14.61 36.34 -45.02
CA LEU A 699 -14.82 35.33 -44.00
C LEU A 699 -14.49 35.84 -42.61
N PHE A 700 -13.48 36.68 -42.46
CA PHE A 700 -13.06 37.08 -41.13
C PHE A 700 -13.79 38.32 -40.62
N SER A 701 -14.48 39.06 -41.48
CA SER A 701 -15.09 40.32 -41.10
C SER A 701 -16.62 40.20 -41.09
N GLY A 702 -17.27 41.30 -40.75
CA GLY A 702 -18.71 41.35 -40.72
C GLY A 702 -19.22 42.63 -41.34
N ARG A 703 -20.48 42.59 -41.76
CA ARG A 703 -21.03 43.67 -42.58
C ARG A 703 -21.29 44.95 -41.81
N GLY A 704 -21.34 44.91 -40.48
CA GLY A 704 -21.55 46.13 -39.72
C GLY A 704 -20.39 47.08 -39.79
N TYR A 705 -19.19 46.56 -39.98
CA TYR A 705 -18.05 47.41 -40.33
C TYR A 705 -18.25 48.02 -41.72
N TRP A 706 -18.62 47.19 -42.70
CA TRP A 706 -18.62 47.63 -44.08
C TRP A 706 -19.78 48.56 -44.38
N GLN A 707 -20.90 48.43 -43.65
CA GLN A 707 -22.01 49.35 -43.84
C GLN A 707 -21.66 50.74 -43.31
N GLU A 708 -20.89 50.81 -42.23
CA GLU A 708 -20.51 52.10 -41.66
C GLU A 708 -19.42 52.79 -42.48
N LEU A 709 -18.52 52.02 -43.08
CA LEU A 709 -17.53 52.60 -43.98
C LEU A 709 -18.19 53.17 -45.24
N ILE A 710 -19.27 52.54 -45.70
CA ILE A 710 -19.98 53.01 -46.88
C ILE A 710 -20.73 54.32 -46.57
N GLU A 711 -21.09 54.54 -45.30
CA GLU A 711 -21.66 55.84 -44.88
C GLU A 711 -20.69 56.99 -45.11
N SER A 712 -19.40 56.77 -44.87
CA SER A 712 -18.44 57.83 -45.15
C SER A 712 -18.12 57.93 -46.62
N ILE A 713 -18.47 56.92 -47.42
CA ILE A 713 -18.29 56.99 -48.86
C ILE A 713 -19.48 57.71 -49.52
N VAL A 714 -20.70 57.46 -49.04
CA VAL A 714 -21.86 58.13 -49.61
C VAL A 714 -21.91 59.59 -49.22
N TRP A 715 -21.23 59.99 -48.13
CA TRP A 715 -21.12 61.40 -47.81
C TRP A 715 -20.27 62.13 -48.84
N ALA A 716 -19.14 61.52 -49.23
CA ALA A 716 -18.32 62.08 -50.29
C ALA A 716 -19.00 62.02 -51.64
N HIS A 717 -19.96 61.12 -51.82
CA HIS A 717 -20.70 61.08 -53.07
C HIS A 717 -21.85 62.09 -53.10
N ASN A 718 -22.42 62.41 -51.93
CA ASN A 718 -23.46 63.42 -51.83
C ASN A 718 -22.91 64.84 -51.79
N LYS A 719 -21.66 64.99 -51.35
CA LYS A 719 -21.02 66.30 -51.22
C LYS A 719 -20.77 66.93 -52.59
N LEU A 720 -20.66 66.11 -53.63
CA LEU A 720 -20.24 66.56 -54.95
C LEU A 720 -21.27 66.32 -56.04
N LYS A 721 -21.69 65.07 -56.23
CA LYS A 721 -21.94 64.59 -57.59
C LYS A 721 -22.80 63.31 -57.55
N VAL A 722 -22.53 62.39 -58.47
CA VAL A 722 -23.32 61.40 -59.19
C VAL A 722 -24.13 60.42 -58.34
N ALA A 723 -23.99 60.48 -56.99
CA ALA A 723 -24.46 59.56 -55.94
C ALA A 723 -25.80 58.87 -56.22
N PRO A 724 -25.87 57.55 -56.08
CA PRO A 724 -26.94 56.80 -56.74
C PRO A 724 -28.28 56.90 -56.03
N ALA A 725 -29.31 56.45 -56.75
CA ALA A 725 -30.64 56.34 -56.16
C ALA A 725 -30.86 54.97 -55.54
N ILE A 726 -30.42 53.91 -56.22
CA ILE A 726 -30.38 52.59 -55.61
C ILE A 726 -29.31 52.62 -54.54
N GLN A 727 -29.72 52.65 -53.28
CA GLN A 727 -28.84 53.09 -52.21
C GLN A 727 -27.86 51.97 -51.84
N PRO A 728 -26.56 52.25 -51.80
CA PRO A 728 -25.57 51.16 -51.65
C PRO A 728 -25.54 50.60 -50.24
N ARG A 729 -25.53 49.29 -50.16
CA ARG A 729 -25.49 48.57 -48.90
C ARG A 729 -24.28 47.65 -48.90
N ALA A 730 -23.81 47.32 -47.70
CA ALA A 730 -22.93 46.17 -47.59
C ALA A 730 -23.71 44.90 -47.91
N LEU A 731 -22.99 43.86 -48.30
CA LEU A 731 -23.62 42.56 -48.52
C LEU A 731 -24.24 42.05 -47.22
N SER A 732 -25.26 41.20 -47.36
CA SER A 732 -25.89 40.62 -46.19
C SER A 732 -24.93 39.64 -45.51
N ILE A 733 -25.30 39.22 -44.31
CA ILE A 733 -24.46 38.32 -43.53
C ILE A 733 -24.32 36.97 -44.23
N THR A 734 -25.41 36.49 -44.83
CA THR A 734 -25.36 35.22 -45.54
C THR A 734 -24.57 35.33 -46.83
N GLN A 735 -24.73 36.43 -47.56
CA GLN A 735 -24.03 36.61 -48.82
C GLN A 735 -22.53 36.78 -48.61
N GLY A 736 -22.14 37.51 -47.56
CA GLY A 736 -20.73 37.64 -47.21
C GLY A 736 -20.08 36.31 -46.86
N ARG A 737 -20.84 35.39 -46.27
CA ARG A 737 -20.35 34.03 -46.09
C ARG A 737 -20.32 33.28 -47.41
N ALA A 738 -21.31 33.51 -48.27
CA ALA A 738 -21.36 32.83 -49.56
C ALA A 738 -20.28 33.32 -50.50
N VAL A 739 -20.03 34.63 -50.51
CA VAL A 739 -18.94 35.19 -51.29
C VAL A 739 -17.59 34.72 -50.75
N GLY A 740 -17.48 34.63 -49.42
CA GLY A 740 -16.23 34.21 -48.82
C GLY A 740 -15.89 32.75 -49.07
N VAL A 741 -16.89 31.87 -49.03
CA VAL A 741 -16.63 30.46 -49.27
C VAL A 741 -16.42 30.17 -50.75
N ALA A 742 -16.98 31.01 -51.64
CA ALA A 742 -16.81 30.78 -53.07
C ALA A 742 -15.40 31.12 -53.53
N HIS A 743 -14.86 32.24 -53.06
CA HIS A 743 -13.50 32.62 -53.42
C HIS A 743 -12.47 31.76 -52.69
N PHE A 744 -12.81 31.25 -51.50
CA PHE A 744 -11.94 30.32 -50.79
C PHE A 744 -11.83 29.01 -51.57
N LEU A 745 -12.96 28.51 -52.07
CA LEU A 745 -12.96 27.26 -52.81
C LEU A 745 -12.33 27.45 -54.19
N LEU A 746 -12.62 28.57 -54.85
CA LEU A 746 -12.05 28.82 -56.17
C LEU A 746 -10.54 29.03 -56.08
N GLY A 747 -10.10 29.90 -55.17
CA GLY A 747 -8.69 30.16 -55.05
C GLY A 747 -7.89 28.97 -54.56
N GLY A 748 -8.51 28.15 -53.71
CA GLY A 748 -7.80 26.99 -53.19
C GLY A 748 -7.69 25.85 -54.18
N ILE A 749 -8.76 25.58 -54.93
CA ILE A 749 -8.75 24.47 -55.88
C ILE A 749 -7.94 24.83 -57.13
N ALA A 750 -8.05 26.07 -57.61
CA ALA A 750 -7.27 26.49 -58.77
C ALA A 750 -5.79 26.62 -58.47
N THR A 751 -5.41 26.76 -57.20
CA THR A 751 -3.99 26.71 -56.85
C THR A 751 -3.44 25.31 -57.06
N THR A 752 -4.16 24.30 -56.56
CA THR A 752 -3.78 22.91 -56.76
C THR A 752 -3.86 22.52 -58.23
N TRP A 753 -4.80 23.11 -58.96
CA TRP A 753 -4.95 22.80 -60.39
C TRP A 753 -3.74 23.26 -61.19
N ALA A 754 -3.30 24.51 -60.98
CA ALA A 754 -2.11 25.00 -61.68
C ALA A 754 -0.85 24.31 -61.18
N PHE A 755 -0.83 23.88 -59.93
CA PHE A 755 0.32 23.16 -59.40
C PHE A 755 0.37 21.74 -59.95
N PHE A 756 -0.77 21.06 -60.02
CA PHE A 756 -0.79 19.69 -60.52
C PHE A 756 -0.43 19.63 -61.99
N LEU A 757 -0.97 20.54 -62.79
CA LEU A 757 -0.80 20.46 -64.23
C LEU A 757 0.58 20.91 -64.68
N ALA A 758 1.14 21.95 -64.06
CA ALA A 758 2.50 22.35 -64.40
C ALA A 758 3.53 21.31 -63.96
N ARG A 759 3.26 20.62 -62.86
CA ARG A 759 4.17 19.56 -62.41
C ARG A 759 4.12 18.37 -63.34
N ILE A 760 2.93 17.85 -63.61
CA ILE A 760 2.80 16.58 -64.31
C ILE A 760 3.01 16.70 -65.82
N ILE A 761 2.89 17.89 -66.39
CA ILE A 761 3.18 18.03 -67.81
C ILE A 761 4.68 18.06 -68.04
N ALA A 762 5.42 18.73 -67.15
CA ALA A 762 6.86 18.84 -67.29
C ALA A 762 7.57 17.54 -66.94
N VAL A 763 7.22 16.91 -65.81
CA VAL A 763 7.97 15.75 -65.36
C VAL A 763 7.35 14.43 -65.81
N GLY A 764 6.13 14.46 -66.33
CA GLY A 764 5.48 13.24 -66.79
C GLY A 764 4.79 13.44 -68.12
N ALA B 2 -23.23 32.84 -6.46
CA ALA B 2 -22.00 33.52 -6.83
C ALA B 2 -20.77 32.78 -6.32
N THR B 3 -19.66 33.00 -6.99
CA THR B 3 -18.38 32.39 -6.68
C THR B 3 -17.42 33.47 -6.19
N LYS B 4 -16.22 33.02 -5.79
CA LYS B 4 -15.18 33.96 -5.39
C LYS B 4 -14.61 34.70 -6.60
N PHE B 5 -14.21 33.95 -7.63
CA PHE B 5 -13.59 34.53 -8.81
C PHE B 5 -14.67 34.89 -9.83
N PRO B 6 -14.62 36.08 -10.44
CA PRO B 6 -13.67 37.15 -10.13
C PRO B 6 -14.11 38.04 -8.99
N LYS B 7 -13.13 38.47 -8.19
CA LYS B 7 -13.38 39.29 -7.02
C LYS B 7 -13.89 40.67 -7.39
N PHE B 8 -13.51 41.16 -8.56
CA PHE B 8 -13.72 42.53 -8.98
C PHE B 8 -14.99 42.75 -9.77
N SER B 9 -15.75 41.70 -10.05
CA SER B 9 -16.93 41.81 -10.90
C SER B 9 -18.01 40.88 -10.36
N GLN B 10 -19.05 41.47 -9.78
CA GLN B 10 -20.15 40.67 -9.25
C GLN B 10 -21.03 40.15 -10.36
N ASP B 11 -21.10 40.86 -11.49
CA ASP B 11 -21.85 40.37 -12.65
C ASP B 11 -21.21 39.14 -13.25
N LEU B 12 -19.88 39.04 -13.20
CA LEU B 12 -19.21 37.86 -13.73
C LEU B 12 -19.14 36.74 -12.71
N ALA B 13 -19.05 37.06 -11.42
CA ALA B 13 -18.96 36.01 -10.41
C ALA B 13 -20.28 35.27 -10.20
N SER B 14 -21.40 35.80 -10.68
CA SER B 14 -22.68 35.12 -10.62
C SER B 14 -23.00 34.35 -11.90
N ASP B 15 -22.17 34.47 -12.93
CA ASP B 15 -22.31 33.69 -14.16
C ASP B 15 -22.09 32.21 -13.85
N PRO B 16 -23.05 31.34 -14.18
CA PRO B 16 -22.90 29.91 -13.86
C PRO B 16 -22.16 29.10 -14.91
N THR B 17 -21.67 29.70 -15.98
CA THR B 17 -21.06 28.98 -17.07
C THR B 17 -19.54 29.15 -17.04
N THR B 18 -18.87 28.54 -18.02
CA THR B 18 -17.43 28.68 -18.18
C THR B 18 -17.02 30.04 -18.73
N ARG B 19 -17.98 30.86 -19.16
CA ARG B 19 -17.70 32.22 -19.60
C ARG B 19 -17.17 33.08 -18.48
N ARG B 20 -17.54 32.79 -17.22
CA ARG B 20 -17.07 33.55 -16.07
C ARG B 20 -15.56 33.45 -15.91
N ILE B 21 -14.99 32.26 -16.14
CA ILE B 21 -13.55 32.06 -16.02
C ILE B 21 -12.81 32.84 -17.09
N TRP B 22 -13.30 32.77 -18.34
CA TRP B 22 -12.65 33.44 -19.45
C TRP B 22 -12.72 34.96 -19.30
N TYR B 23 -13.88 35.49 -18.93
CA TYR B 23 -14.04 36.94 -18.86
C TYR B 23 -13.37 37.51 -17.62
N GLY B 24 -13.24 36.72 -16.57
CA GLY B 24 -12.48 37.15 -15.40
C GLY B 24 -11.01 37.31 -15.68
N ILE B 25 -10.46 36.47 -16.55
CA ILE B 25 -9.07 36.63 -16.98
C ILE B 25 -8.94 37.85 -17.88
N ALA B 26 -9.92 38.08 -18.75
CA ALA B 26 -9.80 39.10 -19.78
C ALA B 26 -10.05 40.51 -19.28
N THR B 27 -10.74 40.67 -18.15
CA THR B 27 -11.06 41.99 -17.61
C THR B 27 -10.33 42.28 -16.32
N ALA B 28 -9.29 41.51 -15.99
CA ALA B 28 -8.63 41.65 -14.71
C ALA B 28 -7.80 42.92 -14.62
N HIS B 29 -7.29 43.41 -15.74
CA HIS B 29 -6.45 44.60 -15.72
C HIS B 29 -7.20 45.84 -16.20
N ASP B 30 -8.48 45.72 -16.54
CA ASP B 30 -9.32 46.89 -16.79
C ASP B 30 -9.83 47.39 -15.44
N PHE B 31 -8.99 48.20 -14.80
CA PHE B 31 -9.23 48.56 -13.40
C PHE B 31 -10.41 49.50 -13.23
N GLU B 32 -10.75 50.29 -14.24
CA GLU B 32 -11.89 51.21 -14.13
C GLU B 32 -13.23 50.49 -14.14
N SER B 33 -13.31 49.29 -14.70
CA SER B 33 -14.56 48.56 -14.76
C SER B 33 -14.89 47.80 -13.48
N HIS B 34 -14.00 47.83 -12.49
CA HIS B 34 -14.16 47.00 -11.31
C HIS B 34 -15.15 47.61 -10.33
N ASP B 35 -15.68 46.75 -9.45
CA ASP B 35 -16.72 47.17 -8.52
C ASP B 35 -16.15 48.07 -7.44
N GLY B 36 -16.77 49.24 -7.26
CA GLY B 36 -16.36 50.16 -6.22
C GLY B 36 -15.03 50.83 -6.47
N MET B 37 -14.65 51.01 -7.72
CA MET B 37 -13.37 51.62 -8.04
C MET B 37 -13.51 53.14 -7.98
N THR B 38 -12.95 53.74 -6.94
CA THR B 38 -12.83 55.19 -6.91
C THR B 38 -11.65 55.62 -7.79
N GLU B 39 -11.56 56.92 -8.05
CA GLU B 39 -10.57 57.41 -9.00
C GLU B 39 -9.15 57.32 -8.45
N GLU B 40 -8.95 57.54 -7.16
CA GLU B 40 -7.60 57.51 -6.62
C GLU B 40 -7.19 56.14 -6.09
N ASN B 41 -8.15 55.25 -5.84
CA ASN B 41 -7.80 53.84 -5.68
C ASN B 41 -7.39 53.25 -7.03
N LEU B 42 -7.92 53.80 -8.12
CA LEU B 42 -7.50 53.40 -9.46
C LEU B 42 -6.06 53.78 -9.72
N TYR B 43 -5.69 55.04 -9.44
CA TYR B 43 -4.33 55.52 -9.68
C TYR B 43 -3.32 54.82 -8.78
N GLN B 44 -3.70 54.46 -7.55
CA GLN B 44 -2.78 53.79 -6.66
C GLN B 44 -2.53 52.35 -7.06
N LYS B 45 -3.55 51.67 -7.60
CA LYS B 45 -3.34 50.31 -8.08
C LYS B 45 -2.53 50.29 -9.37
N ILE B 46 -2.70 51.30 -10.22
CA ILE B 46 -1.87 51.44 -11.42
C ILE B 46 -0.43 51.70 -11.04
N PHE B 47 -0.21 52.53 -10.01
CA PHE B 47 1.13 52.91 -9.57
C PHE B 47 1.91 51.71 -9.06
N ALA B 48 1.26 50.87 -8.24
CA ALA B 48 1.92 49.67 -7.75
C ALA B 48 2.08 48.63 -8.84
N SER B 49 1.17 48.61 -9.82
CA SER B 49 1.32 47.71 -10.96
C SER B 49 2.53 48.08 -11.81
N HIS B 50 2.83 49.38 -11.89
CA HIS B 50 4.01 49.82 -12.63
C HIS B 50 5.29 49.45 -11.90
N PHE B 51 5.26 49.37 -10.57
CA PHE B 51 6.40 48.85 -9.82
C PHE B 51 6.63 47.38 -10.09
N GLY B 52 5.55 46.63 -10.29
CA GLY B 52 5.69 45.22 -10.60
C GLY B 52 6.19 44.98 -12.01
N HIS B 53 5.74 45.79 -12.97
CA HIS B 53 6.20 45.65 -14.34
C HIS B 53 7.66 46.06 -14.48
N LEU B 54 8.11 47.04 -13.70
CA LEU B 54 9.51 47.44 -13.72
C LEU B 54 10.41 46.33 -13.18
N ALA B 55 9.96 45.66 -12.12
CA ALA B 55 10.74 44.59 -11.52
C ALA B 55 10.82 43.37 -12.42
N ILE B 56 9.82 43.17 -13.29
CA ILE B 56 9.84 42.05 -14.23
C ILE B 56 10.88 42.32 -15.31
N ILE B 57 11.00 43.58 -15.74
CA ILE B 57 12.02 43.97 -16.71
C ILE B 57 13.42 43.79 -16.13
N PHE B 58 13.61 44.17 -14.87
CA PHE B 58 14.93 44.04 -14.26
C PHE B 58 15.29 42.59 -13.98
N LEU B 59 14.31 41.74 -13.69
CA LEU B 59 14.60 40.32 -13.55
C LEU B 59 14.83 39.65 -14.89
N TRP B 60 14.20 40.17 -15.95
CA TRP B 60 14.42 39.64 -17.29
C TRP B 60 15.83 39.97 -17.78
N THR B 61 16.29 41.19 -17.53
CA THR B 61 17.65 41.57 -17.89
C THR B 61 18.67 40.81 -17.04
N SER B 62 18.34 40.58 -15.77
CA SER B 62 19.23 39.84 -14.89
C SER B 62 19.37 38.39 -15.32
N GLY B 63 18.31 37.79 -15.83
CA GLY B 63 18.40 36.44 -16.32
C GLY B 63 19.15 36.32 -17.62
N ASN B 64 19.11 37.37 -18.44
CA ASN B 64 19.93 37.40 -19.64
C ASN B 64 21.41 37.47 -19.29
N LEU B 65 21.77 38.31 -18.31
CA LEU B 65 23.14 38.41 -17.88
C LEU B 65 23.61 37.15 -17.18
N PHE B 66 22.74 36.55 -16.36
CA PHE B 66 23.14 35.39 -15.58
C PHE B 66 23.37 34.17 -16.46
N HIS B 67 22.51 33.96 -17.46
CA HIS B 67 22.64 32.76 -18.29
C HIS B 67 23.79 32.89 -19.26
N VAL B 68 24.11 34.10 -19.71
CA VAL B 68 25.31 34.31 -20.51
C VAL B 68 26.57 34.13 -19.66
N ALA B 69 26.52 34.58 -18.41
CA ALA B 69 27.68 34.40 -17.53
C ALA B 69 27.85 32.95 -17.10
N TRP B 70 26.75 32.23 -16.91
CA TRP B 70 26.82 30.86 -16.41
C TRP B 70 27.06 29.86 -17.54
N GLN B 71 26.34 30.00 -18.64
CA GLN B 71 26.34 28.99 -19.68
C GLN B 71 26.86 29.49 -21.02
N GLY B 72 27.05 30.79 -21.19
CA GLY B 72 27.49 31.33 -22.45
C GLY B 72 28.99 31.20 -22.65
N ASN B 73 29.46 31.89 -23.70
CA ASN B 73 30.87 31.91 -24.05
C ASN B 73 31.34 33.33 -24.26
N PHE B 74 30.96 34.23 -23.35
CA PHE B 74 31.23 35.66 -23.51
C PHE B 74 32.71 35.98 -23.45
N GLN B 75 33.48 35.25 -22.64
CA GLN B 75 34.91 35.50 -22.57
C GLN B 75 35.63 35.01 -23.82
N GLN B 76 35.25 33.85 -24.34
CA GLN B 76 35.81 33.40 -25.62
C GLN B 76 35.29 34.20 -26.79
N TRP B 77 34.15 34.88 -26.65
CA TRP B 77 33.60 35.65 -27.76
C TRP B 77 34.31 36.97 -27.97
N VAL B 78 34.76 37.62 -26.88
CA VAL B 78 35.40 38.92 -27.04
C VAL B 78 36.79 38.80 -27.66
N LYS B 79 37.42 37.62 -27.58
CA LYS B 79 38.71 37.43 -28.23
C LYS B 79 38.55 37.36 -29.75
N ASP B 80 37.40 36.93 -30.24
CA ASP B 80 37.16 36.78 -31.67
C ASP B 80 35.67 36.93 -31.94
N PRO B 81 35.16 38.16 -31.99
CA PRO B 81 33.73 38.36 -32.19
C PRO B 81 33.26 38.18 -33.63
N LEU B 82 34.13 37.79 -34.55
CA LEU B 82 33.71 37.64 -35.94
C LEU B 82 33.40 36.21 -36.33
N ASN B 83 33.95 35.22 -35.62
CA ASN B 83 33.74 33.83 -35.97
C ASN B 83 33.26 32.97 -34.80
N ILE B 84 33.15 33.53 -33.61
CA ILE B 84 32.56 32.82 -32.48
C ILE B 84 31.07 33.15 -32.44
N SER B 85 30.24 32.12 -32.38
CA SER B 85 28.85 32.52 -32.23
C SER B 85 28.49 32.68 -30.76
N PRO B 86 27.72 33.69 -30.41
CA PRO B 86 27.30 33.89 -29.03
C PRO B 86 26.36 32.78 -28.58
N ILE B 87 26.39 32.48 -27.29
CA ILE B 87 25.55 31.45 -26.70
C ILE B 87 24.48 32.13 -25.86
N ALA B 88 23.22 31.80 -26.13
CA ALA B 88 22.12 32.33 -25.32
C ALA B 88 22.05 31.64 -23.97
N HIS B 89 21.83 30.33 -23.98
CA HIS B 89 21.77 29.53 -22.76
C HIS B 89 22.00 28.08 -23.14
N ALA B 90 22.07 27.23 -22.14
CA ALA B 90 22.17 25.81 -22.39
C ALA B 90 20.79 25.20 -22.62
N ILE B 91 20.78 24.06 -23.30
CA ILE B 91 19.56 23.30 -23.53
C ILE B 91 19.51 22.16 -22.52
N TRP B 92 18.37 22.01 -21.85
CA TRP B 92 18.09 20.82 -21.07
C TRP B 92 16.74 20.30 -21.54
N ASP B 93 16.77 19.38 -22.49
CA ASP B 93 15.56 18.74 -23.00
C ASP B 93 15.80 17.24 -22.93
N PRO B 94 15.17 16.54 -21.98
CA PRO B 94 15.39 15.09 -21.85
C PRO B 94 14.85 14.28 -23.01
N GLN B 95 14.00 14.85 -23.85
CA GLN B 95 13.42 14.13 -24.97
C GLN B 95 14.31 14.11 -26.20
N PHE B 96 15.47 14.78 -26.14
CA PHE B 96 16.43 14.75 -27.25
C PHE B 96 16.99 13.35 -27.44
N GLY B 97 17.16 12.97 -28.70
CA GLY B 97 18.02 11.85 -29.01
C GLY B 97 19.47 12.28 -29.01
N GLN B 98 20.35 11.29 -29.15
CA GLN B 98 21.77 11.54 -28.98
C GLN B 98 22.36 12.29 -30.17
N SER B 99 21.78 12.16 -31.36
CA SER B 99 22.26 12.94 -32.49
C SER B 99 21.72 14.38 -32.48
N ALA B 100 20.70 14.67 -31.67
CA ALA B 100 20.30 16.05 -31.45
C ALA B 100 21.18 16.72 -30.40
N VAL B 101 21.75 15.95 -29.48
CA VAL B 101 22.70 16.51 -28.52
C VAL B 101 23.97 16.95 -29.24
N GLU B 102 24.43 16.16 -30.21
CA GLU B 102 25.61 16.54 -30.98
C GLU B 102 25.30 17.64 -31.99
N ALA B 103 24.06 17.72 -32.47
CA ALA B 103 23.72 18.77 -33.43
C ALA B 103 23.62 20.14 -32.76
N PHE B 104 23.22 20.19 -31.50
CA PHE B 104 23.10 21.44 -30.78
C PHE B 104 24.31 21.75 -29.91
N SER B 105 25.27 20.83 -29.81
CA SER B 105 26.54 21.13 -29.16
C SER B 105 27.39 21.90 -30.16
N GLN B 106 27.23 23.22 -30.15
CA GLN B 106 27.79 24.11 -31.16
C GLN B 106 28.44 25.30 -30.46
N ALA B 107 28.92 26.24 -31.27
CA ALA B 107 29.60 27.46 -30.83
C ALA B 107 30.79 27.17 -29.93
N GLY B 108 31.50 26.08 -30.21
CA GLY B 108 32.63 25.69 -29.39
C GLY B 108 32.28 25.19 -28.01
N ALA B 109 31.06 24.73 -27.80
CA ALA B 109 30.65 24.17 -26.52
C ALA B 109 30.43 22.67 -26.67
N ASN B 110 30.69 21.93 -25.59
CA ASN B 110 30.48 20.50 -25.54
C ASN B 110 29.20 20.12 -24.80
N TYR B 111 28.23 21.03 -24.76
CA TYR B 111 26.90 20.79 -24.25
C TYR B 111 25.94 21.48 -25.21
N PRO B 112 24.67 21.04 -25.27
CA PRO B 112 23.73 21.66 -26.22
C PRO B 112 23.40 23.09 -25.83
N VAL B 113 23.51 24.00 -26.81
CA VAL B 113 23.32 25.43 -26.57
C VAL B 113 22.43 26.00 -27.66
N ASP B 114 21.89 27.18 -27.37
CA ASP B 114 21.24 28.02 -28.35
C ASP B 114 22.16 29.17 -28.72
N ILE B 115 22.26 29.46 -30.00
CA ILE B 115 23.03 30.60 -30.50
C ILE B 115 22.21 31.85 -30.28
N ALA B 116 22.71 32.79 -29.47
CA ALA B 116 21.98 34.03 -29.20
C ALA B 116 21.90 34.90 -30.44
N TYR B 117 20.72 35.49 -30.65
CA TYR B 117 20.52 36.44 -31.75
C TYR B 117 19.92 37.75 -31.26
N SER B 118 19.91 38.00 -29.96
CA SER B 118 19.37 39.24 -29.42
C SER B 118 20.35 40.39 -29.47
N GLY B 119 21.63 40.12 -29.68
CA GLY B 119 22.62 41.18 -29.70
C GLY B 119 23.14 41.63 -28.36
N VAL B 120 22.89 40.85 -27.30
CA VAL B 120 23.35 41.26 -25.99
C VAL B 120 24.86 41.12 -25.85
N TYR B 121 25.51 40.27 -26.64
CA TYR B 121 26.95 40.18 -26.61
C TYR B 121 27.59 41.44 -27.20
N HIS B 122 27.08 41.89 -28.34
CA HIS B 122 27.60 43.08 -29.00
C HIS B 122 27.33 44.34 -28.19
N TRP B 123 26.26 44.34 -27.41
CA TRP B 123 25.93 45.50 -26.59
C TRP B 123 26.79 45.53 -25.32
N TRP B 124 26.92 44.39 -24.64
CA TRP B 124 27.70 44.36 -23.41
C TRP B 124 29.20 44.49 -23.67
N TYR B 125 29.66 44.13 -24.86
CA TYR B 125 31.08 44.29 -25.19
C TYR B 125 31.40 45.75 -25.48
N THR B 126 30.49 46.46 -26.14
CA THR B 126 30.73 47.85 -26.48
C THR B 126 30.72 48.76 -25.25
N ILE B 127 29.87 48.44 -24.26
CA ILE B 127 29.77 49.28 -23.07
C ILE B 127 30.77 48.92 -22.00
N GLY B 128 31.66 47.97 -22.27
CA GLY B 128 32.85 47.78 -21.45
C GLY B 128 32.96 46.47 -20.72
N MET B 129 31.96 45.60 -20.74
CA MET B 129 32.06 44.33 -20.04
C MET B 129 32.94 43.37 -20.81
N ARG B 130 33.74 42.60 -20.08
CA ARG B 130 34.74 41.72 -20.68
C ARG B 130 34.75 40.32 -20.13
N THR B 131 34.27 40.09 -18.91
CA THR B 131 34.36 38.79 -18.26
C THR B 131 32.98 38.34 -17.81
N ALA B 132 32.88 37.04 -17.48
CA ALA B 132 31.66 36.52 -16.88
C ALA B 132 31.44 37.05 -15.47
N GLY B 133 32.51 37.45 -14.77
CA GLY B 133 32.35 38.09 -13.48
C GLY B 133 31.78 39.49 -13.59
N ASP B 134 32.00 40.15 -14.73
CA ASP B 134 31.38 41.45 -14.99
C ASP B 134 29.86 41.31 -15.10
N LEU B 135 29.41 40.35 -15.90
CA LEU B 135 27.98 40.14 -16.09
C LEU B 135 27.32 39.58 -14.85
N TYR B 136 28.08 38.86 -14.03
CA TYR B 136 27.52 38.27 -12.82
C TYR B 136 27.21 39.32 -11.77
N GLY B 137 28.11 40.29 -11.59
CA GLY B 137 27.82 41.40 -10.71
C GLY B 137 26.73 42.30 -11.26
N GLY B 138 26.61 42.37 -12.58
CA GLY B 138 25.48 43.06 -13.16
C GLY B 138 24.18 42.29 -12.95
N ALA B 139 24.25 40.96 -12.94
CA ALA B 139 23.06 40.16 -12.72
C ALA B 139 22.60 40.25 -11.28
N LEU B 140 23.54 40.24 -10.32
CA LEU B 140 23.18 40.36 -8.91
C LEU B 140 22.62 41.74 -8.61
N PHE B 141 23.10 42.76 -9.31
CA PHE B 141 22.65 44.12 -9.04
C PHE B 141 21.22 44.37 -9.53
N LEU B 142 20.83 43.78 -10.65
CA LEU B 142 19.46 43.92 -11.12
C LEU B 142 18.47 43.10 -10.31
N MET B 143 18.96 42.09 -9.58
CA MET B 143 18.09 41.31 -8.70
C MET B 143 17.77 42.07 -7.42
N ILE B 144 18.75 42.79 -6.87
CA ILE B 144 18.43 43.59 -5.68
C ILE B 144 17.68 44.84 -6.09
N MET B 145 17.92 45.35 -7.31
CA MET B 145 17.15 46.48 -7.82
C MET B 145 15.70 46.10 -8.03
N ALA B 146 15.45 44.90 -8.54
CA ALA B 146 14.08 44.42 -8.69
C ALA B 146 13.42 44.22 -7.34
N ALA B 147 14.18 43.76 -6.34
CA ALA B 147 13.65 43.63 -4.99
C ALA B 147 13.34 44.99 -4.38
N VAL B 148 14.09 46.02 -4.78
CA VAL B 148 13.81 47.38 -4.31
C VAL B 148 12.48 47.87 -4.87
N PHE B 149 12.26 47.67 -6.17
CA PHE B 149 11.02 48.11 -6.81
C PHE B 149 9.82 47.28 -6.39
N LEU B 150 10.04 46.00 -6.06
CA LEU B 150 8.94 45.19 -5.52
C LEU B 150 8.55 45.66 -4.13
N PHE B 151 9.54 46.02 -3.30
CA PHE B 151 9.24 46.53 -1.97
C PHE B 151 8.61 47.92 -2.05
N ALA B 152 9.05 48.73 -3.03
CA ALA B 152 8.50 50.05 -3.21
C ALA B 152 7.04 50.02 -3.64
N GLY B 153 6.66 49.00 -4.41
CA GLY B 153 5.26 48.88 -4.77
C GLY B 153 4.40 48.44 -3.61
N TRP B 154 4.94 47.56 -2.76
CA TRP B 154 4.21 47.16 -1.56
C TRP B 154 4.12 48.32 -0.57
N LEU B 155 5.20 49.11 -0.47
CA LEU B 155 5.22 50.22 0.48
C LEU B 155 4.24 51.31 0.07
N HIS B 156 4.13 51.61 -1.22
CA HIS B 156 3.24 52.65 -1.67
C HIS B 156 1.79 52.19 -1.82
N LEU B 157 1.47 50.98 -1.36
CA LEU B 157 0.09 50.56 -1.12
C LEU B 157 -0.28 50.57 0.35
N GLN B 158 0.70 50.73 1.23
CA GLN B 158 0.44 50.87 2.65
C GLN B 158 -0.25 52.22 2.90
N PRO B 159 -1.14 52.30 3.90
CA PRO B 159 -2.03 53.47 4.01
C PRO B 159 -1.35 54.79 4.26
N ARG B 160 -0.21 54.79 4.96
CA ARG B 160 0.53 56.02 5.20
C ARG B 160 1.18 56.55 3.94
N PHE B 161 1.80 55.67 3.17
CA PHE B 161 2.59 56.01 2.01
C PHE B 161 1.78 56.03 0.73
N ARG B 162 0.49 55.77 0.81
CA ARG B 162 -0.38 55.80 -0.36
C ARG B 162 -0.51 57.22 -0.88
N PRO B 163 -0.15 57.51 -2.12
CA PRO B 163 -0.22 58.87 -2.63
C PRO B 163 -1.64 59.32 -2.91
N SER B 164 -1.87 60.61 -2.70
CA SER B 164 -3.17 61.22 -2.94
C SER B 164 -3.40 61.42 -4.44
N LEU B 165 -4.65 61.77 -4.78
CA LEU B 165 -5.02 61.98 -6.18
C LEU B 165 -4.34 63.19 -6.79
N ALA B 166 -4.07 64.22 -5.99
CA ALA B 166 -3.43 65.42 -6.51
C ALA B 166 -1.94 65.19 -6.77
N TRP B 167 -1.32 64.26 -6.05
CA TRP B 167 0.07 63.89 -6.35
C TRP B 167 0.17 63.19 -7.70
N PHE B 168 -0.87 62.48 -8.10
CA PHE B 168 -0.90 61.77 -9.37
C PHE B 168 -1.19 62.69 -10.56
N LYS B 169 -1.84 63.82 -10.32
CA LYS B 169 -2.21 64.71 -11.41
C LYS B 169 -1.34 65.95 -11.48
N ASN B 170 -0.30 66.04 -10.66
CA ASN B 170 0.66 67.13 -10.76
C ASN B 170 1.57 66.90 -11.96
N ALA B 171 1.14 67.38 -13.13
CA ALA B 171 1.88 67.11 -14.35
C ALA B 171 3.16 67.93 -14.47
N GLU B 172 3.18 69.14 -13.91
CA GLU B 172 4.36 69.98 -14.02
C GLU B 172 5.51 69.44 -13.20
N SER B 173 5.23 68.94 -11.99
CA SER B 173 6.29 68.35 -11.19
C SER B 173 6.75 67.01 -11.75
N ARG B 174 5.86 66.30 -12.45
CA ARG B 174 6.27 65.05 -13.05
C ARG B 174 7.14 65.27 -14.28
N MET B 175 6.83 66.30 -15.08
CA MET B 175 7.61 66.57 -16.29
C MET B 175 8.97 67.15 -15.95
N ASN B 176 9.02 68.02 -14.93
CA ASN B 176 10.31 68.58 -14.51
C ASN B 176 11.23 67.51 -13.95
N HIS B 177 10.68 66.59 -13.17
CA HIS B 177 11.48 65.52 -12.60
C HIS B 177 11.84 64.45 -13.63
N HIS B 178 11.02 64.27 -14.68
CA HIS B 178 11.30 63.24 -15.66
C HIS B 178 12.16 63.76 -16.82
N LEU B 179 12.08 65.05 -17.14
CA LEU B 179 13.00 65.61 -18.12
C LEU B 179 14.39 65.78 -17.54
N ALA B 180 14.49 66.36 -16.35
CA ALA B 180 15.80 66.61 -15.77
C ALA B 180 16.39 65.37 -15.13
N GLY B 181 15.60 64.66 -14.33
CA GLY B 181 16.11 63.52 -13.60
C GLY B 181 16.10 62.22 -14.35
N LEU B 182 14.93 61.80 -14.83
CA LEU B 182 14.82 60.49 -15.47
C LEU B 182 15.46 60.50 -16.85
N PHE B 183 15.38 61.61 -17.57
CA PHE B 183 16.00 61.68 -18.88
C PHE B 183 17.42 62.24 -18.78
N GLY B 184 17.58 63.40 -18.14
CA GLY B 184 18.83 64.13 -18.24
C GLY B 184 19.93 63.54 -17.38
N VAL B 185 19.64 63.31 -16.09
CA VAL B 185 20.63 62.79 -15.16
C VAL B 185 21.02 61.37 -15.53
N SER B 186 20.07 60.58 -16.02
CA SER B 186 20.38 59.22 -16.48
C SER B 186 21.24 59.25 -17.75
N SER B 187 20.96 60.17 -18.67
CA SER B 187 21.82 60.35 -19.83
C SER B 187 23.17 60.92 -19.44
N LEU B 188 23.19 61.80 -18.43
CA LEU B 188 24.44 62.32 -17.90
C LEU B 188 25.23 61.22 -17.21
N ALA B 189 24.55 60.35 -16.45
CA ALA B 189 25.24 59.25 -15.80
C ALA B 189 25.70 58.21 -16.81
N TRP B 190 25.01 58.10 -17.95
CA TRP B 190 25.47 57.16 -18.97
C TRP B 190 26.68 57.71 -19.72
N ALA B 191 26.74 59.02 -19.94
CA ALA B 191 27.96 59.64 -20.42
C ALA B 191 29.10 59.44 -19.42
N GLY B 192 28.77 59.48 -18.12
CA GLY B 192 29.75 59.14 -17.11
C GLY B 192 30.22 57.70 -17.16
N HIS B 193 29.34 56.78 -17.54
CA HIS B 193 29.78 55.39 -17.68
C HIS B 193 30.65 55.21 -18.91
N LEU B 194 30.32 55.85 -20.02
CA LEU B 194 31.07 55.65 -21.25
C LEU B 194 32.47 56.22 -21.13
N ILE B 195 32.60 57.40 -20.52
CA ILE B 195 33.88 58.08 -20.43
C ILE B 195 34.78 57.42 -19.39
N HIS B 196 34.21 57.00 -18.27
CA HIS B 196 35.03 56.43 -17.21
C HIS B 196 35.31 54.94 -17.39
N VAL B 197 34.43 54.19 -18.05
CA VAL B 197 34.52 52.73 -18.11
C VAL B 197 34.64 52.22 -19.54
N ALA B 198 33.70 52.60 -20.40
CA ALA B 198 33.59 51.96 -21.71
C ALA B 198 34.71 52.38 -22.66
N ILE B 199 34.99 53.68 -22.72
CA ILE B 199 36.12 54.17 -23.52
C ILE B 199 37.49 53.68 -23.01
N PRO B 200 37.77 53.63 -21.69
CA PRO B 200 39.00 52.94 -21.26
C PRO B 200 39.04 51.45 -21.57
N GLU B 201 37.93 50.73 -21.39
CA GLU B 201 37.91 49.32 -21.75
C GLU B 201 38.00 49.10 -23.25
N SER B 202 37.58 50.08 -24.05
CA SER B 202 37.80 50.05 -25.49
C SER B 202 39.25 50.32 -25.88
N ARG B 203 40.10 50.72 -24.94
CA ARG B 203 41.50 51.02 -25.19
C ARG B 203 42.41 50.14 -24.33
N GLY B 204 41.99 48.91 -24.08
CA GLY B 204 42.80 47.94 -23.38
C GLY B 204 43.01 48.20 -21.90
N GLN B 205 42.27 49.12 -21.30
CA GLN B 205 42.49 49.55 -19.92
C GLN B 205 41.35 49.03 -19.04
N HIS B 206 41.68 48.10 -18.14
CA HIS B 206 40.69 47.52 -17.24
C HIS B 206 40.31 48.52 -16.16
N VAL B 207 39.05 48.92 -16.15
CA VAL B 207 38.52 49.85 -15.15
C VAL B 207 37.32 49.19 -14.48
N GLY B 208 37.41 49.01 -13.17
CA GLY B 208 36.32 48.45 -12.39
C GLY B 208 36.03 49.27 -11.16
N TRP B 209 35.25 48.71 -10.23
CA TRP B 209 34.95 49.41 -8.98
C TRP B 209 36.17 49.54 -8.06
N ASP B 210 37.20 48.74 -8.30
CA ASP B 210 38.39 48.80 -7.47
C ASP B 210 39.23 50.05 -7.78
N ASN B 211 39.42 50.37 -9.05
CA ASN B 211 40.40 51.38 -9.43
C ASN B 211 39.83 52.45 -10.36
N PHE B 212 38.56 52.80 -10.22
CA PHE B 212 38.04 53.89 -11.05
C PHE B 212 38.12 55.24 -10.37
N LEU B 213 38.40 55.29 -9.07
CA LEU B 213 38.69 56.54 -8.39
C LEU B 213 40.12 57.00 -8.60
N PHE B 214 40.98 56.13 -9.14
CA PHE B 214 42.40 56.39 -9.25
C PHE B 214 42.93 56.40 -10.68
N THR B 215 42.12 56.00 -11.65
CA THR B 215 42.44 56.20 -13.05
C THR B 215 41.57 57.32 -13.58
N PRO B 216 42.13 58.47 -13.94
CA PRO B 216 41.31 59.53 -14.52
C PRO B 216 40.88 59.15 -15.94
N PRO B 217 39.72 59.62 -16.38
CA PRO B 217 39.29 59.35 -17.76
C PRO B 217 40.12 60.07 -18.79
N HIS B 218 40.73 61.19 -18.43
CA HIS B 218 41.58 62.00 -19.28
C HIS B 218 42.83 62.38 -18.50
N PRO B 219 43.98 62.49 -19.16
CA PRO B 219 45.20 62.88 -18.43
C PRO B 219 45.15 64.31 -17.92
N ALA B 220 44.43 65.19 -18.60
CA ALA B 220 44.13 66.52 -18.08
C ALA B 220 42.72 66.47 -17.50
N GLY B 221 42.62 66.00 -16.26
CA GLY B 221 41.34 65.65 -15.68
C GLY B 221 40.65 66.71 -14.84
N LEU B 222 39.58 67.31 -15.39
CA LEU B 222 38.67 68.27 -14.75
C LEU B 222 39.31 69.60 -14.38
N THR B 223 40.63 69.72 -14.54
CA THR B 223 41.31 71.01 -14.51
C THR B 223 41.06 71.81 -15.80
N PRO B 224 40.89 71.23 -16.99
CA PRO B 224 40.37 72.03 -18.10
C PRO B 224 38.87 72.08 -18.24
N PHE B 225 38.10 71.32 -17.45
CA PHE B 225 36.65 71.44 -17.55
C PHE B 225 36.16 72.72 -16.91
N PHE B 226 36.74 73.11 -15.78
CA PHE B 226 36.32 74.33 -15.10
C PHE B 226 36.86 75.59 -15.77
N THR B 227 38.05 75.51 -16.38
CA THR B 227 38.63 76.68 -17.04
C THR B 227 38.01 76.99 -18.40
N GLY B 228 37.13 76.13 -18.90
CA GLY B 228 36.38 76.43 -20.10
C GLY B 228 37.06 76.13 -21.41
N ASN B 229 38.28 75.63 -21.40
CA ASN B 229 38.96 75.22 -22.63
C ASN B 229 38.71 73.72 -22.94
N TRP B 230 37.43 73.47 -23.21
CA TRP B 230 36.88 72.13 -23.37
C TRP B 230 37.33 71.43 -24.65
N GLY B 231 37.99 72.15 -25.57
CA GLY B 231 38.49 71.55 -26.80
C GLY B 231 39.64 70.58 -26.61
N VAL B 232 40.27 70.57 -25.44
CA VAL B 232 41.31 69.60 -25.12
C VAL B 232 40.73 68.23 -24.80
N TYR B 233 39.42 68.12 -24.64
CA TYR B 233 38.74 66.85 -24.53
C TYR B 233 38.36 66.27 -25.88
N ALA B 234 38.77 66.92 -26.96
CA ALA B 234 38.48 66.49 -28.32
C ALA B 234 39.78 66.21 -29.05
N GLN B 235 40.64 65.41 -28.44
CA GLN B 235 42.02 65.16 -28.86
C GLN B 235 42.13 64.30 -30.11
N ASN B 236 43.34 63.80 -30.35
CA ASN B 236 43.55 62.75 -31.33
C ASN B 236 42.64 61.58 -30.98
N PRO B 237 41.71 61.21 -31.84
CA PRO B 237 40.79 60.13 -31.50
C PRO B 237 41.44 58.78 -31.68
N ASP B 238 40.65 57.72 -31.54
CA ASP B 238 41.08 56.41 -31.96
C ASP B 238 41.31 56.43 -33.47
N THR B 239 42.52 56.06 -33.88
CA THR B 239 42.96 56.25 -35.25
C THR B 239 42.28 55.24 -36.18
N ALA B 240 42.56 55.37 -37.48
CA ALA B 240 41.98 54.49 -38.48
C ALA B 240 42.58 53.09 -38.46
N SER B 241 43.63 52.88 -37.67
CA SER B 241 44.23 51.57 -37.47
C SER B 241 43.99 51.03 -36.06
N HIS B 242 43.04 51.62 -35.34
CA HIS B 242 42.79 51.19 -33.97
C HIS B 242 42.10 49.83 -33.95
N VAL B 243 42.53 48.98 -33.03
CA VAL B 243 41.91 47.68 -32.79
C VAL B 243 41.06 47.83 -31.53
N PHE B 244 39.78 47.49 -31.64
CA PHE B 244 38.84 47.66 -30.53
C PHE B 244 39.18 46.71 -29.39
N GLY B 245 39.29 47.26 -28.19
CA GLY B 245 39.58 46.47 -27.01
C GLY B 245 41.04 46.44 -26.61
N SER B 246 41.91 47.12 -27.35
CA SER B 246 43.34 47.15 -27.06
C SER B 246 43.86 48.57 -27.19
N SER B 247 45.09 48.77 -26.74
CA SER B 247 45.76 50.06 -26.84
C SER B 247 46.53 50.24 -28.15
N THR B 248 46.29 49.38 -29.14
CA THR B 248 46.96 49.49 -30.42
C THR B 248 46.21 50.47 -31.32
N GLY B 249 46.86 51.58 -31.66
CA GLY B 249 46.18 52.62 -32.41
C GLY B 249 45.22 53.45 -31.59
N ALA B 250 45.23 53.30 -30.27
CA ALA B 250 44.25 53.94 -29.41
C ALA B 250 44.60 55.41 -29.19
N GLY B 251 43.59 56.26 -29.28
CA GLY B 251 43.74 57.66 -28.95
C GLY B 251 43.62 57.89 -27.46
N SER B 252 43.37 59.16 -27.12
CA SER B 252 43.17 59.56 -25.74
C SER B 252 41.97 60.47 -25.56
N ALA B 253 41.34 60.89 -26.65
CA ALA B 253 40.17 61.75 -26.60
C ALA B 253 38.99 61.02 -25.96
N ILE B 254 38.18 61.78 -25.23
CA ILE B 254 37.01 61.22 -24.57
C ILE B 254 35.70 61.80 -25.09
N LEU B 255 35.74 62.89 -25.85
CA LEU B 255 34.54 63.53 -26.38
C LEU B 255 34.86 64.04 -27.79
N THR B 256 34.57 63.23 -28.80
CA THR B 256 34.84 63.65 -30.17
C THR B 256 33.54 64.02 -30.87
N PHE B 257 33.68 64.43 -32.14
CA PHE B 257 32.59 64.88 -32.99
C PHE B 257 32.79 64.33 -34.40
N LEU B 258 33.19 63.06 -34.50
CA LEU B 258 33.77 62.54 -35.74
C LEU B 258 32.70 62.26 -36.79
N GLY B 259 31.69 61.47 -36.45
CA GLY B 259 30.76 60.97 -37.43
C GLY B 259 31.29 59.74 -38.14
N GLY B 260 30.40 59.09 -38.89
CA GLY B 260 30.78 57.88 -39.59
C GLY B 260 31.01 56.73 -38.63
N PHE B 261 31.77 55.75 -39.10
CA PHE B 261 31.98 54.52 -38.37
C PHE B 261 33.46 54.28 -38.08
N HIS B 262 33.70 53.68 -36.93
CA HIS B 262 34.98 53.05 -36.61
C HIS B 262 35.32 52.02 -37.68
N PRO B 263 36.54 52.07 -38.24
CA PRO B 263 36.80 51.27 -39.46
C PRO B 263 36.97 49.78 -39.21
N GLN B 264 37.26 49.35 -37.99
CA GLN B 264 37.34 47.93 -37.70
C GLN B 264 35.98 47.34 -37.37
N THR B 265 35.21 48.01 -36.51
CA THR B 265 33.95 47.46 -36.03
C THR B 265 32.77 47.78 -36.93
N GLU B 266 32.93 48.72 -37.87
CA GLU B 266 31.85 49.34 -38.65
C GLU B 266 30.71 49.83 -37.77
N SER B 267 31.07 50.40 -36.63
CA SER B 267 30.14 50.85 -35.61
C SER B 267 30.42 52.30 -35.28
N LEU B 268 29.48 52.93 -34.58
CA LEU B 268 29.63 54.32 -34.18
C LEU B 268 30.78 54.47 -33.19
N TRP B 269 31.41 55.64 -33.24
CA TRP B 269 32.51 55.93 -32.32
C TRP B 269 32.00 56.05 -30.90
N LEU B 270 32.75 55.45 -29.96
CA LEU B 270 32.34 55.49 -28.56
C LEU B 270 32.47 56.88 -27.96
N THR B 271 33.36 57.72 -28.50
CA THR B 271 33.48 59.09 -28.03
C THR B 271 32.40 59.99 -28.64
N ASP B 272 31.82 59.60 -29.76
CA ASP B 272 30.62 60.31 -30.24
C ASP B 272 29.41 59.96 -29.41
N MET B 273 29.27 58.70 -29.01
CA MET B 273 28.16 58.29 -28.16
C MET B 273 28.30 58.83 -26.75
N ALA B 274 29.53 59.14 -26.32
CA ALA B 274 29.70 59.84 -25.05
C ALA B 274 29.35 61.31 -25.18
N HIS B 275 29.70 61.93 -26.31
CA HIS B 275 29.38 63.34 -26.50
C HIS B 275 27.91 63.51 -26.87
N HIS B 276 27.28 62.47 -27.42
CA HIS B 276 25.84 62.50 -27.63
C HIS B 276 25.10 62.55 -26.30
N HIS B 277 25.46 61.65 -25.39
CA HIS B 277 24.72 61.52 -24.15
C HIS B 277 25.00 62.64 -23.18
N LEU B 278 26.14 63.33 -23.31
CA LEU B 278 26.38 64.52 -22.50
C LEU B 278 25.63 65.72 -23.05
N ALA B 279 25.55 65.84 -24.38
CA ALA B 279 24.90 67.00 -24.98
C ALA B 279 23.40 66.99 -24.76
N ILE B 280 22.75 65.85 -24.93
CA ILE B 280 21.31 65.79 -24.71
C ILE B 280 20.98 65.76 -23.23
N ALA B 281 21.94 65.41 -22.36
CA ALA B 281 21.72 65.56 -20.93
C ALA B 281 21.58 67.01 -20.54
N VAL B 282 22.35 67.90 -21.18
CA VAL B 282 22.24 69.32 -20.91
C VAL B 282 20.90 69.85 -21.43
N LEU B 283 20.48 69.40 -22.62
CA LEU B 283 19.20 69.81 -23.16
C LEU B 283 18.01 69.25 -22.39
N PHE B 284 18.19 68.17 -21.64
CA PHE B 284 17.09 67.61 -20.87
C PHE B 284 17.08 68.11 -19.44
N ILE B 285 18.25 68.41 -18.86
CA ILE B 285 18.28 68.96 -17.50
C ILE B 285 17.78 70.39 -17.49
N VAL B 286 18.10 71.18 -18.52
CA VAL B 286 17.57 72.54 -18.53
C VAL B 286 16.09 72.54 -18.89
N ALA B 287 15.62 71.59 -19.70
CA ALA B 287 14.20 71.48 -20.01
C ALA B 287 13.38 71.02 -18.81
N GLY B 288 14.01 70.35 -17.85
CA GLY B 288 13.41 70.06 -16.56
C GLY B 288 13.37 71.21 -15.59
N HIS B 289 13.80 72.40 -16.03
CA HIS B 289 13.68 73.60 -15.22
C HIS B 289 12.77 74.59 -15.93
N MET B 290 11.66 74.11 -16.48
CA MET B 290 10.76 74.93 -17.29
C MET B 290 9.40 75.14 -16.65
N TYR B 291 8.80 74.12 -16.07
CA TYR B 291 7.45 74.24 -15.52
C TYR B 291 7.50 74.54 -14.04
N ARG B 292 6.51 75.29 -13.57
CA ARG B 292 6.56 75.83 -12.22
C ARG B 292 6.18 74.79 -11.18
N THR B 293 6.93 74.76 -10.09
CA THR B 293 6.58 74.01 -8.90
C THR B 293 6.55 75.02 -7.76
N ASN B 294 6.55 74.54 -6.53
CA ASN B 294 6.48 75.40 -5.35
C ASN B 294 7.76 76.18 -5.05
N PHE B 295 8.72 76.25 -5.98
CA PHE B 295 9.89 77.10 -5.84
C PHE B 295 9.71 78.47 -6.47
N GLY B 296 8.68 78.69 -7.28
CA GLY B 296 8.21 80.03 -7.52
C GLY B 296 7.99 80.53 -8.94
N ILE B 297 8.86 80.22 -9.90
CA ILE B 297 8.59 80.59 -11.28
C ILE B 297 8.61 79.35 -12.16
N GLY B 298 8.30 79.57 -13.43
CA GLY B 298 8.23 78.51 -14.41
C GLY B 298 7.01 78.68 -15.28
N HIS B 299 6.41 77.58 -15.72
CA HIS B 299 5.29 77.65 -16.63
C HIS B 299 4.16 76.73 -16.16
N ASN B 300 2.96 77.27 -16.12
CA ASN B 300 1.76 76.43 -16.11
C ASN B 300 1.49 75.95 -17.53
N MET B 301 1.40 74.63 -17.70
CA MET B 301 1.06 74.04 -18.98
C MET B 301 -0.32 74.44 -19.45
N LYS B 302 -1.23 74.72 -18.51
CA LYS B 302 -2.60 75.10 -18.85
C LYS B 302 -2.66 76.47 -19.54
N GLU B 303 -1.84 77.43 -19.09
CA GLU B 303 -1.96 78.76 -19.67
C GLU B 303 -1.20 78.89 -20.99
N ILE B 304 -0.26 77.99 -21.28
CA ILE B 304 0.43 78.00 -22.56
C ILE B 304 -0.50 77.56 -23.68
N MET B 305 -1.29 76.52 -23.44
CA MET B 305 -2.17 75.99 -24.48
C MET B 305 -3.36 76.92 -24.74
N ASN B 306 -3.82 77.62 -23.69
CA ASN B 306 -4.94 78.54 -23.85
C ASN B 306 -4.55 79.77 -24.67
N ALA B 307 -3.27 80.11 -24.70
CA ALA B 307 -2.79 81.27 -25.44
C ALA B 307 -2.30 80.92 -26.84
N HIS B 308 -2.31 79.65 -27.21
CA HIS B 308 -1.78 79.20 -28.50
C HIS B 308 -2.90 78.89 -29.49
N ASN B 309 -3.93 79.72 -29.49
CA ASN B 309 -5.07 79.55 -30.38
C ASN B 309 -4.77 80.02 -31.82
N PRO B 310 -4.33 81.25 -32.12
CA PRO B 310 -4.30 81.67 -33.54
C PRO B 310 -3.24 80.97 -34.38
N PRO B 311 -1.94 80.87 -33.93
CA PRO B 311 -1.01 81.48 -32.97
C PRO B 311 -0.60 82.96 -33.23
N GLN B 312 -0.35 83.54 -34.42
CA GLN B 312 0.05 82.95 -35.71
C GLN B 312 0.92 84.00 -36.44
N GLY B 313 1.97 83.56 -37.12
CA GLY B 313 2.80 84.46 -37.90
C GLY B 313 2.49 84.38 -39.38
N THR B 314 1.70 83.37 -39.75
CA THR B 314 1.10 83.15 -41.08
C THR B 314 -0.12 84.04 -41.37
N PRO B 315 -0.91 84.49 -40.35
CA PRO B 315 -2.36 84.19 -40.30
C PRO B 315 -3.16 84.09 -41.60
N PHE B 316 -3.99 83.05 -41.84
CA PHE B 316 -4.44 81.89 -41.00
C PHE B 316 -4.98 82.20 -39.59
N GLY B 317 -6.09 82.93 -39.52
CA GLY B 317 -6.60 83.51 -38.29
C GLY B 317 -6.91 82.63 -37.09
N GLY B 318 -7.94 81.79 -37.13
CA GLY B 318 -8.83 81.65 -38.28
C GLY B 318 -9.66 80.39 -38.28
N MET B 319 -9.52 79.67 -39.40
CA MET B 319 -10.31 78.47 -39.70
C MET B 319 -10.10 77.36 -38.67
N ILE B 320 -8.94 77.32 -38.01
CA ILE B 320 -8.62 76.31 -37.02
C ILE B 320 -8.26 77.02 -35.73
N GLY B 321 -8.97 76.70 -34.64
CA GLY B 321 -10.27 76.06 -34.65
C GLY B 321 -11.56 76.61 -34.00
N GLU B 322 -11.57 77.28 -32.84
CA GLU B 322 -10.44 77.75 -32.01
C GLU B 322 -9.47 76.68 -31.43
N GLY B 323 -9.92 75.83 -30.54
CA GLY B 323 -9.08 74.74 -30.11
C GLY B 323 -8.22 75.06 -28.89
N HIS B 324 -7.68 73.99 -28.31
CA HIS B 324 -6.70 73.92 -27.24
C HIS B 324 -7.19 74.45 -25.89
N LYS B 325 -8.46 74.81 -25.77
CA LYS B 325 -9.06 75.09 -24.47
C LYS B 325 -9.62 73.79 -23.90
N GLY B 326 -9.26 73.52 -22.65
CA GLY B 326 -9.68 72.30 -21.99
C GLY B 326 -8.89 71.07 -22.36
N MET B 327 -7.88 71.18 -23.22
CA MET B 327 -7.07 70.03 -23.59
C MET B 327 -6.02 69.68 -22.55
N TYR B 328 -5.81 70.53 -21.55
CA TYR B 328 -5.00 70.11 -20.40
C TYR B 328 -5.75 69.05 -19.60
N ASP B 329 -7.01 69.33 -19.22
CA ASP B 329 -7.78 68.37 -18.44
C ASP B 329 -8.35 67.26 -19.28
N THR B 330 -8.42 67.42 -20.60
CA THR B 330 -8.70 66.26 -21.46
C THR B 330 -7.55 65.28 -21.38
N TYR B 331 -6.32 65.79 -21.42
CA TYR B 331 -5.12 64.99 -21.22
C TYR B 331 -5.04 64.48 -19.78
N ASN B 332 -5.30 65.32 -18.80
CA ASN B 332 -4.92 65.02 -17.43
C ASN B 332 -5.95 64.21 -16.67
N ASN B 333 -7.24 64.30 -17.03
CA ASN B 333 -8.25 63.49 -16.36
C ASN B 333 -8.35 62.09 -16.95
N SER B 334 -8.07 61.93 -18.24
CA SER B 334 -8.24 60.67 -18.94
C SER B 334 -6.94 59.89 -18.97
N LEU B 335 -6.93 58.73 -18.33
CA LEU B 335 -5.79 57.84 -18.44
C LEU B 335 -5.75 57.15 -19.80
N HIS B 336 -6.91 56.97 -20.45
CA HIS B 336 -6.93 56.36 -21.76
C HIS B 336 -6.49 57.31 -22.85
N PHE B 337 -6.67 58.62 -22.66
CA PHE B 337 -6.07 59.59 -23.58
C PHE B 337 -4.56 59.59 -23.43
N GLN B 338 -4.07 59.54 -22.19
CA GLN B 338 -2.64 59.52 -21.95
C GLN B 338 -2.01 58.25 -22.51
N LEU B 339 -2.63 57.09 -22.24
CA LEU B 339 -2.09 55.82 -22.73
C LEU B 339 -2.13 55.73 -24.25
N GLY B 340 -3.20 56.24 -24.87
CA GLY B 340 -3.24 56.28 -26.31
C GLY B 340 -2.24 57.25 -26.91
N TRP B 341 -1.93 58.32 -26.20
CA TRP B 341 -0.94 59.28 -26.66
C TRP B 341 0.48 58.80 -26.41
N HIS B 342 0.72 58.20 -25.25
CA HIS B 342 2.05 57.72 -24.92
C HIS B 342 2.43 56.47 -25.71
N LEU B 343 1.45 55.71 -26.21
CA LEU B 343 1.76 54.62 -27.11
C LEU B 343 2.05 55.11 -28.52
N ALA B 344 1.39 56.18 -28.96
CA ALA B 344 1.66 56.71 -30.30
C ALA B 344 3.04 57.34 -30.39
N CYS B 345 3.52 57.92 -29.30
CA CYS B 345 4.89 58.42 -29.29
C CYS B 345 5.88 57.28 -29.19
N LEU B 346 5.62 56.32 -28.31
CA LEU B 346 6.51 55.16 -28.15
C LEU B 346 6.54 54.30 -29.41
N GLY B 347 5.45 54.27 -30.18
CA GLY B 347 5.43 53.48 -31.39
C GLY B 347 6.23 54.09 -32.53
N VAL B 348 6.26 55.41 -32.62
CA VAL B 348 7.13 56.08 -33.57
C VAL B 348 8.59 55.89 -33.17
N ILE B 349 8.87 55.93 -31.87
CA ILE B 349 10.24 55.83 -31.39
C ILE B 349 10.75 54.39 -31.55
N THR B 350 9.90 53.39 -31.28
CA THR B 350 10.29 51.99 -31.43
C THR B 350 10.64 51.67 -32.87
N SER B 351 9.93 52.27 -33.80
CA SER B 351 10.24 52.06 -35.21
C SER B 351 11.42 52.90 -35.65
N LEU B 352 11.68 54.03 -34.98
CA LEU B 352 12.88 54.79 -35.26
C LEU B 352 14.12 54.06 -34.79
N VAL B 353 14.00 53.29 -33.71
CA VAL B 353 15.06 52.41 -33.23
C VAL B 353 15.43 51.40 -34.29
N ALA B 354 14.44 50.85 -35.00
CA ALA B 354 14.70 49.83 -36.00
C ALA B 354 15.37 50.41 -37.24
N GLN B 355 14.90 51.57 -37.71
CA GLN B 355 15.46 52.14 -38.93
C GLN B 355 16.84 52.75 -38.72
N HIS B 356 17.22 53.06 -37.48
CA HIS B 356 18.52 53.65 -37.23
C HIS B 356 19.57 52.66 -36.75
N MET B 357 19.17 51.60 -36.06
CA MET B 357 20.16 50.63 -35.59
C MET B 357 20.69 49.75 -36.70
N TYR B 358 20.01 49.64 -37.84
CA TYR B 358 20.56 48.90 -38.95
C TYR B 358 21.42 49.75 -39.86
N SER B 359 21.11 51.06 -39.97
CA SER B 359 21.88 51.93 -40.84
C SER B 359 23.03 52.62 -40.11
N LEU B 360 22.86 52.89 -38.81
CA LEU B 360 23.90 53.49 -37.97
C LEU B 360 24.13 52.54 -36.79
N PRO B 361 24.86 51.45 -36.98
CA PRO B 361 25.01 50.45 -35.93
C PRO B 361 25.82 50.99 -34.77
N PRO B 362 25.29 50.93 -33.55
CA PRO B 362 26.00 51.48 -32.39
C PRO B 362 26.85 50.47 -31.64
N TYR B 363 26.88 49.22 -32.05
CA TYR B 363 27.56 48.17 -31.31
C TYR B 363 28.64 47.54 -32.17
N ALA B 364 29.75 47.21 -31.52
CA ALA B 364 30.93 46.68 -32.20
C ALA B 364 30.63 45.32 -32.81
N PHE B 365 30.92 45.21 -34.11
CA PHE B 365 30.75 44.01 -34.94
C PHE B 365 29.29 43.56 -35.04
N LEU B 366 28.34 44.47 -34.79
CA LEU B 366 26.93 44.14 -35.00
C LEU B 366 26.58 44.14 -36.48
N ALA B 367 27.26 44.97 -37.27
CA ALA B 367 26.98 45.08 -38.69
C ALA B 367 27.46 43.88 -39.50
N LYS B 368 28.23 42.97 -38.90
CA LYS B 368 28.65 41.76 -39.57
C LYS B 368 27.98 40.51 -39.02
N SER B 369 27.19 40.64 -37.95
CA SER B 369 26.39 39.52 -37.44
C SER B 369 25.02 39.65 -38.08
N TYR B 370 24.84 38.95 -39.21
CA TYR B 370 23.72 39.21 -40.10
C TYR B 370 22.39 38.74 -39.52
N THR B 371 22.39 37.59 -38.85
CA THR B 371 21.16 37.06 -38.28
C THR B 371 20.71 37.90 -37.10
N THR B 372 21.65 38.45 -36.34
CA THR B 372 21.31 39.33 -35.24
C THR B 372 20.72 40.64 -35.74
N GLN B 373 21.29 41.18 -36.82
CA GLN B 373 20.77 42.41 -37.40
C GLN B 373 19.40 42.20 -38.01
N ALA B 374 19.17 41.02 -38.63
CA ALA B 374 17.86 40.69 -39.16
C ALA B 374 16.84 40.50 -38.04
N ALA B 375 17.24 39.83 -36.97
CA ALA B 375 16.33 39.57 -35.86
C ALA B 375 15.97 40.86 -35.12
N LEU B 376 16.92 41.78 -34.97
CA LEU B 376 16.67 42.99 -34.20
C LEU B 376 15.74 43.95 -34.93
N TYR B 377 15.87 44.04 -36.25
CA TYR B 377 15.01 44.92 -37.03
C TYR B 377 13.57 44.43 -37.01
N THR B 378 13.39 43.13 -37.25
CA THR B 378 12.05 42.55 -37.33
C THR B 378 11.37 42.57 -35.98
N HIS B 379 12.14 42.39 -34.90
CA HIS B 379 11.64 42.46 -33.54
C HIS B 379 11.06 43.83 -33.23
N HIS B 380 11.82 44.88 -33.51
CA HIS B 380 11.39 46.22 -33.14
C HIS B 380 10.39 46.81 -34.12
N GLN B 381 10.25 46.25 -35.32
CA GLN B 381 9.21 46.71 -36.21
C GLN B 381 7.86 46.06 -35.91
N TYR B 382 7.85 44.79 -35.51
CA TYR B 382 6.60 44.15 -35.13
C TYR B 382 6.09 44.66 -33.80
N ILE B 383 7.00 45.01 -32.90
CA ILE B 383 6.61 45.59 -31.62
C ILE B 383 6.08 47.00 -31.82
N ALA B 384 6.68 47.75 -32.74
CA ALA B 384 6.18 49.08 -33.07
C ALA B 384 4.82 49.00 -33.77
N GLY B 385 4.58 47.95 -34.54
CA GLY B 385 3.27 47.79 -35.16
C GLY B 385 2.19 47.47 -34.16
N PHE B 386 2.51 46.66 -33.15
CA PHE B 386 1.53 46.34 -32.12
C PHE B 386 1.27 47.54 -31.21
N ILE B 387 2.31 48.32 -30.93
CA ILE B 387 2.18 49.49 -30.08
C ILE B 387 1.39 50.59 -30.81
N MET B 388 1.57 50.71 -32.13
CA MET B 388 0.88 51.72 -32.90
C MET B 388 -0.62 51.44 -33.00
N VAL B 389 -0.99 50.17 -33.12
CA VAL B 389 -2.40 49.81 -33.20
C VAL B 389 -3.07 50.02 -31.85
N GLY B 390 -2.35 49.74 -30.76
CA GLY B 390 -2.85 49.98 -29.43
C GLY B 390 -2.96 51.44 -29.04
N ALA B 391 -2.22 52.31 -29.72
CA ALA B 391 -2.40 53.74 -29.54
C ALA B 391 -3.76 54.19 -30.04
N PHE B 392 -4.19 53.64 -31.17
CA PHE B 392 -5.50 53.93 -31.71
C PHE B 392 -6.61 53.21 -30.96
N ALA B 393 -6.29 52.07 -30.32
CA ALA B 393 -7.29 51.35 -29.56
C ALA B 393 -7.68 52.12 -28.32
N HIS B 394 -6.70 52.63 -27.58
CA HIS B 394 -6.99 53.41 -26.39
C HIS B 394 -7.42 54.83 -26.71
N GLY B 395 -7.17 55.30 -27.93
CA GLY B 395 -7.81 56.53 -28.37
C GLY B 395 -9.29 56.36 -28.58
N ALA B 396 -9.71 55.19 -29.03
CA ALA B 396 -11.12 54.89 -29.17
C ALA B 396 -11.79 54.59 -27.83
N ILE B 397 -11.07 53.99 -26.89
CA ILE B 397 -11.62 53.75 -25.55
C ILE B 397 -11.81 55.08 -24.83
N PHE B 398 -10.93 56.05 -25.07
CA PHE B 398 -11.10 57.38 -24.50
C PHE B 398 -12.36 58.05 -25.03
N LEU B 399 -12.64 57.89 -26.32
CA LEU B 399 -13.80 58.54 -26.93
C LEU B 399 -15.11 57.95 -26.46
N ILE B 400 -15.11 56.73 -25.94
CA ILE B 400 -16.32 56.13 -25.41
C ILE B 400 -16.45 56.39 -23.92
N ARG B 401 -15.37 56.24 -23.16
CA ARG B 401 -15.42 56.25 -21.71
C ARG B 401 -15.19 57.63 -21.12
N ASP B 402 -14.18 58.35 -21.60
CA ASP B 402 -13.69 59.55 -20.93
C ASP B 402 -14.00 60.84 -21.66
N TYR B 403 -14.40 60.78 -22.92
CA TYR B 403 -14.56 62.00 -23.70
C TYR B 403 -15.79 62.78 -23.26
N ASP B 404 -15.60 64.08 -23.08
CA ASP B 404 -16.66 64.97 -22.60
C ASP B 404 -16.95 66.02 -23.67
N PRO B 405 -18.07 65.91 -24.39
CA PRO B 405 -18.41 66.94 -25.37
C PRO B 405 -18.91 68.24 -24.75
N ALA B 406 -19.19 68.26 -23.45
CA ALA B 406 -19.55 69.50 -22.77
C ALA B 406 -18.32 70.34 -22.47
N SER B 407 -17.31 69.72 -21.86
CA SER B 407 -16.05 70.42 -21.59
C SER B 407 -15.31 70.72 -22.89
N ASN B 408 -15.00 69.68 -23.66
CA ASN B 408 -14.44 69.85 -25.01
C ASN B 408 -15.59 70.25 -25.93
N SER B 409 -15.84 71.55 -25.99
CA SER B 409 -16.89 72.12 -26.82
C SER B 409 -16.24 73.06 -27.81
N ASN B 410 -16.22 72.64 -29.08
CA ASN B 410 -15.59 73.34 -30.20
C ASN B 410 -14.11 73.63 -29.92
N ASN B 411 -13.40 72.59 -29.48
CA ASN B 411 -11.95 72.63 -29.44
C ASN B 411 -11.42 71.79 -30.60
N VAL B 412 -10.11 71.54 -30.60
CA VAL B 412 -9.49 70.77 -31.68
C VAL B 412 -9.98 69.33 -31.71
N LEU B 413 -10.28 68.76 -30.54
CA LEU B 413 -10.73 67.37 -30.48
C LEU B 413 -12.21 67.25 -30.80
N ASP B 414 -13.00 68.26 -30.46
CA ASP B 414 -14.40 68.29 -30.89
C ASP B 414 -14.51 68.45 -32.39
N ARG B 415 -13.55 69.13 -33.00
CA ARG B 415 -13.70 69.52 -34.39
C ARG B 415 -13.33 68.40 -35.36
N VAL B 416 -12.45 67.49 -34.95
CA VAL B 416 -12.09 66.38 -35.85
C VAL B 416 -13.23 65.38 -35.97
N LEU B 417 -14.13 65.34 -35.01
CA LEU B 417 -15.29 64.46 -35.06
C LEU B 417 -16.40 65.00 -35.94
N GLN B 418 -16.40 66.31 -36.21
CA GLN B 418 -17.48 66.91 -36.98
C GLN B 418 -17.28 66.73 -38.49
N HIS B 419 -16.04 66.74 -38.96
CA HIS B 419 -15.76 66.39 -40.36
C HIS B 419 -15.17 64.99 -40.46
N LYS B 420 -15.65 64.08 -39.61
CA LYS B 420 -15.14 62.71 -39.57
C LYS B 420 -15.48 61.93 -40.85
N GLU B 421 -16.49 62.35 -41.60
CA GLU B 421 -16.71 61.70 -42.88
C GLU B 421 -15.75 62.18 -43.94
N ALA B 422 -15.07 63.30 -43.73
CA ALA B 422 -14.08 63.76 -44.69
C ALA B 422 -12.73 63.10 -44.47
N ILE B 423 -12.36 62.87 -43.21
CA ILE B 423 -11.11 62.19 -42.89
C ILE B 423 -11.15 60.73 -43.34
N ILE B 424 -12.28 60.07 -43.11
CA ILE B 424 -12.38 58.64 -43.42
C ILE B 424 -12.47 58.43 -44.94
N SER B 425 -13.21 59.29 -45.62
CA SER B 425 -13.34 59.16 -47.08
C SER B 425 -12.04 59.54 -47.80
N HIS B 426 -11.22 60.41 -47.19
CA HIS B 426 -9.95 60.72 -47.83
C HIS B 426 -8.90 59.65 -47.55
N LEU B 427 -8.94 59.01 -46.38
CA LEU B 427 -8.14 57.82 -46.16
C LEU B 427 -8.57 56.68 -47.07
N SER B 428 -9.88 56.60 -47.35
CA SER B 428 -10.39 55.55 -48.22
C SER B 428 -9.93 55.74 -49.66
N TRP B 429 -9.76 56.98 -50.10
CA TRP B 429 -9.32 57.21 -51.47
C TRP B 429 -7.84 56.91 -51.65
N VAL B 430 -7.00 57.30 -50.67
CA VAL B 430 -5.58 57.03 -50.74
C VAL B 430 -5.30 55.54 -50.68
N SER B 431 -6.06 54.81 -49.86
CA SER B 431 -5.92 53.36 -49.80
C SER B 431 -6.32 52.71 -51.12
N LEU B 432 -7.42 53.18 -51.71
CA LEU B 432 -7.86 52.60 -52.97
C LEU B 432 -6.96 53.02 -54.13
N PHE B 433 -6.42 54.24 -54.10
CA PHE B 433 -5.55 54.69 -55.18
C PHE B 433 -4.22 53.94 -55.17
N LEU B 434 -3.65 53.75 -53.98
CA LEU B 434 -2.39 53.01 -53.88
C LEU B 434 -2.58 51.55 -54.23
N GLY B 435 -3.66 50.93 -53.74
CA GLY B 435 -3.84 49.51 -53.96
C GLY B 435 -4.18 49.15 -55.39
N PHE B 436 -4.94 50.01 -56.07
CA PHE B 436 -5.26 49.74 -57.46
C PHE B 436 -4.05 49.89 -58.37
N HIS B 437 -3.11 50.76 -58.00
CA HIS B 437 -1.97 51.03 -58.86
C HIS B 437 -0.71 50.31 -58.45
N THR B 438 -0.53 49.97 -57.17
CA THR B 438 0.63 49.14 -56.80
C THR B 438 0.42 47.71 -57.24
N LEU B 439 -0.77 47.15 -56.98
CA LEU B 439 -1.07 45.79 -57.43
C LEU B 439 -1.17 45.72 -58.95
N GLY B 440 -1.69 46.76 -59.58
CA GLY B 440 -1.77 46.77 -61.03
C GLY B 440 -0.41 46.82 -61.69
N LEU B 441 0.54 47.53 -61.07
CA LEU B 441 1.90 47.56 -61.62
C LEU B 441 2.61 46.24 -61.42
N TYR B 442 2.36 45.56 -60.29
CA TYR B 442 2.98 44.26 -60.04
C TYR B 442 2.44 43.19 -60.97
N VAL B 443 1.12 43.19 -61.20
CA VAL B 443 0.51 42.17 -62.03
C VAL B 443 0.88 42.38 -63.49
N HIS B 444 0.99 43.65 -63.92
CA HIS B 444 1.44 43.96 -65.26
C HIS B 444 2.87 43.48 -65.50
N ASN B 445 3.76 43.67 -64.52
CA ASN B 445 5.12 43.18 -64.66
C ASN B 445 5.18 41.66 -64.62
N ASP B 446 4.30 41.03 -63.85
CA ASP B 446 4.23 39.57 -63.81
C ASP B 446 3.82 38.99 -65.15
N VAL B 447 2.87 39.63 -65.84
CA VAL B 447 2.43 39.15 -67.15
C VAL B 447 3.53 39.34 -68.19
N MET B 448 4.33 40.40 -68.06
CA MET B 448 5.44 40.63 -68.99
C MET B 448 6.54 39.59 -68.83
N VAL B 449 6.90 39.25 -67.60
CA VAL B 449 7.93 38.25 -67.38
C VAL B 449 7.43 36.86 -67.76
N ALA B 450 6.15 36.59 -67.50
CA ALA B 450 5.59 35.28 -67.85
C ALA B 450 5.44 35.11 -69.35
N PHE B 451 5.13 36.16 -70.08
CA PHE B 451 5.03 36.07 -71.53
C PHE B 451 6.39 36.06 -72.21
N GLY B 452 7.48 36.18 -71.47
CA GLY B 452 8.79 36.14 -72.06
C GLY B 452 9.34 37.48 -72.49
N THR B 453 8.78 38.58 -71.99
CA THR B 453 9.17 39.93 -72.38
C THR B 453 9.44 40.77 -71.15
N PRO B 454 10.57 40.58 -70.48
CA PRO B 454 10.85 41.34 -69.26
C PRO B 454 11.30 42.77 -69.48
N GLU B 455 11.43 43.24 -70.72
CA GLU B 455 11.72 44.64 -70.96
C GLU B 455 10.47 45.48 -71.18
N LYS B 456 9.30 44.84 -71.30
CA LYS B 456 8.06 45.61 -71.35
C LYS B 456 7.51 45.95 -69.98
N GLN B 457 8.11 45.45 -68.91
CA GLN B 457 7.57 45.73 -67.59
C GLN B 457 7.89 47.15 -67.16
N ILE B 458 7.03 47.69 -66.30
CA ILE B 458 7.08 49.11 -65.95
C ILE B 458 7.97 49.27 -64.72
N LEU B 459 9.11 49.93 -64.92
CA LEU B 459 10.12 50.10 -63.89
C LEU B 459 10.28 51.59 -63.63
N VAL B 460 9.56 52.10 -62.64
CA VAL B 460 9.62 53.51 -62.26
C VAL B 460 10.76 53.70 -61.27
N GLU B 461 11.69 54.58 -61.59
CA GLU B 461 12.78 54.81 -60.66
C GLU B 461 12.33 55.72 -59.52
N PRO B 462 12.74 55.44 -58.30
CA PRO B 462 12.37 56.33 -57.19
C PRO B 462 13.27 57.57 -57.15
N VAL B 463 12.93 58.54 -57.99
CA VAL B 463 13.83 59.68 -58.17
C VAL B 463 13.77 60.69 -57.04
N PHE B 464 12.73 60.66 -56.19
CA PHE B 464 12.67 61.61 -55.09
C PHE B 464 13.55 61.15 -53.93
N ALA B 465 13.60 59.86 -53.67
CA ALA B 465 14.40 59.37 -52.55
C ALA B 465 15.86 59.17 -52.93
N GLN B 466 16.14 58.95 -54.22
CA GLN B 466 17.52 58.99 -54.69
C GLN B 466 18.10 60.39 -54.57
N TRP B 467 17.26 61.40 -54.79
CA TRP B 467 17.68 62.79 -54.63
C TRP B 467 17.98 63.13 -53.18
N ILE B 468 17.26 62.54 -52.23
CA ILE B 468 17.54 62.76 -50.82
C ILE B 468 18.87 62.12 -50.44
N GLN B 469 19.18 60.95 -51.00
CA GLN B 469 20.47 60.33 -50.78
C GLN B 469 21.60 61.17 -51.34
N ALA B 470 21.40 61.75 -52.52
CA ALA B 470 22.37 62.68 -53.08
C ALA B 470 22.44 63.95 -52.25
N ALA B 471 21.31 64.38 -51.68
CA ALA B 471 21.30 65.55 -50.82
C ALA B 471 21.96 65.30 -49.47
N HIS B 472 22.19 64.05 -49.11
CA HIS B 472 22.90 63.71 -47.88
C HIS B 472 24.35 63.30 -48.13
N GLY B 473 24.78 63.23 -49.39
CA GLY B 473 26.18 63.05 -49.70
C GLY B 473 26.53 61.82 -50.50
N LYS B 474 25.57 61.22 -51.18
CA LYS B 474 25.81 60.01 -51.97
C LYS B 474 26.02 60.40 -53.43
N LEU B 475 27.07 59.86 -54.04
CA LEU B 475 27.52 60.27 -55.36
C LEU B 475 27.13 59.29 -56.46
N LEU B 476 26.30 58.29 -56.14
CA LEU B 476 26.04 57.21 -57.09
C LEU B 476 25.06 57.61 -58.18
N TYR B 477 24.11 58.49 -57.87
CA TYR B 477 23.12 58.91 -58.86
C TYR B 477 23.54 60.13 -59.65
N GLY B 478 24.48 60.92 -59.14
CA GLY B 478 25.01 62.07 -59.86
C GLY B 478 24.04 63.22 -59.98
N PHE B 479 23.51 63.69 -58.84
CA PHE B 479 22.67 64.89 -58.82
C PHE B 479 23.47 66.13 -58.48
N ASP B 480 24.39 66.02 -57.52
CA ASP B 480 25.35 67.06 -57.13
C ASP B 480 24.63 68.32 -56.63
N THR B 481 23.70 68.11 -55.70
CA THR B 481 23.17 69.15 -54.84
C THR B 481 23.93 69.13 -53.52
N LEU B 482 23.38 69.85 -52.53
CA LEU B 482 24.01 70.07 -51.23
C LEU B 482 24.44 68.79 -50.52
N LEU B 483 25.61 68.86 -49.88
CA LEU B 483 26.37 67.80 -49.21
C LEU B 483 26.94 66.75 -50.16
N SER B 484 26.61 66.81 -51.44
CA SER B 484 27.39 66.17 -52.48
C SER B 484 28.03 67.18 -53.40
N ASN B 485 27.49 68.39 -53.48
CA ASN B 485 28.22 69.54 -53.98
C ASN B 485 29.28 69.91 -52.95
N PRO B 486 30.57 69.86 -53.29
CA PRO B 486 31.59 70.27 -52.31
C PRO B 486 31.60 71.76 -52.02
N GLY B 487 30.99 72.59 -52.87
CA GLY B 487 30.97 74.02 -52.66
C GLY B 487 29.60 74.60 -52.37
N SER B 488 28.66 73.75 -51.94
CA SER B 488 27.34 74.21 -51.57
C SER B 488 27.37 74.94 -50.22
N ILE B 489 26.28 75.65 -49.93
CA ILE B 489 26.20 76.42 -48.69
C ILE B 489 26.05 75.49 -47.49
N ALA B 490 25.36 74.35 -47.68
CA ALA B 490 25.16 73.42 -46.58
C ALA B 490 26.39 72.59 -46.27
N SER B 491 27.23 72.32 -47.26
CA SER B 491 28.43 71.51 -47.02
C SER B 491 29.54 72.33 -46.39
N THR B 492 29.77 73.56 -46.86
CA THR B 492 30.83 74.37 -46.28
C THR B 492 30.46 74.92 -44.92
N ALA B 493 29.16 75.10 -44.65
CA ALA B 493 28.62 75.61 -43.38
C ALA B 493 29.21 76.97 -43.04
N TRP B 494 28.84 77.95 -43.88
CA TRP B 494 29.68 79.10 -44.21
C TRP B 494 30.15 79.96 -43.03
N PRO B 495 29.28 80.55 -42.19
CA PRO B 495 29.79 81.55 -41.25
C PRO B 495 30.51 80.98 -40.03
N ASN B 496 30.43 79.69 -39.79
CA ASN B 496 31.07 79.13 -38.60
C ASN B 496 32.04 78.00 -38.91
N TYR B 497 31.84 77.29 -40.04
CA TYR B 497 32.70 76.18 -40.49
C TYR B 497 32.78 75.03 -39.49
N GLY B 498 31.78 74.90 -38.63
CA GLY B 498 31.76 73.86 -37.63
C GLY B 498 31.14 72.58 -38.14
N ASN B 499 31.73 72.03 -39.20
CA ASN B 499 31.21 70.87 -39.92
C ASN B 499 32.06 69.64 -39.68
N VAL B 500 32.43 69.40 -38.42
CA VAL B 500 33.41 68.37 -38.05
C VAL B 500 32.92 66.97 -38.38
N TRP B 501 31.60 66.76 -38.37
CA TRP B 501 31.03 65.47 -38.70
C TRP B 501 31.15 65.12 -40.18
N LEU B 502 31.29 66.13 -41.05
CA LEU B 502 31.01 65.97 -42.47
C LEU B 502 31.99 65.02 -43.16
N SER B 503 33.26 65.03 -42.75
CA SER B 503 34.24 64.16 -43.39
C SER B 503 34.00 62.71 -43.03
N GLY B 504 33.66 62.44 -41.77
CA GLY B 504 33.32 61.09 -41.37
C GLY B 504 32.01 60.60 -41.97
N TRP B 505 31.05 61.52 -42.17
CA TRP B 505 29.77 61.14 -42.73
C TRP B 505 29.87 60.76 -44.20
N LEU B 506 30.58 61.58 -45.00
CA LEU B 506 30.69 61.28 -46.42
C LEU B 506 31.62 60.12 -46.70
N ASP B 507 32.52 59.80 -45.78
CA ASP B 507 33.33 58.60 -45.91
C ASP B 507 32.46 57.36 -45.74
N ALA B 508 31.53 57.39 -44.79
CA ALA B 508 30.68 56.23 -44.52
C ALA B 508 29.54 56.10 -45.52
N ILE B 509 29.01 57.21 -46.01
CA ILE B 509 27.85 57.14 -46.90
C ILE B 509 28.26 56.79 -48.33
N ASN B 510 29.54 56.89 -48.68
CA ASN B 510 30.01 56.49 -49.99
C ASN B 510 30.75 55.17 -49.97
N SER B 511 30.98 54.59 -48.80
CA SER B 511 31.44 53.22 -48.71
C SER B 511 30.33 52.28 -49.14
N GLY B 512 30.62 51.40 -50.10
CA GLY B 512 29.61 50.50 -50.61
C GLY B 512 29.55 49.19 -49.88
N ASP B 513 29.68 49.24 -48.55
CA ASP B 513 29.77 48.04 -47.73
C ASP B 513 28.96 48.09 -46.45
N ASN B 514 28.26 49.19 -46.16
CA ASN B 514 27.42 49.30 -44.99
C ASN B 514 25.96 49.40 -45.41
N SER B 515 25.07 49.45 -44.42
CA SER B 515 23.64 49.62 -44.66
C SER B 515 23.21 51.07 -44.47
N LEU B 516 24.12 52.01 -44.69
CA LEU B 516 23.85 53.44 -44.54
C LEU B 516 23.48 54.01 -45.90
N PHE B 517 22.19 54.29 -46.07
CA PHE B 517 21.58 54.86 -47.28
C PHE B 517 21.89 54.01 -48.52
N LEU B 518 21.28 52.82 -48.50
CA LEU B 518 21.48 51.81 -49.54
C LEU B 518 20.99 52.31 -50.90
N THR B 519 21.55 51.72 -51.96
CA THR B 519 21.13 52.04 -53.31
C THR B 519 19.75 51.47 -53.58
N ILE B 520 18.85 52.30 -54.09
CA ILE B 520 17.46 51.93 -54.31
C ILE B 520 17.13 52.07 -55.78
N GLY B 521 16.31 51.16 -56.29
CA GLY B 521 15.92 51.16 -57.67
C GLY B 521 14.44 50.91 -57.85
N PRO B 522 14.04 50.43 -59.02
CA PRO B 522 12.60 50.26 -59.30
C PRO B 522 11.92 49.20 -58.45
N GLY B 523 12.66 48.21 -57.95
CA GLY B 523 12.08 47.27 -57.01
C GLY B 523 11.82 47.88 -55.66
N ASP B 524 12.57 48.92 -55.30
CA ASP B 524 12.36 49.65 -54.07
C ASP B 524 11.24 50.67 -54.18
N PHE B 525 10.88 51.07 -55.40
CA PHE B 525 9.79 52.00 -55.62
C PHE B 525 8.45 51.36 -55.32
N LEU B 526 8.23 50.15 -55.84
CA LEU B 526 6.92 49.51 -55.74
C LEU B 526 6.61 49.07 -54.32
N VAL B 527 7.64 48.64 -53.59
CA VAL B 527 7.41 48.10 -52.27
C VAL B 527 7.22 49.23 -51.24
N HIS B 528 7.77 50.43 -51.48
CA HIS B 528 7.43 51.57 -50.64
C HIS B 528 5.99 52.01 -50.85
N HIS B 529 5.46 51.86 -52.05
CA HIS B 529 4.05 52.18 -52.27
C HIS B 529 3.12 51.08 -51.77
N ALA B 530 3.64 49.86 -51.64
CA ALA B 530 2.90 48.83 -50.92
C ALA B 530 2.88 49.10 -49.43
N ILE B 531 4.00 49.62 -48.91
CA ILE B 531 4.08 49.96 -47.49
C ILE B 531 3.20 51.17 -47.20
N ALA B 532 3.15 52.14 -48.11
CA ALA B 532 2.26 53.28 -47.97
C ALA B 532 0.80 52.86 -48.02
N LEU B 533 0.49 51.85 -48.83
CA LEU B 533 -0.84 51.26 -48.84
C LEU B 533 -1.17 50.62 -47.50
N GLY B 534 -0.23 49.88 -46.93
CA GLY B 534 -0.47 49.24 -45.65
C GLY B 534 -0.54 50.20 -44.49
N LEU B 535 0.22 51.31 -44.55
CA LEU B 535 0.13 52.31 -43.51
C LEU B 535 -1.19 53.06 -43.56
N HIS B 536 -1.69 53.31 -44.76
CA HIS B 536 -2.91 54.10 -44.90
C HIS B 536 -4.15 53.27 -44.63
N THR B 537 -4.15 52.00 -45.04
CA THR B 537 -5.31 51.15 -44.80
C THR B 537 -5.44 50.82 -43.31
N THR B 538 -4.32 50.53 -42.65
CA THR B 538 -4.35 50.24 -41.21
C THR B 538 -4.77 51.46 -40.42
N THR B 539 -4.37 52.65 -40.87
CA THR B 539 -4.85 53.88 -40.25
C THR B 539 -6.34 54.07 -40.52
N LEU B 540 -6.80 53.73 -41.73
CA LEU B 540 -8.21 53.89 -42.09
C LEU B 540 -9.11 53.04 -41.21
N ILE B 541 -8.72 51.80 -40.92
CA ILE B 541 -9.51 50.94 -40.05
C ILE B 541 -9.51 51.47 -38.62
N LEU B 542 -8.37 51.95 -38.17
CA LEU B 542 -8.23 52.40 -36.79
C LEU B 542 -8.88 53.75 -36.56
N VAL B 543 -8.82 54.64 -37.54
CA VAL B 543 -9.43 55.96 -37.40
C VAL B 543 -10.96 55.84 -37.47
N LYS B 544 -11.46 55.07 -38.43
CA LYS B 544 -12.90 54.86 -38.57
C LYS B 544 -13.45 54.07 -37.38
N GLY B 545 -12.63 53.23 -36.76
CA GLY B 545 -13.05 52.63 -35.50
C GLY B 545 -13.12 53.62 -34.37
N ALA B 546 -12.16 54.55 -34.33
CA ALA B 546 -12.16 55.56 -33.27
C ALA B 546 -13.21 56.63 -33.50
N LEU B 547 -13.37 57.09 -34.74
CA LEU B 547 -14.29 58.19 -34.99
C LEU B 547 -15.76 57.76 -35.05
N ASP B 548 -16.04 56.48 -35.32
CA ASP B 548 -17.40 55.97 -35.24
C ASP B 548 -17.67 55.25 -33.94
N ALA B 549 -16.80 55.39 -32.95
CA ALA B 549 -16.95 54.65 -31.71
C ALA B 549 -18.12 55.16 -30.88
N ARG B 550 -18.48 56.43 -31.02
CA ARG B 550 -19.62 56.97 -30.30
C ARG B 550 -20.93 56.78 -31.03
N GLY B 551 -20.89 56.55 -32.33
CA GLY B 551 -22.10 56.29 -33.08
C GLY B 551 -21.92 56.54 -34.56
N SER B 552 -22.83 55.94 -35.33
CA SER B 552 -22.92 56.11 -36.78
C SER B 552 -24.40 56.10 -37.15
N LYS B 553 -24.69 55.92 -38.43
CA LYS B 553 -26.10 55.83 -38.81
C LYS B 553 -26.66 54.44 -38.60
N LEU B 554 -25.82 53.41 -38.65
CA LEU B 554 -26.29 52.07 -38.40
C LEU B 554 -26.59 51.85 -36.92
N MET B 555 -25.91 52.58 -36.03
CA MET B 555 -26.06 52.40 -34.60
C MET B 555 -25.75 53.72 -33.91
N PRO B 556 -26.74 54.61 -33.76
CA PRO B 556 -26.46 55.96 -33.28
C PRO B 556 -26.09 56.04 -31.80
N ASP B 557 -26.48 55.05 -30.99
CA ASP B 557 -26.22 55.08 -29.56
C ASP B 557 -25.09 54.13 -29.17
N LYS B 558 -24.04 54.04 -30.02
CA LYS B 558 -23.01 53.03 -29.86
C LYS B 558 -22.16 53.23 -28.61
N LYS B 559 -22.10 54.44 -28.07
CA LYS B 559 -21.36 54.64 -26.82
C LYS B 559 -22.09 54.06 -25.61
N ASP B 560 -23.39 53.80 -25.72
CA ASP B 560 -24.11 53.17 -24.62
C ASP B 560 -23.74 51.70 -24.45
N PHE B 561 -23.18 51.07 -25.47
CA PHE B 561 -22.91 49.64 -25.45
C PHE B 561 -21.47 49.30 -25.14
N GLY B 562 -20.60 50.30 -25.06
CA GLY B 562 -19.22 50.08 -24.63
C GLY B 562 -18.26 50.00 -25.79
N TYR B 563 -17.01 49.72 -25.43
CA TYR B 563 -15.96 49.57 -26.43
C TYR B 563 -16.12 48.25 -27.17
N SER B 564 -16.45 47.18 -26.46
CA SER B 564 -16.46 45.84 -27.01
C SER B 564 -17.82 45.21 -26.77
N PHE B 565 -18.51 44.88 -27.85
CA PHE B 565 -19.76 44.15 -27.80
C PHE B 565 -19.87 43.37 -29.10
N PRO B 566 -20.66 42.27 -29.15
CA PRO B 566 -20.69 41.44 -30.35
C PRO B 566 -21.19 42.13 -31.60
N CYS B 567 -22.39 42.67 -31.53
CA CYS B 567 -23.15 43.18 -32.65
C CYS B 567 -24.36 43.88 -32.08
N ASP B 568 -25.27 44.30 -32.94
CA ASP B 568 -26.58 44.78 -32.52
C ASP B 568 -27.69 43.93 -33.14
N GLY B 569 -27.40 42.67 -33.42
CA GLY B 569 -28.39 41.77 -33.95
C GLY B 569 -28.47 41.78 -35.46
N PRO B 570 -29.21 40.84 -36.02
CA PRO B 570 -29.34 40.74 -37.48
C PRO B 570 -30.29 41.75 -38.09
N GLY B 571 -30.95 42.58 -37.29
CA GLY B 571 -31.80 43.61 -37.83
C GLY B 571 -31.01 44.75 -38.44
N ARG B 572 -31.74 45.64 -39.09
CA ARG B 572 -31.21 46.78 -39.86
C ARG B 572 -30.20 46.34 -40.92
N GLY B 573 -30.42 45.17 -41.51
CA GLY B 573 -29.52 44.60 -42.47
C GLY B 573 -28.50 43.63 -41.90
N GLY B 574 -28.20 43.72 -40.61
CA GLY B 574 -27.15 42.91 -40.02
C GLY B 574 -25.99 43.77 -39.56
N THR B 575 -25.51 43.54 -38.35
CA THR B 575 -24.56 44.46 -37.72
C THR B 575 -23.37 43.71 -37.13
N CYS B 576 -22.91 42.66 -37.82
CA CYS B 576 -21.72 41.92 -37.40
C CYS B 576 -20.51 42.83 -37.42
N ASP B 577 -19.72 42.81 -36.33
CA ASP B 577 -18.45 43.53 -36.20
C ASP B 577 -18.63 45.05 -36.32
N ILE B 578 -19.59 45.58 -35.56
CA ILE B 578 -19.90 47.00 -35.63
C ILE B 578 -19.20 47.81 -34.52
N SER B 579 -18.70 47.16 -33.48
CA SER B 579 -18.10 47.88 -32.37
C SER B 579 -16.72 48.44 -32.75
N ALA B 580 -16.21 49.32 -31.90
CA ALA B 580 -14.88 49.87 -32.12
C ALA B 580 -13.79 48.88 -31.77
N TRP B 581 -14.09 47.91 -30.90
CA TRP B 581 -13.16 46.81 -30.68
C TRP B 581 -13.02 45.96 -31.92
N ASP B 582 -14.09 45.81 -32.70
CA ASP B 582 -14.02 45.01 -33.90
C ASP B 582 -13.18 45.65 -34.99
N ALA B 583 -13.01 46.97 -34.94
CA ALA B 583 -12.11 47.64 -35.87
C ALA B 583 -10.66 47.61 -35.40
N PHE B 584 -10.42 47.49 -34.10
CA PHE B 584 -9.13 47.03 -33.62
C PHE B 584 -8.79 45.67 -34.20
N TYR B 585 -9.76 44.76 -34.14
CA TYR B 585 -9.57 43.36 -34.52
C TYR B 585 -9.23 43.24 -36.00
N LEU B 586 -9.89 44.03 -36.85
CA LEU B 586 -9.59 43.99 -38.27
C LEU B 586 -8.26 44.63 -38.59
N ALA B 587 -7.83 45.62 -37.81
CA ALA B 587 -6.62 46.35 -38.11
C ALA B 587 -5.36 45.61 -37.71
N VAL B 588 -5.45 44.66 -36.77
CA VAL B 588 -4.30 43.82 -36.44
C VAL B 588 -3.91 42.96 -37.63
N PHE B 589 -4.92 42.49 -38.40
CA PHE B 589 -4.66 41.78 -39.65
C PHE B 589 -3.90 42.66 -40.64
N TRP B 590 -4.35 43.90 -40.80
CA TRP B 590 -3.70 44.80 -41.74
C TRP B 590 -2.35 45.29 -41.22
N MET B 591 -2.19 45.37 -39.91
CA MET B 591 -0.89 45.71 -39.34
C MET B 591 0.13 44.61 -39.60
N LEU B 592 -0.26 43.36 -39.35
CA LEU B 592 0.65 42.23 -39.56
C LEU B 592 1.03 42.08 -41.02
N ASN B 593 0.08 42.33 -41.92
CA ASN B 593 0.36 42.34 -43.34
C ASN B 593 1.29 43.47 -43.72
N THR B 594 1.19 44.62 -43.04
CA THR B 594 2.03 45.76 -43.37
C THR B 594 3.45 45.54 -42.88
N ILE B 595 3.63 45.12 -41.63
CA ILE B 595 4.95 44.79 -41.11
C ILE B 595 5.50 43.55 -41.81
N GLY B 596 4.61 42.69 -42.30
CA GLY B 596 5.04 41.62 -43.19
C GLY B 596 5.69 42.12 -44.46
N TRP B 597 5.05 43.09 -45.13
CA TRP B 597 5.64 43.65 -46.33
C TRP B 597 6.90 44.46 -46.03
N VAL B 598 6.97 45.07 -44.85
CA VAL B 598 8.16 45.82 -44.45
C VAL B 598 9.34 44.88 -44.23
N THR B 599 9.14 43.87 -43.40
CA THR B 599 10.25 43.00 -43.02
C THR B 599 10.59 41.98 -44.09
N PHE B 600 9.68 41.68 -45.01
CA PHE B 600 10.05 40.90 -46.19
C PHE B 600 11.04 41.67 -47.04
N TYR B 601 10.81 42.97 -47.21
CA TYR B 601 11.61 43.81 -48.07
C TYR B 601 12.97 44.11 -47.46
N TRP B 602 12.99 44.41 -46.16
CA TRP B 602 14.27 44.59 -45.46
C TRP B 602 15.11 43.33 -45.54
N HIS B 603 14.49 42.16 -45.34
CA HIS B 603 15.25 40.93 -45.31
C HIS B 603 15.75 40.53 -46.68
N TRP B 604 14.92 40.67 -47.72
CA TRP B 604 15.34 40.24 -49.04
C TRP B 604 16.40 41.18 -49.63
N LYS B 605 16.29 42.48 -49.36
CA LYS B 605 17.31 43.40 -49.84
C LYS B 605 18.64 43.17 -49.13
N HIS B 606 18.59 42.88 -47.83
CA HIS B 606 19.82 42.62 -47.11
C HIS B 606 20.38 41.24 -47.43
N LEU B 607 19.52 40.24 -47.63
CA LEU B 607 20.00 38.92 -48.01
C LEU B 607 20.61 38.91 -49.41
N ALA B 608 20.14 39.81 -50.28
CA ALA B 608 20.78 39.94 -51.59
C ALA B 608 22.14 40.60 -51.47
N ILE B 609 22.27 41.58 -50.57
CA ILE B 609 23.55 42.26 -50.39
C ILE B 609 24.56 41.33 -49.71
N TRP B 610 24.12 40.60 -48.69
CA TRP B 610 25.03 39.73 -47.93
C TRP B 610 25.49 38.53 -48.74
N GLN B 611 24.68 38.08 -49.70
CA GLN B 611 25.06 36.95 -50.55
C GLN B 611 25.95 37.37 -51.72
N GLY B 612 26.28 38.65 -51.83
CA GLY B 612 27.08 39.12 -52.94
C GLY B 612 26.36 39.21 -54.26
N ASN B 613 25.02 39.11 -54.27
CA ASN B 613 24.22 39.20 -55.49
C ASN B 613 23.09 40.19 -55.24
N VAL B 614 23.39 41.48 -55.43
CA VAL B 614 22.35 42.49 -55.28
C VAL B 614 21.47 42.56 -56.52
N ALA B 615 21.94 42.00 -57.65
CA ALA B 615 21.17 42.00 -58.88
C ALA B 615 19.99 41.05 -58.84
N GLN B 616 20.01 40.06 -57.94
CA GLN B 616 18.87 39.15 -57.82
C GLN B 616 17.67 39.86 -57.21
N PHE B 617 17.89 40.77 -56.27
CA PHE B 617 16.80 41.62 -55.80
C PHE B 617 16.37 42.59 -56.88
N ASN B 618 17.32 43.16 -57.62
CA ASN B 618 16.99 44.20 -58.59
C ASN B 618 16.23 43.67 -59.79
N GLU B 619 16.39 42.37 -60.09
CA GLU B 619 15.68 41.75 -61.20
C GLU B 619 14.35 41.11 -60.81
N SER B 620 14.23 40.57 -59.60
CA SER B 620 13.08 39.76 -59.25
C SER B 620 12.05 40.47 -58.39
N SER B 621 12.38 41.61 -57.80
CA SER B 621 11.44 42.28 -56.89
C SER B 621 10.44 43.17 -57.61
N THR B 622 10.45 43.21 -58.94
CA THR B 622 9.52 44.04 -59.67
C THR B 622 8.26 43.29 -60.08
N TYR B 623 8.24 41.98 -59.92
CA TYR B 623 7.06 41.15 -60.19
C TYR B 623 6.93 40.15 -59.04
N LEU B 624 5.69 39.73 -58.77
CA LEU B 624 5.42 39.02 -57.54
C LEU B 624 5.86 37.55 -57.56
N MET B 625 6.11 36.98 -58.74
CA MET B 625 6.67 35.63 -58.78
C MET B 625 8.11 35.61 -58.30
N GLY B 626 8.85 36.71 -58.50
CA GLY B 626 10.20 36.79 -57.97
C GLY B 626 10.23 36.79 -56.45
N TRP B 627 9.23 37.41 -55.83
CA TRP B 627 9.13 37.36 -54.37
C TRP B 627 8.78 35.96 -53.89
N LEU B 628 7.92 35.25 -54.63
CA LEU B 628 7.52 33.92 -54.21
C LEU B 628 8.64 32.91 -54.43
N ARG B 629 9.30 32.99 -55.59
CA ARG B 629 10.30 32.00 -55.98
C ARG B 629 11.68 32.31 -55.41
N ASP B 630 12.18 33.53 -55.62
CA ASP B 630 13.54 33.86 -55.28
C ASP B 630 13.71 34.36 -53.86
N TYR B 631 12.63 34.59 -53.13
CA TYR B 631 12.75 34.93 -51.72
C TYR B 631 12.11 33.89 -50.81
N LEU B 632 10.84 33.55 -51.03
CA LEU B 632 10.17 32.61 -50.14
C LEU B 632 10.59 31.18 -50.42
N TRP B 633 10.56 30.77 -51.68
CA TRP B 633 10.85 29.38 -52.02
C TRP B 633 12.34 29.09 -51.92
N LEU B 634 13.19 30.02 -52.37
CA LEU B 634 14.62 29.76 -52.46
C LEU B 634 15.27 29.68 -51.09
N ASN B 635 14.88 30.56 -50.19
CA ASN B 635 15.49 30.61 -48.86
C ASN B 635 14.83 29.66 -47.87
N SER B 636 13.82 28.91 -48.30
CA SER B 636 13.22 27.90 -47.44
C SER B 636 13.98 26.59 -47.41
N SER B 637 15.01 26.45 -48.26
CA SER B 637 15.63 25.15 -48.54
C SER B 637 16.33 24.58 -47.32
N GLN B 638 17.16 25.39 -46.65
CA GLN B 638 17.89 24.89 -45.50
C GLN B 638 17.01 24.81 -44.26
N LEU B 639 15.97 25.62 -44.19
CA LEU B 639 15.04 25.57 -43.07
C LEU B 639 14.29 24.26 -43.02
N ILE B 640 13.64 23.88 -44.13
CA ILE B 640 12.83 22.66 -44.14
C ILE B 640 13.66 21.39 -44.24
N ASN B 641 14.97 21.50 -44.36
CA ASN B 641 15.87 20.37 -44.23
C ASN B 641 16.55 20.33 -42.86
N GLY B 642 15.98 21.06 -41.88
CA GLY B 642 16.46 20.95 -40.51
C GLY B 642 16.32 19.56 -39.94
N TYR B 643 15.31 18.82 -40.39
CA TYR B 643 15.26 17.38 -40.22
C TYR B 643 14.61 16.79 -41.46
N ASN B 644 15.07 15.61 -41.83
CA ASN B 644 14.67 14.90 -43.05
C ASN B 644 14.88 13.41 -42.77
N PRO B 645 14.54 12.47 -43.67
CA PRO B 645 14.80 11.05 -43.36
C PRO B 645 16.28 10.67 -43.26
N TYR B 646 17.22 11.55 -43.55
CA TYR B 646 18.64 11.24 -43.43
C TYR B 646 19.27 11.77 -42.15
N GLY B 647 18.55 12.57 -41.39
CA GLY B 647 19.03 13.02 -40.10
C GLY B 647 18.51 14.40 -39.80
N MET B 648 19.18 15.06 -38.84
CA MET B 648 18.81 16.40 -38.46
C MET B 648 20.06 17.21 -38.15
N ASN B 649 19.90 18.53 -38.13
CA ASN B 649 20.97 19.44 -37.76
C ASN B 649 20.43 20.48 -36.79
N ASN B 650 21.18 21.55 -36.54
CA ASN B 650 20.80 22.53 -35.54
C ASN B 650 19.63 23.41 -35.97
N LEU B 651 19.24 23.38 -37.24
CA LEU B 651 18.06 24.08 -37.72
C LEU B 651 16.77 23.30 -37.50
N ALA B 652 16.83 22.16 -36.82
CA ALA B 652 15.63 21.34 -36.61
C ALA B 652 14.65 22.02 -35.67
N VAL B 653 15.13 22.85 -34.74
CA VAL B 653 14.20 23.55 -33.85
C VAL B 653 13.48 24.65 -34.61
N TRP B 654 14.13 25.27 -35.61
CA TRP B 654 13.47 26.28 -36.39
C TRP B 654 12.54 25.66 -37.42
N ALA B 655 12.88 24.48 -37.93
CA ALA B 655 11.98 23.76 -38.83
C ALA B 655 10.72 23.32 -38.11
N TRP B 656 10.87 22.83 -36.88
CA TRP B 656 9.72 22.41 -36.09
C TRP B 656 8.86 23.59 -35.70
N MET B 657 9.49 24.73 -35.37
CA MET B 657 8.74 25.94 -35.04
C MET B 657 8.06 26.54 -36.27
N PHE B 658 8.69 26.38 -37.44
CA PHE B 658 8.10 26.82 -38.71
C PHE B 658 6.78 26.13 -38.99
N LEU B 659 6.73 24.82 -38.76
CA LEU B 659 5.51 24.06 -38.95
C LEU B 659 4.50 24.34 -37.85
N LEU B 660 4.98 24.56 -36.63
CA LEU B 660 4.12 24.94 -35.52
C LEU B 660 3.43 26.26 -35.81
N GLY B 661 4.16 27.22 -36.39
CA GLY B 661 3.57 28.49 -36.72
C GLY B 661 2.52 28.42 -37.81
N HIS B 662 2.72 27.53 -38.79
CA HIS B 662 1.68 27.29 -39.78
C HIS B 662 0.45 26.65 -39.15
N LEU B 663 0.64 25.85 -38.11
CA LEU B 663 -0.47 25.17 -37.44
C LEU B 663 -1.28 26.14 -36.58
N VAL B 664 -0.61 27.02 -35.82
CA VAL B 664 -1.29 27.97 -34.95
C VAL B 664 -2.07 28.99 -35.78
N TRP B 665 -1.47 29.45 -36.86
CA TRP B 665 -2.09 30.40 -37.79
C TRP B 665 -3.37 29.82 -38.38
N ALA B 666 -3.32 28.55 -38.80
CA ALA B 666 -4.48 27.91 -39.39
C ALA B 666 -5.54 27.57 -38.36
N THR B 667 -5.13 27.26 -37.12
CA THR B 667 -6.08 27.03 -36.05
C THR B 667 -6.89 28.29 -35.75
N GLY B 668 -6.29 29.46 -35.94
CA GLY B 668 -7.02 30.70 -35.79
C GLY B 668 -8.13 30.88 -36.77
N PHE B 669 -7.98 30.34 -37.99
CA PHE B 669 -9.01 30.41 -39.02
C PHE B 669 -10.30 29.73 -38.57
N MET B 670 -10.21 28.68 -37.74
CA MET B 670 -11.38 28.02 -37.19
C MET B 670 -12.22 28.98 -36.35
N PHE B 671 -11.57 29.77 -35.48
CA PHE B 671 -12.31 30.71 -34.65
C PHE B 671 -12.81 31.90 -35.45
N LEU B 672 -12.16 32.24 -36.55
CA LEU B 672 -12.56 33.39 -37.34
C LEU B 672 -13.64 33.08 -38.36
N ILE B 673 -13.67 31.86 -38.90
CA ILE B 673 -14.63 31.53 -39.94
C ILE B 673 -15.88 30.89 -39.38
N SER B 674 -15.75 29.83 -38.60
CA SER B 674 -16.88 29.22 -37.92
C SER B 674 -17.25 30.08 -36.73
N TRP B 675 -18.52 30.36 -36.56
CA TRP B 675 -18.96 31.26 -35.51
C TRP B 675 -19.78 30.47 -34.49
N ARG B 676 -20.41 31.19 -33.54
CA ARG B 676 -20.65 30.62 -32.21
C ARG B 676 -21.73 29.55 -32.19
N GLY B 677 -22.90 29.83 -32.79
CA GLY B 677 -24.05 28.96 -32.59
C GLY B 677 -23.90 27.56 -33.13
N TYR B 678 -22.99 27.35 -34.09
CA TYR B 678 -22.60 25.99 -34.45
C TYR B 678 -22.01 25.27 -33.24
N TRP B 679 -21.08 25.92 -32.54
CA TRP B 679 -20.36 25.27 -31.45
C TRP B 679 -21.20 25.13 -30.20
N GLN B 680 -22.13 26.05 -29.97
CA GLN B 680 -22.99 25.94 -28.80
C GLN B 680 -23.94 24.75 -28.94
N GLU B 681 -24.43 24.50 -30.14
CA GLU B 681 -25.28 23.34 -30.36
C GLU B 681 -24.49 22.04 -30.35
N LEU B 682 -23.21 22.10 -30.70
CA LEU B 682 -22.37 20.92 -30.61
C LEU B 682 -22.06 20.56 -29.16
N ILE B 683 -21.83 21.57 -28.32
CA ILE B 683 -21.50 21.34 -26.91
C ILE B 683 -22.72 20.81 -26.16
N GLU B 684 -23.91 21.18 -26.62
CA GLU B 684 -25.17 20.65 -26.08
C GLU B 684 -25.32 19.15 -26.23
N THR B 685 -24.80 18.56 -27.32
CA THR B 685 -24.81 17.10 -27.41
C THR B 685 -23.74 16.47 -26.54
N LEU B 686 -22.65 17.19 -26.27
CA LEU B 686 -21.61 16.67 -25.40
C LEU B 686 -22.03 16.74 -23.94
N VAL B 687 -22.79 17.78 -23.58
CA VAL B 687 -23.37 17.87 -22.26
C VAL B 687 -24.37 16.74 -22.05
N TRP B 688 -25.15 16.41 -23.09
CA TRP B 688 -26.07 15.28 -23.02
C TRP B 688 -25.31 13.97 -22.83
N ALA B 689 -24.22 13.77 -23.57
CA ALA B 689 -23.51 12.50 -23.52
C ALA B 689 -22.83 12.26 -22.20
N HIS B 690 -22.34 13.32 -21.54
CA HIS B 690 -21.70 13.15 -20.25
C HIS B 690 -22.70 12.78 -19.17
N GLU B 691 -23.87 13.43 -19.17
CA GLU B 691 -24.88 13.17 -18.16
C GLU B 691 -25.52 11.80 -18.32
N ARG B 692 -25.48 11.21 -19.52
CA ARG B 692 -26.06 9.90 -19.76
C ARG B 692 -25.04 8.78 -19.74
N THR B 693 -23.76 9.08 -19.57
CA THR B 693 -22.74 8.04 -19.56
C THR B 693 -22.54 7.54 -18.14
N PRO B 694 -22.76 6.26 -17.87
CA PRO B 694 -22.45 5.73 -16.53
C PRO B 694 -20.96 5.75 -16.26
N LEU B 695 -20.63 5.90 -14.96
CA LEU B 695 -19.32 6.03 -14.32
C LEU B 695 -18.66 7.38 -14.58
N ALA B 696 -19.19 8.14 -15.52
CA ALA B 696 -18.68 9.46 -15.82
C ALA B 696 -19.64 10.56 -15.39
N ASN B 697 -20.93 10.25 -15.28
CA ASN B 697 -21.87 11.21 -14.71
C ASN B 697 -21.75 11.31 -13.20
N LEU B 698 -20.92 10.48 -12.56
CA LEU B 698 -20.51 10.72 -11.19
C LEU B 698 -19.66 11.97 -11.07
N VAL B 699 -18.93 12.31 -12.12
CA VAL B 699 -18.12 13.52 -12.15
C VAL B 699 -18.95 14.64 -12.76
N ARG B 700 -19.24 15.66 -11.97
CA ARG B 700 -20.06 16.78 -12.40
C ARG B 700 -19.22 18.04 -12.51
N TRP B 701 -19.41 18.79 -13.59
CA TRP B 701 -18.76 20.08 -13.72
C TRP B 701 -19.35 21.08 -12.72
N LYS B 702 -18.51 22.04 -12.33
CA LYS B 702 -18.99 23.16 -11.54
C LYS B 702 -19.58 24.25 -12.41
N ASP B 703 -18.91 24.56 -13.52
CA ASP B 703 -19.37 25.56 -14.47
C ASP B 703 -19.99 24.87 -15.67
N LYS B 704 -21.11 25.41 -16.13
CA LYS B 704 -21.79 24.84 -17.28
C LYS B 704 -20.97 25.07 -18.54
N PRO B 705 -20.63 24.03 -19.29
CA PRO B 705 -19.85 24.21 -20.53
C PRO B 705 -20.67 24.92 -21.58
N VAL B 706 -20.15 26.06 -22.06
CA VAL B 706 -20.75 26.80 -23.15
C VAL B 706 -19.67 27.10 -24.18
N ALA B 707 -20.10 27.42 -25.38
CA ALA B 707 -19.19 27.87 -26.41
C ALA B 707 -18.62 29.24 -26.05
N LEU B 708 -17.45 29.55 -26.63
CA LEU B 708 -16.83 30.86 -26.43
C LEU B 708 -17.73 31.95 -27.01
N SER B 709 -17.65 33.14 -26.42
CA SER B 709 -18.51 34.22 -26.87
C SER B 709 -18.06 34.75 -28.23
N ILE B 710 -18.90 35.60 -28.82
CA ILE B 710 -18.66 36.14 -30.15
C ILE B 710 -17.40 37.00 -30.17
N VAL B 711 -17.23 37.84 -29.14
CA VAL B 711 -16.05 38.68 -29.04
C VAL B 711 -14.82 37.84 -28.72
N GLN B 712 -14.97 36.84 -27.86
CA GLN B 712 -13.85 36.05 -27.34
C GLN B 712 -13.14 35.28 -28.45
N ALA B 713 -13.90 34.70 -29.36
CA ALA B 713 -13.30 33.92 -30.42
C ALA B 713 -12.75 34.78 -31.55
N ARG B 714 -13.22 36.01 -31.70
CA ARG B 714 -12.50 36.96 -32.51
C ARG B 714 -11.14 37.25 -31.91
N LEU B 715 -11.08 37.37 -30.58
CA LEU B 715 -9.82 37.59 -29.90
C LEU B 715 -8.95 36.33 -29.92
N VAL B 716 -9.53 35.18 -29.64
CA VAL B 716 -8.79 33.92 -29.65
C VAL B 716 -8.33 33.58 -31.07
N GLY B 717 -9.17 33.89 -32.06
CA GLY B 717 -8.77 33.67 -33.43
C GLY B 717 -7.70 34.64 -33.90
N LEU B 718 -7.75 35.88 -33.43
CA LEU B 718 -6.70 36.84 -33.74
C LEU B 718 -5.40 36.49 -33.02
N ALA B 719 -5.50 35.93 -31.82
CA ALA B 719 -4.31 35.58 -31.07
C ALA B 719 -3.59 34.39 -31.71
N HIS B 720 -4.33 33.40 -32.21
CA HIS B 720 -3.70 32.29 -32.92
C HIS B 720 -3.13 32.75 -34.26
N PHE B 721 -3.86 33.62 -34.96
CA PHE B 721 -3.37 34.20 -36.21
C PHE B 721 -2.09 34.99 -35.98
N SER B 722 -2.04 35.80 -34.92
CA SER B 722 -0.87 36.64 -34.69
C SER B 722 0.32 35.84 -34.22
N VAL B 723 0.11 34.90 -33.28
CA VAL B 723 1.21 34.07 -32.79
C VAL B 723 1.75 33.20 -33.91
N GLY B 724 0.87 32.62 -34.72
CA GLY B 724 1.31 31.85 -35.88
C GLY B 724 1.98 32.68 -36.93
N TYR B 725 1.61 33.96 -37.05
CA TYR B 725 2.28 34.88 -37.97
C TYR B 725 3.71 35.15 -37.52
N ILE B 726 3.91 35.42 -36.23
CA ILE B 726 5.20 35.87 -35.73
C ILE B 726 6.21 34.73 -35.75
N ILE B 727 5.85 33.58 -35.17
CA ILE B 727 6.83 32.52 -35.01
C ILE B 727 7.10 31.78 -36.32
N THR B 728 6.22 31.90 -37.33
CA THR B 728 6.56 31.36 -38.64
C THR B 728 7.66 32.18 -39.28
N TYR B 729 7.52 33.50 -39.26
CA TYR B 729 8.51 34.36 -39.88
C TYR B 729 9.80 34.40 -39.08
N ALA B 730 9.69 34.35 -37.75
CA ALA B 730 10.89 34.35 -36.91
C ALA B 730 11.70 33.08 -37.11
N ALA B 731 11.03 31.94 -37.30
CA ALA B 731 11.74 30.72 -37.62
C ALA B 731 12.35 30.79 -39.02
N PHE B 732 11.66 31.42 -39.96
CA PHE B 732 12.20 31.51 -41.31
C PHE B 732 13.30 32.56 -41.40
N LEU B 733 13.16 33.69 -40.72
CA LEU B 733 14.17 34.74 -40.76
C LEU B 733 15.49 34.28 -40.18
N ILE B 734 15.43 33.57 -39.05
CA ILE B 734 16.65 33.15 -38.37
C ILE B 734 17.29 31.98 -39.10
N ALA B 735 16.49 31.02 -39.57
CA ALA B 735 17.08 29.86 -40.22
C ALA B 735 17.57 30.14 -41.63
N SER B 736 16.93 31.05 -42.36
CA SER B 736 17.45 31.37 -43.69
C SER B 736 18.68 32.26 -43.63
N THR B 737 18.88 33.00 -42.55
CA THR B 737 20.05 33.86 -42.45
C THR B 737 21.22 33.15 -41.77
N SER B 738 20.96 32.37 -40.72
CA SER B 738 22.05 31.73 -40.00
C SER B 738 22.54 30.45 -40.66
N SER B 739 21.84 29.92 -41.67
CA SER B 739 22.32 28.73 -42.34
C SER B 739 23.49 29.04 -43.26
N ARG B 740 23.41 30.13 -44.01
CA ARG B 740 24.51 30.53 -44.87
C ARG B 740 25.46 31.53 -44.20
N PHE B 741 25.06 32.12 -43.08
CA PHE B 741 25.94 33.00 -42.32
C PHE B 741 25.98 32.56 -40.86
N SER C 2 -29.14 39.43 -15.82
CA SER C 2 -30.20 39.60 -16.80
C SER C 2 -29.85 40.70 -17.80
N HIS C 3 -30.66 40.83 -18.83
CA HIS C 3 -30.53 41.90 -19.81
C HIS C 3 -31.45 43.05 -19.46
N SER C 4 -31.15 44.21 -20.00
CA SER C 4 -31.97 45.40 -19.82
C SER C 4 -32.74 45.67 -21.10
N VAL C 5 -34.06 45.71 -20.99
CA VAL C 5 -34.93 46.07 -22.11
C VAL C 5 -35.56 47.41 -21.77
N LYS C 6 -35.31 48.42 -22.59
CA LYS C 6 -35.81 49.76 -22.37
C LYS C 6 -36.74 50.15 -23.52
N ILE C 7 -37.91 50.65 -23.18
CA ILE C 7 -38.87 51.15 -24.16
C ILE C 7 -38.90 52.67 -24.04
N TYR C 8 -38.75 53.35 -25.16
CA TYR C 8 -38.64 54.81 -25.17
C TYR C 8 -39.97 55.45 -25.54
N ASP C 9 -40.02 56.77 -25.41
CA ASP C 9 -41.21 57.58 -25.59
C ASP C 9 -41.65 57.69 -27.05
N THR C 10 -40.88 57.18 -27.99
CA THR C 10 -41.22 57.25 -29.40
C THR C 10 -42.03 56.04 -29.87
N CYS C 11 -42.49 55.20 -28.94
CA CYS C 11 -43.24 54.01 -29.31
C CYS C 11 -44.62 54.38 -29.84
N ILE C 12 -45.02 53.74 -30.93
CA ILE C 12 -46.28 54.05 -31.58
C ILE C 12 -47.34 53.03 -31.18
N GLY C 13 -47.00 52.15 -30.24
CA GLY C 13 -47.93 51.16 -29.76
C GLY C 13 -48.34 50.11 -30.77
N CYS C 14 -47.48 49.84 -31.76
CA CYS C 14 -47.84 48.93 -32.85
C CYS C 14 -47.79 47.46 -32.44
N THR C 15 -47.36 47.16 -31.20
CA THR C 15 -47.30 45.84 -30.54
C THR C 15 -46.57 44.76 -31.34
N GLN C 16 -45.79 45.13 -32.36
CA GLN C 16 -45.09 44.12 -33.15
C GLN C 16 -43.91 43.53 -32.40
N CYS C 17 -43.33 44.28 -31.46
CA CYS C 17 -42.26 43.75 -30.63
C CYS C 17 -42.77 42.73 -29.63
N VAL C 18 -44.02 42.87 -29.18
CA VAL C 18 -44.60 41.91 -28.25
C VAL C 18 -44.92 40.61 -28.96
N ARG C 19 -45.40 40.71 -30.21
CA ARG C 19 -45.66 39.52 -31.01
C ARG C 19 -44.38 38.79 -31.39
N ALA C 20 -43.27 39.54 -31.52
CA ALA C 20 -42.03 38.95 -31.99
C ALA C 20 -41.24 38.26 -30.89
N CYS C 21 -41.52 38.54 -29.63
CA CYS C 21 -40.70 38.04 -28.53
C CYS C 21 -40.93 36.55 -28.33
N PRO C 22 -39.90 35.70 -28.46
CA PRO C 22 -40.09 34.27 -28.27
C PRO C 22 -40.05 33.83 -26.81
N LEU C 23 -39.80 34.75 -25.89
CA LEU C 23 -39.72 34.41 -24.46
C LEU C 23 -40.83 35.04 -23.64
N ASP C 24 -41.76 35.74 -24.29
CA ASP C 24 -42.87 36.47 -23.65
C ASP C 24 -42.36 37.43 -22.57
N VAL C 25 -41.44 38.30 -22.97
CA VAL C 25 -40.90 39.29 -22.05
C VAL C 25 -41.79 40.52 -22.01
N LEU C 26 -42.40 40.86 -23.13
CA LEU C 26 -43.00 42.17 -23.33
C LEU C 26 -44.54 42.08 -23.32
N GLU C 27 -45.16 43.18 -22.89
CA GLU C 27 -46.60 43.31 -22.96
C GLU C 27 -46.95 44.78 -23.13
N MET C 28 -48.20 45.03 -23.51
CA MET C 28 -48.66 46.39 -23.77
C MET C 28 -49.32 46.98 -22.53
N VAL C 29 -48.98 48.24 -22.24
CA VAL C 29 -49.56 48.99 -21.13
C VAL C 29 -50.28 50.20 -21.70
N PRO C 30 -51.49 50.51 -21.23
CA PRO C 30 -52.17 51.74 -21.67
C PRO C 30 -51.39 52.99 -21.28
N TRP C 31 -51.23 53.89 -22.25
CA TRP C 31 -50.24 54.95 -22.10
C TRP C 31 -50.78 56.35 -22.36
N ASP C 32 -51.72 56.51 -23.31
CA ASP C 32 -52.28 57.78 -23.85
C ASP C 32 -51.21 58.83 -24.21
N GLY C 33 -50.01 58.37 -24.56
CA GLY C 33 -48.91 59.24 -24.96
C GLY C 33 -48.64 59.14 -26.45
N CYS C 34 -49.42 58.28 -27.11
CA CYS C 34 -49.38 58.14 -28.56
C CYS C 34 -50.81 58.00 -29.06
N LYS C 35 -50.96 57.91 -30.39
CA LYS C 35 -52.28 57.78 -30.98
C LYS C 35 -52.94 56.45 -30.63
N ALA C 36 -52.14 55.38 -30.50
CA ALA C 36 -52.68 54.07 -30.16
C ALA C 36 -53.07 53.97 -28.69
N GLY C 37 -52.52 54.83 -27.84
CA GLY C 37 -52.81 54.79 -26.42
C GLY C 37 -52.11 53.69 -25.65
N SER C 38 -51.33 52.84 -26.32
CA SER C 38 -50.59 51.77 -25.68
C SER C 38 -49.10 51.97 -25.89
N ILE C 39 -48.32 51.49 -24.93
CA ILE C 39 -46.87 51.48 -25.03
C ILE C 39 -46.39 50.09 -24.65
N ALA C 40 -45.25 49.70 -25.20
CA ALA C 40 -44.64 48.45 -24.81
C ALA C 40 -44.00 48.58 -23.43
N SER C 41 -44.01 47.48 -22.70
CA SER C 41 -43.37 47.39 -21.39
C SER C 41 -42.59 46.09 -21.32
N SER C 42 -41.68 46.00 -20.36
CA SER C 42 -40.85 44.81 -20.19
C SER C 42 -40.86 44.36 -18.73
N PRO C 43 -41.92 43.68 -18.29
CA PRO C 43 -41.92 43.19 -16.90
C PRO C 43 -40.98 42.01 -16.66
N ARG C 44 -40.99 41.02 -17.54
CA ARG C 44 -40.25 39.78 -17.32
C ARG C 44 -38.89 39.80 -18.04
N THR C 45 -38.07 40.80 -17.70
CA THR C 45 -36.75 40.94 -18.29
C THR C 45 -35.77 39.89 -17.79
N GLU C 46 -36.05 39.23 -16.67
CA GLU C 46 -35.23 38.14 -16.18
C GLU C 46 -35.34 36.88 -17.01
N ASP C 47 -36.32 36.81 -17.91
CA ASP C 47 -36.45 35.73 -18.87
C ASP C 47 -35.94 36.11 -20.26
N CYS C 48 -35.42 37.32 -20.44
CA CYS C 48 -34.97 37.77 -21.75
C CYS C 48 -33.66 37.10 -22.13
N VAL C 49 -33.62 36.49 -23.32
CA VAL C 49 -32.39 35.86 -23.78
C VAL C 49 -31.46 36.83 -24.48
N GLY C 50 -31.97 37.93 -25.03
CA GLY C 50 -31.15 38.86 -25.77
C GLY C 50 -31.15 38.66 -27.27
N CYS C 51 -32.15 37.95 -27.81
CA CYS C 51 -32.20 37.61 -29.23
C CYS C 51 -32.41 38.82 -30.13
N LYS C 52 -32.94 39.91 -29.58
CA LYS C 52 -33.21 41.18 -30.29
C LYS C 52 -34.19 41.00 -31.44
N ARG C 53 -35.10 40.03 -31.33
CA ARG C 53 -36.19 39.92 -32.31
C ARG C 53 -37.17 41.07 -32.18
N CYS C 54 -37.28 41.63 -30.98
CA CYS C 54 -38.14 42.79 -30.75
C CYS C 54 -37.63 44.02 -31.48
N GLU C 55 -36.31 44.25 -31.44
CA GLU C 55 -35.70 45.36 -32.15
C GLU C 55 -35.82 45.21 -33.65
N THR C 56 -35.84 43.97 -34.15
CA THR C 56 -36.01 43.75 -35.58
C THR C 56 -37.43 44.11 -36.02
N ALA C 57 -38.41 43.95 -35.15
CA ALA C 57 -39.80 44.23 -35.50
C ALA C 57 -40.20 45.68 -35.33
N CYS C 58 -39.41 46.47 -34.60
CA CYS C 58 -39.81 47.83 -34.26
C CYS C 58 -39.71 48.73 -35.49
N PRO C 59 -40.78 49.41 -35.88
CA PRO C 59 -40.78 50.19 -37.13
C PRO C 59 -40.44 51.66 -36.98
N THR C 60 -40.06 52.12 -35.79
CA THR C 60 -39.69 53.52 -35.61
C THR C 60 -38.20 53.71 -35.85
N ASP C 61 -37.82 54.93 -36.21
CA ASP C 61 -36.45 55.26 -36.58
C ASP C 61 -36.00 56.46 -35.74
N PHE C 62 -35.17 56.23 -34.72
CA PHE C 62 -34.55 54.95 -34.36
C PHE C 62 -35.50 54.12 -33.48
N LEU C 63 -35.02 52.99 -32.97
CA LEU C 63 -35.87 52.01 -32.30
C LEU C 63 -36.40 52.55 -30.99
N SER C 64 -37.67 52.27 -30.74
CA SER C 64 -38.28 52.62 -29.47
C SER C 64 -37.92 51.62 -28.38
N ILE C 65 -37.54 50.41 -28.77
CA ILE C 65 -37.14 49.38 -27.83
C ILE C 65 -35.65 49.07 -28.03
N ARG C 66 -34.89 49.04 -26.94
CA ARG C 66 -33.48 48.72 -27.00
C ARG C 66 -33.15 47.66 -25.95
N VAL C 67 -32.38 46.67 -26.37
CA VAL C 67 -31.93 45.60 -25.49
C VAL C 67 -30.47 45.82 -25.17
N TYR C 68 -30.14 45.81 -23.88
CA TYR C 68 -28.77 45.98 -23.40
C TYR C 68 -28.35 44.66 -22.74
N LEU C 69 -27.43 43.95 -23.38
CA LEU C 69 -26.97 42.66 -22.87
C LEU C 69 -26.17 42.84 -21.59
N GLY C 70 -26.68 42.31 -20.49
CA GLY C 70 -26.05 42.48 -19.20
C GLY C 70 -25.44 41.21 -18.65
N ALA C 71 -25.60 40.98 -17.34
CA ALA C 71 -25.03 39.82 -16.69
C ALA C 71 -25.74 38.55 -17.11
N GLU C 72 -24.97 37.51 -17.39
CA GLU C 72 -25.51 36.28 -17.94
C GLU C 72 -25.95 35.34 -16.84
N THR C 73 -27.17 34.85 -16.95
CA THR C 73 -27.74 33.83 -16.08
C THR C 73 -27.95 32.56 -16.90
N THR C 74 -28.48 31.52 -16.24
CA THR C 74 -28.85 30.31 -16.95
C THR C 74 -29.99 30.56 -17.92
N ARG C 75 -30.92 31.46 -17.57
CA ARG C 75 -32.04 31.77 -18.45
C ARG C 75 -31.58 32.58 -19.66
N SER C 76 -30.76 33.60 -19.44
CA SER C 76 -30.35 34.47 -20.53
C SER C 76 -29.36 33.81 -21.48
N MET C 77 -28.64 32.79 -21.03
CA MET C 77 -27.77 32.05 -21.92
C MET C 77 -28.51 30.96 -22.69
N GLY C 78 -29.81 30.80 -22.45
CA GLY C 78 -30.62 29.86 -23.21
C GLY C 78 -30.26 28.42 -22.98
N LEU C 79 -29.81 28.07 -21.79
CA LEU C 79 -29.31 26.73 -21.50
C LEU C 79 -30.44 25.83 -21.02
N ALA C 80 -30.54 24.65 -21.61
CA ALA C 80 -31.44 23.61 -21.13
C ALA C 80 -30.75 22.67 -20.15
N TYR C 81 -29.58 23.04 -19.67
CA TYR C 81 -28.84 22.24 -18.70
C TYR C 81 -28.30 23.11 -17.58
N THR D 4 -50.42 18.88 -8.68
CA THR D 4 -51.04 20.19 -8.70
C THR D 4 -51.57 20.53 -10.09
N LEU D 5 -51.07 19.83 -11.11
CA LEU D 5 -51.50 20.03 -12.49
C LEU D 5 -51.91 18.69 -13.07
N THR D 6 -53.09 18.64 -13.67
CA THR D 6 -53.59 17.45 -14.32
C THR D 6 -53.50 17.60 -15.83
N GLY D 7 -53.78 16.51 -16.53
CA GLY D 7 -53.66 16.44 -17.97
C GLY D 7 -52.94 15.17 -18.32
N LYS D 8 -53.20 14.68 -19.53
CA LYS D 8 -52.57 13.46 -20.01
C LYS D 8 -51.22 13.78 -20.64
N THR D 9 -50.26 12.90 -20.40
CA THR D 9 -49.01 12.97 -21.13
C THR D 9 -49.24 12.55 -22.57
N PRO D 10 -48.65 13.25 -23.54
CA PRO D 10 -48.83 12.87 -24.94
C PRO D 10 -48.17 11.54 -25.26
N VAL D 11 -48.70 10.85 -26.25
CA VAL D 11 -48.17 9.54 -26.63
C VAL D 11 -46.86 9.78 -27.38
N PHE D 12 -45.76 9.35 -26.76
CA PHE D 12 -44.42 9.67 -27.22
C PHE D 12 -43.49 8.59 -26.71
N GLY D 13 -42.62 8.10 -27.59
CA GLY D 13 -41.67 7.08 -27.18
C GLY D 13 -40.48 7.57 -26.40
N GLY D 14 -40.39 8.88 -26.14
CA GLY D 14 -39.23 9.45 -25.52
C GLY D 14 -38.17 9.81 -26.54
N SER D 15 -37.23 10.64 -26.11
CA SER D 15 -36.16 11.09 -26.98
C SER D 15 -34.94 11.45 -26.14
N THR D 16 -33.89 11.89 -26.82
CA THR D 16 -32.67 12.35 -26.16
C THR D 16 -32.65 13.85 -25.97
N GLY D 17 -33.64 14.57 -26.49
CA GLY D 17 -33.69 16.01 -26.40
C GLY D 17 -34.44 16.57 -25.22
N GLY D 18 -34.92 15.73 -24.31
CA GLY D 18 -35.78 16.15 -23.22
C GLY D 18 -35.04 16.71 -22.03
N LEU D 19 -35.60 16.44 -20.84
CA LEU D 19 -35.09 17.02 -19.60
C LEU D 19 -33.72 16.47 -19.23
N LEU D 20 -32.92 17.32 -18.62
CA LEU D 20 -31.60 17.00 -18.11
C LEU D 20 -31.60 17.20 -16.59
N THR D 21 -30.40 17.21 -16.01
CA THR D 21 -30.23 17.34 -14.56
C THR D 21 -30.76 18.67 -14.03
N ARG D 22 -30.77 19.72 -14.87
CA ARG D 22 -31.30 21.03 -14.49
C ARG D 22 -32.77 20.96 -14.11
N ALA D 23 -33.54 20.09 -14.78
CA ALA D 23 -34.96 19.93 -14.48
C ALA D 23 -35.19 19.35 -13.08
N ALA D 24 -34.24 18.58 -12.58
CA ALA D 24 -34.37 17.99 -11.25
C ALA D 24 -33.84 18.89 -10.14
N VAL D 25 -32.84 19.72 -10.40
CA VAL D 25 -32.17 20.45 -9.33
C VAL D 25 -32.36 21.96 -9.41
N GLU D 26 -32.72 22.52 -10.56
CA GLU D 26 -32.81 23.98 -10.65
C GLU D 26 -34.22 24.49 -10.92
N GLU D 27 -34.84 24.10 -12.03
CA GLU D 27 -36.10 24.66 -12.51
C GLU D 27 -36.64 23.74 -13.59
N LYS D 28 -37.97 23.76 -13.74
CA LYS D 28 -38.66 22.94 -14.72
C LYS D 28 -39.78 23.77 -15.32
N TYR D 29 -40.38 23.27 -16.39
CA TYR D 29 -41.47 23.96 -17.07
C TYR D 29 -42.48 22.95 -17.55
N ALA D 30 -43.76 23.28 -17.42
CA ALA D 30 -44.83 22.45 -17.95
C ALA D 30 -45.81 23.32 -18.73
N ILE D 31 -46.35 22.76 -19.80
CA ILE D 31 -47.38 23.42 -20.59
C ILE D 31 -48.60 22.51 -20.64
N THR D 32 -49.75 23.04 -20.22
CA THR D 32 -51.02 22.33 -20.30
C THR D 32 -51.89 22.97 -21.37
N TRP D 33 -52.59 22.14 -22.14
CA TRP D 33 -53.54 22.66 -23.10
C TRP D 33 -54.65 21.63 -23.30
N THR D 34 -55.80 22.11 -23.77
CA THR D 34 -56.97 21.27 -24.02
C THR D 34 -57.24 21.23 -25.51
N SER D 35 -57.47 20.04 -26.04
CA SER D 35 -57.61 19.84 -27.47
C SER D 35 -58.92 19.12 -27.77
N THR D 36 -59.49 19.40 -28.94
CA THR D 36 -60.73 18.76 -29.36
C THR D 36 -60.50 17.54 -30.24
N LYS D 37 -59.26 17.22 -30.59
CA LYS D 37 -58.96 16.13 -31.50
C LYS D 37 -57.72 15.40 -31.01
N GLN D 38 -57.65 14.11 -31.32
CA GLN D 38 -56.42 13.33 -31.15
C GLN D 38 -55.61 13.51 -32.44
N GLN D 39 -54.64 14.42 -32.40
CA GLN D 39 -53.87 14.78 -33.58
C GLN D 39 -52.39 14.63 -33.31
N VAL D 40 -51.58 15.02 -34.30
CA VAL D 40 -50.13 14.87 -34.25
C VAL D 40 -49.52 16.26 -34.20
N PHE D 41 -48.61 16.47 -33.25
CA PHE D 41 -47.84 17.71 -33.17
C PHE D 41 -46.36 17.39 -33.10
N GLU D 42 -45.55 18.40 -33.43
CA GLU D 42 -44.11 18.26 -33.33
C GLU D 42 -43.64 18.69 -31.95
N MET D 43 -42.79 17.87 -31.34
CA MET D 43 -42.18 18.23 -30.07
C MET D 43 -41.19 19.38 -30.28
N PRO D 44 -41.04 20.27 -29.29
CA PRO D 44 -40.01 21.30 -29.39
C PRO D 44 -38.61 20.75 -29.24
N THR D 45 -38.46 19.57 -28.65
CA THR D 45 -37.20 18.87 -28.54
C THR D 45 -36.97 17.88 -29.66
N GLY D 46 -37.78 17.91 -30.70
CA GLY D 46 -37.62 17.02 -31.83
C GLY D 46 -38.49 15.78 -31.74
N GLY D 47 -39.17 15.44 -32.82
CA GLY D 47 -39.98 14.25 -32.86
C GLY D 47 -41.46 14.58 -32.89
N ALA D 48 -42.25 13.59 -33.32
CA ALA D 48 -43.69 13.72 -33.39
C ALA D 48 -44.33 13.03 -32.19
N ALA D 49 -45.33 13.68 -31.62
CA ALA D 49 -46.08 13.11 -30.51
C ALA D 49 -47.57 13.23 -30.81
N ILE D 50 -48.37 12.51 -30.03
CA ILE D 50 -49.82 12.45 -30.20
C ILE D 50 -50.45 13.20 -29.03
N MET D 51 -51.12 14.30 -29.32
CA MET D 51 -51.90 14.95 -28.27
C MET D 51 -53.27 14.30 -28.16
N HIS D 52 -53.85 14.37 -26.98
CA HIS D 52 -55.12 13.74 -26.66
C HIS D 52 -56.26 14.74 -26.69
N GLU D 53 -57.48 14.22 -26.77
CA GLU D 53 -58.66 15.03 -26.49
C GLU D 53 -58.77 15.25 -25.00
N GLY D 54 -59.14 16.46 -24.62
CA GLY D 54 -59.13 16.83 -23.23
C GLY D 54 -57.82 17.49 -22.85
N GLU D 55 -57.52 17.43 -21.55
CA GLU D 55 -56.36 18.12 -21.01
C GLU D 55 -55.07 17.38 -21.35
N ASN D 56 -54.07 18.12 -21.80
CA ASN D 56 -52.73 17.60 -22.06
C ASN D 56 -51.74 18.20 -21.07
N LEU D 57 -50.62 17.52 -20.87
CA LEU D 57 -49.60 18.00 -19.96
C LEU D 57 -48.24 17.52 -20.44
N LEU D 58 -47.31 18.47 -20.60
CA LEU D 58 -45.99 18.17 -21.14
C LEU D 58 -44.94 18.94 -20.35
N TYR D 59 -43.95 18.22 -19.84
CA TYR D 59 -42.85 18.84 -19.10
C TYR D 59 -41.69 19.13 -20.04
N LEU D 60 -41.20 20.37 -20.01
CA LEU D 60 -40.12 20.82 -20.86
C LEU D 60 -39.06 21.55 -20.05
N ALA D 61 -37.86 21.66 -20.62
CA ALA D 61 -36.72 22.16 -19.86
C ALA D 61 -36.69 23.68 -19.79
N ARG D 62 -37.02 24.37 -20.87
CA ARG D 62 -36.93 25.82 -20.93
C ARG D 62 -38.30 26.42 -21.17
N LYS D 63 -38.42 27.70 -20.80
CA LYS D 63 -39.63 28.46 -21.10
C LYS D 63 -39.78 28.69 -22.60
N GLU D 64 -38.66 28.84 -23.31
CA GLU D 64 -38.70 29.06 -24.75
C GLU D 64 -39.22 27.83 -25.49
N GLN D 65 -38.98 26.64 -24.96
CA GLN D 65 -39.51 25.44 -25.59
C GLN D 65 -41.02 25.35 -25.41
N CYS D 66 -41.52 25.78 -24.24
CA CYS D 66 -42.96 25.79 -24.00
C CYS D 66 -43.66 26.83 -24.86
N LEU D 67 -43.06 28.01 -25.00
CA LEU D 67 -43.68 29.05 -25.82
C LEU D 67 -43.57 28.75 -27.31
N ALA D 68 -42.57 27.97 -27.71
CA ALA D 68 -42.50 27.57 -29.11
C ALA D 68 -43.54 26.52 -29.43
N LEU D 69 -43.87 25.66 -28.46
CA LEU D 69 -44.96 24.71 -28.65
C LEU D 69 -46.31 25.42 -28.68
N GLY D 70 -46.49 26.42 -27.82
CA GLY D 70 -47.71 27.20 -27.82
C GLY D 70 -47.91 28.01 -29.09
N THR D 71 -46.82 28.44 -29.71
CA THR D 71 -46.91 29.07 -31.03
C THR D 71 -47.31 28.05 -32.08
N GLN D 72 -46.86 26.80 -31.94
CA GLN D 72 -47.28 25.74 -32.84
C GLN D 72 -48.74 25.35 -32.59
N LEU D 73 -49.18 25.40 -31.33
CA LEU D 73 -50.59 25.12 -31.03
C LEU D 73 -51.51 26.19 -31.58
N ARG D 74 -51.01 27.42 -31.73
CA ARG D 74 -51.82 28.48 -32.30
C ARG D 74 -51.90 28.37 -33.82
N SER D 75 -50.76 28.34 -34.49
CA SER D 75 -50.71 28.63 -35.91
C SER D 75 -50.77 27.41 -36.81
N LYS D 76 -50.68 26.19 -36.27
CA LYS D 76 -50.56 25.01 -37.10
C LYS D 76 -51.74 24.07 -36.99
N PHE D 77 -52.82 24.45 -36.32
CA PHE D 77 -53.93 23.55 -36.12
C PHE D 77 -55.25 24.23 -36.46
N LYS D 78 -56.19 23.42 -36.97
CA LYS D 78 -57.55 23.87 -37.28
C LYS D 78 -58.55 23.10 -36.42
N PRO D 79 -59.16 23.73 -35.40
CA PRO D 79 -59.05 25.14 -35.01
C PRO D 79 -57.82 25.45 -34.17
N LYS D 80 -57.63 26.74 -33.90
CA LYS D 80 -56.48 27.18 -33.14
C LYS D 80 -56.64 26.82 -31.67
N ILE D 81 -55.50 26.66 -30.98
CA ILE D 81 -55.47 26.29 -29.57
C ILE D 81 -54.80 27.44 -28.82
N GLU D 82 -55.61 28.33 -28.22
CA GLU D 82 -55.10 29.48 -27.49
C GLU D 82 -54.95 29.24 -26.00
N ASP D 83 -55.59 28.22 -25.45
CA ASP D 83 -55.80 28.11 -24.01
C ASP D 83 -54.61 27.48 -23.27
N TYR D 84 -53.42 27.50 -23.85
CA TYR D 84 -52.29 26.86 -23.20
C TYR D 84 -51.78 27.70 -22.04
N LYS D 85 -51.37 27.01 -20.98
CA LYS D 85 -50.87 27.65 -19.77
C LYS D 85 -49.50 27.07 -19.45
N ILE D 86 -48.55 27.94 -19.10
CA ILE D 86 -47.17 27.54 -18.86
C ILE D 86 -46.83 27.81 -17.40
N TYR D 87 -46.24 26.80 -16.76
CA TYR D 87 -45.95 26.84 -15.32
C TYR D 87 -44.46 26.59 -15.11
N ARG D 88 -43.87 27.33 -14.18
CA ARG D 88 -42.48 27.13 -13.78
C ARG D 88 -42.46 26.31 -12.50
N ILE D 89 -41.87 25.11 -12.55
CA ILE D 89 -41.85 24.19 -11.42
C ILE D 89 -40.46 24.19 -10.82
N TYR D 90 -40.38 24.50 -9.55
CA TYR D 90 -39.19 24.50 -8.73
C TYR D 90 -38.99 23.13 -8.08
N PRO D 91 -37.76 22.78 -7.65
CA PRO D 91 -37.54 21.41 -7.11
C PRO D 91 -38.26 21.11 -5.81
N ASN D 92 -38.60 22.13 -5.01
CA ASN D 92 -39.38 21.87 -3.80
C ASN D 92 -40.81 21.50 -4.10
N GLY D 93 -41.30 21.77 -5.30
CA GLY D 93 -42.66 21.49 -5.68
C GLY D 93 -43.49 22.72 -5.95
N GLU D 94 -42.94 23.91 -5.70
CA GLU D 94 -43.68 25.14 -5.92
C GLU D 94 -43.84 25.38 -7.43
N THR D 95 -45.07 25.55 -7.86
CA THR D 95 -45.43 25.60 -9.28
C THR D 95 -46.00 26.99 -9.53
N GLN D 96 -45.24 27.82 -10.25
CA GLN D 96 -45.62 29.20 -10.49
C GLN D 96 -46.17 29.35 -11.90
N TYR D 97 -47.41 29.81 -12.01
CA TYR D 97 -48.04 30.04 -13.30
C TYR D 97 -47.46 31.31 -13.92
N VAL D 98 -46.77 31.15 -15.06
CA VAL D 98 -46.03 32.25 -15.64
C VAL D 98 -46.60 32.73 -16.97
N HIS D 99 -47.39 31.92 -17.68
CA HIS D 99 -47.93 32.35 -18.94
C HIS D 99 -49.31 31.76 -19.16
N PRO D 100 -50.30 32.55 -19.60
CA PRO D 100 -50.26 34.00 -19.82
C PRO D 100 -50.32 34.81 -18.52
N ALA D 101 -49.36 35.69 -18.33
CA ALA D 101 -49.28 36.49 -17.11
C ALA D 101 -50.25 37.67 -17.15
N VAL E 2 -47.63 72.05 -38.17
CA VAL E 2 -47.58 73.00 -39.26
C VAL E 2 -48.57 72.64 -40.37
N GLN E 3 -48.30 73.11 -41.57
CA GLN E 3 -49.11 72.82 -42.75
C GLN E 3 -48.68 71.50 -43.38
N ARG E 4 -49.69 70.67 -43.71
CA ARG E 4 -49.44 69.40 -44.38
C ARG E 4 -48.90 69.62 -45.78
N GLY E 5 -47.77 69.01 -46.08
CA GLY E 5 -47.18 69.06 -47.39
C GLY E 5 -45.92 69.90 -47.50
N SER E 6 -45.49 70.52 -46.41
CA SER E 6 -44.26 71.29 -46.41
C SER E 6 -43.07 70.35 -46.41
N LYS E 7 -42.00 70.78 -47.08
CA LYS E 7 -40.74 70.06 -46.99
C LYS E 7 -40.12 70.32 -45.63
N VAL E 8 -39.44 69.31 -45.08
CA VAL E 8 -39.08 69.29 -43.67
C VAL E 8 -37.64 68.79 -43.52
N ARG E 9 -36.81 69.57 -42.81
CA ARG E 9 -35.47 69.18 -42.41
C ARG E 9 -35.49 68.70 -40.95
N ILE E 10 -34.75 67.62 -40.69
CA ILE E 10 -34.76 66.93 -39.39
C ILE E 10 -33.45 67.24 -38.67
N LEU E 11 -33.54 67.62 -37.40
CA LEU E 11 -32.36 68.01 -36.63
C LEU E 11 -32.18 67.20 -35.35
N ARG E 12 -32.28 65.87 -35.44
CA ARG E 12 -31.95 65.05 -34.28
C ARG E 12 -30.98 63.94 -34.69
N PRO E 13 -29.98 63.65 -33.84
CA PRO E 13 -28.85 62.82 -34.30
C PRO E 13 -29.17 61.36 -34.52
N GLU E 14 -30.06 60.79 -33.72
CA GLU E 14 -30.36 59.35 -33.80
C GLU E 14 -31.17 58.98 -35.03
N SER E 15 -31.68 59.95 -35.78
CA SER E 15 -32.47 59.65 -36.97
C SER E 15 -31.57 59.25 -38.13
N TYR E 16 -32.11 58.38 -38.99
CA TYR E 16 -31.44 58.08 -40.25
C TYR E 16 -31.44 59.29 -41.17
N TRP E 17 -32.56 60.01 -41.19
CA TRP E 17 -32.78 61.11 -42.12
C TRP E 17 -32.36 62.45 -41.50
N TYR E 18 -31.12 62.50 -41.00
CA TYR E 18 -30.60 63.71 -40.40
C TYR E 18 -30.24 64.70 -41.48
N ARG E 19 -30.85 65.89 -41.43
CA ARG E 19 -30.72 66.97 -42.44
C ARG E 19 -31.16 66.42 -43.82
N ASP E 20 -32.18 65.57 -43.79
CA ASP E 20 -32.82 65.14 -45.01
C ASP E 20 -34.10 65.95 -45.20
N ILE E 21 -34.50 66.08 -46.46
CA ILE E 21 -35.72 66.78 -46.84
C ILE E 21 -36.81 65.74 -47.05
N GLY E 22 -37.95 65.91 -46.38
CA GLY E 22 -39.01 64.91 -46.43
C GLY E 22 -40.37 65.56 -46.64
N THR E 23 -41.34 64.70 -46.97
CA THR E 23 -42.70 65.12 -47.28
C THR E 23 -43.64 64.70 -46.15
N VAL E 24 -44.41 65.65 -45.64
CA VAL E 24 -45.36 65.38 -44.57
C VAL E 24 -46.59 64.70 -45.17
N ALA E 25 -47.06 63.64 -44.51
CA ALA E 25 -48.30 62.96 -44.90
C ALA E 25 -49.51 63.49 -44.14
N THR E 26 -49.42 63.57 -42.81
CA THR E 26 -50.52 64.07 -41.99
C THR E 26 -49.97 64.63 -40.68
N VAL E 27 -50.75 65.54 -40.07
CA VAL E 27 -50.46 66.12 -38.77
C VAL E 27 -51.75 66.06 -37.95
N ASP E 28 -51.64 65.69 -36.68
CA ASP E 28 -52.79 65.67 -35.78
C ASP E 28 -52.53 66.56 -34.57
N GLN E 29 -53.59 67.19 -34.08
CA GLN E 29 -53.56 68.17 -33.00
C GLN E 29 -53.90 67.55 -31.64
N SER E 30 -53.60 66.26 -31.47
CA SER E 30 -54.12 65.52 -30.31
C SER E 30 -53.40 65.88 -29.02
N GLY E 31 -52.08 66.01 -29.06
CA GLY E 31 -51.32 66.29 -27.86
C GLY E 31 -50.25 65.25 -27.59
N ILE E 32 -50.02 64.39 -28.57
CA ILE E 32 -49.06 63.29 -28.46
C ILE E 32 -47.64 63.85 -28.59
N ARG E 33 -46.64 63.02 -28.28
CA ARG E 33 -45.27 63.50 -28.22
C ARG E 33 -44.70 63.78 -29.60
N TYR E 34 -45.08 62.98 -30.60
CA TYR E 34 -44.55 63.09 -31.96
C TYR E 34 -45.71 63.02 -32.93
N PRO E 35 -46.27 64.17 -33.31
CA PRO E 35 -47.50 64.17 -34.12
C PRO E 35 -47.29 64.18 -35.63
N ALA E 36 -46.09 64.50 -36.09
CA ALA E 36 -45.87 64.79 -37.51
C ALA E 36 -45.37 63.55 -38.23
N ILE E 37 -46.25 62.91 -38.99
CA ILE E 37 -45.83 61.85 -39.90
C ILE E 37 -45.09 62.49 -41.07
N VAL E 38 -43.83 62.09 -41.27
CA VAL E 38 -43.01 62.58 -42.37
C VAL E 38 -42.64 61.38 -43.23
N ARG E 39 -42.93 61.46 -44.53
CA ARG E 39 -42.47 60.44 -45.44
C ARG E 39 -41.15 60.86 -46.06
N PHE E 40 -40.45 59.88 -46.64
CA PHE E 40 -39.11 60.11 -47.16
C PHE E 40 -38.95 59.43 -48.51
N ASP E 41 -37.97 59.92 -49.27
CA ASP E 41 -37.68 59.42 -50.60
C ASP E 41 -36.85 58.15 -50.59
N LYS E 42 -36.10 57.90 -49.52
CA LYS E 42 -35.16 56.79 -49.46
C LYS E 42 -35.36 56.03 -48.15
N VAL E 43 -35.21 54.71 -48.23
CA VAL E 43 -35.45 53.86 -47.06
C VAL E 43 -34.31 54.02 -46.07
N ASN E 44 -34.60 53.66 -44.82
CA ASN E 44 -33.58 53.56 -43.78
C ASN E 44 -32.96 52.17 -43.85
N TYR E 45 -32.22 51.77 -42.80
CA TYR E 45 -31.50 50.50 -42.83
C TYR E 45 -32.38 49.27 -42.74
N TYR E 46 -33.69 49.43 -42.55
CA TYR E 46 -34.58 48.28 -42.59
C TYR E 46 -35.93 48.62 -43.22
N GLY E 47 -35.97 49.63 -44.09
CA GLY E 47 -37.11 49.87 -44.95
C GLY E 47 -38.36 50.41 -44.29
N ILE E 48 -38.33 51.67 -43.87
CA ILE E 48 -39.47 52.31 -43.22
C ILE E 48 -40.04 53.45 -44.06
N SER E 49 -39.23 54.50 -44.27
CA SER E 49 -39.59 55.72 -45.03
C SER E 49 -40.79 56.45 -44.44
N SER E 50 -41.04 56.31 -43.13
CA SER E 50 -42.09 57.05 -42.45
C SER E 50 -41.83 57.06 -40.96
N ASN E 51 -41.51 58.24 -40.42
CA ASN E 51 -41.21 58.33 -39.00
C ASN E 51 -41.93 59.54 -38.42
N ASN E 52 -42.41 59.40 -37.18
CA ASN E 52 -43.07 60.49 -36.49
C ASN E 52 -42.06 61.36 -35.76
N PHE E 53 -42.24 62.67 -35.87
CA PHE E 53 -41.32 63.64 -35.31
C PHE E 53 -42.08 64.71 -34.55
N ALA E 54 -41.42 65.27 -33.53
CA ALA E 54 -41.93 66.45 -32.85
C ALA E 54 -41.47 67.69 -33.60
N LEU E 55 -42.34 68.71 -33.62
CA LEU E 55 -41.99 69.96 -34.31
C LEU E 55 -40.94 70.79 -33.59
N SER E 56 -40.61 70.44 -32.35
CA SER E 56 -39.49 71.04 -31.62
C SER E 56 -38.13 70.53 -32.10
N GLU E 57 -38.12 69.66 -33.10
CA GLU E 57 -36.93 69.06 -33.66
C GLU E 57 -36.66 69.49 -35.08
N LEU E 58 -37.54 70.32 -35.65
CA LEU E 58 -37.74 70.40 -37.09
C LEU E 58 -37.45 71.78 -37.66
N GLU E 59 -36.97 71.78 -38.91
CA GLU E 59 -36.68 72.97 -39.68
C GLU E 59 -37.36 72.84 -41.03
N GLU E 60 -37.88 73.94 -41.57
CA GLU E 60 -38.36 73.95 -42.95
C GLU E 60 -37.83 75.17 -43.69
N VAL E 61 -37.50 74.96 -44.96
CA VAL E 61 -37.19 76.03 -45.89
C VAL E 61 -38.27 76.22 -46.95
N GLU E 62 -39.22 75.30 -47.05
CA GLU E 62 -40.23 75.32 -48.09
C GLU E 62 -41.62 75.48 -47.47
N MET F 1 21.80 14.69 -22.24
CA MET F 1 21.82 15.98 -21.56
C MET F 1 22.91 16.01 -20.50
N ASP F 2 23.85 16.94 -20.66
CA ASP F 2 24.94 17.11 -19.72
C ASP F 2 25.46 18.53 -19.89
N GLY F 3 26.22 19.00 -18.91
CA GLY F 3 26.81 20.32 -18.99
C GLY F 3 28.18 20.33 -18.34
N THR F 4 29.05 21.19 -18.87
CA THR F 4 30.34 21.44 -18.24
C THR F 4 30.36 22.77 -17.49
N TYR F 5 29.27 23.54 -17.54
CA TYR F 5 29.14 24.73 -16.72
C TYR F 5 29.00 24.34 -15.25
N ALA F 6 29.12 25.34 -14.39
CA ALA F 6 29.11 25.10 -12.95
C ALA F 6 27.72 24.68 -12.49
N ALA F 7 27.69 23.63 -11.65
CA ALA F 7 26.48 23.01 -11.11
C ALA F 7 25.53 22.60 -12.22
N SER F 8 26.02 21.71 -13.08
CA SER F 8 25.21 21.23 -14.21
C SER F 8 24.15 20.23 -13.78
N TRP F 9 24.13 19.82 -12.52
CA TRP F 9 23.04 19.04 -11.96
C TRP F 9 21.80 19.86 -11.69
N LEU F 10 21.88 21.19 -11.77
CA LEU F 10 20.73 22.04 -11.53
C LEU F 10 19.65 21.97 -12.61
N PRO F 11 19.95 21.94 -13.93
CA PRO F 11 18.84 21.72 -14.89
C PRO F 11 18.21 20.34 -14.81
N TRP F 12 18.98 19.34 -14.33
CA TRP F 12 18.45 18.01 -14.06
C TRP F 12 17.26 18.05 -13.11
N LEU F 13 17.31 18.92 -12.10
CA LEU F 13 16.23 19.04 -11.14
C LEU F 13 15.23 20.13 -11.53
N LEU F 14 15.71 21.26 -12.03
CA LEU F 14 14.86 22.45 -12.13
C LEU F 14 13.90 22.38 -13.31
N ILE F 15 14.31 21.78 -14.44
CA ILE F 15 13.38 21.61 -15.56
C ILE F 15 12.20 20.70 -15.23
N PRO F 16 12.35 19.58 -14.50
CA PRO F 16 11.14 18.92 -13.97
C PRO F 16 10.40 19.76 -12.93
N VAL F 17 11.07 20.59 -12.15
CA VAL F 17 10.36 21.38 -11.14
C VAL F 17 9.59 22.51 -11.80
N VAL F 18 10.19 23.19 -12.77
CA VAL F 18 9.56 24.35 -13.42
C VAL F 18 8.44 23.92 -14.38
N THR F 19 8.55 22.76 -15.02
CA THR F 19 7.62 22.40 -16.05
C THR F 19 6.65 21.28 -15.69
N TRP F 20 6.89 20.53 -14.63
CA TRP F 20 5.93 19.55 -14.16
C TRP F 20 5.32 19.95 -12.83
N LEU F 21 6.15 20.17 -11.82
CA LEU F 21 5.67 20.35 -10.46
C LEU F 21 5.02 21.70 -10.27
N MET F 22 5.71 22.78 -10.65
CA MET F 22 5.15 24.12 -10.59
C MET F 22 3.85 24.31 -11.39
N PRO F 23 3.71 23.85 -12.64
CA PRO F 23 2.40 24.03 -13.29
C PRO F 23 1.31 23.18 -12.67
N ALA F 24 1.61 21.97 -12.21
CA ALA F 24 0.61 21.18 -11.51
C ALA F 24 0.20 21.80 -10.18
N VAL F 25 1.13 22.47 -9.51
CA VAL F 25 0.79 23.15 -8.26
C VAL F 25 0.01 24.43 -8.54
N VAL F 26 0.43 25.18 -9.56
CA VAL F 26 -0.23 26.46 -9.87
C VAL F 26 -1.61 26.22 -10.47
N MET F 27 -1.73 25.25 -11.38
CA MET F 27 -3.05 24.89 -11.90
C MET F 27 -3.93 24.28 -10.82
N GLY F 28 -3.32 23.56 -9.87
CA GLY F 28 -4.08 23.07 -8.73
C GLY F 28 -4.58 24.20 -7.85
N LEU F 29 -3.71 25.17 -7.55
CA LEU F 29 -4.11 26.29 -6.71
C LEU F 29 -5.06 27.24 -7.43
N LEU F 30 -4.89 27.40 -8.75
CA LEU F 30 -5.81 28.25 -9.48
C LEU F 30 -7.17 27.57 -9.66
N PHE F 31 -7.19 26.24 -9.70
CA PHE F 31 -8.45 25.51 -9.72
C PHE F 31 -9.23 25.73 -8.43
N PHE F 32 -8.54 25.75 -7.29
CA PHE F 32 -9.20 26.05 -6.03
C PHE F 32 -9.70 27.49 -5.99
N TYR F 33 -8.98 28.41 -6.62
CA TYR F 33 -9.36 29.81 -6.56
C TYR F 33 -10.53 30.13 -7.46
N ILE F 34 -10.62 29.52 -8.65
CA ILE F 34 -11.69 29.84 -9.57
C ILE F 34 -12.93 28.96 -9.40
N GLU F 35 -12.85 27.92 -8.59
CA GLU F 35 -14.01 27.05 -8.37
C GLU F 35 -14.53 27.07 -6.95
N SER F 36 -13.95 27.86 -6.06
CA SER F 36 -14.46 27.92 -4.70
C SER F 36 -15.76 28.72 -4.67
N ASP F 37 -16.75 28.19 -3.97
CA ASP F 37 -18.05 28.82 -3.88
C ASP F 37 -17.99 30.07 -3.02
N ALA F 38 -18.99 30.94 -3.22
CA ALA F 38 -19.26 32.14 -2.43
C ALA F 38 -18.12 33.14 -2.36
N GLY G 16 -40.02 11.18 -21.82
CA GLY G 16 -38.73 11.25 -21.14
C GLY G 16 -37.62 10.63 -21.94
N HIS G 17 -36.95 9.64 -21.35
CA HIS G 17 -35.84 8.96 -22.00
C HIS G 17 -36.37 7.94 -23.02
N LEU G 18 -35.43 7.30 -23.71
CA LEU G 18 -35.77 6.32 -24.73
C LEU G 18 -35.87 4.93 -24.12
N SER G 19 -36.84 4.17 -24.62
CA SER G 19 -36.98 2.75 -24.29
C SER G 19 -36.27 1.96 -25.38
N THR G 20 -35.06 1.50 -25.07
CA THR G 20 -34.24 0.82 -26.05
C THR G 20 -33.92 -0.59 -25.56
N PRO G 21 -33.55 -1.51 -26.45
CA PRO G 21 -33.09 -2.83 -25.98
C PRO G 21 -31.73 -2.82 -25.28
N ILE G 22 -31.04 -1.68 -25.20
CA ILE G 22 -29.92 -1.57 -24.28
C ILE G 22 -30.38 -1.09 -22.91
N SER G 23 -31.31 -0.12 -22.88
CA SER G 23 -31.81 0.41 -21.61
C SER G 23 -32.73 -0.59 -20.91
N ASP G 24 -33.45 -1.42 -21.66
CA ASP G 24 -34.28 -2.47 -21.09
C ASP G 24 -33.53 -3.81 -21.01
N SER G 25 -32.21 -3.76 -20.91
CA SER G 25 -31.40 -4.96 -20.80
C SER G 25 -31.06 -5.17 -19.32
N ALA G 26 -31.41 -6.33 -18.80
CA ALA G 26 -31.20 -6.60 -17.38
C ALA G 26 -29.76 -6.99 -17.08
N PHE G 27 -29.03 -7.54 -18.05
CA PHE G 27 -27.63 -7.85 -17.82
C PHE G 27 -26.78 -6.59 -17.78
N VAL G 28 -27.10 -5.61 -18.61
CA VAL G 28 -26.38 -4.34 -18.63
C VAL G 28 -26.58 -3.60 -17.32
N ARG G 29 -27.81 -3.57 -16.81
CA ARG G 29 -28.08 -2.88 -15.55
C ARG G 29 -27.50 -3.62 -14.36
N SER G 30 -27.40 -4.95 -14.43
CA SER G 30 -26.80 -5.68 -13.32
C SER G 30 -25.28 -5.64 -13.36
N PHE G 31 -24.69 -5.50 -14.55
CA PHE G 31 -23.24 -5.37 -14.63
C PHE G 31 -22.79 -3.97 -14.21
N ILE G 32 -23.44 -2.94 -14.76
CA ILE G 32 -23.06 -1.57 -14.44
C ILE G 32 -23.38 -1.23 -13.00
N GLY G 33 -24.55 -1.67 -12.52
CA GLY G 33 -24.97 -1.44 -11.16
C GLY G 33 -24.16 -2.17 -10.11
N ASN G 34 -23.35 -3.15 -10.50
CA ASN G 34 -22.50 -3.87 -9.56
C ASN G 34 -21.02 -3.63 -9.83
N LEU G 35 -20.68 -2.72 -10.73
CA LEU G 35 -19.34 -2.16 -10.78
C LEU G 35 -19.08 -1.42 -9.46
N PRO G 36 -17.83 -1.33 -9.00
CA PRO G 36 -17.57 -0.80 -7.66
C PRO G 36 -17.94 0.67 -7.46
N ALA G 37 -18.19 1.43 -8.52
CA ALA G 37 -18.75 2.76 -8.35
C ALA G 37 -20.19 2.73 -7.86
N TYR G 38 -20.93 1.68 -8.19
CA TYR G 38 -22.35 1.63 -7.92
C TYR G 38 -22.80 0.52 -6.99
N ARG G 39 -21.95 -0.48 -6.75
CA ARG G 39 -22.33 -1.70 -6.02
C ARG G 39 -22.75 -1.38 -4.59
N LYS G 40 -23.97 -1.76 -4.25
CA LYS G 40 -24.59 -1.37 -2.99
C LYS G 40 -23.89 -1.99 -1.80
N GLY G 41 -23.78 -1.21 -0.73
CA GLY G 41 -23.19 -1.67 0.50
C GLY G 41 -21.68 -1.56 0.59
N MET G 42 -21.02 -1.08 -0.45
CA MET G 42 -19.58 -0.89 -0.38
C MET G 42 -19.27 0.37 0.41
N ALA G 43 -18.18 0.33 1.12
CA ALA G 43 -17.62 1.53 1.70
C ALA G 43 -16.87 2.31 0.63
N PRO G 44 -16.81 3.64 0.74
CA PRO G 44 -16.10 4.44 -0.28
C PRO G 44 -14.62 4.15 -0.42
N ILE G 45 -13.94 3.79 0.68
CA ILE G 45 -12.54 3.38 0.60
C ILE G 45 -12.38 2.11 -0.23
N THR G 46 -13.38 1.23 -0.20
CA THR G 46 -13.32 -0.02 -0.94
C THR G 46 -13.70 0.18 -2.40
N ARG G 47 -14.61 1.11 -2.68
CA ARG G 47 -14.91 1.50 -4.07
C ARG G 47 -13.67 2.03 -4.75
N GLY G 48 -13.00 2.99 -4.11
CA GLY G 48 -11.79 3.56 -4.69
C GLY G 48 -10.67 2.56 -4.83
N LEU G 49 -10.56 1.63 -3.88
CA LEU G 49 -9.49 0.64 -3.91
C LEU G 49 -9.66 -0.31 -5.08
N GLU G 50 -10.88 -0.81 -5.32
CA GLU G 50 -11.11 -1.71 -6.44
C GLU G 50 -10.95 -0.99 -7.78
N ILE G 51 -11.42 0.25 -7.87
CA ILE G 51 -11.24 1.05 -9.08
C ILE G 51 -9.78 1.35 -9.31
N GLY G 52 -9.05 1.68 -8.25
CA GLY G 52 -7.63 2.01 -8.38
C GLY G 52 -6.79 0.83 -8.81
N LEU G 53 -7.04 -0.36 -8.23
CA LEU G 53 -6.27 -1.54 -8.57
C LEU G 53 -6.44 -1.94 -10.03
N ALA G 54 -7.64 -1.77 -10.56
CA ALA G 54 -7.87 -2.07 -11.96
C ALA G 54 -7.18 -1.06 -12.86
N HIS G 55 -7.15 0.20 -12.46
CA HIS G 55 -6.68 1.25 -13.35
C HIS G 55 -5.17 1.37 -13.36
N GLY G 56 -4.54 1.30 -12.19
CA GLY G 56 -3.09 1.35 -12.13
C GLY G 56 -2.43 0.15 -12.79
N TYR G 57 -3.10 -1.00 -12.76
CA TYR G 57 -2.56 -2.23 -13.34
C TYR G 57 -2.44 -2.13 -14.86
N PHE G 58 -3.48 -1.65 -15.54
CA PHE G 58 -3.36 -1.58 -17.00
C PHE G 58 -2.53 -0.39 -17.47
N LEU G 59 -2.38 0.65 -16.64
CA LEU G 59 -1.69 1.85 -17.07
C LEU G 59 -0.18 1.67 -17.21
N VAL G 60 0.37 0.59 -16.66
CA VAL G 60 1.79 0.30 -16.85
C VAL G 60 2.07 -0.11 -18.29
N GLY G 61 1.17 -0.89 -18.88
CA GLY G 61 1.33 -1.57 -20.15
C GLY G 61 1.78 -0.82 -21.40
N PRO G 62 1.15 0.31 -21.73
CA PRO G 62 1.53 1.04 -22.97
C PRO G 62 3.00 1.48 -23.06
N GLU G 63 3.57 2.06 -22.00
CA GLU G 63 4.96 2.48 -22.10
C GLU G 63 5.94 1.30 -22.06
N ILE G 64 5.50 0.12 -21.63
CA ILE G 64 6.33 -1.07 -21.70
C ILE G 64 6.58 -1.47 -23.14
N ILE G 65 5.54 -1.46 -23.96
CA ILE G 65 5.62 -2.05 -25.28
C ILE G 65 6.08 -1.04 -26.33
N VAL G 66 5.61 0.20 -26.27
CA VAL G 66 5.92 1.17 -27.32
C VAL G 66 6.58 2.44 -26.77
N GLY G 67 7.01 2.44 -25.52
CA GLY G 67 7.60 3.61 -24.91
C GLY G 67 9.07 3.77 -25.21
N ALA G 68 9.67 4.78 -24.59
CA ALA G 68 11.06 5.14 -24.86
C ALA G 68 12.05 4.15 -24.26
N LEU G 69 11.66 3.42 -23.23
CA LEU G 69 12.55 2.48 -22.56
C LEU G 69 12.31 1.05 -23.02
N ARG G 70 11.55 0.86 -24.09
CA ARG G 70 11.26 -0.47 -24.63
C ARG G 70 12.50 -1.15 -25.20
N ASP G 71 13.52 -0.38 -25.56
CA ASP G 71 14.77 -0.91 -26.08
C ASP G 71 15.95 -0.48 -25.21
N TYR G 72 15.67 -0.24 -23.94
CA TYR G 72 16.68 0.19 -22.97
C TYR G 72 16.95 -1.01 -22.06
N ALA G 73 18.10 -1.64 -22.26
CA ALA G 73 18.43 -2.87 -21.54
C ALA G 73 18.58 -2.75 -20.02
N PRO G 74 19.11 -1.66 -19.42
CA PRO G 74 19.16 -1.63 -17.94
C PRO G 74 17.81 -1.65 -17.23
N ALA G 75 16.77 -1.06 -17.80
CA ALA G 75 15.45 -1.03 -17.16
C ALA G 75 14.36 -0.90 -18.20
N PRO G 76 13.96 -2.01 -18.83
CA PRO G 76 12.91 -1.94 -19.85
C PRO G 76 11.51 -1.72 -19.28
N TYR G 77 11.33 -1.83 -17.98
CA TYR G 77 10.00 -1.73 -17.37
C TYR G 77 9.82 -0.52 -16.49
N LEU G 78 10.89 0.24 -16.21
CA LEU G 78 10.80 1.37 -15.31
C LEU G 78 9.98 2.51 -15.89
N GLY G 79 9.97 2.65 -17.22
CA GLY G 79 9.23 3.73 -17.84
C GLY G 79 7.72 3.57 -17.70
N GLY G 80 7.23 2.33 -17.77
CA GLY G 80 5.82 2.09 -17.60
C GLY G 80 5.35 2.27 -16.17
N LEU G 81 6.24 2.00 -15.20
CA LEU G 81 5.86 2.14 -13.81
C LEU G 81 5.73 3.61 -13.42
N VAL G 82 6.73 4.44 -13.74
CA VAL G 82 6.69 5.83 -13.33
C VAL G 82 5.68 6.62 -14.14
N THR G 83 5.32 6.15 -15.34
CA THR G 83 4.21 6.74 -16.07
C THR G 83 2.90 6.51 -15.36
N ALA G 84 2.64 5.26 -14.95
CA ALA G 84 1.41 4.93 -14.26
C ALA G 84 1.35 5.56 -12.89
N ILE G 85 2.49 5.73 -12.22
CA ILE G 85 2.53 6.38 -10.92
C ILE G 85 2.14 7.85 -11.05
N ALA G 86 2.73 8.54 -12.03
CA ALA G 86 2.44 9.96 -12.18
C ALA G 86 1.03 10.22 -12.70
N ILE G 87 0.47 9.30 -13.48
CA ILE G 87 -0.93 9.43 -13.90
C ILE G 87 -1.87 9.19 -12.72
N VAL G 88 -1.54 8.22 -11.87
CA VAL G 88 -2.33 7.99 -10.66
C VAL G 88 -2.19 9.16 -9.68
N LEU G 89 -1.01 9.79 -9.62
CA LEU G 89 -0.83 11.01 -8.82
C LEU G 89 -1.73 12.14 -9.28
N LEU G 90 -1.72 12.43 -10.58
CA LEU G 90 -2.55 13.51 -11.09
C LEU G 90 -4.03 13.12 -11.09
N GLY G 91 -4.31 11.83 -11.24
CA GLY G 91 -5.68 11.38 -11.11
C GLY G 91 -6.20 11.47 -9.68
N THR G 92 -5.35 11.16 -8.70
CA THR G 92 -5.74 11.29 -7.30
C THR G 92 -5.91 12.75 -6.90
N THR G 93 -4.98 13.60 -7.33
CA THR G 93 -5.04 15.02 -6.97
C THR G 93 -6.21 15.71 -7.65
N GLY G 94 -6.48 15.38 -8.91
CA GLY G 94 -7.65 15.93 -9.58
C GLY G 94 -8.95 15.45 -8.97
N MET G 95 -9.03 14.17 -8.61
CA MET G 95 -10.22 13.64 -7.94
C MET G 95 -10.38 14.23 -6.55
N GLY G 96 -9.26 14.43 -5.84
CA GLY G 96 -9.33 15.01 -4.52
C GLY G 96 -9.70 16.48 -4.54
N ALA G 97 -9.12 17.25 -5.47
CA ALA G 97 -9.47 18.65 -5.62
C ALA G 97 -10.90 18.83 -6.12
N HIS G 98 -11.41 17.85 -6.87
CA HIS G 98 -12.79 17.89 -7.33
C HIS G 98 -13.76 17.84 -6.16
N GLY G 99 -13.55 16.92 -5.22
CA GLY G 99 -14.43 16.81 -4.08
C GLY G 99 -14.35 17.98 -3.12
N LEU G 100 -13.18 18.63 -3.05
CA LEU G 100 -13.02 19.76 -2.15
C LEU G 100 -13.82 20.98 -2.62
N VAL G 101 -13.96 21.17 -3.93
CA VAL G 101 -14.72 22.30 -4.42
C VAL G 101 -16.19 21.99 -4.67
N SER G 102 -16.56 20.72 -4.83
CA SER G 102 -17.91 20.38 -5.27
C SER G 102 -18.83 19.95 -4.14
N LEU G 103 -18.32 19.32 -3.09
CA LEU G 103 -19.18 18.70 -2.09
C LEU G 103 -19.02 19.37 -0.74
N LYS G 104 -19.98 19.14 0.09
CA LYS G 104 -20.15 19.55 1.47
C LYS G 104 -19.91 18.38 2.40
N PRO G 105 -19.44 18.62 3.63
CA PRO G 105 -19.20 17.52 4.57
C PRO G 105 -20.49 16.90 5.08
N VAL G 106 -20.32 15.77 5.78
CA VAL G 106 -21.43 15.01 6.33
C VAL G 106 -22.21 15.78 7.38
N ALA G 107 -21.57 16.76 8.04
CA ALA G 107 -22.28 17.57 9.02
C ALA G 107 -23.25 18.54 8.35
N GLU G 108 -22.80 19.24 7.31
CA GLU G 108 -23.60 20.23 6.59
C GLU G 108 -24.49 19.61 5.51
N SER G 109 -24.80 18.32 5.58
CA SER G 109 -25.77 17.70 4.69
C SER G 109 -26.91 17.11 5.50
N SER G 110 -27.97 16.73 4.81
CA SER G 110 -29.12 16.09 5.42
C SER G 110 -28.77 14.63 5.75
N PRO G 111 -29.57 13.98 6.60
CA PRO G 111 -29.47 12.52 6.70
C PRO G 111 -29.92 11.85 5.41
N LYS G 112 -29.48 10.60 5.23
CA LYS G 112 -29.76 9.75 4.07
C LYS G 112 -29.28 10.43 2.78
N THR G 113 -27.96 10.61 2.71
CA THR G 113 -27.38 11.56 1.76
C THR G 113 -26.35 10.97 0.81
N ASP G 114 -26.31 9.63 0.65
CA ASP G 114 -25.55 8.96 -0.42
C ASP G 114 -24.06 9.27 -0.39
N ALA G 115 -23.31 8.64 0.54
CA ALA G 115 -21.97 9.00 1.00
C ALA G 115 -20.95 9.49 -0.05
N LEU G 116 -21.08 9.07 -1.31
CA LEU G 116 -20.26 9.68 -2.35
C LEU G 116 -20.67 11.12 -2.68
N MET G 117 -21.85 11.56 -2.27
CA MET G 117 -22.26 12.94 -2.42
C MET G 117 -21.79 13.82 -1.26
N THR G 118 -21.09 13.26 -0.28
CA THR G 118 -20.48 14.03 0.78
C THR G 118 -18.98 14.09 0.56
N SER G 119 -18.34 15.09 1.17
CA SER G 119 -16.93 15.32 0.90
C SER G 119 -16.03 14.29 1.59
N GLU G 120 -16.45 13.76 2.74
CA GLU G 120 -15.65 12.74 3.40
C GLU G 120 -15.73 11.42 2.66
N GLY G 121 -16.89 11.10 2.09
CA GLY G 121 -17.02 9.88 1.32
C GLY G 121 -16.27 9.95 0.00
N TRP G 122 -16.28 11.12 -0.65
CA TRP G 122 -15.50 11.27 -1.86
C TRP G 122 -14.02 11.24 -1.58
N SER G 123 -13.57 11.82 -0.47
CA SER G 123 -12.16 11.79 -0.15
C SER G 123 -11.72 10.42 0.38
N GLU G 124 -12.64 9.66 0.98
CA GLU G 124 -12.36 8.24 1.24
C GLU G 124 -12.15 7.48 -0.06
N MET G 125 -12.96 7.76 -1.08
CA MET G 125 -12.79 7.11 -2.37
C MET G 125 -11.51 7.55 -3.05
N THR G 126 -11.11 8.81 -2.85
CA THR G 126 -9.86 9.31 -3.40
C THR G 126 -8.65 8.62 -2.77
N ALA G 127 -8.69 8.40 -1.46
CA ALA G 127 -7.61 7.70 -0.77
C ALA G 127 -7.53 6.24 -1.21
N GLY G 128 -8.69 5.63 -1.46
CA GLY G 128 -8.71 4.28 -1.99
C GLY G 128 -8.14 4.19 -3.40
N PHE G 129 -8.43 5.19 -4.23
CA PHE G 129 -7.94 5.17 -5.62
C PHE G 129 -6.43 5.31 -5.67
N PHE G 130 -5.86 6.15 -4.81
CA PHE G 130 -4.42 6.29 -4.72
C PHE G 130 -3.76 4.98 -4.35
N LEU G 131 -4.27 4.33 -3.29
CA LEU G 131 -3.64 3.14 -2.76
C LEU G 131 -3.79 1.97 -3.71
N GLY G 132 -4.95 1.83 -4.33
CA GLY G 132 -5.12 0.81 -5.35
C GLY G 132 -4.35 1.12 -6.60
N GLY G 133 -4.28 2.40 -6.98
CA GLY G 133 -3.68 2.77 -8.25
C GLY G 133 -2.18 2.56 -8.29
N MET G 134 -1.48 3.02 -7.26
CA MET G 134 -0.03 2.85 -7.20
C MET G 134 0.35 1.39 -7.01
N SER G 135 -0.42 0.66 -6.23
CA SER G 135 -0.07 -0.70 -5.93
C SER G 135 -0.50 -1.65 -7.04
N GLY G 136 -1.55 -1.32 -7.76
CA GLY G 136 -1.83 -2.02 -9.00
C GLY G 136 -0.78 -1.75 -10.06
N ALA G 137 -0.24 -0.53 -10.09
CA ALA G 137 0.86 -0.21 -10.99
C ALA G 137 2.13 -0.93 -10.60
N PHE G 138 2.42 -1.00 -9.30
CA PHE G 138 3.61 -1.72 -8.86
C PHE G 138 3.44 -3.22 -9.06
N MET G 139 2.22 -3.74 -8.95
CA MET G 139 1.98 -5.15 -9.19
C MET G 139 2.23 -5.53 -10.64
N ALA G 140 1.75 -4.72 -11.58
CA ALA G 140 1.99 -4.98 -12.99
C ALA G 140 3.46 -4.80 -13.33
N TYR G 141 4.12 -3.81 -12.73
CA TYR G 141 5.55 -3.63 -12.91
C TYR G 141 6.33 -4.82 -12.38
N PHE G 142 5.92 -5.34 -11.23
CA PHE G 142 6.66 -6.42 -10.58
C PHE G 142 6.56 -7.71 -11.36
N LEU G 143 5.41 -7.98 -11.98
CA LEU G 143 5.27 -9.20 -12.75
C LEU G 143 6.04 -9.11 -14.06
N LEU G 144 6.07 -7.92 -14.67
CA LEU G 144 6.80 -7.77 -15.93
C LEU G 144 8.31 -7.74 -15.69
N SER G 145 8.75 -7.23 -14.54
CA SER G 145 10.17 -7.24 -14.22
C SER G 145 10.66 -8.64 -13.91
N HIS G 146 9.80 -9.48 -13.35
CA HIS G 146 10.13 -10.85 -13.02
C HIS G 146 9.55 -11.83 -14.03
N PHE G 147 9.34 -11.38 -15.27
CA PHE G 147 8.60 -12.16 -16.26
C PHE G 147 9.32 -13.43 -16.66
N SER G 148 10.66 -13.41 -16.72
CA SER G 148 11.40 -14.64 -17.00
C SER G 148 11.26 -15.67 -15.90
N GLU G 149 11.03 -15.23 -14.66
CA GLU G 149 10.77 -16.15 -13.57
C GLU G 149 9.29 -16.50 -13.44
N ILE G 150 8.38 -15.62 -13.86
CA ILE G 150 6.98 -15.99 -13.98
C ILE G 150 6.81 -17.02 -15.09
N ASP G 151 7.55 -16.86 -16.19
CA ASP G 151 7.47 -17.78 -17.32
C ASP G 151 8.01 -19.16 -16.95
N ALA G 152 9.06 -19.22 -16.15
CA ALA G 152 9.56 -20.49 -15.66
C ALA G 152 8.58 -21.15 -14.69
N ILE G 153 7.85 -20.33 -13.93
CA ILE G 153 6.79 -20.86 -13.07
C ILE G 153 5.65 -21.41 -13.93
N PHE G 154 5.24 -20.66 -14.95
CA PHE G 154 4.10 -21.05 -15.75
C PHE G 154 4.40 -22.16 -16.75
N ARG G 155 5.68 -22.47 -16.98
CA ARG G 155 6.06 -23.57 -17.85
C ARG G 155 6.64 -24.75 -17.08
N GLY G 156 6.87 -24.61 -15.79
CA GLY G 156 7.44 -25.70 -15.02
C GLY G 156 8.92 -25.89 -15.16
N PHE G 157 9.68 -24.83 -15.47
CA PHE G 157 11.14 -24.90 -15.42
C PHE G 157 11.68 -24.85 -14.00
N VAL G 158 10.83 -24.60 -13.01
CA VAL G 158 11.17 -24.72 -11.60
C VAL G 158 10.91 -26.14 -11.13
N ASN G 159 10.63 -27.04 -12.08
CA ASN G 159 9.98 -28.36 -11.92
C ASN G 159 8.61 -28.22 -11.25
N MET H 1 36.14 31.76 -19.42
CA MET H 1 35.69 31.19 -18.15
C MET H 1 34.30 31.69 -17.80
N THR H 2 33.53 30.82 -17.15
CA THR H 2 32.17 31.09 -16.69
C THR H 2 32.18 31.08 -15.16
N LEU H 3 30.98 31.09 -14.59
CA LEU H 3 30.81 31.22 -13.14
C LEU H 3 31.31 29.97 -12.41
N SER H 4 31.47 30.13 -11.11
CA SER H 4 31.76 29.00 -10.23
C SER H 4 30.47 28.53 -9.58
N GLU H 5 30.57 27.38 -8.90
CA GLU H 5 29.40 26.80 -8.26
C GLU H 5 28.96 27.62 -7.04
N THR H 6 29.88 28.34 -6.43
CA THR H 6 29.51 29.24 -5.34
C THR H 6 28.77 30.47 -5.85
N GLN H 7 29.15 30.97 -7.03
CA GLN H 7 28.49 32.15 -7.58
C GLN H 7 27.06 31.84 -8.02
N VAL H 8 26.81 30.63 -8.51
CA VAL H 8 25.46 30.23 -8.88
C VAL H 8 24.60 30.09 -7.63
N PHE H 9 25.15 29.50 -6.57
CA PHE H 9 24.39 29.29 -5.34
C PHE H 9 24.12 30.59 -4.61
N VAL H 10 25.00 31.59 -4.76
CA VAL H 10 24.75 32.90 -4.16
C VAL H 10 23.60 33.59 -4.88
N ALA H 11 23.56 33.48 -6.21
CA ALA H 11 22.47 34.07 -6.98
C ALA H 11 21.13 33.42 -6.68
N LEU H 12 21.11 32.12 -6.40
CA LEU H 12 19.85 31.48 -6.03
C LEU H 12 19.37 31.94 -4.65
N VAL H 13 20.30 32.22 -3.74
CA VAL H 13 19.92 32.77 -2.43
C VAL H 13 19.45 34.21 -2.59
N ILE H 14 20.14 34.99 -3.44
CA ILE H 14 19.78 36.38 -3.67
C ILE H 14 18.44 36.48 -4.41
N ALA H 15 18.10 35.48 -5.23
CA ALA H 15 16.82 35.45 -5.92
C ALA H 15 15.64 35.23 -4.98
N LEU H 16 15.89 34.77 -3.76
CA LEU H 16 14.79 34.56 -2.82
C LEU H 16 14.21 35.87 -2.32
N VAL H 17 14.98 36.96 -2.30
CA VAL H 17 14.42 38.19 -1.75
C VAL H 17 13.57 38.98 -2.75
N PRO H 18 13.73 38.93 -4.09
CA PRO H 18 12.60 39.35 -4.92
C PRO H 18 11.49 38.32 -4.98
N ALA H 19 11.77 37.05 -4.68
CA ALA H 19 10.71 36.05 -4.65
C ALA H 19 9.75 36.28 -3.49
N ILE H 20 10.29 36.65 -2.32
CA ILE H 20 9.44 36.96 -1.18
C ILE H 20 8.75 38.30 -1.39
N LEU H 21 9.45 39.28 -1.97
CA LEU H 21 8.88 40.60 -2.13
C LEU H 21 7.86 40.68 -3.26
N ALA H 22 7.99 39.84 -4.29
CA ALA H 22 6.94 39.77 -5.29
C ALA H 22 5.71 39.09 -4.74
N PHE H 23 5.89 38.12 -3.85
CA PHE H 23 4.75 37.49 -3.17
C PHE H 23 4.04 38.49 -2.25
N ARG H 24 4.78 39.40 -1.63
CA ARG H 24 4.15 40.41 -0.78
C ARG H 24 3.43 41.45 -1.62
N LEU H 25 4.00 41.83 -2.76
CA LEU H 25 3.32 42.77 -3.65
C LEU H 25 2.13 42.12 -4.34
N SER H 26 2.18 40.81 -4.57
CA SER H 26 1.07 40.09 -5.19
C SER H 26 -0.18 40.14 -4.33
N THR H 27 -0.04 39.80 -3.05
CA THR H 27 -1.17 39.79 -2.15
C THR H 27 -1.62 41.19 -1.77
N GLU H 28 -0.75 42.18 -1.91
CA GLU H 28 -1.13 43.56 -1.62
C GLU H 28 -1.91 44.18 -2.78
N LEU H 29 -1.54 43.84 -4.01
CA LEU H 29 -2.30 44.30 -5.17
C LEU H 29 -3.64 43.59 -5.29
N TYR H 30 -3.76 42.38 -4.72
CA TYR H 30 -5.02 41.67 -4.79
C TYR H 30 -6.06 42.29 -3.87
N LYS H 31 -5.65 42.76 -2.70
CA LYS H 31 -6.58 43.37 -1.76
C LYS H 31 -6.50 44.88 -1.82
N THR I 44 21.05 36.12 67.28
CA THR I 44 21.49 34.94 66.55
C THR I 44 22.65 35.25 65.61
N THR I 45 23.31 34.20 65.11
CA THR I 45 24.45 34.37 64.21
C THR I 45 24.04 34.76 62.80
N THR I 46 22.74 34.75 62.48
CA THR I 46 22.25 35.17 61.19
C THR I 46 22.53 36.65 60.94
N TRP I 47 22.49 37.47 61.99
CA TRP I 47 22.73 38.91 61.86
C TRP I 47 24.19 39.22 61.54
N ILE I 48 25.12 38.31 61.87
CA ILE I 48 26.52 38.50 61.53
C ILE I 48 26.72 38.47 60.01
N TRP I 49 26.02 37.57 59.33
CA TRP I 49 26.15 37.49 57.88
C TRP I 49 25.29 38.52 57.17
N ASP I 50 24.15 38.90 57.74
CA ASP I 50 23.30 39.91 57.12
C ASP I 50 23.91 41.30 57.22
N LEU I 51 24.78 41.53 58.19
CA LEU I 51 25.47 42.81 58.27
C LEU I 51 26.43 43.00 57.10
N HIS I 52 27.15 41.94 56.73
CA HIS I 52 28.04 42.00 55.59
C HIS I 52 27.30 41.85 54.25
N ALA I 53 26.12 41.23 54.25
CA ALA I 53 25.36 41.08 53.01
C ALA I 53 24.58 42.34 52.65
N ASP I 54 24.13 43.09 53.65
CA ASP I 54 23.38 44.33 53.45
C ASP I 54 24.28 45.55 53.57
N ALA I 55 25.52 45.46 53.10
CA ALA I 55 26.47 46.54 53.28
C ALA I 55 26.33 47.59 52.18
N HIS I 56 26.50 47.19 50.92
CA HIS I 56 26.53 48.13 49.82
C HIS I 56 25.21 48.18 49.05
N ASP I 57 24.13 47.65 49.63
CA ASP I 57 22.80 47.75 49.02
C ASP I 57 22.18 49.06 49.49
N PHE I 58 22.64 50.15 48.87
CA PHE I 58 22.39 51.49 49.39
C PHE I 58 20.93 51.91 49.23
N ASP I 59 20.30 51.54 48.11
CA ASP I 59 18.90 51.86 47.85
C ASP I 59 17.92 51.04 48.67
N SER I 60 18.39 50.07 49.45
CA SER I 60 17.59 49.46 50.50
C SER I 60 17.76 50.13 51.85
N HIS I 61 18.80 50.94 52.01
CA HIS I 61 18.98 51.72 53.25
C HIS I 61 18.07 52.95 53.26
N THR I 62 17.96 53.63 52.12
CA THR I 62 17.36 54.94 52.02
C THR I 62 16.58 55.03 50.71
N SER I 63 15.43 55.72 50.75
CA SER I 63 14.48 55.70 49.65
C SER I 63 14.88 56.63 48.51
N ASP I 64 15.21 57.88 48.82
CA ASP I 64 15.28 58.96 47.84
C ASP I 64 16.48 58.86 46.90
N LEU I 65 16.24 59.19 45.62
CA LEU I 65 17.16 58.89 44.53
C LEU I 65 18.43 59.74 44.57
N GLU I 66 18.34 60.96 45.09
CA GLU I 66 19.50 61.86 45.03
C GLU I 66 20.57 61.48 46.05
N ASP I 67 20.17 60.99 47.22
CA ASP I 67 21.15 60.64 48.24
C ASP I 67 21.87 59.33 47.96
N ILE I 68 21.26 58.41 47.20
CA ILE I 68 22.01 57.22 46.79
C ILE I 68 23.08 57.62 45.78
N SER I 69 22.73 58.56 44.89
CA SER I 69 23.64 58.98 43.83
C SER I 69 24.87 59.68 44.38
N ARG I 70 24.76 60.32 45.55
CA ARG I 70 25.94 60.88 46.19
C ARG I 70 26.78 59.80 46.86
N LYS I 71 26.14 58.76 47.41
CA LYS I 71 26.90 57.64 47.96
C LYS I 71 27.56 56.82 46.86
N ILE I 72 26.87 56.66 45.72
CA ILE I 72 27.45 55.94 44.60
C ILE I 72 28.61 56.72 44.00
N PHE I 73 28.45 58.04 43.87
CA PHE I 73 29.52 58.87 43.33
C PHE I 73 30.74 58.91 44.25
N SER I 74 30.51 58.86 45.55
CA SER I 74 31.63 58.88 46.50
C SER I 74 32.33 57.54 46.57
N ALA I 75 31.57 56.44 46.53
CA ALA I 75 32.18 55.12 46.55
C ALA I 75 32.93 54.82 45.26
N HIS I 76 32.53 55.45 44.16
CA HIS I 76 33.27 55.31 42.92
C HIS I 76 34.66 55.94 42.99
N PHE I 77 34.80 57.00 43.78
CA PHE I 77 36.13 57.53 44.09
C PHE I 77 36.92 56.55 44.94
N GLY I 78 36.26 55.89 45.89
CA GLY I 78 36.94 54.93 46.75
C GLY I 78 37.36 53.67 46.04
N HIS I 79 36.70 53.32 44.93
CA HIS I 79 37.15 52.17 44.15
C HIS I 79 38.31 52.54 43.24
N LEU I 80 38.33 53.78 42.74
CA LEU I 80 39.46 54.25 41.95
C LEU I 80 40.73 54.30 42.79
N ALA I 81 40.61 54.65 44.07
CA ALA I 81 41.77 54.67 44.95
C ALA I 81 42.28 53.26 45.22
N VAL I 82 41.38 52.28 45.29
CA VAL I 82 41.78 50.89 45.47
C VAL I 82 42.55 50.40 44.25
N ILE I 83 42.15 50.84 43.06
CA ILE I 83 42.88 50.50 41.84
C ILE I 83 44.26 51.17 41.86
N PHE I 84 44.33 52.43 42.30
CA PHE I 84 45.60 53.16 42.31
C PHE I 84 46.57 52.61 43.34
N ILE I 85 46.08 52.08 44.46
CA ILE I 85 46.97 51.41 45.41
C ILE I 85 47.48 50.11 44.82
N TRP I 86 46.61 49.37 44.13
CA TRP I 86 47.03 48.14 43.46
C TRP I 86 47.97 48.43 42.30
N LEU I 87 47.70 49.50 41.56
CA LEU I 87 48.56 49.89 40.46
C LEU I 87 49.90 50.42 40.97
N SER I 88 49.91 51.06 42.14
CA SER I 88 51.17 51.47 42.75
C SER I 88 52.00 50.28 43.20
N GLY I 89 51.35 49.20 43.64
CA GLY I 89 52.09 48.02 44.05
C GLY I 89 52.72 47.28 42.89
N MET I 90 52.12 47.39 41.70
CA MET I 90 52.71 46.74 40.53
C MET I 90 53.96 47.48 40.05
N TYR I 91 54.01 48.79 40.26
CA TYR I 91 55.21 49.53 39.90
C TYR I 91 56.26 49.48 41.01
N PHE I 92 55.84 49.43 42.27
CA PHE I 92 56.82 49.36 43.35
C PHE I 92 57.48 48.00 43.42
N HIS I 93 56.70 46.92 43.24
CA HIS I 93 57.32 45.61 43.12
C HIS I 93 58.05 45.46 41.79
N GLY I 94 57.67 46.24 40.79
CA GLY I 94 58.45 46.33 39.57
C GLY I 94 59.77 47.05 39.72
N ALA I 95 59.90 47.90 40.74
CA ALA I 95 61.09 48.71 40.91
C ALA I 95 62.03 48.20 41.99
N LYS I 96 61.53 47.44 42.97
CA LYS I 96 62.32 47.02 44.11
C LYS I 96 62.49 45.52 44.24
N PHE I 97 61.71 44.70 43.53
CA PHE I 97 61.75 43.26 43.75
C PHE I 97 61.75 42.48 42.44
N SER I 98 62.40 42.99 41.41
CA SER I 98 62.30 42.39 40.09
C SER I 98 63.66 42.27 39.42
N ASN I 99 63.61 41.81 38.18
CA ASN I 99 64.75 41.68 37.29
C ASN I 99 64.48 42.43 35.99
N TYR I 100 63.93 43.64 36.12
CA TYR I 100 63.35 44.33 34.96
C TYR I 100 64.41 44.86 34.01
N GLU I 101 65.49 45.47 34.52
CA GLU I 101 66.53 45.93 33.61
C GLU I 101 67.32 44.76 33.05
N ALA I 102 67.53 43.73 33.87
CA ALA I 102 68.10 42.48 33.39
C ALA I 102 67.22 41.84 32.33
N TRP I 103 65.89 41.97 32.47
CA TRP I 103 65.00 41.52 31.42
C TRP I 103 65.07 42.42 30.20
N LEU I 104 65.32 43.72 30.39
CA LEU I 104 65.41 44.63 29.25
C LEU I 104 66.65 44.36 28.42
N SER I 105 67.73 43.87 29.04
CA SER I 105 68.92 43.52 28.27
C SER I 105 68.73 42.25 27.46
N ASN I 106 67.96 41.29 27.98
CA ASN I 106 67.78 39.99 27.34
C ASN I 106 66.30 39.63 27.49
N PRO I 107 65.44 40.13 26.60
CA PRO I 107 64.00 39.89 26.74
C PRO I 107 63.56 38.51 26.34
N THR I 108 64.30 37.84 25.45
CA THR I 108 63.88 36.54 24.94
C THR I 108 64.45 35.37 25.73
N GLY I 109 65.37 35.61 26.65
CA GLY I 109 65.99 34.52 27.39
C GLY I 109 65.93 34.65 28.89
N ILE I 110 65.26 35.67 29.40
CA ILE I 110 65.10 35.89 30.83
C ILE I 110 63.62 35.94 31.14
N LYS I 111 63.20 35.19 32.16
CA LYS I 111 61.80 35.15 32.54
C LYS I 111 61.46 36.35 33.42
N PRO I 112 60.36 37.05 33.14
CA PRO I 112 59.93 38.15 34.01
C PRO I 112 59.55 37.66 35.40
N SER I 113 60.17 38.27 36.41
CA SER I 113 59.86 37.97 37.80
C SER I 113 59.73 39.27 38.57
N ALA I 114 58.71 39.35 39.44
CA ALA I 114 58.56 40.54 40.26
C ALA I 114 58.07 40.23 41.68
N GLN I 115 58.14 38.98 42.12
CA GLN I 115 57.79 38.62 43.49
C GLN I 115 58.92 37.81 44.09
N VAL I 116 59.30 38.14 45.31
CA VAL I 116 60.40 37.50 46.02
C VAL I 116 59.85 36.98 47.34
N VAL I 117 60.17 35.73 47.66
CA VAL I 117 59.59 35.00 48.77
C VAL I 117 60.59 34.97 49.93
N TRP I 118 60.11 35.27 51.14
CA TRP I 118 60.97 35.29 52.32
C TRP I 118 61.40 33.87 52.69
N PRO I 119 62.63 33.70 53.21
CA PRO I 119 63.13 32.35 53.56
C PRO I 119 62.66 31.86 54.92
N ILE I 120 61.46 31.29 54.94
CA ILE I 120 60.90 30.66 56.13
C ILE I 120 60.36 29.29 55.72
N PHE I 121 60.28 28.39 56.70
CA PHE I 121 59.52 27.13 56.64
C PHE I 121 59.87 26.19 55.48
N GLY I 122 60.98 26.44 54.78
CA GLY I 122 61.27 25.75 53.54
C GLY I 122 60.66 26.38 52.32
N GLN I 123 59.95 27.50 52.45
CA GLN I 123 59.18 28.06 51.34
C GLN I 123 60.03 28.88 50.37
N GLU I 124 61.31 29.07 50.66
CA GLU I 124 62.22 29.79 49.76
C GLU I 124 62.56 29.00 48.49
N ILE I 125 62.12 27.74 48.39
CA ILE I 125 62.24 26.97 47.17
C ILE I 125 61.44 27.57 46.02
N LEU I 126 60.44 28.41 46.32
CA LEU I 126 59.65 29.07 45.29
C LEU I 126 60.40 30.18 44.58
N ASN I 127 61.56 30.60 45.07
CA ASN I 127 62.40 31.58 44.38
C ASN I 127 63.20 30.85 43.32
N GLY I 128 62.54 30.54 42.21
CA GLY I 128 63.20 29.82 41.14
C GLY I 128 64.11 30.70 40.32
N ASP I 129 65.12 30.08 39.73
CA ASP I 129 66.08 30.81 38.91
C ASP I 129 65.42 31.18 37.58
N VAL I 130 65.02 32.45 37.47
CA VAL I 130 64.37 32.94 36.26
C VAL I 130 65.34 33.58 35.29
N GLY I 131 66.64 33.57 35.59
CA GLY I 131 67.61 34.20 34.72
C GLY I 131 67.93 35.62 35.13
N GLY I 132 69.16 36.03 34.82
CA GLY I 132 69.63 37.34 35.24
C GLY I 132 70.14 37.41 36.65
N GLY I 133 70.56 36.28 37.21
CA GLY I 133 71.05 36.26 38.58
C GLY I 133 69.99 36.55 39.62
N PHE I 134 68.74 36.22 39.33
CA PHE I 134 67.60 36.60 40.15
C PHE I 134 66.82 35.35 40.55
N HIS I 135 66.40 35.30 41.81
CA HIS I 135 65.61 34.18 42.33
C HIS I 135 64.28 34.72 42.83
N GLY I 136 63.22 34.41 42.11
CA GLY I 136 61.90 34.85 42.48
C GLY I 136 60.84 34.05 41.74
N ILE I 137 59.62 34.56 41.81
CA ILE I 137 58.48 33.91 41.16
C ILE I 137 58.29 34.52 39.79
N GLN I 138 58.25 33.67 38.78
CA GLN I 138 57.97 34.11 37.43
C GLN I 138 56.55 34.66 37.33
N ILE I 139 56.42 35.89 36.86
CA ILE I 139 55.12 36.54 36.78
C ILE I 139 54.59 36.39 35.36
N THR I 140 53.27 36.36 35.24
CA THR I 140 52.61 36.13 33.97
C THR I 140 51.68 37.27 33.59
N SER I 141 51.71 38.38 34.32
CA SER I 141 50.81 39.50 34.10
C SER I 141 51.21 40.37 32.92
N GLY I 142 52.42 40.23 32.40
CA GLY I 142 52.85 41.06 31.30
C GLY I 142 53.14 42.49 31.66
N LEU I 143 53.52 42.75 32.91
CA LEU I 143 53.88 44.11 33.31
C LEU I 143 55.15 44.58 32.61
N PHE I 144 56.10 43.67 32.40
CA PHE I 144 57.39 44.03 31.83
C PHE I 144 57.24 44.47 30.37
N GLN I 145 56.46 43.71 29.60
CA GLN I 145 56.25 44.01 28.19
C GLN I 145 55.43 45.28 28.00
N MET I 146 54.59 45.64 28.98
CA MET I 146 53.85 46.88 28.90
C MET I 146 54.74 48.08 29.23
N TRP I 147 55.66 47.92 30.18
CA TRP I 147 56.54 49.01 30.55
C TRP I 147 57.55 49.31 29.46
N ARG I 148 58.04 48.27 28.77
CA ARG I 148 58.96 48.48 27.66
C ARG I 148 58.28 49.17 26.50
N ALA I 149 56.98 48.93 26.30
CA ALA I 149 56.22 49.68 25.32
C ALA I 149 55.94 51.11 25.77
N ASN I 150 56.06 51.39 27.06
CA ASN I 150 55.95 52.74 27.58
C ASN I 150 57.28 53.48 27.53
N GLY I 151 58.33 52.84 27.05
CA GLY I 151 59.65 53.43 27.03
C GLY I 151 60.37 53.42 28.36
N ILE I 152 59.82 52.76 29.38
CA ILE I 152 60.48 52.71 30.67
C ILE I 152 61.70 51.81 30.58
N THR I 153 62.84 52.32 31.04
CA THR I 153 64.11 51.62 30.89
C THR I 153 64.79 51.24 32.19
N ASN I 154 64.55 51.98 33.27
CA ASN I 154 65.24 51.72 34.53
C ASN I 154 64.25 51.76 35.69
N SER I 155 64.76 51.48 36.88
CA SER I 155 63.91 51.32 38.06
C SER I 155 63.47 52.64 38.67
N PHE I 156 64.09 53.76 38.29
CA PHE I 156 63.66 55.03 38.86
C PHE I 156 62.36 55.52 38.24
N GLU I 157 62.18 55.28 36.94
CA GLU I 157 60.92 55.63 36.29
C GLU I 157 59.76 54.76 36.74
N LEU I 158 60.05 53.56 37.26
CA LEU I 158 59.01 52.75 37.88
C LEU I 158 58.73 53.19 39.31
N TYR I 159 59.73 53.79 39.97
CA TYR I 159 59.56 54.22 41.35
C TYR I 159 58.70 55.47 41.45
N CYS I 160 58.91 56.44 40.57
CA CYS I 160 58.09 57.66 40.58
C CYS I 160 56.68 57.39 40.09
N THR I 161 56.50 56.36 39.25
CA THR I 161 55.16 55.98 38.85
C THR I 161 54.43 55.28 40.00
N ALA I 162 55.16 54.56 40.85
CA ALA I 162 54.56 53.95 42.03
C ALA I 162 54.13 55.01 43.04
N ILE I 163 54.99 56.01 43.27
CA ILE I 163 54.64 57.11 44.17
C ILE I 163 53.56 57.98 43.53
N GLY I 164 53.64 58.18 42.22
CA GLY I 164 52.65 58.99 41.54
C GLY I 164 51.27 58.34 41.50
N ALA I 165 51.23 57.01 41.42
CA ALA I 165 49.96 56.31 41.61
C ALA I 165 49.50 56.38 43.05
N LEU I 166 50.44 56.47 44.00
CA LEU I 166 50.09 56.48 45.41
C LEU I 166 49.55 57.83 45.86
N VAL I 167 49.81 58.90 45.12
CA VAL I 167 49.22 60.20 45.47
C VAL I 167 47.94 60.47 44.69
N MET I 168 47.70 59.77 43.58
CA MET I 168 46.37 59.79 43.00
C MET I 168 45.41 58.89 43.75
N ALA I 169 45.92 57.94 44.53
CA ALA I 169 45.07 57.21 45.46
C ALA I 169 44.56 58.11 46.57
N GLY I 170 45.42 58.99 47.09
CA GLY I 170 44.98 59.91 48.13
C GLY I 170 44.09 61.01 47.62
N LEU I 171 44.33 61.48 46.40
CA LEU I 171 43.43 62.47 45.80
C LEU I 171 42.11 61.88 45.36
N MET I 172 42.04 60.56 45.14
CA MET I 172 40.74 59.92 44.96
C MET I 172 40.01 59.81 46.29
N LEU I 173 40.73 59.50 47.36
CA LEU I 173 40.11 59.41 48.68
C LEU I 173 39.69 60.79 49.20
N PHE I 174 40.35 61.85 48.75
CA PHE I 174 39.91 63.19 49.13
C PHE I 174 38.69 63.62 48.33
N ALA I 175 38.65 63.27 47.05
CA ALA I 175 37.54 63.68 46.19
C ALA I 175 36.26 62.91 46.49
N GLY I 176 36.33 61.79 47.19
CA GLY I 176 35.15 61.08 47.61
C GLY I 176 34.70 61.52 48.98
N TRP I 177 35.59 62.20 49.69
CA TRP I 177 35.25 62.84 50.95
C TRP I 177 34.73 64.25 50.73
N PHE I 178 35.30 64.96 49.75
CA PHE I 178 34.88 66.33 49.47
C PHE I 178 33.53 66.36 48.78
N HIS I 179 33.32 65.48 47.82
CA HIS I 179 32.05 65.45 47.09
C HIS I 179 30.96 64.70 47.83
N TYR I 180 31.21 64.19 49.04
CA TYR I 180 30.15 63.60 49.86
C TYR I 180 29.97 64.33 51.18
N HIS I 181 31.01 64.42 52.00
CA HIS I 181 30.85 64.94 53.35
C HIS I 181 30.78 66.46 53.40
N LYS I 182 31.30 67.17 52.39
CA LYS I 182 31.27 68.63 52.39
C LYS I 182 30.40 69.23 51.31
N LYS I 183 30.73 69.01 50.04
CA LYS I 183 30.04 69.71 48.94
C LYS I 183 29.62 68.67 47.91
N ALA I 184 28.43 68.11 48.10
CA ALA I 184 27.76 67.07 47.35
C ALA I 184 27.07 67.64 46.12
N PRO I 185 27.08 66.92 45.00
CA PRO I 185 26.36 67.38 43.81
C PRO I 185 24.86 67.09 43.94
N LYS I 186 24.11 67.55 42.94
CA LYS I 186 22.66 67.49 42.95
C LYS I 186 22.16 66.66 41.77
N LEU I 187 20.89 66.24 41.86
CA LEU I 187 20.40 65.16 41.01
C LEU I 187 20.28 65.57 39.55
N GLU I 188 19.98 66.84 39.27
CA GLU I 188 19.94 67.27 37.87
C GLU I 188 21.33 67.35 37.25
N TRP I 189 22.39 67.46 38.07
CA TRP I 189 23.74 67.28 37.56
C TRP I 189 24.01 65.80 37.30
N PHE I 190 23.48 64.93 38.16
CA PHE I 190 23.60 63.50 37.95
C PHE I 190 22.80 63.04 36.75
N GLN I 191 21.63 63.63 36.54
CA GLN I 191 20.75 63.26 35.44
C GLN I 191 21.05 64.03 34.16
N ASN I 192 22.14 64.80 34.14
CA ASN I 192 22.56 65.50 32.93
C ASN I 192 23.37 64.53 32.09
N VAL I 193 22.66 63.59 31.46
CA VAL I 193 23.29 62.53 30.69
C VAL I 193 23.75 62.98 29.32
N GLU I 194 23.26 64.11 28.83
CA GLU I 194 23.75 64.67 27.57
C GLU I 194 25.13 65.28 27.76
N SER I 195 25.37 65.92 28.91
CA SER I 195 26.69 66.49 29.17
C SER I 195 27.69 65.42 29.57
N MET I 196 27.24 64.37 30.25
CA MET I 196 28.14 63.27 30.62
C MET I 196 28.60 62.50 29.40
N MET I 197 27.70 62.25 28.45
CA MET I 197 28.07 61.55 27.24
C MET I 197 28.91 62.43 26.32
N ASN I 198 28.75 63.76 26.40
CA ASN I 198 29.65 64.64 25.67
C ASN I 198 31.03 64.66 26.32
N HIS I 199 31.08 64.81 27.64
CA HIS I 199 32.34 64.96 28.35
C HIS I 199 33.10 63.65 28.53
N HIS I 200 32.48 62.50 28.28
CA HIS I 200 33.22 61.24 28.32
C HIS I 200 33.66 60.77 26.95
N LEU I 201 32.94 61.17 25.89
CA LEU I 201 33.37 60.85 24.54
C LEU I 201 34.54 61.73 24.11
N ALA I 202 34.32 63.04 24.08
CA ALA I 202 35.37 63.98 23.67
C ALA I 202 36.41 64.21 24.76
N GLY I 203 36.12 63.80 25.98
CA GLY I 203 36.93 64.08 27.15
C GLY I 203 37.78 62.88 27.50
N LEU I 204 37.26 62.03 28.40
CA LEU I 204 37.96 60.84 28.89
C LEU I 204 38.43 59.92 27.76
N LEU I 205 37.66 59.80 26.69
CA LEU I 205 38.06 58.96 25.57
C LEU I 205 38.81 59.74 24.50
N GLY I 206 38.45 61.00 24.28
CA GLY I 206 39.13 61.80 23.28
C GLY I 206 40.50 62.26 23.74
N LEU I 207 40.56 62.94 24.88
CA LEU I 207 41.81 63.49 25.37
C LEU I 207 42.73 62.43 25.97
N GLY I 208 42.25 61.21 26.15
CA GLY I 208 43.12 60.13 26.58
C GLY I 208 43.77 59.46 25.40
N CYS I 209 43.01 59.29 24.31
CA CYS I 209 43.59 58.72 23.10
C CYS I 209 44.55 59.68 22.42
N LEU I 210 44.28 60.98 22.51
CA LEU I 210 45.21 61.97 21.99
C LEU I 210 46.41 62.14 22.90
N GLY I 211 46.17 62.17 24.22
CA GLY I 211 47.26 62.29 25.16
C GLY I 211 48.19 61.09 25.18
N TYR I 212 47.67 59.90 24.87
CA TYR I 212 48.55 58.75 24.75
C TYR I 212 49.28 58.73 23.42
N ALA I 213 48.69 59.32 22.38
CA ALA I 213 49.42 59.50 21.14
C ALA I 213 50.59 60.46 21.31
N GLY I 214 50.46 61.43 22.22
CA GLY I 214 51.59 62.28 22.53
C GLY I 214 52.68 61.56 23.30
N GLN I 215 52.28 60.70 24.24
CA GLN I 215 53.25 59.86 24.95
C GLN I 215 53.91 58.87 24.00
N GLN I 216 53.15 58.38 23.01
CA GLN I 216 53.72 57.41 22.07
C GLN I 216 54.72 58.08 21.14
N ILE I 217 54.35 59.21 20.54
CA ILE I 217 55.17 59.84 19.51
C ILE I 217 56.43 60.45 20.12
N HIS I 218 56.27 61.17 21.22
CA HIS I 218 57.39 61.93 21.77
C HIS I 218 58.26 61.16 22.74
N VAL I 219 57.79 60.04 23.30
CA VAL I 219 58.52 59.34 24.36
C VAL I 219 58.77 57.87 24.00
N SER I 220 57.73 57.12 23.63
CA SER I 220 57.91 55.69 23.48
C SER I 220 58.32 55.27 22.07
N LEU I 221 57.90 55.99 21.04
CA LEU I 221 58.42 55.73 19.70
C LEU I 221 59.93 55.92 19.55
N PRO I 222 60.60 56.91 20.16
CA PRO I 222 62.08 56.88 20.07
C PRO I 222 62.73 55.74 20.80
N ILE I 223 62.37 55.52 22.07
CA ILE I 223 63.06 54.56 22.92
C ILE I 223 62.86 53.14 22.39
N ASN I 224 61.69 52.85 21.84
CA ASN I 224 61.47 51.54 21.24
C ASN I 224 62.14 51.40 19.88
N ALA I 225 62.27 52.48 19.12
CA ALA I 225 63.12 52.42 17.94
C ALA I 225 64.58 52.33 18.33
N CYS I 226 64.95 52.87 19.50
CA CYS I 226 66.28 52.68 20.05
C CYS I 226 66.49 51.26 20.57
N LEU I 227 65.53 50.73 21.33
CA LEU I 227 65.70 49.41 21.94
C LEU I 227 65.67 48.29 20.91
N ASP I 228 64.91 48.47 19.82
CA ASP I 228 64.90 47.48 18.77
C ASP I 228 66.21 47.48 17.97
N ALA I 229 66.98 48.56 18.05
CA ALA I 229 68.30 48.58 17.45
C ALA I 229 69.32 47.85 18.31
N ILE I 230 69.30 48.09 19.62
CA ILE I 230 70.25 47.44 20.53
C ILE I 230 69.92 45.95 20.68
N ASP I 231 68.66 45.57 20.48
CA ASP I 231 68.29 44.15 20.47
C ASP I 231 68.94 43.41 19.31
N ALA I 232 68.89 43.99 18.11
CA ALA I 232 69.61 43.43 16.99
C ALA I 232 71.11 43.75 17.11
N GLY I 233 71.91 43.07 16.29
CA GLY I 233 73.33 43.37 16.27
C GLY I 233 73.63 44.71 15.64
N LYS I 234 73.06 44.97 14.47
CA LYS I 234 73.24 46.21 13.72
C LYS I 234 71.88 46.62 13.17
N PRO I 235 71.66 47.92 12.90
CA PRO I 235 72.43 49.15 13.12
C PRO I 235 71.99 49.94 14.36
N LEU I 236 72.97 50.49 15.07
CA LEU I 236 72.74 51.27 16.29
C LEU I 236 72.65 52.76 15.99
N THR I 237 72.18 53.11 14.80
CA THR I 237 72.26 54.43 14.16
C THR I 237 71.53 55.52 14.96
N VAL I 238 72.17 56.69 15.16
CA VAL I 238 73.60 57.05 14.97
C VAL I 238 73.91 58.13 16.03
N GLY I 239 75.17 58.52 16.17
CA GLY I 239 75.48 59.78 16.80
C GLY I 239 76.73 59.69 17.65
N GLY I 240 76.99 60.77 18.38
CA GLY I 240 77.80 60.73 19.58
C GLY I 240 76.96 61.27 20.72
N LYS I 241 76.48 60.45 21.68
CA LYS I 241 76.48 58.97 21.75
C LYS I 241 75.77 58.28 20.56
N VAL I 242 76.28 57.13 20.11
CA VAL I 242 75.63 56.48 18.98
C VAL I 242 74.31 55.86 19.47
N ILE I 243 74.33 54.69 20.14
CA ILE I 243 73.79 54.34 21.45
C ILE I 243 74.39 52.95 21.65
N ASP I 244 74.78 52.58 22.86
CA ASP I 244 75.16 51.17 23.01
C ASP I 244 74.51 50.47 24.19
N SER I 245 74.38 51.13 25.34
CA SER I 245 73.74 50.51 26.48
C SER I 245 72.25 50.83 26.51
N VAL I 246 71.53 50.10 27.36
CA VAL I 246 70.13 50.44 27.62
C VAL I 246 70.05 51.72 28.44
N ALA I 247 70.97 51.86 29.41
CA ALA I 247 71.09 53.10 30.16
C ALA I 247 71.65 54.24 29.32
N ALA I 248 72.34 53.94 28.21
CA ALA I 248 72.83 54.98 27.32
C ALA I 248 71.73 55.62 26.50
N ILE I 249 70.56 54.99 26.41
CA ILE I 249 69.39 55.63 25.77
C ILE I 249 69.00 56.86 26.57
N PRO I 250 68.75 58.00 25.92
CA PRO I 250 68.49 59.24 26.67
C PRO I 250 67.19 59.18 27.47
N LEU I 251 67.21 59.81 28.64
CA LEU I 251 66.00 59.96 29.45
C LEU I 251 64.98 60.78 28.66
N PRO I 252 63.69 60.43 28.74
CA PRO I 252 62.74 60.88 27.70
C PRO I 252 62.38 62.35 27.72
N HIS I 253 62.83 63.12 28.72
CA HIS I 253 62.70 64.57 28.64
C HIS I 253 63.73 65.17 27.69
N GLU I 254 64.78 64.43 27.34
CA GLU I 254 65.78 64.90 26.40
C GLU I 254 65.35 64.71 24.96
N TRP I 255 64.41 63.81 24.70
CA TRP I 255 63.73 63.81 23.42
C TRP I 255 62.79 65.02 23.30
N ILE I 256 62.30 65.51 24.43
CA ILE I 256 61.43 66.69 24.44
C ILE I 256 62.26 67.96 24.28
N LEU I 257 63.32 68.09 25.08
CA LEU I 257 64.14 69.30 25.10
C LEU I 257 64.91 69.49 23.80
N ASN I 258 65.28 68.39 23.14
CA ASN I 258 66.14 68.45 21.97
C ASN I 258 65.38 67.89 20.77
N PRO I 259 64.81 68.74 19.91
CA PRO I 259 64.21 68.24 18.67
C PRO I 259 65.21 67.67 17.68
N SER I 260 66.52 67.92 17.87
CA SER I 260 67.52 67.33 16.99
C SER I 260 67.68 65.85 17.24
N LEU I 261 67.42 65.39 18.47
CA LEU I 261 67.46 63.96 18.75
C LEU I 261 66.33 63.21 18.07
N MET I 262 65.20 63.89 17.84
CA MET I 262 64.00 63.26 17.30
C MET I 262 64.01 63.14 15.79
N THR I 263 65.01 63.71 15.11
CA THR I 263 64.96 63.83 13.67
C THR I 263 65.82 62.81 12.94
N ASP I 264 66.83 62.24 13.61
CA ASP I 264 67.67 61.25 12.94
C ASP I 264 66.93 59.93 12.73
N ILE I 265 65.97 59.62 13.60
CA ILE I 265 65.14 58.43 13.42
C ILE I 265 63.98 58.73 12.48
N TYR I 266 63.20 59.76 12.80
CA TYR I 266 62.07 60.17 12.00
C TYR I 266 62.39 61.50 11.33
N PRO I 267 62.70 61.52 10.02
CA PRO I 267 63.25 62.73 9.39
C PRO I 267 62.26 63.88 9.26
N SER I 268 60.96 63.64 9.37
CA SER I 268 59.99 64.71 9.20
C SER I 268 59.76 65.55 10.45
N PHE I 269 60.53 65.32 11.52
CA PHE I 269 60.46 66.19 12.68
C PHE I 269 61.17 67.52 12.48
N ALA I 270 62.05 67.62 11.48
CA ALA I 270 62.57 68.92 11.10
C ALA I 270 61.52 69.77 10.41
N GLU I 271 60.50 69.15 9.82
CA GLU I 271 59.45 69.91 9.16
C GLU I 271 58.52 70.58 10.16
N GLY I 272 58.39 70.01 11.35
CA GLY I 272 57.67 70.65 12.43
C GLY I 272 56.17 70.48 12.36
N LEU I 273 55.49 71.29 13.17
CA LEU I 273 54.05 71.28 13.38
C LEU I 273 53.26 71.90 12.25
N LYS I 274 53.93 72.41 11.23
CA LYS I 274 53.36 73.26 10.18
C LYS I 274 52.59 72.52 9.07
N PRO I 275 53.00 71.36 8.54
CA PRO I 275 52.11 70.67 7.59
C PRO I 275 50.88 70.05 8.23
N PHE I 276 50.80 70.01 9.57
CA PHE I 276 49.57 69.62 10.24
C PHE I 276 48.47 70.65 10.02
N PHE I 277 48.81 71.93 10.09
CA PHE I 277 47.82 72.99 9.92
C PHE I 277 47.49 73.28 8.45
N THR I 278 48.33 72.84 7.52
CA THR I 278 48.02 73.00 6.11
C THR I 278 47.33 71.79 5.52
N LEU I 279 47.15 70.73 6.32
CA LEU I 279 46.60 69.43 5.91
C LEU I 279 47.35 68.82 4.74
N ASN I 280 48.67 69.02 4.69
CA ASN I 280 49.53 68.30 3.78
C ASN I 280 50.16 67.18 4.61
N TRP I 281 49.39 66.10 4.76
CA TRP I 281 49.59 65.17 5.86
C TRP I 281 50.45 63.96 5.51
N SER I 282 50.69 63.68 4.22
CA SER I 282 51.47 62.51 3.87
C SER I 282 52.96 62.68 4.14
N VAL I 283 53.41 63.86 4.60
CA VAL I 283 54.79 64.01 5.03
C VAL I 283 55.03 63.35 6.39
N TYR I 284 53.97 63.06 7.15
CA TYR I 284 54.11 62.51 8.49
C TYR I 284 54.23 60.99 8.50
N ALA I 285 54.37 60.37 7.33
CA ALA I 285 54.40 58.91 7.24
C ALA I 285 55.79 58.35 7.54
N ASP I 286 56.34 58.72 8.69
CA ASP I 286 57.51 58.09 9.27
C ASP I 286 57.30 57.59 10.68
N PHE I 287 56.50 58.28 11.49
CA PHE I 287 56.08 57.78 12.79
C PHE I 287 54.58 57.51 12.87
N LEU I 288 53.81 57.89 11.86
CA LEU I 288 52.39 57.52 11.75
C LEU I 288 52.26 56.65 10.51
N THR I 289 52.40 55.34 10.68
CA THR I 289 52.35 54.41 9.57
C THR I 289 51.04 53.64 9.58
N PHE I 290 50.80 52.94 8.48
CA PHE I 290 49.75 51.95 8.37
C PHE I 290 50.38 50.66 7.91
N ASN I 291 51.44 50.23 8.61
CA ASN I 291 52.13 48.99 8.28
C ASN I 291 51.18 47.80 8.41
N GLY I 292 50.38 47.78 9.46
CA GLY I 292 49.28 46.84 9.54
C GLY I 292 49.71 45.41 9.74
N GLY I 293 50.20 45.08 10.92
CA GLY I 293 50.55 43.71 11.21
C GLY I 293 51.41 43.60 12.45
N LEU I 294 52.41 42.74 12.43
CA LEU I 294 53.32 42.58 13.55
C LEU I 294 54.72 42.96 13.12
N ASN I 295 55.44 43.59 14.04
CA ASN I 295 56.86 43.88 13.85
C ASN I 295 57.63 42.57 13.94
N PRO I 296 58.40 42.20 12.91
CA PRO I 296 59.18 40.94 12.99
C PRO I 296 60.30 40.97 14.00
N GLN I 297 60.73 42.15 14.47
CA GLN I 297 61.78 42.21 15.46
C GLN I 297 61.28 41.84 16.84
N THR I 298 60.18 42.45 17.28
CA THR I 298 59.66 42.24 18.62
C THR I 298 58.55 41.19 18.69
N GLY I 299 57.86 40.94 17.59
CA GLY I 299 56.65 40.14 17.60
C GLY I 299 55.40 40.92 17.86
N GLY I 300 55.50 42.08 18.52
CA GLY I 300 54.36 42.88 18.86
C GLY I 300 53.85 43.70 17.69
N LEU I 301 52.85 44.53 17.98
CA LEU I 301 52.31 45.45 16.99
C LEU I 301 53.33 46.53 16.68
N TRP I 302 53.24 47.07 15.46
CA TRP I 302 54.03 48.23 15.08
C TRP I 302 53.62 49.42 15.94
N LEU I 303 54.59 49.97 16.68
CA LEU I 303 54.28 51.08 17.56
C LEU I 303 54.06 52.38 16.80
N THR I 304 54.47 52.45 15.54
CA THR I 304 54.04 53.55 14.69
C THR I 304 52.61 53.36 14.21
N ASP I 305 52.15 52.12 14.14
CA ASP I 305 50.73 51.87 13.81
C ASP I 305 49.85 52.19 15.01
N THR I 306 50.32 51.92 16.22
CA THR I 306 49.50 52.17 17.40
C THR I 306 49.38 53.65 17.69
N ALA I 307 50.39 54.44 17.29
CA ALA I 307 50.31 55.88 17.46
C ALA I 307 49.31 56.50 16.49
N HIS I 308 49.30 56.01 15.24
CA HIS I 308 48.28 56.44 14.29
C HIS I 308 46.91 55.86 14.62
N HIS I 309 46.87 54.75 15.36
CA HIS I 309 45.61 54.21 15.84
C HIS I 309 44.98 55.12 16.88
N HIS I 310 45.76 55.45 17.93
CA HIS I 310 45.26 56.30 19.01
C HIS I 310 45.00 57.72 18.55
N LEU I 311 45.64 58.16 17.47
CA LEU I 311 45.38 59.48 16.92
C LEU I 311 44.10 59.52 16.12
N ALA I 312 43.84 58.47 15.33
CA ALA I 312 42.61 58.41 14.54
C ALA I 312 41.39 58.19 15.41
N LEU I 313 41.56 57.56 16.58
CA LEU I 313 40.46 57.42 17.51
C LEU I 313 40.22 58.69 18.31
N ALA I 314 41.26 59.49 18.52
CA ALA I 314 41.10 60.76 19.22
C ALA I 314 40.19 61.70 18.44
N VAL I 315 40.33 61.72 17.12
CA VAL I 315 39.45 62.53 16.29
C VAL I 315 38.05 61.94 16.29
N LEU I 316 37.94 60.61 16.22
CA LEU I 316 36.64 59.96 16.20
C LEU I 316 35.90 60.10 17.53
N PHE I 317 36.63 60.13 18.64
CA PHE I 317 36.00 60.30 19.94
C PHE I 317 35.62 61.75 20.21
N ILE I 318 36.41 62.71 19.73
CA ILE I 318 36.10 64.12 19.98
C ILE I 318 34.96 64.57 19.09
N VAL I 319 34.92 64.08 17.85
CA VAL I 319 33.78 64.33 16.96
C VAL I 319 32.51 63.73 17.55
N ALA I 320 32.60 62.53 18.12
CA ALA I 320 31.45 61.90 18.78
C ALA I 320 31.01 62.65 20.03
N GLY I 321 31.91 63.40 20.67
CA GLY I 321 31.57 64.16 21.85
C GLY I 321 30.92 65.51 21.59
N HIS I 322 30.55 65.79 20.35
CA HIS I 322 29.79 66.98 20.00
C HIS I 322 28.44 66.58 19.40
N PHE I 323 27.94 65.42 19.82
CA PHE I 323 26.71 64.86 19.31
C PHE I 323 25.50 65.29 20.12
N TYR I 324 25.66 65.50 21.43
CA TYR I 324 24.52 65.66 22.32
C TYR I 324 24.24 67.11 22.62
N ARG I 325 22.95 67.47 22.61
CA ARG I 325 22.53 68.85 22.84
C ARG I 325 22.73 69.23 24.29
N THR I 326 23.25 70.43 24.51
CA THR I 326 23.60 70.94 25.83
C THR I 326 23.16 72.40 25.81
N ASN I 327 23.73 73.23 26.70
CA ASN I 327 23.31 74.63 26.85
C ASN I 327 23.41 75.46 25.58
N TRP I 328 24.32 75.11 24.66
CA TRP I 328 24.51 75.91 23.45
C TRP I 328 23.67 75.40 22.28
N GLY I 329 22.38 75.19 22.53
CA GLY I 329 21.39 75.06 21.47
C GLY I 329 21.44 73.82 20.59
N ILE I 330 22.57 73.62 19.90
CA ILE I 330 22.63 72.60 18.86
C ILE I 330 22.92 71.24 19.47
N GLY I 331 22.53 70.20 18.74
CA GLY I 331 22.82 68.84 19.12
C GLY I 331 21.60 67.95 19.05
N HIS I 332 21.83 66.68 19.30
CA HIS I 332 20.76 65.71 19.44
C HIS I 332 20.42 65.56 20.91
N SER I 333 19.16 65.31 21.20
CA SER I 333 18.73 65.01 22.56
C SER I 333 18.47 63.52 22.68
N PHE I 334 18.68 62.99 23.89
CA PHE I 334 18.44 61.57 24.12
C PHE I 334 16.98 61.21 23.95
N LYS I 335 16.09 61.98 24.57
CA LYS I 335 14.68 61.61 24.62
C LYS I 335 14.02 61.74 23.25
N GLU I 336 14.34 62.80 22.51
CA GLU I 336 13.70 63.06 21.22
C GLU I 336 14.14 62.04 20.17
N VAL I 337 15.41 61.64 20.21
CA VAL I 337 15.88 60.63 19.28
C VAL I 337 15.40 59.24 19.68
N LEU I 338 15.00 59.07 20.95
CA LEU I 338 14.42 57.79 21.36
C LEU I 338 12.99 57.65 20.87
N GLU I 339 12.15 58.69 21.03
CA GLU I 339 10.78 58.56 20.59
C GLU I 339 10.60 58.68 19.08
N ALA I 340 11.64 59.04 18.34
CA ALA I 340 11.51 59.08 16.89
C ALA I 340 11.51 57.69 16.27
N HIS I 341 12.19 56.74 16.90
CA HIS I 341 12.34 55.38 16.37
C HIS I 341 11.18 54.54 16.91
N LYS I 342 10.09 54.55 16.15
CA LYS I 342 8.82 53.95 16.58
C LYS I 342 8.14 53.40 15.32
N GLY I 343 8.29 52.11 15.07
CA GLY I 343 7.80 51.51 13.85
C GLY I 343 6.50 50.76 14.03
N PRO I 344 6.04 50.07 12.98
CA PRO I 344 4.71 49.47 13.02
C PRO I 344 4.63 48.17 13.79
N VAL I 345 5.72 47.39 13.80
CA VAL I 345 5.71 46.09 14.45
C VAL I 345 5.80 46.22 15.97
N THR I 346 6.37 47.31 16.48
CA THR I 346 6.87 47.33 17.86
C THR I 346 6.15 48.33 18.75
N GLY I 347 4.91 48.71 18.42
CA GLY I 347 4.10 49.47 19.37
C GLY I 347 4.58 50.91 19.54
N GLU I 348 4.71 51.33 20.79
CA GLU I 348 5.14 52.68 21.13
C GLU I 348 6.63 52.90 20.95
N GLY I 349 7.39 51.85 20.66
CA GLY I 349 8.82 52.00 20.41
C GLY I 349 9.57 52.31 21.69
N HIS I 350 10.56 53.20 21.56
CA HIS I 350 11.51 53.44 22.63
C HIS I 350 11.03 54.45 23.68
N LYS I 351 9.72 54.67 23.82
CA LYS I 351 9.21 55.38 24.98
C LYS I 351 9.52 54.64 26.27
N GLY I 352 9.81 55.40 27.32
CA GLY I 352 10.18 54.83 28.58
C GLY I 352 11.65 54.50 28.72
N MET I 353 12.41 54.44 27.62
CA MET I 353 13.82 54.08 27.70
C MET I 353 14.65 55.22 28.26
N TYR I 354 14.26 56.47 28.01
CA TYR I 354 14.96 57.59 28.65
C TYR I 354 14.64 57.65 30.13
N GLU I 355 13.41 57.29 30.50
CA GLU I 355 12.96 57.44 31.88
C GLU I 355 13.64 56.45 32.81
N ILE I 356 13.86 55.21 32.35
CA ILE I 356 14.48 54.24 33.25
C ILE I 356 15.99 54.38 33.24
N PHE I 357 16.57 54.80 32.12
CA PHE I 357 18.02 54.98 32.06
C PHE I 357 18.48 56.27 32.74
N THR I 358 17.56 57.13 33.17
CA THR I 358 17.88 58.32 33.96
C THR I 358 17.37 58.27 35.39
N THR I 359 16.52 57.30 35.74
CA THR I 359 16.00 57.21 37.11
C THR I 359 16.37 55.93 37.83
N SER I 360 16.91 54.94 37.13
CA SER I 360 17.28 53.66 37.75
C SER I 360 18.79 53.48 37.66
N TRP I 361 19.44 53.38 38.81
CA TRP I 361 20.85 53.04 38.84
C TRP I 361 21.08 51.60 38.43
N HIS I 362 20.12 50.71 38.71
CA HIS I 362 20.29 49.30 38.38
C HIS I 362 20.16 49.06 36.88
N CYS I 363 19.32 49.83 36.19
CA CYS I 363 19.20 49.71 34.75
C CYS I 363 20.49 50.13 34.06
N GLN I 364 21.14 51.17 34.58
CA GLN I 364 22.44 51.57 34.06
C GLN I 364 23.52 50.57 34.41
N LEU I 365 23.49 50.02 35.63
CA LEU I 365 24.52 49.08 36.05
C LEU I 365 24.40 47.76 35.30
N SER I 366 23.17 47.30 35.06
CA SER I 366 22.97 46.09 34.28
C SER I 366 23.44 46.26 32.86
N TRP I 367 23.21 47.43 32.27
CA TRP I 367 23.62 47.61 30.90
C TRP I 367 25.11 47.86 30.79
N ASN I 368 25.71 48.56 31.75
CA ASN I 368 27.14 48.83 31.67
C ASN I 368 27.96 47.61 32.02
N LEU I 369 27.46 46.74 32.88
CA LEU I 369 28.14 45.46 33.13
C LEU I 369 28.10 44.56 31.92
N ALA I 370 27.03 44.64 31.11
CA ALA I 370 26.93 43.80 29.92
C ALA I 370 27.95 44.20 28.88
N TRP I 371 28.31 45.48 28.80
CA TRP I 371 29.22 45.94 27.77
C TRP I 371 30.67 45.89 28.20
N ILE I 372 30.96 46.13 29.48
CA ILE I 372 32.33 45.99 29.96
C ILE I 372 32.75 44.52 29.97
N GLY I 373 31.84 43.65 30.39
CA GLY I 373 32.12 42.21 30.33
C GLY I 373 32.26 41.70 28.91
N SER I 374 31.46 42.23 27.99
CA SER I 374 31.63 41.87 26.59
C SER I 374 32.89 42.47 26.00
N LEU I 375 33.33 43.62 26.51
CA LEU I 375 34.58 44.20 26.04
C LEU I 375 35.78 43.43 26.57
N SER I 376 35.74 43.02 27.84
CA SER I 376 36.83 42.26 28.45
C SER I 376 37.03 40.91 27.76
N ILE I 377 35.96 40.34 27.22
CA ILE I 377 36.08 39.13 26.41
C ILE I 377 36.70 39.48 25.06
N LEU I 378 36.29 40.60 24.46
CA LEU I 378 36.85 41.05 23.20
C LEU I 378 38.31 41.46 23.33
N VAL I 379 38.70 41.95 24.51
CA VAL I 379 40.11 42.26 24.79
C VAL I 379 40.95 40.99 24.71
N ALA I 380 40.42 39.88 25.22
CA ALA I 380 41.15 38.61 25.21
C ALA I 380 41.38 38.10 23.79
N HIS I 381 40.37 38.21 22.93
CA HIS I 381 40.53 37.74 21.55
C HIS I 381 41.46 38.62 20.74
N HIS I 382 41.46 39.93 21.00
CA HIS I 382 42.24 40.85 20.20
C HIS I 382 43.67 40.99 20.69
N MET I 383 43.99 40.55 21.90
CA MET I 383 45.35 40.66 22.40
C MET I 383 46.20 39.41 22.22
N TYR I 384 45.59 38.24 22.02
CA TYR I 384 46.41 37.08 21.68
C TYR I 384 46.78 37.11 20.20
N SER I 385 45.85 37.52 19.35
CA SER I 385 45.99 37.36 17.91
C SER I 385 46.59 38.56 17.23
N MET I 386 46.46 39.74 17.82
CA MET I 386 47.20 40.94 17.44
C MET I 386 47.97 41.37 18.67
N PRO I 387 49.08 40.70 19.00
CA PRO I 387 49.78 40.96 20.24
C PRO I 387 50.39 42.34 20.24
N PRO I 388 50.00 43.20 21.19
CA PRO I 388 50.34 44.62 21.11
C PRO I 388 51.55 45.07 21.93
N TYR I 389 52.29 44.16 22.52
CA TYR I 389 53.45 44.55 23.29
C TYR I 389 54.69 43.85 22.75
N PRO I 390 55.86 44.48 22.89
CA PRO I 390 57.09 43.83 22.43
C PRO I 390 57.46 42.65 23.30
N TYR I 391 57.76 41.52 22.65
CA TYR I 391 58.13 40.25 23.29
C TYR I 391 57.06 39.74 24.25
N ILE I 392 55.79 39.95 23.88
CA ILE I 392 54.71 39.37 24.67
C ILE I 392 54.20 38.13 23.95
N ALA I 393 54.34 38.08 22.62
CA ALA I 393 53.72 37.02 21.83
C ALA I 393 54.45 35.71 21.98
N THR I 394 55.75 35.75 22.21
CA THR I 394 56.53 34.54 22.47
C THR I 394 56.69 34.26 23.94
N ASP I 395 56.17 35.13 24.80
CA ASP I 395 56.02 34.84 26.22
C ASP I 395 54.73 34.07 26.39
N TYR I 396 54.80 32.76 26.19
CA TYR I 396 53.60 31.92 26.28
C TYR I 396 52.95 31.85 27.66
N PRO I 397 53.67 31.88 28.79
CA PRO I 397 52.96 32.07 30.07
C PRO I 397 52.20 33.38 30.20
N THR I 398 52.59 34.42 29.47
CA THR I 398 51.85 35.66 29.55
C THR I 398 50.62 35.67 28.66
N GLN I 399 50.74 35.12 27.45
CA GLN I 399 49.63 35.12 26.49
C GLN I 399 48.47 34.25 26.96
N LEU I 400 48.78 33.10 27.56
CA LEU I 400 47.74 32.22 28.07
C LEU I 400 47.07 32.82 29.30
N SER I 401 47.86 33.45 30.17
CA SER I 401 47.30 34.02 31.39
C SER I 401 46.43 35.23 31.09
N LEU I 402 46.81 36.05 30.11
CA LEU I 402 46.05 37.26 29.84
C LEU I 402 44.75 36.95 29.11
N PHE I 403 44.75 35.94 28.22
CA PHE I 403 43.50 35.50 27.61
C PHE I 403 42.57 34.93 28.67
N THR I 404 43.11 34.15 29.60
CA THR I 404 42.28 33.45 30.57
C THR I 404 41.74 34.41 31.62
N HIS I 405 42.57 35.37 32.05
CA HIS I 405 42.15 36.35 33.03
C HIS I 405 41.02 37.22 32.51
N HIS I 406 41.19 37.78 31.32
CA HIS I 406 40.18 38.68 30.79
C HIS I 406 38.96 37.94 30.26
N MET I 407 39.06 36.64 30.01
CA MET I 407 37.88 35.83 29.77
C MET I 407 37.04 35.73 31.03
N TRP I 408 37.65 35.39 32.16
CA TRP I 408 36.91 35.19 33.40
C TRP I 408 36.34 36.47 33.96
N ILE I 409 37.04 37.59 33.80
CA ILE I 409 36.49 38.87 34.21
C ILE I 409 35.28 39.21 33.36
N GLY I 410 35.35 38.91 32.06
CA GLY I 410 34.24 39.22 31.18
C GLY I 410 33.02 38.36 31.45
N GLY I 411 33.22 37.09 31.79
CA GLY I 411 32.09 36.23 32.08
C GLY I 411 31.42 36.54 33.40
N PHE I 412 32.19 37.00 34.39
CA PHE I 412 31.59 37.35 35.68
C PHE I 412 30.76 38.62 35.58
N LEU I 413 31.21 39.59 34.80
CA LEU I 413 30.49 40.86 34.70
C LEU I 413 29.24 40.73 33.85
N ILE I 414 29.22 39.81 32.89
CA ILE I 414 28.03 39.58 32.09
C ILE I 414 26.96 38.89 32.93
N VAL I 415 27.37 38.05 33.88
CA VAL I 415 26.41 37.45 34.81
C VAL I 415 25.81 38.52 35.72
N GLY I 416 26.62 39.49 36.14
CA GLY I 416 26.12 40.61 36.91
C GLY I 416 25.18 41.52 36.15
N ALA I 417 25.29 41.53 34.81
CA ALA I 417 24.32 42.24 34.00
C ALA I 417 22.93 41.65 34.14
N GLY I 418 22.84 40.32 34.14
CA GLY I 418 21.55 39.67 34.33
C GLY I 418 21.05 39.77 35.76
N ALA I 419 21.97 39.93 36.72
CA ALA I 419 21.56 40.11 38.10
C ALA I 419 20.87 41.45 38.30
N HIS I 420 21.50 42.53 37.85
CA HIS I 420 20.96 43.85 38.08
C HIS I 420 19.87 44.24 37.09
N ALA I 421 19.68 43.45 36.04
CA ALA I 421 18.50 43.60 35.21
C ALA I 421 17.28 42.98 35.88
N ALA I 422 17.49 41.94 36.68
CA ALA I 422 16.41 41.35 37.45
C ALA I 422 16.12 42.14 38.71
N ILE I 423 17.12 42.86 39.23
CA ILE I 423 16.88 43.75 40.35
C ILE I 423 16.07 44.96 39.89
N PHE I 424 16.34 45.44 38.68
CA PHE I 424 15.55 46.53 38.09
C PHE I 424 14.09 46.16 37.95
N MET I 425 13.81 44.93 37.49
CA MET I 425 12.43 44.50 37.31
C MET I 425 11.70 44.37 38.64
N VAL I 426 12.40 43.96 39.69
CA VAL I 426 11.77 43.82 41.00
C VAL I 426 11.53 45.18 41.63
N ARG I 427 12.52 46.06 41.58
CA ARG I 427 12.51 47.28 42.39
C ARG I 427 12.14 48.53 41.61
N ASP I 428 12.75 48.76 40.45
CA ASP I 428 12.62 50.04 39.76
C ASP I 428 11.68 50.00 38.56
N TYR I 429 11.18 48.84 38.18
CA TYR I 429 10.25 48.77 37.06
C TYR I 429 8.92 49.39 37.46
N ASP I 430 8.34 50.16 36.54
CA ASP I 430 7.11 50.87 36.81
C ASP I 430 6.13 50.61 35.67
N PRO I 431 4.92 50.15 35.97
CA PRO I 431 3.95 49.86 34.89
C PRO I 431 3.49 51.08 34.12
N ALA I 432 3.44 52.25 34.76
CA ALA I 432 3.00 53.46 34.07
C ALA I 432 4.04 53.98 33.08
N THR I 433 5.32 53.65 33.28
CA THR I 433 6.33 54.08 32.33
C THR I 433 6.25 53.27 31.04
N HIS I 434 5.84 52.00 31.13
CA HIS I 434 5.93 51.06 30.02
C HIS I 434 4.55 50.53 29.66
N ILE I 435 3.85 51.26 28.79
CA ILE I 435 2.60 50.79 28.20
C ILE I 435 2.81 50.69 26.70
N ASN I 436 2.80 49.46 26.18
CA ASN I 436 2.92 49.12 24.76
C ASN I 436 4.24 49.61 24.14
N ASN I 437 5.26 49.85 24.93
CA ASN I 437 6.58 50.15 24.42
C ASN I 437 7.38 48.86 24.27
N LEU I 438 8.69 48.96 24.08
CA LEU I 438 9.51 47.77 23.87
C LEU I 438 9.67 46.95 25.14
N LEU I 439 9.79 47.61 26.30
CA LEU I 439 9.87 46.86 27.54
C LEU I 439 8.54 46.22 27.91
N ASP I 440 7.42 46.87 27.57
CA ASP I 440 6.13 46.23 27.82
C ASP I 440 5.92 45.02 26.92
N ARG I 441 6.37 45.09 25.67
CA ARG I 441 6.07 44.05 24.71
C ARG I 441 7.00 42.85 24.82
N VAL I 442 8.19 42.99 25.42
CA VAL I 442 9.00 41.80 25.66
C VAL I 442 8.41 40.98 26.80
N ILE I 443 7.85 41.64 27.82
CA ILE I 443 7.20 40.95 28.92
C ILE I 443 5.96 40.22 28.44
N ARG I 444 5.23 40.80 27.49
CA ARG I 444 3.99 40.20 27.02
C ARG I 444 4.22 39.01 26.09
N HIS I 445 5.43 38.79 25.58
CA HIS I 445 5.67 37.55 24.84
C HIS I 445 6.86 36.79 25.39
N ARG I 446 7.05 36.85 26.71
CA ARG I 446 8.15 36.16 27.36
C ARG I 446 8.03 34.64 27.30
N ASP I 447 6.82 34.10 27.17
CA ASP I 447 6.72 32.65 26.96
C ASP I 447 7.13 32.26 25.56
N ALA I 448 6.97 33.17 24.59
CA ALA I 448 7.50 32.91 23.26
C ALA I 448 9.02 33.01 23.26
N ILE I 449 9.59 33.94 24.02
CA ILE I 449 11.03 34.15 24.02
C ILE I 449 11.75 33.00 24.72
N ILE I 450 11.24 32.60 25.88
CA ILE I 450 11.94 31.62 26.70
C ILE I 450 11.80 30.22 26.11
N SER I 451 10.61 29.87 25.61
CA SER I 451 10.42 28.54 25.04
C SER I 451 11.15 28.38 23.72
N HIS I 452 11.36 29.46 22.98
CA HIS I 452 12.19 29.37 21.77
C HIS I 452 13.66 29.26 22.14
N LEU I 453 14.09 30.02 23.15
CA LEU I 453 15.45 29.88 23.67
C LEU I 453 15.65 28.51 24.30
N ASN I 454 14.61 27.97 24.92
CA ASN I 454 14.67 26.60 25.43
C ASN I 454 14.91 25.61 24.32
N TRP I 455 14.18 25.75 23.21
CA TRP I 455 14.32 24.82 22.10
C TRP I 455 15.69 24.91 21.44
N VAL I 456 16.21 26.12 21.26
CA VAL I 456 17.49 26.27 20.59
C VAL I 456 18.63 25.79 21.48
N CYS I 457 18.43 25.77 22.80
CA CYS I 457 19.43 25.19 23.69
C CYS I 457 19.46 23.68 23.61
N ILE I 458 18.29 23.04 23.47
CA ILE I 458 18.26 21.59 23.32
C ILE I 458 18.78 21.19 21.94
N PHE I 459 18.46 21.97 20.92
CA PHE I 459 19.01 21.75 19.59
C PHE I 459 20.53 21.86 19.59
N LEU I 460 21.06 22.89 20.25
CA LEU I 460 22.50 23.12 20.23
C LEU I 460 23.24 22.12 21.09
N GLY I 461 22.63 21.62 22.16
CA GLY I 461 23.28 20.62 22.97
C GLY I 461 23.35 19.27 22.29
N PHE I 462 22.26 18.88 21.62
CA PHE I 462 22.25 17.64 20.86
C PHE I 462 23.21 17.73 19.68
N HIS I 463 23.16 18.80 18.92
CA HIS I 463 23.94 18.90 17.70
C HIS I 463 25.33 19.49 17.91
N SER I 464 25.78 19.67 19.14
CA SER I 464 27.21 19.92 19.38
C SER I 464 27.83 18.86 20.26
N PHE I 465 27.30 18.64 21.46
CA PHE I 465 27.87 17.64 22.36
C PHE I 465 27.59 16.23 21.88
N GLY I 466 26.42 16.00 21.27
CA GLY I 466 26.09 14.69 20.77
C GLY I 466 26.99 14.24 19.64
N LEU I 467 27.58 15.18 18.89
CA LEU I 467 28.59 14.84 17.90
C LEU I 467 29.87 14.35 18.55
N TYR I 468 30.20 14.84 19.74
CA TYR I 468 31.40 14.36 20.43
C TYR I 468 31.23 12.94 20.91
N VAL I 469 30.06 12.60 21.45
CA VAL I 469 29.86 11.25 21.96
C VAL I 469 29.48 10.28 20.85
N HIS I 470 28.98 10.78 19.73
CA HIS I 470 28.98 10.00 18.50
C HIS I 470 30.41 9.61 18.11
N ASN I 471 31.34 10.56 18.23
CA ASN I 471 32.71 10.31 17.83
C ASN I 471 33.41 9.37 18.80
N ASP I 472 33.12 9.49 20.10
CA ASP I 472 33.63 8.57 21.11
C ASP I 472 33.19 7.15 20.83
N THR I 473 31.93 6.99 20.43
CA THR I 473 31.39 5.67 20.18
C THR I 473 31.92 5.07 18.89
N MET I 474 32.08 5.90 17.85
CA MET I 474 32.62 5.40 16.59
C MET I 474 34.09 5.03 16.71
N ARG I 475 34.85 5.77 17.51
CA ARG I 475 36.26 5.46 17.69
C ARG I 475 36.45 4.21 18.54
N ALA I 476 35.62 4.04 19.57
CA ALA I 476 35.67 2.83 20.38
C ALA I 476 35.23 1.60 19.59
N PHE I 477 34.26 1.78 18.69
CA PHE I 477 33.82 0.72 17.78
C PHE I 477 34.86 0.33 16.74
N GLY I 478 35.94 1.06 16.59
CA GLY I 478 36.81 0.83 15.48
C GLY I 478 36.20 1.25 14.15
N ARG I 479 35.38 2.30 14.16
CA ARG I 479 34.80 2.87 12.95
C ARG I 479 35.20 4.34 12.81
N PRO I 480 36.49 4.63 12.54
CA PRO I 480 36.90 6.03 12.44
C PRO I 480 36.41 6.71 11.17
N GLN I 481 36.06 5.95 10.14
CA GLN I 481 35.46 6.52 8.94
C GLN I 481 34.04 7.03 9.18
N ASP I 482 33.41 6.61 10.27
CA ASP I 482 32.08 7.05 10.64
C ASP I 482 32.09 8.22 11.61
N MET I 483 33.25 8.77 11.93
CA MET I 483 33.35 9.88 12.84
C MET I 483 33.11 11.21 12.13
N PHE I 484 32.77 12.22 12.92
CA PHE I 484 32.81 13.60 12.45
C PHE I 484 34.24 14.10 12.63
N SER I 485 35.02 14.11 11.55
CA SER I 485 36.41 14.50 11.61
C SER I 485 36.84 15.00 10.24
N ASP I 486 38.09 15.44 10.16
CA ASP I 486 38.65 15.87 8.88
C ASP I 486 38.90 14.69 7.95
N THR I 487 39.03 13.48 8.49
CA THR I 487 39.25 12.28 7.71
C THR I 487 38.00 11.41 7.59
N GLY I 488 36.92 11.77 8.26
CA GLY I 488 35.69 11.01 8.18
C GLY I 488 34.57 11.79 7.53
N ILE I 489 33.50 12.04 8.27
CA ILE I 489 32.41 12.88 7.81
C ILE I 489 32.75 14.32 8.19
N GLN I 490 33.15 15.11 7.20
CA GLN I 490 33.70 16.43 7.46
C GLN I 490 32.62 17.44 7.78
N LEU I 491 32.87 18.25 8.80
CA LEU I 491 32.03 19.41 9.12
C LEU I 491 32.97 20.60 9.01
N GLN I 492 33.11 21.12 7.81
CA GLN I 492 34.06 22.20 7.63
C GLN I 492 33.39 23.54 7.99
N PRO I 493 34.05 24.37 8.76
CA PRO I 493 33.49 25.71 9.01
C PRO I 493 33.71 26.63 7.82
N VAL I 494 32.83 26.51 6.82
CA VAL I 494 33.08 27.17 5.54
C VAL I 494 32.82 28.66 5.58
N PHE I 495 31.98 29.15 6.48
CA PHE I 495 31.79 30.60 6.59
C PHE I 495 32.97 31.26 7.28
N ALA I 496 33.55 30.59 8.28
CA ALA I 496 34.73 31.14 8.93
C ALA I 496 35.97 31.01 8.05
N GLN I 497 36.04 29.98 7.23
CA GLN I 497 37.14 29.85 6.29
C GLN I 497 37.05 30.87 5.18
N TRP I 498 35.82 31.27 4.81
CA TRP I 498 35.64 32.29 3.80
C TRP I 498 35.98 33.68 4.33
N VAL I 499 35.68 33.94 5.59
CA VAL I 499 36.02 35.21 6.21
C VAL I 499 37.54 35.32 6.38
N GLN I 500 38.20 34.19 6.66
CA GLN I 500 39.65 34.17 6.75
C GLN I 500 40.31 34.45 5.41
N ASN I 501 39.67 34.05 4.31
CA ASN I 501 40.21 34.32 2.99
C ASN I 501 40.11 35.80 2.65
N LEU I 502 39.06 36.47 3.13
CA LEU I 502 38.92 37.90 2.87
C LEU I 502 39.89 38.73 3.70
N HIS I 503 40.24 38.26 4.89
CA HIS I 503 41.15 39.02 5.75
C HIS I 503 42.61 38.76 5.43
N ALA I 504 42.92 37.63 4.81
CA ALA I 504 44.28 37.38 4.37
C ALA I 504 44.59 38.03 3.02
N ALA I 505 43.55 38.27 2.21
CA ALA I 505 43.68 38.95 0.93
C ALA I 505 43.23 40.41 1.02
N ALA I 506 43.40 41.04 2.18
CA ALA I 506 42.97 42.41 2.39
C ALA I 506 44.04 43.42 2.03
N ALA I 507 45.29 43.14 2.39
CA ALA I 507 46.39 44.04 2.11
C ALA I 507 46.68 44.07 0.61
N GLY I 508 46.52 45.26 0.00
CA GLY I 508 46.64 45.39 -1.44
C GLY I 508 45.33 45.24 -2.17
N GLY I 509 44.28 44.76 -1.50
CA GLY I 509 42.98 44.55 -2.11
C GLY I 509 41.95 45.53 -1.58
N THR I 510 41.14 45.08 -0.62
CA THR I 510 40.09 45.92 -0.05
C THR I 510 40.61 46.89 1.01
N ALA I 511 41.83 46.69 1.48
CA ALA I 511 42.58 47.72 2.20
C ALA I 511 43.88 47.94 1.43
N PRO I 512 43.86 48.80 0.39
CA PRO I 512 45.06 48.92 -0.48
C PRO I 512 46.28 49.51 0.19
N ASN I 513 46.12 50.52 1.04
CA ASN I 513 47.26 51.23 1.59
C ASN I 513 47.88 50.56 2.82
N ALA I 514 47.51 49.32 3.11
CA ALA I 514 48.10 48.57 4.22
C ALA I 514 49.07 47.53 3.68
N ALA I 515 50.21 47.40 4.36
CA ALA I 515 51.28 46.53 3.87
C ALA I 515 50.95 45.06 4.07
N ALA I 516 50.76 44.65 5.32
CA ALA I 516 50.41 43.28 5.66
C ALA I 516 48.97 43.20 6.12
N GLY I 517 48.49 41.98 6.33
CA GLY I 517 47.17 41.77 6.88
C GLY I 517 47.14 42.08 8.37
N VAL I 518 45.92 42.13 8.90
CA VAL I 518 45.69 42.63 10.26
C VAL I 518 46.28 41.71 11.33
N SER I 519 46.46 40.44 11.02
CA SER I 519 47.04 39.46 11.93
C SER I 519 47.51 38.28 11.10
N PRO I 520 48.60 37.62 11.50
CA PRO I 520 48.98 36.38 10.80
C PRO I 520 48.01 35.23 11.03
N ALA I 521 47.14 35.32 12.05
CA ALA I 521 46.18 34.27 12.35
C ALA I 521 45.17 34.06 11.23
N PHE I 522 44.92 35.08 10.42
CA PHE I 522 43.99 34.97 9.30
C PHE I 522 44.61 34.37 8.05
N GLY I 523 45.90 34.07 8.06
CA GLY I 523 46.59 33.63 6.88
C GLY I 523 47.85 34.46 6.68
N GLY I 524 48.87 33.82 6.13
CA GLY I 524 50.17 34.44 5.94
C GLY I 524 51.27 33.46 6.25
N ASP I 525 52.46 33.95 6.58
CA ASP I 525 53.55 33.07 6.95
C ASP I 525 53.91 33.25 8.42
N ILE I 526 54.68 32.28 8.92
CA ILE I 526 54.99 32.14 10.33
C ILE I 526 55.95 33.25 10.75
N LEU I 527 55.54 34.04 11.73
CA LEU I 527 56.38 35.11 12.27
C LEU I 527 57.06 34.58 13.53
N ALA I 528 58.39 34.60 13.53
CA ALA I 528 59.17 34.01 14.60
C ALA I 528 60.09 35.05 15.22
N VAL I 529 59.90 35.29 16.52
CA VAL I 529 60.91 35.91 17.37
C VAL I 529 61.81 34.75 17.77
N VAL I 530 62.94 35.02 18.44
CA VAL I 530 64.26 34.38 18.31
C VAL I 530 64.22 32.89 18.02
N GLY I 531 63.44 32.12 18.76
CA GLY I 531 63.29 30.73 18.43
C GLY I 531 61.84 30.27 18.34
N LYS I 532 60.91 31.12 18.74
CA LYS I 532 59.54 30.72 19.02
C LYS I 532 58.56 31.42 18.10
N VAL I 533 57.43 30.76 17.85
CA VAL I 533 56.38 31.34 17.02
C VAL I 533 55.68 32.45 17.79
N ALA I 534 55.60 33.63 17.17
CA ALA I 534 54.75 34.68 17.70
C ALA I 534 53.31 34.49 17.25
N MET I 535 53.08 34.37 15.95
CA MET I 535 51.75 34.12 15.41
C MET I 535 51.90 33.50 14.03
N MET I 536 51.10 32.49 13.77
CA MET I 536 51.02 31.81 12.48
C MET I 536 49.54 31.69 12.12
N PRO I 537 49.22 31.27 10.89
CA PRO I 537 47.81 31.00 10.57
C PRO I 537 47.18 29.93 11.46
N ILE I 538 45.99 30.23 11.93
CA ILE I 538 45.24 29.34 12.82
C ILE I 538 44.16 28.70 11.96
N THR I 539 44.43 27.48 11.50
CA THR I 539 43.51 26.78 10.61
C THR I 539 42.28 26.33 11.37
N LEU I 540 41.17 26.24 10.64
CA LEU I 540 39.88 25.84 11.20
C LEU I 540 39.38 24.63 10.43
N GLY I 541 39.37 23.49 11.08
CA GLY I 541 38.84 22.28 10.49
C GLY I 541 37.59 21.79 11.19
N THR I 542 37.37 20.48 11.17
CA THR I 542 36.16 19.91 11.76
C THR I 542 36.18 20.03 13.28
N ALA I 543 37.36 19.90 13.89
CA ALA I 543 37.47 20.05 15.34
C ALA I 543 37.16 21.46 15.81
N ASP I 544 37.38 22.46 14.96
CA ASP I 544 37.05 23.84 15.30
C ASP I 544 35.58 24.14 15.08
N PHE I 545 34.95 23.48 14.12
CA PHE I 545 33.50 23.56 13.98
C PHE I 545 32.79 23.03 15.21
N LEU I 546 33.28 21.92 15.77
CA LEU I 546 32.61 21.28 16.89
C LEU I 546 32.68 22.14 18.15
N VAL I 547 33.87 22.64 18.48
CA VAL I 547 34.04 23.39 19.70
C VAL I 547 33.41 24.78 19.62
N HIS I 548 33.27 25.35 18.42
CA HIS I 548 32.60 26.63 18.29
C HIS I 548 31.11 26.51 18.52
N HIS I 549 30.52 25.37 18.18
CA HIS I 549 29.12 25.14 18.48
C HIS I 549 28.90 24.69 19.92
N ILE I 550 29.93 24.19 20.58
CA ILE I 550 29.90 24.03 22.03
C ILE I 550 29.81 25.41 22.70
N HIS I 551 30.59 26.38 22.21
CA HIS I 551 30.54 27.72 22.76
C HIS I 551 29.20 28.39 22.51
N ALA I 552 28.64 28.19 21.31
CA ALA I 552 27.31 28.70 21.01
C ALA I 552 26.26 28.06 21.92
N PHE I 553 26.43 26.78 22.23
CA PHE I 553 25.49 26.09 23.10
C PHE I 553 25.59 26.58 24.54
N THR I 554 26.79 26.67 25.08
CA THR I 554 26.92 27.01 26.48
C THR I 554 26.66 28.48 26.77
N ILE I 555 26.80 29.35 25.77
CA ILE I 555 26.41 30.74 25.95
C ILE I 555 24.89 30.88 25.90
N HIS I 556 24.23 30.15 25.00
CA HIS I 556 22.77 30.22 24.87
C HIS I 556 22.07 29.69 26.12
N VAL I 557 22.64 28.71 26.81
CA VAL I 557 22.04 28.23 28.06
C VAL I 557 22.22 29.26 29.16
N THR I 558 23.40 29.88 29.23
CA THR I 558 23.64 30.94 30.22
C THR I 558 22.73 32.13 29.98
N VAL I 559 22.50 32.48 28.71
CA VAL I 559 21.50 33.51 28.38
C VAL I 559 20.11 33.06 28.81
N LEU I 560 19.79 31.77 28.59
CA LEU I 560 18.48 31.23 28.93
C LEU I 560 18.19 31.31 30.43
N ILE I 561 19.19 31.01 31.26
CA ILE I 561 19.01 31.08 32.70
C ILE I 561 18.85 32.53 33.16
N LEU I 562 19.68 33.43 32.62
CA LEU I 562 19.64 34.81 33.07
C LEU I 562 18.47 35.58 32.49
N LEU I 563 18.06 35.29 31.26
CA LEU I 563 16.91 35.99 30.68
C LEU I 563 15.61 35.50 31.28
N LYS I 564 15.53 34.22 31.67
CA LYS I 564 14.37 33.74 32.41
C LYS I 564 14.29 34.36 33.78
N GLY I 565 15.45 34.64 34.39
CA GLY I 565 15.46 35.32 35.67
C GLY I 565 14.99 36.77 35.59
N VAL I 566 15.22 37.43 34.47
CA VAL I 566 14.82 38.83 34.32
C VAL I 566 13.35 38.91 33.90
N LEU I 567 12.95 38.11 32.92
CA LEU I 567 11.59 38.20 32.40
C LEU I 567 10.55 37.65 33.36
N PHE I 568 10.94 36.82 34.32
CA PHE I 568 10.00 36.24 35.26
C PHE I 568 10.29 36.67 36.69
N ALA I 569 10.99 37.79 36.88
CA ALA I 569 11.36 38.24 38.21
C ALA I 569 10.14 38.75 38.99
N ARG I 570 9.20 39.39 38.30
CA ARG I 570 8.06 39.97 38.99
C ARG I 570 6.97 38.94 39.26
N ASN I 571 6.66 38.10 38.27
CA ASN I 571 5.61 37.11 38.43
C ASN I 571 5.79 36.01 37.38
N SER I 572 5.05 34.93 37.58
CA SER I 572 4.96 33.84 36.63
C SER I 572 3.60 33.20 36.78
N ARG I 573 3.34 32.16 35.98
CA ARG I 573 2.11 31.41 36.15
C ARG I 573 2.10 30.59 37.44
N LEU I 574 3.28 30.31 37.99
CA LEU I 574 3.42 29.60 39.26
C LEU I 574 3.31 30.54 40.45
N ILE I 575 4.04 31.64 40.43
CA ILE I 575 4.05 32.61 41.53
C ILE I 575 3.58 33.95 40.99
N PRO I 576 2.28 34.26 41.12
CA PRO I 576 1.76 35.52 40.56
C PRO I 576 2.21 36.78 41.31
N ASP I 577 2.79 36.66 42.49
CA ASP I 577 3.25 37.81 43.26
C ASP I 577 4.72 37.67 43.63
N LYS I 578 5.53 37.18 42.69
CA LYS I 578 6.95 36.94 42.96
C LYS I 578 7.72 38.23 43.19
N GLY I 579 7.28 39.33 42.57
CA GLY I 579 7.91 40.62 42.82
C GLY I 579 7.67 41.13 44.22
N GLU I 580 6.60 40.68 44.88
CA GLU I 580 6.36 41.08 46.26
C GLU I 580 7.31 40.38 47.22
N LEU I 581 7.79 39.19 46.87
CA LEU I 581 8.71 38.46 47.73
C LEU I 581 10.14 38.94 47.60
N GLY I 582 10.45 39.72 46.58
CA GLY I 582 11.74 40.38 46.47
C GLY I 582 12.57 39.83 45.32
N PHE I 583 13.81 40.31 45.27
CA PHE I 583 14.79 39.75 44.35
C PHE I 583 15.44 38.52 44.93
N ARG I 584 15.70 38.54 46.24
CA ARG I 584 16.47 37.51 46.92
C ARG I 584 15.63 36.91 48.03
N PHE I 585 15.05 35.75 47.78
CA PHE I 585 14.31 34.98 48.76
C PHE I 585 14.47 33.52 48.38
N PRO I 586 14.43 32.60 49.35
CA PRO I 586 14.78 31.21 49.03
C PRO I 586 13.74 30.48 48.17
N CYS I 587 12.46 30.65 48.47
CA CYS I 587 11.38 29.87 47.86
C CYS I 587 10.07 30.51 48.27
N ASP I 588 8.98 29.89 47.88
CA ASP I 588 7.66 30.17 48.42
C ASP I 588 7.02 28.91 48.98
N GLY I 589 7.82 28.08 49.64
CA GLY I 589 7.31 26.93 50.33
C GLY I 589 7.23 25.69 49.49
N PRO I 590 6.96 24.55 50.13
CA PRO I 590 6.91 23.28 49.40
C PRO I 590 5.66 23.06 48.58
N GLY I 591 4.71 23.99 48.63
CA GLY I 591 3.49 23.86 47.87
C GLY I 591 3.69 24.14 46.39
N ARG I 592 2.58 24.01 45.66
CA ARG I 592 2.52 24.05 44.19
C ARG I 592 3.48 23.05 43.56
N GLY I 593 3.67 21.90 44.21
CA GLY I 593 4.69 20.96 43.87
C GLY I 593 6.04 21.21 44.51
N GLY I 594 6.34 22.47 44.84
CA GLY I 594 7.65 22.86 45.34
C GLY I 594 8.18 24.02 44.53
N THR I 595 8.53 25.11 45.20
CA THR I 595 8.89 26.36 44.54
C THR I 595 10.29 26.82 44.94
N CYS I 596 11.19 25.87 45.15
CA CYS I 596 12.58 26.18 45.48
C CYS I 596 13.26 26.90 44.32
N GLN I 597 14.01 27.96 44.64
CA GLN I 597 14.85 28.69 43.68
C GLN I 597 14.02 29.34 42.56
N VAL I 598 12.92 30.01 42.93
CA VAL I 598 12.15 30.74 41.94
C VAL I 598 12.60 32.19 41.79
N SER I 599 13.38 32.71 42.74
CA SER I 599 13.73 34.12 42.77
C SER I 599 14.67 34.48 41.63
N GLY I 600 14.77 35.79 41.38
CA GLY I 600 15.73 36.29 40.43
C GLY I 600 17.17 36.09 40.89
N TRP I 601 17.38 36.08 42.21
CA TRP I 601 18.70 35.81 42.78
C TRP I 601 19.16 34.40 42.45
N ASP I 602 18.23 33.44 42.44
CA ASP I 602 18.61 32.06 42.26
C ASP I 602 18.89 31.74 40.80
N HIS I 603 18.41 32.57 39.88
CA HIS I 603 18.82 32.43 38.48
C HIS I 603 20.23 32.92 38.26
N VAL I 604 20.67 33.92 39.04
CA VAL I 604 22.07 34.32 39.02
C VAL I 604 22.94 33.22 39.60
N PHE I 605 22.44 32.57 40.65
CA PHE I 605 23.12 31.43 41.25
C PHE I 605 23.30 30.29 40.25
N LEU I 606 22.24 29.94 39.53
CA LEU I 606 22.35 28.89 38.52
C LEU I 606 23.13 29.35 37.31
N GLY I 607 23.04 30.64 36.96
CA GLY I 607 23.78 31.17 35.84
C GLY I 607 25.28 31.23 36.06
N LEU I 608 25.72 31.29 37.30
CA LEU I 608 27.15 31.33 37.59
C LEU I 608 27.80 29.98 37.28
N PHE I 609 27.10 28.89 37.52
CA PHE I 609 27.63 27.57 37.19
C PHE I 609 27.74 27.39 35.69
N TRP I 610 26.76 27.89 34.94
CA TRP I 610 26.77 27.71 33.50
C TRP I 610 27.71 28.68 32.81
N MET I 611 27.95 29.84 33.42
CA MET I 611 29.04 30.69 32.97
C MET I 611 30.38 30.02 33.19
N TYR I 612 30.55 29.39 34.36
CA TYR I 612 31.77 28.65 34.66
C TYR I 612 31.98 27.52 33.65
N ASN I 613 30.91 26.79 33.35
CA ASN I 613 30.97 25.72 32.35
C ASN I 613 31.31 26.27 30.97
N SER I 614 30.75 27.44 30.65
CA SER I 614 30.95 28.02 29.33
C SER I 614 32.38 28.50 29.12
N LEU I 615 32.96 29.12 30.15
CA LEU I 615 34.26 29.72 29.98
C LEU I 615 35.40 28.75 30.24
N SER I 616 35.16 27.68 31.00
CA SER I 616 36.15 26.62 31.12
C SER I 616 36.43 25.97 29.79
N ILE I 617 35.40 25.81 28.96
CA ILE I 617 35.60 25.21 27.64
C ILE I 617 36.24 26.20 26.69
N VAL I 618 35.97 27.49 26.87
CA VAL I 618 36.60 28.52 26.04
C VAL I 618 38.11 28.57 26.28
N ILE I 619 38.52 28.57 27.54
CA ILE I 619 39.95 28.61 27.83
C ILE I 619 40.62 27.27 27.61
N PHE I 620 39.87 26.17 27.63
CA PHE I 620 40.45 24.89 27.26
C PHE I 620 40.64 24.80 25.75
N HIS I 621 39.68 25.36 24.99
CA HIS I 621 39.82 25.49 23.55
C HIS I 621 41.03 26.33 23.19
N PHE I 622 41.23 27.44 23.90
CA PHE I 622 42.39 28.30 23.64
C PHE I 622 43.68 27.59 23.97
N SER I 623 43.77 26.99 25.16
CA SER I 623 45.01 26.39 25.63
C SER I 623 45.43 25.20 24.77
N TRP I 624 44.48 24.43 24.28
CA TRP I 624 44.86 23.30 23.45
C TRP I 624 45.19 23.74 22.03
N LYS I 625 44.38 24.62 21.43
CA LYS I 625 44.61 25.03 20.05
C LYS I 625 45.89 25.85 19.89
N MET I 626 46.27 26.63 20.90
CA MET I 626 47.52 27.38 20.80
C MET I 626 48.73 26.46 20.96
N GLN I 627 48.64 25.49 21.85
CA GLN I 627 49.77 24.57 22.05
C GLN I 627 49.90 23.57 20.91
N SER I 628 48.81 23.24 20.25
CA SER I 628 48.85 22.21 19.22
C SER I 628 49.12 22.78 17.84
N ASP I 629 48.61 23.97 17.54
CA ASP I 629 48.60 24.46 16.19
C ASP I 629 49.29 25.80 15.99
N VAL I 630 49.66 26.50 17.07
CA VAL I 630 50.26 27.82 16.93
C VAL I 630 51.63 27.89 17.58
N TRP I 631 51.68 27.69 18.89
CA TRP I 631 52.90 27.91 19.66
C TRP I 631 53.90 26.78 19.45
N GLY I 632 55.16 27.11 19.55
CA GLY I 632 56.22 26.12 19.46
C GLY I 632 57.52 26.74 19.01
N SER I 633 58.53 25.87 18.90
CA SER I 633 59.86 26.29 18.52
C SER I 633 60.02 26.23 17.01
N VAL I 634 60.80 27.17 16.47
CA VAL I 634 61.11 27.21 15.05
C VAL I 634 62.53 26.71 14.85
N SER I 635 62.71 25.86 13.85
CA SER I 635 64.04 25.42 13.46
C SER I 635 64.72 26.51 12.64
N PRO I 636 66.04 26.42 12.44
CA PRO I 636 66.67 27.30 11.44
C PRO I 636 66.23 27.03 10.02
N ASP I 637 65.78 25.80 9.73
CA ASP I 637 65.24 25.50 8.41
C ASP I 637 63.87 26.15 8.20
N GLY I 638 63.14 26.39 9.28
CA GLY I 638 61.90 27.14 9.22
C GLY I 638 60.63 26.36 9.46
N SER I 639 60.71 25.15 10.00
CA SER I 639 59.54 24.34 10.31
C SER I 639 59.21 24.45 11.80
N VAL I 640 57.92 24.55 12.11
CA VAL I 640 57.46 24.70 13.48
C VAL I 640 57.32 23.33 14.13
N SER I 641 57.93 23.17 15.29
CA SER I 641 57.69 22.03 16.17
C SER I 641 56.75 22.51 17.27
N HIS I 642 55.48 22.16 17.16
CA HIS I 642 54.47 22.66 18.08
C HIS I 642 54.59 21.97 19.44
N ILE I 643 53.94 22.57 20.44
CA ILE I 643 54.10 22.14 21.83
C ILE I 643 53.48 20.77 22.05
N THR I 644 52.27 20.55 21.54
CA THR I 644 51.65 19.23 21.61
C THR I 644 51.52 18.58 20.23
N ALA I 645 52.24 19.10 19.23
CA ALA I 645 52.54 18.43 17.96
C ALA I 645 51.31 18.12 17.11
N GLY I 646 50.43 19.11 16.98
CA GLY I 646 49.34 19.02 16.04
C GLY I 646 48.25 18.02 16.37
N ASN I 647 48.09 17.65 17.63
CA ASN I 647 47.15 16.59 18.00
C ASN I 647 45.72 17.09 18.19
N PHE I 648 45.44 18.36 17.92
CA PHE I 648 44.11 18.90 18.14
C PHE I 648 43.10 18.37 17.14
N ALA I 649 43.52 18.17 15.88
CA ALA I 649 42.57 17.83 14.83
C ALA I 649 42.01 16.42 14.98
N GLN I 650 42.75 15.51 15.61
CA GLN I 650 42.29 14.14 15.77
C GLN I 650 41.92 13.76 17.19
N SER I 651 42.31 14.54 18.19
CA SER I 651 41.96 14.23 19.57
C SER I 651 40.88 15.12 20.16
N ALA I 652 40.73 16.36 19.70
CA ALA I 652 39.71 17.24 20.26
C ALA I 652 38.32 17.01 19.68
N ILE I 653 38.10 15.87 19.01
CA ILE I 653 36.78 15.53 18.49
C ILE I 653 36.06 14.52 19.36
N THR I 654 36.72 13.95 20.36
CA THR I 654 36.10 13.05 21.32
C THR I 654 36.29 13.60 22.72
N ILE I 655 35.45 13.14 23.64
CA ILE I 655 35.62 13.49 25.05
C ILE I 655 36.82 12.73 25.63
N ASN I 656 37.07 11.52 25.13
CA ASN I 656 38.24 10.75 25.54
C ASN I 656 39.54 11.45 25.17
N GLY I 657 39.57 12.12 24.02
CA GLY I 657 40.76 12.86 23.64
C GLY I 657 40.98 14.11 24.48
N TRP I 658 39.89 14.77 24.87
CA TRP I 658 39.99 15.89 25.80
C TRP I 658 40.42 15.42 27.19
N LEU I 659 40.01 14.23 27.58
CA LEU I 659 40.42 13.69 28.88
C LEU I 659 41.86 13.20 28.87
N ARG I 660 42.26 12.49 27.82
CA ARG I 660 43.58 11.86 27.76
C ARG I 660 44.66 12.82 27.26
N ASP I 661 44.46 13.40 26.09
CA ASP I 661 45.51 14.17 25.45
C ASP I 661 45.56 15.62 25.92
N PHE I 662 44.48 16.15 26.47
CA PHE I 662 44.52 17.47 27.07
C PHE I 662 44.61 17.43 28.58
N LEU I 663 43.71 16.71 29.23
CA LEU I 663 43.60 16.85 30.68
C LEU I 663 44.55 15.92 31.42
N TRP I 664 44.72 14.68 30.95
CA TRP I 664 45.67 13.78 31.59
C TRP I 664 47.09 14.11 31.21
N ALA I 665 47.32 14.46 29.95
CA ALA I 665 48.69 14.64 29.45
C ALA I 665 49.30 15.95 29.95
N GLN I 666 48.55 17.04 29.91
CA GLN I 666 49.12 18.32 30.29
C GLN I 666 49.09 18.57 31.80
N ALA I 667 48.46 17.70 32.58
CA ALA I 667 48.52 17.82 34.02
C ALA I 667 49.74 17.17 34.62
N SER I 668 50.61 16.59 33.80
CA SER I 668 51.84 15.99 34.32
C SER I 668 52.81 17.04 34.85
N GLN I 669 52.71 18.28 34.36
CA GLN I 669 53.56 19.34 34.88
C GLN I 669 53.12 19.82 36.25
N VAL I 670 51.83 19.77 36.55
CA VAL I 670 51.37 20.28 37.84
C VAL I 670 51.44 19.21 38.93
N ILE I 671 51.33 17.92 38.59
CA ILE I 671 51.42 16.89 39.60
C ILE I 671 52.85 16.39 39.80
N GLY I 672 53.77 16.75 38.92
CA GLY I 672 55.17 16.42 39.09
C GLY I 672 56.01 17.57 39.58
N SER I 673 55.40 18.66 40.02
CA SER I 673 56.10 19.88 40.35
C SER I 673 56.58 19.92 41.80
N TYR I 674 56.35 18.87 42.58
CA TYR I 674 56.77 18.86 43.98
C TYR I 674 58.29 18.84 44.09
N GLY I 675 58.81 19.59 45.05
CA GLY I 675 60.24 19.73 45.19
C GLY I 675 60.90 20.56 44.11
N SER I 676 60.15 21.44 43.46
CA SER I 676 60.71 22.33 42.46
C SER I 676 60.22 23.75 42.68
N ALA I 677 60.50 24.65 41.74
CA ALA I 677 60.03 26.03 41.84
C ALA I 677 58.53 26.15 41.59
N LEU I 678 57.95 25.23 40.82
CA LEU I 678 56.53 25.24 40.53
C LEU I 678 55.71 24.46 41.56
N SER I 679 56.27 24.20 42.74
CA SER I 679 55.60 23.37 43.72
C SER I 679 54.43 24.07 44.39
N ALA I 680 54.38 25.41 44.34
CA ALA I 680 53.20 26.12 44.80
C ALA I 680 52.00 25.85 43.90
N TYR I 681 52.24 25.65 42.61
CA TYR I 681 51.15 25.27 41.72
C TYR I 681 50.66 23.86 41.98
N GLY I 682 51.56 22.97 42.42
CA GLY I 682 51.13 21.62 42.77
C GLY I 682 50.31 21.59 44.03
N LEU I 683 50.65 22.42 45.01
CA LEU I 683 49.87 22.50 46.24
C LEU I 683 48.53 23.18 45.99
N LEU I 684 48.52 24.23 45.16
CA LEU I 684 47.28 24.92 44.87
C LEU I 684 46.37 24.13 43.93
N PHE I 685 46.94 23.22 43.14
CA PHE I 685 46.12 22.29 42.35
C PHE I 685 45.33 21.38 43.27
N LEU I 686 45.97 20.85 44.30
CA LEU I 686 45.28 19.97 45.23
C LEU I 686 44.35 20.75 46.15
N GLY I 687 44.77 21.94 46.59
CA GLY I 687 43.96 22.73 47.48
C GLY I 687 42.70 23.26 46.84
N ALA I 688 42.75 23.52 45.53
CA ALA I 688 41.56 23.97 44.84
C ALA I 688 40.62 22.81 44.52
N HIS I 689 41.16 21.60 44.34
CA HIS I 689 40.32 20.40 44.28
C HIS I 689 39.56 20.20 45.58
N PHE I 690 40.20 20.53 46.71
CA PHE I 690 39.56 20.43 48.02
C PHE I 690 38.41 21.42 48.16
N VAL I 691 38.65 22.68 47.78
CA VAL I 691 37.66 23.74 47.98
C VAL I 691 36.44 23.51 47.11
N TRP I 692 36.65 23.03 45.88
CA TRP I 692 35.56 22.70 44.98
C TRP I 692 34.70 21.57 45.54
N ALA I 693 35.35 20.56 46.13
CA ALA I 693 34.62 19.46 46.73
C ALA I 693 33.92 19.88 48.01
N PHE I 694 34.54 20.80 48.76
CA PHE I 694 33.96 21.33 49.98
C PHE I 694 32.68 22.10 49.71
N SER I 695 32.56 22.70 48.52
CA SER I 695 31.36 23.42 48.13
C SER I 695 30.15 22.51 47.98
N LEU I 696 30.38 21.23 47.66
CA LEU I 696 29.26 20.33 47.41
C LEU I 696 28.53 19.94 48.69
N MET I 697 29.15 20.14 49.85
CA MET I 697 28.43 20.00 51.11
C MET I 697 27.34 21.06 51.23
N PHE I 698 27.63 22.29 50.82
CA PHE I 698 26.64 23.35 50.89
C PHE I 698 25.60 23.23 49.78
N LEU I 699 26.03 22.84 48.59
CA LEU I 699 25.14 22.81 47.45
C LEU I 699 24.18 21.63 47.49
N PHE I 700 24.61 20.49 48.01
CA PHE I 700 23.76 19.30 47.95
C PHE I 700 22.87 19.15 49.17
N SER I 701 23.12 19.90 50.25
CA SER I 701 22.38 19.73 51.49
C SER I 701 21.50 20.93 51.75
N GLY I 702 20.78 20.87 52.87
CA GLY I 702 19.90 21.95 53.28
C GLY I 702 20.04 22.23 54.75
N ARG I 703 19.64 23.43 55.15
CA ARG I 703 19.93 23.93 56.49
C ARG I 703 19.09 23.27 57.58
N GLY I 704 17.99 22.60 57.22
CA GLY I 704 17.19 21.95 58.24
C GLY I 704 17.89 20.75 58.85
N TYR I 705 18.78 20.11 58.10
CA TYR I 705 19.68 19.13 58.70
C TYR I 705 20.65 19.82 59.65
N TRP I 706 21.26 20.91 59.21
CA TRP I 706 22.36 21.52 59.95
C TRP I 706 21.87 22.24 61.19
N GLN I 707 20.65 22.75 61.17
CA GLN I 707 20.09 23.39 62.37
C GLN I 707 19.80 22.35 63.45
N GLU I 708 19.38 21.15 63.06
CA GLU I 708 19.08 20.11 64.03
C GLU I 708 20.34 19.47 64.60
N LEU I 709 21.40 19.37 63.79
CA LEU I 709 22.67 18.89 64.31
C LEU I 709 23.28 19.88 65.30
N ILE I 710 23.05 21.17 65.10
CA ILE I 710 23.55 22.20 66.01
C ILE I 710 22.81 22.14 67.34
N GLU I 711 21.56 21.67 67.35
CA GLU I 711 20.82 21.43 68.60
C GLU I 711 21.52 20.40 69.49
N SER I 712 22.08 19.36 68.91
CA SER I 712 22.83 18.41 69.71
C SER I 712 24.21 18.92 70.08
N ILE I 713 24.68 19.98 69.42
CA ILE I 713 25.96 20.58 69.79
C ILE I 713 25.76 21.59 70.92
N VAL I 714 24.67 22.37 70.88
CA VAL I 714 24.41 23.33 71.94
C VAL I 714 23.99 22.66 73.24
N TRP I 715 23.49 21.42 73.16
CA TRP I 715 23.23 20.66 74.38
C TRP I 715 24.52 20.32 75.09
N ALA I 716 25.53 19.86 74.34
CA ALA I 716 26.84 19.60 74.91
C ALA I 716 27.54 20.88 75.36
N HIS I 717 27.17 22.02 74.81
CA HIS I 717 27.74 23.28 75.25
C HIS I 717 27.04 23.82 76.49
N ASN I 718 25.75 23.53 76.65
CA ASN I 718 25.00 23.92 77.84
C ASN I 718 25.23 22.98 79.01
N LYS I 719 25.60 21.73 78.74
CA LYS I 719 25.80 20.73 79.77
C LYS I 719 27.03 21.05 80.63
N LEU I 720 27.97 21.80 80.08
CA LEU I 720 29.26 22.03 80.71
C LEU I 720 29.55 23.50 81.02
N LYS I 721 29.51 24.36 80.00
CA LYS I 721 30.49 25.45 79.94
C LYS I 721 30.01 26.53 78.95
N VAL I 722 30.97 27.13 78.25
CA VAL I 722 31.14 28.47 77.69
C VAL I 722 30.02 28.98 76.77
N ALA I 723 29.00 28.12 76.46
CA ALA I 723 27.93 28.24 75.46
C ALA I 723 27.40 29.65 75.23
N PRO I 724 27.31 30.09 73.98
CA PRO I 724 27.26 31.53 73.70
C PRO I 724 25.89 32.14 73.96
N ALA I 725 25.89 33.48 73.98
CA ALA I 725 24.64 34.22 74.07
C ALA I 725 24.07 34.53 72.70
N ILE I 726 24.92 34.92 71.75
CA ILE I 726 24.52 35.03 70.36
C ILE I 726 24.29 33.61 69.86
N GLN I 727 23.03 33.25 69.69
CA GLN I 727 22.67 31.84 69.61
C GLN I 727 22.99 31.29 68.23
N PRO I 728 23.71 30.16 68.15
CA PRO I 728 24.22 29.70 66.86
C PRO I 728 23.12 29.11 65.98
N ARG I 729 23.13 29.52 64.72
CA ARG I 729 22.18 29.05 63.73
C ARG I 729 22.92 28.44 62.57
N ALA I 730 22.26 27.55 61.84
CA ALA I 730 22.74 27.21 60.52
C ALA I 730 22.60 28.43 59.61
N LEU I 731 23.38 28.44 58.54
CA LEU I 731 23.26 29.49 57.54
C LEU I 731 21.88 29.45 56.90
N SER I 732 21.43 30.60 56.41
CA SER I 732 20.15 30.66 55.74
C SER I 732 20.21 29.89 54.41
N ILE I 733 19.03 29.68 53.82
CA ILE I 733 18.94 28.93 52.57
C ILE I 733 19.67 29.67 51.45
N THR I 734 19.54 30.99 51.42
CA THR I 734 20.19 31.78 50.38
C THR I 734 21.70 31.82 50.60
N GLN I 735 22.14 31.95 51.84
CA GLN I 735 23.56 32.03 52.14
C GLN I 735 24.26 30.70 51.87
N GLY I 736 23.61 29.59 52.20
CA GLY I 736 24.14 28.27 51.87
C GLY I 736 24.32 28.04 50.39
N ARG I 737 23.44 28.64 49.58
CA ARG I 737 23.65 28.62 48.14
C ARG I 737 24.76 29.58 47.74
N ALA I 738 24.86 30.73 48.41
CA ALA I 738 25.91 31.69 48.10
C ALA I 738 27.28 31.19 48.51
N VAL I 739 27.38 30.55 49.68
CA VAL I 739 28.62 29.94 50.12
C VAL I 739 28.99 28.78 49.21
N GLY I 740 27.99 28.01 48.77
CA GLY I 740 28.25 26.87 47.92
C GLY I 740 28.73 27.26 46.54
N VAL I 741 28.14 28.30 45.95
CA VAL I 741 28.57 28.71 44.61
C VAL I 741 29.90 29.46 44.66
N ALA I 742 30.25 30.07 45.79
CA ALA I 742 31.52 30.79 45.88
C ALA I 742 32.70 29.84 45.95
N HIS I 743 32.57 28.78 46.75
CA HIS I 743 33.66 27.80 46.84
C HIS I 743 33.71 26.91 45.60
N PHE I 744 32.57 26.70 44.93
CA PHE I 744 32.57 25.99 43.66
C PHE I 744 33.32 26.77 42.59
N LEU I 745 33.08 28.07 42.53
CA LEU I 745 33.74 28.90 41.55
C LEU I 745 35.21 29.11 41.89
N LEU I 746 35.52 29.30 43.17
CA LEU I 746 36.91 29.47 43.57
C LEU I 746 37.72 28.20 43.37
N GLY I 747 37.20 27.07 43.86
CA GLY I 747 37.92 25.82 43.72
C GLY I 747 38.05 25.36 42.28
N GLY I 748 37.04 25.66 41.47
CA GLY I 748 37.09 25.25 40.08
C GLY I 748 38.01 26.09 39.22
N ILE I 749 38.01 27.41 39.42
CA ILE I 749 38.83 28.29 38.60
C ILE I 749 40.30 28.22 39.03
N ALA I 750 40.55 28.13 40.34
CA ALA I 750 41.93 28.02 40.81
C ALA I 750 42.56 26.67 40.49
N THR I 751 41.75 25.64 40.22
CA THR I 751 42.30 24.39 39.73
C THR I 751 42.86 24.56 38.32
N THR I 752 42.09 25.20 37.45
CA THR I 752 42.54 25.48 36.10
C THR I 752 43.70 26.47 36.10
N TRP I 753 43.72 27.39 37.06
CA TRP I 753 44.78 28.37 37.18
C TRP I 753 46.12 27.72 37.49
N ALA I 754 46.16 26.83 38.48
CA ALA I 754 47.39 26.13 38.82
C ALA I 754 47.76 25.12 37.74
N PHE I 755 46.78 24.59 37.02
CA PHE I 755 47.06 23.67 35.93
C PHE I 755 47.61 24.42 34.72
N PHE I 756 47.02 25.57 34.39
CA PHE I 756 47.48 26.33 33.23
C PHE I 756 48.89 26.85 33.43
N LEU I 757 49.18 27.38 34.62
CA LEU I 757 50.45 28.06 34.85
C LEU I 757 51.60 27.08 35.03
N ALA I 758 51.37 25.97 35.71
CA ALA I 758 52.43 24.96 35.82
C ALA I 758 52.73 24.30 34.49
N ARG I 759 51.71 24.15 33.63
CA ARG I 759 51.93 23.58 32.31
C ARG I 759 52.72 24.52 31.43
N ILE I 760 52.26 25.77 31.30
CA ILE I 760 52.83 26.69 30.31
C ILE I 760 54.15 27.29 30.74
N ILE I 761 54.49 27.28 32.03
CA ILE I 761 55.80 27.78 32.43
C ILE I 761 56.86 26.73 32.13
N ALA I 762 56.54 25.45 32.36
CA ALA I 762 57.50 24.39 32.13
C ALA I 762 57.70 24.09 30.64
N VAL I 763 56.61 23.98 29.87
CA VAL I 763 56.74 23.56 28.48
C VAL I 763 56.81 24.74 27.51
N GLY I 764 56.51 25.94 27.97
CA GLY I 764 56.55 27.11 27.11
C GLY I 764 57.22 28.29 27.80
N ALA J 2 -10.01 9.95 38.18
CA ALA J 2 -9.02 8.96 38.60
C ALA J 2 -8.68 8.00 37.47
N THR J 3 -7.48 7.43 37.56
CA THR J 3 -6.96 6.49 36.59
C THR J 3 -6.84 5.12 37.23
N LYS J 4 -6.44 4.14 36.43
CA LYS J 4 -6.20 2.81 36.95
C LYS J 4 -4.92 2.76 37.78
N PHE J 5 -3.82 3.25 37.23
CA PHE J 5 -2.53 3.22 37.90
C PHE J 5 -2.36 4.48 38.75
N PRO J 6 -1.89 4.35 40.00
CA PRO J 6 -1.64 3.08 40.69
C PRO J 6 -2.87 2.50 41.36
N LYS J 7 -2.95 1.17 41.31
CA LYS J 7 -4.09 0.44 41.87
C LYS J 7 -4.15 0.55 43.38
N PHE J 8 -3.01 0.72 44.02
CA PHE J 8 -2.86 0.63 45.47
C PHE J 8 -2.98 1.96 46.18
N SER J 9 -3.15 3.06 45.46
CA SER J 9 -3.16 4.39 46.06
C SER J 9 -4.19 5.24 45.34
N GLN J 10 -5.30 5.53 46.02
CA GLN J 10 -6.34 6.37 45.42
C GLN J 10 -5.93 7.84 45.42
N ASP J 11 -5.09 8.24 46.37
CA ASP J 11 -4.57 9.60 46.39
C ASP J 11 -3.65 9.87 45.21
N LEU J 12 -2.90 8.85 44.78
CA LEU J 12 -2.03 9.02 43.63
C LEU J 12 -2.75 8.82 42.32
N ALA J 13 -3.76 7.94 42.28
CA ALA J 13 -4.47 7.69 41.03
C ALA J 13 -5.38 8.85 40.62
N SER J 14 -5.67 9.78 41.52
CA SER J 14 -6.43 10.98 41.18
C SER J 14 -5.56 12.17 40.86
N ASP J 15 -4.24 12.05 41.01
CA ASP J 15 -3.29 13.08 40.61
C ASP J 15 -3.34 13.26 39.09
N PRO J 16 -3.59 14.47 38.60
CA PRO J 16 -3.69 14.68 37.15
C PRO J 16 -2.36 14.96 36.45
N THR J 17 -1.25 14.96 37.15
CA THR J 17 0.03 15.33 36.58
C THR J 17 0.89 14.08 36.35
N THR J 18 2.11 14.29 35.85
CA THR J 18 3.07 13.23 35.64
C THR J 18 3.69 12.75 36.94
N ARG J 19 3.43 13.44 38.06
CA ARG J 19 3.89 12.98 39.37
C ARG J 19 3.25 11.66 39.78
N ARG J 20 2.03 11.39 39.29
CA ARG J 20 1.34 10.14 39.60
C ARG J 20 2.10 8.92 39.09
N ILE J 21 2.68 9.02 37.89
CA ILE J 21 3.43 7.92 37.32
C ILE J 21 4.70 7.66 38.11
N TRP J 22 5.42 8.72 38.47
CA TRP J 22 6.66 8.59 39.22
C TRP J 22 6.44 8.03 40.61
N TYR J 23 5.43 8.55 41.31
CA TYR J 23 5.20 8.13 42.68
C TYR J 23 4.57 6.75 42.76
N GLY J 24 3.83 6.36 41.72
CA GLY J 24 3.32 5.00 41.66
C GLY J 24 4.40 3.96 41.50
N ILE J 25 5.46 4.30 40.78
CA ILE J 25 6.62 3.41 40.69
C ILE J 25 7.37 3.36 42.02
N ALA J 26 7.49 4.51 42.69
CA ALA J 26 8.34 4.62 43.86
C ALA J 26 7.71 4.06 45.12
N THR J 27 6.38 3.92 45.19
CA THR J 27 5.70 3.42 46.37
C THR J 27 5.06 2.07 46.14
N ALA J 28 5.45 1.36 45.08
CA ALA J 28 4.80 0.11 44.73
C ALA J 28 5.15 -1.01 45.69
N HIS J 29 6.34 -0.98 46.28
CA HIS J 29 6.75 -2.04 47.19
C HIS J 29 6.63 -1.65 48.65
N ASP J 30 6.16 -0.44 48.94
CA ASP J 30 5.81 -0.05 50.31
C ASP J 30 4.40 -0.57 50.58
N PHE J 31 4.33 -1.84 50.98
CA PHE J 31 3.05 -2.53 51.04
C PHE J 31 2.16 -2.03 52.17
N GLU J 32 2.75 -1.50 53.25
CA GLU J 32 1.95 -1.01 54.36
C GLU J 32 1.19 0.27 54.05
N SER J 33 1.66 1.05 53.06
CA SER J 33 1.01 2.30 52.71
C SER J 33 -0.18 2.13 51.78
N HIS J 34 -0.46 0.90 51.34
CA HIS J 34 -1.46 0.68 50.32
C HIS J 34 -2.87 0.71 50.90
N ASP J 35 -3.85 0.93 50.03
CA ASP J 35 -5.23 1.09 50.47
C ASP J 35 -5.81 -0.25 50.90
N GLY J 36 -6.37 -0.26 52.10
CA GLY J 36 -7.02 -1.46 52.61
C GLY J 36 -6.08 -2.58 52.96
N MET J 37 -4.84 -2.26 53.34
CA MET J 37 -3.86 -3.29 53.67
C MET J 37 -4.06 -3.74 55.11
N THR J 38 -4.61 -4.94 55.28
CA THR J 38 -4.63 -5.55 56.59
C THR J 38 -3.26 -6.13 56.91
N GLU J 39 -3.06 -6.52 58.17
CA GLU J 39 -1.73 -6.93 58.61
C GLU J 39 -1.33 -8.29 58.04
N GLU J 40 -2.28 -9.21 57.87
CA GLU J 40 -1.91 -10.52 57.37
C GLU J 40 -2.03 -10.65 55.86
N ASN J 41 -2.76 -9.75 55.20
CA ASN J 41 -2.61 -9.61 53.75
C ASN J 41 -1.25 -8.99 53.43
N LEU J 42 -0.71 -8.19 54.35
CA LEU J 42 0.64 -7.65 54.19
C LEU J 42 1.68 -8.76 54.24
N TYR J 43 1.61 -9.63 55.26
CA TYR J 43 2.58 -10.71 55.41
C TYR J 43 2.48 -11.73 54.29
N GLN J 44 1.28 -11.96 53.76
CA GLN J 44 1.13 -12.93 52.68
C GLN J 44 1.67 -12.40 51.35
N LYS J 45 1.55 -11.09 51.12
CA LYS J 45 2.12 -10.52 49.90
C LYS J 45 3.64 -10.45 49.99
N ILE J 46 4.18 -10.21 51.18
CA ILE J 46 5.63 -10.25 51.39
C ILE J 46 6.16 -11.66 51.18
N PHE J 47 5.42 -12.66 51.65
CA PHE J 47 5.83 -14.06 51.57
C PHE J 47 5.93 -14.51 50.12
N ALA J 48 4.94 -14.17 49.30
CA ALA J 48 4.99 -14.52 47.89
C ALA J 48 6.00 -13.69 47.13
N SER J 49 6.26 -12.47 47.59
CA SER J 49 7.32 -11.65 46.98
C SER J 49 8.69 -12.25 47.23
N HIS J 50 8.87 -12.90 48.38
CA HIS J 50 10.14 -13.55 48.68
C HIS J 50 10.32 -14.80 47.83
N PHE J 51 9.22 -15.47 47.44
CA PHE J 51 9.33 -16.57 46.49
C PHE J 51 9.75 -16.08 45.11
N GLY J 52 9.31 -14.89 44.73
CA GLY J 52 9.72 -14.34 43.45
C GLY J 52 11.16 -13.89 43.44
N HIS J 53 11.63 -13.30 44.55
CA HIS J 53 13.01 -12.88 44.62
C HIS J 53 13.97 -14.06 44.68
N LEU J 54 13.55 -15.16 45.29
CA LEU J 54 14.37 -16.37 45.32
C LEU J 54 14.51 -16.96 43.93
N ALA J 55 13.43 -16.95 43.15
CA ALA J 55 13.46 -17.50 41.81
C ALA J 55 14.29 -16.66 40.85
N ILE J 56 14.40 -15.36 41.13
CA ILE J 56 15.25 -14.49 40.31
C ILE J 56 16.71 -14.80 40.57
N ILE J 57 17.07 -15.09 41.82
CA ILE J 57 18.44 -15.48 42.15
C ILE J 57 18.80 -16.81 41.49
N PHE J 58 17.87 -17.77 41.49
CA PHE J 58 18.16 -19.07 40.89
C PHE J 58 18.22 -19.00 39.37
N LEU J 59 17.45 -18.10 38.75
CA LEU J 59 17.57 -17.92 37.31
C LEU J 59 18.82 -17.13 36.96
N TRP J 60 19.29 -16.26 37.85
CA TRP J 60 20.52 -15.53 37.63
C TRP J 60 21.72 -16.45 37.70
N THR J 61 21.74 -17.37 38.66
CA THR J 61 22.82 -18.36 38.75
C THR J 61 22.76 -19.33 37.58
N SER J 62 21.55 -19.68 37.15
CA SER J 62 21.40 -20.59 36.01
C SER J 62 21.90 -19.97 34.73
N GLY J 63 21.72 -18.65 34.56
CA GLY J 63 22.23 -17.99 33.38
C GLY J 63 23.73 -17.83 33.41
N ASN J 64 24.31 -17.72 34.59
CA ASN J 64 25.77 -17.72 34.71
C ASN J 64 26.35 -19.06 34.31
N LEU J 65 25.73 -20.16 34.77
CA LEU J 65 26.19 -21.49 34.41
C LEU J 65 25.96 -21.78 32.94
N PHE J 66 24.82 -21.35 32.40
CA PHE J 66 24.48 -21.68 31.02
C PHE J 66 25.37 -20.95 30.03
N HIS J 67 25.68 -19.68 30.30
CA HIS J 67 26.49 -18.92 29.35
C HIS J 67 27.95 -19.33 29.41
N VAL J 68 28.44 -19.76 30.57
CA VAL J 68 29.79 -20.31 30.65
C VAL J 68 29.84 -21.67 29.96
N ALA J 69 28.78 -22.47 30.08
CA ALA J 69 28.76 -23.77 29.42
C ALA J 69 28.58 -23.63 27.91
N TRP J 70 27.81 -22.63 27.47
CA TRP J 70 27.52 -22.48 26.04
C TRP J 70 28.62 -21.72 25.33
N GLN J 71 29.08 -20.61 25.90
CA GLN J 71 29.98 -19.72 25.20
C GLN J 71 31.34 -19.56 25.86
N GLY J 72 31.53 -20.07 27.07
CA GLY J 72 32.77 -19.91 27.78
C GLY J 72 33.83 -20.91 27.33
N ASN J 73 34.91 -20.95 28.09
CA ASN J 73 36.02 -21.84 27.85
C ASN J 73 36.40 -22.60 29.11
N PHE J 74 35.39 -23.10 29.83
CA PHE J 74 35.61 -23.72 31.14
C PHE J 74 36.42 -25.00 31.05
N GLN J 75 36.26 -25.77 29.98
CA GLN J 75 37.03 -27.00 29.83
C GLN J 75 38.49 -26.71 29.49
N GLN J 76 38.74 -25.73 28.63
CA GLN J 76 40.11 -25.32 28.37
C GLN J 76 40.72 -24.56 29.54
N TRP J 77 39.91 -24.01 30.43
CA TRP J 77 40.43 -23.25 31.55
C TRP J 77 40.95 -24.14 32.67
N VAL J 78 40.33 -25.29 32.90
CA VAL J 78 40.76 -26.15 33.99
C VAL J 78 42.08 -26.85 33.68
N LYS J 79 42.44 -26.97 32.40
CA LYS J 79 43.73 -27.54 32.04
C LYS J 79 44.87 -26.58 32.39
N ASP J 80 44.60 -25.28 32.39
CA ASP J 80 45.63 -24.27 32.66
C ASP J 80 44.97 -23.04 33.24
N PRO J 81 44.65 -23.05 34.54
CA PRO J 81 43.96 -21.90 35.13
C PRO J 81 44.86 -20.72 35.43
N LEU J 82 46.13 -20.74 35.07
CA LEU J 82 47.01 -19.63 35.37
C LEU J 82 47.22 -18.68 34.20
N ASN J 83 47.03 -19.15 32.96
CA ASN J 83 47.24 -18.31 31.80
C ASN J 83 46.07 -18.28 30.83
N ILE J 84 45.00 -19.02 31.10
CA ILE J 84 43.78 -18.93 30.31
C ILE J 84 42.86 -17.92 30.99
N SER J 85 42.36 -16.96 30.22
CA SER J 85 41.42 -16.11 30.91
C SER J 85 40.01 -16.68 30.79
N PRO J 86 39.23 -16.62 31.87
CA PRO J 86 37.85 -17.12 31.81
C PRO J 86 37.00 -16.26 30.90
N ILE J 87 35.99 -16.87 30.29
CA ILE J 87 35.07 -16.17 29.41
C ILE J 87 33.73 -16.05 30.11
N ALA J 88 33.21 -14.81 30.19
CA ALA J 88 31.90 -14.59 30.77
C ALA J 88 30.79 -15.03 29.81
N HIS J 89 30.73 -14.39 28.64
CA HIS J 89 29.76 -14.73 27.62
C HIS J 89 30.27 -14.20 26.30
N ALA J 90 29.53 -14.49 25.23
CA ALA J 90 29.87 -13.94 23.94
C ALA J 90 29.28 -12.55 23.78
N ILE J 91 29.88 -11.77 22.88
CA ILE J 91 29.39 -10.45 22.53
C ILE J 91 28.60 -10.57 21.23
N TRP J 92 27.40 -10.01 21.22
CA TRP J 92 26.67 -9.79 19.98
C TRP J 92 26.27 -8.32 19.96
N ASP J 93 27.10 -7.51 19.30
CA ASP J 93 26.84 -6.09 19.14
C ASP J 93 26.98 -5.79 17.65
N PRO J 94 25.88 -5.58 16.92
CA PRO J 94 25.99 -5.31 15.49
C PRO J 94 26.65 -3.98 15.15
N GLN J 95 26.78 -3.08 16.10
CA GLN J 95 27.38 -1.79 15.83
C GLN J 95 28.91 -1.80 15.88
N PHE J 96 29.51 -2.95 16.21
CA PHE J 96 30.96 -3.09 16.20
C PHE J 96 31.53 -2.93 14.79
N GLY J 97 32.65 -2.25 14.70
CA GLY J 97 33.47 -2.36 13.51
C GLY J 97 34.30 -3.63 13.54
N GLN J 98 34.98 -3.87 12.43
CA GLN J 98 35.67 -5.15 12.27
C GLN J 98 36.94 -5.23 13.10
N SER J 99 37.56 -4.09 13.42
CA SER J 99 38.71 -4.12 14.31
C SER J 99 38.32 -4.21 15.78
N ALA J 100 37.06 -3.97 16.11
CA ALA J 100 36.57 -4.26 17.46
C ALA J 100 36.20 -5.73 17.61
N VAL J 101 35.83 -6.40 16.52
CA VAL J 101 35.60 -7.83 16.57
C VAL J 101 36.90 -8.57 16.84
N GLU J 102 37.99 -8.14 16.21
CA GLU J 102 39.29 -8.76 16.45
C GLU J 102 39.87 -8.36 17.81
N ALA J 103 39.53 -7.17 18.32
CA ALA J 103 40.05 -6.76 19.62
C ALA J 103 39.38 -7.52 20.77
N PHE J 104 38.12 -7.90 20.61
CA PHE J 104 37.41 -8.64 21.64
C PHE J 104 37.40 -10.14 21.41
N SER J 105 37.93 -10.61 20.29
CA SER J 105 38.15 -12.05 20.08
C SER J 105 39.41 -12.42 20.83
N GLN J 106 39.24 -12.77 22.10
CA GLN J 106 40.34 -12.96 23.04
C GLN J 106 40.10 -14.25 23.82
N ALA J 107 40.99 -14.51 24.78
CA ALA J 107 40.98 -15.70 25.64
C ALA J 107 40.96 -17.00 24.85
N GLY J 108 41.66 -17.00 23.72
CA GLY J 108 41.68 -18.18 22.87
C GLY J 108 40.39 -18.48 22.16
N ALA J 109 39.52 -17.50 21.98
CA ALA J 109 38.27 -17.66 21.25
C ALA J 109 38.34 -16.91 19.93
N ASN J 110 37.65 -17.44 18.93
CA ASN J 110 37.56 -16.79 17.62
C ASN J 110 36.23 -16.08 17.42
N TYR J 111 35.59 -15.68 18.50
CA TYR J 111 34.40 -14.83 18.49
C TYR J 111 34.58 -13.82 19.61
N PRO J 112 33.90 -12.67 19.53
CA PRO J 112 34.08 -11.65 20.58
C PRO J 112 33.50 -12.09 21.92
N VAL J 113 34.32 -11.98 22.97
CA VAL J 113 33.95 -12.45 24.29
C VAL J 113 34.27 -11.38 25.32
N ASP J 114 33.66 -11.52 26.49
CA ASP J 114 34.03 -10.79 27.68
C ASP J 114 34.82 -11.70 28.61
N ILE J 115 35.90 -11.18 29.18
CA ILE J 115 36.68 -11.90 30.16
C ILE J 115 35.97 -11.82 31.50
N ALA J 116 35.56 -12.96 32.04
CA ALA J 116 34.86 -12.99 33.32
C ALA J 116 35.77 -12.56 34.47
N TYR J 117 35.23 -11.74 35.37
CA TYR J 117 35.94 -11.32 36.57
C TYR J 117 35.14 -11.58 37.84
N SER J 118 34.06 -12.37 37.76
CA SER J 118 33.25 -12.66 38.92
C SER J 118 33.81 -13.79 39.77
N GLY J 119 34.75 -14.58 39.24
CA GLY J 119 35.29 -15.69 40.00
C GLY J 119 34.49 -16.96 39.95
N VAL J 120 33.52 -17.07 39.03
CA VAL J 120 32.72 -18.28 38.98
C VAL J 120 33.49 -19.46 38.43
N TYR J 121 34.56 -19.23 37.66
CA TYR J 121 35.39 -20.33 37.21
C TYR J 121 36.16 -20.94 38.36
N HIS J 122 36.77 -20.09 39.19
CA HIS J 122 37.55 -20.55 40.33
C HIS J 122 36.67 -21.21 41.38
N TRP J 123 35.42 -20.81 41.48
CA TRP J 123 34.50 -21.40 42.44
C TRP J 123 33.99 -22.75 41.94
N TRP J 124 33.57 -22.82 40.68
CA TRP J 124 33.04 -24.07 40.16
C TRP J 124 34.11 -25.13 39.96
N TYR J 125 35.37 -24.72 39.79
CA TYR J 125 36.45 -25.69 39.67
C TYR J 125 36.81 -26.29 41.03
N THR J 126 36.78 -25.49 42.08
CA THR J 126 37.12 -25.96 43.41
C THR J 126 36.07 -26.92 43.96
N ILE J 127 34.79 -26.71 43.64
CA ILE J 127 33.73 -27.55 44.17
C ILE J 127 33.47 -28.77 43.32
N GLY J 128 34.26 -28.99 42.26
CA GLY J 128 34.30 -30.28 41.59
C GLY J 128 33.84 -30.30 40.15
N MET J 129 33.32 -29.21 39.60
CA MET J 129 32.87 -29.22 38.21
C MET J 129 34.07 -29.16 37.28
N ARG J 130 33.98 -29.90 36.18
CA ARG J 130 35.09 -30.04 35.25
C ARG J 130 34.72 -29.86 33.79
N THR J 131 33.47 -30.06 33.41
CA THR J 131 33.06 -30.03 32.01
C THR J 131 31.90 -29.06 31.83
N ALA J 132 31.64 -28.71 30.57
CA ALA J 132 30.46 -27.91 30.24
C ALA J 132 29.17 -28.69 30.46
N GLY J 133 29.22 -30.02 30.38
CA GLY J 133 28.05 -30.81 30.72
C GLY J 133 27.74 -30.80 32.19
N ASP J 134 28.76 -30.59 33.03
CA ASP J 134 28.53 -30.43 34.46
C ASP J 134 27.74 -29.15 34.75
N LEU J 135 28.17 -28.03 34.16
CA LEU J 135 27.49 -26.76 34.38
C LEU J 135 26.13 -26.73 33.70
N TYR J 136 25.95 -27.51 32.64
CA TYR J 136 24.67 -27.52 31.94
C TYR J 136 23.59 -28.21 32.76
N GLY J 137 23.93 -29.33 33.39
CA GLY J 137 22.99 -29.97 34.29
C GLY J 137 22.74 -29.16 35.54
N GLY J 138 23.74 -28.37 35.96
CA GLY J 138 23.51 -27.42 37.03
C GLY J 138 22.61 -26.28 36.60
N ALA J 139 22.72 -25.88 35.32
CA ALA J 139 21.87 -24.80 34.81
C ALA J 139 20.43 -25.26 34.67
N LEU J 140 20.22 -26.49 34.19
CA LEU J 140 18.87 -27.00 34.06
C LEU J 140 18.23 -27.21 35.43
N PHE J 141 19.02 -27.57 36.43
CA PHE J 141 18.47 -27.84 37.76
C PHE J 141 18.01 -26.56 38.46
N LEU J 142 18.73 -25.45 38.28
CA LEU J 142 18.29 -24.20 38.87
C LEU J 142 17.10 -23.58 38.15
N MET J 143 16.85 -24.00 36.92
CA MET J 143 15.66 -23.54 36.20
C MET J 143 14.40 -24.25 36.66
N ILE J 144 14.49 -25.55 36.97
CA ILE J 144 13.31 -26.22 37.51
C ILE J 144 13.13 -25.85 38.97
N MET J 145 14.24 -25.57 39.68
CA MET J 145 14.14 -25.09 41.05
C MET J 145 13.47 -23.73 41.13
N ALA J 146 13.80 -22.84 40.17
CA ALA J 146 13.14 -21.55 40.12
C ALA J 146 11.67 -21.69 39.77
N ALA J 147 11.34 -22.65 38.91
CA ALA J 147 9.94 -22.93 38.59
C ALA J 147 9.20 -23.50 39.80
N VAL J 148 9.91 -24.20 40.68
CA VAL J 148 9.29 -24.71 41.90
C VAL J 148 8.94 -23.56 42.83
N PHE J 149 9.88 -22.62 43.01
CA PHE J 149 9.65 -21.49 43.89
C PHE J 149 8.65 -20.50 43.32
N LEU J 150 8.56 -20.39 41.99
CA LEU J 150 7.53 -19.56 41.38
C LEU J 150 6.15 -20.17 41.58
N PHE J 151 6.04 -21.50 41.47
CA PHE J 151 4.77 -22.16 41.70
C PHE J 151 4.40 -22.13 43.18
N ALA J 152 5.40 -22.21 44.05
CA ALA J 152 5.15 -22.16 45.49
C ALA J 152 4.65 -20.79 45.93
N GLY J 153 5.09 -19.73 45.26
CA GLY J 153 4.58 -18.41 45.58
C GLY J 153 3.16 -18.22 45.11
N TRP J 154 2.82 -18.79 43.94
CA TRP J 154 1.45 -18.74 43.47
C TRP J 154 0.54 -19.61 44.33
N LEU J 155 1.04 -20.76 44.77
CA LEU J 155 0.24 -21.67 45.59
C LEU J 155 -0.06 -21.07 46.95
N HIS J 156 0.91 -20.41 47.57
CA HIS J 156 0.70 -19.84 48.89
C HIS J 156 -0.01 -18.48 48.85
N LEU J 157 -0.51 -18.06 47.69
CA LEU J 157 -1.50 -16.99 47.60
C LEU J 157 -2.90 -17.51 47.34
N GLN J 158 -3.04 -18.78 47.02
CA GLN J 158 -4.35 -19.39 46.88
C GLN J 158 -5.02 -19.46 48.26
N PRO J 159 -6.35 -19.34 48.31
CA PRO J 159 -7.03 -19.12 49.61
C PRO J 159 -6.89 -20.25 50.62
N ARG J 160 -6.78 -21.49 50.16
CA ARG J 160 -6.62 -22.62 51.07
C ARG J 160 -5.24 -22.62 51.71
N PHE J 161 -4.21 -22.37 50.90
CA PHE J 161 -2.82 -22.48 51.30
C PHE J 161 -2.27 -21.18 51.83
N ARG J 162 -3.07 -20.13 51.90
CA ARG J 162 -2.64 -18.85 52.43
C ARG J 162 -2.38 -18.96 53.92
N PRO J 163 -1.17 -18.67 54.39
CA PRO J 163 -0.87 -18.82 55.82
C PRO J 163 -1.49 -17.73 56.67
N SER J 164 -1.86 -18.11 57.89
CA SER J 164 -2.46 -17.20 58.83
C SER J 164 -1.40 -16.29 59.45
N LEU J 165 -1.87 -15.26 60.17
CA LEU J 165 -0.97 -14.30 60.79
C LEU J 165 -0.13 -14.91 61.90
N ALA J 166 -0.69 -15.91 62.62
CA ALA J 166 0.06 -16.54 63.70
C ALA J 166 1.15 -17.46 63.17
N TRP J 167 0.99 -18.01 61.97
CA TRP J 167 2.05 -18.77 61.34
C TRP J 167 3.25 -17.89 60.99
N PHE J 168 2.99 -16.61 60.68
CA PHE J 168 4.04 -15.67 60.33
C PHE J 168 4.77 -15.13 61.54
N LYS J 169 4.16 -15.14 62.71
CA LYS J 169 4.77 -14.59 63.90
C LYS J 169 5.28 -15.65 64.87
N ASN J 170 5.21 -16.93 64.49
CA ASN J 170 5.81 -17.98 65.29
C ASN J 170 7.32 -17.95 65.13
N ALA J 171 7.99 -17.18 65.98
CA ALA J 171 9.43 -16.98 65.83
C ALA J 171 10.22 -18.19 66.30
N GLU J 172 9.73 -18.93 67.30
CA GLU J 172 10.48 -20.06 67.82
C GLU J 172 10.51 -21.20 66.82
N SER J 173 9.41 -21.46 66.13
CA SER J 173 9.40 -22.50 65.12
C SER J 173 10.19 -22.09 63.89
N ARG J 174 10.27 -20.79 63.60
CA ARG J 174 11.06 -20.34 62.47
C ARG J 174 12.55 -20.43 62.77
N MET J 175 12.96 -20.12 64.00
CA MET J 175 14.38 -20.15 64.34
C MET J 175 14.88 -21.58 64.46
N ASN J 176 14.06 -22.48 65.00
CA ASN J 176 14.44 -23.89 65.11
C ASN J 176 14.58 -24.52 63.74
N HIS J 177 13.68 -24.20 62.83
CA HIS J 177 13.74 -24.75 61.49
C HIS J 177 14.82 -24.11 60.63
N HIS J 178 15.20 -22.86 60.92
CA HIS J 178 16.21 -22.19 60.13
C HIS J 178 17.63 -22.39 60.68
N LEU J 179 17.77 -22.62 61.98
CA LEU J 179 19.08 -22.98 62.52
C LEU J 179 19.42 -24.43 62.18
N ALA J 180 18.48 -25.34 62.41
CA ALA J 180 18.78 -26.75 62.19
C ALA J 180 18.66 -27.12 60.71
N GLY J 181 17.60 -26.68 60.05
CA GLY J 181 17.35 -27.09 58.68
C GLY J 181 18.02 -26.22 57.64
N LEU J 182 17.74 -24.92 57.66
CA LEU J 182 18.26 -24.03 56.63
C LEU J 182 19.75 -23.79 56.80
N PHE J 183 20.22 -23.73 58.04
CA PHE J 183 21.65 -23.52 58.26
C PHE J 183 22.38 -24.86 58.40
N GLY J 184 21.90 -25.72 59.30
CA GLY J 184 22.68 -26.89 59.68
C GLY J 184 22.65 -27.99 58.64
N VAL J 185 21.45 -28.37 58.20
CA VAL J 185 21.30 -29.46 57.23
C VAL J 185 21.91 -29.07 55.88
N SER J 186 21.79 -27.79 55.51
CA SER J 186 22.41 -27.32 54.27
C SER J 186 23.93 -27.31 54.38
N SER J 187 24.46 -26.91 55.54
CA SER J 187 25.90 -27.01 55.77
C SER J 187 26.35 -28.47 55.86
N LEU J 188 25.50 -29.32 56.44
CA LEU J 188 25.78 -30.76 56.48
C LEU J 188 25.74 -31.35 55.08
N ALA J 189 24.77 -30.94 54.27
CA ALA J 189 24.71 -31.43 52.90
C ALA J 189 25.84 -30.88 52.05
N TRP J 190 26.36 -29.71 52.40
CA TRP J 190 27.51 -29.19 51.65
C TRP J 190 28.79 -29.90 52.03
N ALA J 191 28.94 -30.28 53.31
CA ALA J 191 30.02 -31.18 53.69
C ALA J 191 29.89 -32.51 52.97
N GLY J 192 28.66 -32.98 52.78
CA GLY J 192 28.42 -34.16 51.97
C GLY J 192 28.81 -33.99 50.52
N HIS J 193 28.65 -32.79 49.97
CA HIS J 193 29.08 -32.58 48.59
C HIS J 193 30.59 -32.53 48.49
N LEU J 194 31.26 -31.89 49.45
CA LEU J 194 32.71 -31.74 49.37
C LEU J 194 33.41 -33.08 49.51
N ILE J 195 32.94 -33.91 50.44
CA ILE J 195 33.59 -35.18 50.74
C ILE J 195 33.30 -36.21 49.64
N HIS J 196 32.09 -36.21 49.11
CA HIS J 196 31.73 -37.22 48.11
C HIS J 196 32.11 -36.82 46.69
N VAL J 197 32.17 -35.53 46.37
CA VAL J 197 32.34 -35.07 45.00
C VAL J 197 33.59 -34.21 44.83
N ALA J 198 33.72 -33.15 45.63
CA ALA J 198 34.75 -32.15 45.37
C ALA J 198 36.15 -32.65 45.72
N ILE J 199 36.30 -33.29 46.87
CA ILE J 199 37.59 -33.89 47.24
C ILE J 199 37.99 -35.04 46.32
N PRO J 200 37.09 -35.96 45.88
CA PRO J 200 37.51 -36.89 44.81
C PRO J 200 37.86 -36.23 43.49
N GLU J 201 37.10 -35.23 43.05
CA GLU J 201 37.44 -34.53 41.82
C GLU J 201 38.72 -33.71 41.95
N SER J 202 39.08 -33.31 43.17
CA SER J 202 40.37 -32.69 43.43
C SER J 202 41.52 -33.69 43.41
N ARG J 203 41.23 -34.98 43.34
CA ARG J 203 42.24 -36.03 43.33
C ARG J 203 42.13 -36.89 42.08
N GLY J 204 41.74 -36.27 40.97
CA GLY J 204 41.70 -36.93 39.68
C GLY J 204 40.61 -37.97 39.51
N GLN J 205 39.65 -38.05 40.42
CA GLN J 205 38.65 -39.11 40.42
C GLN J 205 37.30 -38.54 40.01
N HIS J 206 36.80 -38.94 38.85
CA HIS J 206 35.53 -38.47 38.33
C HIS J 206 34.38 -39.10 39.11
N VAL J 207 33.61 -38.28 39.81
CA VAL J 207 32.44 -38.74 40.56
C VAL J 207 31.24 -37.95 40.09
N GLY J 208 30.23 -38.66 39.58
CA GLY J 208 29.00 -38.03 39.15
C GLY J 208 27.78 -38.77 39.69
N TRP J 209 26.60 -38.48 39.14
CA TRP J 209 25.38 -39.15 39.57
C TRP J 209 25.36 -40.63 39.16
N ASP J 210 26.19 -41.03 38.21
CA ASP J 210 26.21 -42.41 37.76
C ASP J 210 26.90 -43.31 38.79
N ASN J 211 28.02 -42.88 39.36
CA ASN J 211 28.85 -43.78 40.14
C ASN J 211 29.22 -43.22 41.51
N PHE J 212 28.34 -42.44 42.14
CA PHE J 212 28.64 -41.97 43.49
C PHE J 212 28.08 -42.87 44.57
N LEU J 213 27.19 -43.80 44.23
CA LEU J 213 26.76 -44.82 45.17
C LEU J 213 27.75 -45.96 45.28
N PHE J 214 28.73 -46.03 44.38
CA PHE J 214 29.64 -47.17 44.29
C PHE J 214 31.09 -46.80 44.51
N THR J 215 31.43 -45.51 44.57
CA THR J 215 32.75 -45.08 45.02
C THR J 215 32.61 -44.50 46.41
N PRO J 216 33.16 -45.15 47.44
CA PRO J 216 33.11 -44.57 48.78
C PRO J 216 34.01 -43.35 48.87
N PRO J 217 33.66 -42.38 49.72
CA PRO J 217 34.53 -41.21 49.89
C PRO J 217 35.83 -41.55 50.61
N HIS J 218 35.83 -42.60 51.42
CA HIS J 218 36.98 -43.07 52.17
C HIS J 218 37.06 -44.58 52.02
N PRO J 219 38.27 -45.15 51.98
CA PRO J 219 38.38 -46.62 51.88
C PRO J 219 37.86 -47.36 53.10
N ALA J 220 37.95 -46.74 54.28
CA ALA J 220 37.29 -47.24 55.48
C ALA J 220 35.99 -46.46 55.65
N GLY J 221 34.96 -46.89 54.92
CA GLY J 221 33.75 -46.09 54.78
C GLY J 221 32.61 -46.39 55.74
N LEU J 222 32.40 -45.47 56.71
CA LEU J 222 31.30 -45.45 57.68
C LEU J 222 31.32 -46.60 58.68
N THR J 223 32.21 -47.57 58.50
CA THR J 223 32.52 -48.55 59.53
C THR J 223 33.38 -47.95 60.66
N PRO J 224 34.28 -46.97 60.43
CA PRO J 224 34.83 -46.26 61.59
C PRO J 224 34.04 -45.04 62.05
N PHE J 225 33.00 -44.62 61.34
CA PHE J 225 32.22 -43.49 61.84
C PHE J 225 31.35 -43.90 63.02
N PHE J 226 30.76 -45.10 62.96
CA PHE J 226 29.90 -45.56 64.04
C PHE J 226 30.70 -46.05 65.24
N THR J 227 31.91 -46.60 65.02
CA THR J 227 32.72 -47.10 66.13
C THR J 227 33.43 -46.00 66.90
N GLY J 228 33.37 -44.75 66.44
CA GLY J 228 33.88 -43.63 67.20
C GLY J 228 35.35 -43.35 67.07
N ASN J 229 36.09 -44.12 66.29
CA ASN J 229 37.50 -43.84 66.02
C ASN J 229 37.68 -42.96 64.77
N TRP J 230 37.14 -41.75 64.91
CA TRP J 230 37.02 -40.78 63.83
C TRP J 230 38.36 -40.20 63.38
N GLY J 231 39.45 -40.44 64.10
CA GLY J 231 40.77 -39.97 63.72
C GLY J 231 41.34 -40.61 62.48
N VAL J 232 40.76 -41.73 62.03
CA VAL J 232 41.16 -42.37 60.78
C VAL J 232 40.64 -41.62 59.55
N TYR J 233 39.75 -40.65 59.75
CA TYR J 233 39.32 -39.76 58.69
C TYR J 233 40.20 -38.53 58.58
N ALA J 234 41.29 -38.49 59.36
CA ALA J 234 42.24 -37.38 59.34
C ALA J 234 43.62 -37.90 58.93
N GLN J 235 43.66 -38.62 57.82
CA GLN J 235 44.83 -39.35 57.33
C GLN J 235 45.93 -38.47 56.80
N ASN J 236 46.87 -39.10 56.09
CA ASN J 236 47.84 -38.37 55.28
C ASN J 236 47.08 -37.45 54.33
N PRO J 237 47.24 -36.15 54.43
CA PRO J 237 46.48 -35.25 53.57
C PRO J 237 47.08 -35.18 52.17
N ASP J 238 46.54 -34.28 51.35
CA ASP J 238 47.21 -33.94 50.12
C ASP J 238 48.57 -33.32 50.45
N THR J 239 49.62 -33.88 49.88
CA THR J 239 50.97 -33.55 50.29
C THR J 239 51.38 -32.18 49.74
N ALA J 240 52.59 -31.75 50.12
CA ALA J 240 53.09 -30.45 49.67
C ALA J 240 53.50 -30.44 48.21
N SER J 241 53.50 -31.60 47.54
CA SER J 241 53.75 -31.71 46.12
C SER J 241 52.49 -32.10 45.34
N HIS J 242 51.31 -31.97 45.95
CA HIS J 242 50.09 -32.36 45.27
C HIS J 242 49.74 -31.37 44.18
N VAL J 243 49.29 -31.90 43.05
CA VAL J 243 48.79 -31.11 41.94
C VAL J 243 47.27 -31.17 41.98
N PHE J 244 46.62 -30.02 42.02
CA PHE J 244 45.16 -29.95 42.15
C PHE J 244 44.49 -30.50 40.90
N GLY J 245 43.55 -31.41 41.09
CA GLY J 245 42.82 -32.00 40.00
C GLY J 245 43.36 -33.33 39.50
N SER J 246 44.43 -33.84 40.09
CA SER J 246 45.04 -35.10 39.69
C SER J 246 45.37 -35.92 40.92
N SER J 247 45.72 -37.18 40.69
CA SER J 247 46.14 -38.09 41.75
C SER J 247 47.63 -38.04 42.04
N THR J 248 48.34 -37.02 41.54
CA THR J 248 49.76 -36.88 41.78
C THR J 248 49.99 -36.17 43.10
N GLY J 249 50.59 -36.87 44.07
CA GLY J 249 50.75 -36.31 45.39
C GLY J 249 49.48 -36.29 46.21
N ALA J 250 48.43 -36.96 45.75
CA ALA J 250 47.13 -36.89 46.39
C ALA J 250 47.09 -37.78 47.62
N GLY J 251 46.51 -37.25 48.69
CA GLY J 251 46.27 -38.02 49.89
C GLY J 251 44.98 -38.82 49.79
N SER J 252 44.50 -39.25 50.94
CA SER J 252 43.25 -39.98 51.05
C SER J 252 42.36 -39.47 52.16
N ALA J 253 42.85 -38.55 52.98
CA ALA J 253 42.08 -37.97 54.05
C ALA J 253 40.90 -37.16 53.52
N ILE J 254 39.80 -37.19 54.26
CA ILE J 254 38.61 -36.45 53.87
C ILE J 254 38.24 -35.37 54.87
N LEU J 255 38.81 -35.36 56.07
CA LEU J 255 38.51 -34.37 57.11
C LEU J 255 39.81 -34.04 57.83
N THR J 256 40.49 -32.99 57.40
CA THR J 256 41.73 -32.60 58.06
C THR J 256 41.52 -31.36 58.91
N PHE J 257 42.61 -30.93 59.55
CA PHE J 257 42.64 -29.79 60.45
C PHE J 257 43.92 -29.00 60.23
N LEU J 258 44.29 -28.81 58.97
CA LEU J 258 45.65 -28.40 58.63
C LEU J 258 45.90 -26.92 58.89
N GLY J 259 45.07 -26.05 58.32
CA GLY J 259 45.34 -24.63 58.33
C GLY J 259 46.28 -24.24 57.22
N GLY J 260 46.39 -22.93 57.02
CA GLY J 260 47.24 -22.43 55.96
C GLY J 260 46.67 -22.72 54.58
N PHE J 261 47.54 -22.71 53.59
CA PHE J 261 47.13 -22.85 52.21
C PHE J 261 47.78 -24.05 51.53
N HIS J 262 47.01 -24.66 50.63
CA HIS J 262 47.54 -25.58 49.64
C HIS J 262 48.66 -24.92 48.85
N PRO J 263 49.83 -25.57 48.72
CA PRO J 263 51.00 -24.84 48.20
C PRO J 263 50.98 -24.58 46.71
N GLN J 264 50.17 -25.31 45.94
CA GLN J 264 50.06 -25.04 44.51
C GLN J 264 49.02 -23.96 44.22
N THR J 265 47.85 -24.07 44.84
CA THR J 265 46.75 -23.16 44.53
C THR J 265 46.77 -21.88 45.34
N GLU J 266 47.57 -21.83 46.42
CA GLU J 266 47.54 -20.79 47.46
C GLU J 266 46.13 -20.56 47.99
N SER J 267 45.40 -21.65 48.16
CA SER J 267 44.00 -21.64 48.56
C SER J 267 43.82 -22.54 49.77
N LEU J 268 42.68 -22.41 50.43
CA LEU J 268 42.38 -23.22 51.60
C LEU J 268 42.24 -24.69 51.22
N TRP J 269 42.60 -25.56 52.16
CA TRP J 269 42.49 -26.99 51.94
C TRP J 269 41.03 -27.40 51.83
N LEU J 270 40.75 -28.28 50.86
CA LEU J 270 39.37 -28.73 50.66
C LEU J 270 38.89 -29.63 51.79
N THR J 271 39.82 -30.31 52.47
CA THR J 271 39.43 -31.13 53.61
C THR J 271 39.24 -30.30 54.87
N ASP J 272 39.83 -29.10 54.93
CA ASP J 272 39.49 -28.17 56.01
C ASP J 272 38.11 -27.56 55.79
N MET J 273 37.78 -27.24 54.55
CA MET J 273 36.46 -26.70 54.24
C MET J 273 35.37 -27.76 54.37
N ALA J 274 35.73 -29.04 54.25
CA ALA J 274 34.77 -30.10 54.55
C ALA J 274 34.59 -30.27 56.04
N HIS J 275 35.68 -30.16 56.82
CA HIS J 275 35.58 -30.27 58.26
C HIS J 275 35.01 -29.01 58.89
N HIS J 276 35.14 -27.87 58.20
CA HIS J 276 34.46 -26.66 58.65
C HIS J 276 32.94 -26.82 58.55
N HIS J 277 32.47 -27.28 57.40
CA HIS J 277 31.03 -27.33 57.17
C HIS J 277 30.36 -28.46 57.92
N LEU J 278 31.09 -29.51 58.30
CA LEU J 278 30.53 -30.53 59.16
C LEU J 278 30.47 -30.08 60.61
N ALA J 279 31.49 -29.35 61.07
CA ALA J 279 31.55 -28.93 62.47
C ALA J 279 30.48 -27.88 62.78
N ILE J 280 30.30 -26.90 61.90
CA ILE J 280 29.28 -25.90 62.17
C ILE J 280 27.88 -26.42 61.86
N ALA J 281 27.77 -27.51 61.10
CA ALA J 281 26.47 -28.16 60.93
C ALA J 281 26.00 -28.77 62.24
N VAL J 282 26.93 -29.32 63.03
CA VAL J 282 26.57 -29.87 64.32
C VAL J 282 26.18 -28.74 65.28
N LEU J 283 26.92 -27.63 65.26
CA LEU J 283 26.58 -26.49 66.10
C LEU J 283 25.29 -25.81 65.69
N PHE J 284 24.85 -25.97 64.45
CA PHE J 284 23.61 -25.35 64.02
C PHE J 284 22.41 -26.28 64.15
N ILE J 285 22.61 -27.59 63.99
CA ILE J 285 21.51 -28.54 64.17
C ILE J 285 21.14 -28.65 65.64
N VAL J 286 22.13 -28.61 66.54
CA VAL J 286 21.76 -28.67 67.96
C VAL J 286 21.18 -27.35 68.42
N ALA J 287 21.60 -26.21 67.83
CA ALA J 287 21.01 -24.93 68.17
C ALA J 287 19.59 -24.78 67.65
N GLY J 288 19.22 -25.55 66.64
CA GLY J 288 17.85 -25.67 66.20
C GLY J 288 16.99 -26.58 67.05
N HIS J 289 17.52 -27.07 68.17
CA HIS J 289 16.74 -27.84 69.13
C HIS J 289 16.74 -27.10 70.46
N MET J 290 16.54 -25.79 70.42
CA MET J 290 16.63 -24.94 71.61
C MET J 290 15.31 -24.31 72.01
N TYR J 291 14.53 -23.80 71.06
CA TYR J 291 13.30 -23.11 71.38
C TYR J 291 12.12 -24.05 71.28
N ARG J 292 11.12 -23.81 72.12
CA ARG J 292 10.03 -24.75 72.29
C ARG J 292 9.01 -24.65 71.17
N THR J 293 8.58 -25.80 70.70
CA THR J 293 7.44 -25.92 69.78
C THR J 293 6.45 -26.86 70.47
N ASN J 294 5.49 -27.35 69.71
CA ASN J 294 4.44 -28.22 70.26
C ASN J 294 4.92 -29.64 70.60
N PHE J 295 6.24 -29.90 70.63
CA PHE J 295 6.76 -31.18 71.10
C PHE J 295 7.10 -31.19 72.59
N GLY J 296 7.14 -30.02 73.25
CA GLY J 296 6.99 -30.00 74.68
C GLY J 296 7.98 -29.24 75.55
N ILE J 297 9.28 -29.28 75.27
CA ILE J 297 10.23 -28.47 76.02
C ILE J 297 11.01 -27.58 75.05
N GLY J 298 11.83 -26.73 75.64
CA GLY J 298 12.64 -25.78 74.91
C GLY J 298 12.63 -24.44 75.59
N HIS J 299 12.68 -23.36 74.82
CA HIS J 299 12.75 -22.02 75.38
C HIS J 299 11.75 -21.11 74.70
N ASN J 300 10.99 -20.38 75.50
CA ASN J 300 10.32 -19.17 75.02
C ASN J 300 11.34 -18.04 74.98
N MET J 301 11.48 -17.42 73.81
CA MET J 301 12.35 -16.27 73.64
C MET J 301 11.89 -15.08 74.49
N LYS J 302 10.59 -14.99 74.75
CA LYS J 302 10.04 -13.90 75.54
C LYS J 302 10.49 -13.95 76.99
N GLU J 303 10.56 -15.14 77.58
CA GLU J 303 10.90 -15.21 79.00
C GLU J 303 12.40 -15.12 79.25
N ILE J 304 13.23 -15.39 78.24
CA ILE J 304 14.67 -15.23 78.38
C ILE J 304 15.05 -13.75 78.48
N MET J 305 14.45 -12.91 77.64
CA MET J 305 14.79 -11.50 77.63
C MET J 305 14.26 -10.77 78.85
N ASN J 306 13.11 -11.23 79.37
CA ASN J 306 12.54 -10.60 80.56
C ASN J 306 13.36 -10.88 81.81
N ALA J 307 14.12 -11.97 81.81
CA ALA J 307 14.95 -12.34 82.95
C ALA J 307 16.38 -11.84 82.84
N HIS J 308 16.75 -11.19 81.74
CA HIS J 308 18.11 -10.75 81.50
C HIS J 308 18.27 -9.26 81.74
N ASN J 309 17.61 -8.75 82.77
CA ASN J 309 17.69 -7.33 83.11
C ASN J 309 19.00 -6.95 83.82
N PRO J 310 19.44 -7.56 84.94
CA PRO J 310 20.58 -6.95 85.67
C PRO J 310 21.91 -7.09 84.94
N PRO J 311 22.32 -8.29 84.41
CA PRO J 311 22.07 -9.73 84.52
C PRO J 311 22.44 -10.41 85.87
N GLN J 312 23.53 -10.18 86.62
CA GLN J 312 24.83 -9.59 86.29
C GLN J 312 25.87 -10.22 87.23
N GLY J 313 27.07 -10.51 86.71
CA GLY J 313 28.14 -11.03 87.54
C GLY J 313 29.16 -9.96 87.89
N THR J 314 29.04 -8.81 87.25
CA THR J 314 29.77 -7.58 87.51
C THR J 314 29.25 -6.78 88.72
N PRO J 315 27.93 -6.88 89.09
CA PRO J 315 27.05 -5.69 89.17
C PRO J 315 27.64 -4.34 89.59
N PHE J 316 27.41 -3.22 88.89
CA PHE J 316 26.52 -2.92 87.71
C PHE J 316 25.05 -3.38 87.79
N GLY J 317 24.30 -2.81 88.74
CA GLY J 317 22.98 -3.27 89.12
C GLY J 317 21.87 -3.38 88.08
N GLY J 318 21.34 -2.27 87.56
CA GLY J 318 21.74 -0.93 87.94
C GLY J 318 21.33 0.15 86.96
N MET J 319 22.35 0.90 86.53
CA MET J 319 22.19 2.07 85.67
C MET J 319 21.54 1.74 84.34
N ILE J 320 21.68 0.52 83.85
CA ILE J 320 21.12 0.09 82.58
C ILE J 320 20.25 -1.13 82.84
N GLY J 321 18.97 -1.05 82.46
CA GLY J 321 18.25 0.18 82.18
C GLY J 321 16.95 0.62 82.87
N GLU J 322 15.96 -0.24 83.23
CA GLU J 322 15.93 -1.71 83.18
C GLU J 322 16.08 -2.39 81.80
N GLY J 323 15.14 -2.23 80.90
CA GLY J 323 15.34 -2.74 79.57
C GLY J 323 14.85 -4.15 79.35
N HIS J 324 14.75 -4.51 78.07
CA HIS J 324 14.47 -5.83 77.50
C HIS J 324 13.07 -6.34 77.79
N LYS J 325 12.20 -5.56 78.42
CA LYS J 325 10.79 -5.90 78.53
C LYS J 325 10.07 -5.33 77.32
N GLY J 326 9.27 -6.18 76.66
CA GLY J 326 8.56 -5.78 75.46
C GLY J 326 9.38 -5.76 74.20
N MET J 327 10.66 -6.13 74.25
CA MET J 327 11.49 -6.14 73.07
C MET J 327 11.28 -7.39 72.22
N TYR J 328 10.56 -8.39 72.71
CA TYR J 328 10.12 -9.48 71.84
C TYR J 328 9.09 -8.97 70.85
N ASP J 329 8.03 -8.30 71.33
CA ASP J 329 6.99 -7.80 70.45
C ASP J 329 7.39 -6.52 69.75
N THR J 330 8.42 -5.81 70.24
CA THR J 330 9.00 -4.74 69.43
C THR J 330 9.66 -5.32 68.20
N TYR J 331 10.39 -6.42 68.38
CA TYR J 331 10.97 -7.17 67.28
C TYR J 331 9.88 -7.83 66.42
N ASN J 332 8.90 -8.46 67.06
CA ASN J 332 8.02 -9.38 66.33
C ASN J 332 6.85 -8.70 65.66
N ASN J 333 6.38 -7.56 66.16
CA ASN J 333 5.28 -6.87 65.49
C ASN J 333 5.76 -5.98 64.35
N SER J 334 6.98 -5.46 64.44
CA SER J 334 7.51 -4.51 63.47
C SER J 334 8.34 -5.22 62.42
N LEU J 335 7.88 -5.17 61.17
CA LEU J 335 8.68 -5.68 60.08
C LEU J 335 9.84 -4.74 59.75
N HIS J 336 9.69 -3.44 60.03
CA HIS J 336 10.77 -2.50 59.79
C HIS J 336 11.87 -2.60 60.83
N PHE J 337 11.54 -3.00 62.05
CA PHE J 337 12.57 -3.30 63.02
C PHE J 337 13.34 -4.54 62.61
N GLN J 338 12.64 -5.57 62.14
CA GLN J 338 13.29 -6.80 61.69
C GLN J 338 14.17 -6.53 60.48
N LEU J 339 13.65 -5.80 59.49
CA LEU J 339 14.42 -5.52 58.28
C LEU J 339 15.62 -4.64 58.58
N GLY J 340 15.47 -3.66 59.47
CA GLY J 340 16.62 -2.86 59.87
C GLY J 340 17.64 -3.65 60.66
N TRP J 341 17.20 -4.64 61.43
CA TRP J 341 18.10 -5.49 62.19
C TRP J 341 18.76 -6.53 61.31
N HIS J 342 17.99 -7.14 60.41
CA HIS J 342 18.52 -8.17 59.54
C HIS J 342 19.45 -7.61 58.48
N LEU J 343 19.31 -6.33 58.13
CA LEU J 343 20.29 -5.69 57.23
C LEU J 343 21.57 -5.34 57.97
N ALA J 344 21.49 -4.96 59.24
CA ALA J 344 22.70 -4.64 59.99
C ALA J 344 23.55 -5.86 60.25
N CYS J 345 22.92 -7.03 60.41
CA CYS J 345 23.69 -8.26 60.54
C CYS J 345 24.26 -8.68 59.19
N LEU J 346 23.44 -8.62 58.14
CA LEU J 346 23.89 -8.98 56.80
C LEU J 346 24.96 -8.03 56.28
N GLY J 347 24.94 -6.77 56.73
CA GLY J 347 25.95 -5.83 56.28
C GLY J 347 27.31 -6.03 56.91
N VAL J 348 27.33 -6.47 58.17
CA VAL J 348 28.59 -6.86 58.80
C VAL J 348 29.13 -8.13 58.16
N ILE J 349 28.24 -9.06 57.82
CA ILE J 349 28.65 -10.34 57.25
C ILE J 349 29.15 -10.15 55.82
N THR J 350 28.49 -9.29 55.03
CA THR J 350 28.91 -9.02 53.66
C THR J 350 30.29 -8.41 53.61
N SER J 351 30.60 -7.56 54.59
CA SER J 351 31.93 -6.98 54.64
C SER J 351 32.94 -7.94 55.24
N LEU J 352 32.49 -8.88 56.08
CA LEU J 352 33.39 -9.92 56.55
C LEU J 352 33.78 -10.87 55.43
N VAL J 353 32.85 -11.10 54.48
CA VAL J 353 33.14 -11.87 53.28
C VAL J 353 34.28 -11.22 52.49
N ALA J 354 34.28 -9.90 52.40
CA ALA J 354 35.30 -9.21 51.62
C ALA J 354 36.66 -9.25 52.30
N GLN J 355 36.71 -9.04 53.61
CA GLN J 355 38.00 -9.01 54.31
C GLN J 355 38.61 -10.40 54.47
N HIS J 356 37.82 -11.46 54.36
CA HIS J 356 38.34 -12.81 54.53
C HIS J 356 38.62 -13.52 53.22
N MET J 357 37.89 -13.22 52.16
CA MET J 357 38.13 -13.90 50.89
C MET J 357 39.40 -13.41 50.20
N TYR J 358 39.90 -12.24 50.55
CA TYR J 358 41.16 -11.80 49.97
C TYR J 358 42.37 -12.28 50.78
N SER J 359 42.21 -12.43 52.09
CA SER J 359 43.32 -12.86 52.93
C SER J 359 43.37 -14.37 53.10
N LEU J 360 42.21 -15.03 53.10
CA LEU J 360 42.11 -16.48 53.19
C LEU J 360 41.35 -16.97 51.97
N PRO J 361 41.98 -17.04 50.80
CA PRO J 361 41.26 -17.39 49.57
C PRO J 361 40.79 -18.83 49.59
N PRO J 362 39.49 -19.05 49.38
CA PRO J 362 38.93 -20.41 49.43
C PRO J 362 38.89 -21.12 48.09
N TYR J 363 39.30 -20.48 47.01
CA TYR J 363 39.14 -21.03 45.68
C TYR J 363 40.50 -21.19 45.02
N ALA J 364 40.65 -22.28 44.26
CA ALA J 364 41.92 -22.63 43.64
C ALA J 364 42.30 -21.60 42.60
N PHE J 365 43.53 -21.09 42.72
CA PHE J 365 44.15 -20.10 41.84
C PHE J 365 43.40 -18.77 41.82
N LEU J 366 42.60 -18.48 42.85
CA LEU J 366 41.96 -17.18 42.95
C LEU J 366 42.94 -16.11 43.40
N ALA J 367 43.94 -16.49 44.19
CA ALA J 367 44.92 -15.55 44.71
C ALA J 367 45.91 -15.07 43.65
N LYS J 368 45.92 -15.67 42.47
CA LYS J 368 46.77 -15.22 41.39
C LYS J 368 46.00 -14.56 40.25
N SER J 369 44.67 -14.57 40.32
CA SER J 369 43.84 -13.85 39.36
C SER J 369 43.54 -12.49 39.97
N TYR J 370 44.38 -11.50 39.63
CA TYR J 370 44.43 -10.25 40.39
C TYR J 370 43.21 -9.39 40.13
N THR J 371 42.72 -9.35 38.89
CA THR J 371 41.56 -8.52 38.57
C THR J 371 40.29 -9.10 39.18
N THR J 372 40.22 -10.42 39.28
CA THR J 372 39.08 -11.06 39.92
C THR J 372 39.07 -10.79 41.42
N GLN J 373 40.26 -10.83 42.05
CA GLN J 373 40.36 -10.54 43.46
C GLN J 373 40.06 -9.08 43.76
N ALA J 374 40.48 -8.18 42.87
CA ALA J 374 40.15 -6.77 43.02
C ALA J 374 38.66 -6.52 42.83
N ALA J 375 38.06 -7.18 41.84
CA ALA J 375 36.64 -6.99 41.57
C ALA J 375 35.77 -7.55 42.69
N LEU J 376 36.18 -8.68 43.27
CA LEU J 376 35.34 -9.32 44.28
C LEU J 376 35.34 -8.55 45.59
N TYR J 377 36.48 -7.97 45.97
CA TYR J 377 36.56 -7.19 47.19
C TYR J 377 35.72 -5.92 47.09
N THR J 378 35.87 -5.20 45.98
CA THR J 378 35.18 -3.94 45.78
C THR J 378 33.67 -4.14 45.65
N HIS J 379 33.28 -5.26 45.03
CA HIS J 379 31.87 -5.62 44.89
C HIS J 379 31.22 -5.82 46.26
N HIS J 380 31.83 -6.62 47.11
CA HIS J 380 31.22 -6.95 48.39
C HIS J 380 31.40 -5.86 49.43
N GLN J 381 32.31 -4.91 49.22
CA GLN J 381 32.39 -3.79 50.14
C GLN J 381 31.39 -2.69 49.80
N TYR J 382 31.12 -2.46 48.52
CA TYR J 382 30.12 -1.48 48.14
C TYR J 382 28.72 -1.99 48.42
N ILE J 383 28.51 -3.30 48.31
CA ILE J 383 27.21 -3.88 48.64
C ILE J 383 27.00 -3.84 50.14
N ALA J 384 28.06 -4.08 50.92
CA ALA J 384 27.98 -3.97 52.37
C ALA J 384 27.73 -2.53 52.81
N GLY J 385 28.28 -1.56 52.07
CA GLY J 385 28.01 -0.16 52.41
C GLY J 385 26.58 0.24 52.14
N PHE J 386 25.99 -0.26 51.06
CA PHE J 386 24.59 0.04 50.76
C PHE J 386 23.66 -0.67 51.71
N ILE J 387 24.01 -1.89 52.12
CA ILE J 387 23.18 -2.64 53.05
C ILE J 387 23.25 -2.02 54.45
N MET J 388 24.42 -1.52 54.84
CA MET J 388 24.57 -0.90 56.15
C MET J 388 23.80 0.40 56.28
N VAL J 389 23.74 1.19 55.22
CA VAL J 389 22.99 2.43 55.26
C VAL J 389 21.49 2.15 55.29
N GLY J 390 21.06 1.11 54.59
CA GLY J 390 19.67 0.70 54.62
C GLY J 390 19.23 0.07 55.92
N ALA J 391 20.17 -0.44 56.71
CA ALA J 391 19.85 -0.89 58.06
C ALA J 391 19.43 0.26 58.94
N PHE J 392 20.12 1.39 58.81
CA PHE J 392 19.75 2.59 59.54
C PHE J 392 18.54 3.28 58.96
N ALA J 393 18.28 3.09 57.66
CA ALA J 393 17.11 3.70 57.05
C ALA J 393 15.83 3.07 57.59
N HIS J 394 15.79 1.74 57.64
CA HIS J 394 14.62 1.05 58.15
C HIS J 394 14.55 1.07 59.67
N GLY J 395 15.66 1.37 60.35
CA GLY J 395 15.59 1.66 61.76
C GLY J 395 14.89 2.98 62.03
N ALA J 396 15.06 3.95 61.14
CA ALA J 396 14.36 5.22 61.25
C ALA J 396 12.90 5.11 60.82
N ILE J 397 12.60 4.25 59.84
CA ILE J 397 11.21 4.04 59.44
C ILE J 397 10.44 3.35 60.55
N PHE J 398 11.10 2.46 61.29
CA PHE J 398 10.48 1.82 62.45
C PHE J 398 10.13 2.84 63.53
N LEU J 399 11.02 3.81 63.77
CA LEU J 399 10.80 4.80 64.81
C LEU J 399 9.67 5.76 64.49
N ILE J 400 9.33 5.90 63.21
CA ILE J 400 8.21 6.76 62.82
C ILE J 400 6.92 5.96 62.75
N ARG J 401 6.95 4.78 62.15
CA ARG J 401 5.75 4.03 61.82
C ARG J 401 5.34 3.05 62.91
N ASP J 402 6.29 2.29 63.44
CA ASP J 402 5.97 1.15 64.27
C ASP J 402 6.32 1.33 65.75
N TYR J 403 7.10 2.33 66.10
CA TYR J 403 7.58 2.46 67.47
C TYR J 403 6.46 2.89 68.40
N ASP J 404 6.36 2.20 69.53
CA ASP J 404 5.31 2.43 70.52
C ASP J 404 5.95 2.88 71.83
N PRO J 405 5.87 4.16 72.19
CA PRO J 405 6.42 4.60 73.48
C PRO J 405 5.56 4.20 74.67
N ALA J 406 4.34 3.70 74.44
CA ALA J 406 3.53 3.20 75.53
C ALA J 406 3.96 1.79 75.93
N SER J 407 4.10 0.90 74.95
CA SER J 407 4.58 -0.46 75.23
C SER J 407 6.05 -0.42 75.62
N ASN J 408 6.91 0.10 74.76
CA ASN J 408 8.31 0.35 75.11
C ASN J 408 8.37 1.58 76.00
N SER J 409 8.20 1.35 77.29
CA SER J 409 8.23 2.41 78.29
C SER J 409 9.37 2.12 79.24
N ASN J 410 10.42 2.94 79.15
CA ASN J 410 11.67 2.81 79.93
C ASN J 410 12.29 1.42 79.74
N ASN J 411 12.40 0.99 78.49
CA ASN J 411 13.22 -0.15 78.14
C ASN J 411 14.51 0.36 77.51
N VAL J 412 15.29 -0.57 76.94
CA VAL J 412 16.58 -0.20 76.32
C VAL J 412 16.37 0.70 75.10
N LEU J 413 15.28 0.49 74.37
CA LEU J 413 15.04 1.29 73.17
C LEU J 413 14.43 2.65 73.50
N ASP J 414 13.64 2.71 74.57
CA ASP J 414 13.17 4.01 75.05
C ASP J 414 14.31 4.85 75.59
N ARG J 415 15.33 4.20 76.14
CA ARG J 415 16.36 4.94 76.88
C ARG J 415 17.40 5.57 75.96
N VAL J 416 17.64 4.98 74.78
CA VAL J 416 18.62 5.56 73.87
C VAL J 416 18.11 6.86 73.26
N LEU J 417 16.79 7.05 73.22
CA LEU J 417 16.20 8.27 72.70
C LEU J 417 16.24 9.41 73.70
N GLN J 418 16.39 9.11 74.99
CA GLN J 418 16.34 10.14 76.02
C GLN J 418 17.69 10.85 76.15
N HIS J 419 18.80 10.15 75.96
CA HIS J 419 20.11 10.82 75.90
C HIS J 419 20.62 10.90 74.46
N LYS J 420 19.69 11.12 73.53
CA LYS J 420 20.02 11.19 72.11
C LYS J 420 20.89 12.40 71.77
N GLU J 421 20.89 13.44 72.61
CA GLU J 421 21.82 14.53 72.35
C GLU J 421 23.22 14.19 72.82
N ALA J 422 23.39 13.16 73.65
CA ALA J 422 24.72 12.76 74.07
C ALA J 422 25.37 11.83 73.05
N ILE J 423 24.59 10.95 72.43
CA ILE J 423 25.11 10.05 71.40
C ILE J 423 25.51 10.83 70.16
N ILE J 424 24.70 11.81 69.76
CA ILE J 424 24.95 12.54 68.54
C ILE J 424 26.14 13.50 68.72
N SER J 425 26.22 14.15 69.88
CA SER J 425 27.32 15.06 70.14
C SER J 425 28.63 14.32 70.34
N HIS J 426 28.60 13.07 70.79
CA HIS J 426 29.83 12.32 70.92
C HIS J 426 30.29 11.75 69.59
N LEU J 427 29.35 11.37 68.72
CA LEU J 427 29.69 11.04 67.34
C LEU J 427 30.24 12.26 66.61
N SER J 428 29.70 13.44 66.92
CA SER J 428 30.15 14.67 66.29
C SER J 428 31.57 15.02 66.69
N TRP J 429 31.97 14.70 67.92
CA TRP J 429 33.33 15.02 68.36
C TRP J 429 34.35 14.08 67.74
N VAL J 430 34.03 12.78 67.66
CA VAL J 430 34.94 11.81 67.06
C VAL J 430 35.13 12.09 65.58
N SER J 431 34.05 12.48 64.89
CA SER J 431 34.16 12.84 63.48
C SER J 431 35.02 14.08 63.30
N LEU J 432 34.84 15.09 64.16
CA LEU J 432 35.62 16.30 64.03
C LEU J 432 37.07 16.09 64.48
N PHE J 433 37.30 15.23 65.47
CA PHE J 433 38.66 14.99 65.93
C PHE J 433 39.46 14.22 64.89
N LEU J 434 38.86 13.21 64.28
CA LEU J 434 39.55 12.44 63.25
C LEU J 434 39.79 13.28 62.01
N GLY J 435 38.80 14.06 61.58
CA GLY J 435 38.93 14.80 60.35
C GLY J 435 39.90 15.96 60.44
N PHE J 436 39.97 16.62 61.61
CA PHE J 436 40.91 17.71 61.78
C PHE J 436 42.35 17.21 61.83
N HIS J 437 42.57 15.99 62.31
CA HIS J 437 43.91 15.49 62.50
C HIS J 437 44.37 14.54 61.39
N THR J 438 43.46 13.82 60.72
CA THR J 438 43.87 13.03 59.57
C THR J 438 44.17 13.92 58.38
N LEU J 439 43.29 14.90 58.10
CA LEU J 439 43.55 15.84 57.01
C LEU J 439 44.71 16.75 57.32
N GLY J 440 44.87 17.14 58.59
CA GLY J 440 45.99 17.97 58.98
C GLY J 440 47.33 17.27 58.83
N LEU J 441 47.35 15.97 59.10
CA LEU J 441 48.58 15.20 58.93
C LEU J 441 48.90 14.99 57.45
N TYR J 442 47.88 14.82 56.61
CA TYR J 442 48.10 14.65 55.17
C TYR J 442 48.59 15.95 54.53
N VAL J 443 48.00 17.08 54.92
CA VAL J 443 48.37 18.36 54.32
C VAL J 443 49.76 18.78 54.78
N HIS J 444 50.10 18.48 56.04
CA HIS J 444 51.45 18.75 56.54
C HIS J 444 52.50 17.95 55.78
N ASN J 445 52.21 16.67 55.50
CA ASN J 445 53.14 15.87 54.73
C ASN J 445 53.23 16.33 53.28
N ASP J 446 52.12 16.82 52.73
CA ASP J 446 52.12 17.34 51.37
C ASP J 446 52.99 18.59 51.25
N VAL J 447 52.96 19.46 52.26
CA VAL J 447 53.78 20.66 52.25
C VAL J 447 55.26 20.32 52.39
N MET J 448 55.57 19.26 53.15
CA MET J 448 56.96 18.84 53.31
C MET J 448 57.54 18.27 52.03
N VAL J 449 56.76 17.44 51.32
CA VAL J 449 57.24 16.88 50.06
C VAL J 449 57.32 17.95 48.98
N ALA J 450 56.37 18.90 48.99
CA ALA J 450 56.39 19.96 47.98
C ALA J 450 57.52 20.94 48.21
N PHE J 451 57.87 21.21 49.47
CA PHE J 451 58.99 22.11 49.75
C PHE J 451 60.35 21.44 49.56
N GLY J 452 60.39 20.15 49.23
CA GLY J 452 61.64 19.46 49.00
C GLY J 452 62.24 18.81 50.22
N THR J 453 61.45 18.60 51.27
CA THR J 453 61.93 18.05 52.53
C THR J 453 61.04 16.87 52.96
N PRO J 454 61.19 15.70 52.33
CA PRO J 454 60.32 14.58 52.67
C PRO J 454 60.69 13.85 53.94
N GLU J 455 61.75 14.26 54.65
CA GLU J 455 62.04 13.67 55.95
C GLU J 455 61.44 14.47 57.10
N LYS J 456 60.89 15.65 56.83
CA LYS J 456 60.17 16.37 57.88
C LYS J 456 58.72 15.94 58.01
N GLN J 457 58.23 15.07 57.13
CA GLN J 457 56.83 14.68 57.20
C GLN J 457 56.61 13.71 58.36
N ILE J 458 55.38 13.72 58.88
CA ILE J 458 55.05 13.01 60.11
C ILE J 458 54.58 11.61 59.73
N LEU J 459 55.37 10.61 60.10
CA LEU J 459 55.13 9.21 59.77
C LEU J 459 54.94 8.43 61.06
N VAL J 460 53.69 8.27 61.48
CA VAL J 460 53.36 7.54 62.69
C VAL J 460 53.21 6.07 62.34
N GLU J 461 53.97 5.22 63.01
CA GLU J 461 53.85 3.81 62.72
C GLU J 461 52.62 3.23 63.41
N PRO J 462 51.89 2.35 62.75
CA PRO J 462 50.73 1.73 63.40
C PRO J 462 51.15 0.58 64.33
N VAL J 463 51.59 0.96 65.54
CA VAL J 463 52.21 -0.02 66.42
C VAL J 463 51.20 -0.94 67.10
N PHE J 464 49.92 -0.59 67.14
CA PHE J 464 48.95 -1.46 67.77
C PHE J 464 48.55 -2.61 66.86
N ALA J 465 48.43 -2.34 65.55
CA ALA J 465 48.02 -3.38 64.62
C ALA J 465 49.20 -4.23 64.16
N GLN J 466 50.41 -3.68 64.19
CA GLN J 466 51.59 -4.50 63.99
C GLN J 466 51.78 -5.49 65.13
N TRP J 467 51.41 -5.08 66.35
CA TRP J 467 51.47 -5.96 67.50
C TRP J 467 50.45 -7.10 67.40
N ILE J 468 49.29 -6.84 66.79
CA ILE J 468 48.30 -7.90 66.59
C ILE J 468 48.80 -8.92 65.56
N GLN J 469 49.50 -8.44 64.53
CA GLN J 469 50.11 -9.33 63.55
C GLN J 469 51.18 -10.20 64.20
N ALA J 470 52.00 -9.60 65.07
CA ALA J 470 52.97 -10.36 65.83
C ALA J 470 52.28 -11.32 66.80
N ALA J 471 51.13 -10.90 67.36
CA ALA J 471 50.37 -11.76 68.25
C ALA J 471 49.68 -12.91 67.52
N HIS J 472 49.59 -12.84 66.20
CA HIS J 472 49.04 -13.93 65.42
C HIS J 472 50.10 -14.76 64.72
N GLY J 473 51.37 -14.40 64.85
CA GLY J 473 52.45 -15.24 64.40
C GLY J 473 53.38 -14.66 63.35
N LYS J 474 53.38 -13.34 63.19
CA LYS J 474 54.23 -12.68 62.20
C LYS J 474 55.51 -12.19 62.86
N LEU J 475 56.64 -12.50 62.23
CA LEU J 475 57.95 -12.27 62.82
C LEU J 475 58.66 -11.03 62.26
N LEU J 476 57.96 -10.22 61.47
CA LEU J 476 58.64 -9.15 60.75
C LEU J 476 58.91 -7.94 61.64
N TYR J 477 58.07 -7.68 62.63
CA TYR J 477 58.27 -6.54 63.50
C TYR J 477 59.09 -6.85 64.74
N GLY J 478 59.19 -8.13 65.11
CA GLY J 478 60.02 -8.54 66.22
C GLY J 478 59.49 -8.14 67.59
N PHE J 479 58.24 -8.50 67.88
CA PHE J 479 57.68 -8.28 69.20
C PHE J 479 57.80 -9.51 70.09
N ASP J 480 57.58 -10.70 69.52
CA ASP J 480 57.77 -12.00 70.16
C ASP J 480 56.89 -12.16 71.41
N THR J 481 55.60 -11.86 71.21
CA THR J 481 54.55 -12.28 72.12
C THR J 481 53.91 -13.56 71.58
N LEU J 482 52.77 -13.92 72.15
CA LEU J 482 52.07 -15.19 71.90
C LEU J 482 51.81 -15.45 70.42
N LEU J 483 51.98 -16.73 70.03
CA LEU J 483 51.94 -17.30 68.68
C LEU J 483 53.09 -16.87 67.78
N SER J 484 53.92 -15.93 68.22
CA SER J 484 55.26 -15.75 67.68
C SER J 484 56.33 -16.11 68.69
N ASN J 485 56.01 -16.07 69.97
CA ASN J 485 56.79 -16.77 70.99
C ASN J 485 56.56 -18.26 70.82
N PRO J 486 57.60 -19.05 70.53
CA PRO J 486 57.39 -20.51 70.42
C PRO J 486 57.08 -21.18 71.75
N GLY J 487 57.37 -20.55 72.88
CA GLY J 487 57.12 -21.14 74.17
C GLY J 487 56.05 -20.44 74.99
N SER J 488 55.19 -19.66 74.34
CA SER J 488 54.09 -19.00 75.01
C SER J 488 52.99 -20.00 75.36
N ILE J 489 52.09 -19.56 76.23
CA ILE J 489 51.00 -20.43 76.68
C ILE J 489 49.98 -20.63 75.55
N ALA J 490 49.80 -19.62 74.71
CA ALA J 490 48.82 -19.73 73.63
C ALA J 490 49.33 -20.56 72.46
N SER J 491 50.65 -20.57 72.23
CA SER J 491 51.19 -21.34 71.12
C SER J 491 51.30 -22.83 71.44
N THR J 492 51.76 -23.17 72.64
CA THR J 492 51.87 -24.58 73.00
C THR J 492 50.52 -25.23 73.28
N ALA J 493 49.53 -24.43 73.72
CA ALA J 493 48.16 -24.87 74.02
C ALA J 493 48.17 -25.99 75.07
N TRP J 494 48.59 -25.58 76.28
CA TRP J 494 49.29 -26.45 77.22
C TRP J 494 48.56 -27.75 77.63
N PRO J 495 47.35 -27.73 78.19
CA PRO J 495 46.84 -28.98 78.77
C PRO J 495 46.30 -29.98 77.76
N ASN J 496 46.13 -29.61 76.51
CA ASN J 496 45.57 -30.55 75.55
C ASN J 496 46.44 -30.73 74.31
N TYR J 497 47.27 -29.73 73.97
CA TYR J 497 48.21 -29.75 72.83
C TYR J 497 47.49 -29.96 71.49
N GLY J 498 46.21 -29.61 71.41
CA GLY J 498 45.44 -29.77 70.19
C GLY J 498 45.57 -28.57 69.28
N ASN J 499 46.79 -28.27 68.87
CA ASN J 499 47.13 -27.08 68.09
C ASN J 499 47.50 -27.43 66.66
N VAL J 500 46.71 -28.32 66.04
CA VAL J 500 47.04 -28.91 64.74
C VAL J 500 47.08 -27.87 63.63
N TRP J 501 46.31 -26.79 63.77
CA TRP J 501 46.30 -25.73 62.78
C TRP J 501 47.58 -24.90 62.78
N LEU J 502 48.31 -24.89 63.90
CA LEU J 502 49.31 -23.85 64.16
C LEU J 502 50.49 -23.91 63.19
N SER J 503 50.90 -25.11 62.78
CA SER J 503 52.04 -25.22 61.87
C SER J 503 51.68 -24.73 60.48
N GLY J 504 50.48 -25.05 60.02
CA GLY J 504 50.01 -24.53 58.74
C GLY J 504 49.76 -23.04 58.76
N TRP J 505 49.31 -22.50 59.91
CA TRP J 505 49.03 -21.09 60.02
C TRP J 505 50.30 -20.25 59.99
N LEU J 506 51.31 -20.64 60.77
CA LEU J 506 52.54 -19.86 60.82
C LEU J 506 53.38 -20.02 59.56
N ASP J 507 53.17 -21.11 58.81
CA ASP J 507 53.80 -21.23 57.50
C ASP J 507 53.22 -20.22 56.52
N ALA J 508 51.91 -20.03 56.56
CA ALA J 508 51.26 -19.13 55.62
C ALA J 508 51.39 -17.67 56.03
N ILE J 509 51.43 -17.38 57.33
CA ILE J 509 51.47 -15.98 57.77
C ILE J 509 52.88 -15.41 57.68
N ASN J 510 53.91 -16.25 57.54
CA ASN J 510 55.27 -15.76 57.36
C ASN J 510 55.75 -15.88 55.92
N SER J 511 54.96 -16.49 55.04
CA SER J 511 55.24 -16.42 53.62
C SER J 511 54.97 -15.00 53.12
N GLY J 512 55.96 -14.42 52.46
CA GLY J 512 55.84 -13.05 52.00
C GLY J 512 55.27 -12.94 50.60
N ASP J 513 54.26 -13.76 50.30
CA ASP J 513 53.72 -13.86 48.95
C ASP J 513 52.19 -13.94 48.90
N ASN J 514 51.51 -13.94 50.03
CA ASN J 514 50.06 -13.96 50.07
C ASN J 514 49.54 -12.65 50.62
N SER J 515 48.21 -12.52 50.67
CA SER J 515 47.56 -11.35 51.24
C SER J 515 47.08 -11.62 52.67
N LEU J 516 47.75 -12.54 53.37
CA LEU J 516 47.39 -12.91 54.74
C LEU J 516 48.25 -12.08 55.70
N PHE J 517 47.62 -11.09 56.33
CA PHE J 517 48.21 -10.17 57.32
C PHE J 517 49.43 -9.44 56.74
N LEU J 518 49.12 -8.58 55.76
CA LEU J 518 50.12 -7.82 55.03
C LEU J 518 50.90 -6.89 55.95
N THR J 519 52.11 -6.55 55.51
CA THR J 519 52.95 -5.61 56.24
C THR J 519 52.38 -4.21 56.11
N ILE J 520 52.22 -3.52 57.25
CA ILE J 520 51.61 -2.21 57.30
C ILE J 520 52.60 -1.22 57.88
N GLY J 521 52.57 0.00 57.36
CA GLY J 521 53.47 1.05 57.79
C GLY J 521 52.74 2.36 57.97
N PRO J 522 53.48 3.48 57.91
CA PRO J 522 52.87 4.79 58.18
C PRO J 522 51.83 5.22 57.16
N GLY J 523 51.92 4.73 55.92
CA GLY J 523 50.86 5.00 54.95
C GLY J 523 49.58 4.25 55.27
N ASP J 524 49.69 3.13 55.97
CA ASP J 524 48.52 2.37 56.41
C ASP J 524 47.90 2.94 57.67
N PHE J 525 48.67 3.72 58.43
CA PHE J 525 48.16 4.36 59.64
C PHE J 525 47.15 5.45 59.30
N LEU J 526 47.51 6.33 58.35
CA LEU J 526 46.69 7.50 58.06
C LEU J 526 45.39 7.12 57.38
N VAL J 527 45.42 6.09 56.54
CA VAL J 527 44.24 5.74 55.77
C VAL J 527 43.25 4.94 56.63
N HIS J 528 43.71 4.24 57.68
CA HIS J 528 42.77 3.65 58.62
C HIS J 528 42.07 4.72 59.46
N HIS J 529 42.74 5.83 59.74
CA HIS J 529 42.07 6.91 60.45
C HIS J 529 41.18 7.73 59.53
N ALA J 530 41.42 7.69 58.22
CA ALA J 530 40.46 8.24 57.27
C ALA J 530 39.25 7.35 57.17
N ILE J 531 39.45 6.03 57.24
CA ILE J 531 38.34 5.09 57.21
C ILE J 531 37.52 5.19 58.49
N ALA J 532 38.19 5.39 59.63
CA ALA J 532 37.48 5.59 60.89
C ALA J 532 36.70 6.89 60.88
N LEU J 533 37.22 7.91 60.21
CA LEU J 533 36.47 9.14 60.00
C LEU J 533 35.22 8.91 59.16
N GLY J 534 35.36 8.11 58.09
CA GLY J 534 34.22 7.84 57.24
C GLY J 534 33.19 6.93 57.88
N LEU J 535 33.62 6.01 58.73
CA LEU J 535 32.68 5.16 59.45
C LEU J 535 31.91 5.95 60.49
N HIS J 536 32.58 6.90 61.15
CA HIS J 536 31.93 7.63 62.23
C HIS J 536 31.03 8.73 61.71
N THR J 537 31.43 9.39 60.61
CA THR J 537 30.59 10.44 60.05
C THR J 537 29.33 9.86 59.42
N THR J 538 29.46 8.74 58.69
CA THR J 538 28.29 8.10 58.09
C THR J 538 27.35 7.58 59.15
N THR J 539 27.89 7.09 60.28
CA THR J 539 27.05 6.71 61.39
C THR J 539 26.38 7.93 62.01
N LEU J 540 27.10 9.05 62.11
CA LEU J 540 26.56 10.27 62.69
C LEU J 540 25.36 10.79 61.92
N ILE J 541 25.42 10.75 60.58
CA ILE J 541 24.29 11.19 59.78
C ILE J 541 23.12 10.25 59.93
N LEU J 542 23.39 8.95 59.98
CA LEU J 542 22.35 7.95 60.02
C LEU J 542 21.71 7.86 61.40
N VAL J 543 22.49 8.04 62.46
CA VAL J 543 21.95 7.97 63.81
C VAL J 543 21.12 9.22 64.11
N LYS J 544 21.64 10.39 63.75
CA LYS J 544 20.92 11.64 63.93
C LYS J 544 19.67 11.70 63.06
N GLY J 545 19.69 11.03 61.92
CA GLY J 545 18.46 10.89 61.16
C GLY J 545 17.46 9.98 61.82
N ALA J 546 17.94 8.91 62.45
CA ALA J 546 17.03 7.98 63.13
C ALA J 546 16.54 8.55 64.46
N LEU J 547 17.43 9.18 65.24
CA LEU J 547 17.05 9.64 66.56
C LEU J 547 16.24 10.94 66.53
N ASP J 548 16.36 11.75 65.48
CA ASP J 548 15.53 12.93 65.32
C ASP J 548 14.35 12.70 64.41
N ALA J 549 14.07 11.43 64.08
CA ALA J 549 12.99 11.13 63.12
C ALA J 549 11.62 11.42 63.69
N ARG J 550 11.47 11.33 65.01
CA ARG J 550 10.19 11.62 65.63
C ARG J 550 10.02 13.10 65.95
N GLY J 551 11.10 13.85 66.06
CA GLY J 551 11.01 15.27 66.29
C GLY J 551 12.28 15.84 66.84
N SER J 552 12.41 17.16 66.69
CA SER J 552 13.52 17.94 67.22
C SER J 552 12.95 19.28 67.68
N LYS J 553 13.83 20.27 67.90
CA LYS J 553 13.31 21.59 68.26
C LYS J 553 12.87 22.39 67.05
N LEU J 554 13.47 22.12 65.88
CA LEU J 554 13.04 22.82 64.68
C LEU J 554 11.69 22.32 64.20
N MET J 555 11.33 21.07 64.50
CA MET J 555 10.09 20.48 64.02
C MET J 555 9.66 19.41 65.00
N PRO J 556 8.92 19.79 66.05
CA PRO J 556 8.62 18.83 67.14
C PRO J 556 7.64 17.73 66.76
N ASP J 557 6.81 17.94 65.74
CA ASP J 557 5.80 16.96 65.34
C ASP J 557 6.21 16.21 64.08
N LYS J 558 7.50 15.90 63.93
CA LYS J 558 8.04 15.36 62.70
C LYS J 558 7.51 13.97 62.36
N LYS J 559 7.04 13.21 63.34
CA LYS J 559 6.47 11.90 63.05
C LYS J 559 5.09 12.01 62.40
N ASP J 560 4.43 13.16 62.51
CA ASP J 560 3.14 13.34 61.83
C ASP J 560 3.29 13.48 60.33
N PHE J 561 4.49 13.82 59.85
CA PHE J 561 4.70 14.10 58.43
C PHE J 561 5.31 12.94 57.67
N GLY J 562 5.71 11.87 58.36
CA GLY J 562 6.17 10.67 57.71
C GLY J 562 7.68 10.58 57.67
N TYR J 563 8.13 9.51 57.01
CA TYR J 563 9.57 9.30 56.84
C TYR J 563 10.14 10.28 55.82
N SER J 564 9.42 10.52 54.73
CA SER J 564 9.93 11.28 53.61
C SER J 564 8.97 12.42 53.32
N PHE J 565 9.45 13.64 53.43
CA PHE J 565 8.71 14.84 53.05
C PHE J 565 9.74 15.88 52.67
N PRO J 566 9.36 16.90 51.84
CA PRO J 566 10.36 17.87 51.36
C PRO J 566 11.05 18.68 52.45
N CYS J 567 10.24 19.37 53.23
CA CYS J 567 10.68 20.39 54.17
C CYS J 567 9.47 20.77 55.00
N ASP J 568 9.62 21.79 55.83
CA ASP J 568 8.49 22.40 56.51
C ASP J 568 8.38 23.88 56.15
N GLY J 569 8.84 24.25 54.97
CA GLY J 569 8.73 25.60 54.49
C GLY J 569 9.90 26.47 54.88
N PRO J 570 9.96 27.67 54.32
CA PRO J 570 11.08 28.58 54.63
C PRO J 570 10.96 29.29 55.96
N GLY J 571 9.89 29.08 56.71
CA GLY J 571 9.76 29.67 58.03
C GLY J 571 10.67 28.99 59.03
N ARG J 572 10.72 29.60 60.22
CA ARG J 572 11.60 29.21 61.33
C ARG J 572 13.07 29.15 60.91
N GLY J 573 13.47 30.05 60.01
CA GLY J 573 14.81 30.07 59.49
C GLY J 573 14.99 29.32 58.18
N GLY J 574 14.13 28.36 57.88
CA GLY J 574 14.30 27.52 56.71
C GLY J 574 14.57 26.09 57.11
N THR J 575 13.89 25.13 56.48
CA THR J 575 13.89 23.76 56.95
C THR J 575 14.16 22.79 55.82
N CYS J 576 15.03 23.16 54.88
CA CYS J 576 15.43 22.28 53.78
C CYS J 576 16.11 21.03 54.33
N ASP J 577 15.69 19.86 53.85
CA ASP J 577 16.29 18.56 54.17
C ASP J 577 16.22 18.24 55.66
N ILE J 578 15.02 18.38 56.22
CA ILE J 578 14.81 18.16 57.65
C ILE J 578 14.30 16.75 57.96
N SER J 579 13.78 16.03 56.97
CA SER J 579 13.20 14.72 57.23
C SER J 579 14.29 13.69 57.49
N ALA J 580 13.85 12.53 57.99
CA ALA J 580 14.78 11.42 58.22
C ALA J 580 15.19 10.76 56.92
N TRP J 581 14.36 10.84 55.89
CA TRP J 581 14.77 10.40 54.56
C TRP J 581 15.92 11.25 54.03
N ASP J 582 15.92 12.54 54.35
CA ASP J 582 16.97 13.41 53.87
C ASP J 582 18.32 13.11 54.53
N ALA J 583 18.31 12.51 55.71
CA ALA J 583 19.56 12.09 56.33
C ALA J 583 20.03 10.73 55.83
N PHE J 584 19.12 9.89 55.34
CA PHE J 584 19.52 8.80 54.46
C PHE J 584 20.26 9.32 53.25
N TYR J 585 19.67 10.35 52.61
CA TYR J 585 20.17 10.89 51.35
C TYR J 585 21.57 11.47 51.51
N LEU J 586 21.82 12.16 52.61
CA LEU J 586 23.15 12.71 52.86
C LEU J 586 24.16 11.63 53.19
N ALA J 587 23.72 10.55 53.83
CA ALA J 587 24.65 9.51 54.28
C ALA J 587 25.11 8.59 53.16
N VAL J 588 24.34 8.49 52.07
CA VAL J 588 24.79 7.72 50.92
C VAL J 588 26.02 8.37 50.29
N PHE J 589 26.08 9.70 50.30
CA PHE J 589 27.27 10.42 49.87
C PHE J 589 28.47 10.06 50.74
N TRP J 590 28.28 10.07 52.05
CA TRP J 590 29.38 9.76 52.95
C TRP J 590 29.72 8.28 52.95
N MET J 591 28.75 7.41 52.66
CA MET J 591 29.04 6.00 52.52
C MET J 591 29.90 5.74 51.29
N LEU J 592 29.54 6.33 50.15
CA LEU J 592 30.30 6.13 48.92
C LEU J 592 31.71 6.69 49.04
N ASN J 593 31.85 7.81 49.72
CA ASN J 593 33.17 8.36 50.01
C ASN J 593 33.97 7.45 50.93
N THR J 594 33.31 6.78 51.86
CA THR J 594 34.01 5.89 52.80
C THR J 594 34.46 4.62 52.11
N ILE J 595 33.57 3.95 51.38
CA ILE J 595 33.94 2.78 50.61
C ILE J 595 34.90 3.17 49.47
N GLY J 596 34.82 4.41 49.01
CA GLY J 596 35.83 4.93 48.11
C GLY J 596 37.21 4.93 48.72
N TRP J 597 37.33 5.45 49.95
CA TRP J 597 38.63 5.45 50.63
C TRP J 597 39.08 4.04 50.99
N VAL J 598 38.14 3.14 51.26
CA VAL J 598 38.48 1.75 51.57
C VAL J 598 39.03 1.05 50.34
N THR J 599 38.30 1.11 49.23
CA THR J 599 38.69 0.35 48.05
C THR J 599 39.81 1.02 47.25
N PHE J 600 40.03 2.32 47.43
CA PHE J 600 41.24 2.94 46.89
C PHE J 600 42.47 2.37 47.57
N TYR J 601 42.40 2.18 48.88
CA TYR J 601 43.54 1.74 49.67
C TYR J 601 43.82 0.27 49.47
N TRP J 602 42.77 -0.56 49.42
CA TRP J 602 42.95 -1.97 49.10
C TRP J 602 43.56 -2.14 47.73
N HIS J 603 43.10 -1.37 46.75
CA HIS J 603 43.58 -1.55 45.38
C HIS J 603 45.00 -1.05 45.22
N TRP J 604 45.35 0.10 45.81
CA TRP J 604 46.69 0.64 45.62
C TRP J 604 47.73 -0.19 46.37
N LYS J 605 47.38 -0.70 47.55
CA LYS J 605 48.33 -1.54 48.27
C LYS J 605 48.55 -2.87 47.55
N HIS J 606 47.48 -3.43 46.98
CA HIS J 606 47.64 -4.68 46.24
C HIS J 606 48.29 -4.46 44.89
N LEU J 607 48.01 -3.33 44.23
CA LEU J 607 48.65 -3.04 42.95
C LEU J 607 50.13 -2.76 43.14
N ALA J 608 50.53 -2.24 44.30
CA ALA J 608 51.94 -2.06 44.58
C ALA J 608 52.63 -3.40 44.83
N ILE J 609 51.93 -4.34 45.48
CA ILE J 609 52.50 -5.65 45.75
C ILE J 609 52.58 -6.47 44.47
N TRP J 610 51.54 -6.42 43.64
CA TRP J 610 51.50 -7.23 42.43
C TRP J 610 52.48 -6.72 41.36
N GLN J 611 52.80 -5.44 41.38
CA GLN J 611 53.77 -4.88 40.44
C GLN J 611 55.21 -5.08 40.89
N GLY J 612 55.44 -5.72 42.03
CA GLY J 612 56.79 -5.90 42.53
C GLY J 612 57.42 -4.67 43.13
N ASN J 613 56.65 -3.60 43.36
CA ASN J 613 57.16 -2.36 43.95
C ASN J 613 56.25 -1.97 45.11
N VAL J 614 56.50 -2.54 46.28
CA VAL J 614 55.72 -2.18 47.46
C VAL J 614 56.21 -0.85 48.05
N ALA J 615 57.42 -0.42 47.68
CA ALA J 615 57.97 0.83 48.16
C ALA J 615 57.28 2.05 47.57
N GLN J 616 56.62 1.89 46.42
CA GLN J 616 55.90 3.02 45.83
C GLN J 616 54.67 3.37 46.64
N PHE J 617 53.99 2.38 47.22
CA PHE J 617 52.93 2.67 48.17
C PHE J 617 53.50 3.25 49.46
N ASN J 618 54.63 2.72 49.93
CA ASN J 618 55.17 3.12 51.22
C ASN J 618 55.72 4.55 51.19
N GLU J 619 56.12 5.04 50.02
CA GLU J 619 56.62 6.39 49.89
C GLU J 619 55.56 7.42 49.52
N SER J 620 54.54 7.05 48.76
CA SER J 620 53.63 8.02 48.20
C SER J 620 52.29 8.11 48.93
N SER J 621 51.95 7.14 49.77
CA SER J 621 50.63 7.15 50.41
C SER J 621 50.58 7.99 51.68
N THR J 622 51.66 8.69 52.03
CA THR J 622 51.66 9.51 53.22
C THR J 622 51.29 10.96 52.94
N TYR J 623 51.21 11.34 51.67
CA TYR J 623 50.78 12.67 51.26
C TYR J 623 49.83 12.51 50.09
N LEU J 624 48.90 13.46 49.94
CA LEU J 624 47.77 13.25 49.03
C LEU J 624 48.13 13.44 47.57
N MET J 625 49.25 14.07 47.25
CA MET J 625 49.68 14.14 45.86
C MET J 625 50.14 12.77 45.35
N GLY J 626 50.68 11.94 46.24
CA GLY J 626 51.04 10.59 45.84
C GLY J 626 49.84 9.75 45.47
N TRP J 627 48.71 9.96 46.15
CA TRP J 627 47.48 9.28 45.79
C TRP J 627 46.96 9.77 44.45
N LEU J 628 47.08 11.07 44.18
CA LEU J 628 46.57 11.62 42.92
C LEU J 628 47.46 11.22 41.75
N ARG J 629 48.78 11.31 41.93
CA ARG J 629 49.73 11.09 40.85
C ARG J 629 50.06 9.62 40.66
N ASP J 630 50.48 8.93 41.73
CA ASP J 630 50.99 7.57 41.60
C ASP J 630 49.91 6.52 41.69
N TYR J 631 48.68 6.87 42.00
CA TYR J 631 47.58 5.91 41.95
C TYR J 631 46.53 6.27 40.93
N LEU J 632 45.98 7.48 40.98
CA LEU J 632 44.91 7.84 40.06
C LEU J 632 45.45 8.16 38.67
N TRP J 633 46.47 9.01 38.60
CA TRP J 633 46.99 9.46 37.30
C TRP J 633 47.79 8.35 36.62
N LEU J 634 48.61 7.63 37.40
CA LEU J 634 49.54 6.67 36.81
C LEU J 634 48.82 5.45 36.24
N ASN J 635 47.82 4.95 36.95
CA ASN J 635 47.09 3.76 36.52
C ASN J 635 45.95 4.06 35.57
N SER J 636 45.75 5.33 35.21
CA SER J 636 44.75 5.68 34.21
C SER J 636 45.25 5.53 32.78
N SER J 637 46.53 5.25 32.60
CA SER J 637 47.19 5.37 31.29
C SER J 637 46.65 4.37 30.29
N GLN J 638 46.55 3.11 30.67
CA GLN J 638 46.07 2.09 29.74
C GLN J 638 44.56 2.12 29.57
N LEU J 639 43.85 2.62 30.60
CA LEU J 639 42.40 2.73 30.52
C LEU J 639 41.99 3.74 29.46
N ILE J 640 42.53 4.97 29.54
CA ILE J 640 42.11 6.03 28.61
C ILE J 640 42.75 5.88 27.23
N ASN J 641 43.61 4.89 27.03
CA ASN J 641 44.08 4.52 25.71
C ASN J 641 43.38 3.28 25.18
N GLY J 642 42.22 2.94 25.76
CA GLY J 642 41.40 1.87 25.21
C GLY J 642 40.92 2.16 23.80
N TYR J 643 40.72 3.43 23.47
CA TYR J 643 40.63 3.87 22.10
C TYR J 643 41.29 5.25 22.01
N ASN J 644 41.92 5.50 20.87
CA ASN J 644 42.69 6.71 20.61
C ASN J 644 42.66 6.91 19.09
N PRO J 645 43.24 7.99 18.51
CA PRO J 645 43.21 8.11 17.04
C PRO J 645 44.02 7.05 16.28
N TYR J 646 44.76 6.18 16.94
CA TYR J 646 45.52 5.14 16.27
C TYR J 646 44.82 3.78 16.29
N GLY J 647 43.75 3.64 17.05
CA GLY J 647 42.97 2.42 17.03
C GLY J 647 42.35 2.18 18.38
N MET J 648 41.94 0.92 18.59
CA MET J 648 41.34 0.54 19.86
C MET J 648 41.79 -0.87 20.22
N ASN J 649 41.61 -1.21 21.50
CA ASN J 649 41.89 -2.55 21.99
C ASN J 649 40.74 -3.02 22.86
N ASN J 650 40.94 -4.11 23.61
CA ASN J 650 39.85 -4.69 24.40
C ASN J 650 39.47 -3.85 25.61
N LEU J 651 40.27 -2.85 25.98
CA LEU J 651 39.92 -1.95 27.06
C LEU J 651 39.03 -0.80 26.61
N ALA J 652 38.56 -0.81 25.36
CA ALA J 652 37.74 0.27 24.85
C ALA J 652 36.36 0.29 25.49
N VAL J 653 35.86 -0.87 25.94
CA VAL J 653 34.57 -0.88 26.61
C VAL J 653 34.70 -0.30 28.02
N TRP J 654 35.85 -0.47 28.65
CA TRP J 654 36.05 0.11 29.96
C TRP J 654 36.37 1.59 29.87
N ALA J 655 37.04 2.02 28.80
CA ALA J 655 37.27 3.43 28.56
C ALA J 655 35.97 4.17 28.30
N TRP J 656 35.09 3.56 27.51
CA TRP J 656 33.80 4.17 27.21
C TRP J 656 32.91 4.20 28.45
N MET J 657 32.96 3.16 29.28
CA MET J 657 32.21 3.14 30.52
C MET J 657 32.77 4.11 31.54
N PHE J 658 34.08 4.32 31.53
CA PHE J 658 34.74 5.30 32.39
C PHE J 658 34.22 6.70 32.15
N LEU J 659 34.08 7.07 30.88
CA LEU J 659 33.55 8.38 30.53
C LEU J 659 32.06 8.46 30.77
N LEU J 660 31.35 7.35 30.55
CA LEU J 660 29.92 7.31 30.87
C LEU J 660 29.68 7.52 32.35
N GLY J 661 30.54 6.94 33.20
CA GLY J 661 30.39 7.13 34.63
C GLY J 661 30.66 8.55 35.09
N HIS J 662 31.61 9.22 34.45
CA HIS J 662 31.82 10.65 34.71
C HIS J 662 30.61 11.47 34.28
N LEU J 663 29.92 11.04 33.22
CA LEU J 663 28.77 11.77 32.72
C LEU J 663 27.55 11.59 33.62
N VAL J 664 27.28 10.36 34.08
CA VAL J 664 26.13 10.09 34.94
C VAL J 664 26.29 10.79 36.29
N TRP J 665 27.50 10.74 36.85
CA TRP J 665 27.83 11.40 38.10
C TRP J 665 27.60 12.90 38.03
N ALA J 666 28.03 13.52 36.94
CA ALA J 666 27.85 14.96 36.76
C ALA J 666 26.41 15.33 36.46
N THR J 667 25.67 14.45 35.77
CA THR J 667 24.25 14.69 35.54
C THR J 667 23.47 14.72 36.85
N GLY J 668 23.92 13.95 37.84
CA GLY J 668 23.31 14.00 39.15
C GLY J 668 23.44 15.33 39.85
N PHE J 669 24.54 16.04 39.59
CA PHE J 669 24.76 17.37 40.16
C PHE J 669 23.67 18.36 39.75
N MET J 670 23.12 18.19 38.54
CA MET J 670 22.01 19.04 38.09
C MET J 670 20.79 18.90 39.00
N PHE J 671 20.44 17.66 39.36
CA PHE J 671 19.30 17.45 40.23
C PHE J 671 19.57 17.85 41.66
N LEU J 672 20.83 17.83 42.08
CA LEU J 672 21.18 18.16 43.45
C LEU J 672 21.38 19.65 43.68
N ILE J 673 21.86 20.38 42.68
CA ILE J 673 22.16 21.80 42.86
C ILE J 673 20.99 22.68 42.45
N SER J 674 20.49 22.51 41.22
CA SER J 674 19.32 23.25 40.78
C SER J 674 18.09 22.58 41.40
N TRP J 675 17.20 23.38 41.94
CA TRP J 675 16.04 22.84 42.64
C TRP J 675 14.78 23.19 41.86
N ARG J 676 13.60 22.92 42.46
CA ARG J 676 12.43 22.59 41.67
C ARG J 676 11.82 23.77 40.94
N GLY J 677 11.60 24.89 41.63
CA GLY J 677 10.81 25.97 41.08
C GLY J 677 11.40 26.64 39.85
N TYR J 678 12.72 26.52 39.66
CA TYR J 678 13.32 26.88 38.37
C TYR J 678 12.72 26.03 37.26
N TRP J 679 12.67 24.71 37.46
CA TRP J 679 12.25 23.80 36.41
C TRP J 679 10.75 23.82 36.18
N GLN J 680 9.96 24.09 37.23
CA GLN J 680 8.52 24.17 37.05
C GLN J 680 8.13 25.38 36.22
N GLU J 681 8.84 26.50 36.39
CA GLU J 681 8.56 27.68 35.58
C GLU J 681 9.08 27.51 34.16
N LEU J 682 10.11 26.69 33.97
CA LEU J 682 10.59 26.40 32.63
C LEU J 682 9.63 25.51 31.87
N ILE J 683 9.03 24.53 32.55
CA ILE J 683 8.09 23.60 31.92
C ILE J 683 6.80 24.32 31.55
N GLU J 684 6.45 25.37 32.30
CA GLU J 684 5.29 26.21 32.01
C GLU J 684 5.41 26.92 30.65
N THR J 685 6.62 27.31 30.24
CA THR J 685 6.76 27.88 28.90
C THR J 685 6.72 26.81 27.83
N LEU J 686 7.11 25.58 28.17
CA LEU J 686 7.04 24.49 27.20
C LEU J 686 5.62 24.01 27.02
N VAL J 687 4.83 24.04 28.10
CA VAL J 687 3.40 23.74 28.01
C VAL J 687 2.70 24.79 27.16
N TRP J 688 3.10 26.06 27.30
CA TRP J 688 2.56 27.11 26.46
C TRP J 688 2.92 26.89 24.99
N ALA J 689 4.17 26.51 24.71
CA ALA J 689 4.61 26.39 23.33
C ALA J 689 3.95 25.22 22.61
N HIS J 690 3.66 24.14 23.32
CA HIS J 690 3.00 23.01 22.67
C HIS J 690 1.56 23.33 22.33
N GLU J 691 0.84 24.00 23.24
CA GLU J 691 -0.55 24.33 23.01
C GLU J 691 -0.74 25.38 21.92
N ARG J 692 0.28 26.19 21.64
CA ARG J 692 0.20 27.22 20.62
C ARG J 692 0.85 26.81 19.30
N THR J 693 1.45 25.64 19.23
CA THR J 693 2.08 25.22 17.99
C THR J 693 1.09 24.47 17.13
N PRO J 694 0.79 24.92 15.92
CA PRO J 694 -0.08 24.16 15.02
C PRO J 694 0.57 22.86 14.61
N LEU J 695 -0.29 21.86 14.34
CA LEU J 695 -0.05 20.47 13.98
C LEU J 695 0.49 19.63 15.14
N ALA J 696 0.91 20.28 16.22
CA ALA J 696 1.38 19.59 17.39
C ALA J 696 0.42 19.71 18.56
N ASN J 697 -0.42 20.74 18.58
CA ASN J 697 -1.48 20.83 19.57
C ASN J 697 -2.63 19.89 19.28
N LEU J 698 -2.62 19.20 18.12
CA LEU J 698 -3.50 18.07 17.91
C LEU J 698 -3.16 16.91 18.84
N VAL J 699 -1.90 16.80 19.24
CA VAL J 699 -1.46 15.78 20.17
C VAL J 699 -1.50 16.36 21.58
N ARG J 700 -2.36 15.79 22.41
CA ARG J 700 -2.56 16.27 23.78
C ARG J 700 -2.04 15.24 24.77
N TRP J 701 -1.31 15.72 25.77
CA TRP J 701 -0.89 14.84 26.85
C TRP J 701 -2.09 14.41 27.69
N LYS J 702 -1.97 13.23 28.30
CA LYS J 702 -2.94 12.77 29.27
C LYS J 702 -2.63 13.32 30.65
N ASP J 703 -1.36 13.29 31.04
CA ASP J 703 -0.91 13.81 32.32
C ASP J 703 -0.28 15.17 32.13
N LYS J 704 -0.58 16.09 33.02
CA LYS J 704 -0.04 17.43 32.95
C LYS J 704 1.46 17.40 33.25
N PRO J 705 2.32 17.90 32.37
CA PRO J 705 3.76 17.91 32.64
C PRO J 705 4.11 18.86 33.77
N VAL J 706 4.73 18.32 34.82
CA VAL J 706 5.22 19.11 35.94
C VAL J 706 6.67 18.73 36.17
N ALA J 707 7.38 19.59 36.88
CA ALA J 707 8.73 19.29 37.32
C ALA J 707 8.70 18.19 38.38
N LEU J 708 9.83 17.49 38.51
CA LEU J 708 9.98 16.47 39.53
C LEU J 708 9.86 17.08 40.91
N SER J 709 9.38 16.30 41.87
CA SER J 709 9.18 16.81 43.21
C SER J 709 10.52 17.02 43.92
N ILE J 710 10.47 17.70 45.07
CA ILE J 710 11.66 18.03 45.84
C ILE J 710 12.37 16.77 46.33
N VAL J 711 11.60 15.80 46.82
CA VAL J 711 12.16 14.54 47.28
C VAL J 711 12.67 13.71 46.10
N GLN J 712 11.93 13.72 45.00
CA GLN J 712 12.21 12.86 43.87
C GLN J 712 13.56 13.17 43.23
N ALA J 713 13.88 14.44 43.10
CA ALA J 713 15.13 14.82 42.47
C ALA J 713 16.32 14.71 43.40
N ARG J 714 16.10 14.73 44.71
CA ARG J 714 17.15 14.28 45.62
C ARG J 714 17.44 12.81 45.39
N LEU J 715 16.39 12.01 45.17
CA LEU J 715 16.57 10.59 44.89
C LEU J 715 17.16 10.37 43.51
N VAL J 716 16.65 11.07 42.50
CA VAL J 716 17.16 10.94 41.14
C VAL J 716 18.58 11.47 41.05
N GLY J 717 18.87 12.54 41.78
CA GLY J 717 20.23 13.05 41.82
C GLY J 717 21.19 12.14 42.55
N LEU J 718 20.72 11.50 43.62
CA LEU J 718 21.54 10.53 44.32
C LEU J 718 21.74 9.27 43.50
N ALA J 719 20.74 8.88 42.71
CA ALA J 719 20.85 7.69 41.89
C ALA J 719 21.85 7.89 40.75
N HIS J 720 21.86 9.07 40.14
CA HIS J 720 22.87 9.36 39.11
C HIS J 720 24.26 9.47 39.72
N PHE J 721 24.35 10.12 40.89
CA PHE J 721 25.62 10.21 41.62
C PHE J 721 26.14 8.83 41.97
N SER J 722 25.29 7.94 42.46
CA SER J 722 25.74 6.62 42.90
C SER J 722 26.10 5.72 41.73
N VAL J 723 25.27 5.71 40.68
CA VAL J 723 25.56 4.90 39.49
C VAL J 723 26.83 5.38 38.82
N GLY J 724 26.99 6.70 38.70
CA GLY J 724 28.21 7.24 38.14
C GLY J 724 29.43 7.01 39.01
N TYR J 725 29.24 6.91 40.33
CA TYR J 725 30.32 6.58 41.24
C TYR J 725 30.80 5.15 41.03
N ILE J 726 29.85 4.21 40.92
CA ILE J 726 30.18 2.79 40.88
C ILE J 726 30.85 2.42 39.57
N ILE J 727 30.24 2.78 38.44
CA ILE J 727 30.74 2.31 37.16
C ILE J 727 31.98 3.07 36.71
N THR J 728 32.27 4.24 37.29
CA THR J 728 33.55 4.86 37.03
C THR J 728 34.68 4.07 37.66
N TYR J 729 34.51 3.71 38.94
CA TYR J 729 35.56 3.00 39.64
C TYR J 729 35.67 1.57 39.15
N ALA J 730 34.53 0.94 38.81
CA ALA J 730 34.55 -0.42 38.30
C ALA J 730 35.25 -0.50 36.96
N ALA J 731 35.07 0.51 36.12
CA ALA J 731 35.82 0.56 34.86
C ALA J 731 37.29 0.82 35.11
N PHE J 732 37.61 1.64 36.10
CA PHE J 732 39.01 1.92 36.37
C PHE J 732 39.69 0.76 37.10
N LEU J 733 39.00 0.11 38.02
CA LEU J 733 39.57 -1.01 38.78
C LEU J 733 39.90 -2.18 37.86
N ILE J 734 39.00 -2.50 36.94
CA ILE J 734 39.19 -3.65 36.07
C ILE J 734 40.20 -3.35 34.99
N ALA J 735 40.17 -2.15 34.41
CA ALA J 735 41.08 -1.85 33.31
C ALA J 735 42.50 -1.56 33.80
N SER J 736 42.68 -0.99 34.99
CA SER J 736 44.03 -0.80 35.49
C SER J 736 44.67 -2.07 35.99
N THR J 737 43.87 -3.06 36.38
CA THR J 737 44.43 -4.32 36.85
C THR J 737 44.61 -5.33 35.73
N SER J 738 43.65 -5.42 34.81
CA SER J 738 43.74 -6.43 33.77
C SER J 738 44.63 -6.01 32.61
N SER J 739 45.05 -4.75 32.53
CA SER J 739 45.93 -4.35 31.45
C SER J 739 47.35 -4.85 31.66
N ARG J 740 47.85 -4.77 32.89
CA ARG J 740 49.18 -5.29 33.20
C ARG J 740 49.15 -6.72 33.73
N PHE J 741 47.97 -7.22 34.11
CA PHE J 741 47.84 -8.62 34.52
C PHE J 741 46.70 -9.28 33.75
N SER K 2 -6.24 17.24 48.12
CA SER K 2 -6.08 18.53 48.78
C SER K 2 -5.13 18.41 49.97
N HIS K 3 -4.77 19.55 50.54
CA HIS K 3 -3.95 19.60 51.74
C HIS K 3 -4.84 19.73 52.97
N SER K 4 -4.28 19.38 54.12
CA SER K 4 -4.97 19.49 55.39
C SER K 4 -4.40 20.68 56.16
N VAL K 5 -5.26 21.63 56.50
CA VAL K 5 -4.88 22.77 57.33
C VAL K 5 -5.61 22.62 58.66
N LYS K 6 -4.84 22.51 59.74
CA LYS K 6 -5.38 22.31 61.07
C LYS K 6 -5.01 23.50 61.95
N ILE K 7 -6.00 24.06 62.63
CA ILE K 7 -5.80 25.15 63.58
C ILE K 7 -5.99 24.58 64.98
N TYR K 8 -5.03 24.82 65.85
CA TYR K 8 -5.03 24.24 67.19
C TYR K 8 -5.53 25.24 68.22
N ASP K 9 -5.74 24.74 69.43
CA ASP K 9 -6.34 25.49 70.54
C ASP K 9 -5.42 26.56 71.11
N THR K 10 -4.18 26.66 70.66
CA THR K 10 -3.25 27.65 71.15
C THR K 10 -3.29 28.95 70.33
N CYS K 11 -4.26 29.09 69.45
CA CYS K 11 -4.35 30.28 68.60
C CYS K 11 -4.75 31.49 69.42
N ILE K 12 -4.07 32.61 69.19
CA ILE K 12 -4.30 33.82 69.96
C ILE K 12 -5.19 34.78 69.18
N GLY K 13 -5.71 34.32 68.04
CA GLY K 13 -6.60 35.12 67.24
C GLY K 13 -5.96 36.33 66.60
N CYS K 14 -4.65 36.31 66.37
CA CYS K 14 -3.93 37.47 65.86
C CYS K 14 -4.16 37.73 64.38
N THR K 15 -4.90 36.84 63.69
CA THR K 15 -5.34 36.89 62.28
C THR K 15 -4.20 37.14 61.26
N GLN K 16 -2.94 36.96 61.66
CA GLN K 16 -1.83 37.19 60.74
C GLN K 16 -1.73 36.08 59.70
N CYS K 17 -2.19 34.88 60.03
CA CYS K 17 -2.20 33.79 59.06
C CYS K 17 -3.25 34.00 57.99
N VAL K 18 -4.36 34.67 58.34
CA VAL K 18 -5.41 34.94 57.37
C VAL K 18 -4.95 36.03 56.40
N ARG K 19 -4.24 37.04 56.91
CA ARG K 19 -3.68 38.08 56.05
C ARG K 19 -2.58 37.54 55.14
N ALA K 20 -1.87 36.51 55.58
CA ALA K 20 -0.73 36.01 54.84
C ALA K 20 -1.11 35.04 53.73
N CYS K 21 -2.31 34.49 53.77
CA CYS K 21 -2.69 33.44 52.81
C CYS K 21 -2.93 34.02 51.42
N PRO K 22 -2.17 33.60 50.41
CA PRO K 22 -2.36 34.14 49.06
C PRO K 22 -3.50 33.48 48.30
N LEU K 23 -4.15 32.47 48.86
CA LEU K 23 -5.22 31.76 48.18
C LEU K 23 -6.57 31.95 48.85
N ASP K 24 -6.64 32.76 49.91
CA ASP K 24 -7.84 33.02 50.71
C ASP K 24 -8.45 31.72 51.23
N VAL K 25 -7.63 30.93 51.91
CA VAL K 25 -8.11 29.67 52.47
C VAL K 25 -8.73 29.92 53.85
N LEU K 26 -8.20 30.87 54.60
CA LEU K 26 -8.46 30.99 56.02
C LEU K 26 -9.35 32.18 56.32
N GLU K 27 -10.11 32.06 57.40
CA GLU K 27 -10.92 33.16 57.91
C GLU K 27 -11.06 33.01 59.41
N MET K 28 -11.50 34.08 60.06
CA MET K 28 -11.63 34.11 61.51
C MET K 28 -13.04 33.74 61.93
N VAL K 29 -13.14 32.89 62.95
CA VAL K 29 -14.42 32.47 63.52
C VAL K 29 -14.44 32.92 64.99
N PRO K 30 -15.55 33.49 65.47
CA PRO K 30 -15.64 33.82 66.90
C PRO K 30 -15.56 32.58 67.77
N TRP K 31 -14.74 32.66 68.81
CA TRP K 31 -14.33 31.46 69.53
C TRP K 31 -14.51 31.53 71.04
N ASP K 32 -14.29 32.71 71.64
CA ASP K 32 -14.24 32.99 73.10
C ASP K 32 -13.39 32.00 73.91
N GLY K 33 -12.37 31.41 73.26
CA GLY K 33 -11.45 30.49 73.90
C GLY K 33 -10.09 31.12 74.10
N CYS K 34 -9.96 32.37 73.65
CA CYS K 34 -8.75 33.16 73.84
C CYS K 34 -9.19 34.57 74.21
N LYS K 35 -8.21 35.44 74.47
CA LYS K 35 -8.50 36.83 74.83
C LYS K 35 -9.10 37.59 73.66
N ALA K 36 -8.68 37.28 72.43
CA ALA K 36 -9.21 37.97 71.26
C ALA K 36 -10.61 37.52 70.92
N GLY K 37 -11.02 36.34 71.37
CA GLY K 37 -12.34 35.81 71.06
C GLY K 37 -12.49 35.24 69.67
N SER K 38 -11.45 35.30 68.84
CA SER K 38 -11.49 34.76 67.50
C SER K 38 -10.45 33.65 67.35
N ILE K 39 -10.74 32.70 66.47
CA ILE K 39 -9.80 31.64 66.13
C ILE K 39 -9.77 31.56 64.60
N ALA K 40 -8.63 31.11 64.09
CA ALA K 40 -8.52 30.87 62.66
C ALA K 40 -9.27 29.59 62.29
N SER K 41 -9.82 29.58 61.08
CA SER K 41 -10.50 28.42 60.53
C SER K 41 -10.02 28.22 59.09
N SER K 42 -10.26 27.05 58.55
CA SER K 42 -9.85 26.72 57.18
C SER K 42 -11.01 26.11 56.41
N PRO K 43 -11.96 26.91 55.93
CA PRO K 43 -13.06 26.34 55.14
C PRO K 43 -12.65 25.91 53.74
N ARG K 44 -11.88 26.72 53.02
CA ARG K 44 -11.57 26.46 51.62
C ARG K 44 -10.20 25.81 51.47
N THR K 45 -10.04 24.64 52.12
CA THR K 45 -8.79 23.89 52.04
C THR K 45 -8.57 23.24 50.69
N GLU K 46 -9.61 23.08 49.89
CA GLU K 46 -9.46 22.55 48.53
C GLU K 46 -8.80 23.54 47.59
N ASP K 47 -8.64 24.78 48.00
CA ASP K 47 -7.89 25.77 47.24
C ASP K 47 -6.49 26.01 47.80
N CYS K 48 -6.10 25.28 48.85
CA CYS K 48 -4.80 25.48 49.48
C CYS K 48 -3.69 24.92 48.60
N VAL K 49 -2.68 25.73 48.32
CA VAL K 49 -1.55 25.27 47.52
C VAL K 49 -0.48 24.58 48.36
N GLY K 50 -0.39 24.89 49.65
CA GLY K 50 0.64 24.34 50.49
C GLY K 50 1.86 25.22 50.67
N CYS K 51 1.75 26.52 50.39
CA CYS K 51 2.88 27.42 50.42
C CYS K 51 3.42 27.66 51.83
N LYS K 52 2.62 27.40 52.86
CA LYS K 52 2.96 27.55 54.28
C LYS K 52 3.34 28.98 54.64
N ARG K 53 2.75 29.96 53.94
CA ARG K 53 2.92 31.35 54.34
C ARG K 53 2.18 31.64 55.63
N CYS K 54 1.11 30.88 55.91
CA CYS K 54 0.36 31.02 57.15
C CYS K 54 1.20 30.59 58.35
N GLU K 55 1.93 29.48 58.21
CA GLU K 55 2.80 29.01 59.29
C GLU K 55 3.96 29.96 59.54
N THR K 56 4.41 30.67 58.50
CA THR K 56 5.47 31.66 58.67
C THR K 56 4.99 32.85 59.49
N ALA K 57 3.71 33.19 59.38
CA ALA K 57 3.16 34.35 60.07
C ALA K 57 2.71 34.06 61.48
N CYS K 58 2.54 32.79 61.84
CA CYS K 58 1.97 32.44 63.14
C CYS K 58 2.98 32.72 64.26
N PRO K 59 2.64 33.52 65.25
CA PRO K 59 3.60 33.91 66.28
C PRO K 59 3.62 33.06 67.54
N THR K 60 2.86 31.97 67.60
CA THR K 60 2.86 31.12 68.77
C THR K 60 3.91 30.02 68.62
N ASP K 61 4.37 29.50 69.76
CA ASP K 61 5.46 28.54 69.80
C ASP K 61 4.99 27.32 70.61
N PHE K 62 4.65 26.21 69.94
CA PHE K 62 4.79 25.98 68.50
C PHE K 62 3.56 26.53 67.75
N LEU K 63 3.49 26.28 66.44
CA LEU K 63 2.50 26.91 65.59
C LEU K 63 1.10 26.43 65.91
N SER K 64 0.17 27.37 65.92
CA SER K 64 -1.23 27.04 66.08
C SER K 64 -1.84 26.51 64.80
N ILE K 65 -1.25 26.85 63.65
CA ILE K 65 -1.73 26.40 62.36
C ILE K 65 -0.67 25.48 61.76
N ARG K 66 -1.10 24.31 61.27
CA ARG K 66 -0.21 23.37 60.61
C ARG K 66 -0.82 22.92 59.29
N VAL K 67 0.02 22.89 58.27
CA VAL K 67 -0.37 22.45 56.93
C VAL K 67 0.22 21.07 56.70
N TYR K 68 -0.63 20.13 56.30
CA TYR K 68 -0.23 18.76 55.98
C TYR K 68 -0.44 18.55 54.49
N LEU K 69 0.65 18.42 53.74
CA LEU K 69 0.57 18.25 52.30
C LEU K 69 0.00 16.88 51.96
N GLY K 70 -1.17 16.86 51.31
CA GLY K 70 -1.85 15.63 51.00
C GLY K 70 -1.87 15.30 49.53
N ALA K 71 -3.01 14.80 49.05
CA ALA K 71 -3.14 14.41 47.66
C ALA K 71 -3.16 15.63 46.74
N GLU K 72 -2.43 15.54 45.64
CA GLU K 72 -2.24 16.69 44.76
C GLU K 72 -3.34 16.75 43.73
N THR K 73 -3.95 17.92 43.60
CA THR K 73 -4.93 18.25 42.58
C THR K 73 -4.34 19.29 41.64
N THR K 74 -5.12 19.70 40.65
CA THR K 74 -4.70 20.79 39.77
C THR K 74 -4.61 22.10 40.54
N ARG K 75 -5.49 22.31 41.51
CA ARG K 75 -5.45 23.53 42.31
C ARG K 75 -4.25 23.56 43.24
N SER K 76 -3.98 22.44 43.93
CA SER K 76 -2.90 22.42 44.91
C SER K 76 -1.53 22.40 44.28
N MET K 77 -1.42 21.95 43.03
CA MET K 77 -0.14 22.02 42.33
C MET K 77 0.10 23.38 41.69
N GLY K 78 -0.85 24.31 41.81
CA GLY K 78 -0.67 25.67 41.32
C GLY K 78 -0.57 25.77 39.81
N LEU K 79 -1.26 24.90 39.09
CA LEU K 79 -1.12 24.84 37.64
C LEU K 79 -2.14 25.74 36.96
N ALA K 80 -1.66 26.56 36.03
CA ALA K 80 -2.52 27.35 35.16
C ALA K 80 -2.86 26.61 33.87
N TYR K 81 -2.58 25.32 33.80
CA TYR K 81 -2.89 24.52 32.63
C TYR K 81 -3.51 23.19 33.04
N THR L 4 -23.49 36.87 32.54
CA THR L 4 -23.91 36.91 33.93
C THR L 4 -23.12 37.95 34.71
N LEU L 5 -21.97 38.35 34.19
CA LEU L 5 -21.11 39.36 34.81
C LEU L 5 -20.81 40.45 33.79
N THR L 6 -21.02 41.70 34.21
CA THR L 6 -20.74 42.85 33.36
C THR L 6 -19.47 43.53 33.84
N GLY L 7 -19.02 44.50 33.06
CA GLY L 7 -17.78 45.20 33.32
C GLY L 7 -17.01 45.29 32.03
N LYS L 8 -16.16 46.30 31.92
CA LYS L 8 -15.35 46.50 30.74
C LYS L 8 -14.06 45.70 30.85
N THR L 9 -13.65 45.13 29.72
CA THR L 9 -12.32 44.53 29.64
C THR L 9 -11.27 45.63 29.65
N PRO L 10 -10.19 45.46 30.40
CA PRO L 10 -9.14 46.49 30.44
C PRO L 10 -8.42 46.60 29.09
N VAL L 11 -7.90 47.79 28.82
CA VAL L 11 -7.22 48.04 27.55
C VAL L 11 -5.86 47.34 27.62
N PHE L 12 -5.69 46.31 26.79
CA PHE L 12 -4.54 45.42 26.86
C PHE L 12 -4.35 44.82 25.50
N GLY L 13 -3.11 44.78 25.03
CA GLY L 13 -2.83 44.19 23.73
C GLY L 13 -2.79 42.68 23.70
N GLY L 14 -3.02 42.04 24.83
CA GLY L 14 -2.86 40.60 24.93
C GLY L 14 -1.43 40.21 25.25
N SER L 15 -1.26 38.95 25.67
CA SER L 15 0.05 38.46 26.04
C SER L 15 0.06 36.94 25.87
N THR L 16 1.21 36.34 26.17
CA THR L 16 1.37 34.90 26.14
C THR L 16 1.15 34.25 27.50
N GLY L 17 0.96 35.05 28.55
CA GLY L 17 0.78 34.54 29.89
C GLY L 17 -0.64 34.29 30.32
N GLY L 18 -1.62 34.47 29.42
CA GLY L 18 -3.02 34.39 29.79
C GLY L 18 -3.58 32.98 29.82
N LEU L 19 -4.85 32.87 29.42
CA LEU L 19 -5.59 31.62 29.54
C LEU L 19 -5.04 30.56 28.59
N LEU L 20 -5.12 29.32 29.04
CA LEU L 20 -4.74 28.13 28.29
C LEU L 20 -5.98 27.25 28.11
N THR L 21 -5.74 26.01 27.67
CA THR L 21 -6.81 25.06 27.40
C THR L 21 -7.62 24.71 28.65
N ARG L 22 -6.99 24.82 29.84
CA ARG L 22 -7.68 24.56 31.10
C ARG L 22 -8.85 25.51 31.32
N ALA L 23 -8.72 26.77 30.87
CA ALA L 23 -9.78 27.75 31.01
C ALA L 23 -11.02 27.38 30.18
N ALA L 24 -10.83 26.65 29.10
CA ALA L 24 -11.94 26.23 28.26
C ALA L 24 -12.58 24.93 28.70
N VAL L 25 -11.82 24.01 29.28
CA VAL L 25 -12.33 22.66 29.53
C VAL L 25 -12.45 22.31 31.02
N GLU L 26 -11.77 23.02 31.91
CA GLU L 26 -11.81 22.63 33.32
C GLU L 26 -12.44 23.68 34.22
N GLU L 27 -11.89 24.90 34.29
CA GLU L 27 -12.28 25.92 35.24
C GLU L 27 -11.67 27.24 34.79
N LYS L 28 -12.33 28.34 35.17
CA LYS L 28 -11.91 29.68 34.83
C LYS L 28 -12.12 30.58 36.03
N TYR L 29 -11.58 31.79 35.96
CA TYR L 29 -11.72 32.74 37.05
C TYR L 29 -11.86 34.14 36.48
N ALA L 30 -12.73 34.94 37.08
CA ALA L 30 -12.90 36.32 36.71
C ALA L 30 -12.88 37.19 37.95
N ILE L 31 -12.32 38.39 37.81
CA ILE L 31 -12.32 39.37 38.89
C ILE L 31 -12.95 40.65 38.36
N THR L 32 -13.98 41.13 39.05
CA THR L 32 -14.63 42.39 38.73
C THR L 32 -14.31 43.41 39.80
N TRP L 33 -14.06 44.65 39.39
CA TRP L 33 -13.87 45.73 40.35
C TRP L 33 -14.31 47.04 39.72
N THR L 34 -14.62 48.01 40.56
CA THR L 34 -15.07 49.32 40.14
C THR L 34 -14.02 50.35 40.54
N SER L 35 -13.67 51.23 39.61
CA SER L 35 -12.59 52.18 39.79
C SER L 35 -13.09 53.59 39.53
N THR L 36 -12.49 54.56 40.22
CA THR L 36 -12.83 55.96 40.03
C THR L 36 -11.94 56.69 39.04
N LYS L 37 -10.91 56.03 38.51
CA LYS L 37 -9.95 56.66 37.64
C LYS L 37 -9.57 55.71 36.52
N GLN L 38 -9.21 56.27 35.37
CA GLN L 38 -8.60 55.50 34.29
C GLN L 38 -7.09 55.50 34.55
N GLN L 39 -6.60 54.42 35.15
CA GLN L 39 -5.21 54.34 35.58
C GLN L 39 -4.55 53.10 35.00
N VAL L 40 -3.30 52.88 35.40
CA VAL L 40 -2.48 51.80 34.88
C VAL L 40 -2.23 50.81 36.01
N PHE L 41 -2.46 49.53 35.75
CA PHE L 41 -2.15 48.47 36.69
C PHE L 41 -1.32 47.40 36.01
N GLU L 42 -0.63 46.60 36.82
CA GLU L 42 0.16 45.49 36.31
C GLU L 42 -0.71 44.24 36.26
N MET L 43 -0.66 43.55 35.13
CA MET L 43 -1.33 42.28 35.01
C MET L 43 -0.66 41.22 35.87
N PRO L 44 -1.41 40.27 36.43
CA PRO L 44 -0.77 39.17 37.17
C PRO L 44 -0.04 38.21 36.26
N THR L 45 -0.37 38.20 34.97
CA THR L 45 0.31 37.39 33.97
C THR L 45 1.40 38.16 33.25
N GLY L 46 1.77 39.34 33.74
CA GLY L 46 2.82 40.13 33.13
C GLY L 46 2.30 41.18 32.17
N GLY L 47 2.79 42.40 32.29
CA GLY L 47 2.40 43.47 31.39
C GLY L 47 1.53 44.50 32.08
N ALA L 48 1.46 45.68 31.46
CA ALA L 48 0.67 46.78 31.96
C ALA L 48 -0.64 46.87 31.19
N ALA L 49 -1.73 47.10 31.91
CA ALA L 49 -3.04 47.29 31.31
C ALA L 49 -3.67 48.55 31.86
N ILE L 50 -4.74 48.99 31.21
CA ILE L 50 -5.45 50.21 31.55
C ILE L 50 -6.79 49.81 32.14
N MET L 51 -7.02 50.10 33.40
CA MET L 51 -8.35 49.91 33.96
C MET L 51 -9.21 51.13 33.67
N HIS L 52 -10.51 50.91 33.60
CA HIS L 52 -11.48 51.95 33.25
C HIS L 52 -12.18 52.48 34.49
N GLU L 53 -12.80 53.65 34.32
CA GLU L 53 -13.75 54.13 35.31
C GLU L 53 -15.05 53.32 35.19
N GLY L 54 -15.63 52.99 36.34
CA GLY L 54 -16.76 52.10 36.34
C GLY L 54 -16.33 50.66 36.52
N GLU L 55 -17.19 49.75 36.08
CA GLU L 55 -16.98 48.34 36.31
C GLU L 55 -15.92 47.78 35.37
N ASN L 56 -15.01 47.00 35.91
CA ASN L 56 -13.99 46.30 35.15
C ASN L 56 -14.24 44.80 35.23
N LEU L 57 -13.70 44.06 34.26
CA LEU L 57 -13.87 42.62 34.22
C LEU L 57 -12.66 41.99 33.55
N LEU L 58 -12.02 41.04 34.24
CA LEU L 58 -10.80 40.42 33.76
C LEU L 58 -10.84 38.93 34.02
N TYR L 59 -10.65 38.13 32.97
CA TYR L 59 -10.63 36.68 33.09
C TYR L 59 -9.20 36.18 33.31
N LEU L 60 -9.01 35.36 34.33
CA LEU L 60 -7.69 34.84 34.68
C LEU L 60 -7.77 33.34 34.90
N ALA L 61 -6.61 32.68 34.85
CA ALA L 61 -6.58 31.23 34.84
C ALA L 61 -6.69 30.63 36.24
N ARG L 62 -6.05 31.24 37.23
CA ARG L 62 -6.02 30.69 38.56
C ARG L 62 -6.66 31.66 39.55
N LYS L 63 -7.09 31.11 40.68
CA LYS L 63 -7.60 31.94 41.78
C LYS L 63 -6.49 32.78 42.39
N GLU L 64 -5.26 32.25 42.43
CA GLU L 64 -4.13 32.98 42.99
C GLU L 64 -3.78 34.21 42.15
N GLN L 65 -4.01 34.15 40.83
CA GLN L 65 -3.75 35.31 40.00
C GLN L 65 -4.78 36.40 40.25
N CYS L 66 -6.03 36.02 40.50
CA CYS L 66 -7.08 36.99 40.82
C CYS L 66 -6.84 37.63 42.17
N LEU L 67 -6.44 36.84 43.17
CA LEU L 67 -6.20 37.39 44.49
C LEU L 67 -4.91 38.20 44.55
N ALA L 68 -3.96 37.92 43.65
CA ALA L 68 -2.76 38.76 43.60
C ALA L 68 -3.07 40.10 42.96
N LEU L 69 -4.00 40.13 42.01
CA LEU L 69 -4.44 41.39 41.44
C LEU L 69 -5.24 42.20 42.45
N GLY L 70 -6.10 41.52 43.23
CA GLY L 70 -6.86 42.21 44.26
C GLY L 70 -5.98 42.76 45.38
N THR L 71 -4.86 42.11 45.66
CA THR L 71 -3.88 42.67 46.58
C THR L 71 -3.21 43.89 45.98
N GLN L 72 -3.01 43.90 44.66
CA GLN L 72 -2.48 45.08 44.00
C GLN L 72 -3.51 46.20 43.95
N LEU L 73 -4.79 45.86 43.79
CA LEU L 73 -5.85 46.87 43.81
C LEU L 73 -6.00 47.49 45.19
N ARG L 74 -5.66 46.77 46.25
CA ARG L 74 -5.72 47.33 47.59
C ARG L 74 -4.53 48.25 47.87
N SER L 75 -3.32 47.74 47.72
CA SER L 75 -2.15 48.36 48.32
C SER L 75 -1.41 49.33 47.40
N LYS L 76 -1.73 49.38 46.12
CA LYS L 76 -0.92 50.15 45.17
C LYS L 76 -1.65 51.32 44.56
N PHE L 77 -2.85 51.65 45.03
CA PHE L 77 -3.63 52.72 44.42
C PHE L 77 -4.15 53.67 45.47
N LYS L 78 -4.25 54.94 45.09
CA LYS L 78 -4.82 56.01 45.91
C LYS L 78 -6.08 56.57 45.24
N PRO L 79 -7.29 56.28 45.74
CA PRO L 79 -7.61 55.50 46.94
C PRO L 79 -7.58 54.00 46.72
N LYS L 80 -7.75 53.25 47.81
CA LYS L 80 -7.71 51.80 47.75
C LYS L 80 -8.97 51.26 47.10
N ILE L 81 -8.85 50.08 46.50
CA ILE L 81 -9.95 49.43 45.80
C ILE L 81 -10.23 48.12 46.53
N GLU L 82 -11.23 48.11 47.42
CA GLU L 82 -11.56 46.92 48.20
C GLU L 82 -12.67 46.07 47.57
N ASP L 83 -13.45 46.63 46.64
CA ASP L 83 -14.72 46.06 46.25
C ASP L 83 -14.60 44.97 45.19
N TYR L 84 -13.43 44.35 45.03
CA TYR L 84 -13.25 43.36 43.99
C TYR L 84 -13.94 42.06 44.36
N LYS L 85 -14.52 41.41 43.36
CA LYS L 85 -15.23 40.14 43.54
C LYS L 85 -14.65 39.12 42.58
N ILE L 86 -14.43 37.90 43.06
CA ILE L 86 -13.79 36.85 42.29
C ILE L 86 -14.79 35.72 42.09
N TYR L 87 -14.91 35.26 40.85
CA TYR L 87 -15.89 34.25 40.47
C TYR L 87 -15.19 33.09 39.80
N ARG L 88 -15.61 31.87 40.13
CA ARG L 88 -15.11 30.67 39.48
C ARG L 88 -16.11 30.24 38.40
N ILE L 89 -15.65 30.23 37.15
CA ILE L 89 -16.51 29.93 36.00
C ILE L 89 -16.18 28.54 35.50
N TYR L 90 -17.17 27.68 35.46
CA TYR L 90 -17.14 26.31 34.96
C TYR L 90 -17.47 26.30 33.48
N PRO L 91 -17.09 25.24 32.74
CA PRO L 91 -17.32 25.25 31.27
C PRO L 91 -18.77 25.20 30.86
N ASN L 92 -19.68 24.69 31.70
CA ASN L 92 -21.10 24.73 31.37
C ASN L 92 -21.69 26.13 31.44
N GLY L 93 -21.01 27.04 32.12
CA GLY L 93 -21.49 28.39 32.30
C GLY L 93 -21.81 28.75 33.72
N GLU L 94 -21.77 27.78 34.64
CA GLU L 94 -22.07 28.06 36.03
C GLU L 94 -20.96 28.89 36.65
N THR L 95 -21.34 30.02 37.23
CA THR L 95 -20.41 31.04 37.71
C THR L 95 -20.61 31.12 39.22
N GLN L 96 -19.63 30.65 39.99
CA GLN L 96 -19.73 30.59 41.44
C GLN L 96 -18.92 31.72 42.04
N TYR L 97 -19.58 32.57 42.82
CA TYR L 97 -18.92 33.66 43.51
C TYR L 97 -18.13 33.11 44.69
N VAL L 98 -16.81 33.25 44.65
CA VAL L 98 -15.95 32.61 45.64
C VAL L 98 -15.24 33.60 46.54
N HIS L 99 -15.10 34.87 46.15
CA HIS L 99 -14.40 35.82 46.99
C HIS L 99 -15.02 37.20 46.85
N PRO L 100 -15.28 37.93 47.95
CA PRO L 100 -15.15 37.51 49.36
C PRO L 100 -16.27 36.58 49.81
N ALA L 101 -15.91 35.43 50.36
CA ALA L 101 -16.88 34.44 50.78
C ALA L 101 -17.47 34.80 52.14
N VAL M 2 -0.56 32.20 88.84
CA VAL M 2 0.31 32.38 89.99
C VAL M 2 0.65 33.86 90.18
N GLN M 3 1.77 34.12 90.84
CA GLN M 3 2.29 35.46 91.08
C GLN M 3 3.09 35.95 89.88
N ARG M 4 2.82 37.19 89.47
CA ARG M 4 3.56 37.80 88.37
C ARG M 4 5.02 38.05 88.78
N GLY M 5 5.94 37.54 87.98
CA GLY M 5 7.35 37.76 88.20
C GLY M 5 8.12 36.56 88.66
N SER M 6 7.45 35.43 88.87
CA SER M 6 8.13 34.20 89.26
C SER M 6 8.87 33.62 88.06
N LYS M 7 10.01 32.99 88.33
CA LYS M 7 10.69 32.23 87.31
C LYS M 7 9.93 30.94 87.05
N VAL M 8 9.94 30.49 85.79
CA VAL M 8 8.99 29.47 85.33
C VAL M 8 9.72 28.46 84.45
N ARG M 9 9.57 27.18 84.78
CA ARG M 9 10.05 26.07 83.96
C ARG M 9 8.88 25.50 83.16
N ILE M 10 9.14 25.16 81.90
CA ILE M 10 8.11 24.74 80.95
C ILE M 10 8.27 23.24 80.71
N LEU M 11 7.16 22.51 80.77
CA LEU M 11 7.20 21.05 80.63
C LEU M 11 6.31 20.53 79.51
N ARG M 12 6.37 21.13 78.32
CA ARG M 12 5.66 20.56 77.19
C ARG M 12 6.61 20.42 76.00
N PRO M 13 6.51 19.31 75.25
CA PRO M 13 7.58 18.97 74.29
C PRO M 13 7.64 19.87 73.06
N GLU M 14 6.50 20.34 72.57
CA GLU M 14 6.47 21.13 71.34
C GLU M 14 7.02 22.53 71.50
N SER M 15 7.29 22.97 72.73
CA SER M 15 7.82 24.31 72.95
C SER M 15 9.30 24.37 72.62
N TYR M 16 9.73 25.55 72.17
CA TYR M 16 11.16 25.80 72.01
C TYR M 16 11.84 25.86 73.36
N TRP M 17 11.19 26.48 74.34
CA TRP M 17 11.76 26.74 75.66
C TRP M 17 11.44 25.61 76.64
N TYR M 18 11.75 24.38 76.23
CA TYR M 18 11.49 23.22 77.07
C TYR M 18 12.54 23.16 78.17
N ARG M 19 12.08 23.17 79.43
CA ARG M 19 12.92 23.22 80.63
C ARG M 19 13.83 24.48 80.58
N ASP M 20 13.26 25.55 80.06
CA ASP M 20 13.90 26.84 80.13
C ASP M 20 13.28 27.64 81.27
N ILE M 21 14.06 28.57 81.81
CA ILE M 21 13.63 29.46 82.87
C ILE M 21 13.22 30.78 82.25
N GLY M 22 12.01 31.25 82.55
CA GLY M 22 11.48 32.44 81.92
C GLY M 22 10.85 33.38 82.92
N THR M 23 10.60 34.60 82.47
CA THR M 23 10.04 35.66 83.29
C THR M 23 8.61 35.95 82.88
N VAL M 24 7.69 35.93 83.85
CA VAL M 24 6.28 36.20 83.59
C VAL M 24 6.09 37.71 83.42
N ALA M 25 5.34 38.10 82.39
CA ALA M 25 4.97 39.51 82.20
C ALA M 25 3.62 39.85 82.82
N THR M 26 2.59 39.05 82.56
CA THR M 26 1.26 39.29 83.11
C THR M 26 0.48 37.98 83.17
N VAL M 27 -0.50 37.93 84.08
CA VAL M 27 -1.43 36.82 84.22
C VAL M 27 -2.83 37.41 84.30
N ASP M 28 -3.80 36.78 83.62
CA ASP M 28 -5.19 37.21 83.69
C ASP M 28 -6.06 36.06 84.16
N GLN M 29 -7.11 36.40 84.91
CA GLN M 29 -8.01 35.44 85.54
C GLN M 29 -9.28 35.22 84.72
N SER M 30 -9.20 35.36 83.40
CA SER M 30 -10.40 35.41 82.56
C SER M 30 -11.05 34.04 82.39
N GLY M 31 -10.26 33.00 82.16
CA GLY M 31 -10.83 31.69 81.94
C GLY M 31 -10.37 31.09 80.62
N ILE M 32 -9.39 31.74 79.99
CA ILE M 32 -8.87 31.33 78.69
C ILE M 32 -7.98 30.11 78.86
N ARG M 33 -7.61 29.47 77.74
CA ARG M 33 -6.90 28.21 77.81
C ARG M 33 -5.45 28.40 78.26
N TYR M 34 -4.83 29.50 77.86
CA TYR M 34 -3.41 29.76 78.14
C TYR M 34 -3.28 31.19 78.63
N PRO M 35 -3.35 31.42 79.95
CA PRO M 35 -3.41 32.78 80.48
C PRO M 35 -2.06 33.42 80.79
N ALA M 36 -1.01 32.63 80.88
CA ALA M 36 0.26 33.09 81.45
C ALA M 36 1.21 33.52 80.33
N ILE M 37 1.34 34.84 80.15
CA ILE M 37 2.38 35.37 79.28
C ILE M 37 3.73 35.18 79.96
N VAL M 38 4.64 34.46 79.30
CA VAL M 38 5.98 34.23 79.81
C VAL M 38 6.96 34.83 78.81
N ARG M 39 7.84 35.70 79.27
CA ARG M 39 8.90 36.20 78.43
C ARG M 39 10.15 35.35 78.61
N PHE M 40 11.07 35.47 77.66
CA PHE M 40 12.26 34.63 77.64
C PHE M 40 13.48 35.46 77.30
N ASP M 41 14.64 34.92 77.68
CA ASP M 41 15.92 35.58 77.45
C ASP M 41 16.45 35.39 76.04
N LYS M 42 16.03 34.34 75.35
CA LYS M 42 16.57 33.98 74.05
C LYS M 42 15.44 33.72 73.08
N VAL M 43 15.64 34.12 71.82
CA VAL M 43 14.60 34.00 70.82
C VAL M 43 14.43 32.54 70.41
N ASN M 44 13.27 32.23 69.85
CA ASN M 44 13.02 30.93 69.23
C ASN M 44 13.50 30.98 67.78
N TYR M 45 13.09 30.01 66.96
CA TYR M 45 13.61 29.93 65.60
C TYR M 45 13.08 31.00 64.66
N TYR M 46 12.16 31.85 65.11
CA TYR M 46 11.73 32.98 64.29
C TYR M 46 11.44 34.23 65.12
N GLY M 47 12.08 34.35 66.29
CA GLY M 47 12.11 35.60 67.03
C GLY M 47 10.83 36.02 67.70
N ILE M 48 10.44 35.32 68.75
CA ILE M 48 9.22 35.62 69.50
C ILE M 48 9.52 36.09 70.92
N SER M 49 10.11 35.21 71.74
CA SER M 49 10.46 35.45 73.15
C SER M 49 9.25 35.81 74.01
N SER M 50 8.05 35.36 73.63
CA SER M 50 6.85 35.56 74.43
C SER M 50 5.78 34.56 74.01
N ASN M 51 5.47 33.60 74.88
CA ASN M 51 4.48 32.59 74.55
C ASN M 51 3.53 32.42 75.72
N ASN M 52 2.26 32.18 75.41
CA ASN M 52 1.25 31.94 76.44
C ASN M 52 1.21 30.46 76.80
N PHE M 53 1.12 30.19 78.10
CA PHE M 53 1.16 28.84 78.62
C PHE M 53 0.04 28.64 79.63
N ALA M 54 -0.43 27.40 79.74
CA ALA M 54 -1.33 27.01 80.80
C ALA M 54 -0.52 26.60 82.03
N LEU M 55 -1.05 26.91 83.21
CA LEU M 55 -0.35 26.57 84.45
C LEU M 55 -0.38 25.09 84.76
N SER M 56 -1.18 24.29 84.05
CA SER M 56 -1.15 22.83 84.13
C SER M 56 0.05 22.22 83.41
N GLU M 57 0.92 23.05 82.85
CA GLU M 57 2.08 22.63 82.09
C GLU M 57 3.38 23.02 82.79
N LEU M 58 3.29 23.71 83.94
CA LEU M 58 4.35 24.60 84.40
C LEU M 58 4.91 24.17 85.75
N GLU M 59 6.20 24.45 85.93
CA GLU M 59 6.96 24.21 87.16
C GLU M 59 7.66 25.50 87.55
N GLU M 60 7.74 25.78 88.84
CA GLU M 60 8.58 26.87 89.32
C GLU M 60 9.44 26.42 90.49
N VAL M 61 10.69 26.91 90.51
CA VAL M 61 11.56 26.77 91.67
C VAL M 61 11.79 28.09 92.38
N GLU M 62 11.37 29.21 91.80
CA GLU M 62 11.62 30.53 92.35
C GLU M 62 10.32 31.22 92.71
N MET N 1 30.08 -9.89 13.58
CA MET N 1 29.48 -10.72 14.62
C MET N 1 29.27 -12.14 14.12
N ASP N 2 29.89 -13.09 14.79
CA ASP N 2 29.76 -14.49 14.45
C ASP N 2 30.14 -15.29 15.68
N GLY N 3 29.77 -16.57 15.69
CA GLY N 3 30.12 -17.44 16.80
C GLY N 3 30.39 -18.85 16.31
N THR N 4 31.29 -19.52 17.01
CA THR N 4 31.54 -20.94 16.78
C THR N 4 30.88 -21.82 17.83
N TYR N 5 30.24 -21.22 18.83
CA TYR N 5 29.44 -21.97 19.79
C TYR N 5 28.19 -22.51 19.11
N ALA N 6 27.52 -23.43 19.81
CA ALA N 6 26.36 -24.11 19.24
C ALA N 6 25.18 -23.15 19.09
N ALA N 7 24.55 -23.21 17.91
CA ALA N 7 23.43 -22.36 17.50
C ALA N 7 23.78 -20.87 17.62
N SER N 8 24.82 -20.48 16.88
CA SER N 8 25.28 -19.10 16.90
C SER N 8 24.36 -18.16 16.14
N TRP N 9 23.34 -18.68 15.45
CA TRP N 9 22.29 -17.87 14.85
C TRP N 9 21.30 -17.35 15.88
N LEU N 10 21.36 -17.83 17.11
CA LEU N 10 20.44 -17.37 18.16
C LEU N 10 20.69 -15.94 18.63
N PRO N 11 21.93 -15.44 18.84
CA PRO N 11 22.06 -14.01 19.14
C PRO N 11 21.69 -13.10 17.99
N TRP N 12 21.80 -13.57 16.75
CA TRP N 12 21.34 -12.86 15.56
C TRP N 12 19.87 -12.48 15.67
N LEU N 13 19.05 -13.36 16.23
CA LEU N 13 17.62 -13.08 16.39
C LEU N 13 17.30 -12.48 17.76
N LEU N 14 17.93 -12.98 18.82
CA LEU N 14 17.47 -12.68 20.17
C LEU N 14 17.85 -11.28 20.63
N ILE N 15 19.02 -10.78 20.23
CA ILE N 15 19.39 -9.40 20.58
C ILE N 15 18.48 -8.36 19.95
N PRO N 16 18.03 -8.48 18.68
CA PRO N 16 16.93 -7.62 18.26
C PRO N 16 15.62 -7.88 18.97
N VAL N 17 15.34 -9.11 19.40
CA VAL N 17 14.07 -9.39 20.07
C VAL N 17 14.08 -8.82 21.49
N VAL N 18 15.20 -9.00 22.20
CA VAL N 18 15.29 -8.57 23.59
C VAL N 18 15.43 -7.05 23.72
N THR N 19 16.06 -6.39 22.76
CA THR N 19 16.38 -4.99 22.90
C THR N 19 15.57 -4.05 22.02
N TRP N 20 14.89 -4.55 20.99
CA TRP N 20 14.00 -3.72 20.21
C TRP N 20 12.54 -4.11 20.41
N LEU N 21 12.21 -5.37 20.16
CA LEU N 21 10.81 -5.78 20.12
C LEU N 21 10.21 -5.85 21.52
N MET N 22 10.88 -6.56 22.44
CA MET N 22 10.42 -6.62 23.82
C MET N 22 10.30 -5.26 24.52
N PRO N 23 11.26 -4.32 24.43
CA PRO N 23 11.00 -3.02 25.08
C PRO N 23 9.90 -2.22 24.42
N ALA N 24 9.75 -2.29 23.10
CA ALA N 24 8.64 -1.62 22.44
C ALA N 24 7.31 -2.23 22.81
N VAL N 25 7.27 -3.54 23.03
CA VAL N 25 6.03 -4.18 23.46
C VAL N 25 5.74 -3.88 24.92
N VAL N 26 6.76 -3.92 25.77
CA VAL N 26 6.57 -3.69 27.20
C VAL N 26 6.26 -2.22 27.48
N MET N 27 6.98 -1.30 26.81
CA MET N 27 6.63 0.11 26.94
C MET N 27 5.27 0.42 26.33
N GLY N 28 4.89 -0.30 25.27
CA GLY N 28 3.55 -0.17 24.73
C GLY N 28 2.50 -0.64 25.70
N LEU N 29 2.72 -1.80 26.32
CA LEU N 29 1.74 -2.34 27.26
C LEU N 29 1.72 -1.56 28.57
N LEU N 30 2.87 -1.03 29.00
CA LEU N 30 2.89 -0.22 30.21
C LEU N 30 2.28 1.15 29.96
N PHE N 31 2.37 1.65 28.72
CA PHE N 31 1.66 2.88 28.36
C PHE N 31 0.15 2.71 28.45
N PHE N 32 -0.36 1.56 28.02
CA PHE N 32 -1.78 1.29 28.17
C PHE N 32 -2.18 1.15 29.63
N TYR N 33 -1.29 0.62 30.46
CA TYR N 33 -1.63 0.38 31.86
C TYR N 33 -1.60 1.67 32.68
N ILE N 34 -0.67 2.58 32.40
CA ILE N 34 -0.57 3.79 33.21
C ILE N 34 -1.38 4.95 32.65
N GLU N 35 -1.95 4.83 31.46
CA GLU N 35 -2.76 5.89 30.89
C GLU N 35 -4.21 5.52 30.69
N SER N 36 -4.64 4.32 31.07
CA SER N 36 -6.04 3.96 30.93
C SER N 36 -6.87 4.67 32.00
N ASP N 37 -7.98 5.24 31.58
CA ASP N 37 -8.86 5.97 32.48
C ASP N 37 -9.58 5.03 33.43
N ALA N 38 -10.04 5.60 34.55
CA ALA N 38 -10.91 4.98 35.55
C ALA N 38 -10.33 3.71 36.18
N GLY O 16 -6.40 38.61 25.86
CA GLY O 16 -6.19 37.24 25.44
C GLY O 16 -4.85 37.02 24.76
N HIS O 17 -4.89 36.54 23.53
CA HIS O 17 -3.69 36.27 22.76
C HIS O 17 -3.12 37.57 22.19
N LEU O 18 -1.98 37.45 21.53
CA LEU O 18 -1.31 38.60 20.93
C LEU O 18 -1.79 38.83 19.51
N SER O 19 -1.92 40.11 19.16
CA SER O 19 -2.21 40.53 17.79
C SER O 19 -0.87 40.84 17.13
N THR O 20 -0.37 39.91 16.32
CA THR O 20 0.92 40.04 15.71
C THR O 20 0.79 40.02 14.19
N PRO O 21 1.78 40.54 13.44
CA PRO O 21 1.73 40.39 11.98
C PRO O 21 1.95 38.96 11.48
N ILE O 22 2.24 37.99 12.34
CA ILE O 22 2.15 36.60 11.94
C ILE O 22 0.75 36.05 12.19
N SER O 23 0.14 36.40 13.33
CA SER O 23 -1.22 35.93 13.63
C SER O 23 -2.27 36.60 12.77
N ASP O 24 -2.04 37.85 12.36
CA ASP O 24 -2.94 38.54 11.44
C ASP O 24 -2.50 38.39 9.98
N SER O 25 -1.80 37.30 9.67
CA SER O 25 -1.36 37.03 8.30
C SER O 25 -2.34 36.06 7.68
N ALA O 26 -2.92 36.44 6.54
CA ALA O 26 -3.92 35.62 5.90
C ALA O 26 -3.30 34.48 5.09
N PHE O 27 -2.06 34.63 4.63
CA PHE O 27 -1.41 33.54 3.92
C PHE O 27 -1.01 32.42 4.87
N VAL O 28 -0.57 32.78 6.09
CA VAL O 28 -0.20 31.80 7.09
C VAL O 28 -1.41 30.99 7.53
N ARG O 29 -2.55 31.65 7.73
CA ARG O 29 -3.75 30.93 8.15
C ARG O 29 -4.35 30.11 7.02
N SER O 30 -4.16 30.52 5.77
CA SER O 30 -4.67 29.73 4.66
C SER O 30 -3.74 28.57 4.33
N PHE O 31 -2.44 28.70 4.60
CA PHE O 31 -1.53 27.59 4.37
C PHE O 31 -1.68 26.53 5.46
N ILE O 32 -1.67 26.96 6.72
CA ILE O 32 -1.76 26.03 7.84
C ILE O 32 -3.15 25.40 7.89
N GLY O 33 -4.18 26.19 7.66
CA GLY O 33 -5.54 25.69 7.65
C GLY O 33 -5.89 24.76 6.51
N ASN O 34 -5.04 24.68 5.48
CA ASN O 34 -5.27 23.77 4.37
C ASN O 34 -4.20 22.70 4.27
N LEU O 35 -3.31 22.61 5.26
CA LEU O 35 -2.52 21.41 5.45
C LEU O 35 -3.46 20.25 5.77
N PRO O 36 -3.09 19.00 5.42
CA PRO O 36 -4.07 17.90 5.53
C PRO O 36 -4.52 17.57 6.94
N ALA O 37 -3.84 18.06 7.98
CA ALA O 37 -4.37 17.94 9.33
C ALA O 37 -5.61 18.79 9.54
N TYR O 38 -5.73 19.91 8.83
CA TYR O 38 -6.78 20.88 9.09
C TYR O 38 -7.73 21.11 7.93
N ARG O 39 -7.38 20.67 6.72
CA ARG O 39 -8.13 20.99 5.51
C ARG O 39 -9.54 20.43 5.57
N LYS O 40 -10.52 21.33 5.43
CA LYS O 40 -11.92 20.99 5.66
C LYS O 40 -12.45 20.02 4.61
N GLY O 41 -13.28 19.09 5.05
CA GLY O 41 -13.90 18.14 4.17
C GLY O 41 -13.10 16.89 3.87
N MET O 42 -11.89 16.77 4.39
CA MET O 42 -11.12 15.56 4.19
C MET O 42 -11.63 14.46 5.11
N ALA O 43 -11.57 13.25 4.62
CA ALA O 43 -11.77 12.10 5.47
C ALA O 43 -10.49 11.83 6.27
N PRO O 44 -10.62 11.26 7.47
CA PRO O 44 -9.42 10.99 8.29
C PRO O 44 -8.43 10.02 7.66
N ILE O 45 -8.89 9.04 6.90
CA ILE O 45 -7.98 8.14 6.18
C ILE O 45 -7.16 8.91 5.15
N THR O 46 -7.73 9.97 4.57
CA THR O 46 -7.02 10.75 3.56
C THR O 46 -6.08 11.76 4.20
N ARG O 47 -6.43 12.29 5.37
CA ARG O 47 -5.51 13.13 6.13
C ARG O 47 -4.25 12.36 6.50
N GLY O 48 -4.42 11.16 7.06
CA GLY O 48 -3.27 10.35 7.44
C GLY O 48 -2.46 9.90 6.24
N LEU O 49 -3.12 9.63 5.12
CA LEU O 49 -2.41 9.18 3.92
C LEU O 49 -1.51 10.27 3.36
N GLU O 50 -2.01 11.50 3.27
CA GLU O 50 -1.21 12.60 2.75
C GLU O 50 -0.06 12.95 3.70
N ILE O 51 -0.33 12.92 5.01
CA ILE O 51 0.71 13.16 6.00
C ILE O 51 1.75 12.06 5.96
N GLY O 52 1.30 10.81 5.83
CA GLY O 52 2.22 9.68 5.81
C GLY O 52 3.13 9.66 4.60
N LEU O 53 2.56 9.96 3.41
CA LEU O 53 3.35 9.96 2.18
C LEU O 53 4.45 11.01 2.21
N ALA O 54 4.17 12.17 2.81
CA ALA O 54 5.18 13.20 2.91
C ALA O 54 6.26 12.80 3.90
N HIS O 55 5.89 12.13 4.99
CA HIS O 55 6.83 11.88 6.07
C HIS O 55 7.72 10.68 5.79
N GLY O 56 7.16 9.58 5.29
CA GLY O 56 7.96 8.43 4.95
C GLY O 56 8.93 8.69 3.82
N TYR O 57 8.57 9.59 2.90
CA TYR O 57 9.42 9.91 1.76
C TYR O 57 10.71 10.60 2.19
N PHE O 58 10.63 11.61 3.07
CA PHE O 58 11.86 12.28 3.46
C PHE O 58 12.68 11.47 4.47
N LEU O 59 12.05 10.56 5.20
CA LEU O 59 12.74 9.84 6.26
C LEU O 59 13.75 8.82 5.74
N VAL O 60 13.68 8.46 4.46
CA VAL O 60 14.69 7.57 3.88
C VAL O 60 16.03 8.28 3.76
N GLY O 61 16.02 9.56 3.40
CA GLY O 61 17.17 10.35 3.03
C GLY O 61 18.40 10.42 3.92
N PRO O 62 18.25 10.69 5.22
CA PRO O 62 19.45 10.81 6.10
C PRO O 62 20.35 9.58 6.17
N GLU O 63 19.81 8.37 6.30
CA GLU O 63 20.69 7.21 6.37
C GLU O 63 21.28 6.85 5.03
N ILE O 64 20.73 7.36 3.92
CA ILE O 64 21.33 7.16 2.61
C ILE O 64 22.66 7.89 2.52
N ILE O 65 22.71 9.12 3.00
CA ILE O 65 23.85 9.99 2.74
C ILE O 65 24.92 9.84 3.82
N VAL O 66 24.54 9.74 5.09
CA VAL O 66 25.52 9.74 6.17
C VAL O 66 25.41 8.50 7.06
N GLY O 67 24.65 7.49 6.64
CA GLY O 67 24.44 6.30 7.45
C GLY O 67 25.55 5.28 7.30
N ALA O 68 25.34 4.12 7.95
CA ALA O 68 26.36 3.08 7.99
C ALA O 68 26.51 2.33 6.67
N LEU O 69 25.48 2.34 5.83
CA LEU O 69 25.51 1.63 4.57
C LEU O 69 25.81 2.56 3.40
N ARG O 70 26.24 3.79 3.67
CA ARG O 70 26.57 4.75 2.62
C ARG O 70 27.79 4.34 1.82
N ASP O 71 28.65 3.48 2.36
CA ASP O 71 29.83 2.98 1.67
C ASP O 71 29.79 1.47 1.58
N TYR O 72 28.60 0.90 1.56
CA TYR O 72 28.38 -0.54 1.47
C TYR O 72 27.86 -0.81 0.06
N ALA O 73 28.73 -1.36 -0.77
CA ALA O 73 28.41 -1.59 -2.18
C ALA O 73 27.26 -2.57 -2.47
N PRO O 74 27.03 -3.67 -1.73
CA PRO O 74 25.86 -4.51 -2.08
C PRO O 74 24.49 -3.85 -1.92
N ALA O 75 24.31 -2.95 -0.97
CA ALA O 75 23.02 -2.29 -0.76
C ALA O 75 23.22 -0.93 -0.11
N PRO O 76 23.55 0.09 -0.90
CA PRO O 76 23.74 1.43 -0.32
C PRO O 76 22.46 2.12 0.11
N TYR O 77 21.29 1.59 -0.26
CA TYR O 77 20.03 2.25 0.01
C TYR O 77 19.15 1.49 0.98
N LEU O 78 19.52 0.27 1.35
CA LEU O 78 18.68 -0.55 2.22
C LEU O 78 18.61 0.01 3.63
N GLY O 79 19.67 0.68 4.09
CA GLY O 79 19.68 1.21 5.44
C GLY O 79 18.69 2.34 5.63
N GLY O 80 18.53 3.19 4.62
CA GLY O 80 17.56 4.27 4.71
C GLY O 80 16.13 3.79 4.64
N LEU O 81 15.88 2.69 3.94
CA LEU O 81 14.52 2.18 3.84
C LEU O 81 14.06 1.56 5.14
N VAL O 82 14.87 0.68 5.74
CA VAL O 82 14.45 0.01 6.96
C VAL O 82 14.47 0.94 8.16
N THR O 83 15.24 2.03 8.09
CA THR O 83 15.16 3.07 9.10
C THR O 83 13.82 3.77 9.05
N ALA O 84 13.41 4.18 7.84
CA ALA O 84 12.14 4.88 7.68
C ALA O 84 10.97 3.96 7.96
N ILE O 85 11.09 2.67 7.66
CA ILE O 85 10.02 1.71 7.95
C ILE O 85 9.84 1.57 9.46
N ALA O 86 10.94 1.41 10.19
CA ALA O 86 10.81 1.22 11.63
C ALA O 86 10.39 2.50 12.35
N ILE O 87 10.73 3.67 11.82
CA ILE O 87 10.25 4.92 12.40
C ILE O 87 8.77 5.09 12.13
N VAL O 88 8.31 4.72 10.93
CA VAL O 88 6.87 4.76 10.63
C VAL O 88 6.12 3.72 11.45
N LEU O 89 6.74 2.55 11.73
CA LEU O 89 6.12 1.56 12.63
C LEU O 89 5.91 2.11 14.03
N LEU O 90 6.96 2.70 14.62
CA LEU O 90 6.83 3.25 15.96
C LEU O 90 5.99 4.51 15.96
N GLY O 91 5.99 5.26 14.86
CA GLY O 91 5.11 6.40 14.76
C GLY O 91 3.65 6.00 14.64
N THR O 92 3.37 4.93 13.89
CA THR O 92 2.00 4.42 13.77
C THR O 92 1.51 3.83 15.08
N THR O 93 2.36 3.06 15.75
CA THR O 93 1.97 2.42 17.00
C THR O 93 1.79 3.44 18.12
N GLY O 94 2.67 4.44 18.17
CA GLY O 94 2.50 5.51 19.15
C GLY O 94 1.26 6.35 18.88
N MET O 95 0.99 6.66 17.61
CA MET O 95 -0.22 7.40 17.26
C MET O 95 -1.47 6.56 17.52
N GLY O 96 -1.39 5.26 17.24
CA GLY O 96 -2.53 4.39 17.50
C GLY O 96 -2.81 4.18 18.97
N ALA O 97 -1.75 3.97 19.76
CA ALA O 97 -1.90 3.84 21.21
C ALA O 97 -2.35 5.14 21.86
N HIS O 98 -2.00 6.28 21.25
CA HIS O 98 -2.44 7.57 21.75
C HIS O 98 -3.95 7.71 21.66
N GLY O 99 -4.54 7.36 20.52
CA GLY O 99 -5.97 7.46 20.36
C GLY O 99 -6.75 6.48 21.21
N LEU O 100 -6.17 5.32 21.51
CA LEU O 100 -6.85 4.32 22.32
C LEU O 100 -7.00 4.76 23.77
N VAL O 101 -6.03 5.51 24.28
CA VAL O 101 -6.14 5.96 25.67
C VAL O 101 -6.79 7.33 25.81
N SER O 102 -6.81 8.14 24.75
CA SER O 102 -7.23 9.53 24.88
C SER O 102 -8.66 9.79 24.43
N LEU O 103 -9.19 9.06 23.47
CA LEU O 103 -10.46 9.40 22.86
C LEU O 103 -11.50 8.31 23.11
N LYS O 104 -12.72 8.68 22.95
CA LYS O 104 -13.95 7.93 23.05
C LYS O 104 -14.51 7.64 21.67
N PRO O 105 -15.23 6.53 21.47
CA PRO O 105 -15.80 6.23 20.16
C PRO O 105 -16.94 7.16 19.77
N VAL O 106 -17.35 7.04 18.51
CA VAL O 106 -18.41 7.86 17.94
C VAL O 106 -19.75 7.63 18.60
N ALA O 107 -19.96 6.46 19.20
CA ALA O 107 -21.21 6.19 19.91
C ALA O 107 -21.28 6.96 21.22
N GLU O 108 -20.21 6.91 22.02
CA GLU O 108 -20.14 7.59 23.31
C GLU O 108 -19.77 9.06 23.23
N SER O 109 -19.93 9.71 22.08
CA SER O 109 -19.75 11.15 21.97
C SER O 109 -21.06 11.79 21.50
N SER O 110 -21.10 13.11 21.58
CA SER O 110 -22.24 13.89 21.12
C SER O 110 -22.23 13.95 19.59
N PRO O 111 -23.35 14.33 18.97
CA PRO O 111 -23.29 14.71 17.56
C PRO O 111 -22.49 15.98 17.36
N LYS O 112 -22.02 16.16 16.11
CA LYS O 112 -21.21 17.30 15.67
C LYS O 112 -19.92 17.39 16.50
N THR O 113 -19.09 16.36 16.36
CA THR O 113 -18.04 16.10 17.32
C THR O 113 -16.63 16.02 16.73
N ASP O 114 -16.41 16.53 15.51
CA ASP O 114 -15.07 16.76 14.95
C ASP O 114 -14.24 15.48 14.85
N ALA O 115 -14.52 14.63 13.85
CA ALA O 115 -14.11 13.23 13.74
C ALA O 115 -12.70 12.84 14.18
N LEU O 116 -11.73 13.77 14.14
CA LEU O 116 -10.44 13.49 14.74
C LEU O 116 -10.48 13.47 16.28
N MET O 117 -11.54 14.01 16.89
CA MET O 117 -11.73 13.93 18.33
C MET O 117 -12.43 12.64 18.75
N THR O 118 -12.77 11.77 17.82
CA THR O 118 -13.32 10.46 18.12
C THR O 118 -12.26 9.40 17.86
N SER O 119 -12.43 8.24 18.48
CA SER O 119 -11.39 7.22 18.40
C SER O 119 -11.37 6.52 17.05
N GLU O 120 -12.52 6.40 16.38
CA GLU O 120 -12.53 5.78 15.05
C GLU O 120 -11.91 6.71 14.02
N GLY O 121 -12.12 8.01 14.15
CA GLY O 121 -11.52 8.94 13.23
C GLY O 121 -10.01 9.06 13.43
N TRP O 122 -9.56 9.01 14.67
CA TRP O 122 -8.12 9.01 14.92
C TRP O 122 -7.47 7.73 14.43
N SER O 123 -8.15 6.59 14.60
CA SER O 123 -7.56 5.34 14.14
C SER O 123 -7.66 5.19 12.63
N GLU O 124 -8.65 5.83 11.99
CA GLU O 124 -8.64 5.98 10.53
C GLU O 124 -7.43 6.78 10.07
N MET O 125 -7.09 7.85 10.79
CA MET O 125 -5.92 8.64 10.45
C MET O 125 -4.63 7.87 10.70
N THR O 126 -4.62 7.01 11.73
CA THR O 126 -3.47 6.18 12.02
C THR O 126 -3.23 5.15 10.91
N ALA O 127 -4.31 4.55 10.40
CA ALA O 127 -4.19 3.59 9.30
C ALA O 127 -3.72 4.28 8.03
N GLY O 128 -4.17 5.51 7.80
CA GLY O 128 -3.68 6.28 6.67
C GLY O 128 -2.21 6.63 6.79
N PHE O 129 -1.75 6.95 8.00
CA PHE O 129 -0.35 7.33 8.19
C PHE O 129 0.58 6.15 7.95
N PHE O 130 0.17 4.96 8.39
CA PHE O 130 0.95 3.75 8.13
C PHE O 130 1.09 3.50 6.64
N LEU O 131 -0.04 3.55 5.92
CA LEU O 131 -0.04 3.19 4.51
C LEU O 131 0.71 4.22 3.67
N GLY O 132 0.53 5.50 3.99
CA GLY O 132 1.31 6.53 3.32
C GLY O 132 2.77 6.50 3.71
N GLY O 133 3.04 6.21 4.99
CA GLY O 133 4.40 6.30 5.49
C GLY O 133 5.32 5.25 4.93
N MET O 134 4.88 3.99 4.93
CA MET O 134 5.70 2.91 4.39
C MET O 134 5.83 3.02 2.89
N SER O 135 4.78 3.44 2.21
CA SER O 135 4.81 3.49 0.77
C SER O 135 5.51 4.73 0.25
N GLY O 136 5.46 5.83 1.01
CA GLY O 136 6.33 6.95 0.73
C GLY O 136 7.79 6.61 0.96
N ALA O 137 8.07 5.79 1.99
CA ALA O 137 9.43 5.32 2.22
C ALA O 137 9.89 4.38 1.12
N PHE O 138 9.01 3.48 0.67
CA PHE O 138 9.39 2.59 -0.42
C PHE O 138 9.54 3.34 -1.73
N MET O 139 8.75 4.40 -1.93
CA MET O 139 8.87 5.21 -3.13
C MET O 139 10.21 5.92 -3.20
N ALA O 140 10.64 6.53 -2.09
CA ALA O 140 11.94 7.18 -2.06
C ALA O 140 13.08 6.18 -2.19
N TYR O 141 12.92 5.00 -1.56
CA TYR O 141 13.91 3.94 -1.71
C TYR O 141 13.99 3.46 -3.16
N PHE O 142 12.84 3.34 -3.82
CA PHE O 142 12.81 2.79 -5.17
C PHE O 142 13.45 3.74 -6.17
N LEU O 143 13.27 5.04 -5.97
CA LEU O 143 13.88 5.99 -6.90
C LEU O 143 15.39 6.08 -6.69
N LEU O 144 15.85 5.97 -5.44
CA LEU O 144 17.28 6.02 -5.18
C LEU O 144 17.97 4.74 -5.60
N SER O 145 17.28 3.60 -5.50
CA SER O 145 17.86 2.34 -5.95
C SER O 145 17.95 2.28 -7.46
N HIS O 146 17.03 2.93 -8.17
CA HIS O 146 17.03 2.97 -9.62
C HIS O 146 17.56 4.30 -10.14
N PHE O 147 18.42 4.97 -9.36
CA PHE O 147 18.81 6.34 -9.66
C PHE O 147 19.62 6.45 -10.95
N SER O 148 20.45 5.45 -11.25
CA SER O 148 21.19 5.46 -12.52
C SER O 148 20.26 5.32 -13.71
N GLU O 149 19.11 4.68 -13.54
CA GLU O 149 18.12 4.61 -14.60
C GLU O 149 17.17 5.81 -14.59
N ILE O 150 16.93 6.41 -13.44
CA ILE O 150 16.22 7.69 -13.40
C ILE O 150 17.06 8.78 -14.04
N ASP O 151 18.38 8.74 -13.82
CA ASP O 151 19.28 9.74 -14.39
C ASP O 151 19.37 9.60 -15.91
N ALA O 152 19.35 8.37 -16.42
CA ALA O 152 19.31 8.18 -17.87
C ALA O 152 17.98 8.63 -18.46
N ILE O 153 16.90 8.50 -17.70
CA ILE O 153 15.61 9.04 -18.13
C ILE O 153 15.65 10.56 -18.15
N PHE O 154 16.21 11.17 -17.10
CA PHE O 154 16.20 12.62 -16.98
C PHE O 154 17.23 13.30 -17.85
N ARG O 155 18.19 12.55 -18.40
CA ARG O 155 19.18 13.11 -19.33
C ARG O 155 18.96 12.66 -20.76
N GLY O 156 18.04 11.73 -21.01
CA GLY O 156 17.81 11.26 -22.36
C GLY O 156 18.79 10.25 -22.88
N PHE O 157 19.43 9.48 -22.01
CA PHE O 157 20.26 8.36 -22.45
C PHE O 157 19.43 7.16 -22.88
N VAL O 158 18.11 7.20 -22.67
CA VAL O 158 17.18 6.22 -23.20
C VAL O 158 16.72 6.66 -24.59
N ASN O 159 17.37 7.70 -25.13
CA ASN O 159 16.93 8.57 -26.23
C ASN O 159 15.57 9.21 -25.92
N MET P 1 35.39 -28.31 25.25
CA MET P 1 34.14 -28.46 24.53
C MET P 1 33.00 -27.74 25.26
N THR P 2 32.07 -27.19 24.49
CA THR P 2 30.89 -26.51 24.97
C THR P 2 29.66 -27.33 24.60
N LEU P 3 28.49 -26.72 24.78
CA LEU P 3 27.22 -27.41 24.58
C LEU P 3 26.98 -27.75 23.11
N SER P 4 26.02 -28.64 22.90
CA SER P 4 25.53 -28.95 21.56
C SER P 4 24.27 -28.14 21.28
N GLU P 5 23.83 -28.19 20.03
CA GLU P 5 22.66 -27.42 19.62
C GLU P 5 21.39 -28.02 20.20
N THR P 6 21.39 -29.32 20.51
CA THR P 6 20.25 -29.93 21.17
C THR P 6 20.17 -29.52 22.63
N GLN P 7 21.32 -29.35 23.30
CA GLN P 7 21.32 -28.95 24.70
C GLN P 7 20.85 -27.51 24.88
N VAL P 8 21.17 -26.64 23.93
CA VAL P 8 20.68 -25.26 23.99
C VAL P 8 19.17 -25.22 23.76
N PHE P 9 18.68 -26.01 22.82
CA PHE P 9 17.25 -26.02 22.52
C PHE P 9 16.43 -26.66 23.63
N VAL P 10 17.02 -27.60 24.38
CA VAL P 10 16.32 -28.18 25.52
C VAL P 10 16.19 -27.16 26.64
N ALA P 11 17.24 -26.36 26.87
CA ALA P 11 17.20 -25.32 27.89
C ALA P 11 16.20 -24.22 27.54
N LEU P 12 16.02 -23.91 26.26
CA LEU P 12 15.01 -22.92 25.89
C LEU P 12 13.60 -23.45 26.12
N VAL P 13 13.39 -24.76 25.92
CA VAL P 13 12.10 -25.36 26.22
C VAL P 13 11.87 -25.42 27.72
N ILE P 14 12.93 -25.75 28.47
CA ILE P 14 12.83 -25.83 29.93
C ILE P 14 12.63 -24.44 30.53
N ALA P 15 13.15 -23.39 29.88
CA ALA P 15 12.95 -22.03 30.35
C ALA P 15 11.51 -21.56 30.22
N LEU P 16 10.69 -22.24 29.43
CA LEU P 16 9.30 -21.84 29.29
C LEU P 16 8.49 -22.10 30.54
N VAL P 17 8.87 -23.09 31.36
CA VAL P 17 8.04 -23.38 32.52
C VAL P 17 8.31 -22.45 33.71
N PRO P 18 9.49 -21.85 33.96
CA PRO P 18 9.48 -20.67 34.84
C PRO P 18 8.92 -19.43 34.16
N ALA P 19 8.90 -19.38 32.83
CA ALA P 19 8.31 -18.23 32.15
C ALA P 19 6.79 -18.20 32.34
N ILE P 20 6.15 -19.37 32.27
CA ILE P 20 4.72 -19.45 32.49
C ILE P 20 4.41 -19.26 33.97
N LEU P 21 5.24 -19.82 34.84
CA LEU P 21 4.97 -19.76 36.28
C LEU P 21 5.28 -18.40 36.87
N ALA P 22 6.23 -17.65 36.31
CA ALA P 22 6.43 -16.28 36.75
C ALA P 22 5.28 -15.39 36.30
N PHE P 23 4.72 -15.68 35.12
CA PHE P 23 3.53 -14.96 34.66
C PHE P 23 2.33 -15.24 35.55
N ARG P 24 2.21 -16.47 36.06
CA ARG P 24 1.12 -16.79 36.97
C ARG P 24 1.31 -16.14 38.32
N LEU P 25 2.55 -16.10 38.81
CA LEU P 25 2.82 -15.43 40.08
C LEU P 25 2.71 -13.92 39.95
N SER P 26 2.99 -13.37 38.76
CA SER P 26 2.88 -11.93 38.52
C SER P 26 1.44 -11.45 38.67
N THR P 27 0.51 -12.14 38.00
CA THR P 27 -0.89 -11.75 38.07
C THR P 27 -1.53 -12.09 39.40
N GLU P 28 -0.94 -13.04 40.14
CA GLU P 28 -1.48 -13.37 41.47
C GLU P 28 -1.02 -12.37 42.52
N LEU P 29 0.21 -11.87 42.41
CA LEU P 29 0.67 -10.81 43.30
C LEU P 29 0.01 -9.48 43.01
N TYR P 30 -0.45 -9.27 41.77
CA TYR P 30 -1.11 -8.02 41.44
C TYR P 30 -2.50 -7.93 42.06
N LYS P 31 -3.22 -9.04 42.11
CA LYS P 31 -4.55 -9.05 42.70
C LYS P 31 -4.54 -9.60 44.11
N THR Q 44 -43.76 -64.88 12.30
CA THR Q 44 -42.86 -64.41 11.25
C THR Q 44 -41.43 -64.91 11.49
N THR Q 45 -40.60 -64.79 10.45
CA THR Q 45 -39.21 -65.23 10.54
C THR Q 45 -38.32 -64.29 11.34
N THR Q 46 -38.84 -63.11 11.74
CA THR Q 46 -38.08 -62.19 12.58
C THR Q 46 -37.80 -62.78 13.96
N TRP Q 47 -38.71 -63.60 14.47
CA TRP Q 47 -38.53 -64.22 15.79
C TRP Q 47 -37.43 -65.27 15.80
N ILE Q 48 -37.11 -65.85 14.63
CA ILE Q 48 -36.02 -66.81 14.53
C ILE Q 48 -34.69 -66.14 14.81
N TRP Q 49 -34.50 -64.92 14.32
CA TRP Q 49 -33.25 -64.21 14.55
C TRP Q 49 -33.22 -63.51 15.91
N ASP Q 50 -34.38 -63.08 16.41
CA ASP Q 50 -34.42 -62.45 17.73
C ASP Q 50 -34.21 -63.45 18.85
N LEU Q 51 -34.49 -64.73 18.61
CA LEU Q 51 -34.22 -65.74 19.63
C LEU Q 51 -32.72 -65.92 19.83
N HIS Q 52 -31.95 -65.89 18.75
CA HIS Q 52 -30.50 -65.98 18.85
C HIS Q 52 -29.85 -64.66 19.22
N ALA Q 53 -30.51 -63.53 18.94
CA ALA Q 53 -29.95 -62.23 19.29
C ALA Q 53 -30.18 -61.87 20.75
N ASP Q 54 -31.29 -62.32 21.33
CA ASP Q 54 -31.62 -62.06 22.73
C ASP Q 54 -31.26 -63.25 23.61
N ALA Q 55 -30.14 -63.91 23.33
CA ALA Q 55 -29.78 -65.11 24.06
C ALA Q 55 -29.03 -64.79 25.35
N HIS Q 56 -27.89 -64.11 25.23
CA HIS Q 56 -27.03 -63.85 26.37
C HIS Q 56 -27.18 -62.44 26.93
N ASP Q 57 -28.26 -61.74 26.58
CA ASP Q 57 -28.55 -60.42 27.14
C ASP Q 57 -29.35 -60.65 28.42
N PHE Q 58 -28.65 -61.05 29.47
CA PHE Q 58 -29.27 -61.60 30.67
C PHE Q 58 -30.02 -60.53 31.48
N ASP Q 59 -29.48 -59.33 31.54
CA ASP Q 59 -30.10 -58.22 32.28
C ASP Q 59 -31.30 -57.62 31.55
N SER Q 60 -31.60 -58.07 30.33
CA SER Q 60 -32.89 -57.79 29.72
C SER Q 60 -33.91 -58.89 29.97
N HIS Q 61 -33.48 -60.07 30.44
CA HIS Q 61 -34.41 -61.12 30.81
C HIS Q 61 -35.01 -60.86 32.19
N THR Q 62 -34.18 -60.40 33.14
CA THR Q 62 -34.53 -60.34 34.55
C THR Q 62 -33.93 -59.07 35.14
N SER Q 63 -34.66 -58.45 36.07
CA SER Q 63 -34.34 -57.11 36.56
C SER Q 63 -33.22 -57.13 37.60
N ASP Q 64 -33.34 -57.98 38.61
CA ASP Q 64 -32.56 -57.89 39.84
C ASP Q 64 -31.10 -58.26 39.67
N LEU Q 65 -30.22 -57.51 40.36
CA LEU Q 65 -28.79 -57.52 40.09
C LEU Q 65 -28.11 -58.81 40.56
N GLU Q 66 -28.63 -59.45 41.60
CA GLU Q 66 -27.96 -60.63 42.16
C GLU Q 66 -28.13 -61.86 41.29
N ASP Q 67 -29.29 -62.02 40.66
CA ASP Q 67 -29.53 -63.20 39.84
C ASP Q 67 -28.80 -63.14 38.49
N ILE Q 68 -28.50 -61.95 37.97
CA ILE Q 68 -27.68 -61.89 36.76
C ILE Q 68 -26.26 -62.30 37.10
N SER Q 69 -25.78 -61.89 38.29
CA SER Q 69 -24.41 -62.17 38.72
C SER Q 69 -24.17 -63.65 38.92
N ARG Q 70 -25.21 -64.42 39.26
CA ARG Q 70 -25.07 -65.86 39.33
C ARG Q 70 -25.06 -66.49 37.94
N LYS Q 71 -25.82 -65.93 37.00
CA LYS Q 71 -25.77 -66.43 35.64
C LYS Q 71 -24.46 -66.06 34.96
N ILE Q 72 -23.93 -64.86 35.27
CA ILE Q 72 -22.65 -64.44 34.70
C ILE Q 72 -21.52 -65.28 35.28
N PHE Q 73 -21.57 -65.56 36.60
CA PHE Q 73 -20.54 -66.38 37.24
C PHE Q 73 -20.58 -67.81 36.73
N SER Q 74 -21.77 -68.33 36.44
CA SER Q 74 -21.88 -69.70 35.96
C SER Q 74 -21.45 -69.82 34.50
N ALA Q 75 -21.81 -68.84 33.67
CA ALA Q 75 -21.41 -68.85 32.27
C ALA Q 75 -19.91 -68.64 32.11
N HIS Q 76 -19.28 -67.96 33.07
CA HIS Q 76 -17.84 -67.80 33.04
C HIS Q 76 -17.13 -69.13 33.26
N PHE Q 77 -17.73 -70.04 34.04
CA PHE Q 77 -17.22 -71.40 34.12
C PHE Q 77 -17.39 -72.13 32.79
N GLY Q 78 -18.52 -71.90 32.11
CA GLY Q 78 -18.76 -72.55 30.84
C GLY Q 78 -17.88 -72.06 29.72
N HIS Q 79 -17.37 -70.83 29.83
CA HIS Q 79 -16.41 -70.37 28.83
C HIS Q 79 -15.01 -70.89 29.09
N LEU Q 80 -14.65 -71.07 30.37
CA LEU Q 80 -13.37 -71.68 30.72
C LEU Q 80 -13.30 -73.12 30.24
N ALA Q 81 -14.43 -73.83 30.29
CA ALA Q 81 -14.46 -75.21 29.80
C ALA Q 81 -14.31 -75.27 28.30
N VAL Q 82 -14.85 -74.26 27.58
CA VAL Q 82 -14.69 -74.19 26.14
C VAL Q 82 -13.23 -73.96 25.77
N ILE Q 83 -12.52 -73.15 26.57
CA ILE Q 83 -11.09 -72.96 26.36
C ILE Q 83 -10.33 -74.25 26.64
N PHE Q 84 -10.71 -74.97 27.69
CA PHE Q 84 -10.01 -76.21 28.05
C PHE Q 84 -10.24 -77.33 27.04
N ILE Q 85 -11.41 -77.36 26.41
CA ILE Q 85 -11.63 -78.33 25.32
C ILE Q 85 -10.78 -77.95 24.11
N TRP Q 86 -10.70 -76.65 23.81
CA TRP Q 86 -9.85 -76.19 22.71
C TRP Q 86 -8.37 -76.39 23.02
N LEU Q 87 -7.99 -76.16 24.28
CA LEU Q 87 -6.61 -76.36 24.68
C LEU Q 87 -6.27 -77.84 24.71
N SER Q 88 -7.24 -78.70 25.02
CA SER Q 88 -7.00 -80.14 24.96
C SER Q 88 -6.82 -80.61 23.52
N GLY Q 89 -7.51 -79.98 22.57
CA GLY Q 89 -7.35 -80.36 21.18
C GLY Q 89 -6.01 -79.96 20.61
N MET Q 90 -5.40 -78.90 21.14
CA MET Q 90 -4.08 -78.49 20.66
C MET Q 90 -3.00 -79.45 21.15
N TYR Q 91 -3.19 -80.06 22.32
CA TYR Q 91 -2.24 -81.05 22.80
C TYR Q 91 -2.51 -82.43 22.22
N PHE Q 92 -3.78 -82.77 21.97
CA PHE Q 92 -4.08 -84.08 21.40
C PHE Q 92 -3.68 -84.16 19.93
N HIS Q 93 -3.93 -83.08 19.17
CA HIS Q 93 -3.42 -83.04 17.81
C HIS Q 93 -1.91 -82.84 17.81
N GLY Q 94 -1.35 -82.28 18.89
CA GLY Q 94 0.09 -82.24 19.06
C GLY Q 94 0.71 -83.59 19.35
N ALA Q 95 -0.08 -84.53 19.88
CA ALA Q 95 0.43 -85.83 20.29
C ALA Q 95 0.13 -86.95 19.31
N LYS Q 96 -0.91 -86.82 18.49
CA LYS Q 96 -1.34 -87.91 17.63
C LYS Q 96 -1.27 -87.58 16.15
N PHE Q 97 -1.12 -86.32 15.75
CA PHE Q 97 -1.20 -85.97 14.34
C PHE Q 97 -0.11 -85.00 13.92
N SER Q 98 1.09 -85.12 14.48
CA SER Q 98 2.13 -84.13 14.27
C SER Q 98 3.46 -84.76 13.97
N ASN Q 99 4.46 -83.90 13.85
CA ASN Q 99 5.86 -84.25 13.65
C ASN Q 99 6.71 -83.61 14.74
N TYR Q 100 6.23 -83.67 15.98
CA TYR Q 100 6.79 -82.85 17.05
C TYR Q 100 8.16 -83.34 17.50
N GLU Q 101 8.34 -84.65 17.68
CA GLU Q 101 9.67 -85.11 18.07
C GLU Q 101 10.65 -85.03 16.90
N ALA Q 102 10.15 -85.26 15.69
CA ALA Q 102 10.94 -85.01 14.49
C ALA Q 102 11.31 -83.54 14.37
N TRP Q 103 10.40 -82.65 14.79
CA TRP Q 103 10.75 -81.23 14.85
C TRP Q 103 11.73 -80.95 15.97
N LEU Q 104 11.66 -81.69 17.08
CA LEU Q 104 12.59 -81.46 18.17
C LEU Q 104 14.02 -81.87 17.82
N SER Q 105 14.16 -82.87 16.94
CA SER Q 105 15.50 -83.25 16.49
C SER Q 105 16.10 -82.23 15.54
N ASN Q 106 15.28 -81.59 14.71
CA ASN Q 106 15.76 -80.65 13.69
C ASN Q 106 14.79 -79.47 13.69
N PRO Q 107 14.99 -78.50 14.60
CA PRO Q 107 14.02 -77.39 14.71
C PRO Q 107 14.16 -76.35 13.62
N THR Q 108 15.34 -76.21 13.01
CA THR Q 108 15.57 -75.17 12.03
C THR Q 108 15.33 -75.63 10.60
N GLY Q 109 15.11 -76.91 10.37
CA GLY Q 109 14.94 -77.40 9.02
C GLY Q 109 13.67 -78.22 8.78
N ILE Q 110 12.82 -78.33 9.79
CA ILE Q 110 11.56 -79.05 9.69
C ILE Q 110 10.44 -78.08 10.04
N LYS Q 111 9.41 -78.06 9.21
CA LYS Q 111 8.27 -77.17 9.43
C LYS Q 111 7.30 -77.80 10.42
N PRO Q 112 6.85 -77.04 11.42
CA PRO Q 112 5.85 -77.57 12.36
C PRO Q 112 4.52 -77.86 11.66
N SER Q 113 4.04 -79.07 11.83
CA SER Q 113 2.76 -79.49 11.28
C SER Q 113 1.99 -80.26 12.35
N ALA Q 114 0.69 -79.97 12.48
CA ALA Q 114 -0.13 -80.70 13.43
C ALA Q 114 -1.54 -80.99 12.93
N GLN Q 115 -1.79 -80.83 11.63
CA GLN Q 115 -3.09 -81.17 11.06
C GLN Q 115 -2.87 -82.08 9.86
N VAL Q 116 -3.66 -83.16 9.78
CA VAL Q 116 -3.55 -84.16 8.73
C VAL Q 116 -4.92 -84.27 8.06
N VAL Q 117 -4.91 -84.26 6.74
CA VAL Q 117 -6.13 -84.15 5.93
C VAL Q 117 -6.48 -85.53 5.38
N TRP Q 118 -7.76 -85.92 5.49
CA TRP Q 118 -8.20 -87.22 5.00
C TRP Q 118 -8.17 -87.26 3.47
N PRO Q 119 -7.86 -88.42 2.88
CA PRO Q 119 -7.78 -88.53 1.40
C PRO Q 119 -9.14 -88.74 0.73
N ILE Q 120 -9.84 -87.62 0.50
CA ILE Q 120 -11.09 -87.61 -0.23
C ILE Q 120 -11.02 -86.51 -1.27
N PHE Q 121 -11.81 -86.67 -2.34
CA PHE Q 121 -12.13 -85.61 -3.31
C PHE Q 121 -10.95 -84.93 -4.00
N GLY Q 122 -9.76 -85.50 -3.89
CA GLY Q 122 -8.55 -84.81 -4.30
C GLY Q 122 -7.95 -83.90 -3.26
N GLN Q 123 -8.53 -83.80 -2.07
CA GLN Q 123 -8.11 -82.82 -1.08
C GLN Q 123 -6.87 -83.24 -0.29
N GLU Q 124 -6.35 -84.45 -0.50
CA GLU Q 124 -5.13 -84.90 0.16
C GLU Q 124 -3.87 -84.22 -0.37
N ILE Q 125 -3.98 -83.38 -1.41
CA ILE Q 125 -2.88 -82.55 -1.87
C ILE Q 125 -2.46 -81.52 -0.82
N LEU Q 126 -3.33 -81.21 0.14
CA LEU Q 126 -3.00 -80.27 1.21
C LEU Q 126 -2.03 -80.85 2.23
N ASN Q 127 -1.77 -82.15 2.20
CA ASN Q 127 -0.76 -82.76 3.07
C ASN Q 127 0.61 -82.56 2.43
N GLY Q 128 1.12 -81.35 2.58
CA GLY Q 128 2.41 -81.03 2.00
C GLY Q 128 3.57 -81.59 2.79
N ASP Q 129 4.68 -81.84 2.10
CA ASP Q 129 5.86 -82.38 2.74
C ASP Q 129 6.52 -81.30 3.58
N VAL Q 130 6.32 -81.37 4.90
CA VAL Q 130 6.89 -80.38 5.81
C VAL Q 130 8.22 -80.83 6.40
N GLY Q 131 8.72 -81.99 5.99
CA GLY Q 131 9.98 -82.48 6.53
C GLY Q 131 9.76 -83.43 7.69
N GLY Q 132 10.71 -84.36 7.84
CA GLY Q 132 10.59 -85.39 8.84
C GLY Q 132 9.75 -86.58 8.44
N GLY Q 133 9.59 -86.82 7.14
CA GLY Q 133 8.78 -87.93 6.66
C GLY Q 133 7.30 -87.76 6.96
N PHE Q 134 6.82 -86.52 7.03
CA PHE Q 134 5.46 -86.23 7.47
C PHE Q 134 4.75 -85.41 6.41
N HIS Q 135 3.48 -85.74 6.17
CA HIS Q 135 2.65 -85.05 5.19
C HIS Q 135 1.44 -84.47 5.92
N GLY Q 136 1.42 -83.16 6.07
CA GLY Q 136 0.32 -82.50 6.72
C GLY Q 136 0.33 -81.01 6.43
N ILE Q 137 -0.47 -80.28 7.19
CA ILE Q 137 -0.58 -78.84 7.03
C ILE Q 137 0.39 -78.16 7.98
N GLN Q 138 1.23 -77.28 7.44
CA GLN Q 138 2.13 -76.49 8.25
C GLN Q 138 1.35 -75.55 9.14
N ILE Q 139 1.59 -75.61 10.44
CA ILE Q 139 0.87 -74.81 11.40
C ILE Q 139 1.70 -73.58 11.73
N THR Q 140 1.02 -72.49 12.07
CA THR Q 140 1.67 -71.21 12.33
C THR Q 140 1.37 -70.69 13.72
N SER Q 141 0.76 -71.50 14.57
CA SER Q 141 0.34 -71.08 15.91
C SER Q 141 1.49 -71.05 16.91
N GLY Q 142 2.63 -71.65 16.59
CA GLY Q 142 3.74 -71.67 17.53
C GLY Q 142 3.54 -72.58 18.71
N LEU Q 143 2.76 -73.64 18.56
CA LEU Q 143 2.57 -74.60 19.65
C LEU Q 143 3.85 -75.37 19.93
N PHE Q 144 4.63 -75.67 18.89
CA PHE Q 144 5.84 -76.48 19.03
C PHE Q 144 6.90 -75.73 19.84
N GLN Q 145 7.10 -74.45 19.51
CA GLN Q 145 8.10 -73.64 20.19
C GLN Q 145 7.71 -73.34 21.62
N MET Q 146 6.42 -73.35 21.93
CA MET Q 146 5.97 -73.17 23.31
C MET Q 146 6.18 -74.43 24.12
N TRP Q 147 5.96 -75.60 23.51
CA TRP Q 147 6.12 -76.86 24.23
C TRP Q 147 7.57 -77.16 24.51
N ARG Q 148 8.48 -76.80 23.58
CA ARG Q 148 9.90 -76.99 23.81
C ARG Q 148 10.41 -76.07 24.91
N ALA Q 149 9.82 -74.88 25.05
CA ALA Q 149 10.13 -74.03 26.19
C ALA Q 149 9.54 -74.56 27.49
N ASN Q 150 8.53 -75.43 27.41
CA ASN Q 150 8.00 -76.10 28.59
C ASN Q 150 8.78 -77.35 28.95
N GLY Q 151 9.82 -77.68 28.19
CA GLY Q 151 10.57 -78.89 28.42
C GLY Q 151 9.92 -80.15 27.91
N ILE Q 152 8.81 -80.05 27.19
CA ILE Q 152 8.15 -81.23 26.66
C ILE Q 152 9.00 -81.81 25.53
N THR Q 153 9.26 -83.11 25.60
CA THR Q 153 10.17 -83.76 24.67
C THR Q 153 9.53 -84.86 23.84
N ASN Q 154 8.49 -85.51 24.32
CA ASN Q 154 7.89 -86.63 23.60
C ASN Q 154 6.37 -86.51 23.62
N SER Q 155 5.71 -87.44 22.93
CA SER Q 155 4.27 -87.36 22.71
C SER Q 155 3.45 -87.82 23.91
N PHE Q 156 4.07 -88.46 24.90
CA PHE Q 156 3.30 -88.89 26.06
C PHE Q 156 3.01 -87.73 26.99
N GLU Q 157 3.96 -86.80 27.13
CA GLU Q 157 3.74 -85.61 27.94
C GLU Q 157 2.73 -84.66 27.30
N LEU Q 158 2.53 -84.74 25.99
CA LEU Q 158 1.46 -83.99 25.34
C LEU Q 158 0.13 -84.71 25.47
N TYR Q 159 0.16 -86.03 25.62
CA TYR Q 159 -1.08 -86.79 25.74
C TYR Q 159 -1.74 -86.61 27.10
N CYS Q 160 -0.94 -86.65 28.18
CA CYS Q 160 -1.49 -86.44 29.51
C CYS Q 160 -1.91 -85.00 29.73
N THR Q 161 -1.29 -84.05 29.03
CA THR Q 161 -1.74 -82.67 29.10
C THR Q 161 -3.05 -82.50 28.36
N ALA Q 162 -3.28 -83.26 27.29
CA ALA Q 162 -4.56 -83.22 26.60
C ALA Q 162 -5.67 -83.80 27.45
N ILE Q 163 -5.41 -84.93 28.11
CA ILE Q 163 -6.40 -85.52 29.01
C ILE Q 163 -6.56 -84.67 30.26
N GLY Q 164 -5.46 -84.08 30.74
CA GLY Q 164 -5.53 -83.23 31.91
C GLY Q 164 -6.28 -81.93 31.67
N ALA Q 165 -6.17 -81.39 30.45
CA ALA Q 165 -7.02 -80.28 30.07
C ALA Q 165 -8.47 -80.72 29.90
N LEU Q 166 -8.68 -81.99 29.52
CA LEU Q 166 -10.03 -82.48 29.28
C LEU Q 166 -10.79 -82.77 30.57
N VAL Q 167 -10.09 -82.96 31.69
CA VAL Q 167 -10.78 -83.12 32.96
C VAL Q 167 -10.91 -81.82 33.73
N MET Q 168 -10.13 -80.80 33.40
CA MET Q 168 -10.43 -79.47 33.90
C MET Q 168 -11.56 -78.82 33.12
N ALA Q 169 -11.84 -79.32 31.92
CA ALA Q 169 -13.05 -78.90 31.21
C ALA Q 169 -14.29 -79.42 31.93
N GLY Q 170 -14.26 -80.66 32.41
CA GLY Q 170 -15.40 -81.22 33.12
C GLY Q 170 -15.57 -80.63 34.51
N LEU Q 171 -14.46 -80.31 35.18
CA LEU Q 171 -14.55 -79.65 36.49
C LEU Q 171 -14.95 -78.18 36.37
N MET Q 172 -14.75 -77.56 35.21
CA MET Q 172 -15.33 -76.24 34.98
C MET Q 172 -16.82 -76.35 34.74
N LEU Q 173 -17.25 -77.39 34.01
CA LEU Q 173 -18.69 -77.59 33.78
C LEU Q 173 -19.41 -78.01 35.04
N PHE Q 174 -18.71 -78.66 35.98
CA PHE Q 174 -19.34 -78.98 37.25
C PHE Q 174 -19.43 -77.76 38.15
N ALA Q 175 -18.40 -76.91 38.14
CA ALA Q 175 -18.39 -75.75 39.01
C ALA Q 175 -19.35 -74.65 38.55
N GLY Q 176 -19.81 -74.71 37.31
CA GLY Q 176 -20.81 -73.78 36.84
C GLY Q 176 -22.20 -74.31 37.04
N TRP Q 177 -22.29 -75.61 37.28
CA TRP Q 177 -23.54 -76.25 37.67
C TRP Q 177 -23.73 -76.22 39.18
N PHE Q 178 -22.64 -76.38 39.93
CA PHE Q 178 -22.72 -76.38 41.39
C PHE Q 178 -22.97 -74.98 41.92
N HIS Q 179 -22.27 -74.00 41.38
CA HIS Q 179 -22.42 -72.63 41.85
C HIS Q 179 -23.62 -71.92 41.25
N TYR Q 180 -24.43 -72.58 40.42
CA TYR Q 180 -25.68 -72.01 39.95
C TYR Q 180 -26.90 -72.83 40.35
N HIS Q 181 -26.95 -74.10 39.97
CA HIS Q 181 -28.16 -74.89 40.17
C HIS Q 181 -28.32 -75.38 41.60
N LYS Q 182 -27.23 -75.48 42.37
CA LYS Q 182 -27.32 -75.98 43.74
C LYS Q 182 -26.99 -74.93 44.79
N LYS Q 183 -25.76 -74.42 44.82
CA LYS Q 183 -25.31 -73.55 45.91
C LYS Q 183 -24.67 -72.31 45.29
N ALA Q 184 -25.49 -71.31 45.03
CA ALA Q 184 -25.23 -70.03 44.39
C ALA Q 184 -24.67 -69.03 45.40
N PRO Q 185 -23.74 -68.18 45.00
CA PRO Q 185 -23.21 -67.15 45.89
C PRO Q 185 -24.18 -65.97 45.98
N LYS Q 186 -23.83 -65.02 46.82
CA LYS Q 186 -24.70 -63.88 47.14
C LYS Q 186 -24.00 -62.58 46.78
N LEU Q 187 -24.79 -61.51 46.68
CA LEU Q 187 -24.34 -60.30 45.99
C LEU Q 187 -23.25 -59.56 46.76
N GLU Q 188 -23.25 -59.61 48.09
CA GLU Q 188 -22.17 -58.99 48.85
C GLU Q 188 -20.86 -59.75 48.71
N TRP Q 189 -20.91 -61.03 48.36
CA TRP Q 189 -19.69 -61.74 47.96
C TRP Q 189 -19.25 -61.31 46.57
N PHE Q 190 -20.21 -61.05 45.69
CA PHE Q 190 -19.90 -60.53 44.36
C PHE Q 190 -19.39 -59.11 44.42
N GLN Q 191 -19.93 -58.31 45.33
CA GLN Q 191 -19.53 -56.91 45.46
C GLN Q 191 -18.37 -56.72 46.42
N ASN Q 192 -17.75 -57.81 46.86
CA ASN Q 192 -16.56 -57.73 47.71
C ASN Q 192 -15.35 -57.56 46.80
N VAL Q 193 -15.22 -56.35 46.26
CA VAL Q 193 -14.17 -56.06 45.28
C VAL Q 193 -12.82 -55.83 45.92
N GLU Q 194 -12.77 -55.58 47.23
CA GLU Q 194 -11.49 -55.48 47.92
C GLU Q 194 -10.86 -56.85 48.09
N SER Q 195 -11.68 -57.88 48.37
CA SER Q 195 -11.16 -59.23 48.50
C SER Q 195 -10.82 -59.84 47.15
N MET Q 196 -11.59 -59.50 46.10
CA MET Q 196 -11.31 -60.00 44.76
C MET Q 196 -10.01 -59.43 44.21
N MET Q 197 -9.77 -58.15 44.45
CA MET Q 197 -8.54 -57.54 43.98
C MET Q 197 -7.35 -57.99 44.82
N ASN Q 198 -7.57 -58.37 46.08
CA ASN Q 198 -6.49 -58.98 46.86
C ASN Q 198 -6.20 -60.40 46.37
N HIS Q 199 -7.25 -61.19 46.18
CA HIS Q 199 -7.09 -62.60 45.83
C HIS Q 199 -6.72 -62.83 44.37
N HIS Q 200 -6.82 -61.81 43.52
CA HIS Q 200 -6.37 -61.98 42.13
C HIS Q 200 -4.98 -61.42 41.91
N LEU Q 201 -4.57 -60.43 42.71
CA LEU Q 201 -3.21 -59.92 42.63
C LEU Q 201 -2.21 -60.89 43.27
N ALA Q 202 -2.38 -61.16 44.56
CA ALA Q 202 -1.49 -62.06 45.27
C ALA Q 202 -1.76 -63.53 44.97
N GLY Q 203 -2.90 -63.83 44.36
CA GLY Q 203 -3.38 -65.17 44.14
C GLY Q 203 -3.12 -65.60 42.70
N LEU Q 204 -4.10 -65.39 41.83
CA LEU Q 204 -4.02 -65.77 40.41
C LEU Q 204 -2.79 -65.22 39.71
N LEU Q 205 -2.38 -64.00 40.04
CA LEU Q 205 -1.19 -63.42 39.42
C LEU Q 205 0.07 -63.69 40.22
N GLY Q 206 -0.03 -63.73 41.56
CA GLY Q 206 1.15 -63.99 42.37
C GLY Q 206 1.56 -65.45 42.34
N LEU Q 207 0.63 -66.34 42.68
CA LEU Q 207 0.95 -67.77 42.77
C LEU Q 207 1.06 -68.43 41.40
N GLY Q 208 0.69 -67.73 40.34
CA GLY Q 208 0.90 -68.26 39.01
C GLY Q 208 2.28 -67.89 38.49
N CYS Q 209 2.72 -66.66 38.79
CA CYS Q 209 4.06 -66.25 38.39
C CYS Q 209 5.13 -66.96 39.22
N LEU Q 210 4.83 -67.26 40.48
CA LEU Q 210 5.75 -68.03 41.30
C LEU Q 210 5.71 -69.50 40.94
N GLY Q 211 4.51 -70.04 40.70
CA GLY Q 211 4.38 -71.44 40.31
C GLY Q 211 4.96 -71.74 38.95
N TYR Q 212 4.97 -70.75 38.05
CA TYR Q 212 5.64 -70.97 36.77
C TYR Q 212 7.15 -70.80 36.89
N ALA Q 213 7.61 -69.99 37.84
CA ALA Q 213 9.03 -69.95 38.12
C ALA Q 213 9.54 -71.27 38.68
N GLY Q 214 8.68 -72.00 39.40
CA GLY Q 214 9.05 -73.34 39.84
C GLY Q 214 9.11 -74.33 38.70
N GLN Q 215 8.15 -74.23 37.77
CA GLN Q 215 8.19 -75.06 36.57
C GLN Q 215 9.39 -74.72 35.70
N GLN Q 216 9.77 -73.44 35.67
CA GLN Q 216 10.91 -73.04 34.85
C GLN Q 216 12.21 -73.55 35.44
N ILE Q 217 12.43 -73.32 36.74
CA ILE Q 217 13.72 -73.61 37.37
C ILE Q 217 13.92 -75.12 37.48
N HIS Q 218 12.91 -75.85 37.93
CA HIS Q 218 13.09 -77.26 38.24
C HIS Q 218 12.85 -78.19 37.05
N VAL Q 219 12.18 -77.74 35.98
CA VAL Q 219 11.79 -78.62 34.88
C VAL Q 219 12.29 -78.12 33.53
N SER Q 220 12.01 -76.86 33.20
CA SER Q 220 12.31 -76.42 31.84
C SER Q 220 13.71 -75.83 31.68
N LEU Q 221 14.27 -75.20 32.72
CA LEU Q 221 15.67 -74.80 32.65
C LEU Q 221 16.67 -75.94 32.49
N PRO Q 222 16.52 -77.13 33.10
CA PRO Q 222 17.46 -78.21 32.72
C PRO Q 222 17.30 -78.71 31.31
N ILE Q 223 16.08 -79.03 30.88
CA ILE Q 223 15.85 -79.69 29.60
C ILE Q 223 16.22 -78.76 28.44
N ASN Q 224 16.00 -77.46 28.61
CA ASN Q 224 16.41 -76.52 27.59
C ASN Q 224 17.91 -76.25 27.61
N ALA Q 225 18.55 -76.32 28.78
CA ALA Q 225 20.01 -76.32 28.79
C ALA Q 225 20.57 -77.62 28.24
N CYS Q 226 19.79 -78.71 28.36
CA CYS Q 226 20.15 -79.97 27.71
C CYS Q 226 19.93 -79.91 26.21
N LEU Q 227 18.77 -79.41 25.77
CA LEU Q 227 18.44 -79.41 24.34
C LEU Q 227 19.30 -78.43 23.56
N ASP Q 228 19.73 -77.34 24.18
CA ASP Q 228 20.63 -76.41 23.50
C ASP Q 228 22.03 -76.99 23.37
N ALA Q 229 22.38 -78.01 24.16
CA ALA Q 229 23.64 -78.70 24.00
C ALA Q 229 23.57 -79.70 22.84
N ILE Q 230 22.48 -80.47 22.76
CA ILE Q 230 22.34 -81.46 21.68
C ILE Q 230 22.12 -80.77 20.34
N ASP Q 231 21.54 -79.56 20.35
CA ASP Q 231 21.40 -78.79 19.11
C ASP Q 231 22.76 -78.41 18.53
N ALA Q 232 23.67 -77.92 19.38
CA ALA Q 232 25.03 -77.68 18.95
C ALA Q 232 25.79 -79.01 18.83
N GLY Q 233 26.95 -78.95 18.19
CA GLY Q 233 27.79 -80.13 18.12
C GLY Q 233 28.41 -80.49 19.45
N LYS Q 234 29.01 -79.50 20.12
CA LYS Q 234 29.66 -79.68 21.41
C LYS Q 234 29.28 -78.48 22.27
N PRO Q 235 29.31 -78.62 23.61
CA PRO Q 235 29.52 -79.74 24.52
C PRO Q 235 28.23 -80.35 25.07
N LEU Q 236 28.20 -81.67 25.16
CA LEU Q 236 27.04 -82.42 25.66
C LEU Q 236 27.15 -82.71 27.16
N THR Q 237 27.84 -81.82 27.89
CA THR Q 237 28.33 -82.01 29.25
C THR Q 237 27.21 -82.25 30.27
N VAL Q 238 27.36 -83.25 31.16
CA VAL Q 238 28.33 -84.37 31.17
C VAL Q 238 27.62 -85.55 31.86
N GLY Q 239 28.21 -86.74 31.87
CA GLY Q 239 27.84 -87.76 32.82
C GLY Q 239 27.89 -89.14 32.21
N GLY Q 240 27.39 -90.11 32.98
CA GLY Q 240 26.90 -91.36 32.45
C GLY Q 240 25.46 -91.51 32.90
N LYS Q 241 24.44 -91.38 32.02
CA LYS Q 241 24.46 -90.90 30.63
C LYS Q 241 25.03 -89.47 30.44
N VAL Q 242 25.76 -89.23 29.33
CA VAL Q 242 26.31 -87.89 29.16
C VAL Q 242 25.17 -86.93 28.81
N ILE Q 243 24.71 -86.90 27.54
CA ILE Q 243 23.34 -87.06 27.04
C ILE Q 243 23.60 -87.15 25.54
N ASP Q 244 22.87 -87.97 24.79
CA ASP Q 244 23.04 -87.86 23.35
C ASP Q 244 21.73 -87.76 22.56
N SER Q 245 20.70 -88.50 22.95
CA SER Q 245 19.43 -88.41 22.25
C SER Q 245 18.53 -87.39 22.91
N VAL Q 246 17.45 -87.04 22.21
CA VAL Q 246 16.41 -86.22 22.82
C VAL Q 246 15.63 -87.05 23.83
N ALA Q 247 15.39 -88.32 23.51
CA ALA Q 247 14.79 -89.25 24.46
C ALA Q 247 15.74 -89.62 25.59
N ALA Q 248 17.05 -89.45 25.39
CA ALA Q 248 18.01 -89.71 26.46
C ALA Q 248 18.00 -88.64 27.54
N ILE Q 249 17.41 -87.48 27.27
CA ILE Q 249 17.21 -86.46 28.31
C ILE Q 249 16.27 -87.02 29.37
N PRO Q 250 16.58 -86.87 30.66
CA PRO Q 250 15.76 -87.50 31.71
C PRO Q 250 14.37 -86.90 31.79
N LEU Q 251 13.41 -87.77 32.10
CA LEU Q 251 12.04 -87.33 32.35
C LEU Q 251 12.03 -86.41 33.56
N PRO Q 252 11.23 -85.33 33.55
CA PRO Q 252 11.49 -84.20 34.45
C PRO Q 252 11.19 -84.45 35.92
N HIS Q 253 10.60 -85.59 36.28
CA HIS Q 253 10.53 -85.95 37.70
C HIS Q 253 11.87 -86.45 38.24
N GLU Q 254 12.80 -86.80 37.35
CA GLU Q 254 14.13 -87.23 37.77
C GLU Q 254 15.06 -86.06 38.05
N TRP Q 255 14.75 -84.88 37.50
CA TRP Q 255 15.38 -83.67 37.99
C TRP Q 255 14.88 -83.30 39.38
N ILE Q 256 13.64 -83.71 39.70
CA ILE Q 256 13.07 -83.46 41.01
C ILE Q 256 13.62 -84.44 42.03
N LEU Q 257 13.59 -85.74 41.69
CA LEU Q 257 13.99 -86.79 42.62
C LEU Q 257 15.49 -86.75 42.91
N ASN Q 258 16.30 -86.30 41.94
CA ASN Q 258 17.75 -86.35 42.07
C ASN Q 258 18.30 -84.93 42.02
N PRO Q 259 18.62 -84.33 43.17
CA PRO Q 259 19.28 -83.01 43.15
C PRO Q 259 20.70 -83.06 42.61
N SER Q 260 21.31 -84.25 42.46
CA SER Q 260 22.64 -84.35 41.87
C SER Q 260 22.60 -84.09 40.38
N LEU Q 261 21.49 -84.39 39.72
CA LEU Q 261 21.34 -84.08 38.30
C LEU Q 261 21.26 -82.58 38.06
N MET Q 262 20.76 -81.83 39.03
CA MET Q 262 20.50 -80.40 38.88
C MET Q 262 21.75 -79.55 39.12
N THR Q 263 22.85 -80.15 39.56
CA THR Q 263 23.99 -79.38 40.04
C THR Q 263 25.13 -79.30 39.03
N ASP Q 264 25.21 -80.24 38.09
CA ASP Q 264 26.29 -80.18 37.11
C ASP Q 264 26.09 -79.04 36.11
N ILE Q 265 24.84 -78.66 35.86
CA ILE Q 265 24.56 -77.52 34.99
C ILE Q 265 24.62 -76.22 35.79
N TYR Q 266 23.85 -76.16 36.88
CA TYR Q 266 23.82 -75.00 37.75
C TYR Q 266 24.48 -75.34 39.07
N PRO Q 267 25.71 -74.88 39.32
CA PRO Q 267 26.48 -75.39 40.47
C PRO Q 267 25.96 -74.96 41.83
N SER Q 268 25.11 -73.93 41.91
CA SER Q 268 24.63 -73.46 43.20
C SER Q 268 23.45 -74.25 43.74
N PHE Q 269 23.05 -75.33 43.07
CA PHE Q 269 22.02 -76.20 43.62
C PHE Q 269 22.54 -77.11 44.73
N ALA Q 270 23.86 -77.28 44.85
CA ALA Q 270 24.41 -77.93 46.02
C ALA Q 270 24.32 -77.04 47.26
N GLU Q 271 24.22 -75.72 47.07
CA GLU Q 271 24.10 -74.83 48.21
C GLU Q 271 22.70 -74.88 48.84
N GLY Q 272 21.70 -75.23 48.05
CA GLY Q 272 20.38 -75.48 48.57
C GLY Q 272 19.55 -74.21 48.80
N LEU Q 273 18.47 -74.42 49.55
CA LEU Q 273 17.45 -73.42 49.85
C LEU Q 273 17.87 -72.41 50.91
N LYS Q 274 19.05 -72.56 51.46
CA LYS Q 274 19.53 -71.86 52.65
C LYS Q 274 20.01 -70.41 52.42
N PRO Q 275 20.73 -70.04 51.35
CA PRO Q 275 21.01 -68.60 51.16
C PRO Q 275 19.80 -67.78 50.74
N PHE Q 276 18.68 -68.43 50.40
CA PHE Q 276 17.43 -67.71 50.19
C PHE Q 276 16.91 -67.11 51.48
N PHE Q 277 17.00 -67.85 52.59
CA PHE Q 277 16.50 -67.36 53.87
C PHE Q 277 17.48 -66.43 54.57
N THR Q 278 18.75 -66.41 54.17
CA THR Q 278 19.70 -65.47 54.74
C THR Q 278 19.82 -64.19 53.92
N LEU Q 279 19.12 -64.13 52.79
CA LEU Q 279 19.19 -63.02 51.81
C LEU Q 279 20.62 -62.77 51.33
N ASN Q 280 21.41 -63.83 51.20
CA ASN Q 280 22.70 -63.75 50.51
C ASN Q 280 22.45 -64.29 49.11
N TRP Q 281 21.93 -63.42 48.25
CA TRP Q 281 21.21 -63.84 47.06
C TRP Q 281 22.04 -63.88 45.80
N SER Q 282 23.24 -63.27 45.79
CA SER Q 282 24.05 -63.28 44.57
C SER Q 282 24.70 -64.64 44.30
N VAL Q 283 24.53 -65.63 45.17
CA VAL Q 283 24.98 -66.99 44.86
C VAL Q 283 24.06 -67.67 43.86
N TYR Q 284 22.84 -67.16 43.67
CA TYR Q 284 21.86 -67.79 42.80
C TYR Q 284 22.00 -67.37 41.34
N ALA Q 285 23.05 -66.63 41.00
CA ALA Q 285 23.22 -66.11 39.65
C ALA Q 285 23.81 -67.14 38.70
N ASP Q 286 23.19 -68.31 38.63
CA ASP Q 286 23.45 -69.30 37.60
C ASP Q 286 22.20 -69.73 36.85
N PHE Q 287 21.04 -69.79 37.52
CA PHE Q 287 19.78 -69.98 36.83
C PHE Q 287 18.85 -68.79 36.93
N LEU Q 288 19.19 -67.78 37.73
CA LEU Q 288 18.46 -66.51 37.77
C LEU Q 288 19.43 -65.43 37.28
N THR Q 289 19.44 -65.18 35.98
CA THR Q 289 20.35 -64.22 35.39
C THR Q 289 19.61 -62.96 35.00
N PHE Q 290 20.40 -61.94 34.67
CA PHE Q 290 19.91 -60.73 34.04
C PHE Q 290 20.72 -60.51 32.78
N ASN Q 291 20.79 -61.57 31.94
CA ASN Q 291 21.52 -61.49 30.68
C ASN Q 291 20.92 -60.41 29.78
N GLY Q 292 19.60 -60.35 29.71
CA GLY Q 292 18.94 -59.23 29.09
C GLY Q 292 19.10 -59.17 27.59
N GLY Q 293 18.44 -60.07 26.87
CA GLY Q 293 18.49 -60.01 25.42
C GLY Q 293 18.00 -61.31 24.82
N LEU Q 294 18.65 -61.76 23.75
CA LEU Q 294 18.27 -63.01 23.11
C LEU Q 294 19.43 -64.00 23.20
N ASN Q 295 19.08 -65.26 23.40
CA ASN Q 295 20.05 -66.34 23.36
C ASN Q 295 20.49 -66.53 21.91
N PRO Q 296 21.80 -66.45 21.62
CA PRO Q 296 22.25 -66.65 20.23
C PRO Q 296 22.09 -68.07 19.72
N GLN Q 297 21.91 -69.05 20.60
CA GLN Q 297 21.73 -70.42 20.16
C GLN Q 297 20.32 -70.65 19.59
N THR Q 298 19.30 -70.25 20.34
CA THR Q 298 17.91 -70.49 19.95
C THR Q 298 17.27 -69.32 19.24
N GLY Q 299 17.76 -68.10 19.44
CA GLY Q 299 17.09 -66.92 19.00
C GLY Q 299 16.09 -66.35 19.99
N GLY Q 300 15.57 -67.20 20.88
CA GLY Q 300 14.58 -66.78 21.85
C GLY Q 300 15.19 -66.04 23.03
N LEU Q 301 14.32 -65.70 23.98
CA LEU Q 301 14.76 -65.08 25.22
C LEU Q 301 15.56 -66.07 26.06
N TRP Q 302 16.47 -65.53 26.87
CA TRP Q 302 17.17 -66.34 27.85
C TRP Q 302 16.20 -66.91 28.86
N LEU Q 303 16.14 -68.24 28.95
CA LEU Q 303 15.19 -68.85 29.87
C LEU Q 303 15.61 -68.72 31.32
N THR Q 304 16.87 -68.38 31.58
CA THR Q 304 17.25 -67.98 32.93
C THR Q 304 16.80 -66.56 33.23
N ASP Q 305 16.65 -65.73 32.20
CA ASP Q 305 16.10 -64.39 32.41
C ASP Q 305 14.60 -64.45 32.64
N THR Q 306 13.90 -65.37 31.97
CA THR Q 306 12.45 -65.47 32.13
C THR Q 306 12.08 -66.06 33.48
N ALA Q 307 12.96 -66.88 34.06
CA ALA Q 307 12.71 -67.41 35.40
C ALA Q 307 12.87 -66.33 36.45
N HIS Q 308 13.89 -65.48 36.30
CA HIS Q 308 14.04 -64.34 37.19
C HIS Q 308 13.00 -63.26 36.91
N HIS Q 309 12.44 -63.25 35.70
CA HIS Q 309 11.33 -62.34 35.40
C HIS Q 309 10.08 -62.75 36.16
N HIS Q 310 9.67 -64.01 36.03
CA HIS Q 310 8.47 -64.50 36.68
C HIS Q 310 8.62 -64.55 38.20
N LEU Q 311 9.85 -64.61 38.70
CA LEU Q 311 10.07 -64.58 40.14
C LEU Q 311 9.97 -63.17 40.70
N ALA Q 312 10.50 -62.18 39.97
CA ALA Q 312 10.42 -60.79 40.42
C ALA Q 312 9.01 -60.24 40.31
N LEU Q 313 8.21 -60.79 39.40
CA LEU Q 313 6.80 -60.40 39.32
C LEU Q 313 5.95 -61.08 40.38
N ALA Q 314 6.36 -62.27 40.82
CA ALA Q 314 5.64 -62.96 41.88
C ALA Q 314 5.69 -62.18 43.17
N VAL Q 315 6.83 -61.57 43.47
CA VAL Q 315 6.95 -60.73 44.65
C VAL Q 315 6.15 -59.45 44.46
N LEU Q 316 6.20 -58.87 43.25
CA LEU Q 316 5.50 -57.63 42.98
C LEU Q 316 3.99 -57.83 42.97
N PHE Q 317 3.51 -59.01 42.56
CA PHE Q 317 2.08 -59.27 42.56
C PHE Q 317 1.57 -59.63 43.95
N ILE Q 318 2.37 -60.31 44.76
CA ILE Q 318 1.92 -60.69 46.10
C ILE Q 318 1.95 -59.50 47.03
N VAL Q 319 2.96 -58.62 46.87
CA VAL Q 319 2.99 -57.35 47.61
C VAL Q 319 1.80 -56.49 47.24
N ALA Q 320 1.45 -56.45 45.95
CA ALA Q 320 0.27 -55.71 45.49
C ALA Q 320 -1.04 -56.30 46.01
N GLY Q 321 -1.06 -57.60 46.32
CA GLY Q 321 -2.24 -58.23 46.85
C GLY Q 321 -2.49 -58.05 48.33
N HIS Q 322 -1.71 -57.20 48.99
CA HIS Q 322 -1.94 -56.84 50.38
C HIS Q 322 -2.22 -55.34 50.49
N PHE Q 323 -2.79 -54.79 49.43
CA PHE Q 323 -3.10 -53.38 49.33
C PHE Q 323 -4.47 -53.03 49.86
N TYR Q 324 -5.45 -53.92 49.70
CA TYR Q 324 -6.84 -53.58 49.91
C TYR Q 324 -7.33 -54.04 51.28
N ARG Q 325 -8.08 -53.16 51.94
CA ARG Q 325 -8.59 -53.43 53.28
C ARG Q 325 -9.66 -54.50 53.25
N THR Q 326 -9.58 -55.44 54.18
CA THR Q 326 -10.47 -56.59 54.25
C THR Q 326 -10.79 -56.75 55.74
N ASN Q 327 -11.20 -57.96 56.17
CA ASN Q 327 -11.66 -58.19 57.55
C ASN Q 327 -10.60 -57.86 58.60
N TRP Q 328 -9.32 -57.96 58.27
CA TRP Q 328 -8.26 -57.73 59.25
C TRP Q 328 -7.78 -56.28 59.28
N GLY Q 329 -8.73 -55.35 59.34
CA GLY Q 329 -8.44 -53.97 59.72
C GLY Q 329 -7.64 -53.11 58.76
N ILE Q 330 -6.42 -53.53 58.46
CA ILE Q 330 -5.49 -52.67 57.74
C ILE Q 330 -5.75 -52.75 56.24
N GLY Q 331 -5.34 -51.71 55.53
CA GLY Q 331 -5.41 -51.66 54.09
C GLY Q 331 -6.03 -50.37 53.60
N HIS Q 332 -6.04 -50.23 52.27
CA HIS Q 332 -6.73 -49.16 51.61
C HIS Q 332 -8.11 -49.64 51.20
N SER Q 333 -9.06 -48.74 51.22
CA SER Q 333 -10.40 -49.03 50.73
C SER Q 333 -10.58 -48.39 49.36
N PHE Q 334 -11.42 -49.01 48.52
CA PHE Q 334 -11.67 -48.46 47.19
C PHE Q 334 -12.37 -47.12 47.27
N LYS Q 335 -13.43 -47.04 48.07
CA LYS Q 335 -14.27 -45.85 48.06
C LYS Q 335 -13.57 -44.66 48.69
N GLU Q 336 -12.84 -44.87 49.79
CA GLU Q 336 -12.18 -43.78 50.49
C GLU Q 336 -11.03 -43.20 49.68
N VAL Q 337 -10.30 -44.05 48.97
CA VAL Q 337 -9.21 -43.56 48.13
C VAL Q 337 -9.76 -42.93 46.85
N LEU Q 338 -11.01 -43.25 46.49
CA LEU Q 338 -11.62 -42.58 45.34
C LEU Q 338 -12.04 -41.17 45.69
N GLU Q 339 -12.72 -40.97 46.82
CA GLU Q 339 -13.17 -39.62 47.17
C GLU Q 339 -12.05 -38.72 47.68
N ALA Q 340 -10.87 -39.25 47.94
CA ALA Q 340 -9.78 -38.39 48.36
C ALA Q 340 -9.20 -37.58 47.20
N HIS Q 341 -9.28 -38.11 45.99
CA HIS Q 341 -8.69 -37.46 44.82
C HIS Q 341 -9.76 -36.57 44.19
N LYS Q 342 -9.79 -35.32 44.65
CA LYS Q 342 -10.86 -34.37 44.31
C LYS Q 342 -10.22 -32.99 44.27
N GLY Q 343 -9.85 -32.52 43.07
CA GLY Q 343 -9.13 -31.28 42.93
C GLY Q 343 -10.01 -30.11 42.53
N PRO Q 344 -9.39 -28.96 42.25
CA PRO Q 344 -10.18 -27.74 42.02
C PRO Q 344 -10.79 -27.65 40.63
N VAL Q 345 -10.12 -28.22 39.63
CA VAL Q 345 -10.58 -28.12 38.25
C VAL Q 345 -11.76 -29.06 37.98
N THR Q 346 -11.89 -30.15 38.73
CA THR Q 346 -12.71 -31.28 38.30
C THR Q 346 -13.90 -31.55 39.21
N GLY Q 347 -14.38 -30.55 39.94
CA GLY Q 347 -15.65 -30.69 40.64
C GLY Q 347 -15.59 -31.65 41.82
N GLU Q 348 -16.54 -32.58 41.88
CA GLU Q 348 -16.63 -33.55 42.96
C GLU Q 348 -15.62 -34.67 42.83
N GLY Q 349 -14.88 -34.75 41.72
CA GLY Q 349 -13.86 -35.75 41.56
C GLY Q 349 -14.45 -37.14 41.36
N HIS Q 350 -13.83 -38.14 41.96
CA HIS Q 350 -14.15 -39.52 41.68
C HIS Q 350 -15.32 -40.07 42.51
N LYS Q 351 -16.21 -39.21 43.01
CA LYS Q 351 -17.49 -39.69 43.53
C LYS Q 351 -18.30 -40.36 42.44
N GLY Q 352 -19.02 -41.42 42.83
CA GLY Q 352 -19.79 -42.18 41.90
C GLY Q 352 -19.03 -43.27 41.19
N MET Q 353 -17.70 -43.24 41.21
CA MET Q 353 -16.91 -44.24 40.50
C MET Q 353 -16.94 -45.58 41.20
N TYR Q 354 -17.02 -45.58 42.54
CA TYR Q 354 -17.17 -46.83 43.25
C TYR Q 354 -18.57 -47.42 43.04
N GLU Q 355 -19.57 -46.54 42.93
CA GLU Q 355 -20.95 -46.99 42.85
C GLU Q 355 -21.25 -47.67 41.53
N ILE Q 356 -20.70 -47.17 40.42
CA ILE Q 356 -21.01 -47.79 39.14
C ILE Q 356 -20.12 -49.00 38.88
N PHE Q 357 -18.90 -48.99 39.41
CA PHE Q 357 -18.01 -50.13 39.22
C PHE Q 357 -18.36 -51.30 40.15
N THR Q 358 -19.29 -51.12 41.08
CA THR Q 358 -19.79 -52.20 41.92
C THR Q 358 -21.25 -52.56 41.66
N THR Q 359 -21.98 -51.76 40.89
CA THR Q 359 -23.37 -52.06 40.61
C THR Q 359 -23.69 -52.29 39.13
N SER Q 360 -22.76 -51.99 38.23
CA SER Q 360 -22.98 -52.16 36.80
C SER Q 360 -22.01 -53.21 36.27
N TRP Q 361 -22.56 -54.30 35.74
CA TRP Q 361 -21.74 -55.28 35.05
C TRP Q 361 -21.19 -54.74 33.73
N HIS Q 362 -21.94 -53.85 33.08
CA HIS Q 362 -21.50 -53.30 31.80
C HIS Q 362 -20.36 -52.31 31.97
N CYS Q 363 -20.34 -51.57 33.06
CA CYS Q 363 -19.23 -50.66 33.34
C CYS Q 363 -17.94 -51.43 33.57
N GLN Q 364 -18.03 -52.57 34.24
CA GLN Q 364 -16.86 -53.41 34.43
C GLN Q 364 -16.46 -54.09 33.13
N LEU Q 365 -17.44 -54.54 32.33
CA LEU Q 365 -17.13 -55.22 31.08
C LEU Q 365 -16.54 -54.27 30.06
N SER Q 366 -17.04 -53.04 30.00
CA SER Q 366 -16.47 -52.05 29.10
C SER Q 366 -15.05 -51.70 29.49
N TRP Q 367 -14.77 -51.61 30.77
CA TRP Q 367 -13.42 -51.26 31.17
C TRP Q 367 -12.46 -52.43 31.06
N ASN Q 368 -12.93 -53.65 31.32
CA ASN Q 368 -12.04 -54.80 31.25
C ASN Q 368 -11.77 -55.21 29.81
N LEU Q 369 -12.73 -54.97 28.90
CA LEU Q 369 -12.47 -55.18 27.47
C LEU Q 369 -11.46 -54.19 26.93
N ALA Q 370 -11.45 -52.97 27.48
CA ALA Q 370 -10.51 -51.96 27.01
C ALA Q 370 -9.08 -52.31 27.37
N TRP Q 371 -8.88 -52.99 28.49
CA TRP Q 371 -7.53 -53.30 28.94
C TRP Q 371 -7.02 -54.63 28.43
N ILE Q 372 -7.90 -55.62 28.26
CA ILE Q 372 -7.47 -56.90 27.67
C ILE Q 372 -7.16 -56.70 26.19
N GLY Q 373 -7.99 -55.92 25.49
CA GLY Q 373 -7.71 -55.62 24.10
C GLY Q 373 -6.45 -54.78 23.94
N SER Q 374 -6.21 -53.85 24.85
CA SER Q 374 -4.97 -53.10 24.80
C SER Q 374 -3.78 -53.97 25.18
N LEU Q 375 -3.98 -54.97 26.02
CA LEU Q 375 -2.90 -55.89 26.37
C LEU Q 375 -2.58 -56.83 25.21
N SER Q 376 -3.62 -57.34 24.53
CA SER Q 376 -3.43 -58.23 23.40
C SER Q 376 -2.69 -57.55 22.26
N ILE Q 377 -2.85 -56.24 22.11
CA ILE Q 377 -2.07 -55.49 21.15
C ILE Q 377 -0.63 -55.36 21.64
N LEU Q 378 -0.45 -55.10 22.94
CA LEU Q 378 0.88 -55.01 23.53
C LEU Q 378 1.62 -56.35 23.51
N VAL Q 379 0.87 -57.46 23.58
CA VAL Q 379 1.46 -58.79 23.45
C VAL Q 379 2.07 -58.96 22.07
N ALA Q 380 1.41 -58.44 21.03
CA ALA Q 380 1.90 -58.56 19.67
C ALA Q 380 3.21 -57.80 19.46
N HIS Q 381 3.32 -56.59 20.03
CA HIS Q 381 4.54 -55.81 19.88
C HIS Q 381 5.69 -56.40 20.68
N HIS Q 382 5.41 -56.98 21.84
CA HIS Q 382 6.48 -57.47 22.69
C HIS Q 382 6.92 -58.88 22.35
N MET Q 383 6.15 -59.63 21.56
CA MET Q 383 6.54 -60.99 21.20
C MET Q 383 7.24 -61.10 19.85
N TYR Q 384 7.10 -60.13 18.96
CA TYR Q 384 7.92 -60.17 17.75
C TYR Q 384 9.33 -59.67 18.03
N SER Q 385 9.46 -58.65 18.86
CA SER Q 385 10.71 -57.92 19.01
C SER Q 385 11.55 -58.43 20.16
N MET Q 386 10.93 -59.06 21.17
CA MET Q 386 11.62 -59.83 22.19
C MET Q 386 11.06 -61.24 22.10
N PRO Q 387 11.48 -62.02 21.11
CA PRO Q 387 10.87 -63.34 20.87
C PRO Q 387 11.16 -64.28 22.02
N PRO Q 388 10.12 -64.78 22.68
CA PRO Q 388 10.32 -65.50 23.95
C PRO Q 388 10.35 -67.01 23.88
N TYR Q 389 10.35 -67.60 22.69
CA TYR Q 389 10.38 -69.03 22.58
C TYR Q 389 11.58 -69.46 21.74
N PRO Q 390 12.13 -70.65 22.00
CA PRO Q 390 13.26 -71.13 21.19
C PRO Q 390 12.83 -71.47 19.76
N TYR Q 391 13.58 -70.95 18.79
CA TYR Q 391 13.34 -71.15 17.36
C TYR Q 391 11.97 -70.66 16.92
N ILE Q 392 11.51 -69.56 17.53
CA ILE Q 392 10.27 -68.95 17.07
C ILE Q 392 10.61 -67.74 16.22
N ALA Q 393 11.77 -67.12 16.46
CA ALA Q 393 12.10 -65.85 15.81
C ALA Q 393 12.47 -66.04 14.35
N THR Q 394 13.05 -67.18 13.99
CA THR Q 394 13.35 -67.49 12.61
C THR Q 394 12.27 -68.32 11.96
N ASP Q 395 11.22 -68.68 12.70
CA ASP Q 395 10.01 -69.23 12.12
C ASP Q 395 9.15 -68.05 11.69
N TYR Q 396 9.41 -67.55 10.48
CA TYR Q 396 8.69 -66.38 9.98
C TYR Q 396 7.19 -66.60 9.75
N PRO Q 397 6.68 -67.78 9.32
CA PRO Q 397 5.22 -67.98 9.38
C PRO Q 397 4.62 -67.91 10.76
N THR Q 398 5.39 -68.18 11.81
CA THR Q 398 4.81 -68.10 13.15
C THR Q 398 4.82 -66.67 13.68
N GLN Q 399 5.90 -65.92 13.42
CA GLN Q 399 6.01 -64.55 13.94
C GLN Q 399 5.00 -63.62 13.31
N LEU Q 400 4.76 -63.78 12.01
CA LEU Q 400 3.78 -62.95 11.33
C LEU Q 400 2.36 -63.30 11.76
N SER Q 401 2.08 -64.59 11.94
CA SER Q 401 0.75 -65.02 12.32
C SER Q 401 0.41 -64.61 13.75
N LEU Q 402 1.39 -64.66 14.66
CA LEU Q 402 1.11 -64.34 16.04
C LEU Q 402 0.95 -62.84 16.26
N PHE Q 403 1.71 -62.02 15.53
CA PHE Q 403 1.50 -60.59 15.57
C PHE Q 403 0.13 -60.23 15.02
N THR Q 404 -0.27 -60.87 13.93
CA THR Q 404 -1.51 -60.52 13.26
C THR Q 404 -2.72 -61.01 14.04
N HIS Q 405 -2.63 -62.21 14.62
CA HIS Q 405 -3.73 -62.75 15.41
C HIS Q 405 -4.00 -61.89 16.64
N HIS Q 406 -2.97 -61.58 17.41
CA HIS Q 406 -3.17 -60.83 18.63
C HIS Q 406 -3.42 -59.36 18.38
N MET Q 407 -3.10 -58.85 17.19
CA MET Q 407 -3.57 -57.53 16.79
C MET Q 407 -5.07 -57.52 16.60
N TRP Q 408 -5.61 -58.49 15.87
CA TRP Q 408 -7.03 -58.51 15.56
C TRP Q 408 -7.88 -58.82 16.77
N ILE Q 409 -7.39 -59.67 17.68
CA ILE Q 409 -8.12 -59.91 18.93
C ILE Q 409 -8.16 -58.64 19.75
N GLY Q 410 -7.06 -57.89 19.78
CA GLY Q 410 -7.01 -56.67 20.55
C GLY Q 410 -7.90 -55.58 20.00
N GLY Q 411 -7.99 -55.48 18.66
CA GLY Q 411 -8.85 -54.47 18.08
C GLY Q 411 -10.33 -54.77 18.22
N PHE Q 412 -10.70 -56.05 18.21
CA PHE Q 412 -12.11 -56.40 18.39
C PHE Q 412 -12.58 -56.16 19.81
N LEU Q 413 -11.73 -56.41 20.80
CA LEU Q 413 -12.13 -56.25 22.19
C LEU Q 413 -12.18 -54.78 22.60
N ILE Q 414 -11.36 -53.94 21.97
CA ILE Q 414 -11.41 -52.51 22.24
C ILE Q 414 -12.67 -51.90 21.66
N VAL Q 415 -13.17 -52.43 20.54
CA VAL Q 415 -14.45 -51.99 20.00
C VAL Q 415 -15.59 -52.38 20.94
N GLY Q 416 -15.51 -53.57 21.54
CA GLY Q 416 -16.47 -53.99 22.53
C GLY Q 416 -16.45 -53.17 23.80
N ALA Q 417 -15.31 -52.54 24.11
CA ALA Q 417 -15.26 -51.61 25.22
C ALA Q 417 -16.16 -50.40 24.98
N GLY Q 418 -16.15 -49.88 23.76
CA GLY Q 418 -17.02 -48.78 23.43
C GLY Q 418 -18.47 -49.18 23.30
N ALA Q 419 -18.73 -50.46 23.00
CA ALA Q 419 -20.09 -50.95 22.93
C ALA Q 419 -20.72 -51.00 24.32
N HIS Q 420 -20.03 -51.60 25.28
CA HIS Q 420 -20.61 -51.77 26.60
C HIS Q 420 -20.47 -50.54 27.47
N ALA Q 421 -19.69 -49.55 27.04
CA ALA Q 421 -19.72 -48.25 27.68
C ALA Q 421 -20.94 -47.46 27.24
N ALA Q 422 -21.42 -47.69 26.02
CA ALA Q 422 -22.65 -47.06 25.55
C ALA Q 422 -23.87 -47.80 26.07
N ILE Q 423 -23.74 -49.09 26.36
CA ILE Q 423 -24.83 -49.83 26.99
C ILE Q 423 -25.01 -49.37 28.43
N PHE Q 424 -23.89 -49.09 29.12
CA PHE Q 424 -23.92 -48.56 30.48
C PHE Q 424 -24.65 -47.22 30.53
N MET Q 425 -24.38 -46.34 29.56
CA MET Q 425 -25.02 -45.02 29.54
C MET Q 425 -26.51 -45.13 29.29
N VAL Q 426 -26.94 -46.10 28.48
CA VAL Q 426 -28.36 -46.27 28.19
C VAL Q 426 -29.09 -46.90 29.37
N ARG Q 427 -28.50 -47.94 29.97
CA ARG Q 427 -29.21 -48.78 30.92
C ARG Q 427 -28.87 -48.51 32.38
N ASP Q 428 -27.58 -48.45 32.70
CA ASP Q 428 -27.15 -48.41 34.10
C ASP Q 428 -26.74 -47.03 34.59
N TYR Q 429 -26.67 -46.03 33.72
CA TYR Q 429 -26.31 -44.70 34.16
C TYR Q 429 -27.44 -44.10 34.99
N ASP Q 430 -27.08 -43.43 36.08
CA ASP Q 430 -28.05 -42.88 36.99
C ASP Q 430 -27.70 -41.42 37.27
N PRO Q 431 -28.63 -40.48 37.08
CA PRO Q 431 -28.31 -39.06 37.31
C PRO Q 431 -28.01 -38.72 38.76
N ALA Q 432 -28.62 -39.42 39.71
CA ALA Q 432 -28.38 -39.15 41.12
C ALA Q 432 -27.01 -39.58 41.58
N THR Q 433 -26.39 -40.56 40.91
CA THR Q 433 -25.05 -40.98 41.27
C THR Q 433 -24.01 -39.94 40.84
N HIS Q 434 -24.26 -39.24 39.74
CA HIS Q 434 -23.26 -38.38 39.11
C HIS Q 434 -23.76 -36.94 39.04
N ILE Q 435 -23.52 -36.19 40.11
CA ILE Q 435 -23.75 -34.75 40.13
C ILE Q 435 -22.40 -34.07 40.35
N ASN Q 436 -21.93 -33.35 39.32
CA ASN Q 436 -20.70 -32.57 39.31
C ASN Q 436 -19.44 -33.41 39.59
N ASN Q 437 -19.50 -34.72 39.36
CA ASN Q 437 -18.31 -35.55 39.44
C ASN Q 437 -17.67 -35.65 38.05
N LEU Q 438 -16.75 -36.58 37.86
CA LEU Q 438 -16.04 -36.68 36.59
C LEU Q 438 -16.94 -37.20 35.48
N LEU Q 439 -17.83 -38.14 35.79
CA LEU Q 439 -18.75 -38.63 34.76
C LEU Q 439 -19.79 -37.58 34.41
N ASP Q 440 -20.21 -36.76 35.39
CA ASP Q 440 -21.14 -35.67 35.06
C ASP Q 440 -20.48 -34.61 34.20
N ARG Q 441 -19.22 -34.32 34.45
CA ARG Q 441 -18.57 -33.21 33.77
C ARG Q 441 -18.04 -33.56 32.38
N VAL Q 442 -17.83 -34.84 32.07
CA VAL Q 442 -17.50 -35.20 30.70
C VAL Q 442 -18.72 -35.07 29.81
N ILE Q 443 -19.91 -35.40 30.32
CA ILE Q 443 -21.15 -35.26 29.57
C ILE Q 443 -21.44 -33.79 29.31
N ARG Q 444 -21.14 -32.93 30.28
CA ARG Q 444 -21.44 -31.53 30.14
C ARG Q 444 -20.51 -30.78 29.20
N HIS Q 445 -19.38 -31.36 28.80
CA HIS Q 445 -18.58 -30.72 27.76
C HIS Q 445 -18.28 -31.68 26.61
N ARG Q 446 -19.25 -32.54 26.30
CA ARG Q 446 -19.09 -33.50 25.22
C ARG Q 446 -19.05 -32.85 23.84
N ASP Q 447 -19.62 -31.66 23.66
CA ASP Q 447 -19.45 -30.96 22.39
C ASP Q 447 -18.05 -30.40 22.26
N ALA Q 448 -17.40 -30.07 23.38
CA ALA Q 448 -16.00 -29.68 23.32
C ALA Q 448 -15.11 -30.87 23.03
N ILE Q 449 -15.45 -32.04 23.57
CA ILE Q 449 -14.60 -33.22 23.41
C ILE Q 449 -14.69 -33.74 21.98
N ILE Q 450 -15.91 -33.85 21.46
CA ILE Q 450 -16.11 -34.48 20.17
C ILE Q 450 -15.65 -33.57 19.03
N SER Q 451 -15.93 -32.28 19.12
CA SER Q 451 -15.52 -31.37 18.06
C SER Q 451 -14.01 -31.15 18.05
N HIS Q 452 -13.33 -31.29 19.18
CA HIS Q 452 -11.88 -31.25 19.17
C HIS Q 452 -11.31 -32.54 18.61
N LEU Q 453 -11.90 -33.68 18.98
CA LEU Q 453 -11.51 -34.94 18.38
C LEU Q 453 -11.84 -34.98 16.89
N ASN Q 454 -12.93 -34.32 16.49
CA ASN Q 454 -13.25 -34.16 15.07
C ASN Q 454 -12.14 -33.40 14.34
N TRP Q 455 -11.69 -32.30 14.93
CA TRP Q 455 -10.67 -31.48 14.29
C TRP Q 455 -9.34 -32.21 14.19
N VAL Q 456 -8.95 -32.94 15.24
CA VAL Q 456 -7.65 -33.61 15.21
C VAL Q 456 -7.68 -34.80 14.26
N CYS Q 457 -8.86 -35.35 13.97
CA CYS Q 457 -8.97 -36.40 12.97
C CYS Q 457 -8.81 -35.85 11.55
N ILE Q 458 -9.35 -34.66 11.30
CA ILE Q 458 -9.18 -34.05 9.98
C ILE Q 458 -7.75 -33.57 9.80
N PHE Q 459 -7.15 -33.04 10.87
CA PHE Q 459 -5.74 -32.68 10.83
C PHE Q 459 -4.86 -33.88 10.56
N LEU Q 460 -5.13 -35.00 11.22
CA LEU Q 460 -4.28 -36.18 11.07
C LEU Q 460 -4.48 -36.87 9.74
N GLY Q 461 -5.69 -36.80 9.18
CA GLY Q 461 -5.90 -37.39 7.87
C GLY Q 461 -5.25 -36.60 6.76
N PHE Q 462 -5.33 -35.28 6.84
CA PHE Q 462 -4.66 -34.44 5.86
C PHE Q 462 -3.15 -34.57 5.97
N HIS Q 463 -2.62 -34.48 7.18
CA HIS Q 463 -1.17 -34.46 7.37
C HIS Q 463 -0.56 -35.85 7.52
N SER Q 464 -1.30 -36.92 7.28
CA SER Q 464 -0.66 -38.22 7.10
C SER Q 464 -0.95 -38.82 5.73
N PHE Q 465 -2.23 -38.98 5.37
CA PHE Q 465 -2.57 -39.56 4.07
C PHE Q 465 -2.28 -38.59 2.94
N GLY Q 466 -2.46 -37.29 3.17
CA GLY Q 466 -2.18 -36.31 2.14
C GLY Q 466 -0.71 -36.24 1.76
N LEU Q 467 0.18 -36.61 2.67
CA LEU Q 467 1.59 -36.73 2.34
C LEU Q 467 1.85 -37.91 1.40
N TYR Q 468 1.05 -38.97 1.49
CA TYR Q 468 1.22 -40.10 0.57
C TYR Q 468 0.79 -39.73 -0.84
N VAL Q 469 -0.31 -39.00 -0.99
CA VAL Q 469 -0.76 -38.67 -2.32
C VAL Q 469 -0.04 -37.44 -2.87
N HIS Q 470 0.55 -36.62 -2.00
CA HIS Q 470 1.58 -35.69 -2.44
C HIS Q 470 2.74 -36.44 -3.07
N ASN Q 471 3.15 -37.55 -2.45
CA ASN Q 471 4.29 -38.31 -2.94
C ASN Q 471 3.97 -39.04 -4.23
N ASP Q 472 2.73 -39.55 -4.34
CA ASP Q 472 2.26 -40.17 -5.58
C ASP Q 472 2.29 -39.19 -6.73
N THR Q 473 1.89 -37.95 -6.47
CA THR Q 473 1.83 -36.94 -7.50
C THR Q 473 3.22 -36.45 -7.89
N MET Q 474 4.12 -36.31 -6.91
CA MET Q 474 5.48 -35.87 -7.21
C MET Q 474 6.26 -36.93 -7.96
N ARG Q 475 6.01 -38.20 -7.65
CA ARG Q 475 6.73 -39.28 -8.35
C ARG Q 475 6.20 -39.45 -9.77
N ALA Q 476 4.90 -39.30 -9.96
CA ALA Q 476 4.32 -39.37 -11.31
C ALA Q 476 4.77 -38.17 -12.15
N PHE Q 477 4.91 -37.00 -11.53
CA PHE Q 477 5.44 -35.82 -12.19
C PHE Q 477 6.90 -35.91 -12.57
N GLY Q 478 7.63 -36.93 -12.13
CA GLY Q 478 9.06 -36.91 -12.29
C GLY Q 478 9.74 -35.87 -11.42
N ARG Q 479 9.21 -35.62 -10.23
CA ARG Q 479 9.82 -34.71 -9.26
C ARG Q 479 10.10 -35.46 -7.95
N PRO Q 480 11.06 -36.39 -7.95
CA PRO Q 480 11.32 -37.14 -6.70
C PRO Q 480 12.01 -36.32 -5.64
N GLN Q 481 12.69 -35.23 -6.01
CA GLN Q 481 13.27 -34.32 -5.03
C GLN Q 481 12.22 -33.54 -4.26
N ASP Q 482 10.99 -33.49 -4.76
CA ASP Q 482 9.88 -32.82 -4.10
C ASP Q 482 9.05 -33.75 -3.23
N MET Q 483 9.45 -35.00 -3.09
CA MET Q 483 8.72 -35.97 -2.29
C MET Q 483 9.09 -35.85 -0.82
N PHE Q 484 8.20 -36.36 0.03
CA PHE Q 484 8.54 -36.63 1.42
C PHE Q 484 9.20 -37.99 1.48
N SER Q 485 10.53 -38.01 1.55
CA SER Q 485 11.28 -39.26 1.54
C SER Q 485 12.61 -39.02 2.24
N ASP Q 486 13.40 -40.09 2.36
CA ASP Q 486 14.74 -39.98 2.92
C ASP Q 486 15.69 -39.26 1.97
N THR Q 487 15.39 -39.24 0.68
CA THR Q 487 16.20 -38.56 -0.31
C THR Q 487 15.61 -37.25 -0.78
N GLY Q 488 14.42 -36.89 -0.33
CA GLY Q 488 13.80 -35.64 -0.71
C GLY Q 488 13.63 -34.70 0.46
N ILE Q 489 12.38 -34.36 0.79
CA ILE Q 489 12.07 -33.57 1.97
C ILE Q 489 11.91 -34.54 3.13
N GLN Q 490 12.90 -34.58 4.01
CA GLN Q 490 12.95 -35.61 5.04
C GLN Q 490 12.01 -35.29 6.19
N LEU Q 491 11.29 -36.31 6.65
CA LEU Q 491 10.49 -36.25 7.86
C LEU Q 491 11.06 -37.32 8.76
N GLN Q 492 12.08 -36.97 9.51
CA GLN Q 492 12.74 -37.97 10.33
C GLN Q 492 12.00 -38.11 11.65
N PRO Q 493 11.71 -39.31 12.09
CA PRO Q 493 11.11 -39.48 13.41
C PRO Q 493 12.17 -39.33 14.51
N VAL Q 494 12.47 -38.08 14.87
CA VAL Q 494 13.62 -37.81 15.72
C VAL Q 494 13.36 -38.15 17.18
N PHE Q 495 12.11 -38.17 17.64
CA PHE Q 495 11.84 -38.57 19.01
C PHE Q 495 11.95 -40.08 19.16
N ALA Q 496 11.51 -40.84 18.15
CA ALA Q 496 11.65 -42.28 18.21
C ALA Q 496 13.09 -42.71 17.99
N GLN Q 497 13.85 -41.96 17.20
CA GLN Q 497 15.26 -42.26 17.02
C GLN Q 497 16.06 -41.95 18.29
N TRP Q 498 15.62 -40.95 19.04
CA TRP Q 498 16.28 -40.61 20.30
C TRP Q 498 15.99 -41.64 21.38
N VAL Q 499 14.76 -42.18 21.40
CA VAL Q 499 14.41 -43.23 22.35
C VAL Q 499 15.16 -44.51 22.04
N GLN Q 500 15.37 -44.78 20.75
CA GLN Q 500 16.16 -45.94 20.33
C GLN Q 500 17.62 -45.82 20.76
N ASN Q 501 18.14 -44.59 20.80
CA ASN Q 501 19.52 -44.39 21.24
C ASN Q 501 19.66 -44.66 22.73
N LEU Q 502 18.62 -44.34 23.50
CA LEU Q 502 18.68 -44.58 24.94
C LEU Q 502 18.54 -46.06 25.27
N HIS Q 503 17.80 -46.81 24.46
CA HIS Q 503 17.61 -48.22 24.74
C HIS Q 503 18.73 -49.09 24.20
N ALA Q 504 19.48 -48.60 23.21
CA ALA Q 504 20.65 -49.33 22.73
C ALA Q 504 21.87 -49.06 23.59
N ALA Q 505 21.92 -47.91 24.27
CA ALA Q 505 22.99 -47.56 25.19
C ALA Q 505 22.58 -47.77 26.65
N ALA Q 506 21.71 -48.74 26.91
CA ALA Q 506 21.23 -48.99 28.25
C ALA Q 506 22.10 -49.98 29.02
N ALA Q 507 22.55 -51.03 28.35
CA ALA Q 507 23.39 -52.05 28.99
C ALA Q 507 24.77 -51.47 29.30
N GLY Q 508 25.11 -51.43 30.59
CA GLY Q 508 26.32 -50.79 31.04
C GLY Q 508 26.16 -49.32 31.41
N GLY Q 509 25.03 -48.72 31.06
CA GLY Q 509 24.76 -47.32 31.35
C GLY Q 509 23.68 -47.15 32.39
N THR Q 510 22.45 -46.90 31.95
CA THR Q 510 21.34 -46.68 32.86
C THR Q 510 20.74 -47.98 33.38
N ALA Q 511 21.08 -49.11 32.77
CA ALA Q 511 20.90 -50.44 33.38
C ALA Q 511 22.27 -51.09 33.44
N PRO Q 512 23.05 -50.83 34.50
CA PRO Q 512 24.45 -51.31 34.52
C PRO Q 512 24.61 -52.82 34.60
N ASN Q 513 23.77 -53.50 35.38
CA ASN Q 513 23.96 -54.92 35.63
C ASN Q 513 23.36 -55.82 34.55
N ALA Q 514 22.98 -55.26 33.41
CA ALA Q 514 22.46 -56.05 32.29
C ALA Q 514 23.52 -56.15 31.20
N ALA Q 515 23.64 -57.35 30.62
CA ALA Q 515 24.71 -57.61 29.66
C ALA Q 515 24.42 -56.96 28.31
N ALA Q 516 23.32 -57.34 27.67
CA ALA Q 516 22.91 -56.77 26.40
C ALA Q 516 21.69 -55.89 26.58
N GLY Q 517 21.31 -55.21 25.50
CA GLY Q 517 20.10 -54.42 25.51
C GLY Q 517 18.86 -55.30 25.45
N VAL Q 518 17.71 -54.67 25.69
CA VAL Q 518 16.46 -55.39 25.89
C VAL Q 518 15.98 -56.10 24.62
N SER Q 519 16.40 -55.64 23.44
CA SER Q 519 16.05 -56.23 22.17
C SER Q 519 17.06 -55.74 21.14
N PRO Q 520 17.41 -56.56 20.15
CA PRO Q 520 18.25 -56.05 19.06
C PRO Q 520 17.55 -55.03 18.17
N ALA Q 521 16.22 -54.95 18.24
CA ALA Q 521 15.46 -54.01 17.42
C ALA Q 521 15.78 -52.56 17.75
N PHE Q 522 16.25 -52.28 18.96
CA PHE Q 522 16.60 -50.92 19.35
C PHE Q 522 18.01 -50.52 18.94
N GLY Q 523 18.76 -51.42 18.34
CA GLY Q 523 20.16 -51.15 18.03
C GLY Q 523 21.01 -52.30 18.54
N GLY Q 524 22.09 -52.57 17.81
CA GLY Q 524 22.97 -53.68 18.11
C GLY Q 524 23.42 -54.36 16.83
N ASP Q 525 23.82 -55.61 16.91
CA ASP Q 525 24.21 -56.36 15.73
C ASP Q 525 23.22 -57.48 15.44
N ILE Q 526 23.32 -58.00 14.23
CA ILE Q 526 22.37 -58.95 13.68
C ILE Q 526 22.54 -60.30 14.38
N LEU Q 527 21.47 -60.80 14.98
CA LEU Q 527 21.48 -62.09 15.63
C LEU Q 527 20.88 -63.12 14.67
N ALA Q 528 21.66 -64.14 14.34
CA ALA Q 528 21.28 -65.11 13.33
C ALA Q 528 21.27 -66.51 13.93
N VAL Q 529 20.10 -67.15 13.90
CA VAL Q 529 19.97 -68.60 14.01
C VAL Q 529 20.23 -69.10 12.60
N VAL Q 530 20.34 -70.43 12.41
CA VAL Q 530 21.25 -71.14 11.51
C VAL Q 530 21.55 -70.44 10.19
N GLY Q 531 20.52 -69.98 9.49
CA GLY Q 531 20.77 -69.19 8.30
C GLY Q 531 20.01 -67.88 8.26
N LYS Q 532 19.10 -67.67 9.20
CA LYS Q 532 18.08 -66.64 9.10
C LYS Q 532 18.22 -65.62 10.23
N VAL Q 533 17.79 -64.39 9.95
CA VAL Q 533 17.82 -63.34 10.96
C VAL Q 533 16.73 -63.59 12.00
N ALA Q 534 17.13 -63.61 13.27
CA ALA Q 534 16.15 -63.61 14.34
C ALA Q 534 15.67 -62.20 14.63
N MET Q 535 16.60 -61.28 14.90
CA MET Q 535 16.27 -59.89 15.13
C MET Q 535 17.50 -59.04 14.85
N MET Q 536 17.29 -57.92 14.16
CA MET Q 536 18.31 -56.94 13.85
C MET Q 536 17.75 -55.57 14.21
N PRO Q 537 18.57 -54.52 14.18
CA PRO Q 537 18.02 -53.17 14.37
C PRO Q 537 16.98 -52.79 13.31
N ILE Q 538 15.88 -52.23 13.78
CA ILE Q 538 14.77 -51.83 12.92
C ILE Q 538 14.87 -50.31 12.81
N THR Q 539 15.44 -49.85 11.70
CA THR Q 539 15.66 -48.43 11.49
C THR Q 539 14.35 -47.72 11.20
N LEU Q 540 14.28 -46.46 11.58
CA LEU Q 540 13.10 -45.63 11.40
C LEU Q 540 13.49 -44.41 10.59
N GLY Q 541 13.01 -44.35 9.34
CA GLY Q 541 13.24 -43.21 8.49
C GLY Q 541 11.96 -42.46 8.18
N THR Q 542 11.92 -41.81 7.02
CA THR Q 542 10.75 -41.01 6.64
C THR Q 542 9.53 -41.89 6.39
N ALA Q 543 9.73 -43.08 5.82
CA ALA Q 543 8.62 -43.99 5.58
C ALA Q 543 8.00 -44.50 6.87
N ASP Q 544 8.76 -44.55 7.95
CA ASP Q 544 8.22 -44.96 9.25
C ASP Q 544 7.52 -43.82 9.96
N PHE Q 545 7.95 -42.58 9.73
CA PHE Q 545 7.22 -41.42 10.21
C PHE Q 545 5.83 -41.36 9.60
N LEU Q 546 5.73 -41.65 8.30
CA LEU Q 546 4.45 -41.52 7.59
C LEU Q 546 3.44 -42.54 8.08
N VAL Q 547 3.85 -43.81 8.16
CA VAL Q 547 2.92 -44.86 8.53
C VAL Q 547 2.55 -44.82 10.01
N HIS Q 548 3.41 -44.25 10.87
CA HIS Q 548 3.05 -44.11 12.28
C HIS Q 548 1.99 -43.05 12.48
N HIS Q 549 1.98 -42.02 11.65
CA HIS Q 549 0.93 -41.03 11.72
C HIS Q 549 -0.33 -41.47 11.00
N ILE Q 550 -0.23 -42.46 10.11
CA ILE Q 550 -1.42 -43.15 9.63
C ILE Q 550 -2.08 -43.92 10.76
N HIS Q 551 -1.28 -44.60 11.60
CA HIS Q 551 -1.82 -45.32 12.75
C HIS Q 551 -2.43 -44.38 13.77
N ALA Q 552 -1.79 -43.24 14.01
CA ALA Q 552 -2.36 -42.23 14.90
C ALA Q 552 -3.67 -41.69 14.34
N PHE Q 553 -3.75 -41.54 13.03
CA PHE Q 553 -4.97 -41.05 12.41
C PHE Q 553 -6.10 -42.07 12.51
N THR Q 554 -5.84 -43.32 12.15
CA THR Q 554 -6.92 -44.30 12.10
C THR Q 554 -7.37 -44.74 13.48
N ILE Q 555 -6.53 -44.63 14.49
CA ILE Q 555 -6.97 -44.90 15.85
C ILE Q 555 -7.83 -43.76 16.38
N HIS Q 556 -7.45 -42.50 16.08
CA HIS Q 556 -8.21 -41.35 16.54
C HIS Q 556 -9.60 -41.29 15.93
N VAL Q 557 -9.77 -41.76 14.69
CA VAL Q 557 -11.11 -41.81 14.10
C VAL Q 557 -11.95 -42.89 14.76
N THR Q 558 -11.34 -44.05 15.02
CA THR Q 558 -12.04 -45.13 15.70
C THR Q 558 -12.45 -44.72 17.12
N VAL Q 559 -11.58 -43.98 17.81
CA VAL Q 559 -11.95 -43.40 19.10
C VAL Q 559 -13.09 -42.40 18.92
N LEU Q 560 -13.04 -41.59 17.86
CA LEU Q 560 -14.06 -40.58 17.61
C LEU Q 560 -15.44 -41.19 17.40
N ILE Q 561 -15.51 -42.30 16.66
CA ILE Q 561 -16.79 -42.96 16.43
C ILE Q 561 -17.31 -43.59 17.71
N LEU Q 562 -16.45 -44.25 18.47
CA LEU Q 562 -16.90 -44.94 19.67
C LEU Q 562 -17.15 -44.00 20.83
N LEU Q 563 -16.38 -42.91 20.95
CA LEU Q 563 -16.62 -41.96 22.03
C LEU Q 563 -17.85 -41.11 21.76
N LYS Q 564 -18.15 -40.83 20.49
CA LYS Q 564 -19.40 -40.15 20.15
C LYS Q 564 -20.59 -41.05 20.43
N GLY Q 565 -20.42 -42.37 20.26
CA GLY Q 565 -21.48 -43.30 20.59
C GLY Q 565 -21.75 -43.40 22.07
N VAL Q 566 -20.74 -43.20 22.90
CA VAL Q 566 -20.93 -43.29 24.34
C VAL Q 566 -21.46 -41.97 24.90
N LEU Q 567 -20.87 -40.85 24.49
CA LEU Q 567 -21.24 -39.56 25.05
C LEU Q 567 -22.60 -39.08 24.56
N PHE Q 568 -23.10 -39.61 23.45
CA PHE Q 568 -24.39 -39.20 22.92
C PHE Q 568 -25.40 -40.34 22.91
N ALA Q 569 -25.19 -41.36 23.74
CA ALA Q 569 -26.08 -42.52 23.75
C ALA Q 569 -27.44 -42.18 24.34
N ARG Q 570 -27.48 -41.31 25.34
CA ARG Q 570 -28.73 -41.00 26.01
C ARG Q 570 -29.53 -39.94 25.26
N ASN Q 571 -28.88 -38.90 24.79
CA ASN Q 571 -29.57 -37.82 24.09
C ASN Q 571 -28.58 -37.03 23.27
N SER Q 572 -29.11 -36.19 22.40
CA SER Q 572 -28.34 -35.24 21.62
C SER Q 572 -29.24 -34.05 21.33
N ARG Q 573 -28.70 -33.05 20.62
CA ARG Q 573 -29.52 -31.94 20.19
C ARG Q 573 -30.52 -32.34 19.11
N LEU Q 574 -30.26 -33.44 18.41
CA LEU Q 574 -31.17 -33.98 17.41
C LEU Q 574 -32.25 -34.87 18.03
N ILE Q 575 -31.86 -35.80 18.88
CA ILE Q 575 -32.78 -36.74 19.51
C ILE Q 575 -32.69 -36.55 21.02
N PRO Q 576 -33.56 -35.73 21.61
CA PRO Q 576 -33.48 -35.47 23.06
C PRO Q 576 -33.88 -36.65 23.95
N ASP Q 577 -34.50 -37.70 23.41
CA ASP Q 577 -34.90 -38.86 24.19
C ASP Q 577 -34.32 -40.14 23.58
N LYS Q 578 -33.06 -40.08 23.14
CA LYS Q 578 -32.44 -41.24 22.49
C LYS Q 578 -32.23 -42.39 23.46
N GLY Q 579 -32.05 -42.11 24.75
CA GLY Q 579 -31.94 -43.17 25.73
C GLY Q 579 -33.24 -43.93 25.95
N GLU Q 580 -34.37 -43.29 25.63
CA GLU Q 580 -35.66 -43.99 25.73
C GLU Q 580 -35.83 -45.00 24.61
N LEU Q 581 -35.21 -44.76 23.45
CA LEU Q 581 -35.34 -45.68 22.33
C LEU Q 581 -34.41 -46.88 22.45
N GLY Q 582 -33.44 -46.84 23.34
CA GLY Q 582 -32.62 -47.99 23.66
C GLY Q 582 -31.19 -47.83 23.21
N PHE Q 583 -30.44 -48.92 23.36
CA PHE Q 583 -29.10 -48.98 22.81
C PHE Q 583 -29.13 -49.37 21.35
N ARG Q 584 -30.03 -50.28 20.99
CA ARG Q 584 -30.07 -50.88 19.66
C ARG Q 584 -31.44 -50.63 19.05
N PHE Q 585 -31.51 -49.64 18.17
CA PHE Q 585 -32.70 -49.33 17.41
C PHE Q 585 -32.23 -48.75 16.08
N PRO Q 586 -33.00 -48.92 15.00
CA PRO Q 586 -32.47 -48.52 13.68
C PRO Q 586 -32.35 -47.02 13.48
N CYS Q 587 -33.34 -46.25 13.88
CA CYS Q 587 -33.45 -44.83 13.58
C CYS Q 587 -34.59 -44.27 14.41
N ASP Q 588 -34.88 -43.00 14.19
CA ASP Q 588 -36.11 -42.38 14.66
C ASP Q 588 -36.87 -41.74 13.51
N GLY Q 589 -36.90 -42.44 12.37
CA GLY Q 589 -37.70 -42.01 11.26
C GLY Q 589 -37.00 -41.07 10.32
N PRO Q 590 -37.62 -40.80 9.16
CA PRO Q 590 -37.00 -39.94 8.15
C PRO Q 590 -37.07 -38.46 8.47
N GLY Q 591 -37.70 -38.07 9.57
CA GLY Q 591 -37.80 -36.68 9.95
C GLY Q 591 -36.51 -36.14 10.50
N ARG Q 592 -36.56 -34.85 10.84
CA ARG Q 592 -35.41 -34.04 11.26
C ARG Q 592 -34.29 -34.08 10.22
N GLY Q 593 -34.65 -34.19 8.94
CA GLY Q 593 -33.72 -34.46 7.88
C GLY Q 593 -33.47 -35.93 7.62
N GLY Q 594 -33.61 -36.77 8.63
CA GLY Q 594 -33.25 -38.17 8.56
C GLY Q 594 -32.35 -38.56 9.71
N THR Q 595 -32.75 -39.57 10.47
CA THR Q 595 -32.06 -39.92 11.71
C THR Q 595 -31.59 -41.36 11.70
N CYS Q 596 -31.18 -41.84 10.53
CA CYS Q 596 -30.65 -43.19 10.38
C CYS Q 596 -29.34 -43.34 11.15
N GLN Q 597 -29.21 -44.45 11.89
CA GLN Q 597 -27.98 -44.84 12.60
C GLN Q 597 -27.60 -43.82 13.68
N VAL Q 598 -28.57 -43.42 14.50
CA VAL Q 598 -28.26 -42.54 15.62
C VAL Q 598 -27.96 -43.31 16.90
N SER Q 599 -28.27 -44.59 16.95
CA SER Q 599 -28.17 -45.37 18.19
C SER Q 599 -26.72 -45.61 18.56
N GLY Q 600 -26.52 -46.01 19.82
CA GLY Q 600 -25.21 -46.41 20.27
C GLY Q 600 -24.73 -47.68 19.62
N TRP Q 601 -25.66 -48.56 19.23
CA TRP Q 601 -25.33 -49.78 18.51
C TRP Q 601 -24.73 -49.46 17.15
N ASP Q 602 -25.23 -48.42 16.49
CA ASP Q 602 -24.78 -48.13 15.13
C ASP Q 602 -23.42 -47.46 15.11
N HIS Q 603 -23.00 -46.87 16.23
CA HIS Q 603 -21.63 -46.38 16.34
C HIS Q 603 -20.65 -47.54 16.50
N VAL Q 604 -21.06 -48.62 17.14
CA VAL Q 604 -20.24 -49.83 17.16
C VAL Q 604 -20.15 -50.43 15.77
N PHE Q 605 -21.26 -50.38 15.03
CA PHE Q 605 -21.30 -50.84 13.64
C PHE Q 605 -20.33 -50.05 12.77
N LEU Q 606 -20.34 -48.72 12.89
CA LEU Q 606 -19.42 -47.90 12.13
C LEU Q 606 -18.00 -48.01 12.65
N GLY Q 607 -17.84 -48.20 13.96
CA GLY Q 607 -16.52 -48.34 14.54
C GLY Q 607 -15.82 -49.63 14.17
N LEU Q 608 -16.57 -50.67 13.81
CA LEU Q 608 -15.96 -51.94 13.41
C LEU Q 608 -15.26 -51.81 12.06
N PHE Q 609 -15.82 -51.01 11.15
CA PHE Q 609 -15.18 -50.78 9.87
C PHE Q 609 -13.89 -50.00 10.04
N TRP Q 610 -13.89 -49.01 10.92
CA TRP Q 610 -12.71 -48.18 11.10
C TRP Q 610 -11.65 -48.88 11.93
N MET Q 611 -12.05 -49.79 12.82
CA MET Q 611 -11.09 -50.68 13.46
C MET Q 611 -10.46 -51.60 12.43
N TYR Q 612 -11.27 -52.14 11.51
CA TYR Q 612 -10.75 -52.98 10.43
C TYR Q 612 -9.77 -52.21 9.56
N ASN Q 613 -10.10 -50.97 9.23
CA ASN Q 613 -9.22 -50.11 8.45
C ASN Q 613 -7.94 -49.82 9.22
N SER Q 614 -8.05 -49.62 10.53
CA SER Q 614 -6.89 -49.26 11.34
C SER Q 614 -5.92 -50.42 11.48
N LEU Q 615 -6.43 -51.63 11.67
CA LEU Q 615 -5.56 -52.76 11.94
C LEU Q 615 -5.06 -53.43 10.68
N SER Q 616 -5.76 -53.28 9.55
CA SER Q 616 -5.23 -53.74 8.28
C SER Q 616 -3.94 -53.01 7.92
N ILE Q 617 -3.87 -51.71 8.23
CA ILE Q 617 -2.68 -50.96 7.93
C ILE Q 617 -1.57 -51.28 8.93
N VAL Q 618 -1.93 -51.62 10.16
CA VAL Q 618 -0.95 -52.01 11.17
C VAL Q 618 -0.26 -53.32 10.77
N ILE Q 619 -1.03 -54.31 10.36
CA ILE Q 619 -0.43 -55.58 9.97
C ILE Q 619 0.20 -55.52 8.60
N PHE Q 620 -0.20 -54.57 7.75
CA PHE Q 620 0.51 -54.36 6.49
C PHE Q 620 1.84 -53.68 6.73
N HIS Q 621 1.86 -52.73 7.67
CA HIS Q 621 3.11 -52.10 8.11
C HIS Q 621 4.06 -53.13 8.68
N PHE Q 622 3.56 -54.04 9.51
CA PHE Q 622 4.40 -55.10 10.07
C PHE Q 622 4.92 -56.02 8.99
N SER Q 623 4.05 -56.52 8.12
CA SER Q 623 4.43 -57.52 7.14
C SER Q 623 5.44 -56.97 6.12
N TRP Q 624 5.30 -55.70 5.75
CA TRP Q 624 6.26 -55.15 4.80
C TRP Q 624 7.57 -54.80 5.47
N LYS Q 625 7.53 -54.16 6.65
CA LYS Q 625 8.76 -53.74 7.31
C LYS Q 625 9.61 -54.92 7.79
N MET Q 626 8.98 -56.02 8.18
CA MET Q 626 9.75 -57.19 8.59
C MET Q 626 10.39 -57.89 7.39
N GLN Q 627 9.66 -57.96 6.27
CA GLN Q 627 10.20 -58.63 5.09
C GLN Q 627 11.26 -57.77 4.39
N SER Q 628 11.16 -56.46 4.51
CA SER Q 628 12.06 -55.57 3.80
C SER Q 628 13.31 -55.24 4.59
N ASP Q 629 13.19 -55.10 5.90
CA ASP Q 629 14.26 -54.53 6.69
C ASP Q 629 14.76 -55.42 7.81
N VAL Q 630 14.07 -56.52 8.12
CA VAL Q 630 14.48 -57.37 9.24
C VAL Q 630 14.75 -58.79 8.79
N TRP Q 631 13.72 -59.47 8.29
CA TRP Q 631 13.82 -60.89 8.00
C TRP Q 631 14.62 -61.16 6.74
N GLY Q 632 15.27 -62.31 6.70
CA GLY Q 632 16.00 -62.72 5.53
C GLY Q 632 17.10 -63.69 5.88
N SER Q 633 17.82 -64.11 4.84
CA SER Q 633 18.90 -65.07 5.00
C SER Q 633 20.22 -64.36 5.26
N VAL Q 634 21.06 -64.99 6.07
CA VAL Q 634 22.38 -64.49 6.37
C VAL Q 634 23.41 -65.30 5.58
N SER Q 635 24.37 -64.61 4.99
CA SER Q 635 25.48 -65.26 4.33
C SER Q 635 26.50 -65.72 5.38
N PRO Q 636 27.43 -66.60 5.01
CA PRO Q 636 28.57 -66.86 5.91
C PRO Q 636 29.46 -65.65 6.10
N ASP Q 637 29.49 -64.73 5.14
CA ASP Q 637 30.26 -63.49 5.31
C ASP Q 637 29.60 -62.56 6.33
N GLY Q 638 28.28 -62.66 6.48
CA GLY Q 638 27.58 -61.92 7.51
C GLY Q 638 26.66 -60.81 7.04
N SER Q 639 26.33 -60.75 5.76
CA SER Q 639 25.44 -59.74 5.22
C SER Q 639 24.03 -60.32 5.05
N VAL Q 640 23.03 -59.53 5.40
CA VAL Q 640 21.64 -59.97 5.32
C VAL Q 640 21.10 -59.73 3.92
N SER Q 641 20.52 -60.78 3.33
CA SER Q 641 19.73 -60.67 2.12
C SER Q 641 18.26 -60.71 2.53
N HIS Q 642 17.62 -59.55 2.56
CA HIS Q 642 16.26 -59.44 3.06
C HIS Q 642 15.27 -60.03 2.06
N ILE Q 643 14.05 -60.27 2.54
CA ILE Q 643 13.05 -61.00 1.76
C ILE Q 643 12.56 -60.16 0.59
N THR Q 644 12.27 -58.88 0.80
CA THR Q 644 11.93 -57.98 -0.29
C THR Q 644 12.99 -56.91 -0.52
N ALA Q 645 14.19 -57.11 0.03
CA ALA Q 645 15.44 -56.43 -0.38
C ALA Q 645 15.41 -54.92 -0.16
N GLY Q 646 14.95 -54.52 1.03
CA GLY Q 646 15.08 -53.13 1.44
C GLY Q 646 14.22 -52.14 0.70
N ASN Q 647 13.12 -52.55 0.09
CA ASN Q 647 12.33 -51.66 -0.75
C ASN Q 647 11.30 -50.84 0.04
N PHE Q 648 11.30 -50.92 1.37
CA PHE Q 648 10.31 -50.21 2.16
C PHE Q 648 10.56 -48.70 2.15
N ALA Q 649 11.83 -48.28 2.17
CA ALA Q 649 12.14 -46.86 2.33
C ALA Q 649 11.75 -46.04 1.11
N GLN Q 650 11.72 -46.63 -0.07
CA GLN Q 650 11.39 -45.88 -1.28
C GLN Q 650 10.04 -46.23 -1.88
N SER Q 651 9.43 -47.34 -1.49
CA SER Q 651 8.12 -47.71 -2.02
C SER Q 651 6.97 -47.51 -1.06
N ALA Q 652 7.20 -47.57 0.25
CA ALA Q 652 6.10 -47.39 1.20
C ALA Q 652 5.77 -45.93 1.47
N ILE Q 653 6.23 -45.00 0.63
CA ILE Q 653 5.90 -43.60 0.77
C ILE Q 653 4.81 -43.15 -0.20
N THR Q 654 4.43 -44.00 -1.15
CA THR Q 654 3.33 -43.74 -2.06
C THR Q 654 2.28 -44.83 -1.94
N ILE Q 655 1.06 -44.51 -2.37
CA ILE Q 655 0.01 -45.53 -2.44
C ILE Q 655 0.28 -46.49 -3.58
N ASN Q 656 0.90 -46.01 -4.65
CA ASN Q 656 1.28 -46.85 -5.78
C ASN Q 656 2.31 -47.90 -5.36
N GLY Q 657 3.22 -47.53 -4.46
CA GLY Q 657 4.20 -48.50 -3.98
C GLY Q 657 3.59 -49.54 -3.07
N TRP Q 658 2.60 -49.16 -2.27
CA TRP Q 658 1.85 -50.13 -1.47
C TRP Q 658 1.01 -51.04 -2.35
N LEU Q 659 0.50 -50.52 -3.47
CA LEU Q 659 -0.28 -51.34 -4.38
C LEU Q 659 0.61 -52.28 -5.20
N ARG Q 660 1.72 -51.77 -5.72
CA ARG Q 660 2.58 -52.53 -6.63
C ARG Q 660 3.56 -53.42 -5.89
N ASP Q 661 4.37 -52.85 -5.00
CA ASP Q 661 5.46 -53.58 -4.39
C ASP Q 661 5.04 -54.37 -3.17
N PHE Q 662 3.93 -54.02 -2.52
CA PHE Q 662 3.42 -54.83 -1.44
C PHE Q 662 2.24 -55.70 -1.87
N LEU Q 663 1.22 -55.11 -2.47
CA LEU Q 663 -0.02 -55.84 -2.67
C LEU Q 663 -0.01 -56.66 -3.95
N TRP Q 664 0.52 -56.11 -5.04
CA TRP Q 664 0.61 -56.86 -6.28
C TRP Q 664 1.74 -57.87 -6.24
N ALA Q 665 2.88 -57.49 -5.66
CA ALA Q 665 4.08 -58.33 -5.72
C ALA Q 665 3.96 -59.53 -4.78
N GLN Q 666 3.50 -59.31 -3.55
CA GLN Q 666 3.46 -60.39 -2.58
C GLN Q 666 2.22 -61.26 -2.71
N ALA Q 667 1.26 -60.90 -3.55
CA ALA Q 667 0.12 -61.77 -3.79
C ALA Q 667 0.40 -62.81 -4.87
N SER Q 668 1.60 -62.83 -5.44
CA SER Q 668 1.92 -63.85 -6.43
C SER Q 668 2.01 -65.24 -5.82
N GLN Q 669 2.29 -65.33 -4.51
CA GLN Q 669 2.32 -66.63 -3.86
C GLN Q 669 0.93 -67.19 -3.63
N VAL Q 670 -0.08 -66.34 -3.41
CA VAL Q 670 -1.41 -66.86 -3.14
C VAL Q 670 -2.19 -67.13 -4.43
N ILE Q 671 -1.92 -66.42 -5.52
CA ILE Q 671 -2.63 -66.67 -6.77
C ILE Q 671 -1.94 -67.71 -7.63
N GLY Q 672 -0.69 -68.06 -7.32
CA GLY Q 672 0.00 -69.11 -8.02
C GLY Q 672 0.05 -70.42 -7.28
N SER Q 673 -0.71 -70.57 -6.21
CA SER Q 673 -0.63 -71.71 -5.33
C SER Q 673 -1.53 -72.87 -5.75
N TYR Q 674 -2.24 -72.75 -6.86
CA TYR Q 674 -3.12 -73.83 -7.32
C TYR Q 674 -2.32 -75.04 -7.74
N GLY Q 675 -2.83 -76.23 -7.40
CA GLY Q 675 -2.10 -77.44 -7.67
C GLY Q 675 -0.89 -77.65 -6.81
N SER Q 676 -0.85 -77.04 -5.63
CA SER Q 676 0.25 -77.23 -4.70
C SER Q 676 -0.29 -77.47 -3.29
N ALA Q 677 0.59 -77.49 -2.30
CA ALA Q 677 0.16 -77.66 -0.92
C ALA Q 677 -0.51 -76.42 -0.36
N LEU Q 678 -0.19 -75.23 -0.89
CA LEU Q 678 -0.79 -73.99 -0.45
C LEU Q 678 -2.06 -73.64 -1.22
N SER Q 679 -2.67 -74.62 -1.89
CA SER Q 679 -3.83 -74.35 -2.73
C SER Q 679 -5.08 -74.04 -1.93
N ALA Q 680 -5.13 -74.45 -0.66
CA ALA Q 680 -6.24 -74.03 0.19
C ALA Q 680 -6.21 -72.54 0.46
N TYR Q 681 -5.01 -71.95 0.52
CA TYR Q 681 -4.91 -70.51 0.66
C TYR Q 681 -5.34 -69.78 -0.61
N GLY Q 682 -5.13 -70.40 -1.76
CA GLY Q 682 -5.59 -69.79 -3.01
C GLY Q 682 -7.10 -69.83 -3.13
N LEU Q 683 -7.72 -70.91 -2.67
CA LEU Q 683 -9.18 -71.00 -2.70
C LEU Q 683 -9.80 -70.07 -1.66
N LEU Q 684 -9.19 -69.97 -0.48
CA LEU Q 684 -9.71 -69.10 0.56
C LEU Q 684 -9.45 -67.63 0.27
N PHE Q 685 -8.43 -67.32 -0.53
CA PHE Q 685 -8.23 -65.96 -1.01
C PHE Q 685 -9.39 -65.51 -1.88
N LEU Q 686 -9.83 -66.37 -2.79
CA LEU Q 686 -10.94 -66.05 -3.67
C LEU Q 686 -12.26 -66.09 -2.92
N GLY Q 687 -12.42 -67.07 -2.02
CA GLY Q 687 -13.67 -67.19 -1.28
C GLY Q 687 -13.91 -66.07 -0.31
N ALA Q 688 -12.85 -65.49 0.23
CA ALA Q 688 -13.00 -64.35 1.12
C ALA Q 688 -13.24 -63.07 0.35
N HIS Q 689 -12.72 -62.97 -0.87
CA HIS Q 689 -13.10 -61.87 -1.77
C HIS Q 689 -14.59 -61.92 -2.09
N PHE Q 690 -15.15 -63.13 -2.21
CA PHE Q 690 -16.57 -63.31 -2.46
C PHE Q 690 -17.40 -62.84 -1.28
N VAL Q 691 -17.02 -63.26 -0.06
CA VAL Q 691 -17.81 -62.98 1.14
C VAL Q 691 -17.82 -61.49 1.43
N TRP Q 692 -16.68 -60.83 1.24
CA TRP Q 692 -16.58 -59.39 1.41
C TRP Q 692 -17.47 -58.63 0.44
N ALA Q 693 -17.52 -59.10 -0.81
CA ALA Q 693 -18.40 -58.49 -1.79
C ALA Q 693 -19.86 -58.78 -1.54
N PHE Q 694 -20.14 -59.98 -1.02
CA PHE Q 694 -21.49 -60.38 -0.67
C PHE Q 694 -22.06 -59.50 0.44
N SER Q 695 -21.20 -58.99 1.32
CA SER Q 695 -21.62 -58.10 2.40
C SER Q 695 -22.17 -56.78 1.89
N LEU Q 696 -21.72 -56.33 0.71
CA LEU Q 696 -22.12 -55.02 0.21
C LEU Q 696 -23.57 -55.02 -0.28
N MET Q 697 -24.15 -56.20 -0.53
CA MET Q 697 -25.59 -56.27 -0.77
C MET Q 697 -26.38 -55.86 0.45
N PHE Q 698 -25.94 -56.29 1.64
CA PHE Q 698 -26.62 -55.93 2.87
C PHE Q 698 -26.33 -54.50 3.28
N LEU Q 699 -25.09 -54.05 3.10
CA LEU Q 699 -24.71 -52.74 3.57
C LEU Q 699 -25.24 -51.62 2.69
N PHE Q 700 -25.34 -51.83 1.38
CA PHE Q 700 -25.74 -50.73 0.51
C PHE Q 700 -27.25 -50.66 0.31
N SER Q 701 -28.00 -51.68 0.68
CA SER Q 701 -29.42 -51.73 0.41
C SER Q 701 -30.22 -51.60 1.70
N GLY Q 702 -31.55 -51.63 1.55
CA GLY Q 702 -32.44 -51.55 2.69
C GLY Q 702 -33.57 -52.56 2.56
N ARG Q 703 -34.17 -52.87 3.69
CA ARG Q 703 -35.11 -53.99 3.76
C ARG Q 703 -36.46 -53.70 3.10
N GLY Q 704 -36.78 -52.43 2.83
CA GLY Q 704 -38.05 -52.13 2.17
C GLY Q 704 -38.07 -52.59 0.73
N TYR Q 705 -36.91 -52.64 0.08
CA TYR Q 705 -36.81 -53.32 -1.20
C TYR Q 705 -37.05 -54.81 -1.04
N TRP Q 706 -36.37 -55.43 -0.05
CA TRP Q 706 -36.36 -56.88 0.05
C TRP Q 706 -37.69 -57.42 0.56
N GLN Q 707 -38.42 -56.64 1.34
CA GLN Q 707 -39.74 -57.09 1.79
C GLN Q 707 -40.74 -57.09 0.64
N GLU Q 708 -40.60 -56.13 -0.29
CA GLU Q 708 -41.52 -56.07 -1.42
C GLU Q 708 -41.21 -57.12 -2.47
N LEU Q 709 -39.93 -57.47 -2.64
CA LEU Q 709 -39.58 -58.56 -3.54
C LEU Q 709 -40.08 -59.90 -3.00
N ILE Q 710 -40.10 -60.06 -1.68
CA ILE Q 710 -40.59 -61.29 -1.07
C ILE Q 710 -42.10 -61.42 -1.25
N GLU Q 711 -42.83 -60.30 -1.38
CA GLU Q 711 -44.25 -60.32 -1.73
C GLU Q 711 -44.52 -60.98 -3.07
N SER Q 712 -43.65 -60.74 -4.06
CA SER Q 712 -43.82 -61.42 -5.33
C SER Q 712 -43.34 -62.85 -5.29
N ILE Q 713 -42.57 -63.23 -4.26
CA ILE Q 713 -42.16 -64.62 -4.10
C ILE Q 713 -43.24 -65.42 -3.39
N VAL Q 714 -43.88 -64.83 -2.37
CA VAL Q 714 -44.93 -65.54 -1.65
C VAL Q 714 -46.20 -65.68 -2.50
N TRP Q 715 -46.37 -64.83 -3.51
CA TRP Q 715 -47.47 -65.01 -4.44
C TRP Q 715 -47.27 -66.27 -5.27
N ALA Q 716 -46.04 -66.49 -5.76
CA ALA Q 716 -45.73 -67.71 -6.48
C ALA Q 716 -45.74 -68.93 -5.57
N HIS Q 717 -45.57 -68.74 -4.27
CA HIS Q 717 -45.65 -69.86 -3.33
C HIS Q 717 -47.09 -70.18 -2.96
N ASN Q 718 -47.97 -69.17 -2.94
CA ASN Q 718 -49.39 -69.36 -2.67
C ASN Q 718 -50.16 -69.85 -3.89
N LYS Q 719 -49.66 -69.56 -5.09
CA LYS Q 719 -50.32 -69.91 -6.34
C LYS Q 719 -50.31 -71.43 -6.55
N LEU Q 720 -49.35 -72.12 -5.94
CA LEU Q 720 -49.11 -73.54 -6.21
C LEU Q 720 -49.26 -74.42 -4.98
N LYS Q 721 -48.50 -74.15 -3.93
CA LYS Q 721 -47.93 -75.23 -3.14
C LYS Q 721 -47.47 -74.72 -1.77
N VAL Q 722 -46.37 -75.28 -1.27
CA VAL Q 722 -45.88 -75.57 0.07
C VAL Q 722 -45.82 -74.39 1.06
N ALA Q 723 -46.13 -73.15 0.57
CA ALA Q 723 -45.95 -71.84 1.20
C ALA Q 723 -46.14 -71.79 2.72
N PRO Q 724 -45.21 -71.20 3.46
CA PRO Q 724 -45.09 -71.50 4.88
C PRO Q 724 -46.13 -70.81 5.75
N ALA Q 725 -46.21 -71.28 6.99
CA ALA Q 725 -47.06 -70.63 7.98
C ALA Q 725 -46.30 -69.55 8.74
N ILE Q 726 -45.05 -69.84 9.11
CA ILE Q 726 -44.16 -68.82 9.66
C ILE Q 726 -43.82 -67.88 8.51
N GLN Q 727 -44.41 -66.69 8.53
CA GLN Q 727 -44.50 -65.88 7.32
C GLN Q 727 -43.16 -65.21 7.05
N PRO Q 728 -42.62 -65.32 5.83
CA PRO Q 728 -41.25 -64.85 5.58
C PRO Q 728 -41.16 -63.34 5.52
N ARG Q 729 -40.16 -62.81 6.21
CA ARG Q 729 -39.90 -61.39 6.25
C ARG Q 729 -38.48 -61.12 5.77
N ALA Q 730 -38.25 -59.91 5.27
CA ALA Q 730 -36.88 -59.46 5.15
C ALA Q 730 -36.28 -59.28 6.55
N LEU Q 731 -34.96 -59.30 6.61
CA LEU Q 731 -34.28 -59.04 7.87
C LEU Q 731 -34.57 -57.62 8.35
N SER Q 732 -34.49 -57.41 9.65
CA SER Q 732 -34.70 -56.08 10.20
C SER Q 732 -33.57 -55.15 9.78
N ILE Q 733 -33.76 -53.85 10.02
CA ILE Q 733 -32.77 -52.84 9.64
C ILE Q 733 -31.48 -53.06 10.41
N THR Q 734 -31.59 -53.40 11.69
CA THR Q 734 -30.40 -53.63 12.52
C THR Q 734 -29.69 -54.91 12.12
N GLN Q 735 -30.46 -55.96 11.84
CA GLN Q 735 -29.86 -57.25 11.48
C GLN Q 735 -29.17 -57.18 10.12
N GLY Q 736 -29.77 -56.45 9.16
CA GLY Q 736 -29.12 -56.25 7.88
C GLY Q 736 -27.81 -55.50 7.97
N ARG Q 737 -27.70 -54.60 8.95
CA ARG Q 737 -26.41 -53.98 9.23
C ARG Q 737 -25.48 -54.95 9.94
N ALA Q 738 -26.02 -55.79 10.82
CA ALA Q 738 -25.21 -56.76 11.54
C ALA Q 738 -24.71 -57.86 10.62
N VAL Q 739 -25.57 -58.34 9.71
CA VAL Q 739 -25.17 -59.32 8.72
C VAL Q 739 -24.15 -58.71 7.76
N GLY Q 740 -24.34 -57.44 7.40
CA GLY Q 740 -23.45 -56.79 6.47
C GLY Q 740 -22.06 -56.54 7.05
N VAL Q 741 -21.99 -56.14 8.31
CA VAL Q 741 -20.68 -55.90 8.91
C VAL Q 741 -19.97 -57.20 9.26
N ALA Q 742 -20.71 -58.30 9.48
CA ALA Q 742 -20.07 -59.56 9.81
C ALA Q 742 -19.39 -60.18 8.60
N HIS Q 743 -20.05 -60.15 7.44
CA HIS Q 743 -19.45 -60.69 6.23
C HIS Q 743 -18.37 -59.75 5.68
N PHE Q 744 -18.48 -58.45 5.94
CA PHE Q 744 -17.43 -57.51 5.57
C PHE Q 744 -16.17 -57.79 6.38
N LEU Q 745 -16.32 -58.02 7.68
CA LEU Q 745 -15.16 -58.29 8.52
C LEU Q 745 -14.60 -59.67 8.25
N LEU Q 746 -15.46 -60.67 8.04
CA LEU Q 746 -14.98 -62.02 7.76
C LEU Q 746 -14.28 -62.09 6.41
N GLY Q 747 -14.92 -61.56 5.37
CA GLY Q 747 -14.33 -61.60 4.05
C GLY Q 747 -13.06 -60.77 3.93
N GLY Q 748 -13.00 -59.66 4.67
CA GLY Q 748 -11.84 -58.81 4.59
C GLY Q 748 -10.65 -59.35 5.36
N ILE Q 749 -10.87 -59.90 6.55
CA ILE Q 749 -9.77 -60.41 7.36
C ILE Q 749 -9.26 -61.74 6.81
N ALA Q 750 -10.16 -62.61 6.35
CA ALA Q 750 -9.73 -63.89 5.78
C ALA Q 750 -9.03 -63.73 4.44
N THR Q 751 -9.23 -62.60 3.75
CA THR Q 751 -8.46 -62.33 2.55
C THR Q 751 -7.00 -62.07 2.91
N THR Q 752 -6.78 -61.21 3.91
CA THR Q 752 -5.44 -60.93 4.40
C THR Q 752 -4.81 -62.17 5.02
N TRP Q 753 -5.62 -63.02 5.65
CA TRP Q 753 -5.13 -64.24 6.27
C TRP Q 753 -4.56 -65.22 5.24
N ALA Q 754 -5.30 -65.46 4.17
CA ALA Q 754 -4.82 -66.34 3.12
C ALA Q 754 -3.67 -65.71 2.34
N PHE Q 755 -3.64 -64.38 2.26
CA PHE Q 755 -2.55 -63.70 1.59
C PHE Q 755 -1.29 -63.72 2.43
N PHE Q 756 -1.42 -63.50 3.75
CA PHE Q 756 -0.25 -63.48 4.62
C PHE Q 756 0.38 -64.87 4.71
N LEU Q 757 -0.44 -65.90 4.84
CA LEU Q 757 0.10 -67.23 5.11
C LEU Q 757 0.68 -67.88 3.86
N ALA Q 758 0.04 -67.69 2.70
CA ALA Q 758 0.62 -68.21 1.47
C ALA Q 758 1.90 -67.49 1.09
N ARG Q 759 2.01 -66.21 1.41
CA ARG Q 759 3.24 -65.46 1.14
C ARG Q 759 4.36 -65.92 2.04
N ILE Q 760 4.14 -65.93 3.35
CA ILE Q 760 5.22 -66.14 4.30
C ILE Q 760 5.63 -67.61 4.43
N ILE Q 761 4.78 -68.55 4.03
CA ILE Q 761 5.20 -69.95 4.06
C ILE Q 761 6.12 -70.24 2.89
N ALA Q 762 5.81 -69.67 1.72
CA ALA Q 762 6.61 -69.93 0.53
C ALA Q 762 7.94 -69.17 0.56
N VAL Q 763 7.93 -67.88 0.92
CA VAL Q 763 9.16 -67.09 0.83
C VAL Q 763 9.92 -67.03 2.14
N GLY Q 764 9.32 -67.46 3.24
CA GLY Q 764 9.97 -67.44 4.53
C GLY Q 764 9.75 -68.73 5.30
N ALA R 2 -37.22 -16.29 2.66
CA ALA R 2 -36.93 -16.93 1.38
C ALA R 2 -35.77 -16.26 0.66
N THR R 3 -35.11 -17.02 -0.19
CA THR R 3 -33.98 -16.57 -0.97
C THR R 3 -34.36 -16.54 -2.45
N LYS R 4 -33.42 -16.07 -3.27
CA LYS R 4 -33.63 -16.08 -4.71
C LYS R 4 -33.55 -17.49 -5.27
N PHE R 5 -32.49 -18.21 -4.95
CA PHE R 5 -32.27 -19.55 -5.47
C PHE R 5 -32.91 -20.57 -4.55
N PRO R 6 -33.65 -21.57 -5.08
CA PRO R 6 -33.99 -21.69 -6.50
C PRO R 6 -35.23 -20.90 -6.89
N LYS R 7 -35.18 -20.35 -8.11
CA LYS R 7 -36.26 -19.52 -8.64
C LYS R 7 -37.52 -20.33 -8.88
N PHE R 8 -37.38 -21.61 -9.17
CA PHE R 8 -38.45 -22.46 -9.64
C PHE R 8 -39.16 -23.23 -8.54
N SER R 9 -38.73 -23.08 -7.28
CA SER R 9 -39.29 -23.86 -6.19
C SER R 9 -39.36 -22.98 -4.95
N GLN R 10 -40.57 -22.59 -4.56
CA GLN R 10 -40.74 -21.76 -3.37
C GLN R 10 -40.57 -22.58 -2.10
N ASP R 11 -40.86 -23.89 -2.16
CA ASP R 11 -40.64 -24.76 -1.03
C ASP R 11 -39.16 -24.93 -0.73
N LEU R 12 -38.32 -24.91 -1.75
CA LEU R 12 -36.89 -25.03 -1.54
C LEU R 12 -36.24 -23.69 -1.24
N ALA R 13 -36.75 -22.59 -1.79
CA ALA R 13 -36.16 -21.29 -1.55
C ALA R 13 -36.41 -20.78 -0.13
N SER R 14 -37.36 -21.36 0.60
CA SER R 14 -37.59 -21.00 1.98
C SER R 14 -36.86 -21.92 2.97
N ASP R 15 -36.21 -22.96 2.49
CA ASP R 15 -35.39 -23.84 3.31
C ASP R 15 -34.20 -23.05 3.85
N PRO R 16 -34.00 -23.01 5.17
CA PRO R 16 -32.90 -22.23 5.75
C PRO R 16 -31.57 -22.97 5.84
N THR R 17 -31.49 -24.21 5.38
CA THR R 17 -30.29 -25.00 5.53
C THR R 17 -29.54 -25.11 4.21
N THR R 18 -28.43 -25.85 4.23
CA THR R 18 -27.65 -26.11 3.03
C THR R 18 -28.32 -27.12 2.11
N ARG R 19 -29.40 -27.76 2.54
CA ARG R 19 -30.16 -28.66 1.69
C ARG R 19 -30.80 -27.93 0.52
N ARG R 20 -31.12 -26.63 0.68
CA ARG R 20 -31.72 -25.84 -0.39
C ARG R 20 -30.80 -25.73 -1.59
N ILE R 21 -29.50 -25.56 -1.36
CA ILE R 21 -28.52 -25.44 -2.45
C ILE R 21 -28.41 -26.76 -3.20
N TRP R 22 -28.33 -27.88 -2.47
CA TRP R 22 -28.20 -29.19 -3.09
C TRP R 22 -29.42 -29.57 -3.89
N TYR R 23 -30.61 -29.35 -3.32
CA TYR R 23 -31.84 -29.78 -3.99
C TYR R 23 -32.20 -28.85 -5.13
N GLY R 24 -31.77 -27.58 -5.07
CA GLY R 24 -31.97 -26.69 -6.19
C GLY R 24 -31.15 -27.08 -7.41
N ILE R 25 -29.95 -27.63 -7.19
CA ILE R 25 -29.16 -28.15 -8.28
C ILE R 25 -29.80 -29.42 -8.83
N ALA R 26 -30.32 -30.27 -7.95
CA ALA R 26 -30.78 -31.59 -8.35
C ALA R 26 -32.14 -31.60 -9.03
N THR R 27 -32.95 -30.57 -8.83
CA THR R 27 -34.29 -30.50 -9.41
C THR R 27 -34.41 -29.43 -10.47
N ALA R 28 -33.29 -28.91 -10.96
CA ALA R 28 -33.33 -27.78 -11.89
C ALA R 28 -33.85 -28.18 -13.27
N HIS R 29 -33.63 -29.42 -13.68
CA HIS R 29 -34.07 -29.85 -14.99
C HIS R 29 -35.34 -30.70 -14.94
N ASP R 30 -35.91 -30.91 -13.76
CA ASP R 30 -37.24 -31.51 -13.64
C ASP R 30 -38.26 -30.39 -13.83
N PHE R 31 -38.57 -30.11 -15.10
CA PHE R 31 -39.33 -28.92 -15.44
C PHE R 31 -40.79 -29.02 -15.02
N GLU R 32 -41.34 -30.23 -14.93
CA GLU R 32 -42.74 -30.39 -14.53
C GLU R 32 -42.98 -30.08 -13.06
N SER R 33 -41.96 -30.18 -12.22
CA SER R 33 -42.12 -29.92 -10.79
C SER R 33 -42.05 -28.45 -10.44
N HIS R 34 -41.80 -27.58 -11.41
CA HIS R 34 -41.55 -26.18 -11.12
C HIS R 34 -42.85 -25.42 -10.87
N ASP R 35 -42.73 -24.27 -10.20
CA ASP R 35 -43.90 -23.50 -9.81
C ASP R 35 -44.53 -22.82 -11.02
N GLY R 36 -45.83 -23.02 -11.19
CA GLY R 36 -46.56 -22.39 -12.27
C GLY R 36 -46.24 -22.92 -13.64
N MET R 37 -45.84 -24.18 -13.74
CA MET R 37 -45.47 -24.76 -15.03
C MET R 37 -46.74 -25.21 -15.75
N THR R 38 -47.14 -24.48 -16.77
CA THR R 38 -48.18 -24.96 -17.66
C THR R 38 -47.60 -25.98 -18.62
N GLU R 39 -48.49 -26.68 -19.34
CA GLU R 39 -48.04 -27.79 -20.18
C GLU R 39 -47.28 -27.32 -21.41
N GLU R 40 -47.64 -26.18 -21.99
CA GLU R 40 -46.96 -25.74 -23.19
C GLU R 40 -45.82 -24.80 -22.92
N ASN R 41 -45.75 -24.20 -21.73
CA ASN R 41 -44.50 -23.59 -21.29
C ASN R 41 -43.47 -24.66 -20.98
N LEU R 42 -43.93 -25.85 -20.58
CA LEU R 42 -43.04 -26.99 -20.39
C LEU R 42 -42.41 -27.43 -21.70
N TYR R 43 -43.24 -27.62 -22.74
CA TYR R 43 -42.74 -28.08 -24.03
C TYR R 43 -41.84 -27.04 -24.70
N GLN R 44 -42.11 -25.75 -24.48
CA GLN R 44 -41.27 -24.72 -25.09
C GLN R 44 -39.91 -24.61 -24.42
N LYS R 45 -39.85 -24.84 -23.10
CA LYS R 45 -38.57 -24.83 -22.41
C LYS R 45 -37.75 -26.07 -22.76
N ILE R 46 -38.41 -27.20 -22.96
CA ILE R 46 -37.72 -28.41 -23.41
C ILE R 46 -37.17 -28.22 -24.81
N PHE R 47 -37.94 -27.55 -25.68
CA PHE R 47 -37.56 -27.35 -27.07
C PHE R 47 -36.30 -26.49 -27.17
N ALA R 48 -36.25 -25.40 -26.41
CA ALA R 48 -35.06 -24.56 -26.40
C ALA R 48 -33.89 -25.22 -25.71
N SER R 49 -34.16 -26.09 -24.73
CA SER R 49 -33.11 -26.86 -24.09
C SER R 49 -32.47 -27.84 -25.06
N HIS R 50 -33.26 -28.38 -25.98
CA HIS R 50 -32.72 -29.27 -26.99
C HIS R 50 -31.86 -28.53 -28.00
N PHE R 51 -32.17 -27.26 -28.26
CA PHE R 51 -31.29 -26.44 -29.09
C PHE R 51 -29.95 -26.19 -28.41
N GLY R 52 -29.95 -26.05 -27.08
CA GLY R 52 -28.70 -25.87 -26.37
C GLY R 52 -27.87 -27.13 -26.30
N HIS R 53 -28.53 -28.29 -26.14
CA HIS R 53 -27.80 -29.55 -26.11
C HIS R 53 -27.21 -29.90 -27.48
N LEU R 54 -27.90 -29.53 -28.55
CA LEU R 54 -27.38 -29.74 -29.90
C LEU R 54 -26.14 -28.90 -30.15
N ALA R 55 -26.16 -27.66 -29.68
CA ALA R 55 -25.03 -26.77 -29.89
C ALA R 55 -23.81 -27.19 -29.07
N ILE R 56 -24.03 -27.87 -27.95
CA ILE R 56 -22.92 -28.38 -27.15
C ILE R 56 -22.24 -29.53 -27.87
N ILE R 57 -23.04 -30.38 -28.54
CA ILE R 57 -22.48 -31.48 -29.33
C ILE R 57 -21.68 -30.95 -30.51
N PHE R 58 -22.17 -29.89 -31.17
CA PHE R 58 -21.45 -29.35 -32.32
C PHE R 58 -20.19 -28.60 -31.90
N LEU R 59 -20.19 -27.99 -30.72
CA LEU R 59 -18.96 -27.37 -30.23
C LEU R 59 -17.98 -28.41 -29.72
N TRP R 60 -18.48 -29.55 -29.24
CA TRP R 60 -17.60 -30.63 -28.82
C TRP R 60 -16.90 -31.28 -30.00
N THR R 61 -17.63 -31.50 -31.10
CA THR R 61 -17.03 -32.02 -32.32
C THR R 61 -16.07 -31.01 -32.92
N SER R 62 -16.40 -29.72 -32.85
CA SER R 62 -15.54 -28.69 -33.39
C SER R 62 -14.23 -28.60 -32.63
N GLY R 63 -14.27 -28.82 -31.31
CA GLY R 63 -13.05 -28.81 -30.54
C GLY R 63 -12.19 -30.03 -30.77
N ASN R 64 -12.81 -31.16 -31.10
CA ASN R 64 -12.05 -32.33 -31.50
C ASN R 64 -11.32 -32.10 -32.81
N LEU R 65 -12.00 -31.49 -33.78
CA LEU R 65 -11.39 -31.19 -35.06
C LEU R 65 -10.31 -30.12 -34.92
N PHE R 66 -10.57 -29.10 -34.10
CA PHE R 66 -9.64 -27.99 -33.99
C PHE R 66 -8.35 -28.40 -33.30
N HIS R 67 -8.44 -29.22 -32.25
CA HIS R 67 -7.24 -29.60 -31.52
C HIS R 67 -6.41 -30.61 -32.28
N VAL R 68 -7.04 -31.47 -33.08
CA VAL R 68 -6.29 -32.35 -33.97
C VAL R 68 -5.63 -31.55 -35.09
N ALA R 69 -6.31 -30.52 -35.60
CA ALA R 69 -5.73 -29.70 -36.64
C ALA R 69 -4.61 -28.80 -36.11
N TRP R 70 -4.76 -28.31 -34.88
CA TRP R 70 -3.80 -27.39 -34.32
C TRP R 70 -2.60 -28.10 -33.71
N GLN R 71 -2.85 -29.15 -32.93
CA GLN R 71 -1.80 -29.77 -32.15
C GLN R 71 -1.55 -31.23 -32.50
N GLY R 72 -2.39 -31.85 -33.32
CA GLY R 72 -2.23 -33.24 -33.65
C GLY R 72 -1.20 -33.46 -34.75
N ASN R 73 -1.19 -34.69 -35.24
CA ASN R 73 -0.29 -35.10 -36.31
C ASN R 73 -1.06 -35.81 -37.42
N PHE R 74 -2.20 -35.25 -37.81
CA PHE R 74 -3.09 -35.91 -38.75
C PHE R 74 -2.48 -36.04 -40.14
N GLN R 75 -1.68 -35.07 -40.56
CA GLN R 75 -1.05 -35.15 -41.87
C GLN R 75 0.07 -36.19 -41.88
N GLN R 76 0.87 -36.27 -40.82
CA GLN R 76 1.86 -37.33 -40.73
C GLN R 76 1.24 -38.68 -40.46
N TRP R 77 0.01 -38.73 -39.94
CA TRP R 77 -0.62 -40.01 -39.63
C TRP R 77 -1.17 -40.69 -40.87
N VAL R 78 -1.67 -39.93 -41.84
CA VAL R 78 -2.26 -40.56 -43.01
C VAL R 78 -1.19 -41.16 -43.94
N LYS R 79 0.06 -40.71 -43.83
CA LYS R 79 1.13 -41.32 -44.61
C LYS R 79 1.48 -42.70 -44.09
N ASP R 80 1.26 -42.95 -42.80
CA ASP R 80 1.58 -44.24 -42.18
C ASP R 80 0.67 -44.46 -40.99
N PRO R 81 -0.57 -44.91 -41.23
CA PRO R 81 -1.51 -45.10 -40.13
C PRO R 81 -1.28 -46.37 -39.32
N LEU R 82 -0.23 -47.15 -39.58
CA LEU R 82 -0.02 -48.37 -38.83
C LEU R 82 1.00 -48.22 -37.72
N ASN R 83 1.91 -47.25 -37.81
CA ASN R 83 2.93 -47.08 -36.80
C ASN R 83 3.03 -45.66 -36.23
N ILE R 84 2.23 -44.73 -36.72
CA ILE R 84 2.14 -43.40 -36.13
C ILE R 84 1.00 -43.41 -35.11
N SER R 85 1.29 -42.94 -33.91
CA SER R 85 0.13 -42.88 -33.04
C SER R 85 -0.57 -41.54 -33.20
N PRO R 86 -1.90 -41.54 -33.19
CA PRO R 86 -2.64 -40.28 -33.30
C PRO R 86 -2.46 -39.43 -32.05
N ILE R 87 -2.54 -38.12 -32.23
CA ILE R 87 -2.39 -37.17 -31.14
C ILE R 87 -3.75 -36.56 -30.84
N ALA R 88 -4.17 -36.63 -29.57
CA ALA R 88 -5.43 -36.01 -29.17
C ALA R 88 -5.27 -34.50 -29.06
N HIS R 89 -4.40 -34.05 -28.19
CA HIS R 89 -4.13 -32.63 -28.00
C HIS R 89 -2.78 -32.50 -27.32
N ALA R 90 -2.34 -31.26 -27.14
CA ALA R 90 -1.12 -31.02 -26.41
C ALA R 90 -1.41 -30.95 -24.91
N ILE R 91 -0.37 -31.19 -24.12
CA ILE R 91 -0.44 -31.08 -22.67
C ILE R 91 0.16 -29.74 -22.27
N TRP R 92 -0.57 -29.01 -21.44
CA TRP R 92 -0.01 -27.85 -20.75
C TRP R 92 -0.30 -28.04 -19.26
N ASP R 93 0.68 -28.62 -18.56
CA ASP R 93 0.59 -28.82 -17.12
C ASP R 93 1.86 -28.24 -16.52
N PRO R 94 1.78 -27.07 -15.87
CA PRO R 94 3.00 -26.46 -15.29
C PRO R 94 3.60 -27.25 -14.13
N GLN R 95 2.87 -28.19 -13.56
CA GLN R 95 3.37 -28.94 -12.43
C GLN R 95 4.22 -30.14 -12.85
N PHE R 96 4.37 -30.38 -14.16
CA PHE R 96 5.24 -31.44 -14.65
C PHE R 96 6.69 -31.18 -14.30
N GLY R 97 7.40 -32.23 -13.94
CA GLY R 97 8.84 -32.18 -13.96
C GLY R 97 9.37 -32.40 -15.35
N GLN R 98 10.68 -32.23 -15.49
CA GLN R 98 11.28 -32.23 -16.82
C GLN R 98 11.35 -33.63 -17.42
N SER R 99 11.41 -34.67 -16.59
CA SER R 99 11.37 -36.03 -17.13
C SER R 99 9.96 -36.49 -17.46
N ALA R 100 8.93 -35.78 -16.99
CA ALA R 100 7.58 -36.03 -17.47
C ALA R 100 7.30 -35.31 -18.79
N VAL R 101 8.00 -34.21 -19.06
CA VAL R 101 7.89 -33.56 -20.35
C VAL R 101 8.47 -34.45 -21.44
N GLU R 102 9.60 -35.11 -21.15
CA GLU R 102 10.20 -36.02 -22.13
C GLU R 102 9.42 -37.33 -22.23
N ALA R 103 8.76 -37.75 -21.16
CA ALA R 103 7.98 -39.00 -21.22
C ALA R 103 6.70 -38.84 -22.03
N PHE R 104 6.11 -37.65 -22.04
CA PHE R 104 4.90 -37.41 -22.79
C PHE R 104 5.16 -36.75 -24.14
N SER R 105 6.40 -36.39 -24.45
CA SER R 105 6.76 -35.95 -25.80
C SER R 105 6.91 -37.20 -26.64
N GLN R 106 5.80 -37.63 -27.23
CA GLN R 106 5.70 -38.91 -27.92
C GLN R 106 4.99 -38.69 -29.26
N ALA R 107 4.75 -39.81 -29.95
CA ALA R 107 4.10 -39.86 -31.27
C ALA R 107 4.80 -38.97 -32.30
N GLY R 108 6.12 -38.89 -32.20
CA GLY R 108 6.88 -38.04 -33.11
C GLY R 108 6.70 -36.56 -32.90
N ALA R 109 6.30 -36.14 -31.70
CA ALA R 109 6.16 -34.73 -31.38
C ALA R 109 7.23 -34.33 -30.36
N ASN R 110 7.66 -33.09 -30.43
CA ASN R 110 8.64 -32.53 -29.50
C ASN R 110 7.98 -31.65 -28.44
N TYR R 111 6.70 -31.88 -28.17
CA TYR R 111 5.98 -31.25 -27.08
C TYR R 111 5.13 -32.34 -26.44
N PRO R 112 4.74 -32.18 -25.17
CA PRO R 112 3.94 -33.23 -24.51
C PRO R 112 2.55 -33.35 -25.11
N VAL R 113 2.17 -34.58 -25.45
CA VAL R 113 0.90 -34.86 -26.12
C VAL R 113 0.22 -36.03 -25.45
N ASP R 114 -1.08 -36.13 -25.71
CA ASP R 114 -1.86 -37.32 -25.41
C ASP R 114 -2.12 -38.10 -26.69
N ILE R 115 -1.95 -39.41 -26.60
CA ILE R 115 -2.26 -40.30 -27.72
C ILE R 115 -3.76 -40.50 -27.78
N ALA R 116 -4.38 -40.08 -28.88
CA ALA R 116 -5.82 -40.22 -29.03
C ALA R 116 -6.24 -41.68 -29.13
N TYR R 117 -7.33 -42.03 -28.45
CA TYR R 117 -7.89 -43.38 -28.53
C TYR R 117 -9.38 -43.36 -28.87
N SER R 118 -9.91 -42.21 -29.32
CA SER R 118 -11.31 -42.10 -29.67
C SER R 118 -11.61 -42.60 -31.07
N GLY R 119 -10.60 -42.77 -31.92
CA GLY R 119 -10.83 -43.21 -33.28
C GLY R 119 -11.20 -42.12 -34.25
N VAL R 120 -11.02 -40.85 -33.89
CA VAL R 120 -11.40 -39.78 -34.80
C VAL R 120 -10.44 -39.67 -35.99
N TYR R 121 -9.21 -40.16 -35.85
CA TYR R 121 -8.30 -40.18 -36.99
C TYR R 121 -8.75 -41.19 -38.03
N HIS R 122 -9.10 -42.39 -37.59
CA HIS R 122 -9.54 -43.44 -38.49
C HIS R 122 -10.87 -43.11 -39.14
N TRP R 123 -11.70 -42.32 -38.47
CA TRP R 123 -12.99 -41.93 -39.02
C TRP R 123 -12.83 -40.81 -40.04
N TRP R 124 -12.05 -39.78 -39.70
CA TRP R 124 -11.88 -38.66 -40.61
C TRP R 124 -11.03 -39.02 -41.82
N TYR R 125 -10.17 -40.03 -41.71
CA TYR R 125 -9.40 -40.47 -42.87
C TYR R 125 -10.25 -41.25 -43.85
N THR R 126 -11.17 -42.08 -43.33
CA THR R 126 -12.01 -42.89 -44.19
C THR R 126 -13.03 -42.05 -44.95
N ILE R 127 -13.53 -40.97 -44.35
CA ILE R 127 -14.55 -40.15 -45.00
C ILE R 127 -13.94 -39.06 -45.88
N GLY R 128 -12.62 -39.02 -46.02
CA GLY R 128 -11.99 -38.25 -47.08
C GLY R 128 -11.09 -37.12 -46.64
N MET R 129 -11.01 -36.80 -45.35
CA MET R 129 -10.15 -35.71 -44.91
C MET R 129 -8.70 -36.14 -44.94
N ARG R 130 -7.82 -35.22 -45.35
CA ARG R 130 -6.41 -35.54 -45.53
C ARG R 130 -5.46 -34.52 -44.92
N THR R 131 -5.87 -33.28 -44.70
CA THR R 131 -4.99 -32.23 -44.23
C THR R 131 -5.57 -31.58 -42.98
N ALA R 132 -4.73 -30.83 -42.29
CA ALA R 132 -5.19 -30.02 -41.17
C ALA R 132 -6.08 -28.87 -41.61
N GLY R 133 -5.93 -28.41 -42.85
CA GLY R 133 -6.85 -27.41 -43.38
C GLY R 133 -8.22 -27.97 -43.65
N ASP R 134 -8.32 -29.28 -43.91
CA ASP R 134 -9.62 -29.93 -44.04
C ASP R 134 -10.37 -29.92 -42.71
N LEU R 135 -9.69 -30.31 -41.63
CA LEU R 135 -10.33 -30.35 -40.32
C LEU R 135 -10.59 -28.96 -39.79
N TYR R 136 -9.80 -27.98 -40.21
CA TYR R 136 -9.98 -26.62 -39.73
C TYR R 136 -11.24 -25.98 -40.30
N GLY R 137 -11.51 -26.20 -41.59
CA GLY R 137 -12.75 -25.73 -42.17
C GLY R 137 -13.95 -26.51 -41.64
N GLY R 138 -13.73 -27.77 -41.26
CA GLY R 138 -14.78 -28.49 -40.57
C GLY R 138 -15.01 -27.97 -39.16
N ALA R 139 -13.94 -27.50 -38.51
CA ALA R 139 -14.08 -26.95 -37.17
C ALA R 139 -14.79 -25.61 -37.20
N LEU R 140 -14.47 -24.76 -38.18
CA LEU R 140 -15.13 -23.47 -38.29
C LEU R 140 -16.60 -23.63 -38.65
N PHE R 141 -16.93 -24.68 -39.43
CA PHE R 141 -18.31 -24.86 -39.86
C PHE R 141 -19.20 -25.33 -38.71
N LEU R 142 -18.70 -26.17 -37.82
CA LEU R 142 -19.50 -26.58 -36.67
C LEU R 142 -19.65 -25.50 -35.62
N MET R 143 -18.77 -24.49 -35.65
CA MET R 143 -18.91 -23.35 -34.74
C MET R 143 -20.00 -22.40 -35.20
N ILE R 144 -20.13 -22.18 -36.51
CA ILE R 144 -21.22 -21.32 -36.97
C ILE R 144 -22.52 -22.11 -36.95
N MET R 145 -22.46 -23.42 -37.12
CA MET R 145 -23.64 -24.26 -36.98
C MET R 145 -24.17 -24.26 -35.55
N ALA R 146 -23.25 -24.31 -34.58
CA ALA R 146 -23.65 -24.22 -33.19
C ALA R 146 -24.22 -22.85 -32.86
N ALA R 147 -23.68 -21.80 -33.47
CA ALA R 147 -24.24 -20.46 -33.30
C ALA R 147 -25.61 -20.34 -33.93
N VAL R 148 -25.88 -21.11 -34.98
CA VAL R 148 -27.20 -21.13 -35.61
C VAL R 148 -28.21 -21.76 -34.67
N PHE R 149 -27.85 -22.90 -34.06
CA PHE R 149 -28.76 -23.59 -33.15
C PHE R 149 -28.93 -22.83 -31.84
N LEU R 150 -27.91 -22.10 -31.39
CA LEU R 150 -28.07 -21.26 -30.21
C LEU R 150 -29.00 -20.10 -30.48
N PHE R 151 -28.91 -19.50 -31.66
CA PHE R 151 -29.82 -18.41 -32.02
C PHE R 151 -31.23 -18.94 -32.24
N ALA R 152 -31.35 -20.15 -32.80
CA ALA R 152 -32.65 -20.75 -33.02
C ALA R 152 -33.37 -21.07 -31.72
N GLY R 153 -32.62 -21.43 -30.68
CA GLY R 153 -33.25 -21.65 -29.39
C GLY R 153 -33.71 -20.37 -28.74
N TRP R 154 -32.94 -19.29 -28.90
CA TRP R 154 -33.35 -18.00 -28.39
C TRP R 154 -34.55 -17.47 -29.18
N LEU R 155 -34.56 -17.69 -30.50
CA LEU R 155 -35.64 -17.20 -31.34
C LEU R 155 -36.95 -17.91 -31.04
N HIS R 156 -36.90 -19.21 -30.81
CA HIS R 156 -38.13 -19.95 -30.54
C HIS R 156 -38.58 -19.86 -29.09
N LEU R 157 -37.96 -19.00 -28.27
CA LEU R 157 -38.51 -18.56 -27.00
C LEU R 157 -39.10 -17.17 -27.06
N GLN R 158 -38.87 -16.45 -28.16
CA GLN R 158 -39.50 -15.15 -28.35
C GLN R 158 -40.99 -15.35 -28.59
N PRO R 159 -41.83 -14.40 -28.15
CA PRO R 159 -43.29 -14.65 -28.08
C PRO R 159 -43.96 -14.92 -29.42
N ARG R 160 -43.47 -14.32 -30.49
CA ARG R 160 -44.05 -14.55 -31.81
C ARG R 160 -43.75 -15.94 -32.32
N PHE R 161 -42.52 -16.39 -32.16
CA PHE R 161 -42.02 -17.64 -32.71
C PHE R 161 -42.18 -18.81 -31.75
N ARG R 162 -42.77 -18.58 -30.58
CA ARG R 162 -43.00 -19.64 -29.62
C ARG R 162 -44.05 -20.61 -30.16
N PRO R 163 -43.74 -21.89 -30.30
CA PRO R 163 -44.70 -22.83 -30.86
C PRO R 163 -45.80 -23.19 -29.88
N SER R 164 -46.99 -23.43 -30.44
CA SER R 164 -48.15 -23.79 -29.66
C SER R 164 -48.07 -25.26 -29.23
N LEU R 165 -48.98 -25.63 -28.32
CA LEU R 165 -49.00 -27.00 -27.79
C LEU R 165 -49.37 -28.02 -28.85
N ALA R 166 -50.22 -27.65 -29.81
CA ALA R 166 -50.63 -28.58 -30.86
C ALA R 166 -49.52 -28.81 -31.87
N TRP R 167 -48.61 -27.85 -32.04
CA TRP R 167 -47.45 -28.06 -32.89
C TRP R 167 -46.50 -29.10 -32.27
N PHE R 168 -46.47 -29.18 -30.95
CA PHE R 168 -45.61 -30.12 -30.24
C PHE R 168 -46.19 -31.53 -30.21
N LYS R 169 -47.50 -31.68 -30.35
CA LYS R 169 -48.13 -32.98 -30.27
C LYS R 169 -48.55 -33.53 -31.63
N ASN R 170 -48.22 -32.83 -32.71
CA ASN R 170 -48.47 -33.36 -34.06
C ASN R 170 -47.45 -34.44 -34.36
N ALA R 171 -47.78 -35.68 -34.01
CA ALA R 171 -46.83 -36.77 -34.16
C ALA R 171 -46.67 -37.22 -35.60
N GLU R 172 -47.74 -37.12 -36.41
CA GLU R 172 -47.67 -37.59 -37.79
C GLU R 172 -46.78 -36.67 -38.62
N SER R 173 -46.87 -35.36 -38.42
CA SER R 173 -45.99 -34.45 -39.15
C SER R 173 -44.56 -34.55 -38.67
N ARG R 174 -44.36 -34.91 -37.40
CA ARG R 174 -42.99 -35.06 -36.91
C ARG R 174 -42.35 -36.33 -37.44
N MET R 175 -43.12 -37.42 -37.55
CA MET R 175 -42.55 -38.68 -38.03
C MET R 175 -42.29 -38.63 -39.52
N ASN R 176 -43.18 -37.98 -40.28
CA ASN R 176 -42.96 -37.84 -41.72
C ASN R 176 -41.75 -37.00 -42.02
N HIS R 177 -41.55 -35.91 -41.27
CA HIS R 177 -40.41 -35.06 -41.49
C HIS R 177 -39.11 -35.66 -40.94
N HIS R 178 -39.20 -36.54 -39.94
CA HIS R 178 -37.98 -37.12 -39.38
C HIS R 178 -37.59 -38.42 -40.06
N LEU R 179 -38.54 -39.17 -40.62
CA LEU R 179 -38.20 -40.34 -41.43
C LEU R 179 -37.65 -39.92 -42.79
N ALA R 180 -38.34 -38.99 -43.46
CA ALA R 180 -37.91 -38.62 -44.80
C ALA R 180 -36.78 -37.61 -44.76
N GLY R 181 -36.89 -36.58 -43.93
CA GLY R 181 -35.91 -35.52 -43.91
C GLY R 181 -34.71 -35.78 -43.02
N LEU R 182 -34.96 -36.02 -41.74
CA LEU R 182 -33.86 -36.17 -40.79
C LEU R 182 -33.14 -37.50 -40.97
N PHE R 183 -33.86 -38.54 -41.33
CA PHE R 183 -33.23 -39.83 -41.56
C PHE R 183 -32.84 -40.00 -43.02
N GLY R 184 -33.80 -39.82 -43.93
CA GLY R 184 -33.60 -40.22 -45.32
C GLY R 184 -32.73 -39.26 -46.10
N VAL R 185 -33.04 -37.96 -46.03
CA VAL R 185 -32.29 -36.95 -46.79
C VAL R 185 -30.87 -36.83 -46.25
N SER R 186 -30.70 -36.97 -44.93
CA SER R 186 -29.36 -36.96 -44.35
C SER R 186 -28.56 -38.19 -44.76
N SER R 187 -29.20 -39.36 -44.79
CA SER R 187 -28.54 -40.55 -45.30
C SER R 187 -28.28 -40.44 -46.80
N LEU R 188 -29.21 -39.81 -47.54
CA LEU R 188 -29.00 -39.54 -48.95
C LEU R 188 -27.86 -38.55 -49.17
N ALA R 189 -27.79 -37.51 -48.34
CA ALA R 189 -26.70 -36.56 -48.46
C ALA R 189 -25.38 -37.17 -48.02
N TRP R 190 -25.41 -38.17 -47.14
CA TRP R 190 -24.16 -38.81 -46.77
C TRP R 190 -23.67 -39.77 -47.85
N ALA R 191 -24.60 -40.43 -48.54
CA ALA R 191 -24.23 -41.15 -49.76
C ALA R 191 -23.67 -40.21 -50.80
N GLY R 192 -24.22 -38.99 -50.88
CA GLY R 192 -23.64 -37.97 -51.73
C GLY R 192 -22.25 -37.55 -51.32
N HIS R 193 -21.95 -37.54 -50.02
CA HIS R 193 -20.60 -37.20 -49.60
C HIS R 193 -19.62 -38.33 -49.91
N LEU R 194 -20.04 -39.58 -49.71
CA LEU R 194 -19.13 -40.71 -49.92
C LEU R 194 -18.78 -40.85 -51.39
N ILE R 195 -19.76 -40.71 -52.27
CA ILE R 195 -19.55 -40.93 -53.69
C ILE R 195 -18.79 -39.76 -54.32
N HIS R 196 -19.07 -38.53 -53.89
CA HIS R 196 -18.43 -37.38 -54.49
C HIS R 196 -17.07 -37.05 -53.89
N VAL R 197 -16.84 -37.37 -52.61
CA VAL R 197 -15.66 -36.92 -51.90
C VAL R 197 -14.83 -38.08 -51.37
N ALA R 198 -15.45 -38.99 -50.60
CA ALA R 198 -14.69 -39.98 -49.85
C ALA R 198 -14.12 -41.06 -50.76
N ILE R 199 -14.94 -41.59 -51.68
CA ILE R 199 -14.44 -42.56 -52.65
C ILE R 199 -13.41 -41.98 -53.62
N PRO R 200 -13.53 -40.74 -54.14
CA PRO R 200 -12.38 -40.16 -54.87
C PRO R 200 -11.14 -39.95 -54.03
N GLU R 201 -11.28 -39.47 -52.78
CA GLU R 201 -10.12 -39.31 -51.92
C GLU R 201 -9.53 -40.65 -51.50
N SER R 202 -10.32 -41.72 -51.51
CA SER R 202 -9.79 -43.07 -51.32
C SER R 202 -9.06 -43.60 -52.54
N ARG R 203 -9.11 -42.89 -53.67
CA ARG R 203 -8.45 -43.30 -54.91
C ARG R 203 -7.46 -42.25 -55.38
N GLY R 204 -6.82 -41.56 -54.43
CA GLY R 204 -5.78 -40.60 -54.73
C GLY R 204 -6.23 -39.32 -55.39
N GLN R 205 -7.52 -39.04 -55.44
CA GLN R 205 -8.07 -37.90 -56.18
C GLN R 205 -8.55 -36.85 -55.20
N HIS R 206 -7.88 -35.71 -55.17
CA HIS R 206 -8.24 -34.61 -54.28
C HIS R 206 -9.51 -33.92 -54.78
N VAL R 207 -10.57 -33.99 -53.97
CA VAL R 207 -11.84 -33.34 -54.29
C VAL R 207 -12.21 -32.43 -53.13
N GLY R 208 -12.35 -31.15 -53.42
CA GLY R 208 -12.76 -30.18 -52.42
C GLY R 208 -13.86 -29.28 -52.93
N TRP R 209 -14.14 -28.17 -52.22
CA TRP R 209 -15.16 -27.23 -52.66
C TRP R 209 -14.77 -26.48 -53.93
N ASP R 210 -13.49 -26.47 -54.28
CA ASP R 210 -13.05 -25.78 -55.47
C ASP R 210 -13.44 -26.53 -56.74
N ASN R 211 -13.25 -27.87 -56.76
CA ASN R 211 -13.37 -28.60 -58.01
C ASN R 211 -14.28 -29.82 -57.89
N PHE R 212 -15.34 -29.76 -57.10
CA PHE R 212 -16.27 -30.87 -57.06
C PHE R 212 -17.44 -30.71 -58.02
N LEU R 213 -17.63 -29.53 -58.58
CA LEU R 213 -18.59 -29.34 -59.66
C LEU R 213 -18.05 -29.77 -61.01
N PHE R 214 -16.74 -30.01 -61.11
CA PHE R 214 -16.09 -30.28 -62.37
C PHE R 214 -15.43 -31.64 -62.45
N THR R 215 -15.34 -32.37 -61.34
CA THR R 215 -14.94 -33.77 -61.38
C THR R 215 -16.19 -34.61 -61.14
N PRO R 216 -16.66 -35.37 -62.14
CA PRO R 216 -17.80 -36.25 -61.89
C PRO R 216 -17.40 -37.41 -61.00
N PRO R 217 -18.34 -37.94 -60.21
CA PRO R 217 -18.03 -39.11 -59.39
C PRO R 217 -17.84 -40.37 -60.20
N HIS R 218 -18.43 -40.44 -61.38
CA HIS R 218 -18.34 -41.56 -62.30
C HIS R 218 -18.10 -41.02 -63.70
N PRO R 219 -17.33 -41.74 -64.53
CA PRO R 219 -17.11 -41.26 -65.90
C PRO R 219 -18.36 -41.27 -66.75
N ALA R 220 -19.29 -42.18 -66.49
CA ALA R 220 -20.63 -42.14 -67.09
C ALA R 220 -21.57 -41.50 -66.06
N GLY R 221 -21.56 -40.18 -66.02
CA GLY R 221 -22.20 -39.45 -64.94
C GLY R 221 -23.62 -38.98 -65.15
N LEU R 222 -24.58 -39.66 -64.48
CA LEU R 222 -26.02 -39.35 -64.41
C LEU R 222 -26.75 -39.50 -65.74
N THR R 223 -26.04 -39.75 -66.82
CA THR R 223 -26.63 -40.20 -68.07
C THR R 223 -27.07 -41.68 -67.99
N PRO R 224 -26.42 -42.58 -67.25
CA PRO R 224 -27.06 -43.87 -67.00
C PRO R 224 -27.95 -43.95 -65.77
N PHE R 225 -28.02 -42.90 -64.94
CA PHE R 225 -28.93 -42.97 -63.81
C PHE R 225 -30.37 -42.80 -64.26
N PHE R 226 -30.61 -41.89 -65.21
CA PHE R 226 -31.97 -41.66 -65.69
C PHE R 226 -32.44 -42.75 -66.65
N THR R 227 -31.53 -43.37 -67.41
CA THR R 227 -31.92 -44.40 -68.35
C THR R 227 -32.18 -45.75 -67.69
N GLY R 228 -31.90 -45.89 -66.39
CA GLY R 228 -32.28 -47.07 -65.66
C GLY R 228 -31.32 -48.24 -65.73
N ASN R 229 -30.21 -48.11 -66.45
CA ASN R 229 -29.19 -49.16 -66.48
C ASN R 229 -28.12 -48.92 -65.41
N TRP R 230 -28.60 -49.01 -64.17
CA TRP R 230 -27.84 -48.68 -62.97
C TRP R 230 -26.73 -49.66 -62.65
N GLY R 231 -26.66 -50.80 -63.34
CA GLY R 231 -25.59 -51.77 -63.13
C GLY R 231 -24.22 -51.31 -63.58
N VAL R 232 -24.14 -50.24 -64.36
CA VAL R 232 -22.87 -49.66 -64.77
C VAL R 232 -22.24 -48.85 -63.64
N TYR R 233 -22.96 -48.61 -62.55
CA TYR R 233 -22.40 -48.02 -61.35
C TYR R 233 -21.85 -49.07 -60.40
N ALA R 234 -21.84 -50.34 -60.82
CA ALA R 234 -21.32 -51.43 -60.03
C ALA R 234 -20.16 -52.10 -60.75
N GLN R 235 -19.20 -51.28 -61.18
CA GLN R 235 -18.09 -51.66 -62.05
C GLN R 235 -17.05 -52.54 -61.37
N ASN R 236 -15.89 -52.65 -62.02
CA ASN R 236 -14.71 -53.22 -61.39
C ASN R 236 -14.42 -52.44 -60.11
N PRO R 237 -14.48 -53.07 -58.96
CA PRO R 237 -14.27 -52.32 -57.72
C PRO R 237 -12.79 -52.07 -57.47
N ASP R 238 -12.50 -51.53 -56.29
CA ASP R 238 -11.12 -51.50 -55.83
C ASP R 238 -10.62 -52.92 -55.67
N THR R 239 -9.53 -53.24 -56.34
CA THR R 239 -9.07 -54.61 -56.46
C THR R 239 -8.45 -55.11 -55.16
N ALA R 240 -8.06 -56.38 -55.14
CA ALA R 240 -7.48 -56.98 -53.96
C ALA R 240 -6.05 -56.51 -53.69
N SER R 241 -5.46 -55.75 -54.62
CA SER R 241 -4.16 -55.14 -54.44
C SER R 241 -4.25 -53.63 -54.30
N HIS R 242 -5.44 -53.09 -54.02
CA HIS R 242 -5.60 -51.65 -53.92
C HIS R 242 -4.97 -51.13 -52.64
N VAL R 243 -4.29 -49.99 -52.75
CA VAL R 243 -3.73 -49.29 -51.61
C VAL R 243 -4.65 -48.12 -51.31
N PHE R 244 -5.11 -48.05 -50.06
CA PHE R 244 -6.07 -47.01 -49.66
C PHE R 244 -5.43 -45.64 -49.70
N GLY R 245 -6.10 -44.69 -50.37
CA GLY R 245 -5.62 -43.34 -50.47
C GLY R 245 -4.84 -43.03 -51.74
N SER R 246 -4.66 -44.00 -52.62
CA SER R 246 -3.91 -43.81 -53.86
C SER R 246 -4.68 -44.44 -55.01
N SER R 247 -4.21 -44.16 -56.23
CA SER R 247 -4.79 -44.73 -57.44
C SER R 247 -4.15 -46.05 -57.84
N THR R 248 -3.38 -46.67 -56.94
CA THR R 248 -2.74 -47.95 -57.24
C THR R 248 -3.72 -49.09 -56.94
N GLY R 249 -4.10 -49.82 -57.98
CA GLY R 249 -5.11 -50.85 -57.82
C GLY R 249 -6.51 -50.32 -57.68
N ALA R 250 -6.73 -49.03 -57.93
CA ALA R 250 -8.01 -48.40 -57.69
C ALA R 250 -8.99 -48.72 -58.81
N GLY R 251 -10.22 -49.05 -58.42
CA GLY R 251 -11.28 -49.23 -59.38
C GLY R 251 -11.92 -47.92 -59.77
N SER R 252 -13.12 -48.02 -60.32
CA SER R 252 -13.90 -46.86 -60.72
C SER R 252 -15.35 -46.95 -60.27
N ALA R 253 -15.77 -48.09 -59.73
CA ALA R 253 -17.12 -48.27 -59.26
C ALA R 253 -17.41 -47.36 -58.08
N ILE R 254 -18.66 -46.90 -58.00
CA ILE R 254 -19.08 -46.03 -56.92
C ILE R 254 -20.16 -46.66 -56.05
N LEU R 255 -20.80 -47.75 -56.48
CA LEU R 255 -21.85 -48.41 -55.72
C LEU R 255 -21.70 -49.92 -55.92
N THR R 256 -20.99 -50.58 -55.00
CA THR R 256 -20.82 -52.01 -55.11
C THR R 256 -21.69 -52.74 -54.10
N PHE R 257 -21.59 -54.06 -54.13
CA PHE R 257 -22.36 -54.97 -53.28
C PHE R 257 -21.47 -56.11 -52.81
N LEU R 258 -20.23 -55.78 -52.43
CA LEU R 258 -19.18 -56.80 -52.31
C LEU R 258 -19.32 -57.63 -51.04
N GLY R 259 -19.38 -56.99 -49.89
CA GLY R 259 -19.31 -57.69 -48.63
C GLY R 259 -17.87 -57.96 -48.22
N GLY R 260 -17.71 -58.39 -46.98
CA GLY R 260 -16.38 -58.64 -46.47
C GLY R 260 -15.59 -57.36 -46.26
N PHE R 261 -14.27 -57.51 -46.24
CA PHE R 261 -13.40 -56.39 -45.93
C PHE R 261 -12.41 -56.12 -47.06
N HIS R 262 -12.10 -54.84 -47.21
CA HIS R 262 -10.95 -54.38 -47.98
C HIS R 262 -9.68 -55.05 -47.45
N PRO R 263 -8.86 -55.66 -48.31
CA PRO R 263 -7.79 -56.53 -47.81
C PRO R 263 -6.61 -55.79 -47.20
N GLN R 264 -6.42 -54.50 -47.50
CA GLN R 264 -5.35 -53.75 -46.87
C GLN R 264 -5.77 -53.17 -45.53
N THR R 265 -6.96 -52.56 -45.48
CA THR R 265 -7.40 -51.86 -44.29
C THR R 265 -8.11 -52.76 -43.28
N GLU R 266 -8.51 -53.97 -43.70
CA GLU R 266 -9.42 -54.87 -42.96
C GLU R 266 -10.68 -54.15 -42.52
N SER R 267 -11.20 -53.29 -43.39
CA SER R 267 -12.34 -52.45 -43.12
C SER R 267 -13.39 -52.65 -44.21
N LEU R 268 -14.60 -52.17 -43.96
CA LEU R 268 -15.68 -52.29 -44.92
C LEU R 268 -15.38 -51.47 -46.17
N TRP R 269 -15.89 -51.95 -47.30
CA TRP R 269 -15.71 -51.25 -48.57
C TRP R 269 -16.45 -49.93 -48.56
N LEU R 270 -15.79 -48.88 -49.07
CA LEU R 270 -16.41 -47.56 -49.09
C LEU R 270 -17.56 -47.49 -50.09
N THR R 271 -17.54 -48.32 -51.13
CA THR R 271 -18.65 -48.36 -52.07
C THR R 271 -19.81 -49.19 -51.56
N ASP R 272 -19.58 -50.08 -50.59
CA ASP R 272 -20.70 -50.72 -49.89
C ASP R 272 -21.36 -49.76 -48.93
N MET R 273 -20.56 -48.94 -48.23
CA MET R 273 -21.12 -47.95 -47.33
C MET R 273 -21.81 -46.82 -48.07
N ALA R 274 -21.44 -46.59 -49.32
CA ALA R 274 -22.19 -45.65 -50.15
C ALA R 274 -23.50 -46.26 -50.62
N HIS R 275 -23.49 -47.54 -50.98
CA HIS R 275 -24.70 -48.20 -51.42
C HIS R 275 -25.61 -48.54 -50.24
N HIS R 276 -25.04 -48.66 -49.04
CA HIS R 276 -25.86 -48.80 -47.84
C HIS R 276 -26.66 -47.53 -47.59
N HIS R 277 -25.99 -46.38 -47.61
CA HIS R 277 -26.63 -45.13 -47.24
C HIS R 277 -27.59 -44.63 -48.32
N LEU R 278 -27.41 -45.04 -49.57
CA LEU R 278 -28.38 -44.71 -50.59
C LEU R 278 -29.61 -45.61 -50.50
N ALA R 279 -29.42 -46.89 -50.19
CA ALA R 279 -30.54 -47.83 -50.15
C ALA R 279 -31.47 -47.54 -48.97
N ILE R 280 -30.92 -47.27 -47.79
CA ILE R 280 -31.78 -46.97 -46.66
C ILE R 280 -32.33 -45.56 -46.73
N ALA R 281 -31.72 -44.68 -47.53
CA ALA R 281 -32.32 -43.37 -47.76
C ALA R 281 -33.63 -43.50 -48.54
N VAL R 282 -33.69 -44.44 -49.48
CA VAL R 282 -34.92 -44.68 -50.21
C VAL R 282 -35.97 -45.29 -49.30
N LEU R 283 -35.57 -46.23 -48.43
CA LEU R 283 -36.52 -46.82 -47.48
C LEU R 283 -36.97 -45.83 -46.41
N PHE R 284 -36.22 -44.78 -46.14
CA PHE R 284 -36.63 -43.80 -45.15
C PHE R 284 -37.39 -42.63 -45.75
N ILE R 285 -37.08 -42.24 -47.00
CA ILE R 285 -37.82 -41.16 -47.64
C ILE R 285 -39.22 -41.63 -48.01
N VAL R 286 -39.38 -42.89 -48.44
CA VAL R 286 -40.73 -43.35 -48.75
C VAL R 286 -41.52 -43.60 -47.46
N ALA R 287 -40.84 -44.00 -46.38
CA ALA R 287 -41.53 -44.18 -45.10
C ALA R 287 -41.96 -42.87 -44.48
N GLY R 288 -41.32 -41.76 -44.86
CA GLY R 288 -41.76 -40.43 -44.52
C GLY R 288 -42.91 -39.92 -45.35
N HIS R 289 -43.47 -40.76 -46.22
CA HIS R 289 -44.67 -40.41 -46.98
C HIS R 289 -45.78 -41.38 -46.61
N MET R 290 -45.93 -41.66 -45.31
CA MET R 290 -46.88 -42.66 -44.84
C MET R 290 -48.01 -42.07 -44.00
N TYR R 291 -47.73 -41.15 -43.10
CA TYR R 291 -48.74 -40.61 -42.21
C TYR R 291 -49.32 -39.32 -42.77
N ARG R 292 -50.59 -39.09 -42.49
CA ARG R 292 -51.33 -38.02 -43.15
C ARG R 292 -51.02 -36.67 -42.52
N THR R 293 -50.83 -35.67 -43.38
CA THR R 293 -50.76 -34.27 -42.98
C THR R 293 -51.84 -33.57 -43.77
N ASN R 294 -51.77 -32.24 -43.81
CA ASN R 294 -52.78 -31.43 -44.48
C ASN R 294 -52.71 -31.49 -46.02
N PHE R 295 -51.95 -32.42 -46.61
CA PHE R 295 -51.96 -32.64 -48.05
C PHE R 295 -52.97 -33.70 -48.50
N GLY R 296 -53.52 -34.48 -47.58
CA GLY R 296 -54.78 -35.16 -47.87
C GLY R 296 -54.93 -36.64 -47.61
N ILE R 297 -53.93 -37.48 -47.92
CA ILE R 297 -54.02 -38.89 -47.58
C ILE R 297 -52.84 -39.29 -46.71
N GLY R 298 -52.87 -40.52 -46.26
CA GLY R 298 -51.85 -41.08 -45.41
C GLY R 298 -52.47 -41.90 -44.30
N HIS R 299 -51.86 -41.90 -43.12
CA HIS R 299 -52.35 -42.72 -42.02
C HIS R 299 -52.42 -41.91 -40.75
N ASN R 300 -53.56 -42.00 -40.07
CA ASN R 300 -53.62 -41.64 -38.66
C ASN R 300 -53.05 -42.79 -37.83
N MET R 301 -52.04 -42.48 -37.01
CA MET R 301 -51.46 -43.47 -36.11
C MET R 301 -52.47 -43.98 -35.09
N LYS R 302 -53.45 -43.16 -34.74
CA LYS R 302 -54.47 -43.53 -33.76
C LYS R 302 -55.37 -44.64 -34.27
N GLU R 303 -55.75 -44.60 -35.55
CA GLU R 303 -56.70 -45.60 -36.04
C GLU R 303 -56.02 -46.92 -36.41
N ILE R 304 -54.69 -46.91 -36.61
CA ILE R 304 -53.97 -48.16 -36.87
C ILE R 304 -53.90 -49.01 -35.60
N MET R 305 -53.62 -48.39 -34.46
CA MET R 305 -53.47 -49.14 -33.22
C MET R 305 -54.82 -49.64 -32.70
N ASN R 306 -55.89 -48.88 -32.96
CA ASN R 306 -57.22 -49.30 -32.51
C ASN R 306 -57.72 -50.51 -33.29
N ALA R 307 -57.23 -50.72 -34.50
CA ALA R 307 -57.64 -51.83 -35.33
C ALA R 307 -56.74 -53.04 -35.21
N HIS R 308 -55.67 -52.96 -34.42
CA HIS R 308 -54.69 -54.03 -34.29
C HIS R 308 -54.86 -54.80 -32.99
N ASN R 309 -56.11 -55.03 -32.60
CA ASN R 309 -56.41 -55.76 -31.37
C ASN R 309 -56.23 -57.28 -31.51
N PRO R 310 -56.84 -58.01 -32.47
CA PRO R 310 -56.80 -59.49 -32.37
C PRO R 310 -55.42 -60.07 -32.65
N PRO R 311 -54.69 -59.69 -33.75
CA PRO R 311 -54.86 -59.04 -35.07
C PRO R 311 -55.70 -59.82 -36.12
N GLN R 312 -55.68 -61.15 -36.36
CA GLN R 312 -54.68 -62.18 -36.06
C GLN R 312 -54.79 -63.26 -37.14
N GLY R 313 -53.65 -63.80 -37.59
CA GLY R 313 -53.67 -64.89 -38.55
C GLY R 313 -53.41 -66.24 -37.90
N THR R 314 -53.01 -66.20 -36.63
CA THR R 314 -52.86 -67.32 -35.72
C THR R 314 -54.18 -67.86 -35.13
N PRO R 315 -55.25 -67.00 -34.99
CA PRO R 315 -55.88 -66.78 -33.67
C PRO R 315 -55.94 -67.93 -32.66
N PHE R 316 -55.57 -67.76 -31.37
CA PHE R 316 -55.16 -66.54 -30.58
C PHE R 316 -56.06 -65.30 -30.66
N GLY R 317 -57.29 -65.43 -30.17
CA GLY R 317 -58.36 -64.46 -30.35
C GLY R 317 -58.17 -63.01 -29.92
N GLY R 318 -58.12 -62.71 -28.63
CA GLY R 318 -58.25 -63.69 -27.57
C GLY R 318 -57.75 -63.22 -26.21
N MET R 319 -56.83 -64.03 -25.66
CA MET R 319 -56.30 -63.85 -24.32
C MET R 319 -55.59 -62.51 -24.13
N ILE R 320 -55.04 -61.95 -25.20
CA ILE R 320 -54.33 -60.68 -25.16
C ILE R 320 -54.99 -59.73 -26.15
N GLY R 321 -55.43 -58.57 -25.66
CA GLY R 321 -55.70 -58.30 -24.26
C GLY R 321 -57.05 -57.82 -23.68
N GLU R 322 -57.87 -56.95 -24.31
CA GLU R 322 -57.77 -56.39 -25.67
C GLU R 322 -56.54 -55.53 -26.02
N GLY R 323 -56.37 -54.38 -25.41
CA GLY R 323 -55.15 -53.63 -25.62
C GLY R 323 -55.20 -52.65 -26.76
N HIS R 324 -54.20 -51.76 -26.77
CA HIS R 324 -53.84 -50.79 -27.79
C HIS R 324 -54.87 -49.68 -27.99
N LYS R 325 -55.93 -49.63 -27.19
CA LYS R 325 -56.83 -48.48 -27.17
C LYS R 325 -56.30 -47.47 -26.16
N GLY R 326 -56.20 -46.22 -26.60
CA GLY R 326 -55.67 -45.16 -25.76
C GLY R 326 -54.17 -45.11 -25.65
N MET R 327 -53.45 -46.01 -26.33
CA MET R 327 -51.99 -46.00 -26.27
C MET R 327 -51.36 -44.95 -27.18
N TYR R 328 -52.15 -44.32 -28.05
CA TYR R 328 -51.65 -43.14 -28.75
C TYR R 328 -51.47 -41.98 -27.77
N ASP R 329 -52.52 -41.66 -27.00
CA ASP R 329 -52.44 -40.56 -26.04
C ASP R 329 -51.70 -40.94 -24.77
N THR R 330 -51.53 -42.24 -24.49
CA THR R 330 -50.59 -42.63 -23.44
C THR R 330 -49.17 -42.26 -23.86
N TYR R 331 -48.84 -42.54 -25.12
CA TYR R 331 -47.58 -42.13 -25.70
C TYR R 331 -47.49 -40.61 -25.84
N ASN R 332 -48.54 -39.97 -26.33
CA ASN R 332 -48.43 -38.60 -26.80
C ASN R 332 -48.61 -37.56 -25.71
N ASN R 333 -49.34 -37.87 -24.63
CA ASN R 333 -49.48 -36.90 -23.54
C ASN R 333 -48.32 -36.96 -22.56
N SER R 334 -47.70 -38.13 -22.41
CA SER R 334 -46.66 -38.35 -21.42
C SER R 334 -45.28 -38.18 -22.04
N LEU R 335 -44.55 -37.16 -21.58
CA LEU R 335 -43.17 -37.02 -21.99
C LEU R 335 -42.27 -38.06 -21.33
N HIS R 336 -42.65 -38.54 -20.15
CA HIS R 336 -41.86 -39.56 -19.47
C HIS R 336 -42.06 -40.94 -20.09
N PHE R 337 -43.22 -41.21 -20.69
CA PHE R 337 -43.37 -42.42 -21.46
C PHE R 337 -42.53 -42.36 -22.73
N GLN R 338 -42.52 -41.21 -23.38
CA GLN R 338 -41.72 -41.04 -24.59
C GLN R 338 -40.24 -41.16 -24.28
N LEU R 339 -39.77 -40.48 -23.22
CA LEU R 339 -38.36 -40.51 -22.86
C LEU R 339 -37.94 -41.90 -22.42
N GLY R 340 -38.79 -42.61 -21.68
CA GLY R 340 -38.49 -43.98 -21.32
C GLY R 340 -38.48 -44.93 -22.50
N TRP R 341 -39.31 -44.65 -23.50
CA TRP R 341 -39.35 -45.46 -24.70
C TRP R 341 -38.21 -45.13 -25.65
N HIS R 342 -37.90 -43.84 -25.80
CA HIS R 342 -36.83 -43.43 -26.70
C HIS R 342 -35.45 -43.76 -26.14
N LEU R 343 -35.32 -43.91 -24.83
CA LEU R 343 -34.06 -44.40 -24.27
C LEU R 343 -33.92 -45.90 -24.43
N ALA R 344 -35.02 -46.66 -24.37
CA ALA R 344 -34.93 -48.11 -24.55
C ALA R 344 -34.58 -48.47 -25.97
N CYS R 345 -35.01 -47.68 -26.95
CA CYS R 345 -34.61 -47.91 -28.33
C CYS R 345 -33.16 -47.48 -28.54
N LEU R 346 -32.80 -46.30 -28.02
CA LEU R 346 -31.43 -45.80 -28.15
C LEU R 346 -30.43 -46.67 -27.41
N GLY R 347 -30.86 -47.34 -26.33
CA GLY R 347 -29.95 -48.20 -25.60
C GLY R 347 -29.66 -49.51 -26.28
N VAL R 348 -30.63 -50.05 -27.01
CA VAL R 348 -30.39 -51.23 -27.83
C VAL R 348 -29.50 -50.86 -29.02
N ILE R 349 -29.70 -49.66 -29.58
CA ILE R 349 -28.92 -49.24 -30.74
C ILE R 349 -27.49 -48.92 -30.35
N THR R 350 -27.29 -48.28 -29.18
CA THR R 350 -25.94 -47.95 -28.71
C THR R 350 -25.13 -49.21 -28.47
N SER R 351 -25.77 -50.26 -27.99
CA SER R 351 -25.07 -51.51 -27.79
C SER R 351 -24.91 -52.29 -29.10
N LEU R 352 -25.80 -52.06 -30.07
CA LEU R 352 -25.60 -52.64 -31.39
C LEU R 352 -24.43 -52.01 -32.10
N VAL R 353 -24.19 -50.71 -31.85
CA VAL R 353 -23.01 -50.01 -32.36
C VAL R 353 -21.74 -50.69 -31.85
N ALA R 354 -21.72 -51.11 -30.58
CA ALA R 354 -20.53 -51.71 -30.01
C ALA R 354 -20.28 -53.10 -30.56
N GLN R 355 -21.32 -53.93 -30.69
CA GLN R 355 -21.12 -55.30 -31.16
C GLN R 355 -20.84 -55.37 -32.65
N HIS R 356 -21.16 -54.33 -33.42
CA HIS R 356 -20.92 -54.37 -34.85
C HIS R 356 -19.67 -53.63 -35.28
N MET R 357 -19.25 -52.60 -34.55
CA MET R 357 -18.06 -51.87 -34.95
C MET R 357 -16.78 -52.63 -34.64
N TYR R 358 -16.82 -53.62 -33.75
CA TYR R 358 -15.63 -54.43 -33.53
C TYR R 358 -15.56 -55.62 -34.47
N SER R 359 -16.69 -56.16 -34.89
CA SER R 359 -16.70 -57.32 -35.78
C SER R 359 -16.75 -56.93 -37.25
N LEU R 360 -17.39 -55.81 -37.58
CA LEU R 360 -17.45 -55.27 -38.93
C LEU R 360 -16.89 -53.85 -38.90
N PRO R 361 -15.56 -53.70 -38.85
CA PRO R 361 -14.97 -52.36 -38.69
C PRO R 361 -15.20 -51.50 -39.92
N PRO R 362 -15.79 -50.32 -39.75
CA PRO R 362 -16.08 -49.44 -40.89
C PRO R 362 -15.00 -48.45 -41.23
N TYR R 363 -13.92 -48.40 -40.48
CA TYR R 363 -12.90 -47.37 -40.63
C TYR R 363 -11.56 -48.00 -40.96
N ALA R 364 -10.82 -47.34 -41.85
CA ALA R 364 -9.55 -47.85 -42.35
C ALA R 364 -8.52 -47.95 -41.22
N PHE R 365 -7.93 -49.13 -41.08
CA PHE R 365 -6.91 -49.48 -40.10
C PHE R 365 -7.40 -49.35 -38.66
N LEU R 366 -8.71 -49.39 -38.44
CA LEU R 366 -9.24 -49.40 -37.08
C LEU R 366 -9.06 -50.77 -36.43
N ALA R 367 -9.10 -51.83 -37.24
CA ALA R 367 -8.99 -53.19 -36.72
C ALA R 367 -7.58 -53.55 -36.28
N LYS R 368 -6.60 -52.72 -36.55
CA LYS R 368 -5.23 -52.94 -36.09
C LYS R 368 -4.81 -51.97 -35.00
N SER R 369 -5.63 -50.98 -34.69
CA SER R 369 -5.38 -50.07 -33.57
C SER R 369 -6.12 -50.64 -32.37
N TYR R 370 -5.41 -51.45 -31.58
CA TYR R 370 -6.05 -52.32 -30.60
C TYR R 370 -6.60 -51.54 -29.41
N THR R 371 -5.88 -50.52 -28.95
CA THR R 371 -6.35 -49.74 -27.82
C THR R 371 -7.56 -48.90 -28.18
N THR R 372 -7.62 -48.44 -29.43
CA THR R 372 -8.77 -47.69 -29.89
C THR R 372 -10.00 -48.58 -29.99
N GLN R 373 -9.81 -49.81 -30.48
CA GLN R 373 -10.91 -50.75 -30.59
C GLN R 373 -11.40 -51.19 -29.21
N ALA R 374 -10.47 -51.34 -28.26
CA ALA R 374 -10.85 -51.66 -26.89
C ALA R 374 -11.59 -50.50 -26.23
N ALA R 375 -11.12 -49.27 -26.45
CA ALA R 375 -11.73 -48.10 -25.84
C ALA R 375 -13.11 -47.85 -26.42
N LEU R 376 -13.30 -48.07 -27.72
CA LEU R 376 -14.57 -47.75 -28.37
C LEU R 376 -15.67 -48.72 -27.95
N TYR R 377 -15.33 -50.00 -27.78
CA TYR R 377 -16.32 -51.00 -27.36
C TYR R 377 -16.78 -50.73 -25.95
N THR R 378 -15.84 -50.50 -25.04
CA THR R 378 -16.15 -50.30 -23.63
C THR R 378 -16.91 -49.00 -23.41
N HIS R 379 -16.59 -47.97 -24.21
CA HIS R 379 -17.29 -46.70 -24.16
C HIS R 379 -18.77 -46.86 -24.51
N HIS R 380 -19.05 -47.52 -25.63
CA HIS R 380 -20.43 -47.62 -26.09
C HIS R 380 -21.22 -48.69 -25.36
N GLN R 381 -20.56 -49.61 -24.66
CA GLN R 381 -21.31 -50.56 -23.84
C GLN R 381 -21.68 -49.98 -22.48
N TYR R 382 -20.80 -49.17 -21.89
CA TYR R 382 -21.14 -48.53 -20.62
C TYR R 382 -22.17 -47.43 -20.80
N ILE R 383 -22.13 -46.75 -21.95
CA ILE R 383 -23.13 -45.74 -22.24
C ILE R 383 -24.48 -46.39 -22.52
N ALA R 384 -24.46 -47.54 -23.20
CA ALA R 384 -25.70 -48.29 -23.42
C ALA R 384 -26.26 -48.84 -22.13
N GLY R 385 -25.40 -49.20 -21.17
CA GLY R 385 -25.89 -49.65 -19.88
C GLY R 385 -26.54 -48.55 -19.07
N PHE R 386 -25.98 -47.34 -19.13
CA PHE R 386 -26.57 -46.21 -18.41
C PHE R 386 -27.87 -45.77 -19.08
N ILE R 387 -27.93 -45.83 -20.41
CA ILE R 387 -29.13 -45.43 -21.13
C ILE R 387 -30.25 -46.45 -20.90
N MET R 388 -29.90 -47.73 -20.81
CA MET R 388 -30.90 -48.78 -20.61
C MET R 388 -31.53 -48.70 -19.23
N VAL R 389 -30.74 -48.35 -18.20
CA VAL R 389 -31.27 -48.24 -16.86
C VAL R 389 -32.17 -47.01 -16.75
N GLY R 390 -31.80 -45.93 -17.45
CA GLY R 390 -32.63 -44.74 -17.49
C GLY R 390 -33.90 -44.88 -18.28
N ALA R 391 -33.96 -45.86 -19.18
CA ALA R 391 -35.22 -46.17 -19.86
C ALA R 391 -36.23 -46.73 -18.87
N PHE R 392 -35.77 -47.57 -17.96
CA PHE R 392 -36.64 -48.11 -16.92
C PHE R 392 -36.91 -47.10 -15.82
N ALA R 393 -36.02 -46.13 -15.62
CA ALA R 393 -36.23 -45.11 -14.61
C ALA R 393 -37.39 -44.21 -15.01
N HIS R 394 -37.39 -43.73 -16.25
CA HIS R 394 -38.46 -42.87 -16.73
C HIS R 394 -39.72 -43.64 -17.06
N GLY R 395 -39.63 -44.96 -17.23
CA GLY R 395 -40.83 -45.77 -17.27
C GLY R 395 -41.53 -45.83 -15.93
N ALA R 396 -40.75 -45.82 -14.85
CA ALA R 396 -41.31 -45.79 -13.50
C ALA R 396 -41.82 -44.40 -13.13
N ILE R 397 -41.17 -43.35 -13.62
CA ILE R 397 -41.65 -41.98 -13.38
C ILE R 397 -42.97 -41.74 -14.10
N PHE R 398 -43.14 -42.35 -15.28
CA PHE R 398 -44.40 -42.28 -16.00
C PHE R 398 -45.52 -42.94 -15.21
N LEU R 399 -45.24 -44.08 -14.59
CA LEU R 399 -46.25 -44.82 -13.86
C LEU R 399 -46.71 -44.11 -12.59
N ILE R 400 -45.89 -43.21 -12.06
CA ILE R 400 -46.27 -42.43 -10.89
C ILE R 400 -46.94 -41.12 -11.29
N ARG R 401 -46.37 -40.43 -12.26
CA ARG R 401 -46.78 -39.07 -12.56
C ARG R 401 -47.85 -38.99 -13.64
N ASP R 402 -47.68 -39.75 -14.73
CA ASP R 402 -48.49 -39.55 -15.93
C ASP R 402 -49.48 -40.67 -16.20
N TYR R 403 -49.36 -41.82 -15.53
CA TYR R 403 -50.18 -42.96 -15.87
C TYR R 403 -51.62 -42.76 -15.41
N ASP R 404 -52.56 -43.05 -16.29
CA ASP R 404 -53.98 -42.85 -16.05
C ASP R 404 -54.68 -44.20 -16.11
N PRO R 405 -55.08 -44.78 -14.98
CA PRO R 405 -55.83 -46.04 -15.02
C PRO R 405 -57.27 -45.88 -15.46
N ALA R 406 -57.78 -44.66 -15.56
CA ALA R 406 -59.12 -44.44 -16.10
C ALA R 406 -59.12 -44.51 -17.62
N SER R 407 -58.21 -43.77 -18.25
CA SER R 407 -58.07 -43.82 -19.71
C SER R 407 -57.53 -45.18 -20.15
N ASN R 408 -56.36 -45.55 -19.65
CA ASN R 408 -55.82 -46.90 -19.87
C ASN R 408 -56.57 -47.85 -18.95
N SER R 409 -57.70 -48.34 -19.42
CA SER R 409 -58.55 -49.27 -18.69
C SER R 409 -58.64 -50.55 -19.48
N ASN R 410 -57.98 -51.60 -18.96
CA ASN R 410 -57.86 -52.92 -19.58
C ASN R 410 -57.28 -52.82 -20.99
N ASN R 411 -56.19 -52.09 -21.12
CA ASN R 411 -55.37 -52.14 -22.31
C ASN R 411 -54.12 -52.96 -22.02
N VAL R 412 -53.16 -52.94 -22.94
CA VAL R 412 -51.93 -53.72 -22.77
C VAL R 412 -51.11 -53.22 -21.58
N LEU R 413 -51.14 -51.92 -21.32
CA LEU R 413 -50.36 -51.36 -20.23
C LEU R 413 -51.04 -51.54 -18.88
N ASP R 414 -52.38 -51.53 -18.87
CA ASP R 414 -53.11 -51.87 -17.66
C ASP R 414 -52.91 -53.33 -17.29
N ARG R 415 -52.73 -54.19 -18.28
CA ARG R 415 -52.76 -55.62 -18.04
C ARG R 415 -51.43 -56.15 -17.50
N VAL R 416 -50.31 -55.50 -17.82
CA VAL R 416 -49.03 -55.97 -17.30
C VAL R 416 -48.90 -55.69 -15.81
N LEU R 417 -49.65 -54.72 -15.29
CA LEU R 417 -49.63 -54.42 -13.87
C LEU R 417 -50.47 -55.37 -13.05
N GLN R 418 -51.41 -56.08 -13.69
CA GLN R 418 -52.31 -56.97 -12.95
C GLN R 418 -51.67 -58.30 -12.66
N HIS R 419 -50.83 -58.82 -13.55
CA HIS R 419 -50.05 -60.01 -13.25
C HIS R 419 -48.59 -59.66 -12.96
N LYS R 420 -48.40 -58.53 -12.28
CA LYS R 420 -47.05 -58.05 -11.96
C LYS R 420 -46.33 -58.95 -10.97
N GLU R 421 -47.06 -59.75 -10.19
CA GLU R 421 -46.36 -60.71 -9.35
C GLU R 421 -45.90 -61.93 -10.14
N ALA R 422 -46.42 -62.15 -11.35
CA ALA R 422 -45.95 -63.26 -12.16
C ALA R 422 -44.70 -62.89 -12.95
N ILE R 423 -44.63 -61.64 -13.42
CA ILE R 423 -43.45 -61.18 -14.15
C ILE R 423 -42.24 -61.09 -13.22
N ILE R 424 -42.44 -60.58 -12.00
CA ILE R 424 -41.33 -60.38 -11.07
C ILE R 424 -40.84 -61.72 -10.53
N SER R 425 -41.76 -62.63 -10.23
CA SER R 425 -41.37 -63.93 -9.71
C SER R 425 -40.72 -64.80 -10.79
N HIS R 426 -41.05 -64.58 -12.05
CA HIS R 426 -40.39 -65.35 -13.10
C HIS R 426 -39.02 -64.77 -13.43
N LEU R 427 -38.86 -63.45 -13.34
CA LEU R 427 -37.52 -62.86 -13.41
C LEU R 427 -36.67 -63.31 -12.23
N SER R 428 -37.29 -63.48 -11.06
CA SER R 428 -36.57 -63.91 -9.87
C SER R 428 -36.08 -65.35 -10.00
N TRP R 429 -36.83 -66.19 -10.69
CA TRP R 429 -36.40 -67.57 -10.84
C TRP R 429 -35.25 -67.71 -11.83
N VAL R 430 -35.31 -66.97 -12.95
CA VAL R 430 -34.24 -67.01 -13.95
C VAL R 430 -32.95 -66.45 -13.38
N SER R 431 -33.04 -65.39 -12.57
CA SER R 431 -31.86 -64.85 -11.92
C SER R 431 -31.27 -65.83 -10.93
N LEU R 432 -32.13 -66.50 -10.15
CA LEU R 432 -31.62 -67.47 -9.18
C LEU R 432 -31.12 -68.74 -9.86
N PHE R 433 -31.74 -69.15 -10.96
CA PHE R 433 -31.30 -70.37 -11.65
C PHE R 433 -29.96 -70.16 -12.31
N LEU R 434 -29.76 -69.00 -12.96
CA LEU R 434 -28.49 -68.72 -13.61
C LEU R 434 -27.39 -68.53 -12.58
N GLY R 435 -27.66 -67.81 -11.50
CA GLY R 435 -26.62 -67.51 -10.54
C GLY R 435 -26.19 -68.71 -9.72
N PHE R 436 -27.13 -69.61 -9.40
CA PHE R 436 -26.76 -70.80 -8.66
C PHE R 436 -25.93 -71.76 -9.51
N HIS R 437 -26.14 -71.77 -10.82
CA HIS R 437 -25.46 -72.73 -11.68
C HIS R 437 -24.26 -72.16 -12.41
N THR R 438 -24.22 -70.84 -12.68
CA THR R 438 -23.01 -70.27 -13.26
C THR R 438 -21.91 -70.17 -12.21
N LEU R 439 -22.25 -69.69 -11.01
CA LEU R 439 -21.27 -69.62 -9.93
C LEU R 439 -20.88 -71.00 -9.45
N GLY R 440 -21.84 -71.93 -9.44
CA GLY R 440 -21.53 -73.29 -9.02
C GLY R 440 -20.60 -74.00 -9.99
N LEU R 441 -20.73 -73.71 -11.29
CA LEU R 441 -19.83 -74.30 -12.26
C LEU R 441 -18.43 -73.68 -12.19
N TYR R 442 -18.35 -72.38 -11.89
CA TYR R 442 -17.05 -71.72 -11.75
C TYR R 442 -16.31 -72.20 -10.51
N VAL R 443 -17.02 -72.35 -9.40
CA VAL R 443 -16.38 -72.75 -8.15
C VAL R 443 -15.96 -74.21 -8.22
N HIS R 444 -16.77 -75.05 -8.89
CA HIS R 444 -16.40 -76.45 -9.09
C HIS R 444 -15.13 -76.57 -9.93
N ASN R 445 -15.00 -75.75 -10.98
CA ASN R 445 -13.79 -75.78 -11.79
C ASN R 445 -12.59 -75.23 -11.03
N ASP R 446 -12.83 -74.25 -10.16
CA ASP R 446 -11.75 -73.70 -9.33
C ASP R 446 -11.21 -74.73 -8.36
N VAL R 447 -12.08 -75.56 -7.79
CA VAL R 447 -11.65 -76.59 -6.85
C VAL R 447 -10.88 -77.68 -7.60
N MET R 448 -11.26 -77.97 -8.85
CA MET R 448 -10.55 -78.98 -9.63
C MET R 448 -9.14 -78.53 -10.00
N VAL R 449 -8.99 -77.27 -10.41
CA VAL R 449 -7.66 -76.77 -10.75
C VAL R 449 -6.80 -76.62 -9.51
N ALA R 450 -7.40 -76.21 -8.39
CA ALA R 450 -6.64 -76.06 -7.15
C ALA R 450 -6.20 -77.40 -6.58
N PHE R 451 -7.02 -78.44 -6.72
CA PHE R 451 -6.64 -79.75 -6.24
C PHE R 451 -5.66 -80.47 -7.16
N GLY R 452 -5.30 -79.87 -8.29
CA GLY R 452 -4.35 -80.47 -9.20
C GLY R 452 -4.95 -81.35 -10.25
N THR R 453 -6.26 -81.25 -10.49
CA THR R 453 -6.96 -82.11 -11.45
C THR R 453 -7.77 -81.24 -12.42
N PRO R 454 -7.12 -80.61 -13.40
CA PRO R 454 -7.85 -79.74 -14.32
C PRO R 454 -8.62 -80.46 -15.41
N GLU R 455 -8.60 -81.79 -15.46
CA GLU R 455 -9.45 -82.52 -16.39
C GLU R 455 -10.76 -82.95 -15.77
N LYS R 456 -10.93 -82.79 -14.46
CA LYS R 456 -12.24 -83.05 -13.86
C LYS R 456 -13.17 -81.85 -13.93
N GLN R 457 -12.71 -80.71 -14.40
CA GLN R 457 -13.56 -79.54 -14.44
C GLN R 457 -14.59 -79.65 -15.57
N ILE R 458 -15.72 -78.98 -15.36
CA ILE R 458 -16.87 -79.14 -16.25
C ILE R 458 -16.78 -78.09 -17.35
N LEU R 459 -16.57 -78.56 -18.58
CA LEU R 459 -16.37 -77.70 -19.74
C LEU R 459 -17.49 -77.99 -20.73
N VAL R 460 -18.56 -77.20 -20.66
CA VAL R 460 -19.70 -77.34 -21.56
C VAL R 460 -19.42 -76.52 -22.82
N GLU R 461 -19.48 -77.18 -23.97
CA GLU R 461 -19.24 -76.44 -25.19
C GLU R 461 -20.50 -75.67 -25.59
N PRO R 462 -20.35 -74.44 -26.06
CA PRO R 462 -21.54 -73.69 -26.52
C PRO R 462 -21.97 -74.12 -27.92
N VAL R 463 -22.70 -75.23 -27.97
CA VAL R 463 -23.01 -75.85 -29.26
C VAL R 463 -24.10 -75.13 -30.03
N PHE R 464 -24.90 -74.28 -29.38
CA PHE R 464 -25.94 -73.57 -30.11
C PHE R 464 -25.38 -72.37 -30.85
N ALA R 465 -24.41 -71.67 -30.26
CA ALA R 465 -23.86 -70.50 -30.91
C ALA R 465 -22.75 -70.86 -31.89
N GLN R 466 -22.09 -72.00 -31.69
CA GLN R 466 -21.18 -72.52 -32.71
C GLN R 466 -21.95 -72.92 -33.96
N TRP R 467 -23.17 -73.44 -33.77
CA TRP R 467 -24.03 -73.80 -34.89
C TRP R 467 -24.48 -72.57 -35.68
N ILE R 468 -24.69 -71.44 -35.00
CA ILE R 468 -25.06 -70.20 -35.69
C ILE R 468 -23.88 -69.68 -36.52
N GLN R 469 -22.66 -69.83 -35.99
CA GLN R 469 -21.47 -69.46 -36.75
C GLN R 469 -21.32 -70.34 -37.99
N ALA R 470 -21.58 -71.64 -37.85
CA ALA R 470 -21.59 -72.53 -38.99
C ALA R 470 -22.73 -72.20 -39.95
N ALA R 471 -23.87 -71.76 -39.40
CA ALA R 471 -25.00 -71.35 -40.23
C ALA R 471 -24.75 -70.04 -40.94
N HIS R 472 -23.75 -69.27 -40.55
CA HIS R 472 -23.39 -68.05 -41.24
C HIS R 472 -22.15 -68.21 -42.12
N GLY R 473 -21.53 -69.39 -42.13
CA GLY R 473 -20.49 -69.67 -43.09
C GLY R 473 -19.13 -70.02 -42.52
N LYS R 474 -19.06 -70.41 -41.25
CA LYS R 474 -17.80 -70.74 -40.61
C LYS R 474 -17.60 -72.25 -40.64
N LEU R 475 -16.42 -72.68 -41.05
CA LEU R 475 -16.13 -74.09 -41.32
C LEU R 475 -15.34 -74.76 -40.20
N LEU R 476 -15.13 -74.08 -39.08
CA LEU R 476 -14.21 -74.57 -38.06
C LEU R 476 -14.82 -75.69 -37.23
N TYR R 477 -16.13 -75.66 -37.01
CA TYR R 477 -16.77 -76.68 -36.19
C TYR R 477 -17.28 -77.86 -36.99
N GLY R 478 -17.46 -77.70 -38.31
CA GLY R 478 -17.85 -78.80 -39.16
C GLY R 478 -19.28 -79.26 -38.98
N PHE R 479 -20.24 -78.34 -39.07
CA PHE R 479 -21.65 -78.68 -39.05
C PHE R 479 -22.23 -78.84 -40.45
N ASP R 480 -21.84 -77.95 -41.36
CA ASP R 480 -22.19 -77.99 -42.79
C ASP R 480 -23.70 -77.91 -43.01
N THR R 481 -24.31 -76.93 -42.37
CA THR R 481 -25.65 -76.46 -42.70
C THR R 481 -25.52 -75.25 -43.62
N LEU R 482 -26.64 -74.54 -43.80
CA LEU R 482 -26.77 -73.44 -44.75
C LEU R 482 -25.72 -72.35 -44.57
N LEU R 483 -25.24 -71.83 -45.72
CA LEU R 483 -24.15 -70.88 -45.92
C LEU R 483 -22.76 -71.43 -45.59
N SER R 484 -22.69 -72.63 -45.03
CA SER R 484 -21.48 -73.43 -45.07
C SER R 484 -21.64 -74.67 -45.92
N ASN R 485 -22.87 -75.13 -46.11
CA ASN R 485 -23.19 -76.03 -47.20
C ASN R 485 -23.12 -75.25 -48.51
N PRO R 486 -22.24 -75.60 -49.44
CA PRO R 486 -22.20 -74.89 -50.72
C PRO R 486 -23.42 -75.14 -51.59
N GLY R 487 -24.20 -76.19 -51.34
CA GLY R 487 -25.37 -76.48 -52.15
C GLY R 487 -26.69 -76.34 -51.42
N SER R 488 -26.70 -75.60 -50.31
CA SER R 488 -27.92 -75.35 -49.59
C SER R 488 -28.80 -74.34 -50.32
N ILE R 489 -30.06 -74.26 -49.90
CA ILE R 489 -31.01 -73.36 -50.54
C ILE R 489 -30.68 -71.91 -50.21
N ALA R 490 -30.17 -71.66 -49.00
CA ALA R 490 -29.86 -70.29 -48.59
C ALA R 490 -28.57 -69.77 -49.22
N SER R 491 -27.62 -70.65 -49.52
CA SER R 491 -26.35 -70.21 -50.10
C SER R 491 -26.49 -69.95 -51.59
N THR R 492 -27.18 -70.82 -52.33
CA THR R 492 -27.32 -70.62 -53.77
C THR R 492 -28.32 -69.51 -54.09
N ALA R 493 -29.29 -69.26 -53.20
CA ALA R 493 -30.31 -68.22 -53.34
C ALA R 493 -31.11 -68.41 -54.63
N TRP R 494 -31.85 -69.52 -54.65
CA TRP R 494 -32.16 -70.26 -55.87
C TRP R 494 -32.85 -69.47 -57.00
N PRO R 495 -34.02 -68.85 -56.82
CA PRO R 495 -34.74 -68.34 -58.00
C PRO R 495 -34.19 -67.04 -58.55
N ASN R 496 -33.29 -66.36 -57.85
CA ASN R 496 -32.79 -65.09 -58.37
C ASN R 496 -31.28 -65.03 -58.46
N TYR R 497 -30.56 -65.83 -57.66
CA TYR R 497 -29.09 -65.92 -57.63
C TYR R 497 -28.41 -64.59 -57.33
N GLY R 498 -29.12 -63.68 -56.66
CA GLY R 498 -28.58 -62.38 -56.32
C GLY R 498 -27.83 -62.39 -55.01
N ASN R 499 -26.79 -63.23 -54.93
CA ASN R 499 -26.03 -63.47 -53.72
C ASN R 499 -24.63 -62.86 -53.80
N VAL R 500 -24.55 -61.62 -54.28
CA VAL R 500 -23.28 -60.96 -54.61
C VAL R 500 -22.41 -60.76 -53.37
N TRP R 501 -23.03 -60.62 -52.19
CA TRP R 501 -22.28 -60.44 -50.96
C TRP R 501 -21.58 -61.72 -50.52
N LEU R 502 -22.05 -62.89 -50.96
CA LEU R 502 -21.72 -64.16 -50.31
C LEU R 502 -20.25 -64.52 -50.42
N SER R 503 -19.62 -64.19 -51.55
CA SER R 503 -18.21 -64.56 -51.72
C SER R 503 -17.32 -63.69 -50.83
N GLY R 504 -17.64 -62.40 -50.72
CA GLY R 504 -16.90 -61.55 -49.81
C GLY R 504 -17.14 -61.88 -48.35
N TRP R 505 -18.35 -62.34 -48.02
CA TRP R 505 -18.68 -62.66 -46.64
C TRP R 505 -17.96 -63.92 -46.17
N LEU R 506 -17.96 -64.98 -46.98
CA LEU R 506 -17.31 -66.22 -46.57
C LEU R 506 -15.80 -66.13 -46.63
N ASP R 507 -15.26 -65.20 -47.42
CA ASP R 507 -13.83 -64.94 -47.38
C ASP R 507 -13.43 -64.30 -46.06
N ALA R 508 -14.25 -63.38 -45.55
CA ALA R 508 -13.91 -62.69 -44.32
C ALA R 508 -14.23 -63.52 -43.08
N ILE R 509 -15.28 -64.34 -43.13
CA ILE R 509 -15.68 -65.10 -41.94
C ILE R 509 -14.80 -66.34 -41.73
N ASN R 510 -14.05 -66.76 -42.75
CA ASN R 510 -13.12 -67.87 -42.59
C ASN R 510 -11.68 -67.43 -42.48
N SER R 511 -11.40 -66.14 -42.64
CA SER R 511 -10.09 -65.61 -42.30
C SER R 511 -9.92 -65.64 -40.79
N GLY R 512 -8.83 -66.25 -40.33
CA GLY R 512 -8.59 -66.36 -38.90
C GLY R 512 -7.80 -65.21 -38.32
N ASP R 513 -8.11 -64.00 -38.77
CA ASP R 513 -7.34 -62.82 -38.40
C ASP R 513 -8.18 -61.60 -38.08
N ASN R 514 -9.50 -61.68 -38.18
CA ASN R 514 -10.38 -60.57 -37.84
C ASN R 514 -11.20 -60.93 -36.60
N SER R 515 -12.02 -59.97 -36.16
CA SER R 515 -12.93 -60.19 -35.04
C SER R 515 -14.34 -60.49 -35.51
N LEU R 516 -14.48 -61.08 -36.70
CA LEU R 516 -15.78 -61.40 -37.29
C LEU R 516 -16.08 -62.86 -36.97
N PHE R 517 -17.02 -63.06 -36.03
CA PHE R 517 -17.51 -64.36 -35.56
C PHE R 517 -16.36 -65.23 -35.04
N LEU R 518 -15.80 -64.77 -33.92
CA LEU R 518 -14.66 -65.42 -33.29
C LEU R 518 -14.98 -66.84 -32.84
N THR R 519 -13.93 -67.64 -32.72
CA THR R 519 -14.08 -69.01 -32.23
C THR R 519 -14.39 -68.99 -30.73
N ILE R 520 -15.42 -69.71 -30.33
CA ILE R 520 -15.89 -69.72 -28.96
C ILE R 520 -15.82 -71.14 -28.41
N GLY R 521 -15.48 -71.26 -27.14
CA GLY R 521 -15.35 -72.54 -26.49
C GLY R 521 -15.98 -72.54 -25.12
N PRO R 522 -15.56 -73.46 -24.25
CA PRO R 522 -16.19 -73.58 -22.93
C PRO R 522 -16.00 -72.38 -22.02
N GLY R 523 -14.92 -71.61 -22.20
CA GLY R 523 -14.78 -70.39 -21.45
C GLY R 523 -15.75 -69.30 -21.91
N ASP R 524 -16.21 -69.38 -23.15
CA ASP R 524 -17.21 -68.45 -23.67
C ASP R 524 -18.61 -68.85 -23.28
N PHE R 525 -18.82 -70.13 -22.92
CA PHE R 525 -20.12 -70.60 -22.49
C PHE R 525 -20.49 -70.02 -21.13
N LEU R 526 -19.56 -70.09 -20.17
CA LEU R 526 -19.86 -69.71 -18.79
C LEU R 526 -20.06 -68.21 -18.66
N VAL R 527 -19.31 -67.43 -19.42
CA VAL R 527 -19.37 -65.99 -19.28
C VAL R 527 -20.60 -65.41 -19.97
N HIS R 528 -21.15 -66.08 -21.00
CA HIS R 528 -22.44 -65.67 -21.55
C HIS R 528 -23.57 -65.95 -20.57
N HIS R 529 -23.46 -66.99 -19.76
CA HIS R 529 -24.48 -67.23 -18.75
C HIS R 529 -24.29 -66.35 -17.53
N ALA R 530 -23.09 -65.82 -17.32
CA ALA R 530 -22.91 -64.76 -16.34
C ALA R 530 -23.52 -63.45 -16.84
N ILE R 531 -23.38 -63.19 -18.14
CA ILE R 531 -23.97 -62.00 -18.73
C ILE R 531 -25.48 -62.09 -18.74
N ALA R 532 -26.02 -63.28 -19.00
CA ALA R 532 -27.47 -63.50 -18.93
C ALA R 532 -27.98 -63.34 -17.51
N LEU R 533 -27.18 -63.73 -16.53
CA LEU R 533 -27.51 -63.46 -15.13
C LEU R 533 -27.55 -61.98 -14.84
N GLY R 534 -26.57 -61.23 -15.35
CA GLY R 534 -26.54 -59.80 -15.11
C GLY R 534 -27.62 -59.04 -15.86
N LEU R 535 -28.01 -59.51 -17.04
CA LEU R 535 -29.10 -58.88 -17.76
C LEU R 535 -30.44 -59.13 -17.09
N HIS R 536 -30.62 -60.31 -16.53
CA HIS R 536 -31.90 -60.65 -15.93
C HIS R 536 -32.07 -60.06 -14.54
N THR R 537 -30.98 -60.00 -13.76
CA THR R 537 -31.07 -59.43 -12.43
C THR R 537 -31.27 -57.92 -12.50
N THR R 538 -30.55 -57.25 -13.41
CA THR R 538 -30.72 -55.80 -13.58
C THR R 538 -32.12 -55.46 -14.09
N THR R 539 -32.67 -56.32 -14.94
CA THR R 539 -34.05 -56.13 -15.36
C THR R 539 -35.01 -56.38 -14.21
N LEU R 540 -34.71 -57.37 -13.36
CA LEU R 540 -35.56 -57.69 -12.22
C LEU R 540 -35.67 -56.53 -11.23
N ILE R 541 -34.55 -55.84 -10.96
CA ILE R 541 -34.59 -54.70 -10.06
C ILE R 541 -35.34 -53.54 -10.69
N LEU R 542 -35.17 -53.35 -12.00
CA LEU R 542 -35.77 -52.20 -12.68
C LEU R 542 -37.25 -52.43 -12.93
N VAL R 543 -37.66 -53.66 -13.22
CA VAL R 543 -39.06 -53.95 -13.47
C VAL R 543 -39.84 -53.90 -12.16
N LYS R 544 -39.31 -54.52 -11.11
CA LYS R 544 -39.95 -54.49 -9.80
C LYS R 544 -39.98 -53.09 -9.21
N GLY R 545 -39.01 -52.25 -9.57
CA GLY R 545 -39.11 -50.84 -9.21
C GLY R 545 -40.19 -50.12 -9.97
N ALA R 546 -40.36 -50.46 -11.25
CA ALA R 546 -41.40 -49.81 -12.04
C ALA R 546 -42.79 -50.35 -11.71
N LEU R 547 -42.93 -51.67 -11.53
CA LEU R 547 -44.25 -52.24 -11.32
C LEU R 547 -44.76 -52.06 -9.90
N ASP R 548 -43.87 -51.86 -8.92
CA ASP R 548 -44.29 -51.55 -7.55
C ASP R 548 -44.23 -50.06 -7.26
N ALA R 549 -44.07 -49.23 -8.29
CA ALA R 549 -43.92 -47.79 -8.07
C ALA R 549 -45.20 -47.14 -7.59
N ARG R 550 -46.35 -47.70 -7.95
CA ARG R 550 -47.61 -47.14 -7.50
C ARG R 550 -48.06 -47.70 -6.15
N GLY R 551 -47.53 -48.85 -5.76
CA GLY R 551 -47.85 -49.39 -4.45
C GLY R 551 -47.56 -50.88 -4.38
N SER R 552 -47.43 -51.35 -3.13
CA SER R 552 -47.25 -52.76 -2.81
C SER R 552 -48.02 -53.04 -1.52
N LYS R 553 -47.74 -54.17 -0.87
CA LYS R 553 -48.40 -54.42 0.40
C LYS R 553 -47.70 -53.71 1.56
N LEU R 554 -46.41 -53.44 1.44
CA LEU R 554 -45.71 -52.71 2.49
C LEU R 554 -46.10 -51.24 2.49
N MET R 555 -46.49 -50.70 1.33
CA MET R 555 -46.80 -49.28 1.21
C MET R 555 -47.80 -49.11 0.08
N PRO R 556 -49.10 -49.23 0.37
CA PRO R 556 -50.10 -49.25 -0.71
C PRO R 556 -50.33 -47.91 -1.40
N ASP R 557 -49.99 -46.80 -0.76
CA ASP R 557 -50.22 -45.48 -1.33
C ASP R 557 -48.93 -44.84 -1.82
N LYS R 558 -48.04 -45.65 -2.40
CA LYS R 558 -46.69 -45.21 -2.74
C LYS R 558 -46.66 -44.14 -3.84
N LYS R 559 -47.70 -44.06 -4.67
CA LYS R 559 -47.73 -43.00 -5.67
C LYS R 559 -48.01 -41.64 -5.07
N ASP R 560 -48.56 -41.58 -3.84
CA ASP R 560 -48.77 -40.29 -3.19
C ASP R 560 -47.47 -39.64 -2.74
N PHE R 561 -46.39 -40.42 -2.61
CA PHE R 561 -45.15 -39.91 -2.06
C PHE R 561 -44.12 -39.58 -3.11
N GLY R 562 -44.39 -39.88 -4.37
CA GLY R 562 -43.52 -39.47 -5.47
C GLY R 562 -42.60 -40.57 -5.93
N TYR R 563 -41.75 -40.21 -6.88
CA TYR R 563 -40.76 -41.14 -7.39
C TYR R 563 -39.65 -41.38 -6.39
N SER R 564 -39.21 -40.31 -5.72
CA SER R 564 -38.04 -40.36 -4.86
C SER R 564 -38.43 -39.86 -3.48
N PHE R 565 -38.30 -40.73 -2.48
CA PHE R 565 -38.48 -40.37 -1.09
C PHE R 565 -37.62 -41.31 -0.28
N PRO R 566 -37.22 -40.93 0.97
CA PRO R 566 -36.29 -41.77 1.74
C PRO R 566 -36.80 -43.16 2.07
N CYS R 567 -37.94 -43.21 2.73
CA CYS R 567 -38.49 -44.41 3.35
C CYS R 567 -39.90 -44.05 3.81
N ASP R 568 -40.53 -44.96 4.52
CA ASP R 568 -41.77 -44.68 5.22
C ASP R 568 -41.61 -44.90 6.72
N GLY R 569 -40.40 -44.75 7.24
CA GLY R 569 -40.16 -44.88 8.65
C GLY R 569 -39.83 -46.29 9.07
N PRO R 570 -39.40 -46.46 10.32
CA PRO R 570 -39.03 -47.79 10.81
C PRO R 570 -40.22 -48.66 11.19
N GLY R 571 -41.44 -48.17 11.08
CA GLY R 571 -42.60 -48.98 11.35
C GLY R 571 -42.85 -49.98 10.24
N ARG R 572 -43.80 -50.89 10.51
CA ARG R 572 -44.18 -52.02 9.65
C ARG R 572 -42.98 -52.90 9.33
N GLY R 573 -42.06 -53.03 10.28
CA GLY R 573 -40.84 -53.78 10.09
C GLY R 573 -39.64 -52.97 9.65
N GLY R 574 -39.86 -51.80 9.04
CA GLY R 574 -38.77 -51.02 8.49
C GLY R 574 -38.87 -50.95 6.99
N THR R 575 -38.71 -49.76 6.42
CA THR R 575 -39.02 -49.53 5.02
C THR R 575 -37.90 -48.79 4.31
N CYS R 576 -36.65 -49.09 4.67
CA CYS R 576 -35.49 -48.49 4.01
C CYS R 576 -35.46 -48.89 2.54
N ASP R 577 -35.27 -47.90 1.66
CA ASP R 577 -35.10 -48.09 0.21
C ASP R 577 -36.34 -48.71 -0.43
N ILE R 578 -37.51 -48.15 -0.13
CA ILE R 578 -38.77 -48.67 -0.62
C ILE R 578 -39.26 -47.96 -1.88
N SER R 579 -38.72 -46.78 -2.19
CA SER R 579 -39.21 -46.02 -3.34
C SER R 579 -38.74 -46.64 -4.65
N ALA R 580 -39.34 -46.18 -5.74
CA ALA R 580 -38.92 -46.63 -7.06
C ALA R 580 -37.61 -46.02 -7.49
N TRP R 581 -37.25 -44.85 -6.94
CA TRP R 581 -35.93 -44.30 -7.15
C TRP R 581 -34.87 -45.18 -6.51
N ASP R 582 -35.18 -45.81 -5.38
CA ASP R 582 -34.21 -46.66 -4.71
C ASP R 582 -33.95 -47.94 -5.48
N ALA R 583 -34.88 -48.36 -6.34
CA ALA R 583 -34.63 -49.51 -7.20
C ALA R 583 -33.87 -49.14 -8.47
N PHE R 584 -33.97 -47.88 -8.91
CA PHE R 584 -32.97 -47.34 -9.82
C PHE R 584 -31.58 -47.43 -9.22
N TYR R 585 -31.47 -47.00 -7.97
CA TYR R 585 -30.19 -46.89 -7.29
C TYR R 585 -29.52 -48.25 -7.13
N LEU R 586 -30.29 -49.28 -6.82
CA LEU R 586 -29.73 -50.62 -6.69
C LEU R 586 -29.37 -51.20 -8.04
N ALA R 587 -30.08 -50.84 -9.10
CA ALA R 587 -29.84 -51.43 -10.41
C ALA R 587 -28.63 -50.86 -11.12
N VAL R 588 -28.20 -49.64 -10.76
CA VAL R 588 -26.95 -49.11 -11.32
C VAL R 588 -25.77 -49.94 -10.87
N PHE R 589 -25.80 -50.46 -9.64
CA PHE R 589 -24.79 -51.39 -9.16
C PHE R 589 -24.77 -52.65 -10.00
N TRP R 590 -25.95 -53.21 -10.27
CA TRP R 590 -26.01 -54.44 -11.05
C TRP R 590 -25.73 -54.19 -12.53
N MET R 591 -26.04 -52.99 -13.03
CA MET R 591 -25.68 -52.64 -14.39
C MET R 591 -24.17 -52.56 -14.56
N LEU R 592 -23.49 -51.88 -13.63
CA LEU R 592 -22.03 -51.72 -13.72
C LEU R 592 -21.33 -53.06 -13.59
N ASN R 593 -21.85 -53.94 -12.73
CA ASN R 593 -21.33 -55.30 -12.62
C ASN R 593 -21.56 -56.09 -13.90
N THR R 594 -22.68 -55.84 -14.59
CA THR R 594 -22.99 -56.58 -15.81
C THR R 594 -22.10 -56.13 -16.96
N ILE R 595 -22.00 -54.80 -17.18
CA ILE R 595 -21.10 -54.27 -18.19
C ILE R 595 -19.64 -54.52 -17.80
N GLY R 596 -19.38 -54.65 -16.50
CA GLY R 596 -18.07 -55.12 -16.05
C GLY R 596 -17.76 -56.52 -16.55
N TRP R 597 -18.70 -57.45 -16.39
CA TRP R 597 -18.49 -58.81 -16.89
C TRP R 597 -18.44 -58.87 -18.41
N VAL R 598 -19.17 -57.97 -19.08
CA VAL R 598 -19.16 -57.92 -20.53
C VAL R 598 -17.81 -57.44 -21.03
N THR R 599 -17.34 -56.30 -20.53
CA THR R 599 -16.12 -55.70 -21.06
C THR R 599 -14.86 -56.37 -20.52
N PHE R 600 -14.94 -57.09 -19.40
CA PHE R 600 -13.81 -57.94 -19.00
C PHE R 600 -13.61 -59.05 -20.00
N TYR R 601 -14.70 -59.63 -20.48
CA TYR R 601 -14.66 -60.78 -21.37
C TYR R 601 -14.25 -60.39 -22.78
N TRP R 602 -14.79 -59.26 -23.27
CA TRP R 602 -14.36 -58.74 -24.56
C TRP R 602 -12.88 -58.41 -24.55
N HIS R 603 -12.40 -57.80 -23.47
CA HIS R 603 -11.01 -57.37 -23.42
C HIS R 603 -10.06 -58.55 -23.28
N TRP R 604 -10.39 -59.52 -22.44
CA TRP R 604 -9.48 -60.65 -22.23
C TRP R 604 -9.43 -61.56 -23.45
N LYS R 605 -10.56 -61.76 -24.12
CA LYS R 605 -10.55 -62.58 -25.33
C LYS R 605 -9.78 -61.90 -26.44
N HIS R 606 -9.90 -60.58 -26.56
CA HIS R 606 -9.17 -59.88 -27.60
C HIS R 606 -7.70 -59.72 -27.23
N LEU R 607 -7.39 -59.53 -25.95
CA LEU R 607 -5.99 -59.45 -25.53
C LEU R 607 -5.28 -60.78 -25.68
N ALA R 608 -6.02 -61.89 -25.58
CA ALA R 608 -5.42 -63.19 -25.84
C ALA R 608 -5.15 -63.38 -27.33
N ILE R 609 -6.05 -62.88 -28.18
CA ILE R 609 -5.87 -63.00 -29.62
C ILE R 609 -4.74 -62.10 -30.10
N TRP R 610 -4.69 -60.86 -29.60
CA TRP R 610 -3.69 -59.90 -30.05
C TRP R 610 -2.28 -60.26 -29.57
N GLN R 611 -2.17 -60.97 -28.44
CA GLN R 611 -0.87 -61.39 -27.95
C GLN R 611 -0.38 -62.68 -28.60
N GLY R 612 -1.13 -63.24 -29.53
CA GLY R 612 -0.75 -64.48 -30.17
C GLY R 612 -0.90 -65.72 -29.31
N ASN R 613 -1.60 -65.62 -28.18
CA ASN R 613 -1.84 -66.75 -27.29
C ASN R 613 -3.33 -66.81 -26.97
N VAL R 614 -4.10 -67.45 -27.85
CA VAL R 614 -5.52 -67.61 -27.59
C VAL R 614 -5.77 -68.75 -26.62
N ALA R 615 -4.79 -69.63 -26.43
CA ALA R 615 -4.92 -70.75 -25.52
C ALA R 615 -4.90 -70.32 -24.06
N GLN R 616 -4.36 -69.14 -23.76
CA GLN R 616 -4.35 -68.66 -22.39
C GLN R 616 -5.75 -68.28 -21.94
N PHE R 617 -6.57 -67.72 -22.83
CA PHE R 617 -7.97 -67.52 -22.52
C PHE R 617 -8.71 -68.85 -22.43
N ASN R 618 -8.39 -69.78 -23.34
CA ASN R 618 -9.14 -71.04 -23.40
C ASN R 618 -8.87 -71.94 -22.20
N GLU R 619 -7.71 -71.78 -21.55
CA GLU R 619 -7.37 -72.57 -20.38
C GLU R 619 -7.75 -71.91 -19.06
N SER R 620 -7.71 -70.59 -18.96
CA SER R 620 -7.85 -69.93 -17.69
C SER R 620 -9.23 -69.32 -17.44
N SER R 621 -10.06 -69.17 -18.47
CA SER R 621 -11.36 -68.51 -18.28
C SER R 621 -12.45 -69.44 -17.78
N THR R 622 -12.13 -70.70 -17.49
CA THR R 622 -13.14 -71.63 -17.00
C THR R 622 -13.19 -71.69 -15.49
N TYR R 623 -12.23 -71.09 -14.80
CA TYR R 623 -12.22 -70.99 -13.35
C TYR R 623 -11.83 -69.57 -12.97
N LEU R 624 -12.29 -69.11 -11.81
CA LEU R 624 -12.22 -67.69 -11.51
C LEU R 624 -10.83 -67.23 -11.07
N MET R 625 -9.94 -68.15 -10.68
CA MET R 625 -8.57 -67.74 -10.39
C MET R 625 -7.82 -67.36 -11.66
N GLY R 626 -8.19 -67.95 -12.79
CA GLY R 626 -7.59 -67.56 -14.06
C GLY R 626 -7.96 -66.14 -14.46
N TRP R 627 -9.18 -65.72 -14.14
CA TRP R 627 -9.57 -64.33 -14.37
C TRP R 627 -8.81 -63.38 -13.45
N LEU R 628 -8.60 -63.78 -12.21
CA LEU R 628 -7.91 -62.91 -11.26
C LEU R 628 -6.42 -62.83 -11.57
N ARG R 629 -5.79 -63.96 -11.87
CA ARG R 629 -4.35 -64.04 -12.05
C ARG R 629 -3.92 -63.68 -13.47
N ASP R 630 -4.51 -64.33 -14.47
CA ASP R 630 -4.05 -64.19 -15.85
C ASP R 630 -4.70 -63.04 -16.59
N TYR R 631 -5.69 -62.37 -16.01
CA TYR R 631 -6.24 -61.19 -16.63
C TYR R 631 -6.06 -59.94 -15.78
N LEU R 632 -6.47 -59.97 -14.53
CA LEU R 632 -6.38 -58.78 -13.68
C LEU R 632 -4.96 -58.56 -13.19
N TRP R 633 -4.34 -59.60 -12.63
CA TRP R 633 -3.01 -59.46 -12.04
C TRP R 633 -1.94 -59.33 -13.12
N LEU R 634 -2.04 -60.11 -14.19
CA LEU R 634 -0.98 -60.19 -15.18
C LEU R 634 -0.89 -58.91 -16.00
N ASN R 635 -2.02 -58.34 -16.38
CA ASN R 635 -2.04 -57.15 -17.21
C ASN R 635 -1.96 -55.86 -16.41
N SER R 636 -1.84 -55.95 -15.08
CA SER R 636 -1.65 -54.76 -14.26
C SER R 636 -0.20 -54.32 -14.18
N SER R 637 0.73 -55.11 -14.73
CA SER R 637 2.16 -54.97 -14.46
C SER R 637 2.70 -53.65 -15.02
N GLN R 638 2.40 -53.35 -16.28
CA GLN R 638 2.92 -52.13 -16.88
C GLN R 638 2.16 -50.90 -16.43
N LEU R 639 0.90 -51.07 -16.03
CA LEU R 639 0.11 -49.95 -15.55
C LEU R 639 0.67 -49.42 -14.23
N ILE R 640 0.86 -50.30 -13.24
CA ILE R 640 1.31 -49.85 -11.93
C ILE R 640 2.81 -49.54 -11.88
N ASN R 641 3.52 -49.76 -12.98
CA ASN R 641 4.88 -49.28 -13.14
C ASN R 641 4.96 -48.02 -13.99
N GLY R 642 3.83 -47.33 -14.15
CA GLY R 642 3.84 -46.03 -14.82
C GLY R 642 4.69 -45.01 -14.09
N TYR R 643 4.78 -45.11 -12.77
CA TYR R 643 5.81 -44.46 -11.99
C TYR R 643 6.21 -45.39 -10.85
N ASN R 644 7.48 -45.35 -10.50
CA ASN R 644 8.08 -46.22 -9.50
C ASN R 644 9.28 -45.46 -8.93
N PRO R 645 10.04 -45.96 -7.94
CA PRO R 645 11.20 -45.18 -7.46
C PRO R 645 12.34 -45.03 -8.47
N TYR R 646 12.29 -45.67 -9.63
CA TYR R 646 13.33 -45.51 -10.65
C TYR R 646 12.96 -44.52 -11.75
N GLY R 647 11.73 -44.06 -11.79
CA GLY R 647 11.35 -43.02 -12.73
C GLY R 647 9.90 -43.19 -13.13
N MET R 648 9.55 -42.56 -14.24
CA MET R 648 8.20 -42.64 -14.76
C MET R 648 8.24 -42.70 -16.28
N ASN R 649 7.12 -43.12 -16.86
CA ASN R 649 6.96 -43.14 -18.31
C ASN R 649 5.59 -42.57 -18.66
N ASN R 650 5.16 -42.74 -19.91
CA ASN R 650 3.91 -42.13 -20.37
C ASN R 650 2.67 -42.79 -19.79
N LEU R 651 2.79 -43.94 -19.14
CA LEU R 651 1.67 -44.57 -18.47
C LEU R 651 1.46 -44.03 -17.06
N ALA R 652 2.20 -43.00 -16.65
CA ALA R 652 2.07 -42.47 -15.30
C ALA R 652 0.73 -41.76 -15.09
N VAL R 653 0.14 -41.21 -16.15
CA VAL R 653 -1.16 -40.58 -16.00
C VAL R 653 -2.25 -41.64 -15.82
N TRP R 654 -2.08 -42.81 -16.44
CA TRP R 654 -3.05 -43.87 -16.26
C TRP R 654 -2.86 -44.57 -14.93
N ALA R 655 -1.62 -44.66 -14.44
CA ALA R 655 -1.37 -45.20 -13.12
C ALA R 655 -1.95 -44.31 -12.03
N TRP R 656 -1.80 -43.01 -12.19
CA TRP R 656 -2.35 -42.07 -11.22
C TRP R 656 -3.87 -42.06 -11.26
N MET R 657 -4.45 -42.18 -12.45
CA MET R 657 -5.90 -42.25 -12.58
C MET R 657 -6.45 -43.57 -12.06
N PHE R 658 -5.68 -44.65 -12.19
CA PHE R 658 -6.03 -45.96 -11.65
C PHE R 658 -6.20 -45.91 -10.14
N LEU R 659 -5.28 -45.25 -9.45
CA LEU R 659 -5.37 -45.11 -8.01
C LEU R 659 -6.46 -44.12 -7.61
N LEU R 660 -6.65 -43.07 -8.42
CA LEU R 660 -7.73 -42.13 -8.18
C LEU R 660 -9.08 -42.82 -8.28
N GLY R 661 -9.23 -43.74 -9.23
CA GLY R 661 -10.48 -44.45 -9.37
C GLY R 661 -10.77 -45.40 -8.21
N HIS R 662 -9.72 -46.02 -7.66
CA HIS R 662 -9.89 -46.81 -6.46
C HIS R 662 -10.28 -45.93 -5.27
N LEU R 663 -9.81 -44.69 -5.24
CA LEU R 663 -10.13 -43.78 -4.15
C LEU R 663 -11.56 -43.27 -4.22
N VAL R 664 -12.02 -42.89 -5.42
CA VAL R 664 -13.39 -42.38 -5.59
C VAL R 664 -14.41 -43.46 -5.30
N TRP R 665 -14.15 -44.67 -5.79
CA TRP R 665 -15.01 -45.82 -5.56
C TRP R 665 -15.16 -46.12 -4.07
N ALA R 666 -14.05 -46.08 -3.33
CA ALA R 666 -14.08 -46.36 -1.91
C ALA R 666 -14.70 -45.21 -1.12
N THR R 667 -14.55 -43.98 -1.59
CA THR R 667 -15.20 -42.84 -0.95
C THR R 667 -16.71 -42.95 -1.04
N GLY R 668 -17.21 -43.57 -2.11
CA GLY R 668 -18.64 -43.82 -2.22
C GLY R 668 -19.19 -44.76 -1.18
N PHE R 669 -18.36 -45.72 -0.73
CA PHE R 669 -18.76 -46.65 0.32
C PHE R 669 -19.11 -45.93 1.62
N MET R 670 -18.46 -44.79 1.90
CA MET R 670 -18.78 -44.00 3.08
C MET R 670 -20.23 -43.50 3.04
N PHE R 671 -20.67 -43.00 1.88
CA PHE R 671 -22.03 -42.50 1.77
C PHE R 671 -23.04 -43.63 1.73
N LEU R 672 -22.63 -44.82 1.28
CA LEU R 672 -23.56 -45.93 1.18
C LEU R 672 -23.70 -46.72 2.46
N ILE R 673 -22.64 -46.82 3.28
CA ILE R 673 -22.69 -47.63 4.48
C ILE R 673 -23.08 -46.81 5.70
N SER R 674 -22.38 -45.72 5.97
CA SER R 674 -22.75 -44.83 7.06
C SER R 674 -23.92 -43.99 6.59
N TRP R 675 -24.94 -43.87 7.43
CA TRP R 675 -26.15 -43.17 7.05
C TRP R 675 -26.28 -41.90 7.90
N ARG R 676 -27.44 -41.23 7.79
CA ARG R 676 -27.48 -39.77 7.96
C ARG R 676 -27.30 -39.33 9.41
N GLY R 677 -28.04 -39.93 10.34
CA GLY R 677 -28.11 -39.39 11.70
C GLY R 677 -26.81 -39.43 12.47
N TYR R 678 -25.87 -40.29 12.07
CA TYR R 678 -24.50 -40.17 12.57
C TYR R 678 -23.90 -38.83 12.19
N TRP R 679 -24.04 -38.44 10.93
CA TRP R 679 -23.39 -37.23 10.43
C TRP R 679 -24.09 -35.96 10.88
N GLN R 680 -25.40 -36.02 11.08
CA GLN R 680 -26.12 -34.85 11.55
C GLN R 680 -25.73 -34.52 12.99
N GLU R 681 -25.52 -35.54 13.82
CA GLU R 681 -25.08 -35.30 15.19
C GLU R 681 -23.61 -34.88 15.24
N LEU R 682 -22.82 -35.29 14.25
CA LEU R 682 -21.44 -34.84 14.18
C LEU R 682 -21.34 -33.37 13.78
N ILE R 683 -22.20 -32.94 12.84
CA ILE R 683 -22.19 -31.55 12.37
C ILE R 683 -22.69 -30.61 13.45
N GLU R 684 -23.55 -31.11 14.35
CA GLU R 684 -24.03 -30.36 15.50
C GLU R 684 -22.91 -29.97 16.46
N THR R 685 -21.89 -30.81 16.63
CA THR R 685 -20.75 -30.39 17.45
C THR R 685 -19.85 -29.41 16.71
N LEU R 686 -19.84 -29.47 15.38
CA LEU R 686 -19.05 -28.52 14.60
C LEU R 686 -19.71 -27.16 14.56
N VAL R 687 -21.04 -27.14 14.52
CA VAL R 687 -21.80 -25.90 14.63
C VAL R 687 -21.58 -25.26 16.00
N TRP R 688 -21.50 -26.09 17.04
CA TRP R 688 -21.19 -25.59 18.38
C TRP R 688 -19.79 -24.99 18.43
N ALA R 689 -18.81 -25.67 17.83
CA ALA R 689 -17.44 -25.23 17.93
C ALA R 689 -17.18 -23.94 17.18
N HIS R 690 -17.88 -23.71 16.07
CA HIS R 690 -17.69 -22.47 15.33
C HIS R 690 -18.27 -21.28 16.08
N GLU R 691 -19.46 -21.45 16.67
CA GLU R 691 -20.11 -20.37 17.39
C GLU R 691 -19.39 -20.01 18.68
N ARG R 692 -18.61 -20.93 19.25
CA ARG R 692 -17.88 -20.67 20.49
C ARG R 692 -16.42 -20.32 20.26
N THR R 693 -15.94 -20.33 19.02
CA THR R 693 -14.55 -20.01 18.75
C THR R 693 -14.40 -18.52 18.51
N PRO R 694 -13.62 -17.80 19.31
CA PRO R 694 -13.37 -16.39 19.03
C PRO R 694 -12.58 -16.21 17.75
N LEU R 695 -12.84 -15.06 17.10
CA LEU R 695 -12.32 -14.57 15.81
C LEU R 695 -12.91 -15.31 14.61
N ALA R 696 -13.56 -16.43 14.86
CA ALA R 696 -14.21 -17.20 13.81
C ALA R 696 -15.72 -17.13 13.88
N ASN R 697 -16.29 -16.86 15.07
CA ASN R 697 -17.71 -16.60 15.18
C ASN R 697 -18.09 -15.22 14.65
N LEU R 698 -17.12 -14.38 14.29
CA LEU R 698 -17.42 -13.20 13.49
C LEU R 698 -17.92 -13.56 12.11
N VAL R 699 -17.49 -14.70 11.59
CA VAL R 699 -17.93 -15.19 10.29
C VAL R 699 -19.12 -16.11 10.51
N ARG R 700 -20.28 -15.70 10.00
CA ARG R 700 -21.51 -16.45 10.16
C ARG R 700 -21.96 -17.03 8.83
N TRP R 701 -22.36 -18.29 8.85
CA TRP R 701 -22.95 -18.90 7.66
C TRP R 701 -24.32 -18.27 7.35
N LYS R 702 -24.67 -18.29 6.07
CA LYS R 702 -26.00 -17.90 5.66
C LYS R 702 -26.97 -19.08 5.76
N ASP R 703 -26.53 -20.25 5.32
CA ASP R 703 -27.33 -21.46 5.38
C ASP R 703 -26.86 -22.32 6.54
N LYS R 704 -27.82 -22.88 7.27
CA LYS R 704 -27.49 -23.73 8.40
C LYS R 704 -26.87 -25.03 7.92
N PRO R 705 -25.67 -25.39 8.38
CA PRO R 705 -25.04 -26.64 7.96
C PRO R 705 -25.80 -27.85 8.49
N VAL R 706 -26.25 -28.70 7.57
CA VAL R 706 -26.90 -29.96 7.93
C VAL R 706 -26.23 -31.08 7.13
N ALA R 707 -26.43 -32.30 7.61
CA ALA R 707 -25.97 -33.47 6.87
C ALA R 707 -26.79 -33.62 5.58
N LEU R 708 -26.20 -34.33 4.62
CA LEU R 708 -26.88 -34.63 3.37
C LEU R 708 -28.10 -35.51 3.65
N SER R 709 -29.12 -35.37 2.80
CA SER R 709 -30.35 -36.12 3.02
C SER R 709 -30.15 -37.60 2.70
N ILE R 710 -31.14 -38.41 3.06
CA ILE R 710 -31.07 -39.86 2.89
C ILE R 710 -30.99 -40.22 1.41
N VAL R 711 -31.80 -39.56 0.58
CA VAL R 711 -31.78 -39.82 -0.86
C VAL R 711 -30.49 -39.29 -1.47
N GLN R 712 -30.03 -38.12 -1.01
CA GLN R 712 -28.90 -37.42 -1.62
C GLN R 712 -27.61 -38.23 -1.51
N ALA R 713 -27.38 -38.85 -0.37
CA ALA R 713 -26.16 -39.60 -0.18
C ALA R 713 -26.21 -40.98 -0.81
N ARG R 714 -27.40 -41.52 -1.05
CA ARG R 714 -27.49 -42.65 -1.95
C ARG R 714 -27.06 -42.25 -3.35
N LEU R 715 -27.45 -41.05 -3.78
CA LEU R 715 -27.06 -40.55 -5.09
C LEU R 715 -25.58 -40.19 -5.12
N VAL R 716 -25.11 -39.48 -4.08
CA VAL R 716 -23.70 -39.10 -4.00
C VAL R 716 -22.82 -40.33 -3.84
N GLY R 717 -23.29 -41.32 -3.10
CA GLY R 717 -22.55 -42.56 -2.97
C GLY R 717 -22.54 -43.38 -4.24
N LEU R 718 -23.65 -43.37 -4.98
CA LEU R 718 -23.68 -44.04 -6.27
C LEU R 718 -22.84 -43.32 -7.31
N ALA R 719 -22.77 -42.00 -7.22
CA ALA R 719 -21.98 -41.22 -8.17
C ALA R 719 -20.49 -41.44 -7.96
N HIS R 720 -20.04 -41.54 -6.71
CA HIS R 720 -18.63 -41.85 -6.46
C HIS R 720 -18.32 -43.29 -6.83
N PHE R 721 -19.23 -44.22 -6.55
CA PHE R 721 -19.08 -45.60 -6.95
C PHE R 721 -18.99 -45.73 -8.47
N SER R 722 -19.85 -45.02 -9.20
CA SER R 722 -19.87 -45.15 -10.66
C SER R 722 -18.67 -44.49 -11.30
N VAL R 723 -18.31 -43.28 -10.86
CA VAL R 723 -17.15 -42.58 -11.40
C VAL R 723 -15.88 -43.36 -11.11
N GLY R 724 -15.75 -43.89 -9.89
CA GLY R 724 -14.61 -44.71 -9.55
C GLY R 724 -14.59 -46.03 -10.29
N TYR R 725 -15.76 -46.56 -10.64
CA TYR R 725 -15.84 -47.77 -11.46
C TYR R 725 -15.32 -47.52 -12.87
N ILE R 726 -15.74 -46.41 -13.49
CA ILE R 726 -15.45 -46.15 -14.89
C ILE R 726 -13.98 -45.83 -15.08
N ILE R 727 -13.45 -44.88 -14.32
CA ILE R 727 -12.10 -44.42 -14.57
C ILE R 727 -11.04 -45.38 -14.07
N THR R 728 -11.39 -46.33 -13.20
CA THR R 728 -10.45 -47.40 -12.86
C THR R 728 -10.27 -48.32 -14.05
N TYR R 729 -11.37 -48.75 -14.65
CA TYR R 729 -11.29 -49.68 -15.75
C TYR R 729 -10.77 -49.02 -17.01
N ALA R 730 -11.13 -47.74 -17.22
CA ALA R 730 -10.65 -47.02 -18.39
C ALA R 730 -9.14 -46.80 -18.32
N ALA R 731 -8.62 -46.56 -17.12
CA ALA R 731 -7.17 -46.48 -16.95
C ALA R 731 -6.52 -47.82 -17.15
N PHE R 732 -7.16 -48.89 -16.70
CA PHE R 732 -6.58 -50.22 -16.86
C PHE R 732 -6.70 -50.73 -18.29
N LEU R 733 -7.84 -50.47 -18.95
CA LEU R 733 -8.05 -50.92 -20.32
C LEU R 733 -7.05 -50.27 -21.28
N ILE R 734 -6.83 -48.97 -21.12
CA ILE R 734 -5.97 -48.26 -22.04
C ILE R 734 -4.50 -48.56 -21.76
N ALA R 735 -4.11 -48.64 -20.48
CA ALA R 735 -2.71 -48.86 -20.17
C ALA R 735 -2.28 -50.31 -20.38
N SER R 736 -3.17 -51.28 -20.18
CA SER R 736 -2.78 -52.66 -20.46
C SER R 736 -2.75 -52.97 -21.94
N THR R 737 -3.49 -52.23 -22.75
CA THR R 737 -3.48 -52.49 -24.19
C THR R 737 -2.42 -51.66 -24.91
N SER R 738 -2.24 -50.39 -24.53
CA SER R 738 -1.29 -49.55 -25.25
C SER R 738 0.16 -49.76 -24.80
N SER R 739 0.40 -50.48 -23.71
CA SER R 739 1.78 -50.72 -23.29
C SER R 739 2.45 -51.75 -24.18
N ARG R 740 1.75 -52.82 -24.52
CA ARG R 740 2.30 -53.82 -25.42
C ARG R 740 1.93 -53.59 -26.88
N PHE R 741 0.96 -52.72 -27.16
CA PHE R 741 0.61 -52.35 -28.52
C PHE R 741 0.60 -50.85 -28.66
N SER S 2 -43.39 -27.05 6.15
CA SER S 2 -43.89 -27.98 7.15
C SER S 2 -44.29 -29.30 6.51
N HIS S 3 -44.59 -30.28 7.35
CA HIS S 3 -45.09 -31.57 6.90
C HIS S 3 -46.60 -31.59 6.95
N SER S 4 -47.19 -32.53 6.20
CA SER S 4 -48.63 -32.72 6.17
C SER S 4 -48.97 -33.98 6.96
N VAL S 5 -49.78 -33.83 7.99
CA VAL S 5 -50.30 -34.95 8.76
C VAL S 5 -51.79 -35.07 8.48
N LYS S 6 -52.21 -36.20 7.93
CA LYS S 6 -53.59 -36.44 7.56
C LYS S 6 -54.14 -37.60 8.37
N ILE S 7 -55.30 -37.40 8.98
CA ILE S 7 -56.00 -38.44 9.71
C ILE S 7 -57.22 -38.85 8.89
N TYR S 8 -57.38 -40.14 8.66
CA TYR S 8 -58.43 -40.66 7.80
C TYR S 8 -59.60 -41.17 8.63
N ASP S 9 -60.68 -41.50 7.91
CA ASP S 9 -61.97 -41.90 8.49
C ASP S 9 -61.94 -43.28 9.13
N THR S 10 -60.84 -44.01 9.01
CA THR S 10 -60.74 -45.34 9.60
C THR S 10 -60.18 -45.31 11.01
N CYS S 11 -60.04 -44.14 11.61
CA CYS S 11 -59.47 -44.04 12.95
C CYS S 11 -60.42 -44.58 13.98
N ILE S 12 -59.89 -45.38 14.92
CA ILE S 12 -60.71 -46.03 15.93
C ILE S 12 -60.64 -45.26 17.23
N GLY S 13 -60.00 -44.09 17.21
CA GLY S 13 -59.92 -43.25 18.38
C GLY S 13 -59.09 -43.81 19.51
N CYS S 14 -58.14 -44.68 19.21
CA CYS S 14 -57.36 -45.37 20.24
C CYS S 14 -56.31 -44.49 20.90
N THR S 15 -56.13 -43.24 20.42
CA THR S 15 -55.25 -42.16 20.91
C THR S 15 -53.79 -42.57 21.10
N GLN S 16 -53.35 -43.70 20.52
CA GLN S 16 -51.97 -44.13 20.68
C GLN S 16 -51.02 -43.27 19.86
N CYS S 17 -51.49 -42.68 18.77
CA CYS S 17 -50.66 -41.77 17.99
C CYS S 17 -50.43 -40.46 18.71
N VAL S 18 -51.39 -40.02 19.53
CA VAL S 18 -51.23 -38.80 20.29
C VAL S 18 -50.24 -39.00 21.42
N ARG S 19 -50.28 -40.17 22.06
CA ARG S 19 -49.31 -40.50 23.10
C ARG S 19 -47.91 -40.66 22.55
N ALA S 20 -47.79 -41.10 21.29
CA ALA S 20 -46.49 -41.40 20.71
C ALA S 20 -45.78 -40.17 20.18
N CYS S 21 -46.49 -39.07 19.95
CA CYS S 21 -45.88 -37.92 19.29
C CYS S 21 -44.93 -37.19 20.23
N PRO S 22 -43.65 -37.08 19.88
CA PRO S 22 -42.70 -36.38 20.76
C PRO S 22 -42.71 -34.88 20.62
N LEU S 23 -43.50 -34.33 19.70
CA LEU S 23 -43.55 -32.90 19.47
C LEU S 23 -44.90 -32.29 19.83
N ASP S 24 -45.83 -33.08 20.36
CA ASP S 24 -47.20 -32.68 20.71
C ASP S 24 -47.91 -32.03 19.52
N VAL S 25 -47.93 -32.75 18.41
CA VAL S 25 -48.61 -32.26 17.22
C VAL S 25 -50.09 -32.61 17.27
N LEU S 26 -50.44 -33.75 17.84
CA LEU S 26 -51.74 -34.34 17.68
C LEU S 26 -52.57 -34.24 18.95
N GLU S 27 -53.89 -34.19 18.77
CA GLU S 27 -54.82 -34.22 19.89
C GLU S 27 -56.11 -34.88 19.42
N MET S 28 -56.94 -35.26 20.38
CA MET S 28 -58.19 -35.95 20.08
C MET S 28 -59.34 -34.96 20.00
N VAL S 29 -60.19 -35.14 18.98
CA VAL S 29 -61.38 -34.33 18.78
C VAL S 29 -62.59 -35.25 18.85
N PRO S 30 -63.67 -34.85 19.54
CA PRO S 30 -64.90 -35.66 19.54
C PRO S 30 -65.49 -35.77 18.15
N TRP S 31 -65.84 -36.98 17.76
CA TRP S 31 -66.13 -37.26 16.35
C TRP S 31 -67.46 -37.97 16.11
N ASP S 32 -67.87 -38.87 17.00
CA ASP S 32 -69.05 -39.79 16.91
C ASP S 32 -69.14 -40.54 15.56
N GLY S 33 -68.00 -40.77 14.92
CA GLY S 33 -67.91 -41.50 13.67
C GLY S 33 -67.31 -42.87 13.87
N CYS S 34 -66.93 -43.16 15.10
CA CYS S 34 -66.43 -44.47 15.50
C CYS S 34 -67.04 -44.82 16.85
N LYS S 35 -66.72 -46.02 17.35
CA LYS S 35 -67.24 -46.47 18.63
C LYS S 35 -66.70 -45.63 19.79
N ALA S 36 -65.45 -45.19 19.68
CA ALA S 36 -64.84 -44.40 20.74
C ALA S 36 -65.37 -42.96 20.77
N GLY S 37 -65.92 -42.49 19.65
CA GLY S 37 -66.42 -41.14 19.56
C GLY S 37 -65.35 -40.06 19.40
N SER S 38 -64.07 -40.44 19.39
CA SER S 38 -62.98 -39.49 19.22
C SER S 38 -62.20 -39.84 17.95
N ILE S 39 -61.61 -38.81 17.35
CA ILE S 39 -60.74 -38.97 16.21
C ILE S 39 -59.48 -38.16 16.48
N ALA S 40 -58.36 -38.60 15.89
CA ALA S 40 -57.15 -37.82 15.99
C ALA S 40 -57.22 -36.61 15.08
N SER S 41 -56.57 -35.54 15.50
CA SER S 41 -56.45 -34.33 14.70
C SER S 41 -55.02 -33.85 14.75
N SER S 42 -54.66 -32.96 13.84
CA SER S 42 -53.30 -32.43 13.76
C SER S 42 -53.32 -30.91 13.66
N PRO S 43 -53.53 -30.20 14.77
CA PRO S 43 -53.51 -28.73 14.71
C PRO S 43 -52.12 -28.14 14.53
N ARG S 44 -51.13 -28.64 15.27
CA ARG S 44 -49.80 -28.03 15.29
C ARG S 44 -48.84 -28.77 14.37
N THR S 45 -49.21 -28.84 13.08
CA THR S 45 -48.38 -29.51 12.07
C THR S 45 -47.13 -28.73 11.73
N GLU S 46 -47.08 -27.43 12.04
CA GLU S 46 -45.88 -26.64 11.84
C GLU S 46 -44.77 -26.97 12.82
N ASP S 47 -45.07 -27.75 13.86
CA ASP S 47 -44.06 -28.26 14.77
C ASP S 47 -43.71 -29.72 14.49
N CYS S 48 -44.28 -30.33 13.47
CA CYS S 48 -44.04 -31.74 13.18
C CYS S 48 -42.66 -31.93 12.57
N VAL S 49 -41.87 -32.84 13.15
CA VAL S 49 -40.54 -33.11 12.62
C VAL S 49 -40.56 -34.15 11.50
N GLY S 50 -41.56 -35.02 11.46
CA GLY S 50 -41.61 -36.07 10.47
C GLY S 50 -41.09 -37.41 10.95
N CYS S 51 -40.98 -37.62 12.26
CA CYS S 51 -40.40 -38.82 12.82
C CYS S 51 -41.22 -40.08 12.56
N LYS S 52 -42.51 -39.93 12.27
CA LYS S 52 -43.47 -41.00 11.99
C LYS S 52 -43.61 -41.99 13.15
N ARG S 53 -43.42 -41.50 14.38
CA ARG S 53 -43.72 -42.32 15.55
C ARG S 53 -45.22 -42.54 15.69
N CYS S 54 -46.03 -41.62 15.18
CA CYS S 54 -47.47 -41.76 15.21
C CYS S 54 -47.94 -42.89 14.30
N GLU S 55 -47.35 -43.00 13.11
CA GLU S 55 -47.68 -44.08 12.19
C GLU S 55 -47.24 -45.43 12.72
N THR S 56 -46.18 -45.47 13.53
CA THR S 56 -45.74 -46.72 14.14
C THR S 56 -46.74 -47.20 15.19
N ALA S 57 -47.42 -46.27 15.86
CA ALA S 57 -48.34 -46.63 16.92
C ALA S 57 -49.75 -46.95 16.41
N CYS S 58 -50.08 -46.57 15.18
CA CYS S 58 -51.45 -46.70 14.69
C CYS S 58 -51.77 -48.18 14.41
N PRO S 59 -52.82 -48.73 15.02
CA PRO S 59 -53.10 -50.16 14.90
C PRO S 59 -54.06 -50.56 13.79
N THR S 60 -54.50 -49.62 12.95
CA THR S 60 -55.40 -49.96 11.87
C THR S 60 -54.62 -50.31 10.61
N ASP S 61 -55.24 -51.09 9.73
CA ASP S 61 -54.60 -51.61 8.54
C ASP S 61 -55.46 -51.27 7.33
N PHE S 62 -55.06 -50.27 6.54
CA PHE S 62 -53.80 -49.52 6.63
C PHE S 62 -53.95 -48.36 7.64
N LEU S 63 -52.92 -47.52 7.73
CA LEU S 63 -52.84 -46.51 8.78
C LEU S 63 -53.90 -45.45 8.61
N SER S 64 -54.50 -45.06 9.73
CA SER S 64 -55.44 -43.95 9.72
C SER S 64 -54.73 -42.62 9.70
N ILE S 65 -53.48 -42.56 10.14
CA ILE S 65 -52.69 -41.35 10.15
C ILE S 65 -51.53 -41.52 9.16
N ARG S 66 -51.34 -40.52 8.31
CA ARG S 66 -50.25 -40.52 7.35
C ARG S 66 -49.51 -39.20 7.40
N VAL S 67 -48.18 -39.28 7.40
CA VAL S 67 -47.31 -38.11 7.42
C VAL S 67 -46.71 -37.95 6.03
N TYR S 68 -46.85 -36.76 5.46
CA TYR S 68 -46.28 -36.43 4.16
C TYR S 68 -45.20 -35.38 4.36
N LEU S 69 -43.95 -35.78 4.15
CA LEU S 69 -42.81 -34.89 4.36
C LEU S 69 -42.82 -33.78 3.30
N GLY S 70 -42.97 -32.54 3.74
CA GLY S 70 -43.07 -31.42 2.83
C GLY S 70 -41.87 -30.49 2.88
N ALA S 71 -42.13 -29.19 2.81
CA ALA S 71 -41.05 -28.20 2.82
C ALA S 71 -40.39 -28.12 4.18
N GLU S 72 -39.07 -28.06 4.19
CA GLU S 72 -38.29 -28.13 5.41
C GLU S 72 -38.12 -26.74 6.01
N THR S 73 -38.42 -26.62 7.29
CA THR S 73 -38.19 -25.42 8.08
C THR S 73 -37.13 -25.74 9.13
N THR S 74 -36.82 -24.74 9.96
CA THR S 74 -35.91 -24.97 11.09
C THR S 74 -36.54 -25.91 12.11
N ARG S 75 -37.86 -25.84 12.28
CA ARG S 75 -38.54 -26.72 13.23
C ARG S 75 -38.59 -28.14 12.73
N SER S 76 -38.94 -28.33 11.45
CA SER S 76 -39.10 -29.68 10.92
C SER S 76 -37.77 -30.40 10.71
N MET S 77 -36.67 -29.66 10.56
CA MET S 77 -35.36 -30.29 10.47
C MET S 77 -34.77 -30.59 11.84
N GLY S 78 -35.47 -30.25 12.93
CA GLY S 78 -35.03 -30.58 14.26
C GLY S 78 -33.76 -29.90 14.70
N LEU S 79 -33.53 -28.68 14.24
CA LEU S 79 -32.28 -27.98 14.48
C LEU S 79 -32.38 -27.15 15.75
N ALA S 80 -31.39 -27.30 16.62
CA ALA S 80 -31.23 -26.44 17.79
C ALA S 80 -30.35 -25.22 17.50
N TYR S 81 -30.07 -24.96 16.23
CA TYR S 81 -29.26 -23.81 15.84
C TYR S 81 -29.90 -23.10 14.65
N THR T 4 -41.88 -12.20 32.66
CA THR T 4 -43.27 -12.64 32.47
C THR T 4 -43.49 -14.03 33.04
N LEU T 5 -42.39 -14.78 33.27
CA LEU T 5 -42.44 -16.11 33.84
C LEU T 5 -41.51 -16.18 35.03
N THR T 6 -42.02 -16.67 36.15
CA THR T 6 -41.23 -16.84 37.36
C THR T 6 -40.91 -18.31 37.57
N GLY T 7 -40.05 -18.57 38.55
CA GLY T 7 -39.57 -19.90 38.83
C GLY T 7 -38.08 -19.83 39.02
N LYS T 8 -37.55 -20.77 39.79
CA LYS T 8 -36.12 -20.84 40.05
C LYS T 8 -35.41 -21.61 38.95
N THR T 9 -34.23 -21.12 38.59
CA THR T 9 -33.37 -21.89 37.71
C THR T 9 -32.82 -23.09 38.47
N PRO T 10 -32.76 -24.26 37.85
CA PRO T 10 -32.22 -25.44 38.54
C PRO T 10 -30.73 -25.30 38.79
N VAL T 11 -30.26 -25.97 39.84
CA VAL T 11 -28.85 -25.91 40.20
C VAL T 11 -28.07 -26.74 39.18
N PHE T 12 -27.25 -26.08 38.38
CA PHE T 12 -26.60 -26.69 37.23
C PHE T 12 -25.34 -25.88 36.95
N GLY T 13 -24.23 -26.57 36.71
CA GLY T 13 -23.00 -25.88 36.40
C GLY T 13 -22.87 -25.38 34.98
N GLY T 14 -23.90 -25.59 34.15
CA GLY T 14 -23.81 -25.27 32.75
C GLY T 14 -23.21 -26.40 31.95
N SER T 15 -23.40 -26.33 30.64
CA SER T 15 -22.89 -27.35 29.74
C SER T 15 -22.67 -26.76 28.36
N THR T 16 -22.22 -27.58 27.44
CA THR T 16 -22.02 -27.20 26.05
C THR T 16 -23.22 -27.53 25.17
N GLY T 17 -24.22 -28.22 25.72
CA GLY T 17 -25.38 -28.63 24.96
C GLY T 17 -26.55 -27.68 24.98
N GLY T 18 -26.41 -26.52 25.61
CA GLY T 18 -27.52 -25.60 25.81
C GLY T 18 -27.82 -24.71 24.63
N LEU T 19 -28.23 -23.49 24.93
CA LEU T 19 -28.70 -22.54 23.92
C LEU T 19 -27.56 -22.07 23.01
N LEU T 20 -27.90 -21.83 21.76
CA LEU T 20 -27.01 -21.32 20.74
C LEU T 20 -27.56 -19.96 20.27
N THR T 21 -27.00 -19.47 19.16
CA THR T 21 -27.36 -18.17 18.60
C THR T 21 -28.83 -18.11 18.18
N ARG T 22 -29.43 -19.26 17.84
CA ARG T 22 -30.85 -19.33 17.47
C ARG T 22 -31.76 -18.87 18.60
N ALA T 23 -31.37 -19.17 19.85
CA ALA T 23 -32.16 -18.76 21.01
C ALA T 23 -32.20 -17.25 21.17
N ALA T 24 -31.18 -16.55 20.70
CA ALA T 24 -31.14 -15.10 20.80
C ALA T 24 -31.80 -14.39 19.62
N VAL T 25 -31.77 -14.97 18.43
CA VAL T 25 -32.21 -14.25 17.24
C VAL T 25 -33.47 -14.83 16.59
N GLU T 26 -33.83 -16.09 16.86
CA GLU T 26 -34.96 -16.69 16.17
C GLU T 26 -36.12 -17.03 17.10
N GLU T 27 -35.91 -17.92 18.08
CA GLU T 27 -36.96 -18.49 18.91
C GLU T 27 -36.31 -19.17 20.10
N LYS T 28 -37.05 -19.24 21.19
CA LYS T 28 -36.58 -19.85 22.43
C LYS T 28 -37.73 -20.64 23.04
N TYR T 29 -37.41 -21.45 24.05
CA TYR T 29 -38.42 -22.26 24.72
C TYR T 29 -38.10 -22.32 26.21
N ALA T 30 -39.15 -22.25 27.02
CA ALA T 30 -39.02 -22.40 28.47
C ALA T 30 -40.05 -23.39 28.97
N ILE T 31 -39.67 -24.16 29.97
CA ILE T 31 -40.58 -25.08 30.64
C ILE T 31 -40.59 -24.75 32.13
N THR T 32 -41.78 -24.50 32.67
CA THR T 32 -41.96 -24.26 34.09
C THR T 32 -42.68 -25.44 34.71
N TRP T 33 -42.26 -25.84 35.91
CA TRP T 33 -42.98 -26.87 36.64
C TRP T 33 -42.79 -26.65 38.13
N THR T 34 -43.71 -27.20 38.91
CA THR T 34 -43.69 -27.09 40.36
C THR T 34 -43.45 -28.45 40.96
N SER T 35 -42.53 -28.53 41.92
CA SER T 35 -42.10 -29.79 42.50
C SER T 35 -42.24 -29.75 44.01
N THR T 36 -42.50 -30.92 44.59
CA THR T 36 -42.62 -31.04 46.04
C THR T 36 -41.32 -31.45 46.73
N LYS T 37 -40.26 -31.73 45.97
CA LYS T 37 -39.01 -32.21 46.54
C LYS T 37 -37.84 -31.57 45.82
N GLN T 38 -36.73 -31.42 46.53
CA GLN T 38 -35.46 -31.05 45.91
C GLN T 38 -34.80 -32.35 45.47
N GLN T 39 -34.93 -32.67 44.18
CA GLN T 39 -34.47 -33.94 43.66
C GLN T 39 -33.54 -33.71 42.47
N VAL T 40 -33.12 -34.81 41.85
CA VAL T 40 -32.17 -34.79 40.75
C VAL T 40 -32.89 -35.25 39.49
N PHE T 41 -32.75 -34.48 38.42
CA PHE T 41 -33.28 -34.86 37.12
C PHE T 41 -32.19 -34.77 36.07
N GLU T 42 -32.40 -35.46 34.95
CA GLU T 42 -31.47 -35.39 33.83
C GLU T 42 -31.88 -34.27 32.89
N MET T 43 -30.89 -33.47 32.50
CA MET T 43 -31.13 -32.43 31.51
C MET T 43 -31.38 -33.07 30.14
N PRO T 44 -32.24 -32.45 29.31
CA PRO T 44 -32.40 -32.96 27.94
C PRO T 44 -31.19 -32.69 27.07
N THR T 45 -30.35 -31.75 27.45
CA THR T 45 -29.10 -31.45 26.77
C THR T 45 -27.90 -32.17 27.39
N GLY T 46 -28.15 -33.13 28.28
CA GLY T 46 -27.07 -33.88 28.91
C GLY T 46 -26.66 -33.33 30.25
N GLY T 47 -26.52 -34.18 31.24
CA GLY T 47 -26.08 -33.77 32.55
C GLY T 47 -27.19 -33.83 33.59
N ALA T 48 -26.79 -33.86 34.84
CA ALA T 48 -27.72 -33.91 35.96
C ALA T 48 -27.87 -32.51 36.57
N ALA T 49 -29.10 -32.14 36.87
CA ALA T 49 -29.38 -30.87 37.53
C ALA T 49 -30.27 -31.12 38.74
N ILE T 50 -30.38 -30.10 39.58
CA ILE T 50 -31.15 -30.17 40.82
C ILE T 50 -32.39 -29.30 40.65
N MET T 51 -33.56 -29.92 40.67
CA MET T 51 -34.78 -29.13 40.69
C MET T 51 -35.12 -28.73 42.13
N HIS T 52 -35.81 -27.61 42.27
CA HIS T 52 -36.15 -27.03 43.56
C HIS T 52 -37.58 -27.36 43.94
N GLU T 53 -37.88 -27.20 45.23
CA GLU T 53 -39.25 -27.16 45.68
C GLU T 53 -39.87 -25.83 45.29
N GLY T 54 -41.12 -25.87 44.86
CA GLY T 54 -41.76 -24.69 44.31
C GLY T 54 -41.57 -24.63 42.81
N GLU T 55 -41.68 -23.41 42.28
CA GLU T 55 -41.67 -23.20 40.84
C GLU T 55 -40.26 -23.33 40.28
N ASN T 56 -40.12 -24.05 39.18
CA ASN T 56 -38.88 -24.19 38.44
C ASN T 56 -39.01 -23.52 37.10
N LEU T 57 -37.88 -23.15 36.50
CA LEU T 57 -37.89 -22.50 35.19
C LEU T 57 -36.60 -22.85 34.47
N LEU T 58 -36.73 -23.38 33.25
CA LEU T 58 -35.59 -23.85 32.48
C LEU T 58 -35.76 -23.43 31.02
N TYR T 59 -34.76 -22.75 30.48
CA TYR T 59 -34.77 -22.32 29.09
C TYR T 59 -34.09 -23.36 28.21
N LEU T 60 -34.76 -23.79 27.15
CA LEU T 60 -34.24 -24.80 26.23
C LEU T 60 -34.40 -24.34 24.80
N ALA T 61 -33.64 -24.97 23.90
CA ALA T 61 -33.54 -24.49 22.52
C ALA T 61 -34.71 -24.95 21.67
N ARG T 62 -35.16 -26.19 21.83
CA ARG T 62 -36.20 -26.74 20.99
C ARG T 62 -37.42 -27.11 21.82
N LYS T 63 -38.56 -27.20 21.15
CA LYS T 63 -39.77 -27.69 21.79
C LYS T 63 -39.67 -29.16 22.15
N GLU T 64 -38.94 -29.94 21.33
CA GLU T 64 -38.77 -31.36 21.60
C GLU T 64 -37.95 -31.60 22.85
N GLN T 65 -37.01 -30.70 23.17
CA GLN T 65 -36.25 -30.85 24.40
C GLN T 65 -37.11 -30.57 25.63
N CYS T 66 -38.03 -29.61 25.51
CA CYS T 66 -38.95 -29.32 26.61
C CYS T 66 -39.93 -30.45 26.83
N LEU T 67 -40.46 -31.02 25.75
CA LEU T 67 -41.42 -32.11 25.88
C LEU T 67 -40.75 -33.41 26.31
N ALA T 68 -39.45 -33.57 26.02
CA ALA T 68 -38.75 -34.74 26.51
C ALA T 68 -38.47 -34.62 28.01
N LEU T 69 -38.25 -33.40 28.49
CA LEU T 69 -38.11 -33.20 29.93
C LEU T 69 -39.44 -33.41 30.63
N GLY T 70 -40.54 -32.94 30.04
CA GLY T 70 -41.86 -33.15 30.62
C GLY T 70 -42.27 -34.60 30.65
N THR T 71 -41.81 -35.39 29.68
CA THR T 71 -42.00 -36.84 29.73
C THR T 71 -41.18 -37.46 30.87
N GLN T 72 -40.00 -36.91 31.13
CA GLN T 72 -39.21 -37.36 32.26
C GLN T 72 -39.82 -36.93 33.59
N LEU T 73 -40.44 -35.75 33.62
CA LEU T 73 -41.13 -35.29 34.84
C LEU T 73 -42.35 -36.13 35.13
N ARG T 74 -42.97 -36.72 34.11
CA ARG T 74 -44.12 -37.59 34.33
C ARG T 74 -43.70 -38.97 34.82
N SER T 75 -42.84 -39.64 34.07
CA SER T 75 -42.67 -41.08 34.22
C SER T 75 -41.54 -41.49 35.14
N LYS T 76 -40.69 -40.57 35.59
CA LYS T 76 -39.49 -40.95 36.32
C LYS T 76 -39.48 -40.47 37.77
N PHE T 77 -40.58 -39.92 38.27
CA PHE T 77 -40.60 -39.35 39.60
C PHE T 77 -41.81 -39.85 40.39
N LYS T 78 -41.61 -40.00 41.69
CA LYS T 78 -42.66 -40.38 42.64
C LYS T 78 -42.89 -39.25 43.65
N PRO T 79 -43.99 -38.48 43.56
CA PRO T 79 -45.11 -38.61 42.62
C PRO T 79 -44.84 -38.00 41.25
N LYS T 80 -45.78 -38.20 40.34
CA LYS T 80 -45.65 -37.69 38.99
C LYS T 80 -45.82 -36.18 38.95
N ILE T 81 -45.21 -35.54 37.96
CA ILE T 81 -45.26 -34.09 37.80
C ILE T 81 -45.95 -33.82 36.46
N GLU T 82 -47.25 -33.53 36.50
CA GLU T 82 -48.03 -33.27 35.28
C GLU T 82 -48.13 -31.79 34.92
N ASP T 83 -47.86 -30.89 35.87
CA ASP T 83 -48.27 -29.50 35.74
C ASP T 83 -47.28 -28.64 34.95
N TYR T 84 -46.44 -29.26 34.11
CA TYR T 84 -45.45 -28.49 33.38
C TYR T 84 -46.09 -27.70 32.25
N LYS T 85 -45.59 -26.50 32.02
CA LYS T 85 -46.09 -25.61 30.99
C LYS T 85 -44.92 -25.19 30.11
N ILE T 86 -45.12 -25.19 28.80
CA ILE T 86 -44.08 -24.90 27.84
C ILE T 86 -44.44 -23.64 27.08
N TYR T 87 -43.50 -22.72 26.97
CA TYR T 87 -43.70 -21.41 26.38
C TYR T 87 -42.69 -21.19 25.26
N ARG T 88 -43.15 -20.61 24.15
CA ARG T 88 -42.28 -20.23 23.05
C ARG T 88 -41.96 -18.74 23.16
N ILE T 89 -40.69 -18.41 23.34
CA ILE T 89 -40.25 -17.03 23.55
C ILE T 89 -39.58 -16.54 22.28
N TYR T 90 -40.09 -15.46 21.75
CA TYR T 90 -39.61 -14.74 20.57
C TYR T 90 -38.59 -13.68 21.01
N PRO T 91 -37.72 -13.21 20.09
CA PRO T 91 -36.68 -12.25 20.51
C PRO T 91 -37.19 -10.89 20.95
N ASN T 92 -38.37 -10.47 20.49
CA ASN T 92 -38.94 -9.21 20.95
C ASN T 92 -39.43 -9.28 22.40
N GLY T 93 -39.62 -10.49 22.93
CA GLY T 93 -40.10 -10.68 24.27
C GLY T 93 -41.47 -11.32 24.34
N GLU T 94 -42.13 -11.51 23.20
CA GLU T 94 -43.46 -12.12 23.19
C GLU T 94 -43.33 -13.60 23.55
N THR T 95 -44.09 -14.02 24.56
CA THR T 95 -43.98 -15.33 25.16
C THR T 95 -45.32 -16.03 24.93
N GLN T 96 -45.33 -17.02 24.06
CA GLN T 96 -46.56 -17.70 23.68
C GLN T 96 -46.62 -19.06 24.39
N TYR T 97 -47.69 -19.25 25.15
CA TYR T 97 -47.91 -20.51 25.85
C TYR T 97 -48.38 -21.56 24.85
N VAL T 98 -47.57 -22.60 24.66
CA VAL T 98 -47.83 -23.57 23.60
C VAL T 98 -48.19 -24.96 24.14
N HIS T 99 -47.87 -25.29 25.38
CA HIS T 99 -48.19 -26.61 25.88
C HIS T 99 -48.50 -26.53 27.37
N PRO T 100 -49.57 -27.17 27.85
CA PRO T 100 -50.61 -27.88 27.09
C PRO T 100 -51.59 -26.94 26.40
N ALA T 101 -51.75 -27.11 25.09
CA ALA T 101 -52.63 -26.25 24.31
C ALA T 101 -54.09 -26.65 24.47
N VAL U 2 -73.65 -58.42 8.96
CA VAL U 2 -74.07 -59.78 8.64
C VAL U 2 -74.09 -60.64 9.91
N GLN U 3 -73.98 -61.95 9.72
CA GLN U 3 -73.94 -62.92 10.80
C GLN U 3 -72.51 -63.07 11.33
N ARG U 4 -72.39 -63.05 12.66
CA ARG U 4 -71.09 -63.25 13.31
C ARG U 4 -70.59 -64.66 13.08
N GLY U 5 -69.37 -64.78 12.57
CA GLY U 5 -68.72 -66.06 12.37
C GLY U 5 -68.60 -66.49 10.93
N SER U 6 -69.11 -65.70 9.99
CA SER U 6 -68.97 -66.03 8.58
C SER U 6 -67.55 -65.76 8.12
N LYS U 7 -67.08 -66.57 7.18
CA LYS U 7 -65.80 -66.28 6.54
C LYS U 7 -65.99 -65.12 5.58
N VAL U 8 -64.96 -64.28 5.44
CA VAL U 8 -65.08 -62.98 4.83
C VAL U 8 -63.90 -62.72 3.90
N ARG U 9 -64.20 -62.36 2.65
CA ARG U 9 -63.21 -61.90 1.68
C ARG U 9 -63.22 -60.38 1.62
N ILE U 10 -62.03 -59.77 1.53
CA ILE U 10 -61.85 -58.33 1.61
C ILE U 10 -61.49 -57.81 0.22
N LEU U 11 -62.17 -56.75 -0.21
CA LEU U 11 -61.97 -56.21 -1.56
C LEU U 11 -61.57 -54.74 -1.57
N ARG U 12 -60.59 -54.36 -0.74
CA ARG U 12 -60.06 -53.01 -0.84
C ARG U 12 -58.54 -53.03 -0.94
N PRO U 13 -57.94 -52.19 -1.78
CA PRO U 13 -56.52 -52.38 -2.14
C PRO U 13 -55.54 -52.06 -1.03
N GLU U 14 -55.83 -51.07 -0.19
CA GLU U 14 -54.88 -50.65 0.85
C GLU U 14 -54.75 -51.64 1.99
N SER U 15 -55.61 -52.66 2.05
CA SER U 15 -55.54 -53.64 3.13
C SER U 15 -54.40 -54.62 2.90
N TYR U 16 -53.83 -55.10 4.01
CA TYR U 16 -52.88 -56.20 3.91
C TYR U 16 -53.58 -57.48 3.49
N TRP U 17 -54.78 -57.71 4.00
CA TRP U 17 -55.51 -58.95 3.81
C TRP U 17 -56.45 -58.85 2.60
N TYR U 18 -55.89 -58.46 1.46
CA TYR U 18 -56.67 -58.33 0.24
C TYR U 18 -56.94 -59.70 -0.34
N ARG U 19 -58.22 -60.04 -0.50
CA ARG U 19 -58.71 -61.36 -0.95
C ARG U 19 -58.19 -62.45 0.02
N ASP U 20 -58.15 -62.09 1.30
CA ASP U 20 -57.88 -63.06 2.34
C ASP U 20 -59.21 -63.46 2.98
N ILE U 21 -59.22 -64.67 3.53
CA ILE U 21 -60.38 -65.22 4.22
C ILE U 21 -60.16 -65.01 5.72
N GLY U 22 -61.14 -64.39 6.39
CA GLY U 22 -61.00 -64.05 7.79
C GLY U 22 -62.22 -64.42 8.59
N THR U 23 -62.05 -64.39 9.92
CA THR U 23 -63.10 -64.77 10.86
C THR U 23 -63.61 -63.53 11.58
N VAL U 24 -64.93 -63.35 11.56
CA VAL U 24 -65.56 -62.21 12.24
C VAL U 24 -65.61 -62.48 13.73
N ALA U 25 -65.23 -61.48 14.53
CA ALA U 25 -65.35 -61.56 15.99
C ALA U 25 -66.66 -60.97 16.51
N THR U 26 -67.02 -59.76 16.07
CA THR U 26 -68.25 -59.13 16.50
C THR U 26 -68.70 -58.11 15.45
N VAL U 27 -70.01 -57.84 15.43
CA VAL U 27 -70.62 -56.82 14.59
C VAL U 27 -71.54 -55.98 15.47
N ASP U 28 -71.52 -54.66 15.28
CA ASP U 28 -72.42 -53.78 16.01
C ASP U 28 -73.25 -52.95 15.03
N GLN U 29 -74.49 -52.67 15.44
CA GLN U 29 -75.50 -51.99 14.63
C GLN U 29 -75.57 -50.49 14.92
N SER U 30 -74.45 -49.89 15.33
CA SER U 30 -74.48 -48.53 15.88
C SER U 30 -74.66 -47.47 14.79
N GLY U 31 -73.97 -47.61 13.67
CA GLY U 31 -74.06 -46.61 12.62
C GLY U 31 -72.70 -46.05 12.26
N ILE U 32 -71.65 -46.68 12.77
CA ILE U 32 -70.28 -46.23 12.56
C ILE U 32 -69.84 -46.61 11.15
N ARG U 33 -68.68 -46.07 10.72
CA ARG U 33 -68.27 -46.23 9.33
C ARG U 33 -67.79 -47.65 9.05
N TYR U 34 -67.16 -48.30 10.02
CA TYR U 34 -66.56 -49.62 9.85
C TYR U 34 -66.95 -50.47 11.06
N PRO U 35 -68.07 -51.20 10.97
CA PRO U 35 -68.58 -51.91 12.16
C PRO U 35 -68.07 -53.33 12.35
N ALA U 36 -67.49 -53.93 11.31
CA ALA U 36 -67.22 -55.36 11.30
C ALA U 36 -65.79 -55.62 11.74
N ILE U 37 -65.62 -56.08 12.97
CA ILE U 37 -64.32 -56.60 13.42
C ILE U 37 -64.08 -57.93 12.75
N VAL U 38 -62.99 -58.04 12.00
CA VAL U 38 -62.59 -59.27 11.33
C VAL U 38 -61.24 -59.68 11.88
N ARG U 39 -61.14 -60.92 12.38
CA ARG U 39 -59.85 -61.44 12.78
C ARG U 39 -59.23 -62.22 11.62
N PHE U 40 -57.92 -62.45 11.73
CA PHE U 40 -57.18 -63.06 10.64
C PHE U 40 -56.22 -64.10 11.20
N ASP U 41 -55.82 -65.03 10.32
CA ASP U 41 -54.93 -66.12 10.67
C ASP U 41 -53.46 -65.70 10.69
N LYS U 42 -53.10 -64.65 9.97
CA LYS U 42 -51.72 -64.23 9.79
C LYS U 42 -51.58 -62.74 10.06
N VAL U 43 -50.47 -62.36 10.68
CA VAL U 43 -50.26 -60.97 11.05
C VAL U 43 -49.96 -60.13 9.81
N ASN U 44 -50.17 -58.83 9.94
CA ASN U 44 -49.77 -57.87 8.93
C ASN U 44 -48.32 -57.47 9.18
N TYR U 45 -47.85 -56.39 8.57
CA TYR U 45 -46.45 -56.01 8.67
C TYR U 45 -46.05 -55.46 10.03
N TYR U 46 -46.98 -55.29 10.96
CA TYR U 46 -46.62 -54.88 12.31
C TYR U 46 -47.51 -55.54 13.37
N GLY U 47 -48.09 -56.70 13.06
CA GLY U 47 -48.73 -57.54 14.05
C GLY U 47 -50.04 -57.06 14.61
N ILE U 48 -51.10 -57.10 13.80
CA ILE U 48 -52.42 -56.66 14.22
C ILE U 48 -53.41 -57.82 14.26
N SER U 49 -53.69 -58.42 13.09
CA SER U 49 -54.63 -59.53 12.90
C SER U 49 -56.06 -59.19 13.33
N SER U 50 -56.43 -57.91 13.30
CA SER U 50 -57.80 -57.48 13.60
C SER U 50 -58.04 -56.09 13.03
N ASN U 51 -58.88 -56.00 12.01
CA ASN U 51 -59.15 -54.72 11.38
C ASN U 51 -60.65 -54.57 11.18
N ASN U 52 -61.13 -53.33 11.34
CA ASN U 52 -62.54 -53.03 11.13
C ASN U 52 -62.80 -52.70 9.67
N PHE U 53 -63.89 -53.24 9.14
CA PHE U 53 -64.23 -53.10 7.73
C PHE U 53 -65.69 -52.71 7.59
N ALA U 54 -65.99 -52.00 6.52
CA ALA U 54 -67.38 -51.74 6.13
C ALA U 54 -67.87 -52.89 5.26
N LEU U 55 -69.15 -53.22 5.41
CA LEU U 55 -69.73 -54.31 4.63
C LEU U 55 -69.93 -53.96 3.16
N SER U 56 -69.79 -52.69 2.78
CA SER U 56 -69.78 -52.28 1.38
C SER U 56 -68.46 -52.61 0.68
N GLU U 57 -67.53 -53.24 1.37
CA GLU U 57 -66.22 -53.60 0.86
C GLU U 57 -66.04 -55.10 0.75
N LEU U 58 -67.04 -55.88 1.15
CA LEU U 58 -66.84 -57.24 1.61
C LEU U 58 -67.59 -58.27 0.75
N GLU U 59 -66.99 -59.45 0.66
CA GLU U 59 -67.53 -60.61 -0.04
C GLU U 59 -67.48 -61.80 0.91
N GLU U 60 -68.50 -62.66 0.86
CA GLU U 60 -68.43 -63.94 1.56
C GLU U 60 -68.86 -65.08 0.66
N VAL U 61 -68.17 -66.22 0.80
CA VAL U 61 -68.58 -67.46 0.18
C VAL U 61 -69.08 -68.48 1.20
N GLU U 62 -68.92 -68.21 2.49
CA GLU U 62 -69.26 -69.15 3.54
C GLU U 62 -70.36 -68.57 4.43
N MET V 1 7.17 -27.00 -20.16
CA MET V 1 6.02 -26.80 -21.04
C MET V 1 6.36 -25.89 -22.19
N ASP V 2 6.24 -26.40 -23.41
CA ASP V 2 6.51 -25.63 -24.61
C ASP V 2 5.77 -26.31 -25.76
N GLY V 3 5.61 -25.59 -26.85
CA GLY V 3 4.96 -26.15 -28.02
C GLY V 3 5.59 -25.61 -29.30
N THR V 4 5.57 -26.45 -30.32
CA THR V 4 5.97 -26.02 -31.66
C THR V 4 4.78 -25.77 -32.56
N TYR V 5 3.57 -26.03 -32.09
CA TYR V 5 2.37 -25.66 -32.83
C TYR V 5 2.20 -24.15 -32.85
N ALA V 6 1.29 -23.69 -33.70
CA ALA V 6 1.11 -22.26 -33.91
C ALA V 6 0.50 -21.61 -32.67
N ALA V 7 1.08 -20.47 -32.28
CA ALA V 7 0.70 -19.68 -31.11
C ALA V 7 0.74 -20.53 -29.83
N SER V 8 1.92 -21.06 -29.55
CA SER V 8 2.12 -21.90 -28.38
C SER V 8 2.15 -21.11 -27.08
N TRP V 9 2.13 -19.78 -27.15
CA TRP V 9 1.95 -18.93 -25.97
C TRP V 9 0.52 -18.91 -25.49
N LEU V 10 -0.42 -19.44 -26.24
CA LEU V 10 -1.82 -19.47 -25.84
C LEU V 10 -2.13 -20.40 -24.67
N PRO V 11 -1.60 -21.64 -24.56
CA PRO V 11 -1.84 -22.40 -23.33
C PRO V 11 -1.16 -21.81 -22.09
N TRP V 12 -0.07 -21.07 -22.28
CA TRP V 12 0.58 -20.32 -21.21
C TRP V 12 -0.39 -19.38 -20.50
N LEU V 13 -1.28 -18.74 -21.25
CA LEU V 13 -2.26 -17.84 -20.68
C LEU V 13 -3.58 -18.52 -20.36
N LEU V 14 -4.05 -19.41 -21.24
CA LEU V 14 -5.43 -19.88 -21.17
C LEU V 14 -5.64 -20.91 -20.07
N ILE V 15 -4.66 -21.77 -19.80
CA ILE V 15 -4.79 -22.72 -18.69
C ILE V 15 -4.87 -22.04 -17.33
N PRO V 16 -4.09 -20.97 -17.03
CA PRO V 16 -4.45 -20.19 -15.82
C PRO V 16 -5.79 -19.48 -15.91
N VAL V 17 -6.22 -19.07 -17.10
CA VAL V 17 -7.50 -18.36 -17.20
C VAL V 17 -8.67 -19.33 -17.02
N VAL V 18 -8.58 -20.51 -17.63
CA VAL V 18 -9.68 -21.48 -17.59
C VAL V 18 -9.76 -22.18 -16.24
N THR V 19 -8.65 -22.37 -15.54
CA THR V 19 -8.65 -23.18 -14.34
C THR V 19 -8.45 -22.41 -13.04
N TRP V 20 -8.00 -21.16 -13.10
CA TRP V 20 -7.93 -20.34 -11.90
C TRP V 20 -8.93 -19.20 -11.95
N LEU V 21 -8.87 -18.37 -12.98
CA LEU V 21 -9.64 -17.13 -13.01
C LEU V 21 -11.12 -17.40 -13.25
N MET V 22 -11.43 -18.15 -14.30
CA MET V 22 -12.81 -18.53 -14.58
C MET V 22 -13.52 -19.28 -13.45
N PRO V 23 -12.92 -20.29 -12.78
CA PRO V 23 -13.66 -20.90 -11.66
C PRO V 23 -13.82 -19.97 -10.48
N ALA V 24 -12.83 -19.13 -10.19
CA ALA V 24 -12.99 -18.16 -9.11
C ALA V 24 -14.03 -17.11 -9.44
N VAL V 25 -14.17 -16.75 -10.71
CA VAL V 25 -15.21 -15.79 -11.10
C VAL V 25 -16.58 -16.47 -11.09
N VAL V 26 -16.66 -17.70 -11.60
CA VAL V 26 -17.95 -18.40 -11.68
C VAL V 26 -18.42 -18.81 -10.28
N MET V 27 -17.51 -19.33 -9.45
CA MET V 27 -17.88 -19.63 -8.06
C MET V 27 -18.21 -18.36 -7.29
N GLY V 28 -17.54 -17.25 -7.61
CA GLY V 28 -17.89 -15.97 -7.01
C GLY V 28 -19.28 -15.52 -7.43
N LEU V 29 -19.59 -15.61 -8.73
CA LEU V 29 -20.90 -15.19 -9.20
C LEU V 29 -21.99 -16.15 -8.78
N LEU V 30 -21.69 -17.44 -8.69
CA LEU V 30 -22.69 -18.38 -8.21
C LEU V 30 -22.93 -18.26 -6.72
N PHE V 31 -21.91 -17.83 -5.97
CA PHE V 31 -22.08 -17.53 -4.56
C PHE V 31 -23.04 -16.36 -4.36
N PHE V 32 -22.93 -15.33 -5.20
CA PHE V 32 -23.88 -14.23 -5.12
C PHE V 32 -25.28 -14.66 -5.50
N TYR V 33 -25.41 -15.60 -6.43
CA TYR V 33 -26.72 -16.01 -6.91
C TYR V 33 -27.44 -16.91 -5.90
N ILE V 34 -26.71 -17.81 -5.22
CA ILE V 34 -27.36 -18.73 -4.31
C ILE V 34 -27.45 -18.22 -2.87
N GLU V 35 -26.80 -17.10 -2.56
CA GLU V 35 -26.87 -16.53 -1.21
C GLU V 35 -27.55 -15.18 -1.15
N SER V 36 -28.04 -14.64 -2.26
CA SER V 36 -28.74 -13.36 -2.21
C SER V 36 -30.12 -13.55 -1.60
N ASP V 37 -30.47 -12.66 -0.67
CA ASP V 37 -31.74 -12.73 0.01
C ASP V 37 -32.89 -12.36 -0.92
N ALA V 38 -34.09 -12.80 -0.53
CA ALA V 38 -35.37 -12.46 -1.14
C ALA V 38 -35.48 -12.79 -2.62
N GLY W 16 -26.54 -22.36 31.57
CA GLY W 16 -26.02 -21.82 30.33
C GLY W 16 -24.67 -22.40 29.95
N HIS W 17 -23.67 -21.54 29.81
CA HIS W 17 -22.33 -21.97 29.43
C HIS W 17 -21.60 -22.54 30.64
N LEU W 18 -20.39 -23.03 30.40
CA LEU W 18 -19.57 -23.61 31.45
C LEU W 18 -18.72 -22.56 32.14
N SER W 19 -18.57 -22.71 33.44
CA SER W 19 -17.66 -21.90 34.24
C SER W 19 -16.35 -22.68 34.35
N THR W 20 -15.36 -22.31 33.55
CA THR W 20 -14.11 -23.02 33.49
C THR W 20 -12.96 -22.09 33.87
N PRO W 21 -11.81 -22.62 34.29
CA PRO W 21 -10.65 -21.75 34.51
C PRO W 21 -10.04 -21.17 33.24
N ILE W 22 -10.52 -21.51 32.05
CA ILE W 22 -10.18 -20.75 30.86
C ILE W 22 -11.18 -19.61 30.64
N SER W 23 -12.46 -19.87 30.86
CA SER W 23 -13.49 -18.84 30.69
C SER W 23 -13.44 -17.80 31.79
N ASP W 24 -13.04 -18.18 33.00
CA ASP W 24 -12.85 -17.23 34.10
C ASP W 24 -11.41 -16.74 34.19
N SER W 25 -10.70 -16.73 33.08
CA SER W 25 -9.32 -16.24 33.04
C SER W 25 -9.34 -14.81 32.52
N ALA W 26 -8.78 -13.89 33.31
CA ALA W 26 -8.81 -12.48 32.94
C ALA W 26 -7.75 -12.14 31.92
N PHE W 27 -6.65 -12.89 31.85
CA PHE W 27 -5.63 -12.64 30.83
C PHE W 27 -6.13 -13.07 29.46
N VAL W 28 -6.86 -14.18 29.39
CA VAL W 28 -7.39 -14.67 28.13
C VAL W 28 -8.43 -13.69 27.57
N ARG W 29 -9.29 -13.15 28.43
CA ARG W 29 -10.30 -12.21 27.97
C ARG W 29 -9.70 -10.86 27.61
N SER W 30 -8.60 -10.48 28.26
CA SER W 30 -7.97 -9.20 27.91
C SER W 30 -7.10 -9.34 26.67
N PHE W 31 -6.56 -10.53 26.41
CA PHE W 31 -5.78 -10.72 25.18
C PHE W 31 -6.69 -10.83 23.96
N ILE W 32 -7.73 -11.67 24.06
CA ILE W 32 -8.65 -11.87 22.94
C ILE W 32 -9.46 -10.61 22.68
N GLY W 33 -9.92 -9.97 23.74
CA GLY W 33 -10.70 -8.75 23.63
C GLY W 33 -9.93 -7.54 23.11
N ASN W 34 -8.60 -7.62 23.09
CA ASN W 34 -7.79 -6.53 22.55
C ASN W 34 -7.03 -6.93 21.29
N LEU W 35 -7.31 -8.11 20.75
CA LEU W 35 -6.93 -8.41 19.37
C LEU W 35 -7.69 -7.46 18.45
N PRO W 36 -7.13 -7.12 17.28
CA PRO W 36 -7.73 -6.05 16.47
C PRO W 36 -9.13 -6.35 15.93
N ALA W 37 -9.59 -7.59 15.97
CA ALA W 37 -10.98 -7.88 15.67
C ALA W 37 -11.93 -7.33 16.73
N TYR W 38 -11.48 -7.24 17.97
CA TYR W 38 -12.34 -6.90 19.09
C TYR W 38 -11.98 -5.63 19.81
N ARG W 39 -10.77 -5.10 19.61
CA ARG W 39 -10.25 -3.97 20.40
C ARG W 39 -11.11 -2.73 20.22
N LYS W 40 -11.61 -2.21 21.34
CA LYS W 40 -12.60 -1.14 21.32
C LYS W 40 -12.02 0.16 20.80
N GLY W 41 -12.82 0.88 20.03
CA GLY W 41 -12.42 2.17 19.51
C GLY W 41 -11.65 2.14 18.21
N MET W 42 -11.36 0.96 17.67
CA MET W 42 -10.69 0.91 16.38
C MET W 42 -11.67 1.19 15.26
N ALA W 43 -11.18 1.83 14.23
CA ALA W 43 -11.93 1.91 13.00
C ALA W 43 -11.81 0.61 12.23
N PRO W 44 -12.82 0.25 11.43
CA PRO W 44 -12.77 -1.02 10.69
C PRO W 44 -11.65 -1.12 9.68
N ILE W 45 -11.24 -0.01 9.05
CA ILE W 45 -10.08 -0.01 8.16
C ILE W 45 -8.80 -0.35 8.92
N THR W 46 -8.72 0.03 10.19
CA THR W 46 -7.54 -0.23 10.99
C THR W 46 -7.54 -1.65 11.54
N ARG W 47 -8.72 -2.20 11.85
CA ARG W 47 -8.84 -3.61 12.21
C ARG W 47 -8.36 -4.50 11.09
N GLY W 48 -8.85 -4.26 9.87
CA GLY W 48 -8.44 -5.07 8.73
C GLY W 48 -6.98 -4.89 8.40
N LEU W 49 -6.45 -3.69 8.59
CA LEU W 49 -5.04 -3.43 8.26
C LEU W 49 -4.11 -4.20 9.19
N GLU W 50 -4.39 -4.19 10.50
CA GLU W 50 -3.55 -4.91 11.44
C GLU W 50 -3.67 -6.43 11.26
N ILE W 51 -4.88 -6.92 10.98
CA ILE W 51 -5.08 -8.33 10.70
C ILE W 51 -4.38 -8.73 9.40
N GLY W 52 -4.49 -7.88 8.38
CA GLY W 52 -3.87 -8.19 7.10
C GLY W 52 -2.36 -8.23 7.15
N LEU W 53 -1.74 -7.26 7.86
CA LEU W 53 -0.29 -7.20 7.95
C LEU W 53 0.28 -8.42 8.66
N ALA W 54 -0.43 -8.93 9.66
CA ALA W 54 0.03 -10.12 10.35
C ALA W 54 -0.11 -11.35 9.46
N HIS W 55 -1.17 -11.41 8.67
CA HIS W 55 -1.47 -12.63 7.94
C HIS W 55 -0.68 -12.75 6.65
N GLY W 56 -0.55 -11.66 5.89
CA GLY W 56 0.26 -11.69 4.68
C GLY W 56 1.72 -11.93 4.95
N TYR W 57 2.21 -11.47 6.10
CA TYR W 57 3.62 -11.62 6.47
C TYR W 57 3.99 -13.08 6.69
N PHE W 58 3.20 -13.84 7.43
CA PHE W 58 3.57 -15.23 7.65
C PHE W 58 3.27 -16.12 6.45
N LEU W 59 2.35 -15.72 5.58
CA LEU W 59 1.93 -16.57 4.47
C LEU W 59 3.00 -16.71 3.39
N VAL W 60 4.02 -15.85 3.39
CA VAL W 60 5.11 -16.00 2.44
C VAL W 60 5.96 -17.22 2.78
N GLY W 61 6.19 -17.44 4.07
CA GLY W 61 7.12 -18.41 4.61
C GLY W 61 7.13 -19.86 4.14
N PRO W 62 5.96 -20.54 4.13
CA PRO W 62 5.96 -21.97 3.73
C PRO W 62 6.49 -22.27 2.33
N GLU W 63 6.12 -21.51 1.30
CA GLU W 63 6.63 -21.82 -0.03
C GLU W 63 8.10 -21.43 -0.20
N ILE W 64 8.64 -20.59 0.70
CA ILE W 64 10.06 -20.29 0.67
C ILE W 64 10.89 -21.50 1.03
N ILE W 65 10.47 -22.22 2.07
CA ILE W 65 11.30 -23.27 2.64
C ILE W 65 11.06 -24.61 1.97
N VAL W 66 9.82 -24.98 1.67
CA VAL W 66 9.51 -26.30 1.16
C VAL W 66 8.80 -26.27 -0.18
N GLY W 67 8.73 -25.11 -0.83
CA GLY W 67 8.02 -24.98 -2.09
C GLY W 67 8.84 -25.39 -3.30
N ALA W 68 8.25 -25.18 -4.48
CA ALA W 68 8.87 -25.63 -5.73
C ALA W 68 10.06 -24.77 -6.14
N LEU W 69 10.13 -23.53 -5.67
CA LEU W 69 11.20 -22.63 -6.05
C LEU W 69 12.28 -22.55 -4.98
N ARG W 70 12.25 -23.45 -3.99
CA ARG W 70 13.24 -23.48 -2.92
C ARG W 70 14.64 -23.84 -3.42
N ASP W 71 14.73 -24.50 -4.57
CA ASP W 71 16.01 -24.86 -5.17
C ASP W 71 16.14 -24.25 -6.56
N TYR W 72 15.48 -23.14 -6.78
CA TYR W 72 15.49 -22.42 -8.05
C TYR W 72 16.34 -21.17 -7.84
N ALA W 73 17.56 -21.20 -8.38
CA ALA W 73 18.52 -20.11 -8.17
C ALA W 73 18.13 -18.73 -8.72
N PRO W 74 17.44 -18.57 -9.87
CA PRO W 74 17.07 -17.19 -10.29
C PRO W 74 16.11 -16.46 -9.35
N ALA W 75 15.19 -17.15 -8.70
CA ALA W 75 14.23 -16.49 -7.80
C ALA W 75 13.76 -17.47 -6.74
N PRO W 76 14.55 -17.64 -5.67
CA PRO W 76 14.13 -18.57 -4.61
C PRO W 76 13.00 -18.05 -3.74
N TYR W 77 12.64 -16.77 -3.85
CA TYR W 77 11.64 -16.19 -2.98
C TYR W 77 10.37 -15.76 -3.69
N LEU W 78 10.35 -15.83 -5.02
CA LEU W 78 9.20 -15.36 -5.79
C LEU W 78 7.99 -16.26 -5.59
N GLY W 79 8.21 -17.55 -5.34
CA GLY W 79 7.09 -18.47 -5.17
C GLY W 79 6.30 -18.21 -3.91
N GLY W 80 6.99 -17.83 -2.83
CA GLY W 80 6.30 -17.51 -1.60
C GLY W 80 5.52 -16.21 -1.66
N LEU W 81 6.01 -15.25 -2.46
CA LEU W 81 5.32 -13.97 -2.57
C LEU W 81 4.02 -14.12 -3.34
N VAL W 82 4.06 -14.76 -4.52
CA VAL W 82 2.86 -14.84 -5.33
C VAL W 82 1.85 -15.83 -4.75
N THR W 83 2.31 -16.77 -3.91
CA THR W 83 1.39 -17.61 -3.16
C THR W 83 0.61 -16.79 -2.15
N ALA W 84 1.33 -15.97 -1.37
CA ALA W 84 0.68 -15.15 -0.36
C ALA W 84 -0.19 -14.07 -0.98
N ILE W 85 0.19 -13.56 -2.16
CA ILE W 85 -0.63 -12.57 -2.85
C ILE W 85 -1.95 -13.19 -3.31
N ALA W 86 -1.89 -14.38 -3.91
CA ALA W 86 -3.11 -14.99 -4.40
C ALA W 86 -4.00 -15.49 -3.27
N ILE W 87 -3.43 -15.88 -2.13
CA ILE W 87 -4.24 -16.26 -0.98
C ILE W 87 -4.91 -15.02 -0.38
N VAL W 88 -4.19 -13.89 -0.32
CA VAL W 88 -4.79 -12.65 0.15
C VAL W 88 -5.84 -12.15 -0.83
N LEU W 89 -5.65 -12.37 -2.15
CA LEU W 89 -6.68 -12.05 -3.13
C LEU W 89 -7.97 -12.82 -2.90
N LEU W 90 -7.86 -14.15 -2.76
CA LEU W 90 -9.05 -14.95 -2.54
C LEU W 90 -9.61 -14.75 -1.14
N GLY W 91 -8.75 -14.43 -0.18
CA GLY W 91 -9.24 -14.07 1.15
C GLY W 91 -9.98 -12.75 1.17
N THR W 92 -9.49 -11.76 0.42
CA THR W 92 -10.17 -10.48 0.32
C THR W 92 -11.49 -10.61 -0.42
N THR W 93 -11.50 -11.35 -1.53
CA THR W 93 -12.71 -11.49 -2.33
C THR W 93 -13.76 -12.31 -1.59
N GLY W 94 -13.34 -13.37 -0.89
CA GLY W 94 -14.28 -14.12 -0.09
C GLY W 94 -14.83 -13.33 1.08
N MET W 95 -13.98 -12.54 1.75
CA MET W 95 -14.45 -11.67 2.82
C MET W 95 -15.35 -10.57 2.30
N GLY W 96 -15.01 -10.02 1.13
CA GLY W 96 -15.84 -8.98 0.55
C GLY W 96 -17.18 -9.50 0.06
N ALA W 97 -17.20 -10.66 -0.60
CA ALA W 97 -18.45 -11.27 -1.03
C ALA W 97 -19.30 -11.73 0.15
N HIS W 98 -18.66 -12.06 1.27
CA HIS W 98 -19.38 -12.44 2.47
C HIS W 98 -20.21 -11.29 3.00
N GLY W 99 -19.61 -10.10 3.10
CA GLY W 99 -20.33 -8.94 3.60
C GLY W 99 -21.42 -8.46 2.67
N LEU W 100 -21.26 -8.67 1.36
CA LEU W 100 -22.26 -8.23 0.41
C LEU W 100 -23.54 -9.04 0.51
N VAL W 101 -23.44 -10.33 0.84
CA VAL W 101 -24.64 -11.15 0.95
C VAL W 101 -25.20 -11.20 2.37
N SER W 102 -24.39 -10.90 3.39
CA SER W 102 -24.82 -11.12 4.78
C SER W 102 -25.31 -9.88 5.48
N LEU W 103 -24.81 -8.70 5.16
CA LEU W 103 -25.08 -7.50 5.94
C LEU W 103 -25.84 -6.47 5.12
N LYS W 104 -26.44 -5.57 5.82
CA LYS W 104 -27.21 -4.42 5.41
C LYS W 104 -26.40 -3.14 5.62
N PRO W 105 -26.62 -2.11 4.81
CA PRO W 105 -25.87 -0.85 4.99
C PRO W 105 -26.28 -0.09 6.23
N VAL W 106 -25.49 0.94 6.53
CA VAL W 106 -25.69 1.78 7.71
C VAL W 106 -27.01 2.54 7.67
N ALA W 107 -27.56 2.78 6.48
CA ALA W 107 -28.84 3.46 6.37
C ALA W 107 -29.98 2.54 6.81
N GLU W 108 -30.00 1.30 6.30
CA GLU W 108 -31.04 0.32 6.59
C GLU W 108 -30.82 -0.43 7.91
N SER W 109 -30.03 0.09 8.83
CA SER W 109 -29.90 -0.48 10.16
C SER W 109 -30.31 0.54 11.20
N SER W 110 -30.47 0.07 12.43
CA SER W 110 -30.80 0.93 13.55
C SER W 110 -29.57 1.72 13.98
N PRO W 111 -29.74 2.79 14.77
CA PRO W 111 -28.58 3.37 15.45
C PRO W 111 -28.01 2.42 16.49
N LYS W 112 -26.75 2.67 16.85
CA LYS W 112 -25.97 1.89 17.81
C LYS W 112 -25.88 0.42 17.37
N THR W 113 -25.23 0.22 16.22
CA THR W 113 -25.38 -1.03 15.47
C THR W 113 -24.08 -1.76 15.20
N ASP W 114 -22.99 -1.45 15.92
CA ASP W 114 -21.76 -2.26 15.91
C ASP W 114 -21.12 -2.41 14.53
N ALA W 115 -20.44 -1.36 14.05
CA ALA W 115 -20.04 -1.12 12.66
C ALA W 115 -19.55 -2.31 11.84
N LEU W 116 -18.99 -3.35 12.46
CA LEU W 116 -18.71 -4.58 11.72
C LEU W 116 -19.97 -5.35 11.36
N MET W 117 -21.11 -5.06 11.98
CA MET W 117 -22.38 -5.66 11.60
C MET W 117 -23.07 -4.91 10.47
N THR W 118 -22.48 -3.84 9.97
CA THR W 118 -22.98 -3.13 8.81
C THR W 118 -22.09 -3.43 7.62
N SER W 119 -22.64 -3.23 6.42
CA SER W 119 -21.92 -3.64 5.22
C SER W 119 -20.78 -2.69 4.87
N GLU W 120 -20.90 -1.40 5.22
CA GLU W 120 -19.81 -0.46 4.97
C GLU W 120 -18.65 -0.70 5.92
N GLY W 121 -18.95 -1.06 7.16
CA GLY W 121 -17.89 -1.36 8.11
C GLY W 121 -17.17 -2.65 7.79
N TRP W 122 -17.91 -3.66 7.33
CA TRP W 122 -17.27 -4.90 6.91
C TRP W 122 -16.43 -4.70 5.66
N SER W 123 -16.91 -3.87 4.72
CA SER W 123 -16.13 -3.64 3.51
C SER W 123 -14.96 -2.69 3.76
N GLU W 124 -15.07 -1.82 4.77
CA GLU W 124 -13.88 -1.10 5.25
C GLU W 124 -12.83 -2.05 5.80
N MET W 125 -13.27 -3.07 6.55
CA MET W 125 -12.34 -4.07 7.07
C MET W 125 -11.76 -4.92 5.96
N THR W 126 -12.54 -5.18 4.92
CA THR W 126 -12.05 -5.94 3.77
C THR W 126 -10.98 -5.17 3.02
N ALA W 127 -11.17 -3.86 2.84
CA ALA W 127 -10.16 -3.03 2.18
C ALA W 127 -8.89 -2.94 3.01
N GLY W 128 -9.03 -2.90 4.34
CA GLY W 128 -7.86 -2.94 5.21
C GLY W 128 -7.11 -4.25 5.14
N PHE W 129 -7.84 -5.37 5.03
CA PHE W 129 -7.19 -6.68 4.98
C PHE W 129 -6.39 -6.85 3.70
N PHE W 130 -6.93 -6.36 2.58
CA PHE W 130 -6.20 -6.40 1.32
C PHE W 130 -4.90 -5.62 1.40
N LEU W 131 -4.98 -4.39 1.91
CA LEU W 131 -3.82 -3.51 1.91
C LEU W 131 -2.76 -3.98 2.89
N GLY W 132 -3.19 -4.46 4.06
CA GLY W 132 -2.24 -5.05 4.99
C GLY W 132 -1.70 -6.37 4.50
N GLY W 133 -2.55 -7.17 3.84
CA GLY W 133 -2.17 -8.52 3.46
C GLY W 133 -1.11 -8.56 2.37
N MET W 134 -1.32 -7.79 1.31
CA MET W 134 -0.35 -7.75 0.22
C MET W 134 0.94 -7.09 0.65
N SER W 135 0.84 -6.06 1.47
CA SER W 135 2.03 -5.32 1.86
C SER W 135 2.79 -6.01 2.98
N GLY W 136 2.09 -6.76 3.83
CA GLY W 136 2.78 -7.67 4.73
C GLY W 136 3.47 -8.80 3.98
N ALA W 137 2.85 -9.27 2.90
CA ALA W 137 3.48 -10.28 2.06
C ALA W 137 4.68 -9.72 1.32
N PHE W 138 4.57 -8.49 0.81
CA PHE W 138 5.72 -7.89 0.15
C PHE W 138 6.83 -7.55 1.12
N MET W 139 6.48 -7.21 2.36
CA MET W 139 7.48 -6.94 3.38
C MET W 139 8.28 -8.18 3.72
N ALA W 140 7.61 -9.31 3.91
CA ALA W 140 8.31 -10.55 4.19
C ALA W 140 9.13 -11.01 3.00
N TYR W 141 8.60 -10.82 1.78
CA TYR W 141 9.35 -11.13 0.57
C TYR W 141 10.59 -10.26 0.46
N PHE W 142 10.46 -8.97 0.78
CA PHE W 142 11.55 -8.03 0.61
C PHE W 142 12.69 -8.31 1.58
N LEU W 143 12.38 -8.74 2.80
CA LEU W 143 13.42 -9.04 3.75
C LEU W 143 14.14 -10.33 3.40
N LEU W 144 13.40 -11.31 2.89
CA LEU W 144 14.04 -12.58 2.51
C LEU W 144 14.84 -12.44 1.23
N SER W 145 14.41 -11.57 0.31
CA SER W 145 15.17 -11.33 -0.91
C SER W 145 16.45 -10.58 -0.63
N HIS W 146 16.45 -9.73 0.39
CA HIS W 146 17.63 -8.96 0.78
C HIS W 146 18.29 -9.54 2.02
N PHE W 147 18.13 -10.85 2.24
CA PHE W 147 18.54 -11.46 3.49
C PHE W 147 20.04 -11.43 3.71
N SER W 148 20.83 -11.56 2.63
CA SER W 148 22.28 -11.45 2.74
C SER W 148 22.71 -10.04 3.15
N GLU W 149 21.92 -9.03 2.80
CA GLU W 149 22.20 -7.67 3.24
C GLU W 149 21.59 -7.35 4.60
N ILE W 150 20.47 -8.00 4.95
CA ILE W 150 19.97 -7.93 6.32
C ILE W 150 20.93 -8.60 7.28
N ASP W 151 21.53 -9.72 6.86
CA ASP W 151 22.47 -10.46 7.69
C ASP W 151 23.76 -9.66 7.90
N ALA W 152 24.21 -8.94 6.89
CA ALA W 152 25.37 -8.06 7.06
C ALA W 152 25.05 -6.88 7.97
N ILE W 153 23.80 -6.41 7.94
CA ILE W 153 23.36 -5.38 8.87
C ILE W 153 23.34 -5.93 10.29
N PHE W 154 22.78 -7.13 10.46
CA PHE W 154 22.60 -7.69 11.80
C PHE W 154 23.90 -8.25 12.38
N ARG W 155 24.94 -8.43 11.57
CA ARG W 155 26.23 -8.88 12.07
C ARG W 155 27.28 -7.79 12.05
N GLY W 156 26.99 -6.63 11.48
CA GLY W 156 27.96 -5.56 11.42
C GLY W 156 29.02 -5.70 10.35
N PHE W 157 28.73 -6.39 9.25
CA PHE W 157 29.62 -6.40 8.10
C PHE W 157 29.54 -5.11 7.29
N VAL W 158 28.60 -4.22 7.61
CA VAL W 158 28.53 -2.88 7.05
C VAL W 158 29.36 -1.93 7.91
N ASN W 159 30.12 -2.50 8.86
CA ASN W 159 30.70 -1.87 10.05
C ASN W 159 29.63 -1.21 10.92
N MET X 1 1.75 -30.97 -41.60
CA MET X 1 1.61 -29.57 -41.25
C MET X 1 0.31 -29.34 -40.47
N THR X 2 0.36 -28.40 -39.54
CA THR X 2 -0.75 -27.98 -38.71
C THR X 2 -1.13 -26.55 -39.07
N LEU X 3 -2.00 -25.96 -38.24
CA LEU X 3 -2.55 -24.64 -38.51
C LEU X 3 -1.49 -23.55 -38.43
N SER X 4 -1.83 -22.39 -38.96
CA SER X 4 -1.03 -21.19 -38.80
C SER X 4 -1.58 -20.35 -37.66
N GLU X 5 -0.82 -19.33 -37.29
CA GLU X 5 -1.21 -18.47 -36.19
C GLU X 5 -2.41 -17.59 -36.55
N THR X 6 -2.59 -17.31 -37.84
CA THR X 6 -3.77 -16.57 -38.29
C THR X 6 -5.02 -17.45 -38.23
N GLN X 7 -4.89 -18.74 -38.52
CA GLN X 7 -6.04 -19.63 -38.49
C GLN X 7 -6.53 -19.87 -37.07
N VAL X 8 -5.62 -19.91 -36.09
CA VAL X 8 -6.02 -20.05 -34.71
C VAL X 8 -6.73 -18.78 -34.22
N PHE X 9 -6.21 -17.61 -34.62
CA PHE X 9 -6.81 -16.36 -34.18
C PHE X 9 -8.16 -16.10 -34.84
N VAL X 10 -8.37 -16.62 -36.05
CA VAL X 10 -9.68 -16.51 -36.70
C VAL X 10 -10.70 -17.36 -35.97
N ALA X 11 -10.30 -18.57 -35.55
CA ALA X 11 -11.20 -19.44 -34.80
C ALA X 11 -11.57 -18.87 -33.44
N LEU X 12 -10.64 -18.16 -32.79
CA LEU X 12 -10.99 -17.52 -31.52
C LEU X 12 -11.97 -16.38 -31.71
N VAL X 13 -11.88 -15.66 -32.83
CA VAL X 13 -12.85 -14.62 -33.14
C VAL X 13 -14.20 -15.24 -33.51
N ILE X 14 -14.16 -16.33 -34.26
CA ILE X 14 -15.39 -17.01 -34.67
C ILE X 14 -16.07 -17.66 -33.46
N ALA X 15 -15.29 -18.08 -32.46
CA ALA X 15 -15.85 -18.65 -31.23
C ALA X 15 -16.62 -17.64 -30.40
N LEU X 16 -16.42 -16.34 -30.63
CA LEU X 16 -17.14 -15.33 -29.87
C LEU X 16 -18.63 -15.30 -30.22
N VAL X 17 -19.01 -15.69 -31.43
CA VAL X 17 -20.43 -15.57 -31.77
C VAL X 17 -21.28 -16.75 -31.26
N PRO X 18 -20.80 -17.99 -31.05
CA PRO X 18 -21.58 -18.86 -30.16
C PRO X 18 -21.42 -18.50 -28.70
N ALA X 19 -20.36 -17.80 -28.32
CA ALA X 19 -20.22 -17.37 -26.93
C ALA X 19 -21.25 -16.31 -26.56
N ILE X 20 -21.52 -15.38 -27.47
CA ILE X 20 -22.54 -14.37 -27.24
C ILE X 20 -23.93 -15.00 -27.33
N LEU X 21 -24.11 -15.91 -28.29
CA LEU X 21 -25.43 -16.49 -28.51
C LEU X 21 -25.80 -17.53 -27.45
N ALA X 22 -24.82 -18.21 -26.86
CA ALA X 22 -25.13 -19.07 -25.73
C ALA X 22 -25.48 -18.26 -24.49
N PHE X 23 -24.85 -17.10 -24.34
CA PHE X 23 -25.21 -16.19 -23.25
C PHE X 23 -26.62 -15.64 -23.43
N ARG X 24 -27.04 -15.40 -24.66
CA ARG X 24 -28.40 -14.93 -24.91
C ARG X 24 -29.41 -16.04 -24.67
N LEU X 25 -29.08 -17.27 -25.07
CA LEU X 25 -29.97 -18.39 -24.82
C LEU X 25 -30.01 -18.76 -23.33
N SER X 26 -28.91 -18.52 -22.62
CA SER X 26 -28.85 -18.80 -21.18
C SER X 26 -29.84 -17.95 -20.41
N THR X 27 -29.81 -16.64 -20.65
CA THR X 27 -30.70 -15.73 -19.94
C THR X 27 -32.14 -15.84 -20.42
N GLU X 28 -32.36 -16.36 -21.63
CA GLU X 28 -33.72 -16.55 -22.12
C GLU X 28 -34.35 -17.81 -21.56
N LEU X 29 -33.57 -18.87 -21.38
CA LEU X 29 -34.07 -20.08 -20.73
C LEU X 29 -34.28 -19.87 -19.24
N TYR X 30 -33.56 -18.92 -18.63
CA TYR X 30 -33.73 -18.67 -17.21
C TYR X 30 -35.06 -17.98 -16.92
N LYS X 31 -35.48 -17.06 -17.78
CA LYS X 31 -36.72 -16.35 -17.59
C LYS X 31 -37.84 -16.93 -18.46
#